data_9C6G
#
_entry.id   9C6G
#
_cell.length_a   1.00
_cell.length_b   1.00
_cell.length_c   1.00
_cell.angle_alpha   90.00
_cell.angle_beta   90.00
_cell.angle_gamma   90.00
#
_symmetry.space_group_name_H-M   'P 1'
#
loop_
_entity.id
_entity.type
_entity.pdbx_description
1 polymer 'DNA replication licensing factor MCM4'
2 polymer 'DNA replication licensing factor MCM2'
3 polymer 'DNA replication licensing factor MCM3'
4 polymer 'DNA replication licensing factor MCM5'
5 polymer 'DNA replication licensing factor MCM6'
6 polymer 'DNA replication licensing factor MCM7'
#
loop_
_entity_poly.entity_id
_entity_poly.type
_entity_poly.pdbx_seq_one_letter_code
_entity_poly.pdbx_strand_id
1 'polypeptide(L)'
;MSSPASTPSRRGSRRGRATPAQTPRSEDARSSPSQRRRGEDSTSTGELQPMPTSPGVDLQSPAAQDVLFSSPPQMHSSAI
PLDFDVSSPLTYGTPSSRVEGTPRSGVRGTPVRQRPDLGSAQKGLQVDLQSDGAAAEDIVASEQSLGQKLVIWGTDVNVA
ACKENFQRFLQRFIDPLAKEEENVGIDITEPLYMQRLGEINVIGEPFLNVNCEHIKSFDKNLYRQLISYPQEVIPTFDMA
VNEIFFDRYPDSILEHQIQVRPFNALKTKNMRNLNPEDIDQLITISGMVIRTSQLIPEMQEAFFQCQVCAHTTRVEMDRG
RIAEPSVCGRCHTTHSMALIHNRSLFSDKQMIKLQESPEDMPAGQTPHTVILFAHNDLVDKVQPGDRVNVTGIYRAVPIR
VNPRVSNVKSVYKTHIDVIHYRKTDAKRLHGLDEEAEQKLFSEKRVELLKELSRKPDIYERLASALAPSIYEHEDIKKGI
LLQLFGGTRKDFSHTGRGKFRAEINILLCGDPGTSKSQLLQYVYNLVPRGQYTSGKGSSAVGLTAYVMKDPETRQLVLQT
GALVLSDNGICCIDEFDKMNESTRSVLHEVMEQQTLSIAKAGIICQLNARTSVLAAANPIESQWNPKKTTIENIQLPHTL
LSRFDLIFLLLDPQDEAYDRRLAHHLVALYYQSEEQAEEELLDMAVLKDYIAYAHSTIMPRLSEEASQALIEAYVDMRKI
GSSRGMVSAYPRQLESLIRLAEAHAKVRLSNKVEAIDVEEAKRLHREALKQSATDPRTGIVDISILTTGMSATSRKRKEE
LAEALKKLILSKGKTPALKYQQLFEDIRGQSDIAITKDMFEEALRALADDDFLTVTGKTVRLL
;
0,4
2 'polypeptide(L)'
;MAESSESFTMASSPAQRRRGNDPLTSSPGRSSRRTDALTSSPGRDLPPFEDESEGLLGTEGPLEEEEDGEELIGDGMERD
YRAIPELDAYEAEGLALDDEDVEELTASQREAAERAMRQRDREAGRGLGRMRRGLLYDSDEEDEERPARKRRQVERATED
GEEDEEMIESIENLEDLKGHSVREWVSMAGPRLEIHHRFKNFLRTHVDSHGHNVFKERISDMCKENRESLVVNYEDLAAR
EHVLAYFLPEAPAELLQIFDEAALEVVLAMYPKYDRITNHIHVRISHLPLVEELRSLRQLHLNQLIRTSGVVTSCTGVLP
QLSMVKYNCNKCNFVLGPFCQSQNQEVKPGSCPECQSAGPFEVNMEETIYQNYQRIRIQESPGKVAAGRLPRSKDAILLA
DLVDSCKPGDEIELTGIYHNNYDGSLNTANGFPVFATVILANHVAKKDNKVAVGELTDEDVKMITSLSKDQQIGEKIFAS
IAPSIYGHEDIKRGLALALFGGEPKNPGGKHKVRGDINVLLCGDPGTAKSQFLKYIEKVSSRAIFTTGQGASAVGLTAYV
QRHPVSREWTLEAGALVLADRGVCLIDEFDKMNDQDRTSIHEAMEQQSISISKAGIVTSLQARCTVIAAANPIGGRYDPS
LTFSENVDLTEPIISRFDILCVVRDTVDPVQDEMLARFVVGSHVRHHPSNKEEEGLANGSAAEPAMPNTYGVEPLPQEVL
KKYIIYAKERVHPKLNQMDQDKVAKMYSDLRKESMATGSIPITVRHIESMIRMAEAHARIHLRDYVIEDDVNMAIRVMLE
SFIDTQKFSVMRSMRKTFARYLSFRRDNNELLLFILKQLVAEQVTYQRNRFGAQQDTIEVPEKDLVDKARQINIHNLSAF
YDSELFRMNKFSHDLKRKMILQQF
;
2,8
3 'polypeptide(L)'
;MAGTVVLDDVELREAQRDYLDFLDDEEDQGIYQSKVRELISDNQYRLIVNVNDLRRKNEKRANRLLNNAFEELVAFQRAL
KDFVASIDATYAKQYEEFYVGLEGSFGSKHVSPRTLTSCFLSCVVCVEGIVTKCSLVRPKVVRSVHYCPATKKTIERRYS
DLTTLVAFPSSSVYPTKDEENNPLETEYGLSVYKDHQTITIQEMPEKAPAGQLPRSVDVILDDDLVDKAKPGDRVQVVGT
YRCLPGKKGGYTSGTFRTVLIACNVKQMSKDAQPSFSAEDIAKIKKFSKTRSKDIFDQLAKSLAPSIHGHDYVKKAILCL
LLGGVERDLENGSHIRGDINILLIGDPSVAKSQLLRYVLCTAPRAIPTTGRGSSGVGLTAAVTTDQETGERRLEAGAMVL
ADRGVVCIDEFDKMSDMDRTAIHEVMEQGRVTIAKAGIHARLNARCSVLAAANPVYGRYDQYKTPMENIGLQDSLLSRFD
LLFIMLDQMDPEQDREISDHVLRMHRYRAPGEQDGDAMPLGSAVDILATDDPNFSQEDQQDTQIYEKHDNLLHGTKKKKE
KMVSAAFMKKYIHVAKIIKPVLTQESATYIAEEYSRLRSQDSMSSDTARTSPVTARTLETLIRLATAHAKARMSKTVDLQ
DAEEAVELVQYAYFKKVLEKEKKRKKRSEDESETEDEEEKSQEDQEQKRKRRKTRQPDAKDGDSYDPYDFSDTEEEMPQV
HTPKTADSQETKESQKVELSESRLKAFKVALLDVFREAHAQSIGMNRLTESINRDSEEPFSSVEIQAALSKMQDDNQVMV
SEGIIFLI
;
3,9
4 'polypeptide(L)'
;MSGFDDPGIFYSDSFGGDAQADEGQARKSQLQRRFKEFLRQYRVGTDRTGFTFKYRDELKRHYNLGEYWIEVEMEDLASF
DEDLADYLYKQPAEHLQLLEEAAKEVADEVTRPRPSGEEVLQDIQVMLKSDASPSSIRSLKSDMMSHLVKIPGIIIAASA
VRAKATRISIQCRSCRNTLTNIAMRPGLEGYALPRKCNTDQAGRPKCPLDPYFIMPDKCKCVDFQTLKLQELPDAVPHGE
MPRHMQLYCDRYLCDKVVPGNRVTIMGIYSIKKFGLTTSRGRDRVGVGIRSSYIRVLGIQVDTDGSGRSFAGAVSPQEEE
EFRRLAALPNVYEVISKSIAPSIFGGTDMKKAIACLLFGGSRKRLPDGLTRRGDINLLMLGDPGTAKSQLLKFVEKCSPI
GVYTSGKGSSAAGLTASVMRDPSSRNFIMEGGAMVLADGGVVCIDEFDKMREDDRVAIHEAMEQQTISIAKAGITTTLNS
RCSVLAAANSVFGRWDETKGEDNIDFMPTILSRFDMIFIVKDEHNEERDVMLAKHVITLHVSALTQTQAVEGEIDLAKLK
KFIAYCRVKCGPRLSAEAAEKLKNRYIIMRSGARQHERDSDRRSSIPITVRQLEAIVRIAEALSKMKLQPFATEADVEEA
LRLFQVSTLDAALSGTLSGVEGFTSQEDQEMLSRIEKQLKRRFAIGSQVSEHSIIKDFTKQKYPEHAIHKVLQLMLRRGE
IQHRMQRKVLYRLK
;
5,A
5 'polypeptide(L)'
;MDLAAAAEPGAGSQHLEVRDEVAEKCQKLFLDFLEEFQSSDGEIKYLQLAEELIRPERNTLVVSFVDLEQFNQQLSTTIQ
EEFYRVYPYLCRALKTFVKDRKEIPLAKDFYVAFQDLPTRHKIRELTSSRIGLLTRISGQVVRTHPVHPELVSGTFLCLD
CQTVIRDVEQQFKYTQPNICRNPVCANRRRFLLDTNKSRFVDFQKVRIQETQAELPRGSIPRSLEVILRAEAVESAQAGD
KCDFTGTLIVVPDVSKLSTPGARAETNSRVSGVDGYETEGIRGLRALGVRDLSYRLVFLACCVAPTNPRFGGKELRDEEQ
TAESIKNQMTVKEWEKVFEMSQDKNLYHNLCTSLFPTIHGNDEVKRGVLLMLFGGVPKTTGEGTSLRGDINVCIVGDPST
AKSQFLKHVEEFSPRAVYTSGKASSAAGLTAAVVRDEESHEFVIEAGALMLADNGVCCIDEFDKMDVRDQVAIHEAMEQQ
TISITKAGVKATLNARTSILAAANPISGHYDRSKSLKQNINLSAPIMSRFDLFFILVDECNEVTDYAIARRIVDLHSRIE
ESIDRVYSLDDIRRYLLFARQFKPKISKESEDFIVEQYKHLRQRDGSGVTKSSWRITVRQLESMIRLSEAMARMHCCDEV
QPKHVKEAFRLLNKSIIRVETPDVNLDQEEEIQMEVDEGAGGINGHADSPAPVNGINGYNEDINQESAPKASLRLGFSEY
CRISNLIVLHLRKVEEEEDESALKRSELVNWYLKEIESEIDSEEELINKKRIIEKVIHRLTHYDHVLIELTQAGLKGSTE
GSESYEEDPYLVVNPNYLLED
;
6,B
6 'polypeptide(L)'
;MALKDYALEKEKVKKFLQEFYQDDELGKKQFKYGNQLVRLAHREQVALYVDLDDVAEDDPELVDSICENARRYAKLFADA
VQELLPQYKEREVVNKDVLDVYIEHRLMMEQRSRDPGMVRSPQNQYPAELMRRFELYFQGPSSNKPRVIREVRADSVGKL
VTVRGIVTRVSEVKPKMVVATYTCDQCGAETYQPIQSPTFMPLIMCPSQECQTNRSGGRLYLQTRGSRFIKFQEMKMQEH
SDQVPVGNIPRSITVLVEGENTRIAQPGDHVSVTGIFLPILRTGFRQVVQGLLSETYLEAHRIVKMNKSEDDESGAGELT
REELRQIAEEDFYEKLAASIAPEIYGHEDVKKALLLLLVGGVDQSPRGMKIRGNINICLMGDPGVAKSQLLSYIDRLAPR
SQYTTGRGSSGVGLTAAVLRDSVSGELTLEGGALVLADQGVCCIDEFDKMAEADRTAIHEVMEQQTISIAKAGILTTLNA
RCSILAAANPAYGRYNPRRSLEQNIQLPAALLSRFDLLWLIQDRPDRDNDLRLAQHITYVHQHSRQPPSQFEPLDMKLMR
RYIAMCREKQPMVPESLADYITAAYVEMRREAWASKDATYTSARTLLAILRLSTALARLRMVDVVEKEDVNEAIRLMEMS
KDSLLGDKGQTARTQRPADVIFATVRELVSGGRSVRFSEAEQRCVSRGFTPAQFQAALDEYEELNVWQVNASRTRITFV
;
7,C
#
# COMPACT_ATOMS: atom_id res chain seq x y z
N LEU A 150 17.62 21.86 54.50
CA LEU A 150 17.56 21.38 55.87
C LEU A 150 17.14 19.91 55.93
N VAL A 151 15.95 19.62 55.40
CA VAL A 151 15.43 18.26 55.40
C VAL A 151 14.41 18.15 54.27
N ILE A 152 14.24 16.93 53.76
CA ILE A 152 13.28 16.65 52.70
C ILE A 152 11.98 16.20 53.35
N TRP A 153 10.91 16.95 53.07
CA TRP A 153 9.60 16.71 53.67
C TRP A 153 8.71 15.78 52.84
N GLY A 154 9.23 15.21 51.75
CA GLY A 154 8.39 14.39 50.89
C GLY A 154 7.90 13.12 51.55
N THR A 155 8.61 12.63 52.56
CA THR A 155 8.22 11.43 53.28
C THR A 155 7.62 11.72 54.66
N ASP A 156 7.53 12.98 55.07
CA ASP A 156 6.94 13.36 56.36
C ASP A 156 7.66 12.69 57.53
N VAL A 157 8.97 12.51 57.39
CA VAL A 157 9.79 11.81 58.39
C VAL A 157 10.73 12.82 59.03
N ASN A 158 10.63 12.95 60.35
CA ASN A 158 11.56 13.79 61.09
C ASN A 158 12.78 12.96 61.49
N VAL A 159 13.70 13.57 62.23
CA VAL A 159 14.91 12.86 62.65
C VAL A 159 14.45 11.80 63.63
N ALA A 160 14.11 10.63 63.10
CA ALA A 160 13.61 9.49 63.86
C ALA A 160 12.24 9.80 64.45
N ALA A 161 11.75 11.03 64.24
CA ALA A 161 10.41 11.46 64.66
C ALA A 161 10.25 11.41 66.17
N CYS A 162 11.29 11.00 66.89
CA CYS A 162 11.17 10.82 68.33
C CYS A 162 12.41 11.30 69.08
N LYS A 163 13.47 11.74 68.39
CA LYS A 163 14.72 12.08 69.08
C LYS A 163 14.51 13.23 70.06
N GLU A 164 13.92 14.33 69.59
CA GLU A 164 13.66 15.46 70.49
C GLU A 164 12.33 15.33 71.20
N ASN A 165 11.49 14.38 70.78
CA ASN A 165 10.16 14.24 71.38
C ASN A 165 10.06 13.04 72.32
N PHE A 166 10.46 11.86 71.87
CA PHE A 166 10.18 10.64 72.62
C PHE A 166 11.43 9.95 73.14
N GLN A 167 12.56 10.05 72.43
CA GLN A 167 13.79 9.46 72.94
C GLN A 167 14.22 10.11 74.25
N ARG A 168 14.09 11.44 74.36
CA ARG A 168 14.37 12.08 75.64
C ARG A 168 13.30 11.76 76.66
N PHE A 169 12.08 11.45 76.22
CA PHE A 169 11.05 10.95 77.13
C PHE A 169 11.45 9.60 77.72
N LEU A 170 12.13 8.77 76.92
CA LEU A 170 12.57 7.47 77.40
C LEU A 170 13.53 7.59 78.58
N GLN A 171 14.45 8.55 78.52
CA GLN A 171 15.32 8.85 79.65
C GLN A 171 14.65 9.77 80.67
N ARG A 172 13.47 10.30 80.35
CA ARG A 172 12.67 11.06 81.29
C ARG A 172 11.57 10.23 81.94
N PHE A 173 11.01 9.24 81.24
CA PHE A 173 9.96 8.41 81.80
C PHE A 173 10.46 7.56 82.97
N ILE A 174 11.75 7.21 83.00
CA ILE A 174 12.32 6.45 84.11
C ILE A 174 12.30 7.31 85.37
N ASP A 175 12.52 8.61 85.22
CA ASP A 175 12.49 9.53 86.35
C ASP A 175 11.20 10.32 86.38
N TYR A 193 9.14 2.05 86.66
CA TYR A 193 9.48 0.72 87.16
C TYR A 193 10.66 0.15 86.40
N MET A 194 11.82 0.11 87.07
CA MET A 194 13.03 -0.42 86.43
C MET A 194 12.90 -1.92 86.15
N GLN A 195 12.29 -2.67 87.07
CA GLN A 195 12.24 -4.12 86.93
C GLN A 195 11.35 -4.54 85.76
N ARG A 196 10.26 -3.83 85.52
CA ARG A 196 9.34 -4.22 84.45
C ARG A 196 9.91 -3.93 83.06
N LEU A 197 10.51 -2.76 82.84
CA LEU A 197 11.04 -2.45 81.53
C LEU A 197 12.32 -3.22 81.25
N GLY A 198 13.11 -3.49 82.29
CA GLY A 198 14.36 -4.21 82.13
C GLY A 198 14.22 -5.68 81.81
N GLU A 199 13.11 -6.31 82.22
CA GLU A 199 12.90 -7.72 81.92
C GLU A 199 12.83 -7.96 80.42
N ILE A 200 12.55 -6.91 79.66
CA ILE A 200 12.61 -6.97 78.21
C ILE A 200 13.99 -7.42 77.76
N ASN A 201 15.02 -6.86 78.38
CA ASN A 201 16.40 -7.19 78.03
C ASN A 201 16.73 -8.63 78.43
N VAL A 202 16.37 -9.02 79.65
CA VAL A 202 16.78 -10.32 80.17
C VAL A 202 16.14 -11.45 79.38
N ILE A 203 14.83 -11.37 79.18
CA ILE A 203 14.13 -12.45 78.48
C ILE A 203 14.55 -12.50 77.02
N GLY A 204 14.70 -11.34 76.39
CA GLY A 204 15.02 -11.31 74.97
C GLY A 204 13.85 -11.72 74.11
N GLU A 205 12.68 -11.15 74.41
CA GLU A 205 11.44 -11.45 73.72
C GLU A 205 11.18 -10.36 72.69
N PRO A 206 11.07 -10.70 71.41
CA PRO A 206 10.85 -9.66 70.40
C PRO A 206 9.44 -9.12 70.44
N PHE A 207 9.12 -8.25 69.48
CA PHE A 207 7.79 -7.64 69.37
C PHE A 207 7.44 -6.85 70.62
N LEU A 208 8.09 -5.70 70.80
CA LEU A 208 7.68 -4.75 71.84
C LEU A 208 6.22 -4.39 71.65
N ASN A 209 5.49 -4.33 72.76
CA ASN A 209 4.03 -4.34 72.75
C ASN A 209 3.47 -3.12 73.48
N VAL A 210 3.95 -1.94 73.11
CA VAL A 210 3.48 -0.70 73.72
C VAL A 210 1.97 -0.59 73.57
N ASN A 211 1.34 0.14 74.48
CA ASN A 211 -0.11 0.22 74.57
C ASN A 211 -0.60 1.50 73.90
N CYS A 212 -1.90 1.76 74.04
CA CYS A 212 -2.50 2.96 73.48
C CYS A 212 -1.87 4.21 74.09
N GLU A 213 -1.47 5.14 73.23
CA GLU A 213 -0.73 6.31 73.69
C GLU A 213 -1.63 7.32 74.38
N HIS A 214 -1.62 7.33 75.71
CA HIS A 214 -2.30 8.37 76.47
C HIS A 214 -1.61 9.72 76.33
N ILE A 215 -0.40 9.74 75.74
CA ILE A 215 0.27 11.00 75.45
C ILE A 215 -0.55 11.82 74.45
N LYS A 216 -1.38 11.16 73.65
CA LYS A 216 -2.13 11.86 72.60
C LYS A 216 -3.06 12.94 73.16
N SER A 217 -3.40 12.88 74.44
CA SER A 217 -4.28 13.89 75.01
C SER A 217 -3.61 15.25 75.09
N PHE A 218 -2.28 15.28 75.24
CA PHE A 218 -1.56 16.55 75.29
C PHE A 218 -1.23 17.05 73.89
N ASP A 219 -0.52 16.24 73.10
CA ASP A 219 -0.15 16.62 71.74
C ASP A 219 -0.58 15.50 70.80
N LYS A 220 -1.37 15.85 69.79
CA LYS A 220 -1.81 14.87 68.81
C LYS A 220 -0.71 14.51 67.82
N ASN A 221 0.16 15.49 67.49
CA ASN A 221 1.12 15.31 66.41
C ASN A 221 2.00 14.09 66.65
N LEU A 222 2.37 13.84 67.91
CA LEU A 222 3.15 12.64 68.22
C LEU A 222 2.36 11.39 67.87
N TYR A 223 1.07 11.37 68.23
CA TYR A 223 0.27 10.18 67.94
C TYR A 223 -0.13 10.14 66.47
N ARG A 224 -0.37 11.30 65.86
CA ARG A 224 -0.90 11.32 64.51
C ARG A 224 0.10 10.83 63.46
N GLN A 225 1.39 10.84 63.77
CA GLN A 225 2.38 10.39 62.80
C GLN A 225 2.59 8.88 62.83
N LEU A 226 2.01 8.17 63.79
CA LEU A 226 2.10 6.71 63.77
C LEU A 226 0.82 6.06 63.29
N ILE A 227 -0.14 6.85 62.82
CA ILE A 227 -1.34 6.31 62.18
C ILE A 227 -1.54 6.83 60.77
N SER A 228 -0.74 7.80 60.32
CA SER A 228 -0.87 8.32 58.98
C SER A 228 -0.13 7.45 57.97
N TYR A 229 1.16 7.22 58.21
CA TYR A 229 2.01 6.49 57.27
C TYR A 229 2.73 5.38 58.01
N PRO A 230 1.99 4.41 58.55
CA PRO A 230 2.60 3.41 59.42
C PRO A 230 3.56 2.50 58.69
N GLN A 231 3.44 2.36 57.38
CA GLN A 231 4.37 1.50 56.67
C GLN A 231 5.75 2.10 56.63
N GLU A 232 5.86 3.43 56.72
CA GLU A 232 7.17 4.10 56.75
C GLU A 232 7.54 4.61 58.13
N VAL A 233 6.74 4.36 59.15
CA VAL A 233 7.02 4.81 60.51
C VAL A 233 7.34 3.65 61.44
N ILE A 234 6.54 2.58 61.38
CA ILE A 234 6.84 1.40 62.21
C ILE A 234 8.26 0.90 61.97
N PRO A 235 8.77 0.79 60.75
CA PRO A 235 10.18 0.40 60.58
C PRO A 235 11.13 1.36 61.28
N THR A 236 10.81 2.64 61.30
CA THR A 236 11.69 3.62 61.92
C THR A 236 11.86 3.34 63.41
N PHE A 237 10.79 2.90 64.07
CA PHE A 237 10.89 2.61 65.50
C PHE A 237 11.82 1.44 65.76
N ASP A 238 11.89 0.49 64.82
CA ASP A 238 12.74 -0.68 65.02
C ASP A 238 14.21 -0.30 65.16
N MET A 239 14.72 0.58 64.30
CA MET A 239 16.11 0.98 64.40
C MET A 239 16.38 1.80 65.65
N ALA A 240 15.40 2.62 66.05
CA ALA A 240 15.58 3.43 67.25
C ALA A 240 15.73 2.57 68.50
N VAL A 241 14.96 1.49 68.59
CA VAL A 241 15.05 0.63 69.77
C VAL A 241 16.40 -0.05 69.82
N ASN A 242 16.89 -0.54 68.68
CA ASN A 242 18.15 -1.26 68.65
C ASN A 242 19.33 -0.38 69.02
N GLU A 243 19.31 0.89 68.62
CA GLU A 243 20.45 1.77 68.86
C GLU A 243 20.74 1.92 70.35
N ILE A 244 19.70 2.13 71.15
CA ILE A 244 19.85 2.21 72.60
C ILE A 244 20.19 0.84 73.19
N PHE A 245 19.51 -0.20 72.72
CA PHE A 245 19.71 -1.53 73.29
C PHE A 245 21.12 -2.03 73.05
N PHE A 246 21.67 -1.81 71.85
CA PHE A 246 23.03 -2.27 71.59
C PHE A 246 24.04 -1.52 72.44
N ASP A 247 23.87 -0.21 72.58
CA ASP A 247 24.81 0.59 73.37
C ASP A 247 24.75 0.25 74.85
N ARG A 248 23.59 -0.17 75.35
CA ARG A 248 23.44 -0.36 76.79
C ARG A 248 23.80 -1.79 77.19
N TYR A 249 23.31 -2.77 76.44
CA TYR A 249 23.51 -4.19 76.77
C TYR A 249 24.09 -4.89 75.55
N PRO A 250 25.37 -4.67 75.26
CA PRO A 250 25.96 -5.28 74.06
C PRO A 250 26.04 -6.79 74.10
N ASP A 251 25.94 -7.39 75.29
CA ASP A 251 26.05 -8.84 75.45
C ASP A 251 24.69 -9.53 75.46
N SER A 252 23.73 -9.03 74.70
CA SER A 252 22.38 -9.58 74.65
C SER A 252 22.23 -10.45 73.40
N ILE A 253 21.00 -10.94 73.19
CA ILE A 253 20.70 -11.81 72.07
C ILE A 253 20.44 -10.98 70.82
N LEU A 254 21.44 -10.87 69.95
CA LEU A 254 21.35 -10.10 68.72
C LEU A 254 20.84 -10.93 67.54
N GLU A 255 20.58 -12.21 67.73
CA GLU A 255 20.09 -13.05 66.65
C GLU A 255 18.66 -12.72 66.23
N HIS A 256 17.83 -12.25 67.16
CA HIS A 256 16.43 -11.93 66.88
C HIS A 256 16.26 -10.42 66.80
N GLN A 257 15.99 -9.93 65.60
CA GLN A 257 15.65 -8.53 65.44
C GLN A 257 14.29 -8.28 66.10
N ILE A 258 14.09 -7.07 66.61
CA ILE A 258 12.89 -6.72 67.36
C ILE A 258 12.10 -5.69 66.57
N GLN A 259 10.81 -5.95 66.39
CA GLN A 259 9.92 -5.03 65.69
C GLN A 259 8.88 -4.48 66.65
N VAL A 260 8.82 -3.16 66.74
CA VAL A 260 7.82 -2.53 67.59
C VAL A 260 6.45 -2.75 66.97
N ARG A 261 5.52 -3.24 67.78
CA ARG A 261 4.15 -3.48 67.34
C ARG A 261 3.20 -2.83 68.34
N PRO A 262 2.25 -2.04 67.86
CA PRO A 262 1.21 -1.53 68.73
C PRO A 262 0.41 -2.66 69.36
N PHE A 263 -0.01 -2.43 70.60
CA PHE A 263 -0.74 -3.41 71.38
C PHE A 263 -1.98 -2.76 71.96
N ASN A 264 -3.15 -3.32 71.66
CA ASN A 264 -4.44 -2.77 72.11
C ASN A 264 -4.55 -1.29 71.77
N ALA A 265 -4.46 -1.00 70.47
CA ALA A 265 -4.45 0.38 70.02
C ALA A 265 -5.84 0.98 70.12
N LEU A 266 -6.03 2.18 69.57
CA LEU A 266 -7.30 2.86 69.68
C LEU A 266 -8.42 2.03 69.05
N LYS A 267 -9.47 1.80 69.84
CA LYS A 267 -10.64 1.06 69.37
C LYS A 267 -11.36 1.93 68.36
N THR A 268 -11.24 1.58 67.08
CA THR A 268 -11.82 2.39 66.03
C THR A 268 -13.34 2.40 66.13
N LYS A 269 -13.91 3.60 66.09
CA LYS A 269 -15.35 3.77 66.15
C LYS A 269 -15.99 3.37 64.84
N ASN A 270 -17.08 2.58 64.91
CA ASN A 270 -17.80 2.09 63.74
C ASN A 270 -16.91 1.19 62.87
N MET A 271 -16.55 0.06 63.46
CA MET A 271 -15.77 -0.97 62.79
C MET A 271 -16.43 -1.47 61.51
N ARG A 272 -17.76 -1.56 61.50
CA ARG A 272 -18.50 -1.93 60.30
C ARG A 272 -18.37 -0.86 59.23
N ASN A 273 -18.39 0.40 59.64
CA ASN A 273 -18.42 1.55 58.74
C ASN A 273 -17.04 1.99 58.28
N LEU A 274 -16.17 1.04 57.95
CA LEU A 274 -14.85 1.42 57.46
C LEU A 274 -14.96 2.09 56.10
N ASN A 275 -14.72 3.39 56.06
CA ASN A 275 -14.71 4.11 54.80
C ASN A 275 -13.40 3.83 54.07
N PRO A 276 -13.40 3.91 52.74
CA PRO A 276 -12.16 3.73 52.00
C PRO A 276 -11.21 4.90 52.16
N GLU A 277 -11.60 5.94 52.89
CA GLU A 277 -10.70 7.06 53.12
C GLU A 277 -9.46 6.63 53.87
N ASP A 278 -9.60 5.71 54.82
CA ASP A 278 -8.46 5.19 55.58
C ASP A 278 -7.83 4.03 54.80
N ILE A 279 -7.22 4.39 53.68
CA ILE A 279 -6.54 3.42 52.82
C ILE A 279 -5.44 2.71 53.58
N ASP A 280 -4.60 3.48 54.26
CA ASP A 280 -3.45 2.96 54.99
C ASP A 280 -3.43 3.63 56.36
N GLN A 281 -4.19 3.07 57.30
CA GLN A 281 -4.23 3.56 58.67
C GLN A 281 -4.46 2.36 59.59
N LEU A 282 -3.94 2.44 60.80
CA LEU A 282 -4.17 1.38 61.79
C LEU A 282 -5.66 1.27 62.09
N ILE A 283 -6.20 0.06 62.14
CA ILE A 283 -7.56 -0.13 62.59
C ILE A 283 -7.60 -1.32 63.54
N THR A 284 -8.61 -1.31 64.41
CA THR A 284 -8.83 -2.37 65.37
C THR A 284 -10.15 -3.07 65.08
N ILE A 285 -10.08 -4.35 64.78
CA ILE A 285 -11.27 -5.15 64.55
C ILE A 285 -11.56 -5.96 65.80
N SER A 286 -12.82 -6.35 65.98
CA SER A 286 -13.25 -7.16 67.11
C SER A 286 -14.26 -8.17 66.59
N GLY A 287 -13.87 -9.43 66.56
CA GLY A 287 -14.73 -10.47 66.03
C GLY A 287 -14.34 -11.87 66.47
N MET A 288 -14.39 -12.80 65.54
CA MET A 288 -14.13 -14.21 65.81
C MET A 288 -13.32 -14.77 64.64
N VAL A 289 -12.83 -15.98 64.81
CA VAL A 289 -12.08 -16.65 63.76
C VAL A 289 -12.88 -17.85 63.28
N ILE A 290 -13.04 -17.95 61.96
CA ILE A 290 -13.85 -19.01 61.37
C ILE A 290 -12.99 -20.09 60.76
N ARG A 291 -12.13 -19.71 59.82
CA ARG A 291 -11.36 -20.69 59.07
C ARG A 291 -9.90 -20.26 59.02
N THR A 292 -9.01 -21.24 59.11
CA THR A 292 -7.58 -21.00 59.05
C THR A 292 -6.97 -21.89 57.96
N SER A 293 -5.90 -21.41 57.34
CA SER A 293 -5.25 -22.13 56.25
C SER A 293 -3.86 -22.57 56.70
N GLN A 294 -3.34 -23.58 56.02
CA GLN A 294 -2.00 -24.05 56.29
C GLN A 294 -0.98 -23.03 55.84
N LEU A 295 0.25 -23.19 56.30
CA LEU A 295 1.32 -22.24 56.00
C LEU A 295 1.52 -22.12 54.49
N ILE A 296 1.64 -20.87 54.01
CA ILE A 296 1.83 -20.64 52.59
C ILE A 296 2.99 -19.68 52.36
N PRO A 297 4.00 -20.08 51.61
CA PRO A 297 5.13 -19.19 51.33
C PRO A 297 4.77 -18.19 50.23
N GLU A 298 5.58 -17.14 50.15
CA GLU A 298 5.32 -16.11 49.15
C GLU A 298 6.55 -15.74 48.34
N MET A 299 6.39 -15.69 47.02
CA MET A 299 7.47 -15.45 46.08
C MET A 299 7.89 -13.97 46.10
N GLN A 300 9.19 -13.76 46.02
CA GLN A 300 9.77 -12.42 46.06
C GLN A 300 10.93 -12.39 45.05
N GLU A 301 11.68 -11.29 45.04
CA GLU A 301 12.78 -11.12 44.09
C GLU A 301 13.84 -12.20 44.30
N ALA A 302 14.37 -12.73 43.21
CA ALA A 302 15.38 -13.77 43.22
C ALA A 302 16.58 -13.32 42.42
N PHE A 303 17.47 -14.27 42.13
CA PHE A 303 18.65 -14.02 41.33
C PHE A 303 18.66 -14.92 40.11
N PHE A 304 19.53 -14.61 39.17
CA PHE A 304 19.69 -15.36 37.93
C PHE A 304 20.95 -16.21 38.00
N GLN A 305 21.29 -16.84 36.88
CA GLN A 305 22.48 -17.66 36.77
C GLN A 305 23.29 -17.14 35.58
N CYS A 306 24.48 -16.61 35.84
CA CYS A 306 25.33 -16.10 34.78
C CYS A 306 26.01 -17.24 34.06
N GLN A 307 26.52 -16.97 32.87
CA GLN A 307 27.30 -17.96 32.13
C GLN A 307 28.53 -17.26 31.56
N VAL A 308 29.01 -16.22 32.25
CA VAL A 308 30.16 -15.43 31.81
C VAL A 308 31.18 -15.47 32.94
N CYS A 309 32.31 -16.12 32.67
CA CYS A 309 33.51 -16.13 33.53
C CYS A 309 33.21 -16.53 34.98
N ALA A 310 32.00 -17.07 35.20
CA ALA A 310 31.59 -17.65 36.48
C ALA A 310 31.83 -16.69 37.65
N HIS A 311 31.53 -15.42 37.42
CA HIS A 311 31.72 -14.40 38.44
C HIS A 311 30.38 -13.79 38.83
N THR A 312 30.12 -13.72 40.14
CA THR A 312 28.89 -13.11 40.67
C THR A 312 29.09 -11.60 40.74
N THR A 313 28.28 -10.86 39.98
CA THR A 313 28.38 -9.41 39.91
C THR A 313 27.24 -8.77 40.69
N ARG A 314 27.58 -7.93 41.66
CA ARG A 314 26.56 -7.23 42.43
C ARG A 314 26.22 -5.89 41.80
N VAL A 315 24.93 -5.67 41.56
CA VAL A 315 24.45 -4.38 41.05
C VAL A 315 23.44 -3.81 42.03
N GLU A 316 22.43 -4.61 42.40
CA GLU A 316 21.41 -4.19 43.33
C GLU A 316 21.75 -4.52 44.78
N MET A 317 22.94 -5.06 45.04
CA MET A 317 23.34 -5.37 46.41
C MET A 317 23.43 -4.13 47.28
N ASP A 318 23.89 -3.01 46.70
CA ASP A 318 24.06 -1.77 47.45
C ASP A 318 22.72 -1.26 47.98
N ARG A 319 22.66 -0.92 49.25
CA ARG A 319 21.42 -0.46 49.85
C ARG A 319 21.07 0.94 49.36
N GLY A 320 19.79 1.29 49.46
CA GLY A 320 19.30 2.57 49.01
C GLY A 320 18.20 2.49 47.96
N ARG A 321 18.06 1.36 47.28
CA ARG A 321 17.05 1.20 46.25
C ARG A 321 15.85 0.45 46.81
N ILE A 322 14.71 0.57 46.11
CA ILE A 322 13.47 -0.08 46.49
C ILE A 322 13.13 -1.12 45.44
N ALA A 323 13.27 -2.39 45.80
CA ALA A 323 12.95 -3.49 44.89
C ALA A 323 11.66 -4.18 45.28
N GLU A 324 10.53 -3.69 44.78
CA GLU A 324 9.25 -4.29 45.09
C GLU A 324 9.09 -5.62 44.36
N PRO A 325 8.41 -6.59 44.99
CA PRO A 325 8.30 -7.92 44.40
C PRO A 325 7.33 -7.94 43.23
N SER A 326 7.13 -9.14 42.68
CA SER A 326 6.19 -9.44 41.61
C SER A 326 6.61 -8.85 40.27
N VAL A 327 7.78 -8.22 40.19
CA VAL A 327 8.21 -7.57 38.96
C VAL A 327 9.12 -8.44 38.11
N CYS A 328 9.90 -9.32 38.71
CA CYS A 328 10.97 -10.04 38.01
C CYS A 328 10.82 -11.54 38.20
N GLY A 329 9.61 -12.06 38.00
CA GLY A 329 9.35 -13.47 38.17
C GLY A 329 9.87 -14.33 37.03
N ARG A 330 11.18 -14.29 36.78
CA ARG A 330 11.76 -15.01 35.66
C ARG A 330 12.89 -15.90 36.17
N CYS A 331 13.10 -17.01 35.45
CA CYS A 331 14.15 -17.99 35.79
C CYS A 331 13.92 -18.58 37.19
N HIS A 332 12.79 -19.29 37.33
CA HIS A 332 12.50 -19.96 38.58
C HIS A 332 13.40 -21.16 38.81
N THR A 333 14.18 -21.53 37.79
CA THR A 333 15.14 -22.62 37.96
C THR A 333 16.17 -22.27 39.03
N THR A 334 16.29 -20.98 39.36
CA THR A 334 17.17 -20.56 40.45
C THR A 334 16.72 -21.13 41.79
N HIS A 335 15.44 -21.49 41.93
CA HIS A 335 14.92 -22.03 43.17
C HIS A 335 15.34 -23.49 43.39
N SER A 336 15.84 -24.14 42.34
CA SER A 336 16.34 -25.51 42.48
C SER A 336 17.70 -25.56 43.17
N MET A 337 18.63 -24.69 42.76
CA MET A 337 20.00 -24.76 43.23
C MET A 337 20.40 -23.66 44.20
N ALA A 338 20.19 -22.39 43.83
CA ALA A 338 20.59 -21.27 44.66
C ALA A 338 19.49 -20.78 45.59
N LEU A 339 18.56 -21.65 45.96
CA LEU A 339 17.38 -21.24 46.71
C LEU A 339 17.75 -20.62 48.05
N ILE A 340 18.69 -21.24 48.77
CA ILE A 340 19.10 -20.71 50.08
C ILE A 340 19.95 -19.45 49.91
N HIS A 341 20.90 -19.48 48.97
CA HIS A 341 21.91 -18.43 48.89
C HIS A 341 21.37 -17.09 48.41
N ASN A 342 20.15 -17.04 47.88
CA ASN A 342 19.61 -15.81 47.32
C ASN A 342 19.05 -14.88 48.38
N ARG A 343 19.18 -15.22 49.66
CA ARG A 343 18.58 -14.46 50.76
C ARG A 343 17.09 -14.26 50.49
N SER A 344 16.44 -15.37 50.12
CA SER A 344 15.03 -15.36 49.73
C SER A 344 14.21 -16.25 50.66
N LEU A 345 14.45 -16.14 51.96
CA LEU A 345 13.68 -16.90 52.93
C LEU A 345 12.19 -16.56 52.80
N PHE A 346 11.41 -17.56 52.43
CA PHE A 346 10.01 -17.35 52.18
C PHE A 346 9.28 -16.97 53.46
N SER A 347 8.33 -16.06 53.32
CA SER A 347 7.54 -15.59 54.45
C SER A 347 6.47 -16.63 54.78
N ASP A 348 5.57 -16.26 55.69
CA ASP A 348 4.46 -17.11 56.07
C ASP A 348 3.18 -16.30 55.96
N LYS A 349 2.13 -16.93 55.43
CA LYS A 349 0.82 -16.28 55.38
C LYS A 349 -0.26 -17.26 55.78
N GLN A 350 -1.31 -16.75 56.41
CA GLN A 350 -2.41 -17.57 56.90
C GLN A 350 -3.72 -16.90 56.49
N MET A 351 -4.52 -17.60 55.69
CA MET A 351 -5.83 -17.07 55.32
C MET A 351 -6.76 -17.15 56.52
N ILE A 352 -7.33 -16.01 56.91
CA ILE A 352 -8.13 -15.91 58.13
C ILE A 352 -9.37 -15.07 57.83
N LYS A 353 -10.52 -15.53 58.29
CA LYS A 353 -11.80 -14.85 58.01
C LYS A 353 -12.41 -14.43 59.35
N LEU A 354 -12.39 -13.13 59.61
CA LEU A 354 -12.98 -12.59 60.82
C LEU A 354 -14.50 -12.52 60.68
N GLN A 355 -15.18 -12.40 61.82
CA GLN A 355 -16.64 -12.42 61.88
C GLN A 355 -17.10 -11.32 62.81
N GLU A 356 -17.75 -10.30 62.26
CA GLU A 356 -18.15 -9.15 63.07
C GLU A 356 -19.10 -9.58 64.18
N SER A 357 -18.90 -8.98 65.37
CA SER A 357 -19.76 -9.20 66.53
C SER A 357 -20.30 -7.86 66.97
N PRO A 358 -21.52 -7.51 66.56
CA PRO A 358 -21.98 -6.12 66.64
C PRO A 358 -22.42 -5.67 68.02
N GLU A 359 -22.08 -6.43 69.07
CA GLU A 359 -22.54 -6.12 70.42
C GLU A 359 -24.06 -6.11 70.44
N ASP A 360 -24.65 -7.29 70.23
CA ASP A 360 -26.04 -7.70 70.45
C ASP A 360 -27.00 -6.78 69.71
N MET A 361 -26.61 -6.37 68.50
CA MET A 361 -27.43 -5.60 67.57
C MET A 361 -28.85 -6.14 67.46
N PRO A 362 -29.84 -5.26 67.31
CA PRO A 362 -31.22 -5.74 67.06
C PRO A 362 -31.38 -6.61 65.82
N ALA A 363 -30.29 -6.92 65.10
CA ALA A 363 -30.31 -7.77 63.91
C ALA A 363 -30.93 -7.07 62.72
N GLY A 364 -30.27 -6.01 62.25
CA GLY A 364 -30.70 -5.30 61.07
C GLY A 364 -29.98 -5.81 59.85
N GLN A 365 -29.01 -5.05 59.37
CA GLN A 365 -28.25 -5.43 58.18
C GLN A 365 -27.43 -6.68 58.46
N THR A 366 -26.91 -7.26 57.38
CA THR A 366 -26.04 -8.42 57.39
C THR A 366 -24.66 -8.07 57.95
N PRO A 367 -23.97 -9.02 58.57
CA PRO A 367 -22.63 -8.75 59.09
C PRO A 367 -21.56 -8.82 58.01
N HIS A 368 -20.56 -7.96 58.16
CA HIS A 368 -19.51 -7.81 57.17
C HIS A 368 -18.35 -8.76 57.47
N THR A 369 -17.91 -9.49 56.45
CA THR A 369 -16.72 -10.33 56.59
C THR A 369 -15.49 -9.61 56.06
N VAL A 370 -14.37 -9.77 56.77
CA VAL A 370 -13.10 -9.16 56.41
C VAL A 370 -12.07 -10.25 56.25
N ILE A 371 -11.35 -10.24 55.13
CA ILE A 371 -10.36 -11.28 54.82
C ILE A 371 -9.07 -10.87 55.51
N LEU A 372 -8.66 -11.66 56.51
CA LEU A 372 -7.42 -11.41 57.23
C LEU A 372 -6.33 -12.31 56.70
N PHE A 373 -5.17 -11.72 56.37
CA PHE A 373 -4.11 -12.47 55.70
C PHE A 373 -2.72 -12.22 56.27
N ALA A 374 -2.53 -12.31 57.59
CA ALA A 374 -1.30 -11.95 58.28
C ALA A 374 -0.07 -12.44 57.53
N HIS A 375 0.92 -11.56 57.41
CA HIS A 375 2.14 -11.81 56.66
C HIS A 375 3.33 -12.03 57.58
N ASN A 376 3.29 -11.45 58.76
CA ASN A 376 4.39 -11.58 59.71
C ASN A 376 4.55 -13.04 60.16
N ASP A 377 5.67 -13.30 60.83
CA ASP A 377 5.96 -14.63 61.32
C ASP A 377 5.14 -14.99 62.56
N LEU A 378 4.17 -14.15 62.91
CA LEU A 378 3.31 -14.43 64.06
C LEU A 378 2.26 -15.47 63.77
N VAL A 379 2.42 -16.25 62.70
CA VAL A 379 1.32 -17.07 62.18
C VAL A 379 0.88 -18.09 63.22
N ASP A 380 -0.42 -18.41 63.21
CA ASP A 380 -1.06 -19.50 63.92
C ASP A 380 -1.27 -19.23 65.40
N LYS A 381 -0.76 -18.13 65.94
CA LYS A 381 -0.96 -17.88 67.37
C LYS A 381 -2.39 -17.52 67.71
N VAL A 382 -3.30 -17.59 66.74
CA VAL A 382 -4.70 -17.25 66.95
C VAL A 382 -5.49 -18.51 66.74
N GLN A 383 -6.23 -18.90 67.72
CA GLN A 383 -7.00 -20.12 67.57
C GLN A 383 -8.39 -19.81 67.02
N PRO A 384 -9.00 -20.77 66.32
CA PRO A 384 -10.31 -20.52 65.74
C PRO A 384 -11.35 -20.30 66.82
N GLY A 385 -12.38 -19.53 66.47
CA GLY A 385 -13.54 -19.37 67.31
C GLY A 385 -13.32 -18.59 68.58
N ASP A 386 -12.31 -17.74 68.62
CA ASP A 386 -11.97 -17.02 69.83
C ASP A 386 -12.36 -15.55 69.74
N ARG A 387 -11.95 -14.78 70.75
CA ARG A 387 -12.07 -13.35 70.76
C ARG A 387 -10.98 -12.72 69.90
N VAL A 388 -11.32 -11.64 69.23
CA VAL A 388 -10.40 -10.97 68.31
C VAL A 388 -10.15 -9.55 68.79
N ASN A 389 -8.88 -9.23 69.01
CA ASN A 389 -8.45 -7.87 69.34
C ASN A 389 -7.37 -7.44 68.36
N VAL A 390 -7.60 -7.69 67.07
CA VAL A 390 -6.59 -7.55 66.03
C VAL A 390 -6.55 -6.10 65.57
N THR A 391 -5.46 -5.42 65.91
CA THR A 391 -5.18 -4.11 65.35
C THR A 391 -4.28 -4.28 64.15
N GLY A 392 -4.77 -3.80 63.00
CA GLY A 392 -4.13 -4.10 61.74
C GLY A 392 -3.99 -2.89 60.85
N ILE A 393 -3.31 -3.12 59.73
CA ILE A 393 -3.02 -2.09 58.74
C ILE A 393 -3.84 -2.40 57.51
N TYR A 394 -4.67 -1.45 57.10
CA TYR A 394 -5.53 -1.65 55.95
C TYR A 394 -4.73 -1.58 54.66
N ARG A 395 -5.12 -2.38 53.69
CA ARG A 395 -4.42 -2.44 52.42
C ARG A 395 -5.44 -2.65 51.31
N ALA A 396 -5.05 -2.30 50.10
CA ALA A 396 -5.90 -2.52 48.94
C ALA A 396 -5.02 -2.82 47.73
N VAL A 397 -5.35 -3.90 47.02
CA VAL A 397 -4.58 -4.29 45.84
C VAL A 397 -5.55 -4.54 44.70
N PRO A 398 -5.13 -4.32 43.46
CA PRO A 398 -6.05 -4.52 42.32
C PRO A 398 -6.16 -5.99 41.96
N ILE A 399 -7.38 -6.43 41.67
CA ILE A 399 -7.64 -7.81 41.30
C ILE A 399 -7.58 -7.94 39.79
N ARG A 400 -6.75 -8.85 39.30
CA ARG A 400 -6.65 -9.09 37.87
C ARG A 400 -7.98 -9.62 37.35
N VAL A 401 -8.42 -9.09 36.21
CA VAL A 401 -9.69 -9.55 35.64
C VAL A 401 -9.58 -10.99 35.17
N ASN A 402 -8.53 -11.30 34.42
CA ASN A 402 -8.24 -12.63 33.95
C ASN A 402 -6.74 -12.81 33.89
N PRO A 403 -6.22 -13.97 34.29
CA PRO A 403 -4.78 -14.21 34.11
C PRO A 403 -4.35 -14.10 32.67
N ARG A 404 -5.22 -14.44 31.73
CA ARG A 404 -4.87 -14.38 30.33
C ARG A 404 -4.54 -12.97 29.89
N VAL A 405 -5.23 -11.97 30.44
CA VAL A 405 -5.06 -10.58 30.02
C VAL A 405 -4.38 -9.80 31.13
N SER A 406 -4.14 -8.52 30.87
CA SER A 406 -3.62 -7.60 31.86
C SER A 406 -4.66 -6.61 32.35
N ASN A 407 -5.89 -6.68 31.87
CA ASN A 407 -6.93 -5.76 32.29
C ASN A 407 -7.16 -5.86 33.79
N VAL A 408 -7.44 -4.72 34.42
CA VAL A 408 -7.65 -4.62 35.86
C VAL A 408 -8.96 -3.88 36.12
N LYS A 409 -9.80 -4.45 36.97
CA LYS A 409 -11.11 -3.86 37.25
C LYS A 409 -11.00 -2.73 38.25
N SER A 410 -11.95 -1.81 38.20
CA SER A 410 -11.91 -0.64 39.08
C SER A 410 -12.66 -0.90 40.38
N VAL A 411 -12.42 -2.06 40.97
CA VAL A 411 -12.89 -2.38 42.31
C VAL A 411 -11.77 -3.14 43.00
N TYR A 412 -11.49 -2.79 44.24
CA TYR A 412 -10.40 -3.37 45.00
C TYR A 412 -10.94 -4.14 46.20
N LYS A 413 -10.27 -5.24 46.54
CA LYS A 413 -10.65 -6.05 47.67
C LYS A 413 -9.98 -5.52 48.94
N THR A 414 -10.76 -5.41 50.00
CA THR A 414 -10.22 -5.12 51.33
C THR A 414 -9.42 -6.30 51.85
N HIS A 415 -8.31 -6.01 52.53
CA HIS A 415 -7.56 -7.04 53.24
C HIS A 415 -6.66 -6.36 54.26
N ILE A 416 -6.49 -7.01 55.40
CA ILE A 416 -5.90 -6.40 56.59
C ILE A 416 -4.65 -7.17 57.00
N ASP A 417 -3.55 -6.46 57.20
CA ASP A 417 -2.33 -7.06 57.71
C ASP A 417 -2.31 -6.99 59.22
N VAL A 418 -1.94 -8.09 59.88
CA VAL A 418 -1.92 -8.13 61.34
C VAL A 418 -0.56 -7.65 61.82
N ILE A 419 -0.57 -6.66 62.71
CA ILE A 419 0.63 -6.30 63.45
C ILE A 419 0.32 -6.25 64.94
N HIS A 420 0.55 -7.38 65.62
CA HIS A 420 0.07 -7.54 67.00
C HIS A 420 0.56 -8.88 67.52
N TYR A 421 0.83 -8.93 68.82
CA TYR A 421 1.26 -10.17 69.46
C TYR A 421 0.06 -11.09 69.69
N PHE A 441 -21.25 4.85 90.61
CA PHE A 441 -21.27 3.52 90.01
C PHE A 441 -20.92 2.44 91.04
N SER A 442 -19.73 2.56 91.63
CA SER A 442 -19.30 1.58 92.63
C SER A 442 -20.16 1.65 93.88
N GLU A 443 -20.44 2.85 94.37
CA GLU A 443 -21.24 3.00 95.58
C GLU A 443 -22.72 2.74 95.29
N LYS A 444 -23.15 2.95 94.04
CA LYS A 444 -24.57 2.76 93.71
C LYS A 444 -24.95 1.28 93.73
N ARG A 445 -24.10 0.42 93.19
CA ARG A 445 -24.37 -1.01 93.21
C ARG A 445 -24.41 -1.56 94.64
N VAL A 446 -23.56 -1.02 95.52
CA VAL A 446 -23.52 -1.47 96.91
C VAL A 446 -24.85 -1.18 97.60
N GLU A 447 -25.41 0.01 97.38
CA GLU A 447 -26.67 0.37 98.01
C GLU A 447 -27.80 -0.54 97.54
N LEU A 448 -27.66 -1.11 96.34
CA LEU A 448 -28.69 -2.02 95.82
C LEU A 448 -28.84 -3.25 96.70
N LEU A 449 -27.71 -3.89 97.04
CA LEU A 449 -27.77 -5.12 97.83
C LEU A 449 -28.21 -4.86 99.26
N LYS A 450 -27.78 -3.73 99.84
CA LYS A 450 -28.15 -3.40 101.21
C LYS A 450 -29.65 -3.07 101.33
N GLU A 451 -30.23 -2.52 100.26
CA GLU A 451 -31.64 -2.14 100.30
C GLU A 451 -32.54 -3.34 100.51
N LEU A 452 -32.17 -4.49 99.94
CA LEU A 452 -32.99 -5.69 100.09
C LEU A 452 -33.02 -6.17 101.53
N SER A 453 -32.04 -5.78 102.34
CA SER A 453 -31.97 -6.26 103.72
C SER A 453 -33.16 -5.78 104.54
N ARG A 454 -33.60 -4.54 104.31
CA ARG A 454 -34.77 -4.04 105.03
C ARG A 454 -36.05 -4.76 104.60
N LYS A 455 -36.16 -5.09 103.33
CA LYS A 455 -37.36 -5.76 102.84
C LYS A 455 -37.38 -7.21 103.32
N PRO A 456 -38.46 -7.67 103.94
CA PRO A 456 -38.49 -9.05 104.45
C PRO A 456 -39.05 -10.04 103.45
N ASP A 457 -39.58 -9.55 102.32
CA ASP A 457 -40.16 -10.40 101.28
C ASP A 457 -39.21 -10.56 100.09
N ILE A 458 -37.90 -10.55 100.34
CA ILE A 458 -36.95 -10.68 99.23
C ILE A 458 -36.82 -12.13 98.80
N TYR A 459 -37.31 -13.07 99.60
CA TYR A 459 -37.16 -14.49 99.26
C TYR A 459 -37.88 -14.83 97.96
N GLU A 460 -39.09 -14.31 97.76
CA GLU A 460 -39.82 -14.54 96.52
C GLU A 460 -39.57 -13.48 95.46
N ARG A 461 -39.10 -12.29 95.86
CA ARG A 461 -39.01 -11.18 94.92
C ARG A 461 -37.87 -11.39 93.91
N LEU A 462 -36.74 -11.91 94.36
CA LEU A 462 -35.59 -12.10 93.47
C LEU A 462 -35.90 -13.09 92.36
N ALA A 463 -36.61 -14.17 92.67
CA ALA A 463 -36.95 -15.15 91.64
C ALA A 463 -38.00 -14.59 90.68
N SER A 464 -38.98 -13.84 91.20
CA SER A 464 -40.09 -13.37 90.39
C SER A 464 -39.68 -12.26 89.43
N ALA A 465 -38.69 -11.44 89.78
CA ALA A 465 -38.25 -10.36 88.92
C ALA A 465 -37.40 -10.82 87.75
N LEU A 466 -36.72 -11.96 87.87
CA LEU A 466 -35.83 -12.44 86.83
C LEU A 466 -36.58 -13.35 85.87
N ALA A 467 -36.54 -13.01 84.58
CA ALA A 467 -37.22 -13.77 83.53
C ALA A 467 -38.72 -13.92 83.79
N PRO A 468 -39.48 -12.84 83.76
CA PRO A 468 -40.93 -12.94 84.04
C PRO A 468 -41.74 -13.49 82.89
N SER A 469 -41.17 -13.64 81.70
CA SER A 469 -41.92 -14.11 80.55
C SER A 469 -42.09 -15.62 80.54
N ILE A 470 -41.69 -16.30 81.61
CA ILE A 470 -41.74 -17.76 81.67
C ILE A 470 -43.03 -18.17 82.36
N TYR A 471 -43.62 -19.27 81.88
CA TYR A 471 -44.98 -19.64 82.29
C TYR A 471 -44.99 -20.27 83.68
N GLU A 472 -46.15 -20.79 84.07
CA GLU A 472 -46.36 -21.35 85.39
C GLU A 472 -45.56 -22.63 85.58
N HIS A 473 -45.66 -23.25 86.75
CA HIS A 473 -44.86 -24.42 87.10
C HIS A 473 -43.40 -24.01 87.12
N GLU A 474 -43.07 -23.08 88.03
CA GLU A 474 -41.77 -22.42 87.99
C GLU A 474 -40.61 -23.31 88.40
N ASP A 475 -40.84 -24.62 88.57
CA ASP A 475 -39.73 -25.53 88.81
C ASP A 475 -38.76 -25.52 87.63
N ILE A 476 -39.28 -25.23 86.42
CA ILE A 476 -38.41 -25.04 85.27
C ILE A 476 -37.57 -23.79 85.44
N LYS A 477 -38.16 -22.72 86.00
CA LYS A 477 -37.43 -21.48 86.18
C LYS A 477 -36.22 -21.69 87.08
N LYS A 478 -36.38 -22.47 88.14
CA LYS A 478 -35.25 -22.83 88.99
C LYS A 478 -34.20 -23.56 88.16
N GLY A 479 -34.62 -24.52 87.34
CA GLY A 479 -33.69 -25.18 86.45
C GLY A 479 -33.02 -24.23 85.49
N ILE A 480 -33.76 -23.26 84.97
CA ILE A 480 -33.16 -22.22 84.13
C ILE A 480 -32.18 -21.41 84.96
N LEU A 481 -32.56 -21.07 86.20
CA LEU A 481 -31.68 -20.32 87.07
C LEU A 481 -30.37 -21.05 87.32
N LEU A 482 -30.45 -22.36 87.58
CA LEU A 482 -29.24 -23.15 87.75
C LEU A 482 -28.39 -23.11 86.49
N GLN A 483 -29.02 -23.25 85.33
CA GLN A 483 -28.29 -23.18 84.07
C GLN A 483 -27.74 -21.79 83.83
N LEU A 484 -28.49 -20.76 84.21
CA LEU A 484 -28.05 -19.40 83.94
C LEU A 484 -26.75 -19.06 84.65
N PHE A 485 -26.55 -19.55 85.86
CA PHE A 485 -25.32 -19.28 86.57
C PHE A 485 -24.57 -20.59 86.83
N ASP A 511 -47.80 -31.18 73.88
CA ASP A 511 -47.92 -29.94 73.13
C ASP A 511 -46.60 -29.17 73.13
N PRO A 512 -45.75 -29.47 72.16
CA PRO A 512 -44.44 -28.82 72.10
C PRO A 512 -44.57 -27.35 71.75
N GLY A 513 -43.56 -26.58 72.13
CA GLY A 513 -43.54 -25.16 71.83
C GLY A 513 -44.48 -24.37 72.70
N THR A 514 -44.98 -24.97 73.78
CA THR A 514 -45.85 -24.29 74.72
C THR A 514 -44.96 -23.49 75.66
N SER A 515 -44.68 -22.25 75.26
CA SER A 515 -43.71 -21.38 75.94
C SER A 515 -42.33 -22.02 76.00
N LYS A 516 -42.08 -23.00 75.13
CA LYS A 516 -40.84 -23.77 75.15
C LYS A 516 -39.91 -23.36 74.01
N SER A 517 -40.44 -23.28 72.79
CA SER A 517 -39.64 -22.72 71.71
C SER A 517 -39.26 -21.28 71.99
N GLN A 518 -40.21 -20.50 72.52
CA GLN A 518 -39.91 -19.13 72.89
C GLN A 518 -38.90 -19.08 74.02
N LEU A 519 -38.83 -20.14 74.84
CA LEU A 519 -37.90 -20.16 75.95
C LEU A 519 -36.46 -20.01 75.46
N LEU A 520 -36.16 -20.56 74.28
CA LEU A 520 -34.81 -20.48 73.74
C LEU A 520 -34.40 -19.04 73.46
N GLN A 521 -35.38 -18.17 73.24
CA GLN A 521 -35.07 -16.78 72.93
C GLN A 521 -34.31 -16.10 74.07
N TYR A 522 -34.69 -16.39 75.32
CA TYR A 522 -34.09 -15.69 76.44
C TYR A 522 -32.58 -15.93 76.50
N VAL A 523 -32.16 -17.19 76.39
CA VAL A 523 -30.74 -17.49 76.40
C VAL A 523 -30.05 -16.89 75.19
N TYR A 524 -30.66 -17.05 74.02
CA TYR A 524 -30.02 -16.60 72.79
C TYR A 524 -29.84 -15.10 72.78
N ASN A 525 -30.82 -14.36 73.28
CA ASN A 525 -30.69 -12.92 73.36
C ASN A 525 -29.60 -12.53 74.36
N LEU A 526 -29.55 -13.19 75.51
CA LEU A 526 -28.63 -12.77 76.57
C LEU A 526 -27.18 -13.05 76.21
N VAL A 527 -26.89 -14.26 75.74
CA VAL A 527 -25.56 -14.62 75.27
C VAL A 527 -25.61 -14.76 73.75
N PRO A 528 -24.95 -13.88 73.00
CA PRO A 528 -25.03 -13.98 71.53
C PRO A 528 -24.33 -15.19 70.95
N ARG A 529 -23.39 -15.79 71.69
CA ARG A 529 -22.61 -16.93 71.18
C ARG A 529 -23.44 -18.20 71.36
N GLY A 530 -23.93 -18.73 70.26
CA GLY A 530 -24.71 -19.95 70.29
C GLY A 530 -25.31 -20.22 68.93
N GLN A 531 -25.91 -21.40 68.82
CA GLN A 531 -26.49 -21.84 67.56
C GLN A 531 -27.74 -22.66 67.85
N TYR A 532 -28.70 -22.62 66.92
CA TYR A 532 -29.92 -23.42 66.98
C TYR A 532 -29.75 -24.65 66.10
N THR A 533 -30.21 -25.79 66.60
CA THR A 533 -30.17 -27.03 65.82
C THR A 533 -31.36 -27.89 66.23
N SER A 534 -31.71 -28.82 65.34
CA SER A 534 -32.86 -29.69 65.53
C SER A 534 -32.66 -30.94 64.69
N GLY A 535 -33.45 -31.98 65.00
CA GLY A 535 -33.35 -33.23 64.30
C GLY A 535 -34.22 -33.29 63.05
N LYS A 536 -33.78 -34.13 62.12
CA LYS A 536 -34.43 -34.34 60.82
C LYS A 536 -34.35 -33.07 59.96
N GLY A 537 -33.79 -32.00 60.53
CA GLY A 537 -33.69 -30.73 59.83
C GLY A 537 -32.29 -30.20 59.76
N SER A 538 -31.39 -30.73 60.60
CA SER A 538 -30.00 -30.35 60.59
C SER A 538 -29.16 -31.60 60.42
N SER A 539 -28.19 -31.55 59.50
CA SER A 539 -27.36 -32.71 59.20
C SER A 539 -26.23 -32.86 60.21
N ALA A 540 -25.42 -33.91 60.05
CA ALA A 540 -24.32 -34.13 60.99
C ALA A 540 -23.21 -33.10 60.81
N VAL A 541 -23.14 -32.48 59.64
CA VAL A 541 -22.08 -31.50 59.39
C VAL A 541 -22.30 -30.23 60.21
N GLY A 542 -23.53 -30.02 60.70
CA GLY A 542 -23.83 -28.79 61.41
C GLY A 542 -23.18 -28.67 62.78
N LEU A 543 -22.76 -29.78 63.36
CA LEU A 543 -22.07 -29.80 64.65
C LEU A 543 -20.59 -30.10 64.55
N THR A 544 -20.18 -30.90 63.56
CA THR A 544 -18.79 -31.30 63.42
C THR A 544 -18.56 -31.95 62.07
N ALA A 545 -17.29 -32.23 61.76
CA ALA A 545 -16.91 -32.89 60.51
C ALA A 545 -17.43 -32.12 59.29
N TYR A 546 -17.41 -30.80 59.36
CA TYR A 546 -17.95 -29.96 58.31
C TYR A 546 -16.88 -29.58 57.28
N VAL A 547 -15.90 -30.45 57.07
CA VAL A 547 -14.78 -30.18 56.16
C VAL A 547 -15.31 -29.83 54.78
N MET A 548 -14.72 -28.80 54.17
CA MET A 548 -15.10 -28.39 52.83
C MET A 548 -13.94 -27.63 52.20
N LYS A 549 -14.01 -27.49 50.88
CA LYS A 549 -12.99 -26.78 50.14
C LYS A 549 -13.37 -25.32 49.96
N ASP A 550 -12.36 -24.48 49.86
CA ASP A 550 -12.58 -23.07 49.52
C ASP A 550 -12.60 -22.93 48.01
N PRO A 551 -13.73 -22.50 47.43
CA PRO A 551 -13.82 -22.43 45.96
C PRO A 551 -12.89 -21.41 45.33
N GLU A 552 -12.53 -20.35 46.06
CA GLU A 552 -11.66 -19.32 45.50
C GLU A 552 -10.21 -19.76 45.45
N THR A 553 -9.75 -20.52 46.44
CA THR A 553 -8.35 -20.88 46.56
C THR A 553 -8.04 -22.34 46.28
N ARG A 554 -9.07 -23.19 46.19
CA ARG A 554 -8.89 -24.62 45.90
C ARG A 554 -7.96 -25.28 46.92
N GLN A 555 -8.44 -25.33 48.16
CA GLN A 555 -7.68 -25.95 49.23
C GLN A 555 -8.64 -26.37 50.34
N LEU A 556 -8.32 -27.49 51.00
CA LEU A 556 -9.22 -28.05 52.00
C LEU A 556 -9.18 -27.24 53.29
N VAL A 557 -10.32 -27.17 53.95
CA VAL A 557 -10.45 -26.45 55.21
C VAL A 557 -10.99 -27.43 56.25
N LEU A 558 -10.44 -27.33 57.46
CA LEU A 558 -10.88 -28.15 58.59
C LEU A 558 -11.94 -27.40 59.36
N GLN A 559 -13.14 -27.33 58.80
CA GLN A 559 -14.25 -26.66 59.47
C GLN A 559 -14.68 -27.47 60.69
N THR A 560 -15.12 -26.76 61.72
CA THR A 560 -15.69 -27.39 62.90
C THR A 560 -17.19 -27.04 62.91
N GLY A 561 -17.85 -27.26 64.04
CA GLY A 561 -19.25 -26.90 64.12
C GLY A 561 -19.69 -26.32 65.45
N ALA A 562 -21.01 -26.31 65.67
CA ALA A 562 -21.57 -25.51 66.75
C ALA A 562 -21.23 -26.10 68.11
N LEU A 563 -21.31 -27.42 68.25
CA LEU A 563 -21.02 -28.04 69.52
C LEU A 563 -19.59 -27.75 69.96
N VAL A 564 -18.66 -27.74 69.01
CA VAL A 564 -17.26 -27.48 69.33
C VAL A 564 -17.11 -26.11 69.96
N LEU A 565 -17.75 -25.11 69.37
CA LEU A 565 -17.67 -23.76 69.93
C LEU A 565 -18.64 -23.54 71.07
N SER A 566 -19.43 -24.55 71.42
CA SER A 566 -20.42 -24.42 72.49
C SER A 566 -19.83 -24.57 73.88
N ASP A 567 -18.54 -24.89 73.99
CA ASP A 567 -17.90 -24.94 75.30
C ASP A 567 -17.88 -23.56 75.92
N ASN A 568 -17.91 -23.52 77.26
CA ASN A 568 -17.99 -22.27 78.02
C ASN A 568 -19.26 -21.52 77.66
N GLY A 569 -20.36 -22.25 77.49
CA GLY A 569 -21.62 -21.63 77.12
C GLY A 569 -22.78 -22.55 77.39
N ILE A 570 -23.97 -22.04 77.06
CA ILE A 570 -25.23 -22.76 77.27
C ILE A 570 -25.65 -23.35 75.94
N CYS A 571 -25.97 -24.64 75.94
CA CYS A 571 -26.27 -25.37 74.72
C CYS A 571 -27.78 -25.41 74.50
N CYS A 572 -28.19 -25.07 73.28
CA CYS A 572 -29.60 -25.00 72.91
C CYS A 572 -29.86 -26.04 71.82
N ILE A 573 -30.49 -27.15 72.21
CA ILE A 573 -30.89 -28.21 71.29
C ILE A 573 -32.38 -28.44 71.46
N ASP A 574 -33.09 -28.47 70.35
CA ASP A 574 -34.54 -28.66 70.37
C ASP A 574 -34.88 -30.01 69.78
N GLU A 575 -36.01 -30.56 70.21
CA GLU A 575 -36.51 -31.85 69.74
C GLU A 575 -35.45 -32.93 69.97
N PHE A 576 -34.99 -33.04 71.22
CA PHE A 576 -33.94 -33.99 71.56
C PHE A 576 -34.34 -35.42 71.30
N ASP A 577 -35.58 -35.80 71.62
CA ASP A 577 -36.01 -37.18 71.40
C ASP A 577 -36.34 -37.45 69.93
N LYS A 578 -36.50 -36.41 69.12
CA LYS A 578 -36.88 -36.56 67.72
C LYS A 578 -35.75 -37.10 66.85
N MET A 579 -34.55 -37.26 67.41
CA MET A 579 -33.47 -37.87 66.66
C MET A 579 -33.72 -39.35 66.45
N ASN A 580 -33.23 -39.88 65.33
CA ASN A 580 -33.37 -41.29 65.02
C ASN A 580 -32.40 -42.10 65.88
N GLU A 581 -32.61 -43.41 65.94
CA GLU A 581 -31.74 -44.29 66.72
C GLU A 581 -30.36 -44.47 66.08
N SER A 582 -30.27 -44.40 64.74
CA SER A 582 -28.98 -44.48 64.08
C SER A 582 -28.09 -43.28 64.43
N THR A 583 -28.65 -42.08 64.42
CA THR A 583 -27.93 -40.86 64.73
C THR A 583 -27.89 -40.66 66.24
N ARG A 584 -27.58 -39.43 66.67
CA ARG A 584 -27.51 -39.04 68.08
C ARG A 584 -26.28 -39.66 68.72
N SER A 585 -25.44 -40.28 67.92
CA SER A 585 -24.24 -40.93 68.42
C SER A 585 -23.25 -39.96 69.05
N VAL A 586 -23.09 -38.77 68.49
CA VAL A 586 -22.02 -37.88 68.91
C VAL A 586 -22.24 -37.41 70.35
N LEU A 587 -23.48 -37.08 70.71
CA LEU A 587 -23.75 -36.59 72.05
C LEU A 587 -23.57 -37.69 73.09
N HIS A 588 -23.91 -38.92 72.71
CA HIS A 588 -23.88 -40.04 73.64
C HIS A 588 -22.51 -40.22 74.28
N GLU A 589 -21.44 -40.09 73.51
CA GLU A 589 -20.11 -40.12 74.10
C GLU A 589 -19.87 -38.89 74.96
N VAL A 590 -20.26 -37.71 74.48
CA VAL A 590 -19.95 -36.47 75.20
C VAL A 590 -20.59 -36.47 76.58
N MET A 591 -21.86 -36.87 76.65
CA MET A 591 -22.52 -36.95 77.94
C MET A 591 -21.92 -38.02 78.85
N GLU A 592 -21.27 -39.03 78.27
CA GLU A 592 -20.67 -40.10 79.05
C GLU A 592 -19.15 -40.04 79.10
N GLN A 593 -18.55 -39.02 78.50
CA GLN A 593 -17.09 -38.88 78.56
C GLN A 593 -16.73 -37.52 79.10
N GLN A 594 -17.74 -36.71 79.40
CA GLN A 594 -17.57 -35.39 80.01
C GLN A 594 -16.67 -34.49 79.17
N THR A 595 -16.64 -34.74 77.87
CA THR A 595 -15.82 -33.96 76.96
C THR A 595 -16.38 -34.11 75.55
N LEU A 596 -15.87 -33.29 74.64
CA LEU A 596 -16.29 -33.33 73.23
C LEU A 596 -15.09 -33.74 72.39
N SER A 597 -15.14 -34.96 71.86
CA SER A 597 -14.02 -35.49 71.10
C SER A 597 -14.12 -35.07 69.64
N ILE A 598 -12.98 -34.90 69.00
CA ILE A 598 -12.91 -34.44 67.61
C ILE A 598 -12.64 -35.66 66.74
N ALA A 599 -13.55 -35.92 65.81
CA ALA A 599 -13.43 -37.03 64.86
C ALA A 599 -13.29 -36.40 63.48
N LYS A 600 -12.08 -36.44 62.95
CA LYS A 600 -11.74 -35.74 61.71
C LYS A 600 -11.02 -36.71 60.78
N ALA A 601 -10.46 -36.16 59.71
CA ALA A 601 -9.60 -36.94 58.82
C ALA A 601 -8.35 -37.41 59.56
N GLY A 602 -7.50 -36.46 59.94
CA GLY A 602 -6.21 -36.81 60.51
C GLY A 602 -6.11 -36.58 62.01
N ILE A 603 -7.08 -35.86 62.55
CA ILE A 603 -6.97 -35.38 63.93
C ILE A 603 -8.07 -35.98 64.80
N ILE A 604 -7.67 -36.72 65.81
CA ILE A 604 -8.58 -37.17 66.86
C ILE A 604 -8.14 -36.58 68.18
N CYS A 605 -8.96 -35.73 68.77
CA CYS A 605 -8.70 -35.12 70.06
C CYS A 605 -10.04 -34.82 70.72
N GLN A 606 -9.99 -34.19 71.90
CA GLN A 606 -11.19 -33.90 72.67
C GLN A 606 -11.16 -32.44 73.11
N LEU A 607 -12.28 -31.75 72.90
CA LEU A 607 -12.46 -30.40 73.42
C LEU A 607 -13.36 -30.46 74.65
N ASN A 608 -12.97 -29.75 75.71
CA ASN A 608 -13.70 -29.81 76.97
C ASN A 608 -15.16 -29.40 76.76
N ALA A 609 -16.08 -30.20 77.32
CA ALA A 609 -17.50 -29.95 77.12
C ALA A 609 -18.19 -29.73 78.46
N ARG A 610 -17.61 -28.85 79.29
CA ARG A 610 -18.17 -28.56 80.62
C ARG A 610 -19.39 -27.65 80.45
N THR A 611 -20.51 -28.27 80.09
CA THR A 611 -21.80 -27.60 80.00
C THR A 611 -22.89 -28.60 80.38
N SER A 612 -24.12 -28.11 80.44
CA SER A 612 -25.27 -28.90 80.85
C SER A 612 -26.28 -28.95 79.72
N VAL A 613 -27.16 -29.94 79.76
CA VAL A 613 -28.18 -30.13 78.73
C VAL A 613 -29.55 -30.08 79.39
N LEU A 614 -30.44 -29.25 78.84
CA LEU A 614 -31.81 -29.13 79.31
C LEU A 614 -32.77 -29.26 78.15
N ALA A 615 -33.83 -30.03 78.36
CA ALA A 615 -34.86 -30.29 77.36
C ALA A 615 -36.04 -30.97 78.05
N ALA A 616 -36.91 -31.58 77.25
CA ALA A 616 -38.03 -32.37 77.76
C ALA A 616 -38.43 -33.38 76.71
N ALA A 617 -38.71 -34.61 77.16
CA ALA A 617 -39.03 -35.70 76.24
C ALA A 617 -39.98 -36.72 76.84
N ASN A 618 -40.11 -37.88 76.20
CA ASN A 618 -41.03 -38.93 76.65
C ASN A 618 -40.38 -39.81 77.71
N HIS A 638 -32.77 -51.61 76.00
CA HIS A 638 -31.34 -51.65 75.71
C HIS A 638 -30.52 -51.14 76.89
N THR A 639 -31.20 -50.78 77.98
CA THR A 639 -30.63 -50.33 79.25
C THR A 639 -29.85 -49.04 79.14
N LEU A 640 -30.08 -48.21 78.11
CA LEU A 640 -29.33 -46.98 77.93
C LEU A 640 -30.17 -45.74 78.24
N LEU A 641 -31.19 -45.88 79.08
CA LEU A 641 -31.95 -44.71 79.51
C LEU A 641 -31.12 -43.79 80.38
N SER A 642 -30.02 -44.29 80.93
CA SER A 642 -29.20 -43.49 81.85
C SER A 642 -28.57 -42.29 81.15
N ARG A 643 -28.50 -42.31 79.82
CA ARG A 643 -27.82 -41.24 79.10
C ARG A 643 -28.40 -39.87 79.42
N PHE A 644 -29.73 -39.77 79.49
CA PHE A 644 -30.36 -38.50 79.76
C PHE A 644 -29.96 -37.99 81.14
N ASP A 645 -29.71 -36.68 81.21
CA ASP A 645 -29.46 -36.04 82.49
C ASP A 645 -30.77 -35.76 83.23
N LEU A 646 -31.77 -35.25 82.51
CA LEU A 646 -33.02 -34.83 83.14
C LEU A 646 -34.20 -35.23 82.26
N ILE A 647 -35.26 -35.75 82.90
CA ILE A 647 -36.47 -36.15 82.20
C ILE A 647 -37.67 -35.51 82.90
N PHE A 648 -38.50 -34.82 82.13
CA PHE A 648 -39.67 -34.11 82.65
C PHE A 648 -40.95 -34.54 81.93
N LEU A 649 -42.03 -34.57 82.69
CA LEU A 649 -43.36 -34.87 82.16
C LEU A 649 -44.28 -33.68 82.39
N LEU A 650 -44.97 -33.24 81.33
CA LEU A 650 -45.90 -32.12 81.40
C LEU A 650 -47.31 -32.67 81.50
N LEU A 651 -47.99 -32.34 82.59
CA LEU A 651 -49.37 -32.76 82.83
C LEU A 651 -50.30 -31.56 82.70
N ASP A 652 -51.55 -31.85 82.34
CA ASP A 652 -52.57 -30.82 82.24
C ASP A 652 -53.30 -30.70 83.58
N PRO A 653 -53.18 -29.57 84.29
CA PRO A 653 -53.86 -29.45 85.59
C PRO A 653 -55.37 -29.29 85.48
N GLN A 654 -55.90 -29.14 84.26
CA GLN A 654 -57.33 -28.91 84.04
C GLN A 654 -57.79 -27.64 84.74
N ASP A 655 -56.93 -26.63 84.74
CA ASP A 655 -57.20 -25.35 85.38
C ASP A 655 -57.12 -24.25 84.34
N GLU A 656 -58.24 -23.58 84.09
CA GLU A 656 -58.27 -22.48 83.15
C GLU A 656 -57.73 -21.19 83.77
N ALA A 657 -57.89 -21.05 85.09
CA ALA A 657 -57.48 -19.80 85.74
C ALA A 657 -56.00 -19.55 85.56
N TYR A 658 -55.21 -20.61 85.40
CA TYR A 658 -53.80 -20.43 85.08
C TYR A 658 -53.61 -19.66 83.79
N ASP A 659 -54.42 -19.98 82.77
CA ASP A 659 -54.29 -19.32 81.48
C ASP A 659 -54.67 -17.85 81.57
N ARG A 660 -55.61 -17.52 82.45
CA ARG A 660 -56.13 -16.16 82.52
C ARG A 660 -55.02 -15.15 82.79
N ARG A 661 -54.10 -15.48 83.69
CA ARG A 661 -53.08 -14.51 84.09
C ARG A 661 -52.19 -14.13 82.91
N LEU A 662 -51.81 -15.11 82.09
CA LEU A 662 -51.00 -14.80 80.92
C LEU A 662 -51.77 -13.91 79.96
N ALA A 663 -53.07 -14.17 79.79
CA ALA A 663 -53.88 -13.36 78.89
C ALA A 663 -53.87 -11.90 79.30
N HIS A 664 -54.09 -11.65 80.60
CA HIS A 664 -54.00 -10.29 81.09
C HIS A 664 -52.56 -9.79 81.10
N HIS A 665 -51.59 -10.71 81.20
CA HIS A 665 -50.20 -10.29 81.36
C HIS A 665 -49.69 -9.52 80.14
N LEU A 666 -50.09 -9.93 78.94
CA LEU A 666 -49.65 -9.23 77.74
C LEU A 666 -50.20 -7.80 77.67
N VAL A 667 -51.48 -7.60 77.99
CA VAL A 667 -52.04 -6.26 77.96
C VAL A 667 -51.50 -5.43 79.12
N ALA A 668 -51.38 -6.04 80.30
CA ALA A 668 -51.07 -5.29 81.50
C ALA A 668 -49.69 -4.64 81.45
N LEU A 669 -48.70 -5.37 80.93
CA LEU A 669 -47.33 -4.83 80.89
C LEU A 669 -47.24 -3.60 80.00
N TYR A 670 -47.89 -3.61 78.85
CA TYR A 670 -47.89 -2.47 77.96
C TYR A 670 -49.31 -1.93 77.75
N LEU A 682 -33.04 0.65 85.87
CA LEU A 682 -32.63 -0.11 87.05
C LEU A 682 -32.27 -1.54 86.69
N ASP A 683 -33.09 -2.16 85.85
CA ASP A 683 -32.81 -3.53 85.41
C ASP A 683 -31.65 -3.58 84.42
N MET A 684 -31.45 -2.50 83.64
CA MET A 684 -30.36 -2.47 82.68
C MET A 684 -29.00 -2.53 83.36
N ALA A 685 -28.86 -1.82 84.49
CA ALA A 685 -27.58 -1.79 85.19
C ALA A 685 -27.19 -3.17 85.70
N VAL A 686 -28.18 -3.95 86.15
CA VAL A 686 -27.91 -5.31 86.64
C VAL A 686 -27.35 -6.18 85.52
N LEU A 687 -27.96 -6.09 84.33
CA LEU A 687 -27.54 -6.96 83.23
C LEU A 687 -26.16 -6.56 82.72
N LYS A 688 -25.84 -5.27 82.75
CA LYS A 688 -24.61 -4.80 82.13
C LYS A 688 -23.37 -5.12 82.96
N ASP A 689 -23.29 -4.62 84.19
CA ASP A 689 -22.07 -4.72 84.97
C ASP A 689 -22.10 -5.79 86.05
N TYR A 690 -23.27 -6.10 86.62
CA TYR A 690 -23.33 -7.07 87.70
C TYR A 690 -22.92 -8.46 87.22
N ILE A 691 -23.37 -8.87 86.03
CA ILE A 691 -23.04 -10.19 85.54
C ILE A 691 -21.53 -10.31 85.30
N ALA A 692 -20.93 -9.30 84.67
CA ALA A 692 -19.51 -9.38 84.34
C ALA A 692 -18.64 -9.28 85.59
N TYR A 693 -18.92 -8.30 86.45
CA TYR A 693 -18.04 -8.03 87.58
C TYR A 693 -17.96 -9.22 88.53
N ALA A 694 -19.10 -9.85 88.82
CA ALA A 694 -19.10 -10.97 89.75
C ALA A 694 -18.28 -12.13 89.20
N HIS A 695 -18.36 -12.36 87.89
CA HIS A 695 -17.66 -13.49 87.29
C HIS A 695 -16.16 -13.28 87.21
N SER A 696 -15.66 -12.08 87.51
CA SER A 696 -14.26 -11.74 87.33
C SER A 696 -13.33 -12.43 88.32
N THR A 697 -13.65 -12.39 89.62
CA THR A 697 -12.74 -12.94 90.62
C THR A 697 -13.48 -13.87 91.58
N ILE A 698 -14.81 -13.77 91.64
CA ILE A 698 -15.58 -14.53 92.61
C ILE A 698 -15.52 -16.00 92.24
N MET A 699 -15.09 -16.83 93.17
CA MET A 699 -14.86 -18.25 92.96
C MET A 699 -15.39 -19.04 94.15
N PRO A 700 -16.44 -19.83 93.97
CA PRO A 700 -17.01 -20.57 95.09
C PRO A 700 -16.05 -21.61 95.64
N ARG A 701 -16.20 -21.87 96.93
CA ARG A 701 -15.44 -22.91 97.62
C ARG A 701 -16.41 -23.83 98.34
N LEU A 702 -16.08 -25.12 98.39
CA LEU A 702 -16.90 -26.10 99.08
C LEU A 702 -16.65 -26.06 100.58
N SER A 703 -17.67 -25.63 101.31
CA SER A 703 -17.59 -25.53 102.76
C SER A 703 -17.75 -26.91 103.39
N GLU A 704 -17.56 -27.00 104.69
CA GLU A 704 -17.66 -28.26 105.42
C GLU A 704 -19.10 -28.58 105.78
N GLU A 705 -19.91 -27.54 105.99
CA GLU A 705 -21.26 -27.74 106.53
C GLU A 705 -22.15 -28.47 105.54
N ALA A 706 -21.86 -28.35 104.24
CA ALA A 706 -22.69 -28.98 103.22
C ALA A 706 -22.30 -30.43 102.96
N SER A 707 -21.23 -30.92 103.58
CA SER A 707 -20.76 -32.27 103.28
C SER A 707 -21.77 -33.32 103.67
N GLN A 708 -22.24 -33.28 104.92
CA GLN A 708 -23.17 -34.31 105.39
C GLN A 708 -24.55 -34.14 104.79
N ALA A 709 -24.83 -32.99 104.18
CA ALA A 709 -26.16 -32.76 103.60
C ALA A 709 -26.46 -33.77 102.51
N LEU A 710 -25.46 -34.11 101.70
CA LEU A 710 -25.68 -35.09 100.63
C LEU A 710 -26.02 -36.45 101.19
N ILE A 711 -25.51 -36.77 102.39
CA ILE A 711 -25.76 -38.08 102.99
C ILE A 711 -27.26 -38.29 103.19
N GLU A 712 -27.97 -37.22 103.54
CA GLU A 712 -29.40 -37.35 103.83
C GLU A 712 -30.19 -37.75 102.60
N ALA A 713 -29.60 -37.61 101.42
CA ALA A 713 -30.33 -37.90 100.20
C ALA A 713 -30.59 -39.40 100.06
N TYR A 714 -29.54 -40.21 100.12
CA TYR A 714 -29.68 -41.63 99.82
C TYR A 714 -30.27 -42.42 100.98
N VAL A 715 -30.25 -41.84 102.18
CA VAL A 715 -30.77 -42.55 103.35
C VAL A 715 -32.23 -42.91 103.15
N ASP A 716 -33.03 -41.95 102.69
CA ASP A 716 -34.44 -42.24 102.41
C ASP A 716 -34.59 -43.17 101.22
N MET A 717 -33.59 -43.20 100.34
CA MET A 717 -33.70 -43.99 99.11
C MET A 717 -33.51 -45.47 99.37
N ARG A 718 -33.07 -45.85 100.57
CA ARG A 718 -32.78 -47.25 100.85
C ARG A 718 -34.02 -48.14 100.81
N LYS A 719 -35.21 -47.55 100.82
CA LYS A 719 -36.45 -48.33 100.81
C LYS A 719 -36.70 -49.00 99.46
N ILE A 720 -36.07 -48.56 98.39
CA ILE A 720 -36.30 -49.13 97.06
C ILE A 720 -35.44 -50.38 96.94
N GLY A 721 -36.06 -51.51 96.59
CA GLY A 721 -35.37 -52.77 96.51
C GLY A 721 -35.21 -53.49 97.82
N SER A 722 -35.75 -52.94 98.91
CA SER A 722 -35.69 -53.58 100.21
C SER A 722 -37.06 -53.58 100.88
N SER A 728 -30.43 -43.88 95.50
CA SER A 728 -29.49 -44.44 96.46
C SER A 728 -28.14 -43.75 96.35
N ALA A 729 -27.08 -44.47 96.73
CA ALA A 729 -25.73 -43.91 96.71
C ALA A 729 -24.94 -44.28 95.45
N TYR A 730 -25.30 -45.38 94.79
CA TYR A 730 -24.63 -45.73 93.55
C TYR A 730 -25.01 -44.83 92.37
N PRO A 731 -26.24 -44.26 92.30
CA PRO A 731 -26.50 -43.26 91.26
C PRO A 731 -25.55 -42.08 91.35
N ARG A 732 -25.13 -41.61 90.18
CA ARG A 732 -24.15 -40.54 90.06
C ARG A 732 -24.84 -39.18 90.22
N GLN A 733 -26.17 -39.20 90.36
CA GLN A 733 -26.90 -37.96 90.57
C GLN A 733 -26.42 -37.26 91.82
N LEU A 734 -25.99 -38.02 92.82
CA LEU A 734 -25.38 -37.42 94.00
C LEU A 734 -24.21 -36.51 93.59
N GLU A 735 -23.35 -37.01 92.71
CA GLU A 735 -22.28 -36.16 92.18
C GLU A 735 -22.85 -35.00 91.37
N SER A 736 -23.93 -35.25 90.62
CA SER A 736 -24.58 -34.16 89.92
C SER A 736 -25.20 -33.17 90.88
N LEU A 737 -25.77 -33.67 91.98
CA LEU A 737 -26.48 -32.79 92.90
C LEU A 737 -25.54 -31.73 93.46
N ILE A 738 -24.35 -32.13 93.88
CA ILE A 738 -23.40 -31.16 94.44
C ILE A 738 -22.94 -30.19 93.36
N ARG A 739 -22.88 -30.65 92.10
CA ARG A 739 -22.53 -29.75 91.02
C ARG A 739 -23.47 -28.55 90.95
N LEU A 740 -24.77 -28.82 91.02
CA LEU A 740 -25.76 -27.75 90.94
C LEU A 740 -25.74 -26.89 92.19
N ALA A 741 -25.22 -27.42 93.30
CA ALA A 741 -25.31 -26.70 94.57
C ALA A 741 -24.62 -25.35 94.50
N GLU A 742 -23.68 -25.18 93.55
CA GLU A 742 -22.93 -23.93 93.46
C GLU A 742 -23.86 -22.75 93.20
N ALA A 743 -25.05 -23.02 92.70
CA ALA A 743 -26.01 -21.94 92.47
C ALA A 743 -26.46 -21.30 93.78
N HIS A 744 -26.74 -22.12 94.81
CA HIS A 744 -27.18 -21.56 96.09
C HIS A 744 -26.13 -20.63 96.67
N ALA A 745 -24.86 -20.89 96.37
CA ALA A 745 -23.80 -20.02 96.89
C ALA A 745 -23.91 -18.60 96.34
N LYS A 746 -24.31 -18.46 95.07
CA LYS A 746 -24.49 -17.12 94.51
C LYS A 746 -25.59 -16.36 95.21
N VAL A 747 -26.68 -17.04 95.56
CA VAL A 747 -27.84 -16.40 96.17
C VAL A 747 -27.53 -16.14 97.63
N ARG A 748 -27.92 -14.95 98.12
CA ARG A 748 -27.79 -14.57 99.52
C ARG A 748 -26.34 -14.43 99.95
N LEU A 749 -25.41 -14.62 99.01
CA LEU A 749 -23.98 -14.51 99.24
C LEU A 749 -23.48 -15.42 100.37
N SER A 750 -24.14 -16.57 100.56
CA SER A 750 -23.74 -17.54 101.57
C SER A 750 -22.90 -18.63 100.91
N ASN A 751 -21.73 -18.92 101.49
CA ASN A 751 -20.85 -19.94 100.95
C ASN A 751 -21.17 -21.34 101.48
N LYS A 752 -22.19 -21.48 102.33
CA LYS A 752 -22.63 -22.77 102.81
C LYS A 752 -24.02 -23.07 102.26
N VAL A 753 -24.28 -24.35 102.00
CA VAL A 753 -25.56 -24.81 101.47
C VAL A 753 -26.16 -25.81 102.44
N GLU A 754 -27.45 -25.67 102.69
CA GLU A 754 -28.20 -26.50 103.64
C GLU A 754 -29.20 -27.38 102.88
N ALA A 755 -29.98 -28.16 103.64
CA ALA A 755 -30.97 -29.05 103.02
C ALA A 755 -32.11 -28.25 102.40
N ILE A 756 -32.38 -27.05 102.92
CA ILE A 756 -33.43 -26.21 102.37
C ILE A 756 -33.04 -25.77 100.96
N ASP A 757 -34.01 -25.83 100.04
CA ASP A 757 -33.92 -25.52 98.62
C ASP A 757 -33.08 -26.53 97.86
N VAL A 758 -32.58 -27.58 98.52
CA VAL A 758 -31.86 -28.66 97.87
C VAL A 758 -32.70 -29.93 97.81
N GLU A 759 -33.44 -30.22 98.88
CA GLU A 759 -34.33 -31.39 98.87
C GLU A 759 -35.49 -31.21 97.91
N GLU A 760 -35.79 -29.95 97.54
CA GLU A 760 -36.90 -29.69 96.64
C GLU A 760 -36.63 -30.27 95.25
N ALA A 761 -35.36 -30.26 94.83
CA ALA A 761 -35.01 -30.84 93.54
C ALA A 761 -35.28 -32.34 93.49
N LYS A 762 -35.21 -33.02 94.65
CA LYS A 762 -35.48 -34.45 94.68
C LYS A 762 -36.92 -34.76 94.28
N ARG A 763 -37.87 -33.94 94.75
CA ARG A 763 -39.27 -34.17 94.40
C ARG A 763 -39.51 -34.00 92.91
N LEU A 764 -38.78 -33.08 92.28
CA LEU A 764 -38.92 -32.88 90.85
C LEU A 764 -38.57 -34.15 90.08
N HIS A 765 -37.50 -34.83 90.49
CA HIS A 765 -37.14 -36.10 89.87
C HIS A 765 -38.09 -37.21 90.30
N ARG A 766 -38.60 -37.15 91.54
CA ARG A 766 -39.47 -38.19 92.04
C ARG A 766 -40.78 -38.24 91.26
N GLU A 767 -41.30 -37.07 90.87
CA GLU A 767 -42.55 -37.03 90.12
C GLU A 767 -42.41 -37.75 88.78
N ALA A 768 -41.30 -37.51 88.07
CA ALA A 768 -41.09 -38.18 86.80
C ALA A 768 -40.75 -39.65 87.01
N LEU A 769 -40.13 -39.98 88.14
CA LEU A 769 -39.72 -41.35 88.39
C LEU A 769 -40.91 -42.24 88.76
N LYS A 770 -41.85 -41.71 89.55
CA LYS A 770 -42.91 -42.55 90.09
C LYS A 770 -43.84 -43.06 89.00
N GLN A 771 -44.05 -42.29 87.94
CA GLN A 771 -45.00 -42.69 86.91
C GLN A 771 -44.52 -43.90 86.12
N SER A 772 -43.24 -44.26 86.22
CA SER A 772 -42.68 -45.37 85.47
C SER A 772 -42.98 -46.72 86.11
N ALA A 773 -43.58 -46.74 87.28
CA ALA A 773 -43.97 -47.98 87.95
C ALA A 773 -45.48 -48.05 88.10
N THR A 774 -45.99 -49.28 88.13
CA THR A 774 -47.42 -49.50 88.21
C THR A 774 -47.75 -50.84 88.87
N PRO B 191 41.36 -15.57 -37.29
CA PRO B 191 41.01 -16.87 -37.88
C PRO B 191 41.68 -18.05 -37.17
N ARG B 192 42.99 -17.94 -36.94
CA ARG B 192 43.78 -19.00 -36.32
C ARG B 192 44.00 -18.67 -34.84
N LEU B 193 44.48 -19.67 -34.09
CA LEU B 193 44.61 -19.58 -32.65
C LEU B 193 46.00 -19.89 -32.13
N GLU B 194 46.82 -20.60 -32.90
CA GLU B 194 48.12 -21.04 -32.35
C GLU B 194 49.07 -19.88 -32.18
N ILE B 195 49.10 -18.94 -33.13
CA ILE B 195 50.06 -17.85 -33.07
C ILE B 195 49.58 -16.68 -32.22
N HIS B 196 48.27 -16.40 -32.23
CA HIS B 196 47.76 -15.20 -31.58
C HIS B 196 48.07 -15.20 -30.08
N HIS B 197 47.69 -16.28 -29.39
CA HIS B 197 47.93 -16.33 -27.95
C HIS B 197 49.41 -16.36 -27.61
N ARG B 198 50.22 -17.10 -28.36
CA ARG B 198 51.65 -17.13 -28.05
C ARG B 198 52.27 -15.74 -28.21
N PHE B 199 51.95 -15.05 -29.30
CA PHE B 199 52.52 -13.74 -29.53
C PHE B 199 52.00 -12.73 -28.50
N LYS B 200 50.74 -12.86 -28.09
CA LYS B 200 50.21 -11.99 -27.05
C LYS B 200 50.91 -12.24 -25.72
N ASN B 201 51.24 -13.50 -25.43
CA ASN B 201 52.06 -13.82 -24.27
C ASN B 201 53.47 -13.29 -24.41
N PHE B 202 53.94 -13.07 -25.64
CA PHE B 202 55.22 -12.41 -25.83
C PHE B 202 55.22 -10.99 -25.27
N LEU B 203 54.04 -10.42 -25.01
CA LEU B 203 53.91 -9.10 -24.41
C LEU B 203 53.69 -9.16 -22.90
N ARG B 204 53.60 -10.35 -22.33
CA ARG B 204 53.34 -10.48 -20.90
C ARG B 204 54.56 -11.02 -20.16
N GLY B 211 73.98 -13.27 -36.08
CA GLY B 211 73.46 -12.05 -36.66
C GLY B 211 72.85 -11.12 -35.63
N HIS B 212 72.51 -11.66 -34.46
CA HIS B 212 71.88 -10.86 -33.41
C HIS B 212 72.86 -9.90 -32.76
N ASN B 213 74.16 -9.99 -33.10
CA ASN B 213 75.15 -9.12 -32.50
C ASN B 213 74.86 -7.65 -32.82
N VAL B 214 74.42 -7.36 -34.04
CA VAL B 214 74.05 -5.99 -34.39
C VAL B 214 72.87 -5.53 -33.55
N PHE B 215 71.86 -6.40 -33.39
CA PHE B 215 70.73 -6.06 -32.54
C PHE B 215 71.18 -5.77 -31.12
N LYS B 216 72.16 -6.50 -30.62
CA LYS B 216 72.67 -6.27 -29.27
C LYS B 216 73.19 -4.85 -29.11
N GLU B 217 73.93 -4.35 -30.10
CA GLU B 217 74.43 -2.98 -30.04
C GLU B 217 73.39 -1.97 -30.48
N ARG B 218 72.44 -2.37 -31.33
CA ARG B 218 71.49 -1.41 -31.86
C ARG B 218 70.38 -1.08 -30.88
N ILE B 219 70.08 -1.99 -29.95
CA ILE B 219 69.05 -1.70 -28.95
C ILE B 219 69.51 -0.59 -28.01
N SER B 220 70.82 -0.49 -27.77
CA SER B 220 71.36 0.58 -26.95
C SER B 220 71.71 1.82 -27.75
N ASP B 221 71.46 1.79 -29.07
CA ASP B 221 71.93 2.88 -29.92
C ASP B 221 71.31 4.21 -29.53
N MET B 222 70.02 4.21 -29.20
CA MET B 222 69.33 5.41 -28.75
C MET B 222 69.89 5.85 -27.40
N CYS B 223 70.11 7.14 -27.24
CA CYS B 223 70.69 7.63 -26.00
C CYS B 223 70.18 9.05 -25.74
N LYS B 224 70.77 9.74 -24.76
CA LYS B 224 70.42 11.11 -24.42
C LYS B 224 70.75 12.04 -25.59
N GLU B 225 71.68 11.62 -26.45
CA GLU B 225 72.04 12.43 -27.61
C GLU B 225 70.86 12.62 -28.55
N ASN B 226 69.95 11.64 -28.56
CA ASN B 226 68.73 11.68 -29.38
C ASN B 226 69.06 11.79 -30.87
N ARG B 227 69.69 10.73 -31.38
CA ARG B 227 69.91 10.58 -32.81
C ARG B 227 68.61 10.33 -33.57
N GLU B 228 67.58 9.80 -32.90
CA GLU B 228 66.25 9.64 -33.46
C GLU B 228 66.28 8.80 -34.74
N SER B 229 66.74 7.55 -34.59
CA SER B 229 66.80 6.63 -35.71
C SER B 229 66.45 5.23 -35.23
N LEU B 230 65.86 4.45 -36.14
CA LEU B 230 65.51 3.06 -35.86
C LEU B 230 65.52 2.33 -37.19
N VAL B 231 66.61 1.61 -37.46
CA VAL B 231 66.78 0.87 -38.71
C VAL B 231 66.66 -0.61 -38.39
N VAL B 232 65.62 -1.25 -38.92
CA VAL B 232 65.40 -2.68 -38.77
C VAL B 232 65.29 -3.29 -40.15
N ASN B 233 66.10 -4.31 -40.42
CA ASN B 233 66.01 -5.06 -41.66
C ASN B 233 64.82 -6.00 -41.62
N TYR B 234 64.21 -6.20 -42.80
CA TYR B 234 63.05 -7.09 -42.89
C TYR B 234 63.47 -8.56 -42.83
N GLU B 235 64.64 -8.90 -43.37
CA GLU B 235 65.07 -10.30 -43.37
C GLU B 235 65.28 -10.82 -41.95
N ASP B 236 65.78 -9.97 -41.06
CA ASP B 236 65.94 -10.36 -39.66
C ASP B 236 64.59 -10.69 -39.03
N LEU B 237 63.53 -9.99 -39.45
CA LEU B 237 62.21 -10.22 -38.88
C LEU B 237 61.73 -11.65 -39.16
N ALA B 238 61.97 -12.14 -40.38
CA ALA B 238 61.64 -13.52 -40.67
C ALA B 238 62.60 -14.48 -39.99
N ALA B 239 63.82 -14.04 -39.70
CA ALA B 239 64.83 -14.94 -39.14
C ALA B 239 64.56 -15.24 -37.67
N ARG B 240 64.16 -14.23 -36.90
CA ARG B 240 64.01 -14.43 -35.45
C ARG B 240 62.74 -15.22 -35.15
N GLU B 241 61.59 -14.74 -35.63
CA GLU B 241 60.34 -15.48 -35.50
C GLU B 241 59.78 -15.72 -36.88
N HIS B 242 59.83 -16.97 -37.34
CA HIS B 242 59.37 -17.29 -38.69
C HIS B 242 57.85 -17.35 -38.78
N VAL B 243 57.16 -17.60 -37.66
CA VAL B 243 55.70 -17.67 -37.70
C VAL B 243 55.11 -16.31 -38.06
N LEU B 244 55.75 -15.22 -37.64
CA LEU B 244 55.26 -13.88 -37.99
C LEU B 244 55.48 -13.59 -39.46
N ALA B 245 56.55 -14.12 -40.05
CA ALA B 245 56.92 -13.78 -41.43
C ALA B 245 55.81 -14.06 -42.41
N TYR B 246 55.08 -15.16 -42.24
CA TYR B 246 53.92 -15.45 -43.08
C TYR B 246 52.73 -14.57 -42.73
N PHE B 247 52.63 -14.12 -41.48
CA PHE B 247 51.50 -13.30 -41.07
C PHE B 247 51.70 -11.82 -41.38
N LEU B 248 52.91 -11.41 -41.76
CA LEU B 248 53.12 -10.02 -42.12
C LEU B 248 52.24 -9.55 -43.27
N PRO B 249 52.09 -10.27 -44.39
CA PRO B 249 51.20 -9.78 -45.45
C PRO B 249 49.72 -10.03 -45.17
N GLU B 250 49.37 -10.79 -44.14
CA GLU B 250 47.97 -11.06 -43.83
C GLU B 250 47.43 -10.10 -42.78
N ALA B 251 48.03 -10.07 -41.59
CA ALA B 251 47.56 -9.25 -40.48
C ALA B 251 48.71 -8.40 -39.93
N PRO B 252 49.14 -7.38 -40.67
CA PRO B 252 50.16 -6.46 -40.14
C PRO B 252 49.58 -5.45 -39.16
N ALA B 253 48.26 -5.28 -39.19
CA ALA B 253 47.64 -4.19 -38.45
C ALA B 253 47.86 -4.30 -36.95
N GLU B 254 47.71 -5.51 -36.40
CA GLU B 254 47.84 -5.67 -34.95
C GLU B 254 49.25 -5.36 -34.47
N LEU B 255 50.23 -5.45 -35.39
CA LEU B 255 51.61 -5.19 -35.01
C LEU B 255 51.79 -3.75 -34.52
N LEU B 256 51.01 -2.82 -35.07
CA LEU B 256 51.15 -1.41 -34.69
C LEU B 256 50.85 -1.21 -33.21
N GLN B 257 49.75 -1.78 -32.72
CA GLN B 257 49.43 -1.66 -31.30
C GLN B 257 50.47 -2.36 -30.45
N ILE B 258 50.91 -3.55 -30.87
CA ILE B 258 51.87 -4.33 -30.10
C ILE B 258 53.22 -3.62 -30.03
N PHE B 259 53.67 -3.05 -31.15
CA PHE B 259 54.99 -2.44 -31.20
C PHE B 259 55.14 -1.31 -30.18
N ASP B 260 54.13 -0.45 -30.07
CA ASP B 260 54.24 0.66 -29.13
C ASP B 260 54.25 0.16 -27.68
N GLU B 261 53.39 -0.81 -27.37
CA GLU B 261 53.38 -1.36 -26.02
C GLU B 261 54.64 -2.15 -25.71
N ALA B 262 55.15 -2.89 -26.70
CA ALA B 262 56.29 -3.77 -26.46
C ALA B 262 57.58 -2.99 -26.20
N ALA B 263 57.74 -1.82 -26.83
CA ALA B 263 58.98 -1.07 -26.67
C ALA B 263 59.17 -0.59 -25.24
N LEU B 264 58.09 -0.16 -24.59
CA LEU B 264 58.19 0.34 -23.22
C LEU B 264 58.64 -0.75 -22.25
N GLU B 265 58.29 -2.00 -22.53
CA GLU B 265 58.58 -3.09 -21.60
C GLU B 265 60.08 -3.23 -21.38
N VAL B 266 60.86 -3.27 -22.47
CA VAL B 266 62.30 -3.48 -22.34
C VAL B 266 62.97 -2.26 -21.74
N VAL B 267 62.58 -1.06 -22.18
CA VAL B 267 63.28 0.15 -21.77
C VAL B 267 63.03 0.44 -20.29
N LEU B 268 61.77 0.37 -19.85
CA LEU B 268 61.46 0.68 -18.45
C LEU B 268 62.18 -0.25 -17.50
N ALA B 269 62.29 -1.53 -17.85
CA ALA B 269 62.96 -2.48 -16.98
C ALA B 269 64.44 -2.12 -16.81
N MET B 270 65.10 -1.70 -17.89
CA MET B 270 66.53 -1.41 -17.79
C MET B 270 66.79 -0.14 -16.99
N TYR B 271 66.58 1.03 -17.61
CA TYR B 271 66.95 2.32 -17.02
C TYR B 271 65.78 3.28 -17.15
N PRO B 272 65.07 3.59 -16.06
CA PRO B 272 63.99 4.57 -16.12
C PRO B 272 64.44 5.97 -16.53
N LYS B 273 65.73 6.28 -16.43
CA LYS B 273 66.20 7.61 -16.82
C LYS B 273 65.96 7.89 -18.30
N TYR B 274 65.98 6.85 -19.14
CA TYR B 274 65.84 7.03 -20.58
C TYR B 274 64.41 7.33 -21.01
N ASP B 275 63.46 7.36 -20.07
CA ASP B 275 62.06 7.54 -20.44
C ASP B 275 61.81 8.87 -21.15
N ARG B 276 62.60 9.90 -20.85
CA ARG B 276 62.35 11.25 -21.33
C ARG B 276 62.99 11.54 -22.68
N ILE B 277 62.99 10.57 -23.61
CA ILE B 277 63.58 10.76 -24.94
C ILE B 277 62.41 10.73 -25.93
N THR B 278 61.90 11.92 -26.26
CA THR B 278 60.88 12.15 -27.29
C THR B 278 59.52 11.58 -26.88
N ASN B 279 59.49 10.80 -25.79
CA ASN B 279 58.27 10.22 -25.26
C ASN B 279 57.46 9.50 -26.33
N HIS B 280 58.13 8.81 -27.25
CA HIS B 280 57.42 8.10 -28.32
C HIS B 280 58.39 7.12 -28.99
N ILE B 281 57.85 5.99 -29.39
CA ILE B 281 58.57 5.01 -30.20
C ILE B 281 57.77 4.74 -31.46
N HIS B 282 58.42 4.83 -32.61
CA HIS B 282 57.76 4.72 -33.90
C HIS B 282 58.11 3.38 -34.53
N VAL B 283 57.11 2.74 -35.13
CA VAL B 283 57.32 1.48 -35.84
C VAL B 283 58.04 1.78 -37.14
N ARG B 284 59.15 1.09 -37.38
CA ARG B 284 60.00 1.36 -38.54
C ARG B 284 60.39 0.05 -39.22
N ILE B 285 59.38 -0.81 -39.44
CA ILE B 285 59.58 -2.03 -40.20
C ILE B 285 60.12 -1.68 -41.59
N SER B 286 61.06 -2.47 -42.08
CA SER B 286 61.62 -2.25 -43.40
C SER B 286 60.62 -2.74 -44.46
N HIS B 287 61.08 -2.87 -45.70
CA HIS B 287 60.21 -3.20 -46.83
C HIS B 287 59.64 -4.61 -46.69
N LEU B 288 58.58 -4.90 -47.44
CA LEU B 288 58.03 -6.24 -47.44
C LEU B 288 57.86 -6.70 -48.89
N PRO B 289 58.94 -7.24 -49.50
CA PRO B 289 59.02 -7.45 -50.95
C PRO B 289 57.87 -6.92 -51.80
N LEU B 290 57.19 -7.81 -52.51
CA LEU B 290 56.04 -7.46 -53.33
C LEU B 290 56.44 -6.43 -54.39
N VAL B 291 56.51 -5.17 -53.98
CA VAL B 291 57.00 -4.05 -54.80
C VAL B 291 56.07 -3.81 -55.98
N GLU B 292 55.34 -2.69 -55.93
CA GLU B 292 54.57 -2.19 -57.06
C GLU B 292 55.25 -0.92 -57.55
N GLU B 293 55.76 -0.95 -58.79
CA GLU B 293 56.47 0.21 -59.34
C GLU B 293 55.50 1.21 -59.98
N LEU B 294 54.43 0.70 -60.59
CA LEU B 294 53.44 1.55 -61.25
C LEU B 294 52.00 1.19 -60.93
N ARG B 295 51.70 -0.04 -60.53
CA ARG B 295 50.33 -0.46 -60.26
C ARG B 295 49.86 -0.16 -58.85
N SER B 296 50.70 0.44 -58.00
CA SER B 296 50.29 0.82 -56.65
C SER B 296 49.26 1.93 -56.65
N LEU B 297 49.16 2.70 -57.72
CA LEU B 297 48.22 3.80 -57.73
C LEU B 297 46.82 3.27 -58.02
N ARG B 298 46.29 2.50 -57.08
CA ARG B 298 44.95 1.95 -57.18
C ARG B 298 44.25 1.99 -55.81
N GLN B 299 42.98 2.37 -55.84
CA GLN B 299 42.18 2.41 -54.62
C GLN B 299 41.54 1.07 -54.34
N LEU B 300 41.75 0.07 -55.20
CA LEU B 300 41.14 -1.23 -54.98
C LEU B 300 41.90 -2.03 -53.93
N HIS B 301 43.13 -1.66 -53.64
CA HIS B 301 44.02 -2.45 -52.80
C HIS B 301 44.14 -1.90 -51.38
N LEU B 302 43.06 -1.36 -50.82
CA LEU B 302 43.10 -0.82 -49.47
C LEU B 302 43.26 -1.94 -48.44
N ASN B 303 43.56 -1.53 -47.21
CA ASN B 303 43.76 -2.46 -46.10
C ASN B 303 44.91 -3.42 -46.37
N GLN B 304 45.93 -2.91 -47.07
CA GLN B 304 47.15 -3.67 -47.34
C GLN B 304 48.36 -2.77 -47.11
N LEU B 305 49.45 -3.37 -46.62
CA LEU B 305 50.70 -2.63 -46.45
C LEU B 305 51.23 -2.22 -47.81
N ILE B 306 51.60 -0.95 -47.96
CA ILE B 306 51.97 -0.39 -49.25
C ILE B 306 53.36 0.20 -49.17
N ARG B 307 54.20 -0.17 -50.13
CA ARG B 307 55.55 0.34 -50.29
C ARG B 307 55.57 1.43 -51.36
N THR B 308 56.11 2.59 -51.00
CA THR B 308 56.20 3.68 -51.95
C THR B 308 57.35 4.61 -51.55
N SER B 309 57.53 5.68 -52.32
CA SER B 309 58.59 6.63 -52.09
C SER B 309 58.02 8.03 -52.06
N GLY B 310 58.75 8.95 -51.45
CA GLY B 310 58.31 10.32 -51.41
C GLY B 310 59.39 11.22 -50.84
N VAL B 311 59.15 12.52 -50.95
CA VAL B 311 60.09 13.54 -50.51
C VAL B 311 59.36 14.51 -49.60
N VAL B 312 59.98 14.80 -48.43
CA VAL B 312 59.49 15.88 -47.58
C VAL B 312 59.81 17.21 -48.24
N THR B 313 58.80 18.08 -48.35
CA THR B 313 58.96 19.35 -49.05
C THR B 313 59.14 20.53 -48.12
N SER B 314 58.37 20.62 -47.05
CA SER B 314 58.36 21.82 -46.22
C SER B 314 58.06 21.44 -44.77
N CYS B 315 58.28 22.42 -43.89
CA CYS B 315 57.98 22.27 -42.47
C CYS B 315 57.12 23.44 -42.04
N THR B 316 56.33 23.22 -41.00
CA THR B 316 55.27 24.15 -40.61
C THR B 316 55.55 24.74 -39.23
N GLY B 317 56.82 25.00 -38.95
CA GLY B 317 57.16 25.69 -37.71
C GLY B 317 56.72 27.14 -37.73
N VAL B 318 56.72 27.76 -38.91
CA VAL B 318 56.41 29.19 -39.05
C VAL B 318 54.93 29.50 -38.98
N LEU B 319 54.07 28.49 -38.86
CA LEU B 319 52.64 28.72 -38.85
C LEU B 319 52.09 28.67 -37.43
N PRO B 320 51.03 29.44 -37.14
CA PRO B 320 50.34 29.45 -35.85
C PRO B 320 49.91 28.05 -35.39
N THR B 368 40.42 23.27 -30.34
CA THR B 368 41.69 22.58 -30.14
C THR B 368 41.70 21.23 -30.86
N ILE B 369 40.58 20.90 -31.51
CA ILE B 369 40.50 19.66 -32.27
C ILE B 369 41.47 19.69 -33.44
N TYR B 370 41.53 20.82 -34.15
CA TYR B 370 42.38 20.93 -35.33
C TYR B 370 43.86 21.03 -34.97
N GLN B 371 44.17 21.45 -33.73
CA GLN B 371 45.56 21.68 -33.36
C GLN B 371 46.37 20.39 -33.28
N ASN B 372 45.70 19.24 -33.17
CA ASN B 372 46.42 17.98 -33.00
C ASN B 372 47.23 17.58 -34.22
N TYR B 373 46.92 18.14 -35.39
CA TYR B 373 47.51 17.68 -36.64
C TYR B 373 47.83 18.90 -37.50
N GLN B 374 48.65 18.70 -38.53
CA GLN B 374 48.97 19.75 -39.49
C GLN B 374 48.94 19.18 -40.90
N ARG B 375 49.16 20.06 -41.88
CA ARG B 375 48.93 19.77 -43.28
C ARG B 375 50.20 19.97 -44.09
N ILE B 376 50.47 19.04 -45.01
CA ILE B 376 51.69 19.08 -45.82
C ILE B 376 51.34 18.67 -47.25
N ARG B 377 52.07 19.23 -48.21
CA ARG B 377 51.85 18.96 -49.62
C ARG B 377 52.89 17.98 -50.14
N ILE B 378 52.45 16.84 -50.63
CA ILE B 378 53.33 15.76 -51.06
C ILE B 378 52.93 15.27 -52.44
N GLN B 379 53.90 15.08 -53.32
CA GLN B 379 53.69 14.46 -54.62
C GLN B 379 54.46 13.15 -54.69
N GLU B 380 54.01 12.28 -55.59
CA GLU B 380 54.65 10.98 -55.79
C GLU B 380 55.14 10.76 -57.21
N SER B 381 54.38 11.19 -58.21
CA SER B 381 54.77 10.96 -59.59
C SER B 381 55.85 11.94 -60.00
N PRO B 382 56.97 11.48 -60.57
CA PRO B 382 57.99 12.40 -61.04
C PRO B 382 57.72 12.87 -62.47
N GLY B 383 58.59 13.74 -62.98
CA GLY B 383 58.47 14.17 -64.36
C GLY B 383 58.95 13.11 -65.33
N LYS B 384 58.07 12.68 -66.23
CA LYS B 384 58.42 11.68 -67.23
C LYS B 384 57.46 11.82 -68.40
N VAL B 385 57.88 11.29 -69.55
CA VAL B 385 57.01 11.30 -70.73
C VAL B 385 55.78 10.44 -70.49
N ALA B 386 55.97 9.26 -69.88
CA ALA B 386 54.84 8.38 -69.57
C ALA B 386 53.97 8.98 -68.47
N ALA B 387 54.55 9.77 -67.57
CA ALA B 387 53.78 10.39 -66.50
C ALA B 387 52.98 11.60 -66.97
N GLY B 388 52.84 11.78 -68.29
CA GLY B 388 52.16 12.94 -68.84
C GLY B 388 50.73 13.11 -68.35
N ARG B 389 49.99 12.02 -68.23
CA ARG B 389 48.65 12.10 -67.64
C ARG B 389 48.76 12.52 -66.18
N LEU B 390 47.89 13.44 -65.77
CA LEU B 390 47.99 14.00 -64.44
C LEU B 390 47.66 12.97 -63.37
N PRO B 391 48.49 12.79 -62.36
CA PRO B 391 48.23 11.82 -61.31
C PRO B 391 47.45 12.41 -60.14
N ARG B 392 47.16 11.55 -59.16
CA ARG B 392 46.44 11.95 -57.96
C ARG B 392 47.43 12.38 -56.88
N SER B 393 47.34 13.63 -56.46
CA SER B 393 48.30 14.18 -55.50
C SER B 393 48.03 13.64 -54.10
N LYS B 394 49.11 13.39 -53.37
CA LYS B 394 48.96 12.96 -51.98
C LYS B 394 48.90 14.16 -51.04
N ASP B 395 48.05 14.04 -50.03
CA ASP B 395 47.99 15.01 -48.94
C ASP B 395 48.17 14.20 -47.66
N ALA B 396 49.33 14.36 -47.02
CA ALA B 396 49.60 13.65 -45.79
C ALA B 396 49.31 14.54 -44.60
N ILE B 397 49.06 13.90 -43.46
CA ILE B 397 48.74 14.59 -42.22
C ILE B 397 49.75 14.21 -41.16
N LEU B 398 50.39 15.20 -40.54
CA LEU B 398 51.34 14.97 -39.46
C LEU B 398 50.60 15.13 -38.13
N LEU B 399 50.57 14.05 -37.35
CA LEU B 399 49.89 14.05 -36.06
C LEU B 399 50.89 14.36 -34.95
N ALA B 400 51.58 15.49 -35.11
CA ALA B 400 52.51 16.03 -34.12
C ALA B 400 53.63 15.05 -33.77
N ASP B 401 53.98 14.15 -34.68
CA ASP B 401 55.03 13.17 -34.41
C ASP B 401 56.32 13.44 -35.18
N LEU B 402 56.24 13.79 -36.46
CA LEU B 402 57.43 14.04 -37.26
C LEU B 402 57.73 15.51 -37.43
N VAL B 403 57.06 16.38 -36.67
CA VAL B 403 57.28 17.83 -36.80
C VAL B 403 58.70 18.17 -36.37
N ASP B 404 59.33 19.06 -37.13
CA ASP B 404 60.67 19.59 -36.91
C ASP B 404 61.75 18.54 -37.12
N SER B 405 61.39 17.28 -37.35
CA SER B 405 62.37 16.22 -37.58
C SER B 405 62.59 15.95 -39.06
N CYS B 406 61.88 16.64 -39.94
CA CYS B 406 61.94 16.40 -41.38
C CYS B 406 62.63 17.56 -42.08
N LYS B 407 63.59 17.24 -42.95
CA LYS B 407 64.36 18.24 -43.67
C LYS B 407 64.24 18.03 -45.17
N PRO B 408 64.17 19.10 -45.94
CA PRO B 408 64.05 18.97 -47.40
C PRO B 408 65.27 18.29 -48.01
N GLY B 409 65.04 17.57 -49.11
CA GLY B 409 66.12 16.94 -49.83
C GLY B 409 66.39 15.49 -49.47
N ASP B 410 65.50 14.86 -48.68
CA ASP B 410 65.68 13.48 -48.29
C ASP B 410 64.91 12.59 -49.25
N GLU B 411 65.63 11.86 -50.10
CA GLU B 411 65.03 10.88 -50.99
C GLU B 411 64.75 9.62 -50.17
N ILE B 412 63.58 9.63 -49.53
CA ILE B 412 63.20 8.59 -48.58
C ILE B 412 62.08 7.75 -49.15
N GLU B 413 61.81 6.61 -48.51
CA GLU B 413 60.77 5.68 -48.95
C GLU B 413 59.65 5.65 -47.91
N LEU B 414 58.41 5.63 -48.39
CA LEU B 414 57.24 5.62 -47.53
C LEU B 414 56.58 4.25 -47.60
N THR B 415 56.29 3.67 -46.44
CA THR B 415 55.65 2.38 -46.36
C THR B 415 54.56 2.44 -45.32
N GLY B 416 53.45 1.74 -45.57
CA GLY B 416 52.36 1.74 -44.64
C GLY B 416 51.14 1.07 -45.22
N ILE B 417 50.03 1.20 -44.49
CA ILE B 417 48.74 0.69 -44.90
C ILE B 417 47.80 1.88 -45.07
N TYR B 418 47.01 1.88 -46.15
CA TYR B 418 46.06 2.95 -46.44
C TYR B 418 44.69 2.59 -45.88
N HIS B 419 44.45 3.00 -44.63
CA HIS B 419 43.13 2.87 -44.04
C HIS B 419 42.30 4.10 -44.37
N ASN B 420 41.06 3.87 -44.79
CA ASN B 420 40.18 4.99 -45.13
C ASN B 420 39.37 5.45 -43.92
N ASN B 421 40.07 5.70 -42.82
CA ASN B 421 39.43 6.13 -41.59
C ASN B 421 39.08 7.61 -41.69
N TYR B 422 38.13 7.91 -42.57
CA TYR B 422 37.77 9.30 -42.87
C TYR B 422 37.16 9.94 -41.61
N ASP B 423 37.98 10.80 -41.01
CA ASP B 423 37.60 11.50 -39.79
C ASP B 423 36.58 12.61 -40.03
N GLY B 424 36.31 12.97 -41.28
CA GLY B 424 35.34 14.01 -41.58
C GLY B 424 33.90 13.55 -41.58
N SER B 425 33.56 12.53 -40.79
CA SER B 425 32.18 12.06 -40.73
C SER B 425 31.24 13.09 -40.14
N LEU B 426 31.79 14.08 -39.45
CA LEU B 426 31.01 15.14 -38.82
C LEU B 426 30.72 16.25 -39.85
N ASN B 427 31.30 16.11 -41.04
CA ASN B 427 31.07 17.01 -42.17
C ASN B 427 31.39 18.46 -41.80
N THR B 428 32.59 18.68 -41.24
CA THR B 428 33.01 20.03 -40.88
C THR B 428 34.38 20.39 -41.42
N ALA B 429 34.77 19.85 -42.58
CA ALA B 429 36.08 20.13 -43.17
C ALA B 429 35.99 19.86 -44.66
N ASN B 430 37.14 19.78 -45.30
CA ASN B 430 37.27 19.46 -46.72
C ASN B 430 37.61 17.97 -46.86
N GLY B 431 37.90 17.55 -48.08
CA GLY B 431 38.06 16.13 -48.35
C GLY B 431 39.20 15.85 -49.30
N PHE B 432 39.58 14.57 -49.32
CA PHE B 432 40.74 14.12 -50.08
C PHE B 432 40.35 13.84 -51.53
N PRO B 433 41.32 13.91 -52.46
CA PRO B 433 41.02 13.57 -53.86
C PRO B 433 40.69 12.09 -54.09
N VAL B 434 40.55 11.71 -55.36
CA VAL B 434 40.03 10.42 -55.83
C VAL B 434 40.51 9.26 -54.96
N PHE B 435 41.79 9.26 -54.59
CA PHE B 435 42.37 8.21 -53.75
C PHE B 435 41.85 8.38 -52.32
N ALA B 436 40.52 8.35 -52.19
CA ALA B 436 39.88 8.74 -50.94
C ALA B 436 40.29 7.83 -49.80
N THR B 437 41.29 8.28 -49.03
CA THR B 437 41.87 7.49 -47.95
C THR B 437 42.70 8.44 -47.10
N VAL B 438 42.75 8.20 -45.80
CA VAL B 438 43.60 8.98 -44.90
C VAL B 438 44.99 8.35 -44.92
N ILE B 439 46.00 9.16 -45.21
CA ILE B 439 47.36 8.67 -45.42
C ILE B 439 48.18 8.96 -44.17
N LEU B 440 48.64 7.90 -43.52
CA LEU B 440 49.49 8.05 -42.35
C LEU B 440 50.95 7.84 -42.73
N ALA B 441 51.85 8.49 -41.99
CA ALA B 441 53.27 8.43 -42.25
C ALA B 441 53.94 7.44 -41.30
N ASN B 442 54.73 6.53 -41.86
CA ASN B 442 55.40 5.50 -41.06
C ASN B 442 56.88 5.32 -41.36
N HIS B 443 57.41 5.93 -42.42
CA HIS B 443 58.80 5.68 -42.77
C HIS B 443 59.43 6.95 -43.31
N VAL B 444 60.39 7.49 -42.55
CA VAL B 444 61.21 8.61 -42.96
C VAL B 444 62.62 8.38 -42.41
N ALA B 445 63.60 8.32 -43.30
CA ALA B 445 64.97 8.01 -42.90
C ALA B 445 65.60 9.24 -42.23
N LYS B 446 66.48 8.99 -41.25
CA LYS B 446 67.24 10.05 -40.61
C LYS B 446 68.70 9.62 -40.45
N LYS B 447 69.60 10.56 -40.70
CA LYS B 447 71.04 10.36 -40.52
C LYS B 447 71.67 11.58 -39.86
N GLU B 459 74.90 -2.11 -65.59
CA GLU B 459 73.83 -1.14 -65.85
C GLU B 459 74.09 -0.36 -67.14
N ASP B 460 73.01 0.18 -67.72
CA ASP B 460 73.15 1.01 -68.91
C ASP B 460 73.93 2.28 -68.63
N VAL B 461 74.00 2.70 -67.36
CA VAL B 461 74.82 3.86 -67.00
C VAL B 461 76.28 3.58 -67.29
N LYS B 462 76.77 2.41 -66.89
CA LYS B 462 78.18 2.08 -67.10
C LYS B 462 78.53 1.94 -68.56
N MET B 463 77.68 1.26 -69.33
CA MET B 463 77.92 1.12 -70.76
C MET B 463 77.93 2.46 -71.46
N ILE B 464 76.98 3.34 -71.11
CA ILE B 464 76.97 4.68 -71.69
C ILE B 464 78.18 5.47 -71.22
N THR B 465 78.54 5.33 -69.94
CA THR B 465 79.71 6.03 -69.42
C THR B 465 80.97 5.67 -70.21
N SER B 466 81.07 4.41 -70.65
CA SER B 466 82.17 4.03 -71.52
C SER B 466 82.14 4.81 -72.82
N LEU B 467 80.95 4.98 -73.41
CA LEU B 467 80.84 5.79 -74.61
C LEU B 467 80.96 7.28 -74.32
N SER B 468 80.71 7.69 -73.07
CA SER B 468 80.79 9.12 -72.76
C SER B 468 82.20 9.64 -72.92
N LYS B 469 83.19 8.90 -72.43
CA LYS B 469 84.57 9.35 -72.54
C LYS B 469 85.08 9.31 -73.97
N ASP B 470 84.39 8.59 -74.85
CA ASP B 470 84.88 8.42 -76.21
C ASP B 470 84.84 9.75 -76.94
N GLN B 471 85.91 10.05 -77.66
CA GLN B 471 86.03 11.29 -78.40
C GLN B 471 85.47 11.20 -79.82
N GLN B 472 85.23 9.98 -80.32
CA GLN B 472 84.63 9.85 -81.65
C GLN B 472 83.23 10.43 -81.69
N ILE B 473 82.43 10.19 -80.65
CA ILE B 473 81.12 10.81 -80.55
C ILE B 473 81.21 12.21 -79.96
N GLY B 474 82.37 12.57 -79.39
CA GLY B 474 82.51 13.89 -78.78
C GLY B 474 82.67 15.00 -79.81
N GLU B 475 82.84 14.67 -81.07
CA GLU B 475 83.05 15.66 -82.12
C GLU B 475 81.74 16.08 -82.79
N LYS B 476 80.86 15.13 -83.09
CA LYS B 476 79.58 15.46 -83.72
C LYS B 476 78.51 15.88 -82.72
N ILE B 477 78.81 15.87 -81.41
CA ILE B 477 77.80 16.13 -80.39
C ILE B 477 77.27 17.56 -80.44
N PHE B 478 78.11 18.54 -80.74
CA PHE B 478 77.69 19.92 -80.79
C PHE B 478 77.20 20.34 -82.17
N ALA B 479 77.14 19.41 -83.12
CA ALA B 479 76.58 19.65 -84.43
C ALA B 479 75.22 18.97 -84.61
N SER B 480 74.67 18.43 -83.53
CA SER B 480 73.34 17.83 -83.51
C SER B 480 72.48 18.33 -82.37
N ILE B 481 72.92 19.38 -81.66
CA ILE B 481 72.26 19.81 -80.43
C ILE B 481 70.82 20.27 -80.67
N ALA B 482 70.54 20.94 -81.78
CA ALA B 482 69.23 21.53 -82.05
C ALA B 482 68.72 21.06 -83.40
N PRO B 483 68.14 19.87 -83.48
CA PRO B 483 67.61 19.35 -84.75
C PRO B 483 66.14 19.65 -85.03
N SER B 484 65.37 20.07 -84.03
CA SER B 484 63.94 20.27 -84.23
C SER B 484 63.65 21.41 -85.19
N ILE B 485 64.26 22.57 -84.94
CA ILE B 485 64.06 23.75 -85.78
C ILE B 485 65.37 24.40 -86.19
N TYR B 486 66.48 24.02 -85.55
CA TYR B 486 67.83 24.49 -85.82
C TYR B 486 68.01 25.92 -85.29
N GLY B 487 66.90 26.56 -84.92
CA GLY B 487 66.87 27.80 -84.17
C GLY B 487 67.91 28.84 -84.52
N HIS B 488 68.56 29.39 -83.50
CA HIS B 488 69.61 30.39 -83.66
C HIS B 488 70.79 30.00 -82.79
N GLU B 489 71.99 30.38 -83.22
CA GLU B 489 73.21 29.92 -82.56
C GLU B 489 73.23 30.31 -81.08
N ASP B 490 72.66 31.46 -80.72
CA ASP B 490 72.67 31.88 -79.33
C ASP B 490 71.81 30.98 -78.46
N ILE B 491 70.67 30.54 -79.00
CA ILE B 491 69.74 29.74 -78.21
C ILE B 491 70.38 28.43 -77.80
N LYS B 492 71.11 27.79 -78.72
CA LYS B 492 71.75 26.52 -78.41
C LYS B 492 72.73 26.67 -77.26
N ARG B 493 73.47 27.78 -77.22
CA ARG B 493 74.37 28.02 -76.10
C ARG B 493 73.60 28.07 -74.79
N GLY B 494 72.48 28.80 -74.75
CA GLY B 494 71.69 28.84 -73.54
C GLY B 494 71.14 27.49 -73.17
N LEU B 495 70.69 26.73 -74.17
CA LEU B 495 70.17 25.39 -73.90
C LEU B 495 71.27 24.48 -73.34
N ALA B 496 72.45 24.53 -73.94
CA ALA B 496 73.54 23.68 -73.47
C ALA B 496 73.92 24.02 -72.04
N LEU B 497 73.97 25.32 -71.72
CA LEU B 497 74.25 25.71 -70.35
C LEU B 497 73.17 25.23 -69.41
N ALA B 498 71.90 25.33 -69.84
CA ALA B 498 70.80 24.88 -69.00
C ALA B 498 70.86 23.38 -68.78
N LEU B 499 71.28 22.62 -69.80
CA LEU B 499 71.34 21.17 -69.65
C LEU B 499 72.32 20.76 -68.55
N PHE B 500 73.48 21.40 -68.50
CA PHE B 500 74.41 21.12 -67.41
C PHE B 500 73.99 21.81 -66.12
N GLY B 501 73.42 23.01 -66.23
CA GLY B 501 72.97 23.73 -65.05
C GLY B 501 74.08 24.17 -64.13
N GLY B 502 75.18 24.65 -64.68
CA GLY B 502 76.30 25.11 -63.89
C GLY B 502 76.97 26.35 -64.45
N HIS B 511 80.54 26.80 -49.42
CA HIS B 511 80.94 26.78 -50.82
C HIS B 511 80.34 27.96 -51.57
N LYS B 512 79.01 28.08 -51.49
CA LYS B 512 78.27 29.16 -52.16
C LYS B 512 78.55 29.17 -53.65
N VAL B 513 78.69 27.99 -54.24
CA VAL B 513 78.97 27.88 -55.69
C VAL B 513 77.62 27.68 -56.37
N ARG B 514 76.91 28.80 -56.57
CA ARG B 514 75.59 28.77 -57.20
C ARG B 514 75.54 29.68 -58.41
N GLY B 515 74.35 29.86 -58.97
CA GLY B 515 74.18 30.71 -60.13
C GLY B 515 72.83 30.56 -60.80
N ASP B 516 72.44 31.56 -61.59
CA ASP B 516 71.16 31.56 -62.28
C ASP B 516 71.38 31.99 -63.73
N ILE B 517 70.54 31.46 -64.61
CA ILE B 517 70.68 31.68 -66.04
C ILE B 517 69.39 32.31 -66.53
N ASN B 518 69.51 33.41 -67.26
CA ASN B 518 68.37 34.11 -67.85
C ASN B 518 68.50 34.03 -69.37
N VAL B 519 67.75 33.12 -69.98
CA VAL B 519 67.76 32.95 -71.43
C VAL B 519 66.56 33.68 -71.99
N LEU B 520 66.81 34.55 -72.98
CA LEU B 520 65.80 35.44 -73.53
C LEU B 520 65.53 35.08 -74.99
N LEU B 521 64.26 35.13 -75.38
CA LEU B 521 63.84 34.87 -76.75
C LEU B 521 62.98 36.04 -77.24
N CYS B 522 63.08 36.32 -78.53
CA CYS B 522 62.41 37.47 -79.14
C CYS B 522 61.60 37.00 -80.34
N GLY B 523 60.36 36.61 -80.09
CA GLY B 523 59.46 36.23 -81.18
C GLY B 523 58.03 36.69 -80.95
N ASP B 524 57.08 35.80 -81.15
CA ASP B 524 55.67 36.07 -80.92
C ASP B 524 54.97 34.79 -80.50
N PRO B 525 53.88 34.87 -79.73
CA PRO B 525 53.25 33.63 -79.25
C PRO B 525 52.61 32.78 -80.33
N GLY B 526 52.07 33.41 -81.39
CA GLY B 526 51.36 32.64 -82.40
C GLY B 526 52.24 31.62 -83.08
N THR B 527 53.46 32.00 -83.42
CA THR B 527 54.43 31.05 -83.91
C THR B 527 54.83 30.10 -82.79
N ALA B 528 55.09 28.84 -83.16
CA ALA B 528 55.52 27.84 -82.19
C ALA B 528 56.82 28.19 -81.51
N LYS B 529 57.47 29.28 -81.91
CA LYS B 529 58.62 29.76 -81.16
C LYS B 529 58.30 29.92 -79.69
N SER B 530 57.13 30.49 -79.38
CA SER B 530 56.68 30.54 -77.99
C SER B 530 56.54 29.14 -77.42
N GLN B 531 56.15 28.17 -78.24
CA GLN B 531 56.01 26.80 -77.78
C GLN B 531 57.30 26.02 -77.92
N PHE B 532 58.39 26.66 -78.33
CA PHE B 532 59.66 25.94 -78.47
C PHE B 532 60.12 25.40 -77.13
N LEU B 533 59.85 26.13 -76.05
CA LEU B 533 60.20 25.65 -74.73
C LEU B 533 59.45 24.39 -74.31
N LYS B 534 58.34 24.08 -75.00
CA LYS B 534 57.64 22.84 -74.71
C LYS B 534 58.48 21.61 -75.01
N TYR B 535 59.39 21.69 -75.98
CA TYR B 535 60.20 20.54 -76.34
C TYR B 535 61.25 20.22 -75.29
N ILE B 536 61.53 21.14 -74.38
CA ILE B 536 62.55 20.90 -73.37
C ILE B 536 62.14 19.79 -72.42
N GLU B 537 60.85 19.66 -72.11
CA GLU B 537 60.40 18.67 -71.14
C GLU B 537 60.73 17.26 -71.59
N LYS B 538 60.88 17.04 -72.89
CA LYS B 538 61.33 15.75 -73.38
C LYS B 538 62.71 15.43 -72.82
N VAL B 539 63.58 16.44 -72.71
CA VAL B 539 64.90 16.22 -72.16
C VAL B 539 64.96 16.57 -70.67
N SER B 540 64.31 17.66 -70.27
CA SER B 540 64.32 18.04 -68.87
C SER B 540 63.59 17.00 -68.02
N SER B 541 64.00 16.89 -66.76
CA SER B 541 63.36 15.96 -65.84
C SER B 541 62.22 16.60 -65.06
N ARG B 542 62.29 17.91 -64.82
CA ARG B 542 61.27 18.62 -64.06
C ARG B 542 60.84 19.85 -64.84
N ALA B 543 59.70 19.76 -65.53
CA ALA B 543 59.14 20.89 -66.25
C ALA B 543 57.66 21.00 -65.92
N ILE B 544 57.26 22.19 -65.48
CA ILE B 544 55.88 22.51 -65.19
C ILE B 544 55.53 23.79 -65.92
N PHE B 545 54.40 23.79 -66.61
CA PHE B 545 53.95 24.95 -67.36
C PHE B 545 53.00 25.77 -66.50
N THR B 546 53.31 27.06 -66.33
CA THR B 546 52.48 27.92 -65.51
C THR B 546 51.36 28.60 -66.31
N THR B 547 51.66 29.03 -67.54
CA THR B 547 50.70 29.67 -68.43
C THR B 547 50.29 31.03 -67.88
N GLY B 548 50.85 31.40 -66.73
CA GLY B 548 50.49 32.62 -66.07
C GLY B 548 49.48 32.41 -64.96
N GLN B 549 48.44 33.24 -64.99
CA GLN B 549 47.40 33.18 -63.97
C GLN B 549 46.67 31.85 -64.02
N GLY B 550 46.26 31.36 -62.86
CA GLY B 550 45.50 30.13 -62.76
C GLY B 550 46.30 28.90 -63.16
N ALA B 551 47.54 28.83 -62.70
CA ALA B 551 48.38 27.67 -62.97
C ALA B 551 47.93 26.48 -62.12
N SER B 552 48.66 25.37 -62.27
CA SER B 552 48.34 24.16 -61.53
C SER B 552 48.67 24.32 -60.05
N ALA B 553 47.62 24.41 -59.22
CA ALA B 553 47.75 24.56 -57.77
C ALA B 553 48.55 25.80 -57.42
N VAL B 554 49.77 25.61 -56.92
CA VAL B 554 50.66 26.72 -56.58
C VAL B 554 51.64 26.93 -57.72
N GLY B 555 51.59 28.11 -58.33
CA GLY B 555 52.52 28.45 -59.39
C GLY B 555 53.72 29.23 -58.91
N LEU B 556 54.47 28.65 -57.95
CA LEU B 556 55.67 29.23 -57.34
C LEU B 556 55.38 30.51 -56.57
N THR B 557 54.15 30.99 -56.54
CA THR B 557 53.81 32.25 -55.88
C THR B 557 52.91 31.96 -54.70
N ALA B 558 53.12 32.70 -53.61
CA ALA B 558 52.35 32.50 -52.39
C ALA B 558 51.12 33.41 -52.38
N TYR B 559 49.99 32.86 -51.99
CA TYR B 559 48.72 33.58 -51.96
C TYR B 559 47.92 33.15 -50.74
N VAL B 560 46.98 34.01 -50.33
CA VAL B 560 46.18 33.79 -49.13
C VAL B 560 44.71 33.85 -49.52
N GLN B 561 43.93 32.89 -49.02
CA GLN B 561 42.49 32.87 -49.25
C GLN B 561 41.77 32.85 -47.91
N ARG B 562 40.50 33.26 -47.94
CA ARG B 562 39.65 33.29 -46.76
C ARG B 562 39.10 31.90 -46.48
N HIS B 563 39.33 31.44 -45.25
CA HIS B 563 38.97 30.07 -44.88
C HIS B 563 37.81 30.04 -43.89
N PRO B 564 37.03 28.96 -43.87
CA PRO B 564 35.96 28.82 -42.88
C PRO B 564 36.48 28.71 -41.45
N VAL B 565 35.56 28.43 -40.52
CA VAL B 565 35.87 28.42 -39.08
C VAL B 565 36.95 27.41 -38.75
N SER B 566 36.85 26.19 -39.29
CA SER B 566 37.78 25.13 -38.92
C SER B 566 38.36 24.50 -40.20
N ARG B 567 39.41 25.12 -40.73
CA ARG B 567 40.24 24.57 -41.79
C ARG B 567 41.66 25.10 -41.65
N GLU B 568 42.59 24.43 -42.30
CA GLU B 568 44.00 24.75 -42.17
C GLU B 568 44.45 25.74 -43.23
N TRP B 569 45.16 26.78 -42.78
CA TRP B 569 45.79 27.70 -43.72
C TRP B 569 46.83 26.98 -44.55
N THR B 570 46.98 27.41 -45.80
CA THR B 570 47.74 26.67 -46.79
C THR B 570 49.19 27.15 -46.83
N LEU B 571 50.11 26.20 -46.65
CA LEU B 571 51.53 26.48 -46.85
C LEU B 571 51.84 26.24 -48.32
N GLU B 572 52.19 27.31 -49.03
CA GLU B 572 52.32 27.24 -50.48
C GLU B 572 53.61 26.53 -50.88
N ALA B 573 53.48 25.37 -51.50
CA ALA B 573 54.65 24.61 -51.94
C ALA B 573 54.82 24.79 -53.45
N GLY B 574 55.80 25.58 -53.83
CA GLY B 574 56.08 25.78 -55.23
C GLY B 574 56.87 24.63 -55.84
N ALA B 575 56.92 24.62 -57.17
CA ALA B 575 57.80 23.70 -57.87
C ALA B 575 59.26 24.03 -57.59
N LEU B 576 59.51 25.21 -57.02
CA LEU B 576 60.87 25.57 -56.61
C LEU B 576 61.41 24.59 -55.59
N VAL B 577 60.59 24.21 -54.60
CA VAL B 577 61.00 23.26 -53.59
C VAL B 577 61.17 21.87 -54.19
N LEU B 578 60.26 21.48 -55.09
CA LEU B 578 60.24 20.12 -55.61
C LEU B 578 61.42 19.82 -56.52
N ALA B 579 62.13 20.84 -57.01
CA ALA B 579 63.28 20.65 -57.88
C ALA B 579 64.56 21.07 -57.19
N ASP B 580 64.69 20.75 -55.90
CA ASP B 580 65.89 21.08 -55.16
C ASP B 580 67.09 20.40 -55.80
N ARG B 581 68.11 21.20 -56.11
CA ARG B 581 69.26 20.75 -56.90
C ARG B 581 68.81 20.21 -58.25
N GLY B 582 67.71 20.75 -58.76
CA GLY B 582 67.15 20.33 -60.03
C GLY B 582 67.02 21.53 -60.95
N VAL B 583 66.11 21.42 -61.90
CA VAL B 583 65.86 22.46 -62.91
C VAL B 583 64.37 22.70 -62.98
N CYS B 584 63.97 23.97 -62.90
CA CYS B 584 62.57 24.34 -62.97
C CYS B 584 62.35 25.26 -64.16
N LEU B 585 61.35 24.95 -64.98
CA LEU B 585 61.07 25.67 -66.22
C LEU B 585 59.81 26.51 -66.06
N ILE B 586 59.89 27.77 -66.45
CA ILE B 586 58.78 28.72 -66.31
C ILE B 586 58.42 29.26 -67.70
N ASP B 587 57.13 29.24 -68.01
CA ASP B 587 56.61 29.70 -69.29
C ASP B 587 55.65 30.87 -69.07
N GLU B 588 55.67 31.79 -70.04
CA GLU B 588 54.84 32.98 -70.01
C GLU B 588 55.06 33.79 -68.74
N PHE B 589 56.32 34.16 -68.52
CA PHE B 589 56.67 34.85 -67.28
C PHE B 589 56.02 36.22 -67.17
N ASP B 590 55.93 36.97 -68.26
CA ASP B 590 55.43 38.33 -68.19
C ASP B 590 53.91 38.42 -68.16
N LYS B 591 53.21 37.30 -68.29
CA LYS B 591 51.75 37.30 -68.24
C LYS B 591 51.21 37.05 -66.84
N MET B 592 52.07 36.95 -65.83
CA MET B 592 51.61 36.76 -64.47
C MET B 592 50.98 38.04 -63.93
N ASN B 593 50.20 37.89 -62.86
CA ASN B 593 49.48 39.02 -62.28
C ASN B 593 50.43 39.97 -61.58
N ASP B 594 50.02 41.25 -61.51
CA ASP B 594 50.83 42.26 -60.83
C ASP B 594 51.00 41.93 -59.35
N GLN B 595 49.96 41.37 -58.73
CA GLN B 595 50.03 41.04 -57.30
C GLN B 595 51.09 39.97 -57.03
N ASP B 596 51.19 38.96 -57.90
CA ASP B 596 52.17 37.91 -57.69
C ASP B 596 53.59 38.46 -57.76
N ARG B 597 53.79 39.51 -58.57
CA ARG B 597 55.13 40.06 -58.76
C ARG B 597 55.71 40.56 -57.44
N THR B 598 54.86 41.22 -56.63
CA THR B 598 55.34 41.82 -55.39
C THR B 598 55.91 40.76 -54.45
N SER B 599 55.21 39.63 -54.31
CA SER B 599 55.69 38.58 -53.42
C SER B 599 56.94 37.91 -53.98
N ILE B 600 56.93 37.61 -55.28
CA ILE B 600 58.03 36.86 -55.87
C ILE B 600 59.29 37.68 -56.03
N HIS B 601 59.19 39.02 -55.99
CA HIS B 601 60.35 39.86 -56.22
C HIS B 601 61.43 39.61 -55.19
N GLU B 602 61.04 39.50 -53.91
CA GLU B 602 62.01 39.31 -52.85
C GLU B 602 62.60 37.90 -52.85
N ALA B 603 61.77 36.87 -53.04
CA ALA B 603 62.25 35.50 -52.97
C ALA B 603 63.26 35.21 -54.07
N MET B 604 63.00 35.72 -55.28
CA MET B 604 63.89 35.45 -56.41
C MET B 604 65.28 36.00 -56.15
N GLU B 605 65.37 37.13 -55.45
CA GLU B 605 66.68 37.73 -55.18
C GLU B 605 67.57 36.79 -54.39
N GLN B 606 67.01 36.10 -53.39
CA GLN B 606 67.81 35.24 -52.53
C GLN B 606 67.53 33.76 -52.75
N GLN B 607 66.53 33.41 -53.56
CA GLN B 607 66.15 32.01 -53.78
C GLN B 607 65.81 31.31 -52.48
N SER B 608 65.41 32.08 -51.47
CA SER B 608 65.06 31.54 -50.17
C SER B 608 64.43 32.67 -49.35
N ILE B 609 64.09 32.33 -48.10
CA ILE B 609 63.60 33.31 -47.14
C ILE B 609 64.57 33.33 -45.96
N SER B 610 65.30 34.44 -45.83
CA SER B 610 66.33 34.58 -44.81
C SER B 610 66.01 35.74 -43.88
N ILE B 611 65.96 35.46 -42.59
CA ILE B 611 65.72 36.46 -41.55
C ILE B 611 66.87 36.39 -40.55
N SER B 612 67.49 37.53 -40.26
CA SER B 612 68.69 37.59 -39.43
C SER B 612 68.43 38.47 -38.21
N LYS B 613 67.23 38.38 -37.65
CA LYS B 613 66.90 39.11 -36.44
C LYS B 613 67.35 38.37 -35.19
N ALA B 614 67.86 37.15 -35.34
CA ALA B 614 68.37 36.32 -34.24
C ALA B 614 67.24 35.87 -33.31
N GLY B 615 66.01 36.26 -33.62
CA GLY B 615 64.86 35.81 -32.86
C GLY B 615 64.07 34.73 -33.58
N ILE B 616 63.87 34.91 -34.88
CA ILE B 616 63.15 33.97 -35.72
C ILE B 616 64.03 33.61 -36.90
N VAL B 617 64.34 32.33 -37.06
CA VAL B 617 65.24 31.85 -38.11
C VAL B 617 64.61 30.65 -38.78
N THR B 618 64.64 30.64 -40.11
CA THR B 618 64.17 29.51 -40.93
C THR B 618 64.76 29.68 -42.33
N SER B 619 64.79 28.56 -43.07
CA SER B 619 65.31 28.55 -44.43
C SER B 619 64.49 27.59 -45.27
N LEU B 620 64.15 28.02 -46.49
CA LEU B 620 63.42 27.19 -47.43
C LEU B 620 64.20 27.11 -48.73
N GLN B 621 64.56 25.89 -49.12
CA GLN B 621 65.48 25.73 -50.23
C GLN B 621 64.75 25.86 -51.57
N ALA B 622 65.39 26.60 -52.48
CA ALA B 622 64.90 26.77 -53.85
C ALA B 622 66.12 26.96 -54.73
N ARG B 623 66.61 25.86 -55.33
CA ARG B 623 67.87 25.89 -56.05
C ARG B 623 67.77 25.33 -57.46
N CYS B 624 66.63 25.49 -58.12
CA CYS B 624 66.54 25.11 -59.52
C CYS B 624 67.06 26.22 -60.42
N THR B 625 67.31 25.87 -61.68
CA THR B 625 67.76 26.85 -62.67
C THR B 625 66.53 27.53 -63.25
N VAL B 626 66.32 28.79 -62.88
CA VAL B 626 65.12 29.53 -63.26
C VAL B 626 65.19 29.75 -64.76
N ILE B 627 64.35 29.04 -65.51
CA ILE B 627 64.27 29.18 -66.96
C ILE B 627 62.93 29.78 -67.31
N ALA B 628 62.95 30.97 -67.91
CA ALA B 628 61.74 31.68 -68.29
C ALA B 628 62.01 32.51 -69.53
N ALA B 629 60.95 32.80 -70.27
CA ALA B 629 61.02 33.56 -71.51
C ALA B 629 60.10 34.76 -71.42
N ALA B 630 60.62 35.94 -71.76
CA ALA B 630 59.84 37.17 -71.72
C ALA B 630 58.99 37.29 -72.99
N ASN B 631 57.83 37.95 -72.85
CA ASN B 631 56.90 38.15 -73.96
C ASN B 631 56.79 39.63 -74.27
N PRO B 632 57.19 40.08 -75.47
CA PRO B 632 57.11 41.51 -75.80
C PRO B 632 55.69 42.04 -75.70
N ILE B 633 55.54 43.23 -75.13
CA ILE B 633 54.23 43.86 -75.01
C ILE B 633 53.83 44.43 -76.36
N GLY B 634 52.83 43.81 -77.00
CA GLY B 634 52.35 44.26 -78.29
C GLY B 634 53.38 44.10 -79.39
N GLY B 635 53.63 45.16 -80.14
CA GLY B 635 54.59 45.12 -81.22
C GLY B 635 56.02 45.13 -80.72
N ARG B 636 56.93 44.74 -81.62
CA ARG B 636 58.34 44.62 -81.25
C ARG B 636 58.97 45.99 -81.03
N TYR B 637 59.07 46.81 -82.08
CA TYR B 637 59.58 48.17 -81.94
C TYR B 637 58.78 49.13 -82.81
N ASP B 638 57.46 48.91 -82.87
CA ASP B 638 56.58 49.83 -83.60
C ASP B 638 56.55 51.24 -83.02
N PRO B 639 56.44 51.46 -81.71
CA PRO B 639 56.47 52.83 -81.20
C PRO B 639 57.85 53.47 -81.38
N SER B 640 57.83 54.79 -81.52
CA SER B 640 59.02 55.58 -81.86
C SER B 640 59.70 56.15 -80.61
N LEU B 641 59.24 55.75 -79.43
CA LEU B 641 59.77 56.31 -78.19
C LEU B 641 60.85 55.38 -77.64
N THR B 642 61.50 55.81 -76.56
CA THR B 642 62.59 55.04 -75.96
C THR B 642 62.05 53.80 -75.26
N PHE B 643 62.78 52.69 -75.39
CA PHE B 643 62.37 51.45 -74.77
C PHE B 643 62.70 51.44 -73.28
N SER B 644 63.94 51.81 -72.92
CA SER B 644 64.36 51.78 -71.53
C SER B 644 63.79 52.94 -70.72
N GLU B 645 63.71 54.14 -71.31
CA GLU B 645 63.37 55.34 -70.54
C GLU B 645 61.86 55.59 -70.44
N ASN B 646 61.03 54.72 -71.01
CA ASN B 646 59.58 54.89 -71.00
C ASN B 646 58.91 53.74 -70.26
N VAL B 647 59.44 53.36 -69.10
CA VAL B 647 58.89 52.28 -68.31
C VAL B 647 58.51 52.82 -66.94
N ASP B 648 57.24 52.63 -66.57
CA ASP B 648 56.78 53.04 -65.25
C ASP B 648 57.03 51.97 -64.19
N LEU B 649 57.49 50.79 -64.58
CA LEU B 649 57.65 49.67 -63.64
C LEU B 649 58.85 49.92 -62.73
N THR B 650 59.01 49.04 -61.74
CA THR B 650 60.10 49.12 -60.78
C THR B 650 61.39 48.58 -61.39
N GLU B 651 62.50 49.24 -61.07
CA GLU B 651 63.80 48.86 -61.62
C GLU B 651 64.27 47.45 -61.26
N PRO B 652 64.27 47.02 -59.99
CA PRO B 652 64.97 45.76 -59.66
C PRO B 652 64.37 44.52 -60.31
N ILE B 653 63.08 44.51 -60.62
CA ILE B 653 62.45 43.32 -61.18
C ILE B 653 62.88 43.14 -62.63
N ILE B 654 62.89 44.25 -63.37
CA ILE B 654 63.27 44.19 -64.78
C ILE B 654 64.73 43.76 -64.90
N SER B 655 65.58 44.22 -63.99
CA SER B 655 67.02 44.00 -64.08
C SER B 655 67.44 42.60 -63.67
N ARG B 656 66.50 41.66 -63.62
CA ARG B 656 66.85 40.27 -63.32
C ARG B 656 67.37 39.53 -64.54
N PHE B 657 67.24 40.12 -65.73
CA PHE B 657 67.71 39.46 -66.94
C PHE B 657 69.19 39.75 -67.16
N ASP B 658 69.98 38.69 -67.23
CA ASP B 658 71.43 38.85 -67.41
C ASP B 658 71.78 39.27 -68.84
N ILE B 659 71.10 38.69 -69.82
CA ILE B 659 71.35 38.98 -71.24
C ILE B 659 70.05 39.46 -71.87
N LEU B 660 70.16 40.49 -72.70
CA LEU B 660 69.03 41.04 -73.46
C LEU B 660 69.32 40.82 -74.94
N CYS B 661 68.90 39.67 -75.47
CA CYS B 661 69.19 39.32 -76.85
C CYS B 661 68.16 39.95 -77.78
N VAL B 662 68.64 40.45 -78.92
CA VAL B 662 67.79 41.01 -79.96
C VAL B 662 67.80 40.05 -81.16
N VAL B 663 66.69 40.00 -81.87
CA VAL B 663 66.60 39.14 -83.05
C VAL B 663 67.45 39.72 -84.17
N ARG B 664 68.05 38.82 -84.96
CA ARG B 664 68.90 39.21 -86.08
C ARG B 664 68.20 38.85 -87.38
N ASP B 665 68.12 39.81 -88.30
CA ASP B 665 67.46 39.69 -89.60
C ASP B 665 65.94 39.60 -89.44
N THR B 666 65.21 40.14 -90.40
CA THR B 666 63.75 40.17 -90.35
C THR B 666 63.10 39.36 -91.45
N VAL B 667 63.47 39.57 -92.70
CA VAL B 667 62.87 38.89 -93.84
C VAL B 667 63.93 38.00 -94.46
N ASP B 668 63.89 36.71 -94.15
CA ASP B 668 64.80 35.72 -94.73
C ASP B 668 63.95 34.53 -95.18
N PRO B 669 63.34 34.63 -96.37
CA PRO B 669 62.50 33.52 -96.83
C PRO B 669 63.23 32.19 -96.92
N VAL B 670 64.52 32.21 -97.27
CA VAL B 670 65.29 30.97 -97.38
C VAL B 670 65.35 30.27 -96.03
N GLN B 671 65.68 31.00 -94.98
CA GLN B 671 65.68 30.41 -93.65
C GLN B 671 64.28 29.98 -93.26
N ASP B 672 63.27 30.79 -93.57
CA ASP B 672 61.89 30.42 -93.26
C ASP B 672 61.44 29.24 -94.11
N GLU B 673 62.08 29.04 -95.27
CA GLU B 673 61.67 27.96 -96.16
C GLU B 673 61.85 26.60 -95.51
N MET B 674 62.94 26.41 -94.78
CA MET B 674 63.22 25.10 -94.19
C MET B 674 62.15 24.70 -93.20
N LEU B 675 61.69 25.64 -92.37
CA LEU B 675 60.74 25.31 -91.32
C LEU B 675 59.43 24.80 -91.90
N ALA B 676 58.98 25.40 -93.01
CA ALA B 676 57.70 25.00 -93.59
C ALA B 676 57.73 23.54 -94.03
N ARG B 677 58.81 23.14 -94.70
CA ARG B 677 58.92 21.76 -95.17
C ARG B 677 58.97 20.79 -94.00
N PHE B 678 59.54 21.22 -92.86
CA PHE B 678 59.54 20.37 -91.68
C PHE B 678 58.13 20.07 -91.23
N VAL B 679 57.26 21.09 -91.24
CA VAL B 679 55.86 20.89 -90.86
C VAL B 679 55.20 19.90 -91.80
N VAL B 680 55.41 20.08 -93.10
CA VAL B 680 54.75 19.22 -94.08
C VAL B 680 55.22 17.77 -93.92
N GLY B 681 56.53 17.58 -93.78
CA GLY B 681 57.03 16.23 -93.58
C GLY B 681 56.56 15.63 -92.27
N SER B 682 56.43 16.45 -91.24
CA SER B 682 56.01 15.93 -89.94
C SER B 682 54.61 15.36 -90.01
N HIS B 683 53.70 16.04 -90.72
CA HIS B 683 52.32 15.57 -90.79
C HIS B 683 52.22 14.26 -91.56
N VAL B 684 53.18 13.97 -92.42
CA VAL B 684 53.16 12.71 -93.17
C VAL B 684 53.33 11.53 -92.24
N ARG B 685 54.28 11.61 -91.30
CA ARG B 685 54.61 10.45 -90.47
C ARG B 685 53.44 10.03 -89.59
N HIS B 686 52.71 11.02 -89.05
CA HIS B 686 51.64 10.73 -88.11
C HIS B 686 50.49 9.94 -88.73
N HIS B 687 50.28 10.04 -90.04
CA HIS B 687 49.15 9.37 -90.65
C HIS B 687 49.43 7.88 -90.78
N PRO B 688 48.39 7.07 -90.63
CA PRO B 688 48.55 5.61 -90.76
C PRO B 688 49.08 5.21 -92.12
N SER B 689 49.91 4.16 -92.15
CA SER B 689 50.41 3.61 -93.40
C SER B 689 50.52 2.10 -93.26
N ASN B 690 49.81 1.37 -94.11
CA ASN B 690 49.79 -0.08 -94.04
C ASN B 690 50.69 -0.72 -95.09
N GLN B 717 65.04 6.64 -78.53
CA GLN B 717 66.46 6.47 -78.31
C GLN B 717 66.91 7.10 -76.98
N GLU B 718 66.74 6.34 -75.90
CA GLU B 718 67.13 6.82 -74.58
C GLU B 718 68.64 6.86 -74.39
N VAL B 719 69.39 6.23 -75.28
CA VAL B 719 70.85 6.26 -75.19
C VAL B 719 71.37 7.67 -75.33
N LEU B 720 70.82 8.44 -76.27
CA LEU B 720 71.25 9.80 -76.52
C LEU B 720 70.64 10.80 -75.56
N LYS B 721 69.48 10.50 -74.98
CA LYS B 721 68.85 11.44 -74.06
C LYS B 721 69.69 11.65 -72.81
N LYS B 722 70.21 10.56 -72.25
CA LYS B 722 70.89 10.60 -70.96
C LYS B 722 72.37 10.92 -71.07
N TYR B 723 72.89 11.10 -72.28
CA TYR B 723 74.33 11.34 -72.43
C TYR B 723 74.73 12.66 -71.79
N ILE B 724 74.01 13.73 -72.08
CA ILE B 724 74.35 15.04 -71.52
C ILE B 724 73.95 15.11 -70.05
N ILE B 725 72.79 14.55 -69.70
CA ILE B 725 72.26 14.71 -68.35
C ILE B 725 73.18 14.05 -67.34
N TYR B 726 73.63 12.83 -67.62
CA TYR B 726 74.44 12.09 -66.67
C TYR B 726 75.80 12.74 -66.47
N ALA B 727 76.30 13.46 -67.48
CA ALA B 727 77.65 14.01 -67.42
C ALA B 727 77.77 15.04 -66.30
N LYS B 728 76.72 15.80 -66.02
CA LYS B 728 76.82 16.90 -65.08
C LYS B 728 77.02 16.43 -63.64
N GLU B 729 76.85 15.14 -63.38
CA GLU B 729 76.99 14.60 -62.02
C GLU B 729 78.37 14.02 -61.75
N ARG B 730 79.11 13.64 -62.79
CA ARG B 730 80.38 12.92 -62.62
C ARG B 730 81.61 13.80 -62.78
N VAL B 731 81.54 14.84 -63.61
CA VAL B 731 82.69 15.68 -63.90
C VAL B 731 82.80 16.75 -62.84
N HIS B 732 83.81 16.64 -61.98
CA HIS B 732 84.12 17.66 -60.97
C HIS B 732 85.63 17.89 -60.96
N PRO B 733 86.16 18.66 -61.91
CA PRO B 733 87.60 18.87 -61.97
C PRO B 733 88.10 19.70 -60.81
N LYS B 734 89.42 19.73 -60.66
CA LYS B 734 90.11 20.52 -59.65
C LYS B 734 90.78 21.72 -60.28
N LEU B 735 91.28 22.62 -59.44
CA LEU B 735 91.85 23.88 -59.87
C LEU B 735 93.34 23.89 -59.57
N ASN B 736 94.12 24.52 -60.45
CA ASN B 736 95.56 24.66 -60.28
C ASN B 736 95.85 26.00 -59.63
N GLN B 737 96.65 25.98 -58.56
CA GLN B 737 96.90 27.20 -57.80
C GLN B 737 97.74 28.22 -58.56
N MET B 738 98.69 27.77 -59.38
CA MET B 738 99.57 28.71 -60.07
C MET B 738 98.94 29.29 -61.33
N ASP B 739 97.82 28.72 -61.78
CA ASP B 739 97.15 29.18 -63.00
C ASP B 739 95.82 29.86 -62.73
N GLN B 740 95.44 30.04 -61.46
CA GLN B 740 94.15 30.66 -61.16
C GLN B 740 94.13 32.14 -61.57
N ASP B 741 95.26 32.83 -61.40
CA ASP B 741 95.32 34.24 -61.77
C ASP B 741 95.18 34.44 -63.26
N LYS B 742 95.82 33.57 -64.06
CA LYS B 742 95.83 33.76 -65.51
C LYS B 742 94.42 33.63 -66.08
N VAL B 743 93.61 32.74 -65.52
CA VAL B 743 92.24 32.59 -65.99
C VAL B 743 91.46 33.88 -65.77
N ALA B 744 91.52 34.42 -64.56
CA ALA B 744 90.78 35.64 -64.24
C ALA B 744 91.41 36.90 -64.82
N LYS B 745 92.69 36.83 -65.22
CA LYS B 745 93.37 38.00 -65.72
C LYS B 745 92.76 38.49 -67.03
N MET B 746 92.38 37.55 -67.90
CA MET B 746 91.97 37.90 -69.26
C MET B 746 90.71 38.74 -69.27
N TYR B 747 89.72 38.39 -68.45
CA TYR B 747 88.44 39.10 -68.49
C TYR B 747 88.55 40.47 -67.85
N SER B 748 89.45 40.61 -66.87
CA SER B 748 89.60 41.89 -66.19
C SER B 748 90.08 42.97 -67.16
N ASP B 749 90.90 42.58 -68.14
CA ASP B 749 91.39 43.55 -69.12
C ASP B 749 90.23 44.11 -69.95
N LEU B 750 89.24 43.27 -70.27
CA LEU B 750 88.15 43.73 -71.11
C LEU B 750 87.28 44.75 -70.41
N ARG B 751 87.20 44.69 -69.07
CA ARG B 751 86.40 45.66 -68.33
C ARG B 751 87.01 47.05 -68.39
N LYS B 752 88.32 47.14 -68.10
CA LYS B 752 88.96 48.45 -67.99
C LYS B 752 89.06 49.16 -69.33
N GLU B 753 88.92 48.41 -70.43
CA GLU B 753 88.91 49.02 -71.74
C GLU B 753 87.68 49.90 -71.94
N SER B 754 86.55 49.48 -71.39
CA SER B 754 85.28 50.21 -71.53
C SER B 754 85.22 51.47 -70.67
N MET B 755 86.18 51.69 -69.78
CA MET B 755 86.17 52.85 -68.90
C MET B 755 86.94 54.04 -69.45
N ALA B 756 87.55 53.90 -70.63
CA ALA B 756 88.32 55.01 -71.19
C ALA B 756 87.40 56.14 -71.66
N THR B 757 86.53 55.84 -72.62
CA THR B 757 85.55 56.82 -73.09
C THR B 757 84.16 56.46 -72.56
N GLY B 758 83.86 56.99 -71.38
CA GLY B 758 82.56 56.75 -70.77
C GLY B 758 82.57 57.15 -69.31
N SER B 759 81.42 56.92 -68.66
CA SER B 759 81.25 57.22 -67.23
C SER B 759 80.52 56.03 -66.60
N ILE B 760 81.30 55.09 -66.07
CA ILE B 760 80.84 53.80 -65.53
C ILE B 760 79.64 53.26 -66.30
N PRO B 761 79.76 53.02 -67.60
CA PRO B 761 78.61 52.53 -68.38
C PRO B 761 78.48 51.02 -68.43
N ILE B 762 79.42 50.28 -67.87
CA ILE B 762 79.38 48.82 -67.84
C ILE B 762 79.31 48.38 -66.38
N THR B 763 78.43 47.43 -66.10
CA THR B 763 78.27 46.89 -64.76
C THR B 763 78.92 45.52 -64.67
N VAL B 764 79.51 45.24 -63.52
CA VAL B 764 80.15 43.95 -63.27
C VAL B 764 79.13 42.82 -63.27
N ARG B 765 77.86 43.13 -62.99
CA ARG B 765 76.85 42.09 -62.87
C ARG B 765 76.69 41.32 -64.19
N HIS B 766 76.72 42.04 -65.31
CA HIS B 766 76.68 41.38 -66.61
C HIS B 766 77.87 40.45 -66.78
N ILE B 767 79.05 40.90 -66.36
CA ILE B 767 80.23 40.04 -66.39
C ILE B 767 80.04 38.86 -65.44
N GLU B 768 79.38 39.10 -64.31
CA GLU B 768 79.23 38.06 -63.29
C GLU B 768 78.59 36.81 -63.87
N SER B 769 77.68 36.98 -64.82
CA SER B 769 77.10 35.82 -65.49
C SER B 769 78.06 35.22 -66.51
N MET B 770 78.91 36.05 -67.12
CA MET B 770 79.78 35.56 -68.19
C MET B 770 80.81 34.58 -67.65
N ILE B 771 81.29 34.82 -66.43
CA ILE B 771 82.32 33.95 -65.87
C ILE B 771 81.76 32.55 -65.62
N ARG B 772 80.54 32.46 -65.12
CA ARG B 772 79.95 31.15 -64.88
C ARG B 772 79.58 30.45 -66.18
N MET B 773 79.42 31.21 -67.27
CA MET B 773 79.05 30.62 -68.54
C MET B 773 80.21 29.83 -69.14
N ALA B 774 81.43 30.36 -68.99
CA ALA B 774 82.59 29.67 -69.52
C ALA B 774 82.86 28.38 -68.75
N GLU B 775 82.24 28.24 -67.57
CA GLU B 775 82.52 27.10 -66.70
C GLU B 775 82.14 25.78 -67.37
N ALA B 776 81.04 25.77 -68.11
CA ALA B 776 80.60 24.52 -68.74
C ALA B 776 81.54 24.09 -69.86
N HIS B 777 82.31 25.03 -70.40
CA HIS B 777 83.23 24.71 -71.49
C HIS B 777 84.27 23.69 -71.03
N ALA B 778 84.88 23.93 -69.87
CA ALA B 778 85.85 22.99 -69.34
C ALA B 778 85.17 21.71 -68.88
N ARG B 779 83.91 21.80 -68.43
CA ARG B 779 83.20 20.62 -67.96
C ARG B 779 82.91 19.66 -69.11
N ILE B 780 82.92 20.15 -70.34
CA ILE B 780 82.53 19.30 -71.47
C ILE B 780 83.76 18.64 -72.08
N HIS B 781 84.75 19.43 -72.48
CA HIS B 781 85.91 18.89 -73.16
C HIS B 781 87.04 18.46 -72.22
N LEU B 782 87.26 19.21 -71.14
CA LEU B 782 88.40 18.99 -70.24
C LEU B 782 89.72 19.02 -71.02
N ARG B 783 89.84 20.01 -71.91
CA ARG B 783 91.03 20.13 -72.76
C ARG B 783 92.01 21.18 -72.28
N ASP B 784 91.71 21.87 -71.17
CA ASP B 784 92.59 22.83 -70.50
C ASP B 784 92.74 24.14 -71.26
N TYR B 785 92.21 24.26 -72.47
CA TYR B 785 92.25 25.51 -73.20
C TYR B 785 90.90 25.75 -73.86
N VAL B 786 90.72 26.97 -74.36
CA VAL B 786 89.53 27.37 -75.11
C VAL B 786 89.95 27.71 -76.52
N ILE B 787 89.20 27.22 -77.50
CA ILE B 787 89.51 27.41 -78.91
C ILE B 787 88.96 28.75 -79.36
N GLU B 788 89.61 29.33 -80.37
CA GLU B 788 89.22 30.65 -80.86
C GLU B 788 87.90 30.59 -81.63
N ASP B 789 87.49 29.40 -82.05
CA ASP B 789 86.20 29.26 -82.71
C ASP B 789 85.05 29.63 -81.77
N ASP B 790 85.15 29.23 -80.51
CA ASP B 790 84.11 29.56 -79.54
C ASP B 790 84.15 31.03 -79.14
N VAL B 791 85.33 31.64 -79.24
CA VAL B 791 85.49 33.04 -78.81
C VAL B 791 84.63 33.96 -79.65
N ASN B 792 84.57 33.72 -80.96
CA ASN B 792 83.76 34.57 -81.83
C ASN B 792 82.28 34.48 -81.47
N MET B 793 81.81 33.28 -81.12
CA MET B 793 80.39 33.10 -80.83
C MET B 793 79.96 33.85 -79.57
N ALA B 794 80.78 33.83 -78.53
CA ALA B 794 80.42 34.53 -77.29
C ALA B 794 80.40 36.05 -77.49
N ILE B 795 81.15 36.55 -78.47
CA ILE B 795 81.16 37.98 -78.78
C ILE B 795 79.78 38.43 -79.23
N ARG B 796 79.10 37.59 -80.02
CA ARG B 796 77.79 37.96 -80.54
C ARG B 796 76.76 38.15 -79.43
N VAL B 797 77.00 37.56 -78.26
CA VAL B 797 76.08 37.70 -77.13
C VAL B 797 76.00 39.17 -76.71
N MET B 798 77.15 39.81 -76.54
CA MET B 798 77.17 41.14 -75.93
C MET B 798 76.67 42.19 -76.91
N LEU B 799 77.00 42.04 -78.20
CA LEU B 799 76.64 43.05 -79.19
C LEU B 799 75.13 43.20 -79.32
N GLU B 800 74.40 42.09 -79.19
CA GLU B 800 72.94 42.14 -79.26
C GLU B 800 72.38 42.94 -78.10
N SER B 801 72.97 42.81 -76.91
CA SER B 801 72.47 43.51 -75.74
C SER B 801 72.54 45.02 -75.93
N PHE B 802 73.64 45.52 -76.51
CA PHE B 802 73.79 46.96 -76.68
C PHE B 802 72.78 47.51 -77.68
N ILE B 803 72.30 46.68 -78.60
CA ILE B 803 71.35 47.15 -79.61
C ILE B 803 70.04 47.57 -78.96
N ASP B 804 69.53 46.76 -78.03
CA ASP B 804 68.23 47.03 -77.46
C ASP B 804 68.24 48.26 -76.55
N THR B 805 69.26 48.41 -75.72
CA THR B 805 69.31 49.50 -74.76
C THR B 805 69.69 50.84 -75.39
N GLN B 806 70.55 50.84 -76.39
CA GLN B 806 70.96 52.05 -77.07
C GLN B 806 70.05 52.32 -78.26
N LYS B 807 69.84 53.61 -78.55
CA LYS B 807 69.12 54.00 -79.75
C LYS B 807 69.89 53.52 -80.98
N PHE B 808 69.17 53.38 -82.10
CA PHE B 808 69.75 52.88 -83.34
C PHE B 808 71.01 53.64 -83.77
N SER B 809 71.29 54.78 -83.13
CA SER B 809 72.54 55.50 -83.37
C SER B 809 73.77 54.74 -82.90
N VAL B 810 73.61 53.49 -82.44
CA VAL B 810 74.76 52.65 -82.11
C VAL B 810 75.62 52.39 -83.34
N MET B 811 75.05 52.62 -84.53
CA MET B 811 75.76 52.45 -85.79
C MET B 811 76.86 53.47 -86.01
N ARG B 812 77.02 54.45 -85.11
CA ARG B 812 78.03 55.49 -85.28
C ARG B 812 79.14 55.42 -84.25
N SER B 813 78.81 55.15 -82.98
CA SER B 813 79.82 55.20 -81.92
C SER B 813 80.50 53.85 -81.71
N MET B 814 79.74 52.77 -81.72
CA MET B 814 80.30 51.44 -81.49
C MET B 814 80.68 50.71 -82.76
N ARG B 815 81.07 51.43 -83.82
CA ARG B 815 81.43 50.78 -85.08
C ARG B 815 82.63 49.86 -84.91
N LYS B 816 83.67 50.33 -84.19
CA LYS B 816 84.92 49.57 -84.13
C LYS B 816 84.75 48.22 -83.44
N THR B 817 84.03 48.16 -82.32
CA THR B 817 83.78 46.87 -81.69
C THR B 817 82.89 45.99 -82.55
N PHE B 818 81.84 46.57 -83.13
CA PHE B 818 80.90 45.78 -83.91
C PHE B 818 81.50 45.34 -85.25
N ALA B 819 82.13 46.28 -85.97
CA ALA B 819 82.62 45.95 -87.31
C ALA B 819 83.78 44.97 -87.26
N ARG B 820 84.69 45.12 -86.31
CA ARG B 820 85.86 44.27 -86.24
C ARG B 820 85.54 42.95 -85.54
N PRO B 861 80.18 53.23 -51.67
CA PRO B 861 81.53 52.76 -51.97
C PRO B 861 81.68 51.25 -51.77
N GLU B 862 80.56 50.58 -51.46
CA GLU B 862 80.60 49.12 -51.31
C GLU B 862 80.91 48.44 -52.63
N LYS B 863 80.36 48.96 -53.73
CA LYS B 863 80.59 48.39 -55.05
C LYS B 863 82.01 48.65 -55.56
N ASP B 864 82.59 49.79 -55.20
CA ASP B 864 83.97 50.08 -55.60
C ASP B 864 84.94 49.09 -54.97
N LEU B 865 84.67 48.69 -53.73
CA LEU B 865 85.54 47.72 -53.04
C LEU B 865 85.54 46.38 -53.76
N VAL B 866 84.42 46.00 -54.38
CA VAL B 866 84.34 44.73 -55.09
C VAL B 866 85.31 44.72 -56.28
N ASP B 867 85.42 45.87 -56.97
CA ASP B 867 86.37 45.97 -58.07
C ASP B 867 87.81 45.78 -57.58
N LYS B 868 88.08 46.17 -56.33
CA LYS B 868 89.43 46.05 -55.79
C LYS B 868 89.88 44.59 -55.70
N ALA B 869 88.93 43.68 -55.44
CA ALA B 869 89.29 42.27 -55.31
C ALA B 869 89.82 41.69 -56.62
N ARG B 870 89.29 42.17 -57.75
CA ARG B 870 89.70 41.62 -59.04
C ARG B 870 91.16 41.93 -59.35
N GLN B 871 91.70 43.01 -58.77
CA GLN B 871 93.10 43.36 -58.98
C GLN B 871 94.05 42.36 -58.36
N ILE B 872 93.63 41.63 -57.32
CA ILE B 872 94.47 40.65 -56.66
C ILE B 872 94.00 39.21 -56.94
N ASN B 873 92.83 39.06 -57.56
CA ASN B 873 92.27 37.76 -57.92
C ASN B 873 92.06 36.88 -56.69
N ILE B 874 91.52 37.47 -55.63
CA ILE B 874 91.15 36.75 -54.42
C ILE B 874 89.70 37.05 -54.10
N HIS B 875 88.86 36.01 -54.14
CA HIS B 875 87.43 36.19 -53.84
C HIS B 875 87.20 36.35 -52.35
N ASN B 876 87.91 35.57 -51.53
CA ASN B 876 87.68 35.58 -50.09
C ASN B 876 88.21 36.87 -49.48
N LEU B 877 87.32 37.58 -48.77
CA LEU B 877 87.71 38.83 -48.13
C LEU B 877 88.27 38.59 -46.73
N SER B 878 88.21 37.36 -46.24
CA SER B 878 88.72 36.99 -44.93
C SER B 878 89.87 35.99 -45.03
N ALA B 879 90.76 36.21 -45.99
CA ALA B 879 91.90 35.32 -46.22
C ALA B 879 93.11 35.68 -45.36
N PHE B 880 93.01 36.73 -44.56
CA PHE B 880 94.13 37.12 -43.69
C PHE B 880 94.04 36.34 -42.38
N TYR B 881 95.08 35.57 -42.09
CA TYR B 881 95.11 34.69 -40.92
C TYR B 881 93.94 33.69 -40.96
N ASP B 882 93.92 32.88 -42.02
CA ASP B 882 92.90 31.85 -42.14
C ASP B 882 93.19 30.67 -41.24
N SER B 883 94.38 30.63 -40.64
CA SER B 883 94.71 29.53 -39.74
C SER B 883 93.86 29.56 -38.48
N GLU B 884 93.45 30.75 -38.03
CA GLU B 884 92.61 30.87 -36.84
C GLU B 884 91.14 30.65 -37.11
N LEU B 885 90.71 30.68 -38.37
CA LEU B 885 89.32 30.35 -38.70
C LEU B 885 89.07 28.85 -38.61
N PHE B 886 90.09 28.06 -38.95
CA PHE B 886 90.01 26.60 -38.86
C PHE B 886 89.91 26.15 -37.40
N ARG B 887 90.60 26.86 -36.50
CA ARG B 887 90.54 26.51 -35.08
C ARG B 887 89.12 26.63 -34.55
N MET B 888 88.39 27.66 -34.97
CA MET B 888 87.02 27.86 -34.50
C MET B 888 86.10 26.74 -34.97
N ALA C 2 -9.23 24.82 0.89
CA ALA C 2 -9.30 23.50 1.51
C ALA C 2 -10.74 22.99 1.56
N GLY C 3 -11.62 23.75 2.20
CA GLY C 3 -13.01 23.39 2.34
C GLY C 3 -13.37 22.74 3.66
N THR C 4 -12.40 22.28 4.45
CA THR C 4 -12.71 21.67 5.73
C THR C 4 -13.14 22.74 6.73
N VAL C 5 -14.20 22.43 7.49
CA VAL C 5 -14.78 23.37 8.43
C VAL C 5 -14.88 22.71 9.80
N VAL C 6 -15.18 23.54 10.80
CA VAL C 6 -15.35 23.11 12.19
C VAL C 6 -16.81 23.32 12.56
N LEU C 7 -17.35 22.43 13.37
CA LEU C 7 -18.78 22.39 13.64
C LEU C 7 -19.04 23.13 14.95
N ASP C 8 -19.47 24.38 14.84
CA ASP C 8 -19.82 25.24 15.98
C ASP C 8 -18.62 25.42 16.92
N ASP C 9 -17.54 25.94 16.35
CA ASP C 9 -16.37 26.31 17.15
C ASP C 9 -16.68 27.53 18.01
N VAL C 10 -16.43 27.41 19.31
CA VAL C 10 -16.71 28.53 20.21
C VAL C 10 -15.63 29.62 20.07
N GLU C 11 -14.38 29.23 19.84
CA GLU C 11 -13.32 30.23 19.67
C GLU C 11 -13.54 31.03 18.41
N LEU C 12 -13.87 30.36 17.31
CA LEU C 12 -14.20 31.07 16.08
C LEU C 12 -15.38 31.99 16.30
N ARG C 13 -16.39 31.54 17.04
CA ARG C 13 -17.57 32.36 17.28
C ARG C 13 -17.22 33.60 18.10
N GLU C 14 -16.34 33.43 19.10
CA GLU C 14 -15.91 34.57 19.90
C GLU C 14 -15.14 35.57 19.04
N ALA C 15 -14.26 35.07 18.17
CA ALA C 15 -13.54 35.97 17.27
C ALA C 15 -14.51 36.71 16.36
N GLN C 16 -15.50 36.00 15.84
CA GLN C 16 -16.49 36.64 14.98
C GLN C 16 -17.23 37.74 15.73
N ARG C 17 -17.64 37.46 16.97
CA ARG C 17 -18.38 38.46 17.74
C ARG C 17 -17.51 39.67 18.03
N ASP C 18 -16.25 39.44 18.40
CA ASP C 18 -15.37 40.55 18.73
C ASP C 18 -15.13 41.43 17.51
N TYR C 19 -14.84 40.83 16.36
CA TYR C 19 -14.58 41.63 15.18
C TYR C 19 -15.83 42.35 14.71
N LEU C 20 -17.00 41.71 14.83
CA LEU C 20 -18.23 42.39 14.48
C LEU C 20 -18.45 43.61 15.38
N ASP C 21 -18.15 43.46 16.67
CA ASP C 21 -18.26 44.60 17.58
C ASP C 21 -17.31 45.72 17.17
N PHE C 22 -16.11 45.34 16.72
CA PHE C 22 -15.17 46.34 16.22
C PHE C 22 -15.72 47.06 15.00
N LEU C 23 -16.38 46.33 14.11
CA LEU C 23 -16.86 46.91 12.86
C LEU C 23 -17.97 47.93 13.10
N ASP C 24 -18.89 47.63 14.01
CA ASP C 24 -20.03 48.51 14.30
C ASP C 24 -19.60 49.59 15.28
N ASP C 25 -18.94 50.61 14.76
CA ASP C 25 -18.42 51.70 15.59
C ASP C 25 -19.58 52.62 15.94
N GLU C 26 -20.26 52.30 17.03
CA GLU C 26 -21.38 53.09 17.51
C GLU C 26 -20.94 54.16 18.49
N GLU C 27 -20.17 53.80 19.52
CA GLU C 27 -19.70 54.79 20.47
C GLU C 27 -18.77 55.80 19.82
N ASP C 28 -18.06 55.40 18.78
CA ASP C 28 -17.24 56.32 18.01
C ASP C 28 -18.08 56.91 16.88
N GLN C 29 -17.45 57.75 16.06
CA GLN C 29 -18.17 58.42 15.00
C GLN C 29 -18.60 57.46 13.89
N GLY C 30 -18.12 56.23 13.90
CA GLY C 30 -18.41 55.30 12.83
C GLY C 30 -17.50 55.43 11.64
N ILE C 31 -16.20 55.63 11.86
CA ILE C 31 -15.27 55.83 10.77
C ILE C 31 -15.29 54.63 9.84
N TYR C 32 -15.18 53.44 10.42
CA TYR C 32 -15.25 52.24 9.61
C TYR C 32 -16.62 52.05 9.00
N GLN C 33 -17.68 52.47 9.68
CA GLN C 33 -19.00 52.35 9.10
C GLN C 33 -19.14 53.27 7.88
N SER C 34 -18.55 54.46 7.97
CA SER C 34 -18.51 55.34 6.80
C SER C 34 -17.70 54.69 5.69
N LYS C 35 -16.62 54.00 6.04
CA LYS C 35 -15.84 53.31 5.00
C LYS C 35 -16.65 52.18 4.37
N VAL C 36 -17.48 51.50 5.15
CA VAL C 36 -18.35 50.48 4.59
C VAL C 36 -19.34 51.10 3.62
N ARG C 37 -19.91 52.26 3.98
CA ARG C 37 -20.76 52.97 3.04
C ARG C 37 -20.00 53.30 1.76
N GLU C 38 -18.78 53.78 1.90
CA GLU C 38 -17.99 54.17 0.74
C GLU C 38 -17.72 52.98 -0.17
N LEU C 39 -17.42 51.83 0.42
CA LEU C 39 -17.14 50.65 -0.40
C LEU C 39 -18.39 50.13 -1.07
N ILE C 40 -19.53 50.18 -0.37
CA ILE C 40 -20.79 49.77 -0.98
C ILE C 40 -21.12 50.66 -2.17
N SER C 41 -20.98 51.97 -1.99
CA SER C 41 -21.29 52.91 -3.07
C SER C 41 -20.29 52.80 -4.22
N ASP C 42 -19.01 52.60 -3.91
CA ASP C 42 -17.96 52.68 -4.91
C ASP C 42 -17.71 51.35 -5.62
N ASN C 43 -18.44 50.30 -5.26
CA ASN C 43 -18.30 48.98 -5.89
C ASN C 43 -16.87 48.46 -5.75
N GLN C 44 -16.37 48.49 -4.51
CA GLN C 44 -15.12 47.84 -4.15
C GLN C 44 -15.38 46.88 -3.00
N TYR C 45 -14.75 45.72 -3.05
CA TYR C 45 -15.03 44.66 -2.09
C TYR C 45 -13.79 44.26 -1.33
N ARG C 46 -13.02 45.23 -0.87
CA ARG C 46 -11.88 45.00 -0.01
C ARG C 46 -11.79 46.16 0.96
N LEU C 47 -12.00 45.89 2.24
CA LEU C 47 -11.98 46.92 3.27
C LEU C 47 -10.62 46.88 3.96
N ILE C 48 -9.96 48.03 3.98
CA ILE C 48 -8.65 48.14 4.59
C ILE C 48 -8.85 48.64 6.02
N VAL C 49 -8.32 47.89 6.98
CA VAL C 49 -8.51 48.18 8.39
C VAL C 49 -7.15 48.50 9.00
N ASN C 50 -7.05 49.66 9.66
CA ASN C 50 -5.83 50.02 10.38
C ASN C 50 -5.62 49.04 11.53
N VAL C 51 -4.39 48.56 11.66
CA VAL C 51 -4.09 47.62 12.73
C VAL C 51 -4.02 48.32 14.09
N ASN C 52 -3.70 49.61 14.10
CA ASN C 52 -3.57 50.32 15.36
C ASN C 52 -4.90 50.37 16.10
N ASP C 53 -5.99 50.55 15.36
CA ASP C 53 -7.31 50.49 15.99
C ASP C 53 -7.57 49.12 16.60
N LEU C 54 -7.16 48.06 15.90
CA LEU C 54 -7.36 46.71 16.42
C LEU C 54 -6.58 46.51 17.72
N ARG C 55 -5.37 47.05 17.80
CA ARG C 55 -4.66 47.01 19.07
C ARG C 55 -5.41 47.80 20.15
N ARG C 56 -5.90 48.99 19.80
CA ARG C 56 -6.52 49.83 20.80
C ARG C 56 -7.77 49.18 21.38
N LYS C 57 -8.57 48.55 20.54
CA LYS C 57 -9.79 47.90 21.02
C LYS C 57 -9.52 46.60 21.78
N ASN C 58 -8.60 45.77 21.28
CA ASN C 58 -8.32 44.49 21.93
C ASN C 58 -6.93 44.03 21.50
N GLU C 59 -5.94 44.22 22.37
CA GLU C 59 -4.59 43.77 22.05
C GLU C 59 -4.55 42.26 21.84
N LYS C 60 -5.40 41.51 22.55
CA LYS C 60 -5.36 40.06 22.43
C LYS C 60 -5.78 39.63 21.03
N ARG C 61 -6.79 40.29 20.45
CA ARG C 61 -7.19 39.98 19.09
C ARG C 61 -6.05 40.25 18.12
N ALA C 62 -5.40 41.40 18.25
CA ALA C 62 -4.30 41.72 17.35
C ALA C 62 -3.18 40.71 17.49
N ASN C 63 -2.88 40.30 18.71
CA ASN C 63 -1.80 39.35 18.93
C ASN C 63 -2.12 38.01 18.29
N ARG C 64 -3.33 37.49 18.52
CA ARG C 64 -3.68 36.20 17.94
C ARG C 64 -3.74 36.29 16.43
N LEU C 65 -4.16 37.44 15.89
CA LEU C 65 -4.14 37.63 14.45
C LEU C 65 -2.72 37.54 13.91
N LEU C 66 -1.81 38.33 14.47
CA LEU C 66 -0.46 38.37 13.94
C LEU C 66 0.29 37.07 14.16
N ASN C 67 -0.11 36.25 15.13
CA ASN C 67 0.58 35.00 15.37
C ASN C 67 -0.03 33.81 14.63
N ASN C 68 -1.32 33.85 14.30
CA ASN C 68 -1.97 32.77 13.55
C ASN C 68 -2.84 33.46 12.51
N ALA C 69 -2.30 33.63 11.31
CA ALA C 69 -2.92 34.50 10.32
C ALA C 69 -4.18 33.88 9.72
N PHE C 70 -4.14 32.57 9.44
CA PHE C 70 -5.19 31.97 8.62
C PHE C 70 -6.55 32.06 9.29
N GLU C 71 -6.67 31.49 10.49
CA GLU C 71 -7.98 31.41 11.15
C GLU C 71 -8.52 32.79 11.48
N GLU C 72 -7.66 33.67 12.02
CA GLU C 72 -8.14 35.00 12.37
C GLU C 72 -8.56 35.78 11.15
N LEU C 73 -7.80 35.67 10.06
CA LEU C 73 -8.18 36.37 8.84
C LEU C 73 -9.52 35.87 8.32
N VAL C 74 -9.72 34.56 8.31
CA VAL C 74 -10.98 34.02 7.83
C VAL C 74 -12.13 34.51 8.70
N ALA C 75 -11.94 34.48 10.01
CA ALA C 75 -13.00 34.91 10.91
C ALA C 75 -13.33 36.37 10.69
N PHE C 76 -12.31 37.21 10.50
CA PHE C 76 -12.57 38.62 10.32
C PHE C 76 -13.26 38.87 8.99
N GLN C 77 -12.94 38.07 7.97
CA GLN C 77 -13.64 38.18 6.71
C GLN C 77 -15.11 37.83 6.87
N ARG C 78 -15.40 36.77 7.60
CA ARG C 78 -16.79 36.42 7.86
C ARG C 78 -17.50 37.54 8.61
N ALA C 79 -16.79 38.15 9.55
CA ALA C 79 -17.39 39.26 10.30
C ALA C 79 -17.74 40.41 9.36
N LEU C 80 -16.85 40.71 8.42
CA LEU C 80 -17.13 41.78 7.47
C LEU C 80 -18.35 41.43 6.62
N LYS C 81 -18.45 40.18 6.19
CA LYS C 81 -19.62 39.76 5.42
C LYS C 81 -20.90 39.97 6.21
N ASP C 82 -20.88 39.54 7.47
CA ASP C 82 -22.07 39.67 8.31
C ASP C 82 -22.44 41.13 8.49
N PHE C 83 -21.44 41.98 8.74
CA PHE C 83 -21.71 43.40 8.98
C PHE C 83 -22.28 44.07 7.74
N VAL C 84 -21.73 43.75 6.58
CA VAL C 84 -22.25 44.29 5.33
C VAL C 84 -23.69 43.85 5.12
N ALA C 85 -23.96 42.56 5.33
CA ALA C 85 -25.32 42.05 5.13
C ALA C 85 -26.29 42.73 6.09
N SER C 86 -25.89 42.92 7.34
CA SER C 86 -26.75 43.58 8.31
C SER C 86 -27.03 45.03 7.90
N ILE C 87 -26.00 45.74 7.44
CA ILE C 87 -26.24 47.11 6.97
C ILE C 87 -27.03 47.10 5.67
N ASP C 88 -26.68 46.20 4.75
CA ASP C 88 -27.38 46.11 3.48
C ASP C 88 -27.28 44.67 2.99
N ALA C 89 -28.42 43.96 2.98
CA ALA C 89 -28.40 42.56 2.59
C ALA C 89 -28.20 42.40 1.09
N THR C 90 -28.80 43.29 0.29
CA THR C 90 -28.76 43.13 -1.16
C THR C 90 -27.34 43.18 -1.69
N TYR C 91 -26.56 44.16 -1.23
CA TYR C 91 -25.17 44.26 -1.65
C TYR C 91 -24.39 43.01 -1.29
N ALA C 92 -24.65 42.47 -0.10
CA ALA C 92 -23.98 41.23 0.29
C ALA C 92 -24.39 40.08 -0.61
N LYS C 93 -25.67 39.99 -0.95
CA LYS C 93 -26.12 38.91 -1.84
C LYS C 93 -25.48 39.03 -3.22
N GLN C 94 -25.14 40.25 -3.63
CA GLN C 94 -24.56 40.43 -4.95
C GLN C 94 -23.26 39.66 -5.12
N TYR C 95 -22.37 39.70 -4.13
CA TYR C 95 -21.03 39.16 -4.24
C TYR C 95 -20.90 37.87 -3.45
N GLU C 96 -19.81 37.14 -3.70
CA GLU C 96 -19.61 35.86 -3.04
C GLU C 96 -18.98 36.03 -1.66
N GLU C 97 -17.72 36.45 -1.62
CA GLU C 97 -16.99 36.60 -0.37
C GLU C 97 -16.16 37.87 -0.40
N PHE C 98 -16.13 38.57 0.73
CA PHE C 98 -15.37 39.81 0.86
C PHE C 98 -13.99 39.51 1.42
N TYR C 99 -13.03 40.37 1.07
CA TYR C 99 -11.65 40.25 1.53
C TYR C 99 -11.27 41.47 2.36
N VAL C 100 -10.30 41.29 3.26
CA VAL C 100 -9.89 42.33 4.20
C VAL C 100 -8.39 42.55 4.08
N GLY C 101 -7.98 43.81 4.06
CA GLY C 101 -6.58 44.18 4.00
C GLY C 101 -6.06 44.87 5.26
N LEU C 102 -4.75 44.83 5.47
CA LEU C 102 -4.12 45.32 6.67
C LEU C 102 -3.13 46.42 6.33
N GLU C 103 -3.22 47.54 7.05
CA GLU C 103 -2.29 48.65 6.91
C GLU C 103 -2.01 49.19 8.31
N GLY C 104 -1.21 50.25 8.38
CA GLY C 104 -0.90 50.85 9.66
C GLY C 104 0.56 50.70 10.03
N SER C 105 0.84 50.47 11.31
CA SER C 105 2.20 50.34 11.82
C SER C 105 2.33 49.01 12.55
N PHE C 106 3.35 48.24 12.21
CA PHE C 106 3.63 46.94 12.82
C PHE C 106 4.97 47.02 13.51
N GLY C 107 5.00 46.64 14.79
CA GLY C 107 6.18 46.81 15.60
C GLY C 107 7.39 46.01 15.14
N SER C 108 7.29 44.69 15.20
CA SER C 108 8.42 43.83 14.90
C SER C 108 8.22 42.99 13.65
N LYS C 109 7.02 42.96 13.08
CA LYS C 109 6.78 42.21 11.87
C LYS C 109 6.98 43.04 10.60
N HIS C 110 7.43 44.29 10.71
CA HIS C 110 7.74 45.12 9.56
C HIS C 110 9.17 44.82 9.13
N VAL C 111 9.34 43.89 8.20
CA VAL C 111 10.66 43.35 7.90
C VAL C 111 11.08 43.69 6.48
N SER C 112 12.30 43.30 6.13
CA SER C 112 12.88 43.45 4.81
C SER C 112 13.19 42.06 4.25
N PRO C 113 13.37 41.95 2.92
CA PRO C 113 13.64 40.62 2.35
C PRO C 113 14.82 39.94 3.01
N ARG C 114 15.85 40.72 3.36
CA ARG C 114 16.92 40.22 4.20
C ARG C 114 16.39 39.78 5.56
N THR C 115 15.58 40.63 6.19
CA THR C 115 15.08 40.29 7.52
C THR C 115 14.09 39.14 7.46
N LEU C 116 13.38 38.99 6.34
CA LEU C 116 12.31 38.01 6.26
C LEU C 116 12.93 36.63 6.18
N THR C 117 13.36 36.14 7.34
CA THR C 117 13.91 34.80 7.44
C THR C 117 12.76 33.80 7.54
N SER C 118 13.07 32.53 7.77
CA SER C 118 12.02 31.53 7.86
C SER C 118 11.21 31.65 9.13
N CYS C 119 11.71 32.36 10.14
CA CYS C 119 11.05 32.37 11.44
C CYS C 119 9.67 33.01 11.40
N PHE C 120 9.37 33.78 10.36
CA PHE C 120 8.08 34.44 10.27
C PHE C 120 7.04 33.60 9.55
N LEU C 121 7.24 32.28 9.48
CA LEU C 121 6.27 31.43 8.83
C LEU C 121 4.93 31.49 9.57
N SER C 122 3.86 31.50 8.79
CA SER C 122 2.49 31.56 9.32
C SER C 122 2.28 32.81 10.18
N CYS C 123 2.91 33.91 9.79
CA CYS C 123 2.70 35.20 10.44
C CYS C 123 2.54 36.28 9.38
N VAL C 124 1.72 37.28 9.68
CA VAL C 124 1.51 38.39 8.77
C VAL C 124 2.75 39.27 8.75
N VAL C 125 3.21 39.61 7.55
CA VAL C 125 4.47 40.32 7.40
C VAL C 125 4.27 41.49 6.44
N CYS C 126 5.23 42.41 6.48
CA CYS C 126 5.30 43.52 5.53
C CYS C 126 6.68 43.50 4.89
N VAL C 127 6.73 43.63 3.57
CA VAL C 127 7.96 43.59 2.81
C VAL C 127 8.06 44.88 2.00
N GLU C 128 9.23 45.50 2.02
CA GLU C 128 9.49 46.73 1.27
C GLU C 128 10.59 46.47 0.25
N GLY C 129 10.39 46.96 -0.97
CA GLY C 129 11.38 46.77 -2.01
C GLY C 129 10.88 47.23 -3.36
N ILE C 130 11.58 46.80 -4.40
CA ILE C 130 11.27 47.16 -5.78
C ILE C 130 11.02 45.88 -6.57
N VAL C 131 10.03 45.93 -7.44
CA VAL C 131 9.62 44.75 -8.19
C VAL C 131 10.69 44.40 -9.21
N THR C 132 10.98 43.14 -9.30
CA THR C 132 11.92 42.66 -10.18
C THR C 132 11.12 41.88 -11.10
N LYS C 133 11.14 40.57 -11.10
CA LYS C 133 10.43 39.77 -12.06
C LYS C 133 8.96 39.95 -12.00
N CYS C 134 8.22 39.87 -13.11
CA CYS C 134 6.74 39.93 -13.07
C CYS C 134 6.01 39.07 -14.15
N SER C 135 4.88 38.41 -13.87
CA SER C 135 4.20 37.53 -14.86
C SER C 135 2.92 38.04 -15.36
N LEU C 136 2.28 37.41 -16.35
CA LEU C 136 1.08 37.98 -16.87
C LEU C 136 -0.17 37.65 -16.22
N VAL C 137 -1.25 38.33 -16.55
CA VAL C 137 -2.49 38.06 -15.89
C VAL C 137 -3.26 36.95 -16.40
N ARG C 138 -3.34 35.95 -15.60
CA ARG C 138 -4.01 34.71 -15.95
C ARG C 138 -5.17 34.46 -15.01
N PRO C 139 -6.25 33.83 -15.46
CA PRO C 139 -7.32 33.42 -14.55
C PRO C 139 -7.08 32.05 -13.92
N LYS C 140 -7.34 31.97 -12.62
CA LYS C 140 -7.13 30.76 -11.83
C LYS C 140 -8.47 30.31 -11.28
N VAL C 141 -8.75 29.01 -11.40
CA VAL C 141 -10.04 28.47 -11.00
C VAL C 141 -10.06 28.25 -9.50
N VAL C 142 -11.17 28.59 -8.84
CA VAL C 142 -11.31 28.36 -7.42
C VAL C 142 -12.53 27.53 -7.05
N ARG C 143 -13.59 27.52 -7.86
CA ARG C 143 -14.74 26.67 -7.57
C ARG C 143 -15.37 26.28 -8.89
N SER C 144 -15.23 25.01 -9.26
CA SER C 144 -15.70 24.51 -10.54
C SER C 144 -16.98 23.72 -10.32
N VAL C 145 -18.04 24.11 -11.03
CA VAL C 145 -19.34 23.47 -10.91
C VAL C 145 -19.52 22.50 -12.06
N HIS C 146 -19.81 21.26 -11.74
CA HIS C 146 -20.04 20.22 -12.75
C HIS C 146 -21.46 19.70 -12.62
N TYR C 147 -22.13 19.56 -13.77
CA TYR C 147 -23.47 19.01 -13.84
C TYR C 147 -23.47 17.78 -14.74
N CYS C 148 -24.15 16.73 -14.29
CA CYS C 148 -24.21 15.50 -15.04
C CYS C 148 -25.56 15.41 -15.74
N PRO C 149 -25.62 15.50 -17.07
CA PRO C 149 -26.92 15.34 -17.74
C PRO C 149 -27.55 13.98 -17.49
N ALA C 150 -26.74 12.93 -17.32
CA ALA C 150 -27.31 11.60 -17.16
C ALA C 150 -27.98 11.44 -15.81
N THR C 151 -27.21 11.59 -14.73
CA THR C 151 -27.70 11.30 -13.39
C THR C 151 -28.48 12.45 -12.78
N LYS C 152 -28.58 13.58 -13.49
CA LYS C 152 -29.32 14.75 -13.01
C LYS C 152 -28.81 15.21 -11.65
N LYS C 153 -27.50 15.12 -11.46
CA LYS C 153 -26.86 15.52 -10.22
C LYS C 153 -25.83 16.61 -10.50
N THR C 154 -25.56 17.42 -9.47
CA THR C 154 -24.62 18.53 -9.56
C THR C 154 -23.51 18.32 -8.53
N ILE C 155 -22.27 18.43 -8.98
CA ILE C 155 -21.10 18.22 -8.13
C ILE C 155 -20.24 19.46 -8.18
N GLU C 156 -19.82 19.93 -7.01
CA GLU C 156 -19.00 21.12 -6.88
C GLU C 156 -17.76 20.80 -6.05
N ARG C 157 -16.61 21.30 -6.48
CA ARG C 157 -15.35 20.98 -5.82
C ARG C 157 -14.53 22.25 -5.61
N ARG C 158 -13.85 22.30 -4.47
CA ARG C 158 -13.00 23.42 -4.07
C ARG C 158 -11.55 23.13 -4.42
N TYR C 159 -10.72 24.15 -4.29
CA TYR C 159 -9.28 23.99 -4.45
C TYR C 159 -8.51 24.92 -3.53
N VAL C 173 -7.02 15.61 -9.93
CA VAL C 173 -7.04 16.51 -11.08
C VAL C 173 -8.45 17.07 -11.26
N TYR C 174 -8.69 17.65 -12.42
CA TYR C 174 -10.01 18.18 -12.76
C TYR C 174 -10.99 17.02 -12.87
N PRO C 175 -12.17 17.12 -12.27
CA PRO C 175 -13.13 16.02 -12.39
C PRO C 175 -13.68 15.93 -13.80
N THR C 176 -13.38 14.81 -14.46
CA THR C 176 -13.84 14.57 -15.82
C THR C 176 -14.85 13.45 -15.92
N LYS C 177 -14.77 12.44 -15.07
CA LYS C 177 -15.72 11.35 -15.09
C LYS C 177 -16.48 11.30 -13.78
N ASP C 178 -17.74 10.90 -13.88
CA ASP C 178 -18.61 10.83 -12.72
C ASP C 178 -18.26 9.61 -11.87
N GLU C 179 -19.12 9.32 -10.88
CA GLU C 179 -18.91 8.13 -10.07
C GLU C 179 -18.95 6.86 -10.92
N GLU C 180 -19.81 6.83 -11.93
CA GLU C 180 -19.90 5.71 -12.86
C GLU C 180 -19.56 6.10 -14.29
N ASN C 181 -18.59 7.00 -14.46
CA ASN C 181 -18.01 7.34 -15.76
C ASN C 181 -19.02 7.90 -16.75
N ASN C 182 -20.07 8.56 -16.26
CA ASN C 182 -20.94 9.29 -17.17
C ASN C 182 -20.29 10.60 -17.57
N PRO C 183 -20.69 11.18 -18.70
CA PRO C 183 -20.11 12.48 -19.09
C PRO C 183 -20.51 13.58 -18.13
N LEU C 184 -19.64 14.57 -18.00
CA LEU C 184 -19.88 15.72 -17.14
C LEU C 184 -19.60 16.99 -17.94
N GLU C 185 -20.63 17.83 -18.09
CA GLU C 185 -20.50 19.12 -18.76
C GLU C 185 -20.58 20.20 -17.71
N THR C 186 -19.53 21.00 -17.57
CA THR C 186 -19.48 21.94 -16.47
C THR C 186 -20.34 23.17 -16.74
N GLU C 187 -21.01 23.66 -15.70
CA GLU C 187 -21.75 24.91 -15.75
C GLU C 187 -20.74 26.03 -15.49
N TYR C 188 -20.27 26.67 -16.56
CA TYR C 188 -19.24 27.69 -16.41
C TYR C 188 -19.75 28.87 -15.60
N GLY C 189 -20.98 29.32 -15.86
CA GLY C 189 -21.47 30.51 -15.19
C GLY C 189 -21.47 30.37 -13.68
N LEU C 190 -21.99 29.25 -13.17
CA LEU C 190 -21.99 29.05 -11.73
C LEU C 190 -20.59 28.89 -11.18
N SER C 191 -19.63 28.50 -12.00
CA SER C 191 -18.26 28.41 -11.55
C SER C 191 -17.69 29.80 -11.31
N VAL C 192 -16.81 29.91 -10.33
CA VAL C 192 -16.19 31.17 -9.95
C VAL C 192 -14.71 31.10 -10.33
N TYR C 193 -14.26 32.08 -11.09
CA TYR C 193 -12.86 32.19 -11.48
C TYR C 193 -12.35 33.55 -11.01
N LYS C 194 -11.17 33.55 -10.41
CA LYS C 194 -10.53 34.78 -9.96
C LYS C 194 -9.20 34.93 -10.64
N ASP C 195 -8.80 36.18 -10.88
CA ASP C 195 -7.54 36.44 -11.56
C ASP C 195 -6.36 36.32 -10.59
N HIS C 196 -5.18 36.06 -11.16
CA HIS C 196 -4.01 35.66 -10.42
C HIS C 196 -2.77 36.22 -11.09
N GLN C 197 -1.75 36.52 -10.30
CA GLN C 197 -0.52 37.05 -10.87
C GLN C 197 0.63 36.73 -9.94
N THR C 198 1.80 36.50 -10.53
CA THR C 198 3.00 36.17 -9.78
C THR C 198 4.03 37.28 -9.98
N ILE C 199 4.47 37.89 -8.88
CA ILE C 199 5.44 38.96 -8.93
C ILE C 199 6.58 38.61 -8.00
N THR C 200 7.70 39.31 -8.08
CA THR C 200 8.81 39.08 -7.12
C THR C 200 9.36 40.37 -6.38
N ILE C 201 10.02 40.31 -5.22
CA ILE C 201 10.77 41.49 -4.76
C ILE C 201 12.19 41.38 -4.23
N GLN C 202 13.00 42.42 -4.44
CA GLN C 202 14.40 42.59 -4.06
C GLN C 202 14.50 43.74 -3.07
N GLU C 203 15.43 43.62 -2.13
CA GLU C 203 15.58 44.65 -1.11
C GLU C 203 16.11 45.93 -1.74
N MET C 204 15.86 47.04 -1.06
CA MET C 204 16.18 48.35 -1.60
C MET C 204 17.67 48.45 -1.90
N PRO C 205 18.05 49.08 -3.02
CA PRO C 205 19.48 49.12 -3.37
C PRO C 205 20.36 49.76 -2.32
N GLU C 206 19.90 50.83 -1.68
CA GLU C 206 20.77 51.58 -0.79
C GLU C 206 21.02 50.86 0.53
N LYS C 207 20.05 50.10 1.02
CA LYS C 207 20.14 49.52 2.35
C LYS C 207 20.58 48.06 2.36
N ALA C 208 20.40 47.36 1.25
CA ALA C 208 20.88 45.99 1.17
C ALA C 208 22.39 45.99 0.95
N PRO C 209 23.15 45.38 1.87
CA PRO C 209 24.60 45.37 1.73
C PRO C 209 24.99 44.65 0.45
N ALA C 210 26.09 45.11 -0.15
CA ALA C 210 26.55 44.52 -1.40
C ALA C 210 27.42 43.29 -1.20
N GLY C 211 27.66 42.90 0.05
CA GLY C 211 28.54 41.77 0.31
C GLY C 211 27.90 40.43 0.13
N GLN C 212 26.72 40.23 0.73
CA GLN C 212 26.06 38.94 0.77
C GLN C 212 24.96 38.86 -0.27
N LEU C 213 24.51 37.64 -0.53
CA LEU C 213 23.62 37.31 -1.62
C LEU C 213 22.23 37.89 -1.41
N PRO C 214 21.52 38.23 -2.48
CA PRO C 214 20.21 38.85 -2.34
C PRO C 214 19.12 37.82 -2.03
N ARG C 215 18.13 38.29 -1.31
CA ARG C 215 16.96 37.47 -0.97
C ARG C 215 15.84 37.86 -1.92
N SER C 216 15.32 36.88 -2.65
CA SER C 216 14.14 37.08 -3.46
C SER C 216 12.95 36.37 -2.83
N VAL C 217 11.83 37.06 -2.75
CA VAL C 217 10.61 36.51 -2.18
C VAL C 217 9.52 36.56 -3.23
N ASP C 218 8.78 35.47 -3.37
CA ASP C 218 7.69 35.41 -4.32
C ASP C 218 6.40 35.92 -3.67
N VAL C 219 5.63 36.70 -4.43
CA VAL C 219 4.37 37.24 -3.95
C VAL C 219 3.28 36.87 -4.95
N ILE C 220 2.20 36.27 -4.46
CA ILE C 220 1.03 35.94 -5.24
C ILE C 220 -0.06 36.95 -4.90
N LEU C 221 -0.67 37.53 -5.92
CA LEU C 221 -1.74 38.51 -5.74
C LEU C 221 -3.07 37.90 -6.16
N ASP C 222 -4.10 38.16 -5.37
CA ASP C 222 -5.46 37.73 -5.68
C ASP C 222 -6.15 38.79 -6.54
N ASP C 223 -7.47 38.76 -6.58
CA ASP C 223 -8.21 39.76 -7.34
C ASP C 223 -7.96 41.15 -6.77
N ASP C 224 -8.27 42.16 -7.58
CA ASP C 224 -8.07 43.56 -7.23
C ASP C 224 -6.63 43.87 -6.87
N LEU C 225 -5.68 43.07 -7.34
CA LEU C 225 -4.28 43.34 -7.07
C LEU C 225 -3.41 43.20 -8.31
N VAL C 226 -3.97 42.76 -9.44
CA VAL C 226 -3.14 42.50 -10.60
C VAL C 226 -2.60 43.78 -11.20
N ASP C 227 -3.43 44.83 -11.25
CA ASP C 227 -3.04 46.07 -11.91
C ASP C 227 -2.65 47.16 -10.92
N LYS C 228 -2.73 46.88 -9.62
CA LYS C 228 -2.34 47.88 -8.64
C LYS C 228 -0.84 48.06 -8.57
N ALA C 229 -0.07 47.01 -8.80
CA ALA C 229 1.39 47.10 -8.79
C ALA C 229 1.92 46.55 -10.10
N LYS C 230 2.85 47.27 -10.70
CA LYS C 230 3.42 46.92 -11.99
C LYS C 230 4.93 46.85 -11.83
N PRO C 231 5.61 46.11 -12.70
CA PRO C 231 7.05 45.92 -12.53
C PRO C 231 7.78 47.25 -12.50
N GLY C 232 8.75 47.35 -11.61
CA GLY C 232 9.60 48.51 -11.54
C GLY C 232 9.22 49.54 -10.49
N ASP C 233 8.01 49.47 -9.95
CA ASP C 233 7.59 50.43 -8.95
C ASP C 233 8.13 50.03 -7.57
N ARG C 234 7.72 50.77 -6.56
CA ARG C 234 8.15 50.54 -5.18
C ARG C 234 6.92 50.26 -4.33
N VAL C 235 6.78 49.03 -3.83
CA VAL C 235 5.52 48.58 -3.26
C VAL C 235 5.73 47.96 -1.89
N GLN C 236 4.71 48.10 -1.05
CA GLN C 236 4.64 47.42 0.24
C GLN C 236 3.59 46.33 0.15
N VAL C 237 3.97 45.11 0.53
CA VAL C 237 3.08 43.95 0.43
C VAL C 237 2.88 43.39 1.83
N VAL C 238 1.62 43.17 2.20
CA VAL C 238 1.26 42.58 3.47
C VAL C 238 0.37 41.37 3.19
N GLY C 239 0.67 40.26 3.85
CA GLY C 239 -0.08 39.04 3.57
C GLY C 239 0.33 37.92 4.49
N THR C 240 -0.07 36.71 4.10
CA THR C 240 0.22 35.50 4.86
C THR C 240 1.39 34.77 4.23
N TYR C 241 2.37 34.38 5.05
CA TYR C 241 3.60 33.77 4.57
C TYR C 241 3.47 32.27 4.74
N ARG C 242 2.97 31.59 3.71
CA ARG C 242 2.65 30.17 3.80
C ARG C 242 3.68 29.38 3.01
N CYS C 243 3.48 28.07 2.95
CA CYS C 243 4.35 27.19 2.20
C CYS C 243 3.53 26.21 1.38
N LEU C 244 3.89 26.08 0.12
CA LEU C 244 3.31 25.02 -0.70
C LEU C 244 3.99 23.69 -0.40
N PRO C 245 3.26 22.58 -0.56
CA PRO C 245 3.92 21.29 -0.30
C PRO C 245 4.96 20.95 -1.36
N GLY C 254 9.36 17.33 -3.45
CA GLY C 254 10.62 17.30 -2.74
C GLY C 254 11.25 18.66 -2.55
N THR C 255 10.73 19.65 -3.28
CA THR C 255 11.22 21.02 -3.21
C THR C 255 10.22 21.87 -2.45
N PHE C 256 10.72 22.60 -1.44
CA PHE C 256 9.87 23.42 -0.59
C PHE C 256 10.20 24.89 -0.81
N ARG C 257 9.21 25.63 -1.30
CA ARG C 257 9.40 27.02 -1.63
C ARG C 257 8.42 27.88 -0.84
N THR C 258 8.91 28.99 -0.29
CA THR C 258 8.08 29.93 0.43
C THR C 258 7.42 30.88 -0.56
N VAL C 259 6.13 31.15 -0.35
CA VAL C 259 5.39 32.11 -1.13
C VAL C 259 4.64 33.01 -0.17
N LEU C 260 4.21 34.16 -0.67
CA LEU C 260 3.50 35.14 0.15
C LEU C 260 2.18 35.49 -0.51
N ILE C 261 1.08 34.98 0.05
CA ILE C 261 -0.26 35.29 -0.43
C ILE C 261 -0.65 36.64 0.14
N ALA C 262 -0.89 37.61 -0.72
CA ALA C 262 -0.97 38.98 -0.27
C ALA C 262 -2.42 39.40 -0.03
N CYS C 263 -2.58 40.42 0.80
CA CYS C 263 -3.90 40.96 1.09
C CYS C 263 -4.01 42.45 0.86
N ASN C 264 -2.90 43.17 0.74
CA ASN C 264 -2.95 44.60 0.48
C ASN C 264 -1.67 45.02 -0.21
N VAL C 265 -1.79 45.77 -1.30
CA VAL C 265 -0.65 46.30 -2.02
C VAL C 265 -0.84 47.80 -2.19
N LYS C 266 0.17 48.56 -1.84
CA LYS C 266 0.12 50.01 -1.94
C LYS C 266 1.42 50.53 -2.54
N GLN C 267 1.27 51.53 -3.37
CA GLN C 267 2.42 52.05 -4.03
C GLN C 267 3.15 52.88 -3.11
N MET C 268 4.39 53.12 -3.44
CA MET C 268 5.25 53.87 -2.55
C MET C 268 5.81 55.20 -2.92
N SER C 269 6.87 55.18 -3.71
CA SER C 269 7.67 56.34 -4.14
C SER C 269 7.19 57.76 -4.03
N LYS C 270 6.92 58.23 -2.82
CA LYS C 270 6.48 59.60 -2.62
C LYS C 270 7.65 60.46 -3.07
N ASP C 271 8.83 60.14 -2.54
CA ASP C 271 10.03 60.79 -2.91
C ASP C 271 10.64 60.01 -4.05
N GLU C 279 17.46 63.72 14.56
CA GLU C 279 18.46 63.61 13.50
C GLU C 279 19.47 64.73 13.60
N ASP C 280 20.54 64.61 12.82
CA ASP C 280 21.60 65.61 12.80
C ASP C 280 21.40 66.61 11.68
N ILE C 281 20.27 66.55 10.97
CA ILE C 281 20.02 67.45 9.86
C ILE C 281 19.98 68.89 10.34
N ALA C 282 19.40 69.11 11.52
CA ALA C 282 19.30 70.47 12.05
C ALA C 282 20.69 71.07 12.28
N LYS C 283 21.63 70.28 12.79
CA LYS C 283 23.01 70.72 12.84
C LYS C 283 23.56 70.95 11.45
N ILE C 284 23.27 70.04 10.52
CA ILE C 284 23.72 70.20 9.14
C ILE C 284 23.08 71.44 8.52
N LYS C 285 21.77 71.61 8.76
CA LYS C 285 21.10 72.81 8.25
C LYS C 285 21.73 74.07 8.78
N LYS C 286 22.07 74.10 10.07
CA LYS C 286 22.64 75.30 10.68
C LYS C 286 24.06 75.54 10.16
N PHE C 287 24.84 74.48 9.96
CA PHE C 287 26.18 74.65 9.41
C PHE C 287 26.10 75.14 7.97
N SER C 288 25.08 74.71 7.23
CA SER C 288 24.97 75.00 5.82
C SER C 288 24.26 76.31 5.51
N LYS C 289 24.23 77.26 6.45
CA LYS C 289 23.68 78.57 6.14
C LYS C 289 24.57 79.30 5.14
N THR C 290 23.94 79.89 4.13
CA THR C 290 24.67 80.57 3.07
C THR C 290 25.18 81.95 3.48
N ARG C 291 24.71 82.48 4.62
CA ARG C 291 25.10 83.83 5.01
C ARG C 291 26.54 83.90 5.49
N SER C 292 27.11 82.77 5.93
CA SER C 292 28.48 82.75 6.42
C SER C 292 29.47 82.93 5.29
N LYS C 293 29.49 81.98 4.36
CA LYS C 293 30.44 82.02 3.25
C LYS C 293 29.82 81.29 2.07
N ASP C 294 30.58 81.23 0.97
CA ASP C 294 30.12 80.60 -0.27
C ASP C 294 30.47 79.13 -0.21
N ILE C 295 29.47 78.27 0.06
CA ILE C 295 29.72 76.85 0.19
C ILE C 295 29.82 76.19 -1.18
N PHE C 296 29.26 76.82 -2.21
CA PHE C 296 29.26 76.23 -3.55
C PHE C 296 30.68 76.00 -4.04
N ASP C 297 31.61 76.88 -3.68
CA ASP C 297 33.00 76.75 -4.10
C ASP C 297 33.60 75.42 -3.67
N GLN C 298 33.41 75.02 -2.42
CA GLN C 298 33.89 73.73 -1.96
C GLN C 298 32.93 72.61 -2.33
N LEU C 299 31.64 72.93 -2.47
CA LEU C 299 30.65 71.90 -2.75
C LEU C 299 30.96 71.18 -4.05
N ALA C 300 31.32 71.93 -5.10
CA ALA C 300 31.63 71.30 -6.37
C ALA C 300 32.84 70.40 -6.27
N LYS C 301 33.85 70.82 -5.52
CA LYS C 301 35.05 70.01 -5.36
C LYS C 301 34.82 68.80 -4.48
N SER C 302 33.67 68.70 -3.83
CA SER C 302 33.46 67.63 -2.86
C SER C 302 33.25 66.27 -3.52
N LEU C 303 33.10 66.22 -4.84
CA LEU C 303 32.78 64.97 -5.53
C LEU C 303 34.00 64.32 -6.17
N ALA C 304 35.06 65.08 -6.42
CA ALA C 304 36.26 64.59 -7.10
C ALA C 304 37.45 64.88 -6.21
N PRO C 305 37.62 64.11 -5.14
CA PRO C 305 38.65 64.45 -4.16
C PRO C 305 40.05 64.34 -4.71
N SER C 306 40.31 63.39 -5.59
CA SER C 306 41.67 63.10 -6.06
C SER C 306 41.80 63.34 -7.55
N ILE C 307 41.09 64.35 -8.05
CA ILE C 307 41.14 64.71 -9.46
C ILE C 307 41.33 66.22 -9.56
N HIS C 308 42.48 66.63 -10.09
CA HIS C 308 42.72 68.04 -10.31
C HIS C 308 42.05 68.45 -11.63
N GLY C 309 41.53 69.67 -11.66
CA GLY C 309 40.97 70.21 -12.89
C GLY C 309 39.57 69.70 -13.19
N HIS C 310 39.13 69.99 -14.42
CA HIS C 310 37.77 69.67 -14.87
C HIS C 310 36.73 70.16 -13.87
N ASP C 311 36.96 71.33 -13.30
CA ASP C 311 36.01 71.89 -12.34
C ASP C 311 34.65 72.11 -12.97
N TYR C 312 34.61 72.46 -14.25
CA TYR C 312 33.33 72.59 -14.94
C TYR C 312 32.61 71.25 -14.96
N VAL C 313 33.35 70.18 -15.21
CA VAL C 313 32.74 68.84 -15.19
C VAL C 313 32.17 68.56 -13.82
N LYS C 314 32.89 68.97 -12.77
CA LYS C 314 32.39 68.74 -11.42
C LYS C 314 31.04 69.42 -11.23
N LYS C 315 30.90 70.64 -11.72
CA LYS C 315 29.63 71.34 -11.56
C LYS C 315 28.51 70.59 -12.28
N ALA C 316 28.79 70.11 -13.49
CA ALA C 316 27.79 69.34 -14.21
C ALA C 316 27.43 68.07 -13.46
N ILE C 317 28.44 67.38 -12.92
CA ILE C 317 28.16 66.16 -12.18
C ILE C 317 27.37 66.46 -10.92
N LEU C 318 27.71 67.58 -10.26
CA LEU C 318 26.89 68.04 -9.14
C LEU C 318 25.47 68.34 -9.62
N CYS C 319 25.34 68.90 -10.81
CA CYS C 319 24.02 69.18 -11.35
C CYS C 319 23.23 67.90 -11.57
N LEU C 320 23.89 66.87 -12.10
CA LEU C 320 23.16 65.65 -12.47
C LEU C 320 22.54 64.98 -11.26
N LEU C 321 23.28 64.90 -10.16
CA LEU C 321 22.73 64.29 -8.97
C LEU C 321 21.53 65.06 -8.47
N LEU C 322 21.64 66.38 -8.40
CA LEU C 322 20.57 67.21 -7.90
C LEU C 322 19.48 67.33 -8.96
N GLY C 323 18.62 68.32 -8.82
CA GLY C 323 17.64 68.64 -9.83
C GLY C 323 16.36 67.87 -9.63
N GLY C 324 15.26 68.49 -10.04
CA GLY C 324 13.96 67.85 -9.92
C GLY C 324 13.72 66.82 -11.00
N VAL C 325 12.81 65.89 -10.70
CA VAL C 325 12.55 64.76 -11.58
C VAL C 325 11.07 64.61 -11.89
N GLU C 326 10.26 65.62 -11.57
CA GLU C 326 8.83 65.54 -11.83
C GLU C 326 8.26 66.94 -11.89
N ARG C 327 7.51 67.24 -12.96
CA ARG C 327 6.86 68.53 -13.12
C ARG C 327 5.38 68.33 -13.41
N ASP C 328 4.55 69.21 -12.83
CA ASP C 328 3.09 69.11 -12.96
C ASP C 328 2.68 69.59 -14.35
N LEU C 329 2.89 68.72 -15.34
CA LEU C 329 2.56 69.02 -16.73
C LEU C 329 1.13 68.53 -16.97
N GLU C 330 0.16 69.43 -16.82
CA GLU C 330 -1.24 69.04 -16.85
C GLU C 330 -1.71 68.82 -18.28
N ASN C 331 -2.59 67.83 -18.47
CA ASN C 331 -3.22 67.54 -19.75
C ASN C 331 -2.20 67.25 -20.84
N GLY C 332 -1.15 66.51 -20.47
CA GLY C 332 -0.12 66.15 -21.44
C GLY C 332 1.19 65.88 -20.74
N SER C 333 2.26 65.89 -21.53
CA SER C 333 3.60 65.78 -20.99
C SER C 333 4.57 66.46 -21.95
N HIS C 334 5.71 66.86 -21.40
CA HIS C 334 6.77 67.54 -22.13
C HIS C 334 8.07 67.30 -21.38
N ILE C 335 9.10 68.06 -21.70
CA ILE C 335 10.41 67.86 -21.08
C ILE C 335 10.26 67.91 -19.55
N ARG C 336 10.92 66.96 -18.89
CA ARG C 336 10.88 66.85 -17.43
C ARG C 336 12.28 66.67 -16.89
N GLY C 337 12.39 66.18 -15.66
CA GLY C 337 13.67 65.98 -15.00
C GLY C 337 14.49 64.83 -15.52
N ASP C 338 14.25 64.42 -16.75
CA ASP C 338 14.97 63.34 -17.42
C ASP C 338 16.33 63.79 -17.98
N ILE C 339 16.87 64.89 -17.48
CA ILE C 339 18.05 65.50 -18.10
C ILE C 339 19.31 64.76 -17.67
N ASN C 340 20.20 64.55 -18.63
CA ASN C 340 21.32 63.63 -18.48
C ASN C 340 22.59 64.17 -19.13
N ILE C 341 23.72 63.57 -18.77
CA ILE C 341 25.04 64.01 -19.22
C ILE C 341 25.82 62.82 -19.76
N LEU C 342 26.43 63.01 -20.94
CA LEU C 342 27.30 62.03 -21.59
C LEU C 342 28.75 62.47 -21.42
N LEU C 343 29.64 61.50 -21.27
CA LEU C 343 31.06 61.80 -21.12
C LEU C 343 31.88 60.94 -22.07
N ILE C 344 32.45 61.57 -23.09
CA ILE C 344 33.35 60.93 -24.03
C ILE C 344 34.68 61.68 -23.96
N GLY C 345 35.76 60.94 -23.82
CA GLY C 345 37.07 61.57 -23.77
C GLY C 345 38.17 60.54 -23.79
N ASP C 346 39.39 61.04 -23.74
CA ASP C 346 40.59 60.24 -23.82
C ASP C 346 40.73 59.35 -22.58
N PRO C 347 41.47 58.25 -22.68
CA PRO C 347 41.62 57.37 -21.52
C PRO C 347 42.40 58.04 -20.41
N SER C 348 42.21 57.55 -19.19
CA SER C 348 42.91 58.00 -17.99
C SER C 348 42.68 59.46 -17.71
N VAL C 349 41.65 60.07 -18.29
CA VAL C 349 41.31 61.45 -18.02
C VAL C 349 40.14 61.51 -17.02
N ALA C 350 40.05 60.51 -16.15
CA ALA C 350 39.02 60.30 -15.15
C ALA C 350 37.69 59.97 -15.83
N LYS C 351 37.69 59.68 -17.12
CA LYS C 351 36.44 59.31 -17.78
C LYS C 351 35.88 58.03 -17.16
N SER C 352 36.74 57.04 -16.96
CA SER C 352 36.30 55.82 -16.29
C SER C 352 36.18 56.04 -14.79
N GLN C 353 37.04 56.90 -14.23
CA GLN C 353 37.13 57.01 -12.78
C GLN C 353 35.97 57.79 -12.18
N LEU C 354 35.51 58.85 -12.85
CA LEU C 354 34.48 59.70 -12.26
C LEU C 354 33.18 58.95 -12.03
N LEU C 355 32.90 57.94 -12.85
CA LEU C 355 31.68 57.17 -12.64
C LEU C 355 31.71 56.50 -11.28
N ARG C 356 32.87 55.98 -10.87
CA ARG C 356 32.96 55.27 -9.61
C ARG C 356 32.68 56.18 -8.44
N TYR C 357 33.08 57.45 -8.53
CA TYR C 357 32.81 58.39 -7.45
C TYR C 357 31.31 58.60 -7.28
N VAL C 358 30.58 58.67 -8.39
CA VAL C 358 29.13 58.79 -8.31
C VAL C 358 28.53 57.50 -7.76
N LEU C 359 29.03 56.37 -8.24
CA LEU C 359 28.51 55.08 -7.80
C LEU C 359 28.71 54.88 -6.30
N CYS C 360 29.86 55.32 -5.77
CA CYS C 360 30.14 55.11 -4.36
C CYS C 360 29.19 55.92 -3.48
N THR C 361 29.05 57.21 -3.76
CA THR C 361 28.17 58.07 -2.99
C THR C 361 26.84 58.26 -3.73
N ALA C 362 26.14 57.15 -3.89
CA ALA C 362 25.02 57.07 -4.84
C ALA C 362 23.68 57.17 -4.14
N PRO C 363 22.91 58.23 -4.34
CA PRO C 363 21.53 58.25 -3.85
C PRO C 363 20.60 57.53 -4.82
N ARG C 364 20.25 56.28 -4.48
CA ARG C 364 19.34 55.47 -5.28
C ARG C 364 19.90 55.24 -6.68
N ALA C 365 21.15 54.77 -6.76
CA ALA C 365 21.78 54.59 -8.05
C ALA C 365 22.29 53.16 -8.20
N ILE C 366 22.19 52.65 -9.43
CA ILE C 366 22.54 51.26 -9.71
C ILE C 366 23.58 51.26 -10.82
N PRO C 367 24.62 50.45 -10.72
CA PRO C 367 25.63 50.40 -11.78
C PRO C 367 25.26 49.41 -12.87
N THR C 368 25.65 49.77 -14.09
CA THR C 368 25.57 48.86 -15.22
C THR C 368 26.60 49.31 -16.24
N THR C 369 27.08 48.35 -17.02
CA THR C 369 28.18 48.60 -17.92
C THR C 369 28.10 47.66 -19.10
N GLY C 370 28.79 48.02 -20.18
CA GLY C 370 28.94 47.16 -21.32
C GLY C 370 27.63 46.61 -21.86
N ARG C 371 27.67 45.37 -22.34
CA ARG C 371 26.49 44.80 -22.97
C ARG C 371 25.33 44.69 -21.98
N GLY C 372 25.60 44.13 -20.81
CA GLY C 372 24.59 44.06 -19.78
C GLY C 372 23.34 43.35 -20.22
N SER C 373 23.48 42.19 -20.85
CA SER C 373 22.32 41.46 -21.36
C SER C 373 21.51 40.90 -20.21
N SER C 374 20.72 41.76 -19.57
CA SER C 374 19.89 41.37 -18.44
C SER C 374 18.45 41.78 -18.68
N GLY C 375 18.14 42.12 -19.93
CA GLY C 375 16.77 42.47 -20.28
C GLY C 375 16.29 43.80 -19.76
N VAL C 376 16.73 44.90 -20.41
CA VAL C 376 16.24 46.23 -20.06
C VAL C 376 14.72 46.28 -20.20
N GLY C 377 14.18 45.54 -21.14
CA GLY C 377 12.76 45.31 -21.20
C GLY C 377 12.42 43.94 -21.75
N LEU C 378 13.30 42.97 -21.56
CA LEU C 378 13.17 41.70 -22.23
C LEU C 378 12.56 40.66 -21.31
N THR C 379 12.05 39.58 -21.92
CA THR C 379 11.44 38.51 -21.15
C THR C 379 12.24 37.22 -21.20
N ALA C 380 13.16 37.11 -22.16
CA ALA C 380 13.98 35.93 -22.44
C ALA C 380 13.15 34.73 -22.91
N ALA C 381 11.82 34.87 -23.00
CA ALA C 381 10.93 33.81 -23.45
C ALA C 381 11.13 32.51 -22.65
N VAL C 382 10.94 32.63 -21.34
CA VAL C 382 11.09 31.48 -20.47
C VAL C 382 9.93 30.52 -20.68
N THR C 383 10.24 29.27 -21.00
CA THR C 383 9.21 28.27 -21.24
C THR C 383 8.79 27.61 -19.94
N THR C 384 7.86 26.65 -20.05
CA THR C 384 7.20 25.94 -18.95
C THR C 384 6.95 26.88 -17.77
N ASP C 385 6.43 28.07 -18.06
CA ASP C 385 6.28 29.12 -17.06
C ASP C 385 5.16 30.07 -17.46
N ARG C 391 7.36 32.87 -19.03
CA ARG C 391 7.25 34.09 -19.82
C ARG C 391 7.03 35.32 -18.95
N ARG C 392 7.85 35.44 -17.91
CA ARG C 392 7.77 36.55 -16.98
C ARG C 392 8.47 37.78 -17.57
N LEU C 393 8.27 38.93 -16.95
CA LEU C 393 8.77 40.23 -17.45
C LEU C 393 9.87 40.72 -16.52
N GLU C 394 11.12 40.40 -16.84
CA GLU C 394 12.23 40.80 -15.98
C GLU C 394 12.69 42.22 -16.25
N ALA C 395 12.33 43.14 -15.36
CA ALA C 395 12.71 44.54 -15.52
C ALA C 395 14.23 44.69 -15.46
N GLY C 396 14.74 45.60 -16.26
CA GLY C 396 16.17 45.80 -16.40
C GLY C 396 16.73 46.91 -15.53
N ALA C 397 17.94 47.32 -15.87
CA ALA C 397 18.67 48.27 -15.02
C ALA C 397 18.00 49.63 -15.00
N MET C 398 17.68 50.18 -16.17
CA MET C 398 17.07 51.51 -16.22
C MET C 398 15.74 51.57 -15.51
N VAL C 399 15.02 50.45 -15.40
CA VAL C 399 13.75 50.41 -14.70
C VAL C 399 13.94 50.39 -13.20
N LEU C 400 14.93 49.63 -12.73
CA LEU C 400 15.15 49.51 -11.29
C LEU C 400 15.60 50.81 -10.67
N ALA C 401 16.03 51.77 -11.48
CA ALA C 401 16.59 53.02 -10.99
C ALA C 401 15.62 54.19 -11.12
N ASP C 402 14.33 53.94 -10.90
CA ASP C 402 13.34 55.00 -11.06
C ASP C 402 13.66 56.18 -10.15
N ARG C 403 13.59 57.38 -10.72
CA ARG C 403 13.83 58.62 -9.97
C ARG C 403 15.19 58.61 -9.30
N GLY C 404 16.21 58.20 -10.04
CA GLY C 404 17.55 58.20 -9.52
C GLY C 404 18.57 58.64 -10.54
N VAL C 405 19.78 58.09 -10.48
CA VAL C 405 20.79 58.32 -11.48
C VAL C 405 21.39 56.96 -11.86
N VAL C 406 21.62 56.76 -13.16
CA VAL C 406 22.12 55.51 -13.69
C VAL C 406 23.54 55.74 -14.20
N CYS C 407 24.46 54.89 -13.76
CA CYS C 407 25.85 54.97 -14.19
C CYS C 407 26.11 53.90 -15.23
N ILE C 408 26.56 54.32 -16.41
CA ILE C 408 26.76 53.42 -17.54
C ILE C 408 28.17 53.62 -18.05
N ASP C 409 28.91 52.51 -18.19
CA ASP C 409 30.27 52.54 -18.69
C ASP C 409 30.33 51.85 -20.03
N GLU C 410 31.14 52.40 -20.94
CA GLU C 410 31.30 51.88 -22.30
C GLU C 410 29.95 51.84 -23.03
N PHE C 411 29.38 53.03 -23.21
CA PHE C 411 28.10 53.13 -23.90
C PHE C 411 28.17 52.54 -25.30
N ASP C 412 29.25 52.79 -26.02
CA ASP C 412 29.37 52.29 -27.39
C ASP C 412 29.42 50.77 -27.43
N LYS C 413 29.65 50.12 -26.29
CA LYS C 413 29.67 48.67 -26.26
C LYS C 413 28.28 48.06 -26.44
N MET C 414 27.22 48.81 -26.10
CA MET C 414 25.88 48.25 -26.20
C MET C 414 25.49 48.01 -27.65
N SER C 415 24.71 46.95 -27.86
CA SER C 415 24.41 46.52 -29.21
C SER C 415 23.27 47.36 -29.80
N ASP C 416 23.08 47.18 -31.11
CA ASP C 416 22.02 47.91 -31.80
C ASP C 416 20.65 47.58 -31.24
N MET C 417 20.49 46.35 -30.74
CA MET C 417 19.20 45.97 -30.15
C MET C 417 18.85 46.88 -28.99
N ASP C 418 19.82 47.15 -28.11
CA ASP C 418 19.61 48.13 -27.06
C ASP C 418 19.52 49.53 -27.64
N ARG C 419 20.31 49.82 -28.68
CA ARG C 419 20.33 51.17 -29.22
C ARG C 419 18.95 51.59 -29.70
N THR C 420 18.22 50.68 -30.34
CA THR C 420 16.86 51.02 -30.76
C THR C 420 15.98 51.30 -29.57
N ALA C 421 16.06 50.47 -28.53
CA ALA C 421 15.22 50.67 -27.35
C ALA C 421 15.63 51.92 -26.59
N ILE C 422 16.93 52.10 -26.37
CA ILE C 422 17.37 53.15 -25.47
C ILE C 422 17.04 54.53 -25.99
N HIS C 423 16.86 54.69 -27.30
CA HIS C 423 16.53 56.00 -27.84
C HIS C 423 15.16 56.47 -27.36
N GLU C 424 14.18 55.58 -27.39
CA GLU C 424 12.84 55.97 -27.01
C GLU C 424 12.71 56.20 -25.51
N VAL C 425 13.53 55.54 -24.71
CA VAL C 425 13.33 55.57 -23.26
C VAL C 425 13.49 56.98 -22.73
N MET C 426 14.52 57.70 -23.19
CA MET C 426 14.82 58.99 -22.62
C MET C 426 13.74 60.01 -22.93
N GLU C 427 13.10 59.91 -24.09
CA GLU C 427 12.20 60.97 -24.53
C GLU C 427 10.88 60.93 -23.77
N GLN C 428 10.11 59.85 -23.93
CA GLN C 428 8.80 59.77 -23.27
C GLN C 428 8.93 59.43 -21.79
N GLY C 429 9.97 58.70 -21.42
CA GLY C 429 10.17 58.34 -20.03
C GLY C 429 9.68 56.98 -19.63
N ARG C 430 9.30 56.12 -20.58
CA ARG C 430 8.90 54.76 -20.26
C ARG C 430 9.53 53.82 -21.27
N VAL C 431 9.68 52.55 -20.87
CA VAL C 431 10.24 51.52 -21.73
C VAL C 431 9.07 50.67 -22.25
N THR C 432 8.97 50.55 -23.56
CA THR C 432 7.90 49.78 -24.17
C THR C 432 8.36 48.34 -24.32
N ILE C 433 7.53 47.40 -23.85
CA ILE C 433 7.80 45.98 -23.99
C ILE C 433 6.92 45.48 -25.12
N ALA C 434 7.54 44.90 -26.14
CA ALA C 434 6.82 44.49 -27.35
C ALA C 434 7.06 43.00 -27.55
N LYS C 435 6.11 42.19 -27.08
CA LYS C 435 6.10 40.77 -27.34
C LYS C 435 4.74 40.36 -27.89
N ALA C 436 4.56 39.05 -28.09
CA ALA C 436 3.34 38.53 -28.70
C ALA C 436 2.18 38.54 -27.71
N GLY C 437 1.50 39.67 -27.60
CA GLY C 437 0.36 39.77 -26.70
C GLY C 437 0.66 40.58 -25.46
N ILE C 438 1.93 40.67 -25.10
CA ILE C 438 2.37 41.37 -23.89
C ILE C 438 2.72 42.78 -24.31
N HIS C 439 1.86 43.73 -24.00
CA HIS C 439 2.12 45.14 -24.29
C HIS C 439 1.93 45.92 -23.00
N ALA C 440 3.02 46.44 -22.45
CA ALA C 440 2.95 47.27 -21.25
C ALA C 440 4.18 48.16 -21.20
N ARG C 441 4.01 49.38 -20.71
CA ARG C 441 5.12 50.29 -20.52
C ARG C 441 5.39 50.41 -19.03
N LEU C 442 6.67 50.27 -18.67
CA LEU C 442 7.10 50.43 -17.29
C LEU C 442 7.61 51.85 -17.08
N ASN C 443 7.36 52.38 -15.89
CA ASN C 443 7.84 53.71 -15.58
C ASN C 443 9.36 53.74 -15.61
N ALA C 444 9.90 54.73 -16.31
CA ALA C 444 11.34 54.91 -16.47
C ALA C 444 11.71 56.36 -16.22
N ARG C 445 11.14 56.93 -15.17
CA ARG C 445 11.38 58.32 -14.81
C ARG C 445 12.84 58.41 -14.36
N CYS C 446 13.75 58.47 -15.35
CA CYS C 446 15.14 58.22 -15.05
C CYS C 446 16.07 59.18 -15.75
N SER C 447 17.32 59.19 -15.31
CA SER C 447 18.41 59.96 -15.88
C SER C 447 19.58 59.04 -16.22
N VAL C 448 20.47 59.51 -17.09
CA VAL C 448 21.57 58.70 -17.59
C VAL C 448 22.88 59.44 -17.42
N LEU C 449 23.89 58.78 -16.89
CA LEU C 449 25.25 59.29 -16.88
C LEU C 449 26.11 58.29 -17.62
N ALA C 450 26.34 58.54 -18.91
CA ALA C 450 26.94 57.55 -19.77
C ALA C 450 28.37 57.93 -20.12
N ALA C 451 29.23 56.92 -20.21
CA ALA C 451 30.61 57.13 -20.62
C ALA C 451 31.00 56.03 -21.58
N ALA C 452 31.79 56.40 -22.59
CA ALA C 452 32.23 55.45 -23.60
C ALA C 452 33.56 55.90 -24.16
N ASN C 453 34.46 54.95 -24.31
CA ASN C 453 35.76 55.25 -24.86
C ASN C 453 35.67 55.51 -26.35
N PRO C 454 36.40 56.50 -26.85
CA PRO C 454 36.33 56.83 -28.28
C PRO C 454 36.94 55.77 -29.18
N VAL C 455 36.51 54.51 -29.01
CA VAL C 455 37.02 53.34 -29.72
C VAL C 455 38.52 53.48 -29.97
N TYR C 456 38.86 54.15 -31.07
CA TYR C 456 40.27 54.41 -31.41
C TYR C 456 40.60 55.89 -31.55
N GLY C 457 39.62 56.79 -31.47
CA GLY C 457 39.89 58.19 -31.58
C GLY C 457 40.85 58.67 -30.51
N ARG C 458 41.83 59.47 -30.93
CA ARG C 458 42.90 59.92 -30.05
C ARG C 458 42.81 61.38 -29.65
N TYR C 459 42.63 62.29 -30.61
CA TYR C 459 42.65 63.72 -30.28
C TYR C 459 41.24 64.32 -30.35
N ASP C 460 40.49 63.99 -31.41
CA ASP C 460 39.12 64.45 -31.62
C ASP C 460 39.06 65.98 -31.54
N GLN C 461 39.78 66.59 -32.48
CA GLN C 461 39.83 68.04 -32.59
C GLN C 461 39.76 68.55 -34.02
N TYR C 462 40.17 67.74 -35.00
CA TYR C 462 40.15 68.19 -36.39
C TYR C 462 38.85 67.78 -37.07
N LYS C 463 38.30 66.64 -36.67
CA LYS C 463 37.06 66.13 -37.22
C LYS C 463 35.93 66.38 -36.23
N THR C 464 34.74 66.67 -36.75
CA THR C 464 33.62 67.05 -35.91
C THR C 464 33.22 65.89 -35.01
N PRO C 465 33.00 66.14 -33.71
CA PRO C 465 32.66 65.05 -32.77
C PRO C 465 31.36 64.34 -33.13
N MET C 466 30.56 64.95 -33.99
CA MET C 466 29.33 64.32 -34.45
C MET C 466 29.57 62.97 -35.11
N GLU C 467 30.77 62.77 -35.69
CA GLU C 467 31.11 61.50 -36.32
C GLU C 467 32.42 60.93 -35.82
N ASN C 468 33.25 61.71 -35.13
CA ASN C 468 34.53 61.19 -34.68
C ASN C 468 34.37 60.25 -33.50
N ILE C 469 33.24 60.32 -32.81
CA ILE C 469 32.95 59.43 -31.70
C ILE C 469 32.22 58.17 -32.16
N GLY C 470 32.08 57.99 -33.47
CA GLY C 470 31.35 56.88 -34.02
C GLY C 470 29.86 57.10 -33.99
N LEU C 471 29.35 57.63 -32.89
CA LEU C 471 27.93 57.92 -32.75
C LEU C 471 27.56 59.07 -33.68
N GLN C 472 27.04 58.73 -34.86
CA GLN C 472 26.51 59.70 -35.80
C GLN C 472 25.01 59.90 -35.57
N ASP C 473 24.41 58.99 -34.80
CA ASP C 473 22.96 58.93 -34.65
C ASP C 473 22.44 60.21 -34.01
N SER C 474 21.12 60.41 -34.08
CA SER C 474 20.53 61.63 -33.54
C SER C 474 20.49 61.59 -32.02
N LEU C 475 21.02 60.54 -31.41
CA LEU C 475 21.02 60.42 -29.96
C LEU C 475 21.73 61.60 -29.33
N LEU C 476 22.76 62.12 -30.00
CA LEU C 476 23.59 63.15 -29.42
C LEU C 476 22.78 64.38 -29.07
N SER C 477 21.83 64.75 -29.93
CA SER C 477 20.99 65.90 -29.66
C SER C 477 20.14 65.72 -28.41
N ARG C 478 19.77 64.49 -28.08
CA ARG C 478 18.89 64.26 -26.94
C ARG C 478 19.57 64.58 -25.63
N PHE C 479 20.82 64.18 -25.47
CA PHE C 479 21.59 64.52 -24.27
C PHE C 479 21.71 66.04 -24.14
N ASP C 480 21.67 66.50 -22.89
CA ASP C 480 21.87 67.93 -22.64
C ASP C 480 23.33 68.33 -22.82
N LEU C 481 24.24 67.51 -22.33
CA LEU C 481 25.64 67.92 -22.25
C LEU C 481 26.50 66.85 -22.90
N LEU C 482 27.58 67.28 -23.53
CA LEU C 482 28.53 66.38 -24.19
C LEU C 482 29.92 66.98 -24.03
N PHE C 483 30.61 66.59 -22.97
CA PHE C 483 31.95 67.10 -22.69
C PHE C 483 33.00 66.30 -23.45
N ILE C 484 34.00 67.00 -23.97
CA ILE C 484 35.13 66.38 -24.65
C ILE C 484 36.36 66.61 -23.78
N MET C 485 36.92 65.54 -23.25
CA MET C 485 38.06 65.62 -22.34
C MET C 485 39.33 65.21 -23.10
N LEU C 486 39.77 66.10 -23.98
CA LEU C 486 40.97 65.84 -24.77
C LEU C 486 42.23 66.08 -23.96
N ASP C 487 43.29 65.33 -24.28
CA ASP C 487 44.58 65.58 -23.66
C ASP C 487 45.39 66.54 -24.51
N GLN C 488 44.87 67.73 -24.75
CA GLN C 488 45.62 68.75 -25.46
C GLN C 488 46.91 69.02 -24.71
N MET C 489 48.01 69.14 -25.44
CA MET C 489 49.32 69.32 -24.82
C MET C 489 49.37 70.70 -24.18
N ASP C 490 49.06 70.75 -22.87
CA ASP C 490 49.02 71.99 -22.10
C ASP C 490 49.90 71.77 -20.88
N PRO C 491 51.22 71.77 -21.05
CA PRO C 491 52.11 71.38 -19.95
C PRO C 491 51.95 72.22 -18.70
N GLU C 492 51.58 73.49 -18.84
CA GLU C 492 51.38 74.31 -17.65
C GLU C 492 50.24 73.78 -16.80
N GLN C 493 49.08 73.53 -17.42
CA GLN C 493 47.96 72.98 -16.67
C GLN C 493 48.13 71.49 -16.42
N ASP C 494 48.71 70.76 -17.38
CA ASP C 494 48.82 69.32 -17.26
C ASP C 494 49.77 68.91 -16.15
N ARG C 495 50.81 69.69 -15.90
CA ARG C 495 51.79 69.33 -14.88
C ARG C 495 51.14 69.25 -13.51
N GLU C 496 50.26 70.20 -13.20
CA GLU C 496 49.64 70.23 -11.88
C GLU C 496 48.77 69.01 -11.65
N ILE C 497 48.14 68.48 -12.70
CA ILE C 497 47.28 67.32 -12.52
C ILE C 497 48.11 66.10 -12.10
N SER C 498 49.26 65.92 -12.72
CA SER C 498 50.07 64.72 -12.44
C SER C 498 50.59 64.72 -11.02
N ASP C 499 51.24 65.82 -10.60
CA ASP C 499 51.97 65.80 -9.34
C ASP C 499 51.05 66.03 -8.15
N HIS C 500 50.23 67.08 -8.21
CA HIS C 500 49.50 67.52 -7.03
C HIS C 500 48.49 66.46 -6.56
N VAL C 501 47.98 65.66 -7.49
CA VAL C 501 47.10 64.56 -7.11
C VAL C 501 47.85 63.55 -6.26
N LEU C 502 49.12 63.32 -6.60
CA LEU C 502 49.93 62.41 -5.81
C LEU C 502 50.19 62.96 -4.41
N ARG C 503 50.24 64.28 -4.26
CA ARG C 503 50.44 64.91 -2.96
C ARG C 503 49.16 64.97 -2.13
N MET C 504 48.02 64.59 -2.72
CA MET C 504 46.75 64.71 -2.02
C MET C 504 46.63 63.77 -0.83
N HIS C 505 47.55 62.82 -0.67
CA HIS C 505 47.48 61.89 0.47
C HIS C 505 47.45 62.59 1.81
N ARG C 506 48.12 63.75 1.92
CA ARG C 506 48.15 64.55 3.15
C ARG C 506 48.70 63.73 4.32
N TYR C 507 49.98 63.40 4.20
CA TYR C 507 50.69 62.62 5.22
C TYR C 507 50.65 63.36 6.56
N ARG C 508 50.88 64.67 6.52
CA ARG C 508 50.74 65.50 7.72
C ARG C 508 50.47 66.95 7.34
N SER C 564 34.72 65.39 3.28
CA SER C 564 33.43 65.32 3.93
C SER C 564 32.45 64.52 3.09
N ALA C 565 32.72 63.22 2.98
CA ALA C 565 31.95 62.36 2.08
C ALA C 565 30.48 62.30 2.50
N ALA C 566 30.23 62.12 3.80
CA ALA C 566 28.87 61.93 4.27
C ALA C 566 28.03 63.19 4.16
N PHE C 567 28.64 64.37 4.07
CA PHE C 567 27.87 65.62 4.08
C PHE C 567 26.94 65.70 2.88
N MET C 568 27.42 65.33 1.69
CA MET C 568 26.59 65.45 0.51
C MET C 568 25.36 64.55 0.60
N LYS C 569 25.54 63.38 1.23
CA LYS C 569 24.41 62.46 1.41
C LYS C 569 23.25 63.16 2.10
N LYS C 570 23.52 63.83 3.21
CA LYS C 570 22.49 64.54 3.94
C LYS C 570 21.94 65.70 3.12
N TYR C 571 22.80 66.39 2.37
CA TYR C 571 22.32 67.51 1.56
C TYR C 571 21.30 67.04 0.53
N ILE C 572 21.64 66.00 -0.24
CA ILE C 572 20.82 65.67 -1.39
C ILE C 572 19.43 65.21 -0.94
N HIS C 573 19.36 64.52 0.20
CA HIS C 573 18.06 64.06 0.67
C HIS C 573 17.14 65.24 0.98
N VAL C 574 17.68 66.28 1.61
CA VAL C 574 16.87 67.47 1.87
C VAL C 574 16.56 68.20 0.58
N ALA C 575 17.52 68.26 -0.34
CA ALA C 575 17.31 69.00 -1.57
C ALA C 575 16.24 68.36 -2.45
N LYS C 576 16.02 67.06 -2.30
CA LYS C 576 15.08 66.36 -3.16
C LYS C 576 13.65 66.83 -2.97
N ILE C 577 13.30 67.35 -1.80
CA ILE C 577 11.95 67.81 -1.53
C ILE C 577 11.80 69.31 -1.76
N ILE C 578 12.68 69.91 -2.55
CA ILE C 578 12.65 71.34 -2.83
C ILE C 578 12.15 71.55 -4.26
N LYS C 579 11.24 72.51 -4.43
CA LYS C 579 10.73 72.89 -5.74
C LYS C 579 11.04 74.36 -5.98
N PRO C 580 12.25 74.69 -6.41
CA PRO C 580 12.63 76.10 -6.57
C PRO C 580 11.86 76.81 -7.66
N VAL C 581 10.74 77.44 -7.31
CA VAL C 581 9.93 78.13 -8.30
C VAL C 581 10.74 79.27 -8.93
N LEU C 582 10.39 79.59 -10.17
CA LEU C 582 11.08 80.64 -10.90
C LEU C 582 10.43 82.00 -10.63
N THR C 583 11.23 83.05 -10.75
CA THR C 583 10.77 84.43 -10.63
C THR C 583 10.91 85.11 -11.98
N GLN C 584 9.85 85.79 -12.42
CA GLN C 584 9.83 86.34 -13.77
C GLN C 584 10.96 87.32 -13.99
N GLU C 585 11.20 88.19 -13.01
CA GLU C 585 12.33 89.12 -13.12
C GLU C 585 13.64 88.36 -13.21
N SER C 586 13.78 87.30 -12.41
CA SER C 586 14.94 86.43 -12.53
C SER C 586 14.94 85.71 -13.86
N ALA C 587 13.78 85.23 -14.29
CA ALA C 587 13.71 84.46 -15.53
C ALA C 587 14.12 85.29 -16.73
N THR C 588 13.66 86.54 -16.80
CA THR C 588 14.04 87.40 -17.91
C THR C 588 15.54 87.62 -17.95
N TYR C 589 16.17 87.66 -16.78
CA TYR C 589 17.62 87.86 -16.71
C TYR C 589 18.35 86.74 -17.44
N ILE C 590 17.79 85.53 -17.41
CA ILE C 590 18.39 84.41 -18.12
C ILE C 590 18.30 84.62 -19.62
N ALA C 591 17.13 85.08 -20.09
CA ALA C 591 16.99 85.35 -21.51
C ALA C 591 17.84 86.52 -21.96
N GLU C 592 18.07 87.49 -21.07
CA GLU C 592 18.77 88.72 -21.47
C GLU C 592 20.20 88.43 -21.91
N GLU C 593 20.93 87.60 -21.15
CA GLU C 593 22.26 87.18 -21.55
C GLU C 593 22.24 85.99 -22.51
N TYR C 594 21.12 85.28 -22.60
CA TYR C 594 21.00 84.18 -23.54
C TYR C 594 21.17 84.66 -24.98
N SER C 595 20.79 85.91 -25.24
CA SER C 595 20.88 86.44 -26.59
C SER C 595 22.32 86.46 -27.08
N ARG C 596 23.26 86.83 -26.20
CA ARG C 596 24.66 86.91 -26.60
C ARG C 596 25.19 85.54 -27.00
N LEU C 597 24.75 84.50 -26.28
CA LEU C 597 25.17 83.15 -26.63
C LEU C 597 24.56 82.72 -27.95
N ARG C 598 23.36 83.20 -28.26
CA ARG C 598 22.71 82.78 -29.49
C ARG C 598 23.51 83.23 -30.72
N SER C 599 24.05 84.44 -30.68
CA SER C 599 24.86 84.90 -31.80
C SER C 599 26.26 84.30 -31.79
N GLN C 600 26.71 83.79 -30.64
CA GLN C 600 28.07 83.25 -30.59
C GLN C 600 28.17 81.92 -31.30
N ASP C 601 27.18 81.05 -31.12
CA ASP C 601 27.20 79.73 -31.76
C ASP C 601 26.61 79.75 -33.17
N SER C 602 26.12 80.90 -33.63
CA SER C 602 25.58 80.97 -34.99
C SER C 602 26.65 80.65 -36.02
N MET C 603 27.85 81.17 -35.81
CA MET C 603 28.96 80.95 -36.73
C MET C 603 29.44 79.51 -36.69
N PRO C 612 25.77 70.59 -31.53
CA PRO C 612 25.37 71.89 -30.96
C PRO C 612 24.04 72.38 -31.49
N VAL C 613 23.03 72.34 -30.63
CA VAL C 613 21.65 72.67 -30.99
C VAL C 613 21.22 73.85 -30.13
N THR C 614 20.57 74.83 -30.75
CA THR C 614 20.04 75.94 -29.98
C THR C 614 18.58 75.71 -29.58
N ALA C 615 17.87 74.82 -30.29
CA ALA C 615 16.45 74.62 -30.05
C ALA C 615 16.15 73.93 -28.73
N ARG C 616 17.11 73.23 -28.14
CA ARG C 616 16.90 72.55 -26.86
C ARG C 616 17.50 73.34 -25.71
N THR C 617 18.49 74.17 -25.99
CA THR C 617 19.19 74.91 -24.93
C THR C 617 18.23 75.73 -24.10
N LEU C 618 17.16 76.23 -24.72
CA LEU C 618 16.21 77.04 -23.96
C LEU C 618 15.58 76.24 -22.83
N GLU C 619 15.28 74.96 -23.07
CA GLU C 619 14.57 74.18 -22.07
C GLU C 619 15.49 73.79 -20.91
N THR C 620 16.77 73.52 -21.20
CA THR C 620 17.67 73.07 -20.15
C THR C 620 18.09 74.20 -19.23
N LEU C 621 17.78 75.44 -19.60
CA LEU C 621 18.05 76.55 -18.69
C LEU C 621 17.19 76.44 -17.43
N ILE C 622 16.07 75.74 -17.52
CA ILE C 622 15.26 75.50 -16.31
C ILE C 622 16.05 74.65 -15.33
N ARG C 623 16.67 73.57 -15.82
CA ARG C 623 17.42 72.71 -14.92
C ARG C 623 18.57 73.46 -14.27
N LEU C 624 19.35 74.17 -15.08
CA LEU C 624 20.58 74.74 -14.58
C LEU C 624 20.29 75.78 -13.49
N ALA C 625 19.28 76.61 -13.68
CA ALA C 625 18.87 77.55 -12.65
C ALA C 625 18.36 76.81 -11.41
N THR C 626 17.62 75.74 -11.61
CA THR C 626 17.10 74.97 -10.48
C THR C 626 18.24 74.41 -9.63
N ALA C 627 19.32 73.98 -10.27
CA ALA C 627 20.41 73.35 -9.54
C ALA C 627 21.03 74.33 -8.54
N HIS C 628 21.22 75.58 -8.94
CA HIS C 628 21.91 76.53 -8.07
C HIS C 628 21.08 76.81 -6.81
N ALA C 629 19.77 77.00 -6.97
CA ALA C 629 18.92 77.21 -5.81
C ALA C 629 18.84 75.97 -4.94
N LYS C 630 18.89 74.79 -5.56
CA LYS C 630 18.85 73.55 -4.78
C LYS C 630 20.06 73.45 -3.86
N ALA C 631 21.19 73.97 -4.31
CA ALA C 631 22.37 74.00 -3.43
C ALA C 631 22.12 74.85 -2.21
N ARG C 632 21.42 75.97 -2.38
CA ARG C 632 21.13 76.86 -1.26
C ARG C 632 19.82 76.54 -0.56
N MET C 633 19.10 75.50 -0.99
CA MET C 633 17.75 75.20 -0.50
C MET C 633 16.82 76.39 -0.63
N SER C 634 17.16 77.35 -1.49
CA SER C 634 16.34 78.54 -1.64
C SER C 634 15.15 78.26 -2.55
N LYS C 635 14.01 78.83 -2.19
CA LYS C 635 12.80 78.69 -2.98
C LYS C 635 12.84 79.53 -4.25
N THR C 636 13.77 80.48 -4.34
CA THR C 636 13.85 81.38 -5.49
C THR C 636 15.26 81.36 -6.05
N VAL C 637 15.36 81.54 -7.36
CA VAL C 637 16.65 81.54 -8.04
C VAL C 637 17.33 82.88 -7.81
N ASP C 638 18.59 82.84 -7.39
CA ASP C 638 19.35 84.07 -7.20
C ASP C 638 19.94 84.51 -8.53
N LEU C 639 19.89 85.83 -8.77
CA LEU C 639 20.44 86.37 -10.02
C LEU C 639 21.93 86.09 -10.13
N GLN C 640 22.67 86.26 -9.04
CA GLN C 640 24.07 85.88 -9.03
C GLN C 640 24.24 84.40 -9.27
N ASP C 641 23.39 83.58 -8.65
CA ASP C 641 23.41 82.14 -8.93
C ASP C 641 23.03 81.86 -10.37
N ALA C 642 22.01 82.55 -10.87
CA ALA C 642 21.61 82.38 -12.26
C ALA C 642 22.71 82.81 -13.21
N GLU C 643 23.52 83.79 -12.82
CA GLU C 643 24.61 84.25 -13.67
C GLU C 643 25.60 83.11 -13.94
N GLU C 644 25.89 82.31 -12.92
CA GLU C 644 26.79 81.18 -13.12
C GLU C 644 26.14 80.12 -14.01
N ALA C 645 24.81 80.04 -14.00
CA ALA C 645 24.13 79.16 -14.93
C ALA C 645 24.36 79.59 -16.37
N VAL C 646 24.33 80.90 -16.63
CA VAL C 646 24.62 81.39 -17.98
C VAL C 646 26.06 81.05 -18.36
N GLU C 647 27.00 81.23 -17.43
CA GLU C 647 28.39 80.92 -17.72
C GLU C 647 28.57 79.44 -18.02
N LEU C 648 27.80 78.58 -17.34
CA LEU C 648 27.99 77.15 -17.53
C LEU C 648 27.70 76.72 -18.96
N VAL C 649 26.68 77.31 -19.58
CA VAL C 649 26.41 77.02 -20.98
C VAL C 649 27.61 77.43 -21.83
N GLN C 650 28.19 78.60 -21.56
CA GLN C 650 29.37 79.00 -22.31
C GLN C 650 30.52 78.03 -22.08
N TYR C 651 30.71 77.60 -20.82
CA TYR C 651 31.74 76.61 -20.54
C TYR C 651 31.35 75.25 -21.06
N ALA C 652 30.07 75.06 -21.38
CA ALA C 652 29.58 73.75 -21.79
C ALA C 652 30.20 73.30 -23.11
N TYR C 653 30.37 74.21 -24.06
CA TYR C 653 30.91 73.85 -25.36
C TYR C 653 32.33 74.33 -25.62
N PHE C 654 32.90 75.08 -24.69
CA PHE C 654 34.28 75.59 -24.82
C PHE C 654 34.51 76.29 -26.15
N LEU D 150 -22.45 -11.20 -53.62
CA LEU D 150 -21.09 -10.71 -53.74
C LEU D 150 -21.08 -9.18 -53.85
N VAL D 151 -22.11 -8.54 -53.30
CA VAL D 151 -22.24 -7.09 -53.38
C VAL D 151 -22.98 -6.62 -52.13
N ILE D 152 -22.69 -5.39 -51.71
CA ILE D 152 -23.29 -4.78 -50.54
C ILE D 152 -24.24 -3.69 -51.00
N TRP D 153 -25.46 -3.71 -50.47
CA TRP D 153 -26.51 -2.78 -50.86
C TRP D 153 -26.49 -1.48 -50.07
N GLY D 154 -25.46 -1.24 -49.27
CA GLY D 154 -25.43 -0.08 -48.40
C GLY D 154 -25.35 1.24 -49.14
N THR D 155 -24.91 1.22 -50.40
CA THR D 155 -24.76 2.45 -51.18
C THR D 155 -25.73 2.54 -52.34
N ASP D 156 -26.40 1.44 -52.70
CA ASP D 156 -27.43 1.44 -53.76
C ASP D 156 -26.88 2.00 -55.07
N VAL D 157 -25.81 1.39 -55.57
CA VAL D 157 -25.22 1.79 -56.85
C VAL D 157 -25.22 0.59 -57.79
N ASN D 158 -25.98 0.70 -58.89
CA ASN D 158 -26.01 -0.31 -59.92
C ASN D 158 -24.94 0.00 -60.97
N VAL D 159 -24.93 -0.76 -62.07
CA VAL D 159 -24.00 -0.50 -63.17
C VAL D 159 -24.63 0.55 -64.08
N ALA D 160 -24.20 1.81 -63.93
CA ALA D 160 -24.60 2.92 -64.77
C ALA D 160 -26.07 3.30 -64.58
N ALA D 161 -26.79 2.54 -63.76
CA ALA D 161 -28.20 2.78 -63.47
C ALA D 161 -29.05 2.81 -64.74
N CYS D 162 -28.49 2.33 -65.85
CA CYS D 162 -29.22 2.36 -67.12
C CYS D 162 -29.06 1.08 -67.91
N LYS D 163 -28.80 -0.06 -67.26
CA LYS D 163 -28.59 -1.31 -68.00
C LYS D 163 -29.82 -1.67 -68.81
N GLU D 164 -31.01 -1.51 -68.22
CA GLU D 164 -32.25 -1.75 -68.97
C GLU D 164 -32.49 -0.69 -70.04
N ASN D 165 -32.07 0.55 -69.79
CA ASN D 165 -32.22 1.62 -70.77
C ASN D 165 -31.17 1.53 -71.88
N PHE D 166 -30.08 0.79 -71.66
CA PHE D 166 -28.99 0.75 -72.61
C PHE D 166 -29.31 -0.05 -73.87
N GLN D 167 -30.12 -1.11 -73.75
CA GLN D 167 -30.48 -1.90 -74.91
C GLN D 167 -31.24 -1.06 -75.93
N ARG D 168 -32.20 -0.26 -75.47
CA ARG D 168 -32.93 0.63 -76.38
C ARG D 168 -32.08 1.82 -76.78
N PHE D 169 -31.10 2.20 -75.95
CA PHE D 169 -30.15 3.24 -76.34
C PHE D 169 -29.34 2.80 -77.55
N LEU D 170 -28.97 1.52 -77.61
CA LEU D 170 -28.23 1.02 -78.77
C LEU D 170 -29.06 1.10 -80.04
N GLN D 171 -30.36 0.77 -79.97
CA GLN D 171 -31.19 0.70 -81.16
C GLN D 171 -31.88 2.01 -81.52
N ARG D 172 -31.82 3.03 -80.64
CA ARG D 172 -32.53 4.28 -80.88
C ARG D 172 -31.63 5.47 -81.10
N PHE D 173 -30.50 5.58 -80.40
CA PHE D 173 -29.65 6.75 -80.52
C PHE D 173 -28.91 6.83 -81.84
N ILE D 174 -28.52 5.69 -82.43
CA ILE D 174 -27.79 5.69 -83.70
C ILE D 174 -28.70 6.13 -84.84
N ASP D 175 -29.97 5.73 -84.78
CA ASP D 175 -30.92 6.00 -85.87
C ASP D 175 -31.55 7.38 -85.72
N TYR D 193 -19.91 13.60 -84.19
CA TYR D 193 -19.10 13.33 -82.99
C TYR D 193 -18.53 11.92 -83.03
N MET D 194 -18.15 11.49 -84.24
CA MET D 194 -17.60 10.14 -84.40
C MET D 194 -16.25 10.00 -83.72
N GLN D 195 -15.51 11.11 -83.60
CA GLN D 195 -14.14 11.05 -83.11
C GLN D 195 -14.05 10.49 -81.69
N ARG D 196 -15.13 10.62 -80.91
CA ARG D 196 -15.10 10.08 -79.55
C ARG D 196 -15.17 8.56 -79.53
N LEU D 197 -16.00 7.96 -80.38
CA LEU D 197 -16.10 6.51 -80.41
C LEU D 197 -14.88 5.88 -81.06
N GLY D 198 -14.39 6.49 -82.15
CA GLY D 198 -13.32 5.89 -82.93
C GLY D 198 -11.96 5.88 -82.25
N GLU D 199 -11.71 6.82 -81.34
CA GLU D 199 -10.42 6.84 -80.65
C GLU D 199 -10.25 5.62 -79.76
N ILE D 200 -11.35 5.07 -79.27
CA ILE D 200 -11.28 3.93 -78.36
C ILE D 200 -10.91 2.67 -79.13
N ASN D 201 -11.64 2.37 -80.20
CA ASN D 201 -11.49 1.10 -80.88
C ASN D 201 -10.15 1.01 -81.61
N VAL D 202 -9.81 2.03 -82.39
CA VAL D 202 -8.64 1.95 -83.26
C VAL D 202 -7.36 2.14 -82.47
N ILE D 203 -7.25 3.27 -81.76
CA ILE D 203 -5.99 3.60 -81.11
C ILE D 203 -5.71 2.64 -79.96
N GLY D 204 -6.71 2.38 -79.13
CA GLY D 204 -6.49 1.61 -77.94
C GLY D 204 -5.71 2.41 -76.91
N GLU D 205 -6.15 3.64 -76.67
CA GLU D 205 -5.47 4.57 -75.76
C GLU D 205 -6.12 4.48 -74.37
N PRO D 206 -5.32 4.22 -73.33
CA PRO D 206 -5.91 4.09 -71.99
C PRO D 206 -6.34 5.43 -71.44
N PHE D 207 -6.87 5.44 -70.22
CA PHE D 207 -7.36 6.67 -69.60
C PHE D 207 -8.44 7.29 -70.47
N LEU D 208 -9.59 6.62 -70.60
CA LEU D 208 -10.72 7.17 -71.33
C LEU D 208 -11.09 8.53 -70.75
N ASN D 209 -11.43 9.46 -71.64
CA ASN D 209 -11.45 10.89 -71.32
C ASN D 209 -12.84 11.47 -71.61
N VAL D 210 -13.86 10.86 -71.02
CA VAL D 210 -15.25 11.29 -71.24
C VAL D 210 -15.39 12.76 -70.89
N ASN D 211 -16.37 13.42 -71.51
CA ASN D 211 -16.54 14.86 -71.43
C ASN D 211 -17.45 15.21 -70.25
N CYS D 212 -17.93 16.46 -70.24
CA CYS D 212 -18.84 16.94 -69.20
C CYS D 212 -20.09 16.09 -69.15
N GLU D 213 -20.63 15.91 -67.95
CA GLU D 213 -21.82 15.11 -67.75
C GLU D 213 -23.00 15.82 -68.38
N HIS D 214 -23.32 15.45 -69.61
CA HIS D 214 -24.43 16.07 -70.34
C HIS D 214 -25.77 15.52 -69.90
N ILE D 215 -25.79 14.42 -69.14
CA ILE D 215 -27.04 13.93 -68.58
C ILE D 215 -27.66 14.96 -67.66
N LYS D 216 -26.83 15.82 -67.05
CA LYS D 216 -27.34 16.88 -66.19
C LYS D 216 -28.30 17.80 -66.93
N SER D 217 -28.15 17.93 -68.26
CA SER D 217 -29.16 18.64 -69.04
C SER D 217 -30.44 17.82 -69.15
N PHE D 218 -30.32 16.50 -69.20
CA PHE D 218 -31.49 15.63 -69.29
C PHE D 218 -32.14 15.43 -67.92
N ASP D 219 -31.38 14.86 -66.98
CA ASP D 219 -31.89 14.58 -65.65
C ASP D 219 -30.83 14.96 -64.63
N LYS D 220 -31.25 15.71 -63.60
CA LYS D 220 -30.34 16.14 -62.54
C LYS D 220 -30.04 15.03 -61.56
N ASN D 221 -30.98 14.11 -61.32
CA ASN D 221 -30.78 13.08 -60.29
C ASN D 221 -29.62 12.17 -60.64
N LEU D 222 -29.47 11.81 -61.92
CA LEU D 222 -28.34 10.96 -62.31
C LEU D 222 -27.03 11.70 -62.09
N TYR D 223 -26.99 13.00 -62.40
CA TYR D 223 -25.79 13.78 -62.16
C TYR D 223 -25.54 13.97 -60.67
N ARG D 224 -26.60 14.20 -59.90
CA ARG D 224 -26.40 14.48 -58.49
C ARG D 224 -25.86 13.29 -57.73
N GLN D 225 -26.06 12.08 -58.25
CA GLN D 225 -25.59 10.87 -57.61
C GLN D 225 -24.16 10.50 -58.00
N LEU D 226 -23.56 11.24 -58.95
CA LEU D 226 -22.18 10.97 -59.33
C LEU D 226 -21.20 12.02 -58.79
N ILE D 227 -21.68 12.97 -58.00
CA ILE D 227 -20.80 13.95 -57.37
C ILE D 227 -20.87 13.93 -55.85
N SER D 228 -21.90 13.30 -55.27
CA SER D 228 -22.00 13.25 -53.82
C SER D 228 -20.97 12.31 -53.24
N TYR D 229 -20.76 11.17 -53.89
CA TYR D 229 -19.78 10.21 -53.42
C TYR D 229 -18.86 9.81 -54.57
N PRO D 230 -18.09 10.75 -55.12
CA PRO D 230 -17.32 10.43 -56.32
C PRO D 230 -16.21 9.42 -56.08
N GLN D 231 -15.76 9.28 -54.84
CA GLN D 231 -14.79 8.25 -54.54
C GLN D 231 -15.39 6.86 -54.75
N GLU D 232 -16.72 6.75 -54.63
CA GLU D 232 -17.41 5.49 -54.89
C GLU D 232 -18.05 5.44 -56.26
N VAL D 233 -17.84 6.46 -57.09
CA VAL D 233 -18.42 6.51 -58.43
C VAL D 233 -17.39 6.24 -59.51
N ILE D 234 -16.22 6.88 -59.42
CA ILE D 234 -15.17 6.65 -60.41
C ILE D 234 -14.80 5.17 -60.51
N PRO D 235 -14.60 4.43 -59.42
CA PRO D 235 -14.33 3.00 -59.57
C PRO D 235 -15.45 2.27 -60.29
N THR D 236 -16.69 2.69 -60.05
CA THR D 236 -17.82 2.05 -60.71
C THR D 236 -17.73 2.21 -62.22
N PHE D 237 -17.39 3.40 -62.69
CA PHE D 237 -17.23 3.60 -64.13
C PHE D 237 -16.06 2.80 -64.67
N ASP D 238 -14.97 2.74 -63.91
CA ASP D 238 -13.78 2.03 -64.38
C ASP D 238 -14.03 0.54 -64.50
N MET D 239 -14.62 -0.08 -63.48
CA MET D 239 -14.87 -1.51 -63.51
C MET D 239 -15.89 -1.89 -64.58
N ALA D 240 -16.95 -1.10 -64.71
CA ALA D 240 -18.02 -1.45 -65.64
C ALA D 240 -17.54 -1.38 -67.09
N VAL D 241 -16.78 -0.34 -67.43
CA VAL D 241 -16.32 -0.19 -68.81
C VAL D 241 -15.33 -1.29 -69.16
N ASN D 242 -14.43 -1.61 -68.24
CA ASN D 242 -13.45 -2.67 -68.49
C ASN D 242 -14.08 -4.04 -68.57
N GLU D 243 -15.05 -4.34 -67.68
CA GLU D 243 -15.61 -5.68 -67.62
C GLU D 243 -16.31 -6.05 -68.92
N ILE D 244 -17.04 -5.11 -69.51
CA ILE D 244 -17.72 -5.35 -70.79
C ILE D 244 -16.71 -5.64 -71.90
N PHE D 245 -15.62 -4.89 -71.96
CA PHE D 245 -14.61 -5.12 -72.97
C PHE D 245 -13.96 -6.48 -72.80
N PHE D 246 -13.77 -6.92 -71.56
CA PHE D 246 -13.14 -8.22 -71.30
C PHE D 246 -13.95 -9.35 -71.93
N ASP D 247 -15.26 -9.35 -71.74
CA ASP D 247 -16.11 -10.37 -72.36
C ASP D 247 -16.19 -10.21 -73.87
N ARG D 248 -16.31 -8.98 -74.37
CA ARG D 248 -16.45 -8.78 -75.81
C ARG D 248 -15.13 -8.98 -76.54
N TYR D 249 -14.03 -8.55 -75.92
CA TYR D 249 -12.73 -8.53 -76.56
C TYR D 249 -11.72 -9.25 -75.68
N PRO D 250 -11.71 -10.59 -75.71
CA PRO D 250 -10.77 -11.34 -74.85
C PRO D 250 -9.32 -11.17 -75.27
N ASP D 251 -9.05 -10.70 -76.48
CA ASP D 251 -7.67 -10.58 -76.98
C ASP D 251 -7.15 -9.15 -76.91
N SER D 252 -7.54 -8.40 -75.88
CA SER D 252 -7.10 -7.03 -75.69
C SER D 252 -6.10 -6.98 -74.53
N ILE D 253 -5.60 -5.78 -74.25
CA ILE D 253 -4.60 -5.60 -73.21
C ILE D 253 -5.30 -5.36 -71.87
N LEU D 254 -5.39 -6.40 -71.05
CA LEU D 254 -5.98 -6.30 -69.72
C LEU D 254 -4.95 -5.92 -68.67
N GLU D 255 -3.66 -5.89 -69.02
CA GLU D 255 -2.63 -5.47 -68.09
C GLU D 255 -2.66 -3.97 -67.82
N HIS D 256 -3.05 -3.17 -68.80
CA HIS D 256 -3.09 -1.71 -68.68
C HIS D 256 -4.51 -1.30 -68.30
N GLN D 257 -4.70 -1.01 -67.02
CA GLN D 257 -6.01 -0.57 -66.55
C GLN D 257 -6.35 0.78 -67.17
N ILE D 258 -7.63 1.03 -67.38
CA ILE D 258 -8.13 2.29 -67.93
C ILE D 258 -9.03 2.93 -66.89
N GLN D 259 -8.77 4.20 -66.57
CA GLN D 259 -9.57 4.93 -65.60
C GLN D 259 -10.36 6.02 -66.30
N VAL D 260 -11.68 5.95 -66.18
CA VAL D 260 -12.53 6.98 -66.75
C VAL D 260 -12.35 8.26 -65.95
N ARG D 261 -12.12 9.36 -66.65
CA ARG D 261 -11.80 10.64 -66.01
C ARG D 261 -12.82 11.67 -66.44
N PRO D 262 -13.42 12.40 -65.51
CA PRO D 262 -14.21 13.57 -65.89
C PRO D 262 -13.35 14.61 -66.59
N PHE D 263 -13.96 15.31 -67.54
CA PHE D 263 -13.27 16.33 -68.32
C PHE D 263 -14.16 17.56 -68.39
N ASN D 264 -13.61 18.70 -67.98
CA ASN D 264 -14.33 19.97 -67.96
C ASN D 264 -15.68 19.83 -67.25
N ALA D 265 -15.60 19.46 -65.98
CA ALA D 265 -16.80 19.22 -65.19
C ALA D 265 -17.46 20.55 -64.82
N LEU D 266 -18.48 20.50 -63.97
CA LEU D 266 -19.22 21.71 -63.62
C LEU D 266 -18.33 22.67 -62.84
N LYS D 267 -18.29 23.91 -63.31
CA LYS D 267 -17.54 24.97 -62.65
C LYS D 267 -18.26 25.33 -61.36
N THR D 268 -17.63 25.02 -60.23
CA THR D 268 -18.27 25.25 -58.94
C THR D 268 -18.56 26.74 -58.75
N LYS D 269 -19.79 27.05 -58.35
CA LYS D 269 -20.21 28.43 -58.16
C LYS D 269 -19.47 29.03 -56.97
N ASN D 270 -18.98 30.25 -57.13
CA ASN D 270 -18.26 30.98 -56.09
C ASN D 270 -17.02 30.20 -55.64
N MET D 271 -16.11 30.06 -56.59
CA MET D 271 -14.79 29.47 -56.35
C MET D 271 -14.05 30.21 -55.25
N ARG D 272 -14.31 31.51 -55.11
CA ARG D 272 -13.80 32.30 -53.99
C ARG D 272 -14.35 31.76 -52.68
N ASN D 273 -15.65 31.47 -52.68
CA ASN D 273 -16.39 31.07 -51.49
C ASN D 273 -16.49 29.56 -51.34
N LEU D 274 -15.38 28.84 -51.50
CA LEU D 274 -15.42 27.39 -51.35
C LEU D 274 -15.80 27.01 -49.93
N ASN D 275 -17.05 26.59 -49.74
CA ASN D 275 -17.52 26.22 -48.43
C ASN D 275 -16.87 24.92 -47.97
N PRO D 276 -16.62 24.78 -46.68
CA PRO D 276 -16.19 23.47 -46.16
C PRO D 276 -17.30 22.45 -46.13
N GLU D 277 -18.53 22.86 -46.37
CA GLU D 277 -19.65 21.93 -46.35
C GLU D 277 -19.50 20.85 -47.41
N ASP D 278 -18.98 21.21 -48.58
CA ASP D 278 -18.77 20.24 -49.67
C ASP D 278 -17.44 19.51 -49.42
N ILE D 279 -17.47 18.63 -48.44
CA ILE D 279 -16.26 17.97 -47.96
C ILE D 279 -15.62 17.14 -49.05
N ASP D 280 -16.39 16.29 -49.70
CA ASP D 280 -15.89 15.37 -50.72
C ASP D 280 -16.75 15.51 -51.97
N GLN D 281 -16.39 16.47 -52.81
CA GLN D 281 -17.10 16.71 -54.08
C GLN D 281 -16.09 17.20 -55.10
N LEU D 282 -16.36 16.94 -56.39
CA LEU D 282 -15.54 17.53 -57.43
C LEU D 282 -15.67 19.04 -57.42
N ILE D 283 -14.55 19.75 -57.50
CA ILE D 283 -14.59 21.19 -57.68
C ILE D 283 -13.57 21.59 -58.74
N THR D 284 -13.81 22.72 -59.38
CA THR D 284 -12.97 23.20 -60.46
C THR D 284 -12.27 24.48 -60.03
N ILE D 285 -10.96 24.42 -59.89
CA ILE D 285 -10.18 25.61 -59.59
C ILE D 285 -9.66 26.22 -60.90
N SER D 286 -9.48 27.53 -60.91
CA SER D 286 -8.94 28.24 -62.07
C SER D 286 -7.87 29.20 -61.58
N GLY D 287 -6.65 29.02 -62.07
CA GLY D 287 -5.53 29.84 -61.66
C GLY D 287 -4.26 29.56 -62.43
N MET D 288 -3.14 29.47 -61.72
CA MET D 288 -1.83 29.32 -62.33
C MET D 288 -0.99 28.43 -61.44
N VAL D 289 0.15 27.98 -61.97
CA VAL D 289 1.08 27.15 -61.22
C VAL D 289 2.27 27.99 -60.80
N ILE D 290 2.56 28.00 -59.50
CA ILE D 290 3.65 28.82 -58.99
C ILE D 290 4.90 27.97 -58.84
N ARG D 291 4.81 26.86 -58.11
CA ARG D 291 5.97 26.04 -57.88
C ARG D 291 5.59 24.56 -58.03
N THR D 292 6.54 23.78 -58.54
CA THR D 292 6.37 22.34 -58.72
C THR D 292 7.50 21.61 -58.00
N SER D 293 7.18 20.48 -57.40
CA SER D 293 8.17 19.73 -56.61
C SER D 293 8.68 18.55 -57.43
N GLN D 294 9.89 18.11 -57.10
CA GLN D 294 10.45 16.92 -57.69
C GLN D 294 9.60 15.70 -57.32
N LEU D 295 9.71 14.66 -58.13
CA LEU D 295 8.94 13.43 -57.94
C LEU D 295 9.10 12.89 -56.53
N ILE D 296 7.97 12.68 -55.85
CA ILE D 296 7.98 12.14 -54.50
C ILE D 296 7.35 10.77 -54.53
N PRO D 297 8.14 9.72 -54.38
CA PRO D 297 7.59 8.36 -54.42
C PRO D 297 6.85 8.02 -53.14
N GLU D 298 5.82 7.18 -53.29
CA GLU D 298 5.07 6.72 -52.14
C GLU D 298 4.73 5.24 -52.25
N MET D 299 4.55 4.59 -51.10
CA MET D 299 4.20 3.18 -51.06
C MET D 299 2.70 3.02 -51.21
N GLN D 300 2.30 2.09 -52.07
CA GLN D 300 0.89 1.89 -52.37
C GLN D 300 0.57 0.40 -52.38
N GLU D 301 -0.65 0.08 -51.94
CA GLU D 301 -1.10 -1.29 -51.71
C GLU D 301 -0.08 -2.09 -50.92
N ALA D 302 0.19 -1.66 -49.69
CA ALA D 302 1.14 -2.32 -48.81
C ALA D 302 0.50 -3.57 -48.22
N PHE D 303 1.34 -4.60 -48.05
CA PHE D 303 0.94 -5.85 -47.43
C PHE D 303 1.88 -6.14 -46.28
N PHE D 304 1.39 -6.93 -45.32
CA PHE D 304 2.13 -7.24 -44.11
C PHE D 304 2.92 -8.53 -44.32
N GLN D 305 3.65 -8.93 -43.29
CA GLN D 305 4.51 -10.12 -43.35
C GLN D 305 4.15 -11.02 -42.18
N CYS D 306 3.80 -12.26 -42.47
CA CYS D 306 3.40 -13.22 -41.45
C CYS D 306 4.63 -13.97 -40.96
N GLN D 307 4.43 -14.91 -40.05
CA GLN D 307 5.51 -15.70 -39.46
C GLN D 307 5.34 -17.17 -39.81
N VAL D 308 4.17 -17.53 -40.30
CA VAL D 308 3.86 -18.94 -40.64
C VAL D 308 4.36 -19.15 -42.07
N CYS D 309 5.64 -19.53 -42.17
CA CYS D 309 6.28 -19.92 -43.43
C CYS D 309 6.31 -18.76 -44.42
N ALA D 310 6.06 -17.55 -43.92
CA ALA D 310 6.05 -16.33 -44.72
C ALA D 310 5.11 -16.45 -45.91
N HIS D 311 3.96 -17.09 -45.68
CA HIS D 311 2.99 -17.30 -46.74
C HIS D 311 1.92 -16.22 -46.69
N THR D 312 1.80 -15.46 -47.79
CA THR D 312 0.82 -14.39 -47.89
C THR D 312 -0.30 -14.84 -48.82
N THR D 313 -1.55 -14.69 -48.37
CA THR D 313 -2.72 -15.00 -49.17
C THR D 313 -3.39 -13.71 -49.62
N ARG D 314 -3.79 -13.66 -50.88
CA ARG D 314 -4.45 -12.46 -51.41
C ARG D 314 -5.80 -12.25 -50.73
N VAL D 315 -5.89 -11.17 -49.97
CA VAL D 315 -7.10 -10.85 -49.20
C VAL D 315 -7.49 -9.40 -49.50
N GLU D 316 -6.49 -8.51 -49.49
CA GLU D 316 -6.71 -7.07 -49.63
C GLU D 316 -6.99 -6.64 -51.07
N MET D 317 -7.52 -7.53 -51.91
CA MET D 317 -7.88 -7.14 -53.27
C MET D 317 -8.92 -6.02 -53.28
N ASP D 318 -9.91 -6.10 -52.39
CA ASP D 318 -10.92 -5.05 -52.29
C ASP D 318 -10.31 -3.77 -51.74
N ARG D 319 -10.60 -2.65 -52.39
CA ARG D 319 -10.08 -1.37 -51.94
C ARG D 319 -10.74 -0.94 -50.64
N GLY D 320 -10.10 -0.01 -49.93
CA GLY D 320 -10.62 0.54 -48.71
C GLY D 320 -9.69 0.47 -47.51
N ARG D 321 -8.57 -0.26 -47.62
CA ARG D 321 -7.62 -0.33 -46.54
C ARG D 321 -6.61 0.82 -46.64
N ILE D 322 -6.00 1.15 -45.50
CA ILE D 322 -5.04 2.24 -45.42
C ILE D 322 -3.73 1.71 -44.88
N ALA D 323 -2.66 1.92 -45.65
CA ALA D 323 -1.33 1.53 -45.21
C ALA D 323 -0.79 2.54 -44.24
N GLU D 324 -1.15 2.41 -42.97
CA GLU D 324 -0.73 3.36 -41.96
C GLU D 324 0.77 3.29 -41.75
N PRO D 325 1.40 4.42 -41.44
CA PRO D 325 2.84 4.43 -41.18
C PRO D 325 3.19 3.86 -39.82
N SER D 326 4.49 3.76 -39.56
CA SER D 326 5.10 3.22 -38.35
C SER D 326 4.98 1.70 -38.25
N VAL D 327 4.46 1.02 -39.28
CA VAL D 327 4.38 -0.43 -39.27
C VAL D 327 5.70 -1.07 -39.67
N CYS D 328 6.60 -0.32 -40.30
CA CYS D 328 7.85 -0.85 -40.83
C CYS D 328 9.04 -0.31 -40.07
N GLY D 329 8.89 -0.13 -38.75
CA GLY D 329 10.01 0.18 -37.90
C GLY D 329 10.63 -1.08 -37.34
N ARG D 330 10.10 -2.21 -37.78
CA ARG D 330 10.66 -3.53 -37.49
C ARG D 330 10.55 -4.35 -38.76
N CYS D 331 11.55 -5.21 -38.99
CA CYS D 331 11.67 -5.97 -40.23
C CYS D 331 11.75 -5.03 -41.43
N HIS D 332 12.86 -4.28 -41.49
CA HIS D 332 13.08 -3.35 -42.59
C HIS D 332 13.42 -4.09 -43.88
N THR D 333 13.42 -5.43 -43.85
CA THR D 333 13.63 -6.22 -45.05
C THR D 333 12.53 -5.96 -46.07
N THR D 334 11.41 -5.39 -45.62
CA THR D 334 10.28 -5.08 -46.47
C THR D 334 10.65 -4.18 -47.65
N HIS D 335 11.68 -3.34 -47.51
CA HIS D 335 12.14 -2.51 -48.62
C HIS D 335 12.73 -3.36 -49.75
N SER D 336 13.65 -4.24 -49.40
CA SER D 336 14.28 -5.10 -50.41
C SER D 336 13.37 -6.25 -50.82
N MET D 337 12.66 -6.85 -49.87
CA MET D 337 11.90 -8.07 -50.11
C MET D 337 10.48 -7.83 -50.61
N ALA D 338 9.69 -7.04 -49.90
CA ALA D 338 8.29 -6.87 -50.25
C ALA D 338 8.04 -5.70 -51.19
N LEU D 339 9.10 -5.15 -51.80
CA LEU D 339 8.93 -4.06 -52.75
C LEU D 339 8.22 -4.52 -54.01
N ILE D 340 8.61 -5.68 -54.53
CA ILE D 340 8.03 -6.18 -55.78
C ILE D 340 6.98 -7.25 -55.50
N HIS D 341 7.32 -8.27 -54.71
CA HIS D 341 6.45 -9.42 -54.54
C HIS D 341 5.15 -9.09 -53.83
N ASN D 342 5.16 -8.14 -52.89
CA ASN D 342 3.93 -7.70 -52.24
C ASN D 342 3.38 -6.41 -52.85
N ARG D 343 3.74 -6.12 -54.10
CA ARG D 343 3.15 -5.02 -54.87
C ARG D 343 3.25 -3.70 -54.09
N SER D 344 4.48 -3.32 -53.77
CA SER D 344 4.75 -2.14 -52.97
C SER D 344 5.64 -1.17 -53.72
N LEU D 345 5.55 -1.21 -55.05
CA LEU D 345 6.30 -0.27 -55.87
C LEU D 345 5.89 1.16 -55.54
N PHE D 346 6.86 2.06 -55.59
CA PHE D 346 6.59 3.45 -55.27
C PHE D 346 5.69 4.08 -56.32
N SER D 347 4.78 4.93 -55.86
CA SER D 347 3.90 5.67 -56.75
C SER D 347 4.52 7.00 -57.12
N ASP D 348 3.71 7.90 -57.68
CA ASP D 348 4.17 9.24 -58.05
C ASP D 348 3.21 10.27 -57.47
N LYS D 349 3.75 11.33 -56.89
CA LYS D 349 2.98 12.48 -56.46
C LYS D 349 3.83 13.73 -56.58
N GLN D 350 3.19 14.86 -56.88
CA GLN D 350 3.87 16.12 -57.12
C GLN D 350 3.18 17.23 -56.34
N MET D 351 3.95 17.93 -55.50
CA MET D 351 3.41 19.08 -54.79
C MET D 351 3.23 20.24 -55.75
N ILE D 352 2.00 20.75 -55.87
CA ILE D 352 1.69 21.83 -56.80
C ILE D 352 0.84 22.87 -56.08
N LYS D 353 1.23 24.13 -56.21
CA LYS D 353 0.58 25.24 -55.51
C LYS D 353 -0.08 26.14 -56.54
N LEU D 354 -1.41 26.11 -56.60
CA LEU D 354 -2.12 26.99 -57.51
C LEU D 354 -2.48 28.30 -56.82
N GLN D 355 -2.79 29.30 -57.64
CA GLN D 355 -3.14 30.63 -57.15
C GLN D 355 -4.46 31.03 -57.81
N GLU D 356 -5.48 31.20 -56.99
CA GLU D 356 -6.82 31.51 -57.50
C GLU D 356 -6.82 32.87 -58.18
N SER D 357 -7.60 32.99 -59.26
CA SER D 357 -7.66 34.23 -60.05
C SER D 357 -8.99 34.91 -59.77
N PRO D 358 -8.98 35.96 -58.95
CA PRO D 358 -10.24 36.52 -58.45
C PRO D 358 -11.02 37.34 -59.46
N GLU D 359 -10.63 37.33 -60.73
CA GLU D 359 -11.34 38.07 -61.76
C GLU D 359 -11.39 39.55 -61.40
N ASP D 360 -10.22 40.20 -61.42
CA ASP D 360 -9.96 41.62 -61.15
C ASP D 360 -10.79 42.13 -59.98
N MET D 361 -10.76 41.38 -58.88
CA MET D 361 -11.39 41.68 -57.61
C MET D 361 -11.16 43.13 -57.18
N PRO D 362 -12.10 43.72 -56.44
CA PRO D 362 -11.87 45.05 -55.86
C PRO D 362 -10.64 45.15 -54.95
N ALA D 363 -9.88 44.05 -54.85
CA ALA D 363 -8.72 43.97 -53.97
C ALA D 363 -9.12 44.10 -52.50
N GLY D 364 -9.95 43.16 -52.06
CA GLY D 364 -10.33 43.07 -50.67
C GLY D 364 -9.54 41.99 -49.95
N GLN D 365 -10.17 40.84 -49.73
CA GLN D 365 -9.52 39.75 -49.03
C GLN D 365 -8.34 39.22 -49.84
N THR D 366 -7.42 38.56 -49.15
CA THR D 366 -6.25 37.94 -49.75
C THR D 366 -6.65 36.73 -50.58
N PRO D 367 -5.89 36.40 -51.63
CA PRO D 367 -6.23 35.23 -52.45
C PRO D 367 -5.76 33.93 -51.82
N HIS D 368 -6.64 32.93 -51.92
CA HIS D 368 -6.41 31.65 -51.28
C HIS D 368 -5.39 30.83 -52.07
N THR D 369 -4.49 30.16 -51.35
CA THR D 369 -3.62 29.17 -51.96
C THR D 369 -4.22 27.77 -51.82
N VAL D 370 -3.96 26.93 -52.81
CA VAL D 370 -4.47 25.56 -52.85
C VAL D 370 -3.29 24.64 -53.06
N ILE D 371 -3.23 23.54 -52.29
CA ILE D 371 -2.14 22.57 -52.40
C ILE D 371 -2.67 21.43 -53.25
N LEU D 372 -2.15 21.32 -54.48
CA LEU D 372 -2.53 20.26 -55.40
C LEU D 372 -1.43 19.20 -55.43
N PHE D 373 -1.61 18.10 -54.70
CA PHE D 373 -0.53 17.13 -54.61
C PHE D 373 -0.99 15.67 -54.60
N ALA D 374 -2.07 15.32 -55.26
CA ALA D 374 -2.71 14.03 -55.02
C ALA D 374 -1.89 12.88 -55.58
N HIS D 375 -2.32 11.66 -55.23
CA HIS D 375 -1.63 10.40 -55.40
C HIS D 375 -1.58 9.95 -56.86
N ASN D 376 -2.55 10.38 -57.66
CA ASN D 376 -2.72 9.84 -59.01
C ASN D 376 -1.45 10.01 -59.83
N ASP D 377 -1.16 8.99 -60.65
CA ASP D 377 0.08 8.91 -61.40
C ASP D 377 0.05 9.66 -62.73
N LEU D 378 -0.91 10.54 -62.92
CA LEU D 378 -0.92 11.31 -64.16
C LEU D 378 0.03 12.47 -64.12
N VAL D 379 0.90 12.50 -63.11
CA VAL D 379 1.77 13.65 -62.87
C VAL D 379 2.60 13.96 -64.10
N ASP D 380 2.66 15.25 -64.44
CA ASP D 380 3.51 15.83 -65.47
C ASP D 380 3.06 15.46 -66.88
N LYS D 381 2.05 14.61 -67.03
CA LYS D 381 1.40 14.45 -68.32
C LYS D 381 0.51 15.63 -68.64
N VAL D 382 0.37 16.55 -67.70
CA VAL D 382 -0.20 17.87 -67.93
C VAL D 382 0.92 18.84 -67.60
N GLN D 383 1.12 19.81 -68.46
CA GLN D 383 2.26 20.69 -68.26
C GLN D 383 1.97 21.74 -67.22
N PRO D 384 2.81 21.84 -66.20
CA PRO D 384 2.69 22.97 -65.26
C PRO D 384 3.14 24.27 -65.92
N GLY D 385 2.81 25.38 -65.26
CA GLY D 385 3.15 26.67 -65.83
C GLY D 385 2.20 27.15 -66.90
N ASP D 386 0.97 26.65 -66.92
CA ASP D 386 -0.05 27.08 -67.85
C ASP D 386 -1.27 27.67 -67.12
N ARG D 387 -2.36 27.81 -67.88
CA ARG D 387 -3.67 28.07 -67.32
C ARG D 387 -4.20 26.82 -66.65
N VAL D 388 -4.92 27.01 -65.56
CA VAL D 388 -5.37 25.90 -64.73
C VAL D 388 -6.88 25.73 -64.88
N ASN D 389 -7.29 24.55 -65.32
CA ASN D 389 -8.70 24.18 -65.39
C ASN D 389 -8.90 22.80 -64.79
N VAL D 390 -8.24 22.54 -63.66
CA VAL D 390 -8.16 21.22 -63.06
C VAL D 390 -9.34 21.02 -62.13
N THR D 391 -10.27 20.17 -62.53
CA THR D 391 -11.35 19.75 -61.66
C THR D 391 -10.86 18.66 -60.73
N GLY D 392 -11.02 18.89 -59.43
CA GLY D 392 -10.42 18.01 -58.46
C GLY D 392 -11.37 17.65 -57.33
N ILE D 393 -10.93 16.72 -56.49
CA ILE D 393 -11.74 16.19 -55.40
C ILE D 393 -11.12 16.64 -54.09
N TYR D 394 -11.93 17.33 -53.29
CA TYR D 394 -11.49 17.87 -52.01
C TYR D 394 -11.25 16.75 -51.01
N ARG D 395 -10.23 16.93 -50.18
CA ARG D 395 -9.89 15.98 -49.14
C ARG D 395 -9.36 16.73 -47.93
N ALA D 396 -9.38 16.05 -46.79
CA ALA D 396 -8.87 16.64 -45.55
C ALA D 396 -8.20 15.57 -44.73
N VAL D 397 -7.05 15.90 -44.16
CA VAL D 397 -6.27 14.94 -43.39
C VAL D 397 -5.90 15.58 -42.06
N PRO D 398 -5.80 14.79 -40.99
CA PRO D 398 -5.47 15.36 -39.68
C PRO D 398 -3.96 15.54 -39.51
N ILE D 399 -3.56 16.79 -39.25
CA ILE D 399 -2.15 17.09 -39.07
C ILE D 399 -1.76 16.81 -37.62
N ARG D 400 -0.70 16.04 -37.43
CA ARG D 400 -0.19 15.76 -36.09
C ARG D 400 0.34 17.05 -35.46
N VAL D 401 0.06 17.21 -34.16
CA VAL D 401 0.59 18.37 -33.43
C VAL D 401 2.09 18.25 -33.28
N ASN D 402 2.57 17.07 -32.91
CA ASN D 402 3.99 16.81 -32.80
C ASN D 402 4.24 15.40 -33.30
N PRO D 403 5.30 15.18 -34.06
CA PRO D 403 5.64 13.81 -34.45
C PRO D 403 5.88 12.91 -33.25
N ARG D 404 6.43 13.47 -32.17
CA ARG D 404 6.76 12.66 -31.00
C ARG D 404 5.52 12.07 -30.36
N VAL D 405 4.43 12.83 -30.27
CA VAL D 405 3.21 12.38 -29.62
C VAL D 405 2.17 12.02 -30.67
N SER D 406 1.01 11.59 -30.21
CA SER D 406 -0.09 11.23 -31.10
C SER D 406 -1.24 12.23 -31.05
N ASN D 407 -1.11 13.34 -30.33
CA ASN D 407 -2.12 14.37 -30.32
C ASN D 407 -2.32 14.92 -31.73
N VAL D 408 -3.57 15.24 -32.07
CA VAL D 408 -3.91 15.82 -33.36
C VAL D 408 -4.87 16.98 -33.14
N LYS D 409 -4.57 18.12 -33.79
CA LYS D 409 -5.34 19.33 -33.57
C LYS D 409 -6.59 19.34 -34.42
N SER D 410 -7.60 20.08 -33.97
CA SER D 410 -8.87 20.14 -34.70
C SER D 410 -8.82 21.20 -35.80
N VAL D 411 -7.79 21.12 -36.62
CA VAL D 411 -7.68 21.90 -37.84
C VAL D 411 -7.12 20.97 -38.91
N TYR D 412 -7.72 20.98 -40.08
CA TYR D 412 -7.32 20.11 -41.18
C TYR D 412 -6.88 20.95 -42.37
N LYS D 413 -5.80 20.51 -43.03
CA LYS D 413 -5.30 21.18 -44.22
C LYS D 413 -6.17 20.79 -45.42
N THR D 414 -6.64 21.80 -46.14
CA THR D 414 -7.28 21.56 -47.42
C THR D 414 -6.27 21.04 -48.44
N HIS D 415 -6.70 20.10 -49.27
CA HIS D 415 -5.99 19.81 -50.51
C HIS D 415 -6.95 19.25 -51.53
N ILE D 416 -6.54 19.28 -52.80
CA ILE D 416 -7.40 18.96 -53.92
C ILE D 416 -6.81 17.78 -54.69
N ASP D 417 -7.65 16.80 -54.99
CA ASP D 417 -7.21 15.62 -55.72
C ASP D 417 -6.97 15.94 -57.18
N VAL D 418 -5.96 15.30 -57.77
CA VAL D 418 -5.62 15.53 -59.17
C VAL D 418 -6.37 14.51 -60.01
N ILE D 419 -7.46 14.94 -60.65
CA ILE D 419 -8.14 14.08 -61.60
C ILE D 419 -8.61 14.88 -62.81
N HIS D 420 -7.83 14.82 -63.90
CA HIS D 420 -8.06 15.67 -65.06
C HIS D 420 -7.07 15.28 -66.15
N TYR D 421 -7.48 15.48 -67.40
CA TYR D 421 -6.58 15.28 -68.53
C TYR D 421 -6.54 16.48 -69.45
N PHE D 441 -24.75 35.95 -83.14
CA PHE D 441 -24.98 37.01 -82.17
C PHE D 441 -23.73 37.87 -82.00
N SER D 442 -22.66 37.25 -81.47
CA SER D 442 -21.40 37.97 -81.30
C SER D 442 -20.81 38.37 -82.63
N GLU D 443 -20.85 37.47 -83.62
CA GLU D 443 -20.24 37.76 -84.92
C GLU D 443 -21.01 38.86 -85.65
N LYS D 444 -22.27 39.09 -85.27
CA LYS D 444 -23.04 40.18 -85.88
C LYS D 444 -22.38 41.53 -85.60
N ARG D 445 -21.81 41.70 -84.41
CA ARG D 445 -21.17 42.96 -84.04
C ARG D 445 -19.94 43.23 -84.88
N VAL D 446 -19.20 42.18 -85.23
CA VAL D 446 -17.96 42.37 -85.99
C VAL D 446 -18.24 42.98 -87.35
N GLU D 447 -19.27 42.48 -88.04
CA GLU D 447 -19.59 42.98 -89.38
C GLU D 447 -19.93 44.47 -89.34
N LEU D 448 -20.54 44.92 -88.25
CA LEU D 448 -20.87 46.34 -88.12
C LEU D 448 -19.62 47.19 -88.10
N LEU D 449 -18.56 46.72 -87.43
CA LEU D 449 -17.35 47.53 -87.27
C LEU D 449 -16.67 47.79 -88.61
N LYS D 450 -16.75 46.83 -89.54
CA LYS D 450 -16.14 47.02 -90.85
C LYS D 450 -16.90 48.07 -91.67
N GLU D 451 -18.23 48.10 -91.55
CA GLU D 451 -19.02 49.06 -92.32
C GLU D 451 -18.71 50.49 -91.91
N LEU D 452 -18.60 50.75 -90.60
CA LEU D 452 -18.29 52.08 -90.14
C LEU D 452 -16.82 52.42 -90.35
N SER D 453 -15.99 51.40 -90.57
CA SER D 453 -14.55 51.62 -90.71
C SER D 453 -14.23 52.48 -91.93
N ARG D 454 -15.02 52.33 -93.00
CA ARG D 454 -14.70 53.05 -94.24
C ARG D 454 -14.89 54.56 -94.10
N LYS D 455 -15.57 55.00 -93.05
CA LYS D 455 -15.72 56.44 -92.82
C LYS D 455 -14.35 57.05 -92.54
N PRO D 456 -14.11 58.29 -92.97
CA PRO D 456 -12.76 58.85 -92.83
C PRO D 456 -12.51 59.50 -91.46
N ASP D 457 -13.49 59.44 -90.56
CA ASP D 457 -13.35 60.00 -89.23
C ASP D 457 -13.12 58.91 -88.19
N ILE D 458 -12.67 57.73 -88.61
CA ILE D 458 -12.47 56.63 -87.67
C ILE D 458 -11.29 56.90 -86.75
N TYR D 459 -10.25 57.58 -87.24
CA TYR D 459 -9.07 57.83 -86.41
C TYR D 459 -9.41 58.66 -85.19
N GLU D 460 -10.23 59.70 -85.35
CA GLU D 460 -10.62 60.55 -84.22
C GLU D 460 -11.58 59.85 -83.28
N ARG D 461 -12.43 58.96 -83.80
CA ARG D 461 -13.42 58.29 -82.96
C ARG D 461 -12.77 57.24 -82.07
N LEU D 462 -11.82 56.48 -82.61
CA LEU D 462 -11.18 55.43 -81.82
C LEU D 462 -10.19 56.00 -80.82
N ALA D 463 -9.42 57.01 -81.21
CA ALA D 463 -8.46 57.62 -80.28
C ALA D 463 -9.18 58.26 -79.10
N SER D 464 -10.29 58.97 -79.37
CA SER D 464 -11.02 59.63 -78.28
C SER D 464 -11.69 58.63 -77.34
N ALA D 465 -12.23 57.53 -77.86
CA ALA D 465 -12.95 56.58 -77.02
C ALA D 465 -12.05 55.55 -76.36
N LEU D 466 -10.93 55.21 -76.98
CA LEU D 466 -10.06 54.16 -76.43
C LEU D 466 -9.04 54.77 -75.48
N ALA D 467 -9.06 54.31 -74.23
CA ALA D 467 -8.21 54.83 -73.17
C ALA D 467 -8.37 56.35 -73.00
N PRO D 468 -9.55 56.81 -72.58
CA PRO D 468 -9.76 58.26 -72.40
C PRO D 468 -9.13 58.81 -71.14
N SER D 469 -8.62 57.96 -70.24
CA SER D 469 -8.02 58.42 -69.01
C SER D 469 -6.58 58.88 -69.20
N ILE D 470 -6.08 58.90 -70.42
CA ILE D 470 -4.68 59.18 -70.71
C ILE D 470 -4.54 60.63 -71.12
N TYR D 471 -3.58 61.32 -70.50
CA TYR D 471 -3.37 62.75 -70.71
C TYR D 471 -2.60 63.02 -71.99
N GLU D 472 -2.12 64.25 -72.13
CA GLU D 472 -1.40 64.74 -73.31
C GLU D 472 -0.11 63.97 -73.52
N HIS D 473 0.60 64.30 -74.61
CA HIS D 473 1.76 63.58 -75.11
C HIS D 473 1.28 62.25 -75.69
N GLU D 474 0.32 62.33 -76.60
CA GLU D 474 -0.31 61.14 -77.15
C GLU D 474 0.56 60.42 -78.17
N ASP D 475 1.73 60.97 -78.50
CA ASP D 475 2.66 60.24 -79.36
C ASP D 475 3.14 58.95 -78.68
N ILE D 476 3.10 58.93 -77.35
CA ILE D 476 3.43 57.71 -76.62
C ILE D 476 2.41 56.63 -76.92
N LYS D 477 1.17 57.03 -77.19
CA LYS D 477 0.09 56.06 -77.39
C LYS D 477 0.36 55.14 -78.56
N LYS D 478 1.23 55.57 -79.49
CA LYS D 478 1.53 54.75 -80.66
C LYS D 478 2.03 53.37 -80.25
N GLY D 479 2.93 53.31 -79.27
CA GLY D 479 3.35 52.04 -78.74
C GLY D 479 2.23 51.27 -78.08
N ILE D 480 1.30 51.96 -77.41
CA ILE D 480 0.25 51.26 -76.68
C ILE D 480 -0.91 50.94 -77.59
N LEU D 481 -1.52 51.97 -78.19
CA LEU D 481 -2.78 51.78 -78.90
C LEU D 481 -2.63 50.82 -80.07
N LEU D 482 -1.58 50.98 -80.87
CA LEU D 482 -1.39 50.11 -82.02
C LEU D 482 -1.04 48.69 -81.58
N GLN D 483 -0.17 48.54 -80.57
CA GLN D 483 0.30 47.21 -80.20
C GLN D 483 -0.77 46.40 -79.47
N LEU D 484 -1.52 47.03 -78.58
CA LEU D 484 -2.51 46.28 -77.83
C LEU D 484 -3.73 45.93 -78.67
N PHE D 485 -4.15 46.80 -79.57
CA PHE D 485 -5.34 46.57 -80.37
C PHE D 485 -4.98 46.45 -81.85
N ASP D 511 9.87 64.89 -65.56
CA ASP D 511 9.34 64.34 -64.32
C ASP D 511 8.73 62.97 -64.54
N PRO D 512 9.26 61.96 -63.84
CA PRO D 512 8.73 60.61 -63.98
C PRO D 512 7.33 60.50 -63.37
N GLY D 513 6.57 59.57 -63.91
CA GLY D 513 5.24 59.30 -63.40
C GLY D 513 4.24 60.39 -63.73
N THR D 514 4.64 61.32 -64.60
CA THR D 514 3.75 62.36 -65.09
C THR D 514 2.85 61.73 -66.15
N SER D 515 1.76 61.11 -65.68
CA SER D 515 0.89 60.29 -66.52
C SER D 515 1.64 59.15 -67.18
N LYS D 516 2.82 58.81 -66.65
CA LYS D 516 3.69 57.81 -67.24
C LYS D 516 3.60 56.48 -66.49
N SER D 517 3.92 56.50 -65.19
CA SER D 517 3.73 55.30 -64.37
C SER D 517 2.29 54.88 -64.36
N GLN D 518 1.37 55.86 -64.35
CA GLN D 518 -0.05 55.56 -64.43
C GLN D 518 -0.37 54.87 -65.74
N LEU D 519 0.29 55.27 -66.83
CA LEU D 519 0.07 54.63 -68.11
C LEU D 519 0.38 53.15 -68.02
N LEU D 520 1.43 52.79 -67.27
CA LEU D 520 1.72 51.38 -67.02
C LEU D 520 0.58 50.72 -66.27
N GLN D 521 -0.03 51.44 -65.32
CA GLN D 521 -1.14 50.88 -64.56
C GLN D 521 -2.30 50.51 -65.46
N TYR D 522 -2.52 51.28 -66.53
CA TYR D 522 -3.55 50.93 -67.50
C TYR D 522 -3.31 49.55 -68.08
N VAL D 523 -2.06 49.25 -68.45
CA VAL D 523 -1.75 47.95 -69.00
C VAL D 523 -2.05 46.86 -67.98
N TYR D 524 -1.62 47.05 -66.74
CA TYR D 524 -1.92 46.07 -65.70
C TYR D 524 -3.41 45.94 -65.48
N ASN D 525 -4.12 47.07 -65.50
CA ASN D 525 -5.56 47.01 -65.34
C ASN D 525 -6.24 46.36 -66.53
N LEU D 526 -5.79 46.68 -67.74
CA LEU D 526 -6.49 46.22 -68.94
C LEU D 526 -6.25 44.74 -69.20
N VAL D 527 -5.00 44.31 -69.25
CA VAL D 527 -4.65 42.91 -69.49
C VAL D 527 -4.15 42.32 -68.17
N PRO D 528 -4.89 41.42 -67.54
CA PRO D 528 -4.37 40.80 -66.31
C PRO D 528 -3.18 39.89 -66.58
N ARG D 529 -2.94 39.51 -67.82
CA ARG D 529 -1.83 38.63 -68.17
C ARG D 529 -0.56 39.46 -68.19
N GLY D 530 0.21 39.36 -67.12
CA GLY D 530 1.48 40.07 -67.04
C GLY D 530 1.95 40.15 -65.61
N GLN D 531 3.14 40.74 -65.45
CA GLN D 531 3.70 40.99 -64.14
C GLN D 531 4.31 42.38 -64.13
N TYR D 532 4.07 43.10 -63.04
CA TYR D 532 4.62 44.44 -62.85
C TYR D 532 5.69 44.38 -61.77
N THR D 533 6.87 44.93 -62.06
CA THR D 533 7.97 44.88 -61.12
C THR D 533 8.93 46.03 -61.42
N SER D 534 9.85 46.25 -60.48
CA SER D 534 10.81 47.34 -60.58
C SER D 534 12.06 46.95 -59.81
N GLY D 535 13.15 47.64 -60.12
CA GLY D 535 14.41 47.43 -59.44
C GLY D 535 14.55 48.29 -58.20
N LYS D 536 15.81 48.36 -57.72
CA LYS D 536 16.20 49.14 -56.56
C LYS D 536 15.66 48.52 -55.28
N GLY D 537 14.85 47.47 -55.42
CA GLY D 537 14.34 46.75 -54.27
C GLY D 537 14.55 45.27 -54.42
N SER D 538 14.91 44.83 -55.63
CA SER D 538 15.16 43.43 -55.91
C SER D 538 16.47 43.33 -56.68
N SER D 539 17.33 42.38 -56.28
CA SER D 539 18.61 42.19 -56.94
C SER D 539 18.44 41.35 -58.21
N ALA D 540 19.56 40.97 -58.83
CA ALA D 540 19.50 40.15 -60.04
C ALA D 540 18.91 38.78 -59.76
N VAL D 541 19.26 38.18 -58.61
CA VAL D 541 18.69 36.88 -58.25
C VAL D 541 17.27 37.05 -57.73
N GLY D 542 16.87 38.27 -57.40
CA GLY D 542 15.54 38.53 -56.89
C GLY D 542 14.45 38.46 -57.94
N LEU D 543 14.81 38.48 -59.21
CA LEU D 543 13.85 38.42 -60.31
C LEU D 543 13.61 37.02 -60.83
N THR D 544 14.63 36.16 -60.80
CA THR D 544 14.47 34.77 -61.24
C THR D 544 15.66 33.93 -60.80
N ALA D 545 15.59 32.62 -61.05
CA ALA D 545 16.61 31.67 -60.61
C ALA D 545 16.84 31.74 -59.11
N TYR D 546 15.75 31.81 -58.34
CA TYR D 546 15.80 31.90 -56.89
C TYR D 546 15.72 30.52 -56.23
N VAL D 547 16.18 29.47 -56.91
CA VAL D 547 16.04 28.10 -56.42
C VAL D 547 16.54 28.00 -54.98
N MET D 548 15.72 27.40 -54.12
CA MET D 548 16.07 27.27 -52.71
C MET D 548 15.29 26.12 -52.10
N LYS D 549 15.86 25.53 -51.07
CA LYS D 549 15.24 24.45 -50.33
C LYS D 549 14.80 24.94 -48.96
N ASP D 550 13.92 24.16 -48.33
CA ASP D 550 13.39 24.50 -47.01
C ASP D 550 14.18 23.76 -45.94
N PRO D 551 14.91 24.45 -45.07
CA PRO D 551 15.70 23.76 -44.04
C PRO D 551 14.85 23.09 -42.97
N GLU D 552 13.61 23.54 -42.77
CA GLU D 552 12.75 22.90 -41.77
C GLU D 552 12.25 21.54 -42.24
N THR D 553 11.95 21.39 -43.53
CA THR D 553 11.43 20.14 -44.06
C THR D 553 12.44 19.36 -44.89
N ARG D 554 13.57 19.97 -45.26
CA ARG D 554 14.63 19.32 -46.01
C ARG D 554 14.11 18.75 -47.34
N GLN D 555 13.64 19.66 -48.19
CA GLN D 555 13.23 19.31 -49.54
C GLN D 555 13.52 20.47 -50.47
N LEU D 556 13.99 20.16 -51.67
CA LEU D 556 14.45 21.18 -52.60
C LEU D 556 13.27 21.75 -53.40
N VAL D 557 13.38 23.03 -53.75
CA VAL D 557 12.39 23.67 -54.61
C VAL D 557 13.10 24.30 -55.79
N LEU D 558 12.58 23.98 -56.98
CA LEU D 558 13.11 24.49 -58.24
C LEU D 558 12.43 25.81 -58.56
N GLN D 559 12.88 26.87 -57.91
CA GLN D 559 12.24 28.18 -58.06
C GLN D 559 12.42 28.70 -59.47
N THR D 560 11.44 29.47 -59.93
CA THR D 560 11.48 30.13 -61.22
C THR D 560 11.40 31.63 -60.96
N GLY D 561 11.20 32.40 -62.04
CA GLY D 561 11.04 33.84 -61.88
C GLY D 561 9.94 34.46 -62.72
N ALA D 562 9.67 35.75 -62.46
CA ALA D 562 8.55 36.42 -63.11
C ALA D 562 8.83 36.69 -64.58
N LEU D 563 10.04 37.14 -64.90
CA LEU D 563 10.40 37.34 -66.30
C LEU D 563 10.25 36.04 -67.08
N VAL D 564 10.55 34.91 -66.44
CA VAL D 564 10.34 33.61 -67.07
C VAL D 564 8.87 33.43 -67.39
N LEU D 565 7.99 33.77 -66.45
CA LEU D 565 6.57 33.56 -66.64
C LEU D 565 5.93 34.62 -67.53
N SER D 566 6.72 35.55 -68.08
CA SER D 566 6.20 36.72 -68.77
C SER D 566 5.91 36.48 -70.25
N ASP D 567 5.97 35.23 -70.72
CA ASP D 567 5.67 34.94 -72.12
C ASP D 567 4.21 35.27 -72.44
N ASN D 568 3.97 35.64 -73.70
CA ASN D 568 2.62 35.96 -74.19
C ASN D 568 2.01 37.14 -73.44
N GLY D 569 2.80 38.19 -73.23
CA GLY D 569 2.33 39.33 -72.49
C GLY D 569 3.26 40.51 -72.63
N ILE D 570 2.97 41.55 -71.84
CA ILE D 570 3.85 42.70 -71.71
C ILE D 570 4.15 42.91 -70.24
N CYS D 571 5.43 42.92 -69.90
CA CYS D 571 5.89 43.15 -68.54
C CYS D 571 6.08 44.63 -68.30
N CYS D 572 5.77 45.08 -67.10
CA CYS D 572 5.91 46.48 -66.72
C CYS D 572 7.17 46.63 -65.88
N ILE D 573 8.22 47.15 -66.50
CA ILE D 573 9.46 47.51 -65.81
C ILE D 573 9.79 48.95 -66.17
N ASP D 574 9.94 49.78 -65.15
CA ASP D 574 10.29 51.18 -65.35
C ASP D 574 11.58 51.48 -64.62
N GLU D 575 12.00 52.74 -64.68
CA GLU D 575 13.21 53.21 -64.02
C GLU D 575 14.40 52.36 -64.42
N PHE D 576 14.44 52.02 -65.71
CA PHE D 576 15.45 51.10 -66.20
C PHE D 576 16.87 51.63 -66.05
N ASP D 577 17.04 52.96 -66.05
CA ASP D 577 18.37 53.53 -65.96
C ASP D 577 19.00 53.33 -64.58
N LYS D 578 18.20 53.12 -63.54
CA LYS D 578 18.69 52.98 -62.18
C LYS D 578 19.14 51.57 -61.84
N MET D 579 18.98 50.62 -62.76
CA MET D 579 19.43 49.25 -62.51
C MET D 579 20.95 49.18 -62.55
N ASN D 580 21.51 48.18 -61.86
CA ASN D 580 22.96 48.01 -61.83
C ASN D 580 23.40 47.25 -63.08
N GLU D 581 24.70 47.28 -63.37
CA GLU D 581 25.23 46.56 -64.53
C GLU D 581 25.23 45.06 -64.32
N SER D 582 25.26 44.59 -63.07
CA SER D 582 25.22 43.17 -62.80
C SER D 582 23.95 42.54 -63.34
N THR D 583 22.82 43.17 -63.10
CA THR D 583 21.57 42.75 -63.69
C THR D 583 21.54 43.22 -65.14
N ARG D 584 20.35 43.19 -65.75
CA ARG D 584 20.16 43.60 -67.14
C ARG D 584 20.81 42.60 -68.09
N SER D 585 21.51 41.62 -67.54
CA SER D 585 22.07 40.58 -68.37
C SER D 585 20.99 39.69 -68.96
N VAL D 586 20.01 39.27 -68.16
CA VAL D 586 19.01 38.34 -68.63
C VAL D 586 18.12 38.98 -69.70
N LEU D 587 17.81 40.27 -69.52
CA LEU D 587 16.99 40.96 -70.50
C LEU D 587 17.74 41.09 -71.82
N HIS D 588 19.06 41.24 -71.75
CA HIS D 588 19.88 41.44 -72.94
C HIS D 588 19.75 40.30 -73.93
N GLU D 589 19.80 39.06 -73.46
CA GLU D 589 19.54 37.92 -74.33
C GLU D 589 18.11 37.94 -74.84
N VAL D 590 17.16 38.26 -73.95
CA VAL D 590 15.76 38.31 -74.35
C VAL D 590 15.58 39.32 -75.48
N MET D 591 16.17 40.51 -75.32
CA MET D 591 16.08 41.51 -76.37
C MET D 591 16.80 41.09 -77.65
N GLU D 592 17.87 40.32 -77.55
CA GLU D 592 18.65 39.95 -78.72
C GLU D 592 18.47 38.51 -79.16
N GLN D 593 17.70 37.70 -78.42
CA GLN D 593 17.51 36.33 -78.86
C GLN D 593 16.06 35.91 -78.70
N GLN D 594 15.22 36.82 -78.21
CA GLN D 594 13.78 36.60 -78.04
C GLN D 594 13.49 35.40 -77.16
N THR D 595 14.45 35.03 -76.32
CA THR D 595 14.30 33.88 -75.44
C THR D 595 15.05 34.17 -74.15
N LEU D 596 14.73 33.41 -73.12
CA LEU D 596 15.30 33.63 -71.79
C LEU D 596 15.97 32.33 -71.35
N SER D 597 17.30 32.32 -71.32
CA SER D 597 18.03 31.15 -70.87
C SER D 597 18.38 31.27 -69.39
N ILE D 598 18.05 30.23 -68.63
CA ILE D 598 18.38 30.15 -67.21
C ILE D 598 19.50 29.14 -67.05
N ALA D 599 20.66 29.63 -66.62
CA ALA D 599 21.87 28.80 -66.47
C ALA D 599 22.24 28.76 -64.99
N LYS D 600 21.78 27.72 -64.30
CA LYS D 600 22.21 27.48 -62.93
C LYS D 600 22.66 26.04 -62.85
N ALA D 601 23.18 25.65 -61.68
CA ALA D 601 23.78 24.33 -61.51
C ALA D 601 22.75 23.24 -61.76
N GLY D 602 21.53 23.45 -61.28
CA GLY D 602 20.49 22.46 -61.47
C GLY D 602 20.05 22.40 -62.91
N ILE D 603 19.84 23.56 -63.51
CA ILE D 603 19.21 23.63 -64.83
C ILE D 603 20.05 24.49 -65.77
N ILE D 604 20.41 23.93 -66.92
CA ILE D 604 21.02 24.69 -68.00
C ILE D 604 20.19 24.51 -69.25
N CYS D 605 19.42 25.52 -69.63
CA CYS D 605 18.60 25.47 -70.84
C CYS D 605 18.15 26.90 -71.16
N GLN D 606 17.13 27.02 -72.00
CA GLN D 606 16.54 28.29 -72.37
C GLN D 606 15.03 28.20 -72.16
N LEU D 607 14.43 29.28 -71.66
CA LEU D 607 12.99 29.33 -71.48
C LEU D 607 12.39 30.23 -72.55
N ASN D 608 11.31 29.78 -73.16
CA ASN D 608 10.70 30.49 -74.28
C ASN D 608 10.28 31.89 -73.83
N ALA D 609 10.67 32.89 -74.62
CA ALA D 609 10.27 34.27 -74.35
C ALA D 609 9.62 34.88 -75.58
N ARG D 610 8.67 34.16 -76.16
CA ARG D 610 7.94 34.65 -77.34
C ARG D 610 6.90 35.66 -76.86
N THR D 611 7.40 36.82 -76.43
CA THR D 611 6.56 37.94 -76.04
C THR D 611 7.31 39.23 -76.32
N SER D 612 6.63 40.35 -76.15
CA SER D 612 7.20 41.67 -76.37
C SER D 612 7.06 42.50 -75.10
N VAL D 613 8.10 43.26 -74.78
CA VAL D 613 8.06 44.23 -73.69
C VAL D 613 8.59 45.55 -74.22
N LEU D 614 7.90 46.63 -73.90
CA LEU D 614 8.31 47.97 -74.31
C LEU D 614 8.12 48.96 -73.16
N ALA D 615 8.93 50.01 -73.19
CA ALA D 615 8.91 51.06 -72.17
C ALA D 615 9.40 52.35 -72.82
N ALA D 616 9.79 53.32 -72.01
CA ALA D 616 10.25 54.58 -72.56
C ALA D 616 11.38 55.13 -71.71
N ALA D 617 12.19 55.99 -72.31
CA ALA D 617 13.37 56.53 -71.66
C ALA D 617 13.26 58.05 -71.52
N ASN D 618 14.29 58.68 -70.96
CA ASN D 618 14.30 60.13 -70.79
C ASN D 618 15.63 60.73 -71.25
N HIS D 638 27.07 57.31 -77.10
CA HIS D 638 27.83 56.08 -77.15
C HIS D 638 27.35 55.20 -78.31
N THR D 639 26.09 55.40 -78.71
CA THR D 639 25.41 54.72 -79.81
C THR D 639 25.29 53.22 -79.59
N LEU D 640 25.43 52.72 -78.35
CA LEU D 640 25.17 51.31 -78.05
C LEU D 640 23.77 51.15 -77.47
N LEU D 641 22.97 52.21 -77.57
CA LEU D 641 21.58 52.17 -77.12
C LEU D 641 20.70 51.37 -78.09
N SER D 642 21.23 51.04 -79.27
CA SER D 642 20.41 50.39 -80.30
C SER D 642 19.83 49.07 -79.82
N ARG D 643 20.33 48.57 -78.69
CA ARG D 643 19.75 47.37 -78.08
C ARG D 643 18.25 47.53 -77.86
N PHE D 644 17.81 48.73 -77.48
CA PHE D 644 16.38 48.97 -77.29
C PHE D 644 15.62 48.85 -78.60
N ASP D 645 14.38 48.37 -78.50
CA ASP D 645 13.49 48.28 -79.65
C ASP D 645 13.05 49.66 -80.12
N LEU D 646 12.59 50.49 -79.20
CA LEU D 646 12.10 51.82 -79.55
C LEU D 646 12.51 52.81 -78.47
N ILE D 647 12.98 53.97 -78.91
CA ILE D 647 13.49 55.00 -78.00
C ILE D 647 12.71 56.29 -78.27
N PHE D 648 12.07 56.80 -77.24
CA PHE D 648 11.37 58.08 -77.32
C PHE D 648 11.70 58.94 -76.11
N LEU D 649 11.82 60.24 -76.36
CA LEU D 649 12.13 61.21 -75.32
C LEU D 649 10.96 62.16 -75.15
N LEU D 650 10.58 62.40 -73.90
CA LEU D 650 9.47 63.31 -73.58
C LEU D 650 10.01 64.74 -73.66
N LEU D 651 9.52 65.50 -74.64
CA LEU D 651 9.93 66.89 -74.82
C LEU D 651 8.91 67.81 -74.19
N ASP D 652 9.38 68.99 -73.78
CA ASP D 652 8.53 69.96 -73.12
C ASP D 652 8.17 71.07 -74.09
N PRO D 653 6.92 71.17 -74.55
CA PRO D 653 6.54 72.28 -75.42
C PRO D 653 6.42 73.61 -74.69
N GLN D 654 6.52 73.61 -73.36
CA GLN D 654 6.48 74.83 -72.56
C GLN D 654 5.23 75.66 -72.83
N ASP D 655 4.10 74.96 -72.93
CA ASP D 655 2.82 75.60 -73.25
C ASP D 655 1.88 75.40 -72.07
N GLU D 656 1.58 76.50 -71.37
CA GLU D 656 0.73 76.42 -70.19
C GLU D 656 -0.71 76.11 -70.55
N ALA D 657 -1.12 76.41 -71.79
CA ALA D 657 -2.49 76.15 -72.19
C ALA D 657 -2.80 74.67 -72.17
N TYR D 658 -1.81 73.83 -72.46
CA TYR D 658 -2.04 72.39 -72.48
C TYR D 658 -2.48 71.88 -71.11
N ASP D 659 -1.87 72.38 -70.04
CA ASP D 659 -2.20 71.92 -68.70
C ASP D 659 -3.62 72.31 -68.31
N ARG D 660 -4.17 73.35 -68.96
CA ARG D 660 -5.50 73.83 -68.60
C ARG D 660 -6.53 72.71 -68.72
N ARG D 661 -6.41 71.87 -69.75
CA ARG D 661 -7.41 70.83 -69.99
C ARG D 661 -7.42 69.81 -68.86
N LEU D 662 -6.39 69.79 -68.02
CA LEU D 662 -6.33 68.79 -66.96
C LEU D 662 -7.51 68.91 -66.02
N ALA D 663 -7.83 70.13 -65.58
CA ALA D 663 -8.89 70.30 -64.58
C ALA D 663 -10.25 69.87 -65.12
N HIS D 664 -10.55 70.27 -66.36
CA HIS D 664 -11.86 69.92 -66.92
C HIS D 664 -11.92 68.46 -67.33
N HIS D 665 -10.83 67.92 -67.90
CA HIS D 665 -10.91 66.59 -68.48
C HIS D 665 -11.08 65.52 -67.41
N LEU D 666 -10.36 65.63 -66.30
CA LEU D 666 -10.35 64.59 -65.28
C LEU D 666 -11.04 65.00 -64.00
N VAL D 667 -10.72 66.18 -63.47
CA VAL D 667 -11.25 66.58 -62.16
C VAL D 667 -12.76 66.77 -62.25
N ALA D 668 -13.24 67.45 -63.29
CA ALA D 668 -14.67 67.65 -63.43
C ALA D 668 -15.40 66.33 -63.66
N LEU D 669 -14.87 65.49 -64.54
CA LEU D 669 -15.53 64.22 -64.85
C LEU D 669 -15.39 63.22 -63.70
N TYR D 670 -14.19 63.09 -63.13
CA TYR D 670 -13.96 62.14 -62.04
C TYR D 670 -13.65 62.88 -60.73
N LEU D 682 -21.67 46.00 -67.80
CA LEU D 682 -22.34 45.49 -69.00
C LEU D 682 -21.46 45.76 -70.23
N ASP D 683 -20.95 46.98 -70.33
CA ASP D 683 -20.07 47.33 -71.44
C ASP D 683 -18.69 46.68 -71.29
N MET D 684 -18.32 46.27 -70.08
CA MET D 684 -17.00 45.69 -69.85
C MET D 684 -16.84 44.37 -70.60
N ALA D 685 -17.92 43.60 -70.74
CA ALA D 685 -17.85 42.33 -71.43
C ALA D 685 -17.45 42.52 -72.90
N VAL D 686 -17.95 43.58 -73.53
CA VAL D 686 -17.69 43.80 -74.96
C VAL D 686 -16.20 44.00 -75.22
N LEU D 687 -15.53 44.79 -74.37
CA LEU D 687 -14.12 45.11 -74.59
C LEU D 687 -13.24 43.89 -74.40
N LYS D 688 -13.69 42.94 -73.58
CA LYS D 688 -12.90 41.74 -73.32
C LYS D 688 -12.77 40.88 -74.56
N ASP D 689 -13.88 40.65 -75.27
CA ASP D 689 -13.93 39.66 -76.35
C ASP D 689 -13.11 40.07 -77.57
N TYR D 690 -12.73 41.35 -77.68
CA TYR D 690 -12.03 41.81 -78.87
C TYR D 690 -10.70 41.09 -79.05
N ILE D 691 -9.97 40.89 -77.96
CA ILE D 691 -8.61 40.37 -78.09
C ILE D 691 -8.63 38.86 -78.27
N ALA D 692 -9.36 38.15 -77.40
CA ALA D 692 -9.29 36.69 -77.40
C ALA D 692 -9.89 36.09 -78.66
N TYR D 693 -11.11 36.50 -79.02
CA TYR D 693 -11.85 35.74 -80.02
C TYR D 693 -11.51 36.18 -81.43
N ALA D 694 -11.55 37.49 -81.69
CA ALA D 694 -11.36 37.98 -83.06
C ALA D 694 -9.92 37.81 -83.51
N HIS D 695 -8.97 38.01 -82.62
CA HIS D 695 -7.56 38.01 -83.02
C HIS D 695 -7.01 36.59 -83.21
N SER D 696 -7.77 35.57 -82.85
CA SER D 696 -7.31 34.19 -82.89
C SER D 696 -7.12 33.67 -84.30
N THR D 697 -7.88 34.19 -85.26
CA THR D 697 -7.86 33.70 -86.63
C THR D 697 -7.16 34.68 -87.57
N ILE D 698 -6.92 35.90 -87.09
CA ILE D 698 -6.40 36.96 -87.95
C ILE D 698 -4.88 36.80 -88.08
N MET D 699 -4.41 36.71 -89.31
CA MET D 699 -2.99 36.63 -89.62
C MET D 699 -2.71 37.40 -90.90
N PRO D 700 -2.13 38.59 -90.81
CA PRO D 700 -1.93 39.41 -92.01
C PRO D 700 -0.86 38.83 -92.93
N ARG D 701 -0.96 39.19 -94.21
CA ARG D 701 0.04 38.85 -95.21
C ARG D 701 0.44 40.14 -95.93
N LEU D 702 1.74 40.26 -96.24
CA LEU D 702 2.25 41.46 -96.92
C LEU D 702 2.21 41.28 -98.43
N SER D 703 1.54 42.22 -99.09
CA SER D 703 1.44 42.22 -100.54
C SER D 703 2.79 42.60 -101.14
N GLU D 704 2.91 42.50 -102.46
CA GLU D 704 4.16 42.83 -103.13
C GLU D 704 4.37 44.34 -103.20
N GLU D 705 3.28 45.10 -103.38
CA GLU D 705 3.42 46.53 -103.60
C GLU D 705 3.83 47.26 -102.33
N ALA D 706 3.47 46.73 -101.16
CA ALA D 706 3.64 47.45 -99.91
C ALA D 706 5.00 47.23 -99.27
N SER D 707 5.86 46.41 -99.89
CA SER D 707 7.15 46.11 -99.26
C SER D 707 8.19 47.18 -99.56
N GLN D 708 8.45 47.45 -100.84
CA GLN D 708 9.57 48.29 -101.22
C GLN D 708 9.34 49.74 -100.83
N ALA D 709 8.14 50.08 -100.39
CA ALA D 709 7.79 51.48 -100.15
C ALA D 709 8.71 52.12 -99.11
N LEU D 710 8.98 51.42 -98.02
CA LEU D 710 9.84 51.99 -96.99
C LEU D 710 11.29 52.04 -97.46
N ILE D 711 11.69 51.08 -98.29
CA ILE D 711 13.07 51.02 -98.76
C ILE D 711 13.38 52.24 -99.62
N GLU D 712 12.49 52.56 -100.55
CA GLU D 712 12.73 53.71 -101.43
C GLU D 712 12.48 55.02 -100.70
N ALA D 713 11.91 54.95 -99.49
CA ALA D 713 11.52 56.17 -98.77
C ALA D 713 12.75 56.88 -98.20
N TYR D 714 13.54 56.17 -97.39
CA TYR D 714 14.61 56.82 -96.64
C TYR D 714 15.77 57.25 -97.52
N VAL D 715 15.96 56.59 -98.67
CA VAL D 715 17.15 56.85 -99.49
C VAL D 715 17.11 58.26 -100.07
N ASP D 716 15.97 58.64 -100.68
CA ASP D 716 15.90 59.92 -101.37
C ASP D 716 15.79 61.09 -100.39
N MET D 717 14.94 60.96 -99.36
CA MET D 717 14.62 62.12 -98.53
C MET D 717 15.70 62.41 -97.49
N ARG D 718 16.65 61.50 -97.30
CA ARG D 718 17.67 61.68 -96.27
C ARG D 718 18.66 62.79 -96.59
N LYS D 719 18.86 63.11 -97.87
CA LYS D 719 19.76 64.19 -98.25
C LYS D 719 19.08 65.54 -98.40
N ILE D 720 17.75 65.59 -98.28
CA ILE D 720 17.03 66.84 -98.45
C ILE D 720 16.97 67.56 -97.11
N GLY D 721 17.40 68.82 -97.09
CA GLY D 721 17.35 69.63 -95.89
C GLY D 721 18.53 69.48 -94.95
N SER D 722 19.56 68.72 -95.34
CA SER D 722 20.73 68.52 -94.49
C SER D 722 21.46 69.83 -94.24
N SER D 728 20.40 57.15 -87.38
CA SER D 728 21.03 56.53 -88.53
C SER D 728 20.05 55.63 -89.27
N ALA D 729 19.99 55.79 -90.59
CA ALA D 729 19.06 55.04 -91.41
C ALA D 729 19.71 53.90 -92.18
N TYR D 730 21.03 53.97 -92.42
CA TYR D 730 21.71 52.96 -93.21
C TYR D 730 21.70 51.56 -92.58
N PRO D 731 21.58 51.39 -91.25
CA PRO D 731 21.41 50.02 -90.74
C PRO D 731 20.10 49.40 -91.17
N ARG D 732 19.94 48.10 -90.90
CA ARG D 732 18.74 47.38 -91.31
C ARG D 732 17.62 47.59 -90.31
N GLN D 733 17.83 48.52 -89.37
CA GLN D 733 16.85 48.79 -88.34
C GLN D 733 15.50 49.12 -88.95
N LEU D 734 15.50 49.85 -90.06
CA LEU D 734 14.25 50.20 -90.73
C LEU D 734 13.46 48.95 -91.10
N GLU D 735 14.14 47.94 -91.64
CA GLU D 735 13.45 46.74 -92.08
C GLU D 735 12.67 46.11 -90.94
N SER D 736 13.20 46.18 -89.73
CA SER D 736 12.53 45.57 -88.59
C SER D 736 11.18 46.23 -88.32
N LEU D 737 10.96 47.43 -88.86
CA LEU D 737 9.71 48.15 -88.61
C LEU D 737 8.53 47.42 -89.22
N ILE D 738 8.79 46.44 -90.10
CA ILE D 738 7.72 45.64 -90.67
C ILE D 738 6.93 44.93 -89.57
N ARG D 739 7.60 44.60 -88.46
CA ARG D 739 6.91 43.97 -87.33
C ARG D 739 5.74 44.81 -86.86
N LEU D 740 5.99 46.10 -86.58
CA LEU D 740 4.92 46.98 -86.13
C LEU D 740 3.96 47.29 -87.27
N ALA D 741 4.43 47.19 -88.51
CA ALA D 741 3.54 47.41 -89.64
C ALA D 741 2.37 46.45 -89.61
N GLU D 742 2.57 45.27 -89.00
CA GLU D 742 1.50 44.29 -88.91
C GLU D 742 0.33 44.81 -88.08
N ALA D 743 0.59 45.81 -87.24
CA ALA D 743 -0.49 46.41 -86.46
C ALA D 743 -1.50 47.08 -87.37
N HIS D 744 -1.05 47.74 -88.44
CA HIS D 744 -1.97 48.41 -89.35
C HIS D 744 -3.00 47.45 -89.89
N ALA D 745 -2.57 46.27 -90.34
CA ALA D 745 -3.51 45.27 -90.84
C ALA D 745 -4.36 44.69 -89.71
N LYS D 746 -3.82 44.61 -88.50
CA LYS D 746 -4.59 44.04 -87.39
C LYS D 746 -5.76 44.93 -87.02
N VAL D 747 -5.71 46.20 -87.39
CA VAL D 747 -6.86 47.09 -87.26
C VAL D 747 -7.87 46.71 -88.35
N ARG D 748 -9.15 46.77 -88.00
CA ARG D 748 -10.26 46.47 -88.91
C ARG D 748 -10.28 45.00 -89.32
N LEU D 749 -9.40 44.18 -88.72
CA LEU D 749 -9.24 42.78 -89.08
C LEU D 749 -8.98 42.61 -90.57
N SER D 750 -8.30 43.57 -91.18
CA SER D 750 -8.12 43.62 -92.63
C SER D 750 -6.82 42.92 -93.02
N ASN D 751 -6.92 41.88 -93.83
CA ASN D 751 -5.74 41.26 -94.42
C ASN D 751 -5.27 41.98 -95.68
N LYS D 752 -5.98 43.02 -96.10
CA LYS D 752 -5.65 43.78 -97.30
C LYS D 752 -5.20 45.17 -96.91
N VAL D 753 -4.49 45.83 -97.83
CA VAL D 753 -3.90 47.14 -97.60
C VAL D 753 -4.61 48.16 -98.47
N GLU D 754 -5.04 49.26 -97.86
CA GLU D 754 -5.76 50.34 -98.52
C GLU D 754 -4.98 51.64 -98.33
N ALA D 755 -5.61 52.76 -98.73
CA ALA D 755 -4.96 54.06 -98.60
C ALA D 755 -4.66 54.38 -97.14
N ILE D 756 -5.58 54.01 -96.25
CA ILE D 756 -5.33 54.15 -94.82
C ILE D 756 -4.18 53.24 -94.42
N ASP D 757 -3.33 53.73 -93.50
CA ASP D 757 -2.16 53.07 -92.95
C ASP D 757 -1.00 53.02 -93.94
N VAL D 758 -0.97 53.86 -94.97
CA VAL D 758 0.19 53.98 -95.85
C VAL D 758 1.05 55.17 -95.47
N GLU D 759 0.44 56.36 -95.33
CA GLU D 759 1.19 57.52 -94.86
C GLU D 759 1.41 57.45 -93.35
N GLU D 760 0.68 56.57 -92.65
CA GLU D 760 0.87 56.43 -91.21
C GLU D 760 2.25 55.90 -90.87
N ALA D 761 2.74 54.94 -91.65
CA ALA D 761 4.07 54.40 -91.40
C ALA D 761 5.17 55.39 -91.79
N LYS D 762 4.93 56.24 -92.78
CA LYS D 762 5.96 57.18 -93.24
C LYS D 762 6.30 58.20 -92.16
N ARG D 763 5.27 58.78 -91.54
CA ARG D 763 5.51 59.84 -90.57
C ARG D 763 6.22 59.33 -89.32
N LEU D 764 6.17 58.01 -89.10
CA LEU D 764 6.84 57.43 -87.94
C LEU D 764 8.34 57.67 -88.01
N HIS D 765 8.90 57.75 -89.21
CA HIS D 765 10.31 58.10 -89.38
C HIS D 765 10.58 59.52 -88.88
N ARG D 766 9.70 60.46 -89.20
CA ARG D 766 9.92 61.85 -88.80
C ARG D 766 9.87 62.00 -87.28
N GLU D 767 8.96 61.27 -86.63
CA GLU D 767 8.89 61.32 -85.17
C GLU D 767 10.13 60.72 -84.55
N ALA D 768 10.65 59.64 -85.13
CA ALA D 768 11.90 59.07 -84.64
C ALA D 768 13.09 59.96 -84.99
N LEU D 769 13.03 60.64 -86.14
CA LEU D 769 14.14 61.49 -86.55
C LEU D 769 14.34 62.66 -85.61
N LYS D 770 13.24 63.28 -85.17
CA LYS D 770 13.34 64.49 -84.36
C LYS D 770 14.00 64.19 -83.01
N GLN D 771 13.57 63.10 -82.36
CA GLN D 771 14.11 62.77 -81.06
C GLN D 771 15.57 62.31 -81.14
N SER D 772 16.04 61.92 -82.32
CA SER D 772 17.44 61.60 -82.53
C SER D 772 18.23 62.77 -83.10
N ALA D 773 17.61 63.91 -83.33
CA ALA D 773 18.27 65.05 -83.93
C ALA D 773 18.91 65.92 -82.87
N THR D 774 19.70 66.89 -83.33
CA THR D 774 20.32 67.90 -82.47
C THR D 774 21.24 67.27 -81.42
N SER E 2 -20.20 5.30 31.44
CA SER E 2 -19.15 6.14 30.89
C SER E 2 -17.95 5.30 30.48
N GLY E 3 -18.23 4.22 29.76
CA GLY E 3 -17.19 3.30 29.35
C GLY E 3 -16.54 3.63 28.02
N PHE E 4 -16.94 4.74 27.40
CA PHE E 4 -16.44 5.10 26.08
C PHE E 4 -15.25 6.06 26.16
N ASP E 5 -15.44 7.20 26.83
CA ASP E 5 -14.40 8.23 26.84
C ASP E 5 -13.12 7.70 27.47
N ASP E 6 -12.03 8.42 27.23
CA ASP E 6 -10.76 8.05 27.84
C ASP E 6 -9.89 9.29 28.04
N PRO E 7 -9.81 9.82 29.24
CA PRO E 7 -9.00 11.02 29.47
C PRO E 7 -7.53 10.72 29.28
N GLY E 8 -6.78 11.78 29.04
CA GLY E 8 -5.37 11.66 28.75
C GLY E 8 -4.56 11.25 29.96
N ILE E 9 -3.27 11.02 29.70
CA ILE E 9 -2.31 10.65 30.73
C ILE E 9 -1.63 11.92 31.21
N PHE E 10 -1.53 12.08 32.52
CA PHE E 10 -1.02 13.31 33.12
C PHE E 10 0.22 13.04 33.98
N TYR E 11 1.21 13.94 33.87
CA TYR E 11 2.43 13.85 34.65
C TYR E 11 2.64 15.15 35.40
N SER E 12 3.13 15.02 36.63
CA SER E 12 3.32 16.16 37.52
C SER E 12 4.73 16.72 37.36
N ASP E 13 4.98 17.79 38.09
CA ASP E 13 6.32 18.36 38.12
C ASP E 13 7.27 17.40 38.82
N SER E 14 8.55 17.48 38.44
CA SER E 14 9.56 16.55 38.95
C SER E 14 10.02 16.95 40.35
N PHE E 15 9.07 16.98 41.28
CA PHE E 15 9.41 17.35 42.64
C PHE E 15 10.15 16.22 43.33
N GLY E 16 11.04 16.58 44.25
CA GLY E 16 11.82 15.60 44.97
C GLY E 16 13.08 15.22 44.23
N GLY E 17 14.18 15.05 44.96
CA GLY E 17 15.45 14.70 44.35
C GLY E 17 16.62 14.87 45.30
N GLY E 24 22.52 0.02 31.77
CA GLY E 24 23.37 0.19 30.61
C GLY E 24 23.33 1.58 30.01
N GLN E 25 22.13 2.18 30.00
CA GLN E 25 21.94 3.50 29.41
C GLN E 25 22.19 4.55 30.49
N ALA E 26 23.26 5.32 30.33
CA ALA E 26 23.63 6.33 31.32
C ALA E 26 22.63 7.48 31.34
N ARG E 27 22.37 8.02 32.52
CA ARG E 27 21.42 9.11 32.67
C ARG E 27 22.00 10.43 32.16
N LYS E 28 21.20 11.11 31.32
CA LYS E 28 21.63 12.39 30.76
C LYS E 28 21.17 13.57 31.60
N SER E 29 20.39 13.33 32.67
CA SER E 29 19.83 14.44 33.44
C SER E 29 20.92 15.26 34.11
N GLN E 30 21.95 14.60 34.65
CA GLN E 30 23.00 15.33 35.36
C GLN E 30 23.75 16.25 34.40
N LEU E 31 23.98 15.80 33.16
CA LEU E 31 24.61 16.68 32.18
C LEU E 31 23.70 17.85 31.83
N GLN E 32 22.38 17.61 31.79
CA GLN E 32 21.45 18.71 31.56
C GLN E 32 21.56 19.75 32.66
N ARG E 33 21.64 19.31 33.91
CA ARG E 33 21.73 20.24 35.02
C ARG E 33 23.01 21.07 34.95
N ARG E 34 24.15 20.42 34.64
CA ARG E 34 25.42 21.14 34.62
C ARG E 34 25.41 22.24 33.57
N PHE E 35 24.74 22.01 32.45
CA PHE E 35 24.53 23.08 31.49
C PHE E 35 23.74 24.22 32.11
N LYS E 36 22.64 23.89 32.78
CA LYS E 36 21.77 24.92 33.31
C LYS E 36 22.48 25.74 34.37
N GLU E 37 23.22 25.08 35.26
CA GLU E 37 23.87 25.80 36.34
C GLU E 37 24.93 26.75 35.80
N PHE E 38 25.72 26.29 34.84
CA PHE E 38 26.82 27.11 34.34
C PHE E 38 26.31 28.36 33.66
N LEU E 39 25.28 28.23 32.83
CA LEU E 39 24.87 29.34 31.98
C LEU E 39 24.37 30.52 32.81
N ARG E 40 23.60 30.24 33.87
CA ARG E 40 23.06 31.32 34.68
C ARG E 40 24.10 31.92 35.61
N GLN E 41 24.86 31.08 36.31
CA GLN E 41 25.67 31.50 37.44
C GLN E 41 27.06 31.98 37.07
N TYR E 42 27.55 31.69 35.87
CA TYR E 42 28.91 32.08 35.51
C TYR E 42 29.04 33.59 35.42
N ARG E 43 30.17 34.10 35.92
CA ARG E 43 30.48 35.52 35.84
C ARG E 43 31.94 35.69 35.43
N VAL E 44 32.20 36.74 34.67
CA VAL E 44 33.55 37.17 34.32
C VAL E 44 33.59 38.68 34.45
N GLY E 45 34.79 39.24 34.64
CA GLY E 45 34.95 40.66 34.77
C GLY E 45 36.05 41.03 35.76
N THR E 46 36.30 42.33 35.86
CA THR E 46 37.39 42.85 36.66
C THR E 46 36.86 43.84 37.69
N ASP E 47 37.67 44.02 38.75
CA ASP E 47 37.30 44.95 39.81
C ASP E 47 37.43 46.40 39.39
N ARG E 48 38.38 46.72 38.51
CA ARG E 48 38.67 48.11 38.18
C ARG E 48 37.46 48.80 37.56
N THR E 49 36.76 48.12 36.65
CA THR E 49 35.61 48.68 35.98
C THR E 49 34.33 48.56 36.81
N GLY E 50 34.41 48.01 38.01
CA GLY E 50 33.25 47.83 38.85
C GLY E 50 32.56 46.50 38.60
N PHE E 51 31.73 46.12 39.57
CA PHE E 51 31.02 44.84 39.54
C PHE E 51 29.54 45.04 39.28
N THR E 52 29.06 44.41 38.22
CA THR E 52 27.64 44.31 37.92
C THR E 52 27.43 43.07 37.07
N PHE E 53 26.19 42.57 37.06
CA PHE E 53 25.84 41.38 36.29
C PHE E 53 25.80 41.78 34.82
N LYS E 54 26.87 41.44 34.08
CA LYS E 54 27.04 41.96 32.74
C LYS E 54 26.07 41.32 31.76
N TYR E 55 25.83 40.01 31.89
CA TYR E 55 24.91 39.31 31.00
C TYR E 55 23.45 39.70 31.21
N ARG E 56 23.11 40.39 32.31
CA ARG E 56 21.73 40.80 32.52
C ARG E 56 21.26 41.75 31.42
N ASP E 57 22.05 42.79 31.14
CA ASP E 57 21.65 43.75 30.11
C ASP E 57 22.25 43.40 28.75
N GLU E 58 23.39 42.69 28.73
CA GLU E 58 23.99 42.34 27.44
C GLU E 58 23.15 41.32 26.70
N LEU E 59 22.72 40.25 27.40
CA LEU E 59 21.81 39.29 26.78
C LEU E 59 20.48 39.95 26.44
N LYS E 60 20.00 40.83 27.33
CA LYS E 60 18.73 41.52 27.10
C LYS E 60 18.79 42.36 25.83
N ARG E 61 19.90 43.07 25.63
CA ARG E 61 20.05 43.83 24.38
C ARG E 61 20.03 42.89 23.19
N HIS E 62 20.64 41.72 23.32
CA HIS E 62 20.61 40.73 22.25
C HIS E 62 19.19 40.31 21.93
N TYR E 63 18.38 40.07 22.96
CA TYR E 63 16.98 39.73 22.70
C TYR E 63 16.20 40.94 22.23
N ASN E 64 16.56 42.14 22.71
CA ASN E 64 15.89 43.35 22.26
C ASN E 64 16.12 43.60 20.77
N LEU E 65 17.31 43.28 20.27
CA LEU E 65 17.60 43.45 18.86
C LEU E 65 17.04 42.32 18.00
N GLY E 66 16.39 41.34 18.62
CA GLY E 66 15.83 40.23 17.87
C GLY E 66 16.85 39.26 17.32
N GLU E 67 18.03 39.19 17.92
CA GLU E 67 19.04 38.26 17.46
C GLU E 67 18.56 36.83 17.56
N TYR E 68 17.92 36.47 18.67
CA TYR E 68 17.43 35.11 18.90
C TYR E 68 18.57 34.10 18.83
N TRP E 69 19.77 34.53 19.23
CA TRP E 69 20.91 33.63 19.30
C TRP E 69 21.88 34.16 20.33
N ILE E 70 22.57 33.24 21.01
CA ILE E 70 23.53 33.61 22.04
C ILE E 70 24.80 32.81 21.80
N GLU E 71 25.94 33.50 21.93
CA GLU E 71 27.24 32.90 21.70
C GLU E 71 27.83 32.41 23.01
N VAL E 72 28.32 31.18 23.02
CA VAL E 72 28.96 30.60 24.18
C VAL E 72 30.41 30.29 23.83
N GLU E 73 31.34 30.96 24.50
CA GLU E 73 32.76 30.73 24.30
C GLU E 73 33.24 29.63 25.24
N MET E 74 33.80 28.56 24.68
CA MET E 74 34.33 27.48 25.49
C MET E 74 35.49 27.94 26.36
N GLU E 75 36.20 28.99 25.93
CA GLU E 75 37.32 29.50 26.72
C GLU E 75 36.85 29.89 28.12
N ASP E 76 35.68 30.54 28.21
CA ASP E 76 35.14 30.86 29.52
C ASP E 76 34.91 29.60 30.34
N LEU E 77 34.43 28.54 29.68
CA LEU E 77 34.22 27.28 30.39
C LEU E 77 35.54 26.63 30.78
N ALA E 78 36.53 26.70 29.89
CA ALA E 78 37.84 26.14 30.21
C ALA E 78 38.55 26.95 31.29
N SER E 79 38.50 28.28 31.20
CA SER E 79 39.27 29.11 32.11
C SER E 79 38.79 28.98 33.54
N PHE E 80 37.47 29.00 33.75
CA PHE E 80 36.94 28.88 35.10
C PHE E 80 37.14 27.46 35.63
N ASP E 81 36.86 26.45 34.81
CA ASP E 81 37.04 25.06 35.22
C ASP E 81 37.39 24.25 33.97
N GLU E 82 38.67 23.94 33.81
CA GLU E 82 39.13 23.21 32.64
C GLU E 82 38.64 21.76 32.63
N ASP E 83 38.42 21.18 33.82
CA ASP E 83 37.96 19.80 33.89
C ASP E 83 36.58 19.64 33.27
N LEU E 84 35.68 20.60 33.51
CA LEU E 84 34.35 20.52 32.92
C LEU E 84 34.41 20.60 31.41
N ALA E 85 35.26 21.49 30.88
CA ALA E 85 35.28 21.74 29.44
C ALA E 85 35.78 20.53 28.66
N ASP E 86 36.74 19.80 29.22
CA ASP E 86 37.32 18.66 28.50
C ASP E 86 36.28 17.60 28.20
N TYR E 87 35.40 17.32 29.16
CA TYR E 87 34.42 16.26 29.01
C TYR E 87 33.43 16.56 27.89
N LEU E 88 33.04 17.83 27.74
CA LEU E 88 31.96 18.18 26.82
C LEU E 88 32.34 17.94 25.37
N TYR E 89 33.62 18.10 25.03
CA TYR E 89 34.05 18.00 23.64
C TYR E 89 33.90 16.58 23.10
N LYS E 90 33.85 15.59 23.99
CA LYS E 90 33.93 14.20 23.54
C LYS E 90 32.77 13.80 22.65
N GLN E 91 31.54 14.03 23.08
CA GLN E 91 30.35 13.65 22.32
C GLN E 91 29.37 14.80 22.34
N PRO E 92 29.69 15.91 21.68
CA PRO E 92 28.76 17.05 21.69
C PRO E 92 27.56 16.86 20.78
N ALA E 93 27.63 15.91 19.83
CA ALA E 93 26.59 15.81 18.81
C ALA E 93 25.23 15.57 19.43
N GLU E 94 25.12 14.55 20.28
CA GLU E 94 23.85 14.29 20.92
C GLU E 94 23.49 15.34 21.96
N HIS E 95 24.47 15.78 22.75
CA HIS E 95 24.20 16.74 23.82
C HIS E 95 23.93 18.13 23.27
N LEU E 96 24.25 18.37 21.99
CA LEU E 96 24.10 19.71 21.44
C LEU E 96 22.67 20.20 21.54
N GLN E 97 21.71 19.33 21.21
CA GLN E 97 20.31 19.73 21.32
C GLN E 97 19.96 20.09 22.75
N LEU E 98 20.44 19.31 23.72
CA LEU E 98 20.15 19.59 25.11
C LEU E 98 20.67 20.96 25.50
N LEU E 99 21.85 21.32 25.01
CA LEU E 99 22.38 22.66 25.27
C LEU E 99 21.46 23.71 24.70
N GLU E 100 20.96 23.49 23.49
CA GLU E 100 20.06 24.45 22.87
C GLU E 100 18.80 24.62 23.70
N GLU E 101 18.24 23.52 24.20
CA GLU E 101 17.04 23.62 25.02
C GLU E 101 17.32 24.42 26.28
N ALA E 102 18.48 24.20 26.89
CA ALA E 102 18.80 24.88 28.14
C ALA E 102 18.86 26.39 27.95
N ALA E 103 19.32 26.83 26.79
CA ALA E 103 19.43 28.27 26.55
C ALA E 103 18.07 28.94 26.70
N LYS E 104 17.02 28.25 26.29
CA LYS E 104 15.67 28.81 26.42
C LYS E 104 15.35 29.12 27.87
N GLU E 105 15.65 28.17 28.77
CA GLU E 105 15.36 28.37 30.18
C GLU E 105 16.09 29.60 30.74
N VAL E 106 17.33 29.79 30.31
CA VAL E 106 18.10 30.94 30.77
C VAL E 106 17.40 32.23 30.39
N ALA E 107 16.88 32.28 29.17
CA ALA E 107 16.24 33.50 28.69
C ALA E 107 15.03 33.86 29.53
N ASP E 108 14.49 32.71 29.90
CA ASP E 108 13.44 32.57 30.80
C ASP E 108 13.77 33.59 31.82
N GLU E 109 15.00 33.59 32.24
CA GLU E 109 15.31 34.49 33.31
C GLU E 109 15.15 35.97 33.09
N VAL E 110 15.85 36.58 32.14
CA VAL E 110 15.67 37.99 32.12
C VAL E 110 14.67 38.45 31.19
N THR E 111 13.98 37.54 30.55
CA THR E 111 12.91 37.97 29.69
C THR E 111 11.98 38.51 30.69
N ARG E 112 11.58 37.60 31.59
CA ARG E 112 10.71 37.86 32.69
C ARG E 112 9.49 38.56 32.15
N PRO E 113 9.31 39.80 32.49
CA PRO E 113 8.21 40.55 31.94
C PRO E 113 8.41 40.72 30.44
N ARG E 114 7.49 40.24 29.59
CA ARG E 114 7.58 40.44 28.15
C ARG E 114 6.47 41.35 27.81
N PRO E 115 6.78 42.44 27.11
CA PRO E 115 5.76 43.41 26.71
C PRO E 115 4.76 42.66 25.90
N SER E 116 3.51 42.71 26.33
CA SER E 116 2.37 42.03 25.71
C SER E 116 2.43 42.02 24.21
N GLY E 117 3.07 40.98 23.68
CA GLY E 117 3.23 40.82 22.26
C GLY E 117 4.66 40.42 22.06
N GLU E 118 5.09 39.51 22.90
CA GLU E 118 6.42 39.03 22.90
C GLU E 118 6.11 38.01 23.87
N GLU E 119 4.84 37.64 23.90
CA GLU E 119 4.47 36.67 24.93
C GLU E 119 5.19 35.34 24.74
N VAL E 120 5.29 34.88 23.50
CA VAL E 120 5.87 33.57 23.23
C VAL E 120 7.38 33.70 23.12
N LEU E 121 8.11 32.99 23.97
CA LEU E 121 9.56 32.98 23.89
C LEU E 121 10.01 32.02 22.82
N GLN E 122 10.81 32.52 21.87
CA GLN E 122 11.20 31.75 20.71
C GLN E 122 12.46 30.92 20.98
N ASP E 123 12.76 30.02 20.05
CA ASP E 123 13.94 29.18 20.17
C ASP E 123 15.21 30.00 20.00
N ILE E 124 16.26 29.60 20.71
CA ILE E 124 17.55 30.28 20.69
C ILE E 124 18.60 29.28 20.23
N GLN E 125 19.43 29.69 19.27
CA GLN E 125 20.51 28.85 18.76
C GLN E 125 21.85 29.34 19.31
N VAL E 126 22.71 28.39 19.67
CA VAL E 126 24.00 28.69 20.28
C VAL E 126 25.09 28.17 19.35
N MET E 127 26.07 29.02 19.05
CA MET E 127 27.23 28.64 18.26
C MET E 127 28.44 28.52 19.17
N LEU E 128 29.29 27.53 18.92
CA LEU E 128 30.45 27.26 19.75
C LEU E 128 31.73 27.49 18.97
N LYS E 129 32.72 28.08 19.64
CA LYS E 129 33.98 28.44 19.04
C LYS E 129 35.12 28.00 19.96
N SER E 130 36.32 27.90 19.39
CA SER E 130 37.49 27.53 20.16
C SER E 130 38.71 28.20 19.55
N ASP E 131 39.71 28.43 20.39
CA ASP E 131 40.97 29.01 19.94
C ASP E 131 42.04 27.98 19.66
N ALA E 132 41.68 26.70 19.68
CA ALA E 132 42.64 25.64 19.38
C ALA E 132 43.11 25.73 17.94
N SER E 133 44.30 25.21 17.70
CA SER E 133 44.85 25.22 16.35
C SER E 133 44.09 24.24 15.47
N PRO E 134 43.57 24.66 14.33
CA PRO E 134 42.87 23.73 13.46
C PRO E 134 43.79 22.67 12.90
N SER E 135 43.23 21.47 12.71
CA SER E 135 43.96 20.39 12.08
C SER E 135 43.79 20.44 10.57
N SER E 136 44.63 19.70 9.87
CA SER E 136 44.51 19.63 8.43
C SER E 136 43.36 18.73 8.03
N ILE E 137 43.02 18.75 6.74
CA ILE E 137 41.97 17.88 6.23
C ILE E 137 42.34 16.41 6.39
N ARG E 138 43.61 16.11 6.59
CA ARG E 138 44.03 14.74 6.85
C ARG E 138 43.34 14.15 8.08
N SER E 139 42.89 14.99 9.00
CA SER E 139 42.19 14.53 10.18
C SER E 139 40.72 14.25 9.93
N LEU E 140 40.19 14.57 8.75
CA LEU E 140 38.78 14.39 8.46
C LEU E 140 38.57 13.01 7.82
N LYS E 141 39.02 11.99 8.53
CA LYS E 141 38.84 10.61 8.10
C LYS E 141 37.73 9.96 8.93
N SER E 142 37.47 8.67 8.69
CA SER E 142 36.41 7.99 9.39
C SER E 142 36.72 7.79 10.86
N ASP E 143 38.00 7.80 11.23
CA ASP E 143 38.37 7.55 12.61
C ASP E 143 37.80 8.61 13.55
N MET E 144 37.85 9.87 13.12
CA MET E 144 37.38 10.98 13.93
C MET E 144 35.88 11.19 13.86
N MET E 145 35.12 10.17 13.51
CA MET E 145 33.68 10.33 13.29
C MET E 145 32.99 10.80 14.57
N SER E 146 32.00 11.68 14.39
CA SER E 146 31.14 12.14 15.49
C SER E 146 31.93 12.82 16.59
N HIS E 147 32.89 13.65 16.20
CA HIS E 147 33.60 14.50 17.14
C HIS E 147 33.73 15.89 16.56
N LEU E 148 33.79 16.88 17.45
CA LEU E 148 33.93 18.26 17.02
C LEU E 148 35.29 18.47 16.35
N VAL E 149 35.29 19.20 15.24
CA VAL E 149 36.49 19.42 14.45
C VAL E 149 36.68 20.91 14.27
N LYS E 150 37.88 21.26 13.79
CA LYS E 150 38.18 22.64 13.42
C LYS E 150 38.98 22.60 12.13
N ILE E 151 38.33 22.91 11.02
CA ILE E 151 39.02 22.96 9.73
C ILE E 151 38.88 24.36 9.14
N PRO E 152 39.97 24.97 8.70
CA PRO E 152 39.88 26.25 7.98
C PRO E 152 39.85 26.01 6.48
N GLY E 153 39.58 27.09 5.75
CA GLY E 153 39.53 26.98 4.31
C GLY E 153 38.90 28.22 3.68
N ILE E 154 38.67 28.11 2.38
CA ILE E 154 38.07 29.18 1.59
C ILE E 154 36.79 28.63 0.96
N ILE E 155 35.73 29.42 0.98
CA ILE E 155 34.42 28.99 0.49
C ILE E 155 34.30 29.38 -0.97
N ILE E 156 33.92 28.41 -1.80
CA ILE E 156 33.91 28.58 -3.25
C ILE E 156 32.49 28.61 -3.78
N ALA E 157 31.59 27.92 -3.10
CA ALA E 157 30.21 27.82 -3.56
C ALA E 157 29.28 28.32 -2.47
N ALA E 158 28.22 29.01 -2.87
CA ALA E 158 27.20 29.50 -1.96
C ALA E 158 25.84 29.28 -2.60
N SER E 159 24.86 28.91 -1.78
CA SER E 159 23.51 28.76 -2.28
C SER E 159 22.60 29.81 -1.66
N ALA E 160 21.38 29.88 -2.18
CA ALA E 160 20.43 30.83 -1.64
C ALA E 160 19.69 30.21 -0.46
N VAL E 161 18.87 31.02 0.19
CA VAL E 161 18.09 30.57 1.33
C VAL E 161 16.98 29.66 0.83
N ARG E 162 16.88 28.48 1.42
CA ARG E 162 15.80 27.54 1.12
C ARG E 162 15.05 27.19 2.41
N ALA E 163 14.13 26.24 2.30
CA ALA E 163 13.33 25.79 3.43
C ALA E 163 13.51 24.29 3.61
N LYS E 164 13.80 23.87 4.84
CA LYS E 164 13.95 22.47 5.19
C LYS E 164 13.17 22.21 6.46
N ALA E 165 12.44 21.10 6.48
CA ALA E 165 11.53 20.78 7.56
C ALA E 165 12.25 20.04 8.66
N THR E 166 11.99 20.41 9.91
CA THR E 166 12.64 19.77 11.05
C THR E 166 11.84 18.60 11.62
N ARG E 167 10.55 18.80 11.89
CA ARG E 167 9.68 17.76 12.42
C ARG E 167 8.45 17.65 11.55
N ILE E 168 8.04 16.42 11.25
CA ILE E 168 6.96 16.17 10.30
C ILE E 168 5.65 15.96 11.05
N SER E 169 4.55 16.22 10.35
CA SER E 169 3.21 16.04 10.88
C SER E 169 2.34 15.32 9.86
N ILE E 170 1.48 14.43 10.34
CA ILE E 170 0.57 13.66 9.49
C ILE E 170 -0.85 14.11 9.78
N GLN E 171 -1.77 13.76 8.89
CA GLN E 171 -3.18 14.08 9.04
C GLN E 171 -3.93 12.85 9.51
N CYS E 172 -4.78 13.04 10.52
CA CYS E 172 -5.53 11.94 11.12
C CYS E 172 -6.62 11.45 10.18
N TYR E 212 -6.11 13.36 2.16
CA TYR E 212 -5.01 13.27 3.11
C TYR E 212 -3.75 13.90 2.56
N PHE E 213 -3.59 15.20 2.76
CA PHE E 213 -2.43 15.95 2.31
C PHE E 213 -1.67 16.50 3.51
N ILE E 214 -0.34 16.48 3.42
CA ILE E 214 0.49 16.95 4.52
C ILE E 214 0.48 18.47 4.55
N MET E 215 0.16 19.03 5.71
CA MET E 215 0.03 20.47 5.84
C MET E 215 1.32 21.11 6.32
N PRO E 216 2.02 21.86 5.48
CA PRO E 216 3.28 22.49 5.92
C PRO E 216 3.08 23.65 6.87
N ASP E 217 1.90 24.28 6.84
CA ASP E 217 1.66 25.48 7.63
C ASP E 217 1.74 25.19 9.13
N LYS E 218 1.46 23.96 9.55
CA LYS E 218 1.54 23.61 10.95
C LYS E 218 2.94 23.16 11.37
N CYS E 219 3.89 23.14 10.44
CA CYS E 219 5.27 22.83 10.77
C CYS E 219 6.13 24.09 10.65
N LYS E 220 7.14 24.18 11.49
CA LYS E 220 8.03 25.33 11.56
C LYS E 220 9.35 24.98 10.91
N CYS E 221 9.70 25.68 9.83
CA CYS E 221 10.92 25.43 9.08
C CYS E 221 12.03 26.39 9.51
N VAL E 222 13.26 26.06 9.13
CA VAL E 222 14.43 26.80 9.56
C VAL E 222 15.24 27.20 8.33
N ASP E 223 16.20 28.10 8.55
CA ASP E 223 17.08 28.57 7.49
C ASP E 223 18.03 27.47 7.06
N PHE E 224 18.56 27.61 5.85
CA PHE E 224 19.35 26.57 5.21
C PHE E 224 20.19 27.20 4.12
N GLN E 225 21.51 27.03 4.18
CA GLN E 225 22.40 27.49 3.14
C GLN E 225 23.45 26.43 2.84
N THR E 226 23.84 26.35 1.58
CA THR E 226 24.76 25.33 1.11
C THR E 226 26.04 26.00 0.64
N LEU E 227 27.17 25.55 1.19
CA LEU E 227 28.48 26.11 0.88
C LEU E 227 29.45 24.99 0.56
N LYS E 228 30.40 25.28 -0.32
CA LYS E 228 31.50 24.37 -0.61
C LYS E 228 32.80 25.01 -0.16
N LEU E 229 33.58 24.27 0.64
CA LEU E 229 34.79 24.77 1.26
C LEU E 229 36.01 24.15 0.60
N GLN E 230 37.00 24.99 0.32
CA GLN E 230 38.28 24.54 -0.21
C GLN E 230 39.37 24.86 0.79
N GLU E 231 40.23 23.87 1.03
CA GLU E 231 41.31 24.06 2.00
C GLU E 231 42.27 25.12 1.49
N LEU E 232 42.94 25.79 2.43
CA LEU E 232 43.92 26.79 2.07
C LEU E 232 45.05 26.14 1.29
N PRO E 233 45.64 26.82 0.32
CA PRO E 233 46.66 26.17 -0.52
C PRO E 233 47.86 25.67 0.26
N ASP E 234 48.24 26.35 1.35
CA ASP E 234 49.45 25.96 2.08
C ASP E 234 49.38 24.53 2.61
N ALA E 235 48.23 24.14 3.16
CA ALA E 235 48.05 22.78 3.64
C ALA E 235 48.03 21.76 2.51
N VAL E 236 47.56 22.16 1.33
CA VAL E 236 47.49 21.23 0.19
C VAL E 236 48.90 20.87 -0.25
N PRO E 237 49.18 19.62 -0.60
CA PRO E 237 50.50 19.25 -1.11
C PRO E 237 50.85 20.05 -2.36
N HIS E 238 52.14 20.01 -2.70
CA HIS E 238 52.63 20.82 -3.82
C HIS E 238 51.91 20.45 -5.12
N GLY E 239 52.09 19.21 -5.58
CA GLY E 239 51.37 18.76 -6.75
C GLY E 239 50.19 17.90 -6.36
N GLU E 240 49.01 18.50 -6.26
CA GLU E 240 47.83 17.76 -5.80
C GLU E 240 46.59 18.59 -6.10
N MET E 241 45.53 17.91 -6.52
CA MET E 241 44.26 18.57 -6.70
C MET E 241 43.70 18.96 -5.33
N PRO E 242 43.37 20.22 -5.10
CA PRO E 242 42.84 20.62 -3.80
C PRO E 242 41.54 19.90 -3.46
N ARG E 243 41.39 19.56 -2.18
CA ARG E 243 40.21 18.83 -1.75
C ARG E 243 39.02 19.77 -1.57
N HIS E 244 37.83 19.16 -1.45
CA HIS E 244 36.59 19.90 -1.38
C HIS E 244 35.65 19.27 -0.38
N MET E 245 34.95 20.12 0.38
CA MET E 245 34.05 19.69 1.43
C MET E 245 32.81 20.57 1.42
N GLN E 246 31.64 19.95 1.42
CA GLN E 246 30.37 20.66 1.45
C GLN E 246 30.01 21.04 2.87
N LEU E 247 29.25 22.13 3.02
CA LEU E 247 28.86 22.63 4.33
C LEU E 247 27.34 22.71 4.43
N TYR E 248 26.84 22.54 5.65
CA TYR E 248 25.42 22.56 5.95
C TYR E 248 25.19 23.52 7.11
N CYS E 249 24.52 24.63 6.84
CA CYS E 249 24.40 25.72 7.80
C CYS E 249 23.16 25.52 8.66
N ASP E 250 22.78 26.55 9.39
CA ASP E 250 21.63 26.49 10.29
C ASP E 250 20.94 27.86 10.28
N ARG E 251 20.20 28.15 11.35
CA ARG E 251 19.31 29.31 11.36
C ARG E 251 20.04 30.63 11.16
N TYR E 252 21.18 30.82 11.82
CA TYR E 252 21.89 32.08 11.71
C TYR E 252 23.29 31.95 11.12
N LEU E 253 23.69 30.76 10.70
CA LEU E 253 24.94 30.67 9.95
C LEU E 253 24.79 31.18 8.53
N CYS E 254 23.58 31.34 8.03
CA CYS E 254 23.37 31.67 6.64
C CYS E 254 23.82 33.10 6.33
N ASP E 255 24.42 33.26 5.16
CA ASP E 255 24.78 34.55 4.57
C ASP E 255 25.74 35.38 5.42
N LYS E 256 26.26 34.84 6.52
CA LYS E 256 27.22 35.63 7.29
C LYS E 256 28.62 35.56 6.70
N VAL E 257 28.84 34.71 5.70
CA VAL E 257 30.12 34.64 5.01
C VAL E 257 29.85 34.63 3.52
N VAL E 258 30.79 35.22 2.78
CA VAL E 258 30.63 35.41 1.33
C VAL E 258 31.81 34.73 0.65
N PRO E 259 31.67 34.27 -0.59
CA PRO E 259 32.71 33.44 -1.18
C PRO E 259 34.04 34.17 -1.26
N GLY E 260 35.11 33.44 -1.03
CA GLY E 260 36.44 33.98 -1.14
C GLY E 260 37.04 34.48 0.16
N ASN E 261 36.24 34.66 1.20
CA ASN E 261 36.79 35.06 2.47
C ASN E 261 37.53 33.91 3.12
N ARG E 262 38.54 34.24 3.92
CA ARG E 262 39.31 33.26 4.66
C ARG E 262 38.61 33.01 6.00
N VAL E 263 37.99 31.85 6.14
CA VAL E 263 37.10 31.59 7.26
C VAL E 263 37.52 30.30 7.97
N THR E 264 37.03 30.16 9.19
CA THR E 264 37.30 28.99 10.02
C THR E 264 35.99 28.26 10.30
N ILE E 265 35.95 26.98 9.94
CA ILE E 265 34.75 26.16 10.03
C ILE E 265 34.86 25.25 11.24
N MET E 266 33.80 25.19 12.05
CA MET E 266 33.77 24.36 13.25
C MET E 266 32.45 23.61 13.32
N GLY E 267 32.51 22.29 13.36
CA GLY E 267 31.31 21.49 13.35
C GLY E 267 31.60 20.03 13.59
N ILE E 268 30.63 19.19 13.24
CA ILE E 268 30.71 17.74 13.44
C ILE E 268 30.65 17.05 12.09
N TYR E 269 31.67 16.23 11.80
CA TYR E 269 31.70 15.46 10.56
C TYR E 269 30.75 14.28 10.64
N SER E 270 29.90 14.13 9.63
CA SER E 270 29.02 12.97 9.52
C SER E 270 28.51 12.90 8.10
N ILE E 271 28.06 11.74 7.67
CA ILE E 271 27.56 11.69 6.30
C ILE E 271 26.19 11.11 6.18
N TYR E 293 29.59 15.15 5.23
CA TYR E 293 29.41 16.60 5.33
C TYR E 293 29.57 17.09 6.76
N ILE E 294 29.80 18.39 6.91
CA ILE E 294 30.14 19.00 8.19
C ILE E 294 28.92 19.70 8.74
N ARG E 295 28.35 19.16 9.81
CA ARG E 295 27.26 19.84 10.50
C ARG E 295 27.82 21.08 11.16
N VAL E 296 27.80 22.19 10.41
CA VAL E 296 28.47 23.40 10.84
C VAL E 296 27.79 23.93 12.10
N LEU E 297 28.59 24.30 13.08
CA LEU E 297 28.08 24.90 14.30
C LEU E 297 28.53 26.32 14.51
N GLY E 298 29.66 26.72 13.91
CA GLY E 298 30.15 28.07 14.06
C GLY E 298 31.20 28.43 13.04
N ILE E 299 31.11 29.63 12.46
CA ILE E 299 32.04 30.10 11.45
C ILE E 299 32.64 31.41 11.94
N GLN E 300 33.95 31.56 11.79
CA GLN E 300 34.64 32.78 12.19
C GLN E 300 35.28 33.44 10.99
N VAL E 301 35.01 34.72 10.81
CA VAL E 301 35.63 35.53 9.76
C VAL E 301 36.92 36.11 10.31
N ASP E 302 38.00 35.93 9.59
CA ASP E 302 39.29 36.44 10.02
C ASP E 302 39.36 37.95 9.77
N THR E 303 40.50 38.55 10.07
CA THR E 303 40.66 39.99 9.92
C THR E 303 41.13 40.35 8.51
N PRO E 316 59.87 35.45 17.79
CA PRO E 316 60.39 36.51 16.93
C PRO E 316 61.80 36.22 16.44
N GLN E 317 62.27 34.99 16.65
CA GLN E 317 63.64 34.64 16.29
C GLN E 317 63.82 34.60 14.79
N GLU E 318 62.77 34.28 14.05
CA GLU E 318 62.89 34.18 12.60
C GLU E 318 63.05 35.54 11.94
N GLU E 319 62.56 36.60 12.59
CA GLU E 319 62.69 37.94 12.04
C GLU E 319 64.15 38.37 11.95
N GLU E 320 64.94 38.04 12.97
CA GLU E 320 66.33 38.47 12.99
C GLU E 320 67.09 37.89 11.80
N GLU E 321 66.78 36.65 11.42
CA GLU E 321 67.39 36.09 10.23
C GLU E 321 66.94 36.84 8.99
N PHE E 322 65.66 37.19 8.93
CA PHE E 322 65.13 37.91 7.78
C PHE E 322 65.81 39.26 7.61
N ARG E 323 66.15 39.91 8.73
CA ARG E 323 66.73 41.24 8.66
C ARG E 323 68.06 41.22 7.92
N ARG E 324 68.89 40.21 8.19
CA ARG E 324 70.18 40.12 7.52
C ARG E 324 70.00 39.91 6.02
N LEU E 325 69.07 39.04 5.62
CA LEU E 325 68.81 38.85 4.21
C LEU E 325 68.24 40.11 3.58
N ALA E 326 67.36 40.81 4.30
CA ALA E 326 66.80 42.04 3.78
C ALA E 326 67.86 43.12 3.59
N ALA E 327 68.79 43.23 4.54
CA ALA E 327 69.75 44.32 4.54
C ALA E 327 70.81 44.20 3.45
N LEU E 328 70.88 43.08 2.75
CA LEU E 328 71.90 42.90 1.72
C LEU E 328 71.65 43.87 0.58
N PRO E 329 72.62 44.73 0.23
CA PRO E 329 72.39 45.68 -0.86
C PRO E 329 72.10 45.02 -2.20
N ASN E 330 72.73 43.88 -2.49
CA ASN E 330 72.54 43.21 -3.77
C ASN E 330 71.54 42.06 -3.69
N VAL E 331 70.57 42.12 -2.78
CA VAL E 331 69.58 41.06 -2.66
C VAL E 331 68.63 41.03 -3.85
N TYR E 332 68.42 42.17 -4.52
CA TYR E 332 67.51 42.18 -5.66
C TYR E 332 68.00 41.25 -6.77
N GLU E 333 69.28 41.35 -7.12
CA GLU E 333 69.79 40.62 -8.28
C GLU E 333 69.75 39.12 -8.06
N VAL E 334 70.20 38.67 -6.89
CA VAL E 334 70.40 37.24 -6.66
C VAL E 334 69.08 36.50 -6.69
N ILE E 335 68.00 37.14 -6.24
CA ILE E 335 66.69 36.50 -6.31
C ILE E 335 66.30 36.29 -7.77
N SER E 336 66.62 37.26 -8.62
CA SER E 336 66.12 37.25 -10.00
C SER E 336 66.57 36.00 -10.74
N LYS E 337 67.85 35.66 -10.64
CA LYS E 337 68.36 34.50 -11.36
C LYS E 337 67.84 33.20 -10.78
N SER E 338 67.48 33.19 -9.50
CA SER E 338 66.91 31.99 -8.88
C SER E 338 65.54 31.67 -9.46
N ILE E 339 64.71 32.68 -9.66
CA ILE E 339 63.34 32.44 -10.10
C ILE E 339 63.32 31.87 -11.52
N ALA E 340 64.06 32.50 -12.43
CA ALA E 340 63.99 32.16 -13.84
C ALA E 340 65.29 31.51 -14.28
N PRO E 341 65.28 30.27 -14.77
CA PRO E 341 66.50 29.69 -15.33
C PRO E 341 67.03 30.50 -16.49
N SER E 342 68.34 30.59 -16.59
CA SER E 342 69.02 31.40 -17.59
C SER E 342 68.99 30.78 -18.98
N ILE E 343 68.16 29.76 -19.20
CA ILE E 343 68.05 29.16 -20.52
C ILE E 343 67.52 30.17 -21.53
N PHE E 344 66.61 31.03 -21.10
CA PHE E 344 66.04 32.03 -21.99
C PHE E 344 65.65 33.26 -21.18
N GLY E 345 65.49 34.38 -21.87
CA GLY E 345 65.02 35.60 -21.25
C GLY E 345 66.11 36.49 -20.70
N GLY E 346 65.95 37.80 -20.88
CA GLY E 346 66.90 38.74 -20.36
C GLY E 346 66.85 38.86 -18.85
N THR E 347 67.99 39.28 -18.28
CA THR E 347 68.05 39.49 -16.83
C THR E 347 67.04 40.55 -16.40
N ASP E 348 66.81 41.56 -17.26
CA ASP E 348 65.76 42.53 -16.99
C ASP E 348 64.39 41.86 -16.95
N MET E 349 64.14 40.94 -17.88
CA MET E 349 62.87 40.23 -17.89
C MET E 349 62.69 39.44 -16.61
N LYS E 350 63.75 38.79 -16.13
CA LYS E 350 63.68 38.08 -14.87
C LYS E 350 63.43 39.04 -13.72
N LYS E 351 64.01 40.25 -13.80
CA LYS E 351 63.96 41.18 -12.67
C LYS E 351 62.53 41.59 -12.35
N ALA E 352 61.72 41.82 -13.38
CA ALA E 352 60.34 42.23 -13.14
C ALA E 352 59.55 41.14 -12.43
N ILE E 353 59.81 39.89 -12.78
CA ILE E 353 59.01 38.78 -12.25
C ILE E 353 59.03 38.79 -10.73
N ALA E 354 60.22 38.93 -10.15
CA ALA E 354 60.32 39.01 -8.69
C ALA E 354 59.54 40.19 -8.14
N CYS E 355 59.48 41.30 -8.87
CA CYS E 355 58.72 42.43 -8.42
C CYS E 355 57.25 42.09 -8.24
N LEU E 356 56.67 41.32 -9.16
CA LEU E 356 55.26 40.95 -9.02
C LEU E 356 55.04 40.08 -7.78
N LEU E 357 55.94 39.13 -7.54
CA LEU E 357 55.76 38.25 -6.39
C LEU E 357 55.65 39.04 -5.10
N PHE E 358 56.54 40.01 -4.90
CA PHE E 358 56.36 40.93 -3.79
C PHE E 358 55.08 41.74 -3.96
N GLY E 359 54.82 42.22 -5.16
CA GLY E 359 53.66 43.04 -5.36
C GLY E 359 53.87 44.43 -4.76
N GLY E 360 52.92 45.30 -5.09
CA GLY E 360 53.03 46.68 -4.64
C GLY E 360 52.34 46.92 -3.32
N SER E 361 51.57 48.01 -3.24
CA SER E 361 50.86 48.35 -2.01
C SER E 361 49.52 48.94 -2.37
N ARG E 362 48.48 48.46 -1.71
CA ARG E 362 47.12 48.94 -1.95
C ARG E 362 46.90 50.12 -1.03
N LYS E 363 47.25 51.31 -1.51
CA LYS E 363 47.12 52.51 -0.70
C LYS E 363 45.66 52.81 -0.42
N ARG E 364 45.31 52.94 0.86
CA ARG E 364 43.95 53.18 1.28
C ARG E 364 43.75 54.68 1.40
N LEU E 365 43.06 55.26 0.41
CA LEU E 365 42.76 56.68 0.48
C LEU E 365 41.81 56.98 1.62
N PRO E 366 42.12 58.04 2.40
CA PRO E 366 41.23 58.42 3.51
C PRO E 366 39.85 58.83 3.02
N ASP E 367 39.77 59.37 1.81
CA ASP E 367 38.54 59.96 1.29
C ASP E 367 38.05 59.15 0.09
N GLY E 368 36.87 58.56 0.24
CA GLY E 368 36.19 57.84 -0.83
C GLY E 368 36.89 56.65 -1.42
N LEU E 369 37.04 56.65 -2.74
CA LEU E 369 37.54 55.49 -3.48
C LEU E 369 38.99 55.22 -3.13
N THR E 370 39.35 53.94 -3.12
CA THR E 370 40.72 53.53 -2.84
C THR E 370 41.53 53.49 -4.14
N ARG E 371 42.75 52.96 -4.05
CA ARG E 371 43.71 53.00 -5.14
C ARG E 371 44.01 51.58 -5.59
N ARG E 372 44.26 51.42 -6.88
CA ARG E 372 44.57 50.11 -7.45
C ARG E 372 45.75 49.46 -6.73
N GLY E 373 46.92 50.08 -6.83
CA GLY E 373 48.09 49.64 -6.10
C GLY E 373 48.50 48.21 -6.34
N ASP E 374 48.30 47.71 -7.56
CA ASP E 374 48.62 46.32 -7.87
C ASP E 374 49.04 46.22 -9.33
N ILE E 375 50.32 46.00 -9.57
CA ILE E 375 50.83 45.91 -10.93
C ILE E 375 50.63 44.49 -11.44
N ASN E 376 50.39 44.38 -12.75
CA ASN E 376 50.24 43.08 -13.39
C ASN E 376 51.08 43.03 -14.66
N LEU E 377 51.61 41.84 -14.94
CA LEU E 377 52.57 41.62 -16.01
C LEU E 377 51.97 40.67 -17.04
N LEU E 378 52.07 41.07 -18.32
CA LEU E 378 51.58 40.28 -19.44
C LEU E 378 52.80 39.84 -20.25
N MET E 379 52.98 38.53 -20.37
CA MET E 379 54.17 37.98 -21.02
C MET E 379 53.92 37.86 -22.52
N LEU E 380 54.41 38.82 -23.27
CA LEU E 380 54.31 38.84 -24.73
C LEU E 380 55.69 38.77 -25.36
N GLY E 381 55.70 38.66 -26.67
CA GLY E 381 56.91 38.55 -27.46
C GLY E 381 56.81 37.40 -28.43
N ASP E 382 57.88 37.23 -29.22
CA ASP E 382 57.89 36.15 -30.19
C ASP E 382 58.01 34.80 -29.49
N PRO E 383 57.34 33.76 -30.02
CA PRO E 383 57.47 32.42 -29.42
C PRO E 383 58.79 31.75 -29.77
N GLY E 384 58.91 30.46 -29.44
CA GLY E 384 60.14 29.74 -29.69
C GLY E 384 61.22 29.93 -28.66
N THR E 385 60.89 30.44 -27.47
CA THR E 385 61.85 30.64 -26.40
C THR E 385 61.75 29.56 -25.33
N ALA E 386 61.50 28.30 -25.73
CA ALA E 386 61.27 27.20 -24.80
C ALA E 386 60.12 27.50 -23.85
N LYS E 387 59.00 27.94 -24.41
CA LYS E 387 57.84 28.30 -23.59
C LYS E 387 57.28 27.10 -22.84
N SER E 388 57.35 25.92 -23.45
CA SER E 388 56.73 24.73 -22.86
C SER E 388 57.30 24.44 -21.48
N GLN E 389 58.62 24.61 -21.31
CA GLN E 389 59.23 24.39 -20.01
C GLN E 389 58.81 25.46 -19.00
N LEU E 390 58.44 26.64 -19.48
CA LEU E 390 57.97 27.70 -18.58
C LEU E 390 56.70 27.30 -17.85
N LEU E 391 55.77 26.66 -18.56
CA LEU E 391 54.48 26.34 -17.95
C LEU E 391 54.64 25.44 -16.74
N LYS E 392 55.47 24.39 -16.86
CA LYS E 392 55.69 23.51 -15.71
C LYS E 392 56.46 24.21 -14.61
N PHE E 393 57.44 25.04 -14.97
CA PHE E 393 58.30 25.68 -13.99
C PHE E 393 57.53 26.66 -13.11
N VAL E 394 56.62 27.42 -13.71
CA VAL E 394 55.86 28.41 -12.95
C VAL E 394 54.95 27.72 -11.93
N GLU E 395 54.37 26.58 -12.33
CA GLU E 395 53.58 25.78 -11.39
C GLU E 395 54.41 25.36 -10.19
N LYS E 396 55.64 24.91 -10.43
CA LYS E 396 56.51 24.43 -9.35
C LYS E 396 56.95 25.55 -8.40
N CYS E 397 56.92 26.81 -8.84
CA CYS E 397 57.46 27.92 -8.07
C CYS E 397 56.40 28.85 -7.50
N SER E 398 55.19 28.84 -8.03
CA SER E 398 54.18 29.78 -7.58
C SER E 398 53.80 29.48 -6.14
N PRO E 399 53.93 30.44 -5.22
CA PRO E 399 53.35 30.23 -3.88
C PRO E 399 51.85 30.03 -3.91
N ILE E 400 51.11 30.94 -4.53
CA ILE E 400 49.66 30.83 -4.67
C ILE E 400 49.32 30.85 -6.15
N GLY E 401 48.54 29.87 -6.59
CA GLY E 401 48.20 29.74 -8.01
C GLY E 401 47.54 28.44 -8.36
N VAL E 402 46.86 28.38 -9.51
CA VAL E 402 46.08 27.23 -9.92
C VAL E 402 46.56 26.76 -11.29
N TYR E 403 46.78 25.46 -11.43
CA TYR E 403 47.12 24.86 -12.71
C TYR E 403 45.86 24.34 -13.40
N THR E 404 45.62 24.80 -14.63
CA THR E 404 44.44 24.45 -15.38
C THR E 404 44.78 23.43 -16.46
N SER E 405 43.76 22.68 -16.88
CA SER E 405 43.90 21.66 -17.92
C SER E 405 43.01 22.08 -19.09
N GLY E 406 43.62 22.62 -20.14
CA GLY E 406 42.88 23.15 -21.27
C GLY E 406 42.02 24.34 -20.90
N LYS E 407 40.71 24.23 -21.10
CA LYS E 407 39.77 25.32 -20.85
C LYS E 407 39.03 25.14 -19.52
N GLY E 408 39.71 24.62 -18.51
CA GLY E 408 39.09 24.41 -17.21
C GLY E 408 38.25 23.14 -17.15
N SER E 409 37.52 23.02 -16.05
CA SER E 409 36.72 21.83 -15.78
C SER E 409 35.29 22.24 -15.42
N SER E 410 34.33 21.40 -15.83
CA SER E 410 32.90 21.59 -15.58
C SER E 410 32.50 22.96 -16.14
N ALA E 411 31.73 23.77 -15.40
CA ALA E 411 31.32 25.08 -15.86
C ALA E 411 32.00 26.22 -15.11
N ALA E 412 33.00 25.92 -14.29
CA ALA E 412 33.71 26.94 -13.53
C ALA E 412 34.69 27.67 -14.44
N GLY E 413 34.45 28.95 -14.66
CA GLY E 413 35.27 29.77 -15.51
C GLY E 413 36.37 30.48 -14.74
N LEU E 414 37.00 31.46 -15.40
CA LEU E 414 38.06 32.23 -14.78
C LEU E 414 37.53 33.41 -13.99
N THR E 415 36.24 33.66 -14.02
CA THR E 415 35.65 34.75 -13.27
C THR E 415 34.49 34.21 -12.45
N ALA E 416 34.07 34.98 -11.44
CA ALA E 416 33.05 34.53 -10.51
C ALA E 416 31.70 34.56 -11.21
N SER E 417 31.48 33.56 -12.07
CA SER E 417 30.22 33.44 -12.76
C SER E 417 29.24 32.61 -11.94
N VAL E 418 27.98 32.63 -12.37
CA VAL E 418 26.92 31.84 -11.76
C VAL E 418 26.31 30.97 -12.84
N MET E 419 25.63 29.92 -12.42
CA MET E 419 24.94 29.05 -13.37
C MET E 419 23.56 28.72 -12.81
N ARG E 420 22.81 27.95 -13.59
CA ARG E 420 21.42 27.63 -13.30
C ARG E 420 21.35 26.22 -12.73
N ASP E 421 20.69 26.07 -11.60
CA ASP E 421 20.46 24.74 -11.06
C ASP E 421 19.60 23.95 -12.04
N PRO E 422 20.02 22.73 -12.41
CA PRO E 422 19.14 21.89 -13.24
C PRO E 422 17.81 21.60 -12.59
N SER E 423 17.74 21.70 -11.26
CA SER E 423 16.52 21.47 -10.49
C SER E 423 15.98 22.82 -10.03
N SER E 424 14.94 23.31 -10.71
CA SER E 424 14.20 24.53 -10.39
C SER E 424 15.03 25.80 -10.54
N ARG E 425 16.28 25.69 -11.02
CA ARG E 425 17.16 26.85 -11.22
C ARG E 425 17.30 27.68 -9.94
N ASN E 426 17.45 26.99 -8.81
CA ASN E 426 17.49 27.66 -7.52
C ASN E 426 18.71 28.57 -7.40
N PHE E 427 19.91 27.98 -7.34
CA PHE E 427 21.13 28.76 -7.22
C PHE E 427 22.34 27.84 -7.29
N ILE E 428 23.34 28.26 -8.07
CA ILE E 428 24.65 27.57 -8.12
C ILE E 428 25.68 28.68 -8.24
N MET E 429 26.34 29.02 -7.13
CA MET E 429 27.39 30.03 -7.18
C MET E 429 28.74 29.32 -7.36
N GLU E 430 29.11 29.11 -8.63
CA GLU E 430 30.33 28.38 -8.96
C GLU E 430 31.60 29.12 -8.57
N GLY E 431 31.52 30.42 -8.28
CA GLY E 431 32.73 31.14 -7.95
C GLY E 431 33.63 31.31 -9.16
N GLY E 432 34.92 31.48 -8.89
CA GLY E 432 35.88 31.66 -9.96
C GLY E 432 37.30 31.51 -9.44
N ALA E 433 38.22 31.36 -10.40
CA ALA E 433 39.62 31.17 -10.04
C ALA E 433 40.18 32.40 -9.35
N MET E 434 39.98 33.58 -9.94
CA MET E 434 40.49 34.82 -9.37
C MET E 434 39.97 35.07 -7.97
N VAL E 435 38.82 34.49 -7.61
CA VAL E 435 38.34 34.57 -6.24
C VAL E 435 39.29 33.83 -5.32
N LEU E 436 39.75 32.65 -5.74
CA LEU E 436 40.51 31.79 -4.85
C LEU E 436 41.78 32.47 -4.35
N ALA E 437 42.48 33.16 -5.24
CA ALA E 437 43.78 33.73 -4.92
C ALA E 437 43.68 35.18 -4.49
N ASP E 438 42.62 35.54 -3.76
CA ASP E 438 42.48 36.89 -3.25
C ASP E 438 43.65 37.24 -2.35
N GLY E 439 44.40 38.26 -2.74
CA GLY E 439 45.59 38.66 -2.02
C GLY E 439 46.89 38.18 -2.63
N GLY E 440 46.82 37.26 -3.58
CA GLY E 440 48.01 36.75 -4.24
C GLY E 440 48.00 36.96 -5.74
N VAL E 441 48.49 35.99 -6.49
CA VAL E 441 48.50 36.06 -7.94
C VAL E 441 47.98 34.75 -8.50
N VAL E 442 47.40 34.81 -9.70
CA VAL E 442 46.80 33.65 -10.34
C VAL E 442 47.51 33.41 -11.66
N CYS E 443 47.89 32.14 -11.89
CA CYS E 443 48.61 31.75 -13.11
C CYS E 443 47.59 31.50 -14.20
N ILE E 444 47.32 32.53 -14.99
CA ILE E 444 46.33 32.43 -16.07
C ILE E 444 47.03 31.90 -17.31
N ASP E 445 46.51 30.80 -17.85
CA ASP E 445 47.09 30.14 -19.00
C ASP E 445 46.06 30.07 -20.12
N GLU E 446 46.53 30.19 -21.36
CA GLU E 446 45.66 30.25 -22.53
C GLU E 446 44.67 31.41 -22.39
N PHE E 447 45.24 32.58 -22.09
CA PHE E 447 44.41 33.71 -21.66
C PHE E 447 43.45 34.16 -22.74
N ASP E 448 43.91 34.26 -23.99
CA ASP E 448 43.04 34.72 -25.06
C ASP E 448 41.93 33.72 -25.35
N LYS E 449 42.08 32.48 -24.89
CA LYS E 449 41.15 31.40 -25.22
C LYS E 449 39.92 31.39 -24.32
N MET E 450 39.81 32.30 -23.35
CA MET E 450 38.61 32.37 -22.55
C MET E 450 37.47 32.98 -23.38
N ARG E 451 36.24 32.70 -22.95
CA ARG E 451 35.07 33.10 -23.73
C ARG E 451 34.76 34.57 -23.57
N GLU E 452 34.10 35.12 -24.59
CA GLU E 452 33.71 36.53 -24.60
C GLU E 452 32.64 36.85 -23.56
N ASP E 453 31.86 35.86 -23.12
CA ASP E 453 30.79 36.12 -22.17
C ASP E 453 31.35 36.60 -20.83
N ASP E 454 32.41 35.96 -20.36
CA ASP E 454 33.04 36.37 -19.12
C ASP E 454 33.89 37.61 -19.27
N ARG E 455 34.26 37.96 -20.50
CA ARG E 455 35.16 39.08 -20.72
C ARG E 455 34.54 40.39 -20.23
N VAL E 456 33.26 40.59 -20.53
CA VAL E 456 32.61 41.85 -20.17
C VAL E 456 32.69 42.10 -18.67
N ALA E 457 32.87 41.03 -17.89
CA ALA E 457 33.08 41.17 -16.46
C ALA E 457 34.54 41.23 -16.08
N ILE E 458 35.40 40.45 -16.75
CA ILE E 458 36.79 40.36 -16.31
C ILE E 458 37.52 41.68 -16.47
N HIS E 459 37.03 42.56 -17.34
CA HIS E 459 37.64 43.88 -17.46
C HIS E 459 37.52 44.67 -16.17
N GLU E 460 36.34 44.65 -15.55
CA GLU E 460 36.12 45.41 -14.33
C GLU E 460 37.00 44.95 -13.18
N ALA E 461 37.03 43.64 -12.93
CA ALA E 461 37.77 43.13 -11.78
C ALA E 461 39.25 43.41 -11.90
N MET E 462 39.79 43.37 -13.12
CA MET E 462 41.20 43.63 -13.32
C MET E 462 41.55 45.09 -13.06
N GLU E 463 40.54 45.96 -12.93
CA GLU E 463 40.80 47.37 -12.65
C GLU E 463 40.32 47.78 -11.27
N GLN E 464 39.16 47.30 -10.85
CA GLN E 464 38.58 47.64 -9.55
C GLN E 464 38.86 46.60 -8.47
N GLN E 465 39.71 45.60 -8.77
CA GLN E 465 40.07 44.56 -7.80
C GLN E 465 38.84 43.91 -7.18
N THR E 466 37.73 43.91 -7.92
CA THR E 466 36.52 43.26 -7.45
C THR E 466 35.70 42.87 -8.66
N ILE E 467 35.15 41.66 -8.64
CA ILE E 467 34.30 41.17 -9.70
C ILE E 467 32.86 41.51 -9.33
N SER E 468 32.06 41.82 -10.33
CA SER E 468 30.66 42.13 -10.14
C SER E 468 29.83 41.11 -10.91
N ILE E 469 28.62 40.87 -10.45
CA ILE E 469 27.71 39.94 -11.12
C ILE E 469 26.69 40.76 -11.91
N ALA E 470 26.64 40.52 -13.21
CA ALA E 470 25.80 41.29 -14.12
C ALA E 470 24.47 40.61 -14.41
N LYS E 471 23.92 39.91 -13.42
CA LYS E 471 22.63 39.24 -13.59
C LYS E 471 21.52 40.28 -13.42
N ALA E 472 20.26 39.84 -13.52
CA ALA E 472 19.14 40.78 -13.50
C ALA E 472 19.07 41.57 -12.19
N GLY E 473 19.21 40.88 -11.06
CA GLY E 473 19.01 41.54 -9.79
C GLY E 473 20.02 41.19 -8.72
N ILE E 474 21.20 40.71 -9.13
CA ILE E 474 22.27 40.45 -8.16
C ILE E 474 23.23 41.64 -8.19
N THR E 475 23.37 42.32 -7.07
CA THR E 475 24.29 43.44 -6.93
C THR E 475 25.54 43.09 -6.14
N THR E 476 25.76 41.81 -5.85
CA THR E 476 26.86 41.39 -5.00
C THR E 476 28.18 41.54 -5.72
N THR E 477 29.16 42.15 -5.05
CA THR E 477 30.49 42.42 -5.62
C THR E 477 31.54 41.74 -4.74
N LEU E 478 31.94 40.53 -5.13
CA LEU E 478 32.92 39.79 -4.35
C LEU E 478 34.28 40.47 -4.42
N ASN E 479 35.15 40.15 -3.46
CA ASN E 479 36.49 40.73 -3.42
C ASN E 479 37.43 39.95 -4.31
N SER E 480 37.92 40.59 -5.37
CA SER E 480 38.76 39.97 -6.38
C SER E 480 40.07 40.75 -6.57
N ARG E 481 40.74 41.05 -5.46
CA ARG E 481 41.99 41.80 -5.46
C ARG E 481 43.15 41.05 -6.05
N CYS E 482 42.96 39.84 -6.60
CA CYS E 482 44.07 39.06 -7.10
C CYS E 482 44.80 39.77 -8.23
N SER E 483 46.12 39.68 -8.21
CA SER E 483 46.94 40.15 -9.31
C SER E 483 46.86 39.17 -10.49
N VAL E 484 47.29 39.61 -11.66
CA VAL E 484 47.07 38.89 -12.90
C VAL E 484 48.42 38.48 -13.49
N LEU E 485 48.56 37.18 -13.75
CA LEU E 485 49.70 36.63 -14.50
C LEU E 485 49.12 35.84 -15.66
N ALA E 486 49.01 36.50 -16.80
CA ALA E 486 48.38 35.91 -17.97
C ALA E 486 49.45 35.41 -18.92
N ALA E 487 49.46 34.12 -19.18
CA ALA E 487 50.33 33.52 -20.19
C ALA E 487 49.47 33.10 -21.36
N ALA E 488 49.77 33.65 -22.53
CA ALA E 488 49.04 33.31 -23.75
C ALA E 488 49.91 33.65 -24.95
N ASN E 489 49.57 33.05 -26.08
CA ASN E 489 50.23 33.39 -27.33
C ASN E 489 49.92 34.82 -27.72
N SER E 490 50.94 35.55 -28.18
CA SER E 490 50.75 36.94 -28.56
C SER E 490 49.86 37.02 -29.80
N VAL E 491 49.11 38.11 -29.91
CA VAL E 491 48.25 38.32 -31.07
C VAL E 491 49.10 38.60 -32.30
N PHE E 492 48.81 37.90 -33.38
CA PHE E 492 49.50 38.10 -34.65
C PHE E 492 49.19 39.47 -35.23
N GLU E 501 50.40 51.18 -31.33
CA GLU E 501 48.97 50.89 -31.41
C GLU E 501 48.68 49.91 -32.53
N ASP E 502 49.73 49.55 -33.27
CA ASP E 502 49.59 48.68 -34.43
C ASP E 502 49.33 47.23 -34.05
N ASN E 503 49.46 46.87 -32.77
CA ASN E 503 49.33 45.49 -32.32
C ASN E 503 48.06 45.25 -31.51
N ILE E 504 46.92 45.79 -31.96
CA ILE E 504 45.67 45.68 -31.22
C ILE E 504 44.65 44.92 -32.06
N ASP E 505 44.08 43.87 -31.47
CA ASP E 505 43.06 43.09 -32.18
C ASP E 505 41.65 43.49 -31.79
N PHE E 506 41.25 43.23 -30.53
CA PHE E 506 39.89 43.53 -30.10
C PHE E 506 39.76 44.16 -28.72
N MET E 507 40.84 44.32 -27.97
CA MET E 507 40.77 44.89 -26.62
C MET E 507 41.75 46.05 -26.52
N PRO E 508 41.45 47.19 -27.13
CA PRO E 508 42.36 48.34 -27.00
C PRO E 508 42.20 49.05 -25.66
N THR E 509 41.96 48.29 -24.60
CA THR E 509 41.99 48.81 -23.25
C THR E 509 42.72 47.90 -22.29
N ILE E 510 42.69 46.57 -22.51
CA ILE E 510 43.33 45.67 -21.58
C ILE E 510 44.83 45.85 -21.57
N LEU E 511 45.42 46.20 -22.71
CA LEU E 511 46.87 46.34 -22.78
C LEU E 511 47.35 47.44 -21.87
N SER E 512 46.60 48.54 -21.76
CA SER E 512 46.99 49.63 -20.89
C SER E 512 47.02 49.18 -19.43
N ARG E 513 46.32 48.12 -19.11
CA ARG E 513 46.25 47.68 -17.72
C ARG E 513 47.35 46.73 -17.34
N PHE E 514 48.27 46.36 -18.23
CA PHE E 514 49.32 45.41 -17.91
C PHE E 514 50.67 46.10 -18.11
N ASP E 515 51.74 45.32 -18.05
CA ASP E 515 53.09 45.78 -18.33
C ASP E 515 53.59 45.21 -19.65
N MET E 516 54.50 45.96 -20.28
CA MET E 516 55.16 45.54 -21.52
C MET E 516 56.32 44.64 -21.15
N ILE E 517 56.06 43.34 -21.10
CA ILE E 517 57.05 42.37 -20.64
C ILE E 517 57.33 41.41 -21.79
N PHE E 518 58.62 41.16 -22.04
CA PHE E 518 59.04 40.17 -23.02
C PHE E 518 59.01 38.76 -22.42
N LEU E 556 64.74 29.83 -1.49
CA LEU E 556 63.60 30.02 -2.39
C LEU E 556 62.29 29.88 -1.64
N ALA E 557 62.17 28.79 -0.89
CA ALA E 557 60.96 28.56 -0.11
C ALA E 557 60.73 29.65 0.93
N LYS E 558 61.79 30.28 1.43
CA LYS E 558 61.63 31.29 2.47
C LYS E 558 60.83 32.48 1.97
N LEU E 559 61.05 32.89 0.72
CA LEU E 559 60.36 34.06 0.19
C LEU E 559 58.85 33.83 0.14
N LYS E 560 58.42 32.57 0.02
CA LYS E 560 56.99 32.28 -0.04
C LYS E 560 56.27 32.76 1.21
N LYS E 561 56.82 32.46 2.40
CA LYS E 561 56.17 32.91 3.63
C LYS E 561 56.33 34.42 3.80
N PHE E 562 57.41 34.98 3.28
CA PHE E 562 57.70 36.39 3.51
C PHE E 562 56.66 37.28 2.87
N ILE E 563 56.17 36.91 1.69
CA ILE E 563 55.33 37.81 0.89
C ILE E 563 54.04 38.14 1.63
N ALA E 564 53.38 37.12 2.19
CA ALA E 564 52.07 37.33 2.80
C ALA E 564 52.19 38.19 4.05
N TYR E 565 53.26 38.00 4.83
CA TYR E 565 53.42 38.77 6.06
C TYR E 565 53.73 40.23 5.76
N CYS E 566 54.66 40.47 4.83
CA CYS E 566 55.04 41.85 4.56
C CYS E 566 53.96 42.63 3.84
N ARG E 567 53.05 41.95 3.14
CA ARG E 567 52.00 42.65 2.40
C ARG E 567 51.00 43.33 3.32
N VAL E 568 50.64 42.68 4.42
CA VAL E 568 49.76 43.30 5.42
C VAL E 568 50.55 44.21 6.35
N LYS E 569 51.82 43.88 6.62
CA LYS E 569 52.68 44.70 7.45
C LYS E 569 53.24 45.80 6.55
N CYS E 570 54.00 46.72 7.13
CA CYS E 570 54.67 47.78 6.39
C CYS E 570 53.65 48.74 5.77
N GLY E 571 53.36 48.58 4.48
CA GLY E 571 52.37 49.39 3.82
C GLY E 571 52.82 50.83 3.61
N PRO E 572 53.78 51.07 2.72
CA PRO E 572 54.26 52.43 2.52
C PRO E 572 53.20 53.31 1.85
N ARG E 573 53.52 54.58 1.63
CA ARG E 573 52.60 55.51 1.01
C ARG E 573 53.33 56.24 -0.10
N LEU E 574 52.72 57.31 -0.62
CA LEU E 574 53.30 58.11 -1.69
C LEU E 574 54.29 59.08 -1.06
N SER E 575 55.58 58.89 -1.34
CA SER E 575 56.60 59.70 -0.73
C SER E 575 56.70 61.06 -1.42
N ALA E 576 56.60 62.12 -0.62
CA ALA E 576 56.61 63.46 -1.18
C ALA E 576 58.01 63.89 -1.61
N GLU E 577 59.02 63.44 -0.87
CA GLU E 577 60.39 63.92 -1.12
C GLU E 577 60.94 63.37 -2.44
N ALA E 578 60.59 62.14 -2.80
CA ALA E 578 61.04 61.59 -4.06
C ALA E 578 60.33 62.24 -5.23
N ALA E 579 59.11 62.73 -5.01
CA ALA E 579 58.32 63.30 -6.10
C ALA E 579 59.03 64.51 -6.70
N GLU E 580 59.82 65.22 -5.90
CA GLU E 580 60.64 66.28 -6.44
C GLU E 580 61.61 65.73 -7.48
N LYS E 581 62.23 64.59 -7.18
CA LYS E 581 63.06 63.93 -8.19
C LYS E 581 62.20 63.31 -9.27
N LEU E 582 61.00 62.86 -8.93
CA LEU E 582 60.08 62.35 -9.93
C LEU E 582 59.61 63.47 -10.86
N LYS E 583 59.44 64.67 -10.29
CA LYS E 583 58.94 65.80 -11.08
C LYS E 583 59.87 66.13 -12.23
N ASN E 584 61.19 66.10 -11.99
CA ASN E 584 62.13 66.35 -13.06
C ASN E 584 61.97 65.32 -14.17
N ARG E 585 61.57 64.10 -13.82
CA ARG E 585 61.40 63.07 -14.83
C ARG E 585 60.17 63.36 -15.70
N TYR E 586 59.11 63.91 -15.09
CA TYR E 586 57.90 64.18 -15.85
C TYR E 586 58.12 65.28 -16.90
N ILE E 587 58.94 66.27 -16.57
CA ILE E 587 59.10 67.41 -17.46
C ILE E 587 59.69 66.98 -18.80
N ILE E 588 60.76 66.20 -18.77
CA ILE E 588 61.36 65.71 -20.00
C ILE E 588 60.43 64.70 -20.68
N MET E 589 59.84 63.80 -19.88
CA MET E 589 59.01 62.74 -20.45
C MET E 589 57.79 63.29 -21.16
N ARG E 590 57.12 64.27 -20.57
CA ARG E 590 55.85 64.74 -21.08
C ARG E 590 56.00 65.63 -22.32
N SER E 591 57.22 66.07 -22.63
CA SER E 591 57.42 66.93 -23.79
C SER E 591 57.10 66.22 -25.10
N GLY E 592 57.49 64.95 -25.22
CA GLY E 592 57.26 64.20 -26.44
C GLY E 592 55.81 63.93 -26.74
N PRO E 607 47.53 58.71 -23.46
CA PRO E 607 47.40 57.92 -22.23
C PRO E 607 48.67 57.13 -21.91
N ILE E 608 49.47 56.84 -22.93
CA ILE E 608 50.72 56.14 -22.73
C ILE E 608 51.68 56.98 -21.90
N THR E 609 51.74 58.28 -22.18
CA THR E 609 52.62 59.17 -21.43
C THR E 609 52.12 59.39 -20.01
N VAL E 610 50.83 59.66 -19.84
CA VAL E 610 50.30 60.08 -18.54
C VAL E 610 50.22 58.90 -17.58
N ARG E 611 49.61 57.80 -18.01
CA ARG E 611 49.29 56.73 -17.07
C ARG E 611 50.51 55.89 -16.71
N GLN E 612 51.44 55.71 -17.64
CA GLN E 612 52.50 54.72 -17.48
C GLN E 612 53.43 55.08 -16.31
N LEU E 613 53.87 56.33 -16.23
CA LEU E 613 54.81 56.73 -15.19
C LEU E 613 54.18 56.59 -13.81
N GLU E 614 52.89 56.91 -13.69
CA GLU E 614 52.20 56.72 -12.42
C GLU E 614 52.19 55.27 -12.01
N ALA E 615 52.06 54.36 -12.97
CA ALA E 615 52.16 52.94 -12.66
C ALA E 615 53.57 52.58 -12.18
N ILE E 616 54.59 53.23 -12.75
CA ILE E 616 55.97 52.91 -12.40
C ILE E 616 56.19 53.09 -10.90
N VAL E 617 55.67 54.17 -10.34
CA VAL E 617 55.84 54.43 -8.92
C VAL E 617 55.31 53.26 -8.11
N ARG E 618 54.16 52.73 -8.53
CA ARG E 618 53.61 51.54 -7.89
C ARG E 618 54.56 50.36 -7.99
N ILE E 619 55.19 50.18 -9.14
CA ILE E 619 56.19 49.14 -9.29
C ILE E 619 57.35 49.40 -8.35
N ALA E 620 57.78 50.66 -8.26
CA ALA E 620 58.98 50.99 -7.48
C ALA E 620 58.84 50.60 -6.02
N GLU E 621 57.62 50.64 -5.49
CA GLU E 621 57.42 50.33 -4.08
C GLU E 621 57.88 48.92 -3.74
N ALA E 622 57.89 48.03 -4.72
CA ALA E 622 58.41 46.69 -4.49
C ALA E 622 59.89 46.73 -4.14
N LEU E 623 60.66 47.56 -4.85
CA LEU E 623 62.08 47.68 -4.55
C LEU E 623 62.31 48.22 -3.15
N SER E 624 61.54 49.24 -2.76
CA SER E 624 61.63 49.74 -1.40
C SER E 624 61.19 48.69 -0.40
N LYS E 625 60.21 47.85 -0.78
CA LYS E 625 59.67 46.87 0.15
C LYS E 625 60.72 45.84 0.57
N MET E 626 61.71 45.58 -0.27
CA MET E 626 62.75 44.63 0.09
C MET E 626 63.67 45.15 1.18
N LYS E 627 63.73 46.46 1.40
CA LYS E 627 64.62 47.04 2.40
C LYS E 627 63.88 47.57 3.62
N LEU E 628 62.57 47.32 3.72
CA LEU E 628 61.78 47.71 4.90
C LEU E 628 61.93 49.19 5.20
N GLN E 629 62.00 50.00 4.18
CA GLN E 629 62.25 51.39 4.51
C GLN E 629 60.95 52.11 4.86
N PRO E 630 61.01 53.01 5.85
CA PRO E 630 59.80 53.73 6.25
C PRO E 630 59.24 54.62 5.17
N PHE E 631 60.02 54.93 4.15
CA PHE E 631 59.52 55.68 3.01
C PHE E 631 60.31 55.28 1.78
N ALA E 632 59.75 55.61 0.62
CA ALA E 632 60.35 55.29 -0.66
C ALA E 632 61.28 56.43 -1.06
N THR E 633 62.51 56.08 -1.43
CA THR E 633 63.48 57.08 -1.83
C THR E 633 63.64 57.09 -3.35
N GLU E 634 64.28 58.15 -3.85
CA GLU E 634 64.47 58.30 -5.29
C GLU E 634 65.46 57.29 -5.83
N ALA E 635 66.36 56.78 -4.99
CA ALA E 635 67.37 55.83 -5.47
C ALA E 635 66.71 54.57 -6.02
N ASP E 636 65.72 54.04 -5.30
CA ASP E 636 64.99 52.88 -5.80
C ASP E 636 64.26 53.22 -7.08
N VAL E 637 63.57 54.37 -7.10
CA VAL E 637 62.72 54.73 -8.23
C VAL E 637 63.56 54.89 -9.48
N GLU E 638 64.66 55.64 -9.38
CA GLU E 638 65.55 55.79 -10.52
C GLU E 638 66.16 54.46 -10.91
N GLU E 639 66.46 53.62 -9.93
CA GLU E 639 67.04 52.32 -10.24
C GLU E 639 66.07 51.47 -11.06
N ALA E 640 64.79 51.48 -10.68
CA ALA E 640 63.80 50.73 -11.44
C ALA E 640 63.55 51.39 -12.80
N LEU E 641 63.56 52.72 -12.83
CA LEU E 641 63.31 53.44 -14.08
C LEU E 641 64.38 53.11 -15.11
N ARG E 642 65.65 53.09 -14.70
CA ARG E 642 66.73 52.82 -15.64
C ARG E 642 66.62 51.42 -16.22
N LEU E 643 66.24 50.43 -15.40
CA LEU E 643 66.02 49.09 -15.93
C LEU E 643 64.87 49.08 -16.92
N PHE E 644 63.80 49.83 -16.61
CA PHE E 644 62.72 49.96 -17.57
C PHE E 644 63.05 50.91 -18.71
N GLN E 645 64.03 51.79 -18.53
CA GLN E 645 64.36 52.76 -19.58
C GLN E 645 64.81 52.07 -20.86
N VAL E 646 65.61 51.01 -20.73
CA VAL E 646 65.97 50.21 -21.91
C VAL E 646 64.72 49.53 -22.47
N SER E 647 63.89 48.98 -21.58
CA SER E 647 62.65 48.35 -22.03
C SER E 647 61.71 49.35 -22.67
N THR E 648 61.81 50.62 -22.27
CA THR E 648 60.91 51.64 -22.78
C THR E 648 61.04 51.81 -24.28
N LEU E 649 62.28 51.84 -24.80
CA LEU E 649 62.49 52.00 -26.23
C LEU E 649 61.96 50.81 -27.01
N ASP E 650 62.19 49.59 -26.49
CA ASP E 650 61.72 48.39 -27.17
C ASP E 650 60.20 48.29 -27.13
N ALA E 651 59.57 48.86 -26.10
CA ALA E 651 58.12 48.77 -25.99
C ALA E 651 57.40 49.51 -27.11
N ALA E 652 58.10 50.38 -27.83
CA ALA E 652 57.45 51.22 -28.83
C ALA E 652 56.84 50.40 -29.96
N LEU E 653 57.55 49.37 -30.42
CA LEU E 653 57.12 48.50 -31.51
C LEU E 653 56.93 49.25 -32.83
N SER E 654 57.58 50.41 -32.98
CA SER E 654 57.46 51.20 -34.21
C SER E 654 58.82 51.45 -34.83
N GLN E 666 53.43 62.80 -37.47
CA GLN E 666 53.86 62.61 -36.10
C GLN E 666 52.79 61.81 -35.36
N GLU E 667 51.58 61.83 -35.90
CA GLU E 667 50.44 61.13 -35.34
C GLU E 667 49.96 60.04 -36.29
N ASP E 668 49.29 59.04 -35.72
CA ASP E 668 48.79 57.89 -36.47
C ASP E 668 47.38 58.10 -37.01
N GLN E 669 46.74 59.21 -36.69
CA GLN E 669 45.38 59.45 -37.17
C GLN E 669 45.34 59.60 -38.68
N GLU E 670 46.44 60.02 -39.31
CA GLU E 670 46.48 60.13 -40.76
C GLU E 670 46.37 58.76 -41.41
N MET E 671 46.74 57.70 -40.69
CA MET E 671 46.76 56.37 -41.28
C MET E 671 45.36 55.84 -41.52
N LEU E 672 44.59 55.65 -40.45
CA LEU E 672 43.29 55.02 -40.58
C LEU E 672 42.28 55.93 -41.25
N SER E 673 42.55 57.24 -41.28
CA SER E 673 41.61 58.16 -41.90
C SER E 673 41.48 57.89 -43.40
N ARG E 674 42.60 57.60 -44.06
CA ARG E 674 42.57 57.35 -45.50
C ARG E 674 41.80 56.08 -45.83
N ILE E 675 41.94 55.04 -45.01
CA ILE E 675 41.28 53.76 -45.29
C ILE E 675 39.77 53.91 -45.20
N GLU E 676 39.28 54.65 -44.20
CA GLU E 676 37.85 54.87 -44.06
C GLU E 676 37.26 55.58 -45.28
N LYS E 677 38.09 56.37 -45.98
CA LYS E 677 37.59 57.10 -47.14
C LYS E 677 37.08 56.17 -48.22
N GLN E 678 37.73 55.03 -48.42
CA GLN E 678 37.37 54.16 -49.53
C GLN E 678 36.22 53.24 -49.19
N LEU E 679 35.77 53.22 -47.93
CA LEU E 679 34.61 52.43 -47.57
C LEU E 679 33.33 53.04 -48.11
N LYS E 680 33.17 54.34 -47.94
CA LYS E 680 31.94 55.01 -48.33
C LYS E 680 32.15 56.24 -49.20
N ARG E 681 33.22 57.01 -48.96
CA ARG E 681 33.41 58.24 -49.73
C ARG E 681 33.94 57.97 -51.14
N ARG E 682 34.47 56.77 -51.39
CA ARG E 682 34.81 56.38 -52.76
C ARG E 682 33.60 55.81 -53.48
N PHE E 683 32.82 54.98 -52.79
CA PHE E 683 31.61 54.41 -53.37
C PHE E 683 30.60 54.20 -52.25
N ALA E 684 29.53 55.03 -52.25
CA ALA E 684 28.55 54.96 -51.18
C ALA E 684 27.75 53.66 -51.22
N ILE E 685 27.39 53.20 -52.42
CA ILE E 685 26.59 51.99 -52.55
C ILE E 685 27.35 50.78 -52.03
N GLY E 686 28.64 50.69 -52.35
CA GLY E 686 29.47 49.57 -51.94
C GLY E 686 29.44 48.38 -52.88
N SER E 687 28.74 48.47 -54.00
CA SER E 687 28.74 47.37 -54.97
C SER E 687 30.10 47.30 -55.65
N GLN E 688 30.47 46.09 -56.08
CA GLN E 688 31.72 45.81 -56.79
C GLN E 688 32.92 45.98 -55.86
N VAL E 689 32.67 46.42 -54.63
CA VAL E 689 33.72 46.64 -53.65
C VAL E 689 33.35 45.78 -52.44
N SER E 690 32.92 44.55 -52.71
CA SER E 690 32.40 43.67 -51.67
C SER E 690 33.52 43.10 -50.81
N GLU E 691 33.13 42.24 -49.87
CA GLU E 691 34.06 41.74 -48.87
C GLU E 691 35.12 40.80 -49.43
N HIS E 692 34.82 40.10 -50.53
CA HIS E 692 35.76 39.13 -51.07
C HIS E 692 36.88 39.77 -51.87
N SER E 693 36.77 41.05 -52.18
CA SER E 693 37.79 41.72 -52.97
C SER E 693 38.46 42.86 -52.24
N ILE E 694 37.85 43.38 -51.18
CA ILE E 694 38.43 44.49 -50.45
C ILE E 694 39.75 44.10 -49.79
N ILE E 695 39.91 42.83 -49.42
CA ILE E 695 41.15 42.39 -48.79
C ILE E 695 42.30 42.51 -49.77
N LYS E 696 42.08 42.12 -51.03
CA LYS E 696 43.15 42.15 -52.02
C LYS E 696 43.57 43.58 -52.33
N ASP E 697 42.66 44.54 -52.14
CA ASP E 697 43.01 45.93 -52.42
C ASP E 697 44.12 46.41 -51.48
N PHE E 698 44.07 45.99 -50.23
CA PHE E 698 45.14 46.36 -49.30
C PHE E 698 46.47 45.75 -49.72
N THR E 699 46.45 44.49 -50.16
CA THR E 699 47.67 43.87 -50.66
C THR E 699 48.19 44.59 -51.89
N LYS E 700 47.29 45.05 -52.77
CA LYS E 700 47.71 45.85 -53.91
C LYS E 700 48.38 47.14 -53.45
N GLN E 701 47.94 47.70 -52.32
CA GLN E 701 48.54 48.87 -51.72
C GLN E 701 49.70 48.53 -50.80
N LYS E 702 50.29 47.34 -50.96
CA LYS E 702 51.41 46.88 -50.14
C LYS E 702 51.05 46.84 -48.66
N TYR E 703 49.80 46.50 -48.36
CA TYR E 703 49.35 46.33 -46.99
C TYR E 703 49.06 44.86 -46.74
N PRO E 704 49.81 44.19 -45.85
CA PRO E 704 49.59 42.76 -45.60
C PRO E 704 48.26 42.46 -44.91
N GLU E 705 48.07 41.18 -44.57
CA GLU E 705 46.83 40.77 -43.91
C GLU E 705 46.71 41.35 -42.50
N HIS E 706 47.78 41.93 -41.98
CA HIS E 706 47.73 42.53 -40.65
C HIS E 706 46.74 43.69 -40.59
N ALA E 707 46.62 44.44 -41.69
CA ALA E 707 45.78 45.64 -41.66
C ALA E 707 44.29 45.30 -41.60
N ILE E 708 43.88 44.19 -42.23
CA ILE E 708 42.46 43.92 -42.39
C ILE E 708 41.80 43.67 -41.03
N HIS E 709 42.53 43.07 -40.09
CA HIS E 709 41.98 42.89 -38.75
C HIS E 709 41.79 44.23 -38.06
N LYS E 710 42.74 45.16 -38.27
CA LYS E 710 42.72 46.40 -37.51
C LYS E 710 41.59 47.32 -37.95
N VAL E 711 41.20 47.25 -39.22
CA VAL E 711 40.17 48.15 -39.73
C VAL E 711 38.95 47.38 -40.18
N LEU E 712 39.13 46.54 -41.20
CA LEU E 712 37.99 45.87 -41.83
C LEU E 712 37.21 45.04 -40.81
N GLN E 713 37.92 44.22 -40.04
CA GLN E 713 37.26 43.41 -39.03
C GLN E 713 36.75 44.23 -37.86
N LEU E 714 37.12 45.51 -37.75
CA LEU E 714 36.70 46.33 -36.65
C LEU E 714 35.66 47.38 -37.02
N MET E 715 35.53 47.72 -38.29
CA MET E 715 34.49 48.67 -38.67
C MET E 715 33.11 48.04 -38.74
N LEU E 716 33.04 46.74 -39.05
CA LEU E 716 31.75 46.07 -39.06
C LEU E 716 31.22 45.83 -37.65
N ARG E 717 32.12 45.63 -36.68
CA ARG E 717 31.68 45.43 -35.30
C ARG E 717 31.18 46.73 -34.70
N ARG E 718 31.45 47.86 -35.35
CA ARG E 718 31.00 49.17 -34.89
C ARG E 718 29.50 49.38 -35.10
N GLY E 719 28.82 48.42 -35.72
CA GLY E 719 27.46 48.65 -36.16
C GLY E 719 27.36 49.42 -37.45
N GLU E 720 28.28 49.21 -38.38
CA GLU E 720 28.23 49.85 -39.69
C GLU E 720 27.02 49.36 -40.48
N ILE E 721 26.52 50.22 -41.36
CA ILE E 721 25.39 49.84 -42.21
C ILE E 721 25.76 48.62 -43.07
N GLN E 722 27.01 48.56 -43.52
CA GLN E 722 27.47 47.40 -44.27
C GLN E 722 27.36 46.11 -43.46
N HIS E 723 27.68 46.18 -42.16
CA HIS E 723 27.48 45.03 -41.29
C HIS E 723 26.00 44.72 -41.14
N ARG E 724 25.16 45.77 -40.97
CA ARG E 724 23.72 45.55 -40.88
C ARG E 724 23.14 45.11 -42.22
N MET E 725 23.81 45.46 -43.32
CA MET E 725 23.35 45.02 -44.64
C MET E 725 23.43 43.50 -44.75
N GLN E 726 24.49 42.91 -44.21
CA GLN E 726 24.61 41.45 -44.20
C GLN E 726 23.60 40.83 -43.24
N ARG E 727 23.26 41.55 -42.17
CA ARG E 727 22.37 40.99 -41.15
C ARG E 727 20.96 40.77 -41.70
N LYS E 728 20.51 41.61 -42.63
CA LYS E 728 19.16 41.53 -43.16
C LYS E 728 19.08 40.86 -44.52
N VAL E 729 19.90 41.31 -45.48
CA VAL E 729 19.81 40.78 -46.84
C VAL E 729 20.31 39.35 -46.90
N LEU E 730 21.46 39.07 -46.28
CA LEU E 730 22.12 37.78 -46.39
C LEU E 730 21.85 36.85 -45.21
N TYR E 731 20.74 37.04 -44.48
CA TYR E 731 20.45 36.13 -43.37
C TYR E 731 20.15 34.73 -43.87
N ARG E 732 19.43 34.60 -44.99
CA ARG E 732 19.18 33.31 -45.63
C ARG E 732 19.66 33.23 -47.06
N LEU E 733 19.90 34.37 -47.73
CA LEU E 733 20.30 34.35 -49.13
C LEU E 733 21.76 33.93 -49.29
N LYS E 734 22.61 34.34 -48.35
CA LYS E 734 24.04 34.07 -48.41
C LYS E 734 24.68 34.61 -49.68
N VAL F 18 12.45 -23.58 -52.79
CA VAL F 18 11.78 -22.88 -53.85
C VAL F 18 12.62 -21.71 -54.34
N ARG F 19 12.93 -20.79 -53.41
CA ARG F 19 13.81 -19.67 -53.74
C ARG F 19 15.25 -20.13 -53.87
N ASP F 20 15.64 -21.17 -53.11
CA ASP F 20 17.01 -21.66 -53.15
C ASP F 20 17.34 -22.26 -54.51
N GLU F 21 16.43 -23.07 -55.07
CA GLU F 21 16.71 -23.72 -56.34
C GLU F 21 16.83 -22.70 -57.47
N VAL F 22 15.95 -21.69 -57.50
CA VAL F 22 16.03 -20.68 -58.55
C VAL F 22 17.27 -19.82 -58.38
N ALA F 23 17.62 -19.46 -57.14
CA ALA F 23 18.84 -18.68 -56.92
C ALA F 23 20.08 -19.46 -57.32
N GLU F 24 20.11 -20.77 -57.07
CA GLU F 24 21.24 -21.58 -57.54
C GLU F 24 21.27 -21.72 -59.04
N LYS F 25 20.13 -21.99 -59.68
CA LYS F 25 20.16 -22.27 -61.11
C LYS F 25 20.44 -21.03 -61.93
N CYS F 26 19.98 -19.86 -61.47
CA CYS F 26 20.33 -18.66 -62.22
C CYS F 26 21.84 -18.42 -62.19
N GLN F 27 22.46 -18.59 -61.03
CA GLN F 27 23.92 -18.45 -60.94
C GLN F 27 24.62 -19.50 -61.79
N LYS F 28 24.10 -20.72 -61.81
CA LYS F 28 24.70 -21.77 -62.63
C LYS F 28 24.63 -21.43 -64.11
N LEU F 29 23.46 -21.00 -64.58
CA LEU F 29 23.30 -20.66 -65.98
C LEU F 29 24.03 -19.38 -66.35
N PHE F 30 24.38 -18.55 -65.36
CA PHE F 30 25.28 -17.44 -65.62
C PHE F 30 26.73 -17.88 -65.72
N LEU F 31 27.17 -18.72 -64.79
CA LEU F 31 28.57 -19.14 -64.76
C LEU F 31 28.95 -19.99 -65.96
N ASP F 32 28.11 -20.97 -66.32
CA ASP F 32 28.47 -21.84 -67.43
C ASP F 32 28.54 -21.09 -68.75
N PHE F 33 27.87 -19.94 -68.85
CA PHE F 33 27.83 -19.18 -70.09
C PHE F 33 28.94 -18.15 -70.18
N LEU F 34 29.72 -17.96 -69.11
CA LEU F 34 30.82 -17.01 -69.14
C LEU F 34 31.95 -17.45 -70.06
N GLU F 35 31.96 -18.72 -70.45
CA GLU F 35 32.90 -19.24 -71.44
C GLU F 35 32.10 -19.57 -72.70
N GLU F 36 32.52 -19.00 -73.82
CA GLU F 36 31.78 -19.16 -75.07
C GLU F 36 32.15 -20.47 -75.75
N PHE F 37 31.19 -21.07 -76.44
CA PHE F 37 31.45 -22.20 -77.32
C PHE F 37 32.07 -21.75 -78.64
N GLN F 38 31.64 -20.59 -79.15
CA GLN F 38 32.22 -19.99 -80.35
C GLN F 38 33.63 -19.51 -80.07
N SER F 39 34.26 -18.89 -81.08
CA SER F 39 35.64 -18.40 -80.98
C SER F 39 36.59 -19.56 -80.65
N SER F 40 36.57 -20.53 -81.55
CA SER F 40 37.38 -21.75 -81.49
C SER F 40 36.97 -22.61 -80.30
N ASP F 41 37.96 -23.14 -79.57
CA ASP F 41 37.70 -24.02 -78.43
C ASP F 41 38.97 -24.18 -77.62
N GLY F 42 38.82 -24.67 -76.40
CA GLY F 42 39.95 -25.01 -75.55
C GLY F 42 40.10 -24.04 -74.40
N GLU F 43 41.33 -23.88 -73.92
CA GLU F 43 41.64 -22.98 -72.81
C GLU F 43 42.68 -21.93 -73.19
N ILE F 44 43.04 -21.83 -74.47
CA ILE F 44 43.93 -20.77 -74.92
C ILE F 44 43.25 -19.41 -74.78
N LYS F 45 41.95 -19.35 -75.13
CA LYS F 45 41.21 -18.10 -74.99
C LYS F 45 41.13 -17.66 -73.54
N TYR F 46 40.97 -18.59 -72.60
CA TYR F 46 40.94 -18.23 -71.19
C TYR F 46 42.27 -17.60 -70.76
N LEU F 47 43.38 -18.18 -71.20
CA LEU F 47 44.68 -17.59 -70.90
C LEU F 47 44.82 -16.21 -71.52
N GLN F 48 44.32 -16.04 -72.75
CA GLN F 48 44.42 -14.74 -73.41
C GLN F 48 43.59 -13.69 -72.67
N LEU F 49 42.39 -14.05 -72.23
CA LEU F 49 41.57 -13.12 -71.47
C LEU F 49 42.21 -12.78 -70.13
N ALA F 50 42.81 -13.78 -69.47
CA ALA F 50 43.51 -13.51 -68.22
C ALA F 50 44.69 -12.57 -68.43
N GLU F 51 45.45 -12.78 -69.52
CA GLU F 51 46.55 -11.87 -69.83
C GLU F 51 46.04 -10.47 -70.13
N GLU F 52 44.94 -10.36 -70.88
CA GLU F 52 44.39 -9.06 -71.22
C GLU F 52 43.76 -8.34 -70.04
N LEU F 53 43.35 -9.08 -69.01
CA LEU F 53 42.75 -8.49 -67.82
C LEU F 53 43.76 -8.16 -66.74
N ILE F 54 44.45 -9.19 -66.24
CA ILE F 54 45.27 -9.02 -65.04
C ILE F 54 46.49 -8.16 -65.33
N ARG F 55 47.17 -8.40 -66.47
CA ARG F 55 48.43 -7.71 -66.73
C ARG F 55 48.29 -6.19 -66.77
N PRO F 56 47.33 -5.60 -67.48
CA PRO F 56 47.13 -4.15 -67.37
C PRO F 56 46.20 -3.75 -66.24
N GLU F 57 45.53 -4.71 -65.61
CA GLU F 57 44.57 -4.45 -64.54
C GLU F 57 43.48 -3.48 -64.99
N ARG F 58 43.08 -3.59 -66.25
CA ARG F 58 42.00 -2.75 -66.77
C ARG F 58 40.63 -3.22 -66.31
N ASN F 59 40.47 -4.52 -66.09
CA ASN F 59 39.21 -5.10 -65.66
C ASN F 59 38.08 -4.79 -66.65
N THR F 60 38.28 -5.24 -67.90
CA THR F 60 37.30 -5.08 -68.96
C THR F 60 36.92 -6.45 -69.49
N LEU F 61 35.62 -6.78 -69.40
CA LEU F 61 35.10 -8.05 -69.89
C LEU F 61 33.76 -7.78 -70.57
N VAL F 62 33.35 -8.70 -71.44
CA VAL F 62 32.10 -8.56 -72.18
C VAL F 62 31.52 -9.93 -72.44
N VAL F 63 30.20 -10.01 -72.40
CA VAL F 63 29.46 -11.22 -72.75
C VAL F 63 28.22 -10.78 -73.54
N SER F 64 27.91 -11.49 -74.62
CA SER F 64 26.80 -11.11 -75.48
C SER F 64 25.47 -11.36 -74.78
N PHE F 65 24.74 -10.28 -74.51
CA PHE F 65 23.41 -10.43 -73.93
C PHE F 65 22.42 -11.03 -74.92
N VAL F 66 22.67 -10.88 -76.22
CA VAL F 66 21.76 -11.43 -77.23
C VAL F 66 21.80 -12.95 -77.17
N ASP F 67 23.00 -13.53 -77.13
CA ASP F 67 23.11 -14.98 -77.01
C ASP F 67 22.55 -15.48 -75.69
N LEU F 68 22.77 -14.73 -74.61
CA LEU F 68 22.21 -15.13 -73.32
C LEU F 68 20.68 -15.18 -73.38
N GLU F 69 20.07 -14.17 -74.01
CA GLU F 69 18.63 -14.17 -74.18
C GLU F 69 18.16 -15.30 -75.09
N GLN F 70 18.91 -15.59 -76.16
CA GLN F 70 18.54 -16.70 -77.01
C GLN F 70 18.59 -18.01 -76.24
N PHE F 71 19.58 -18.18 -75.37
CA PHE F 71 19.69 -19.39 -74.57
C PHE F 71 18.53 -19.49 -73.58
N ASN F 72 18.26 -18.40 -72.85
CA ASN F 72 17.16 -18.37 -71.90
C ASN F 72 16.64 -16.94 -71.82
N GLN F 73 15.58 -16.66 -72.57
CA GLN F 73 14.97 -15.35 -72.53
C GLN F 73 14.34 -15.06 -71.17
N GLN F 74 13.90 -16.10 -70.45
CA GLN F 74 13.40 -15.89 -69.11
C GLN F 74 14.47 -15.32 -68.20
N LEU F 75 15.74 -15.57 -68.52
CA LEU F 75 16.81 -14.96 -67.74
C LEU F 75 16.80 -13.44 -67.89
N SER F 76 16.61 -12.95 -69.11
CA SER F 76 16.55 -11.52 -69.35
C SER F 76 15.37 -10.87 -68.64
N THR F 77 14.24 -11.57 -68.54
CA THR F 77 13.11 -11.08 -67.78
C THR F 77 13.37 -11.10 -66.28
N THR F 78 14.00 -12.17 -65.79
CA THR F 78 14.29 -12.25 -64.36
C THR F 78 15.23 -11.15 -63.92
N ILE F 79 16.30 -10.89 -64.69
CA ILE F 79 17.21 -9.82 -64.31
C ILE F 79 16.50 -8.47 -64.41
N GLN F 80 15.68 -8.31 -65.45
CA GLN F 80 14.97 -7.06 -65.65
C GLN F 80 14.05 -6.74 -64.47
N GLU F 81 13.33 -7.74 -63.97
CA GLU F 81 12.43 -7.50 -62.85
C GLU F 81 13.12 -7.59 -61.49
N GLU F 82 14.34 -8.12 -61.40
CA GLU F 82 14.96 -8.23 -60.09
C GLU F 82 16.43 -7.85 -60.07
N PHE F 83 16.83 -6.76 -60.74
CA PHE F 83 18.18 -6.23 -60.52
C PHE F 83 18.48 -6.02 -59.04
N TYR F 84 17.53 -5.45 -58.30
CA TYR F 84 17.70 -5.23 -56.87
C TYR F 84 17.89 -6.53 -56.10
N ARG F 85 17.49 -7.66 -56.66
CA ARG F 85 17.69 -8.95 -56.03
C ARG F 85 18.91 -9.68 -56.55
N VAL F 86 19.36 -9.40 -57.78
CA VAL F 86 20.45 -10.16 -58.37
C VAL F 86 21.79 -9.45 -58.23
N TYR F 87 21.78 -8.16 -57.90
CA TYR F 87 23.05 -7.47 -57.65
C TYR F 87 23.84 -8.13 -56.53
N PRO F 88 23.28 -8.41 -55.35
CA PRO F 88 24.10 -8.94 -54.25
C PRO F 88 24.59 -10.38 -54.46
N TYR F 89 23.92 -11.17 -55.29
CA TYR F 89 24.42 -12.50 -55.63
C TYR F 89 25.43 -12.47 -56.76
N LEU F 90 25.26 -11.54 -57.70
CA LEU F 90 26.30 -11.35 -58.71
C LEU F 90 27.56 -10.75 -58.09
N CYS F 91 27.42 -10.06 -56.96
CA CYS F 91 28.58 -9.51 -56.28
C CYS F 91 29.42 -10.60 -55.64
N ARG F 92 28.78 -11.55 -54.96
CA ARG F 92 29.53 -12.49 -54.12
C ARG F 92 29.80 -13.81 -54.84
N ALA F 93 28.74 -14.47 -55.30
CA ALA F 93 28.89 -15.82 -55.81
C ALA F 93 29.61 -15.86 -57.15
N LEU F 94 29.43 -14.82 -57.97
CA LEU F 94 30.02 -14.82 -59.31
C LEU F 94 31.54 -14.89 -59.27
N LYS F 95 32.16 -14.40 -58.18
CA LYS F 95 33.60 -14.31 -58.05
C LYS F 95 34.30 -15.67 -58.07
N THR F 96 33.55 -16.75 -58.27
CA THR F 96 34.10 -18.09 -58.20
C THR F 96 34.81 -18.53 -59.48
N PHE F 97 35.04 -17.60 -60.41
CA PHE F 97 35.65 -17.96 -61.69
C PHE F 97 37.16 -18.17 -61.59
N VAL F 98 37.80 -17.74 -60.50
CA VAL F 98 39.25 -17.82 -60.42
C VAL F 98 39.75 -19.23 -60.22
N LYS F 99 39.02 -20.05 -59.45
CA LYS F 99 39.45 -21.39 -59.04
C LYS F 99 40.82 -21.36 -58.37
N ASP F 100 41.07 -20.34 -57.55
CA ASP F 100 42.30 -20.26 -56.77
C ASP F 100 42.00 -19.56 -55.46
N ARG F 101 42.27 -20.23 -54.35
CA ARG F 101 41.94 -19.68 -53.04
C ARG F 101 42.83 -18.50 -52.67
N LYS F 102 44.00 -18.37 -53.28
CA LYS F 102 44.93 -17.31 -52.89
C LYS F 102 44.49 -15.95 -53.43
N GLU F 103 43.83 -15.91 -54.58
CA GLU F 103 43.46 -14.65 -55.21
C GLU F 103 42.09 -14.14 -54.79
N ILE F 104 41.30 -14.93 -54.06
CA ILE F 104 39.95 -14.49 -53.68
C ILE F 104 39.96 -13.45 -52.55
N PRO F 105 40.85 -13.49 -51.55
CA PRO F 105 40.76 -12.46 -50.50
C PRO F 105 41.32 -11.11 -50.91
N LEU F 106 42.32 -11.07 -51.79
CA LEU F 106 42.83 -9.80 -52.28
C LEU F 106 41.82 -9.07 -53.13
N ALA F 107 41.09 -9.79 -53.98
CA ALA F 107 40.12 -9.15 -54.86
C ALA F 107 38.99 -8.53 -54.05
N LYS F 108 38.68 -7.28 -54.36
CA LYS F 108 37.61 -6.55 -53.70
C LYS F 108 36.34 -6.49 -54.53
N ASP F 109 36.45 -6.13 -55.80
CA ASP F 109 35.29 -6.00 -56.66
C ASP F 109 35.68 -6.42 -58.08
N PHE F 110 34.66 -6.63 -58.90
CA PHE F 110 34.82 -7.11 -60.26
C PHE F 110 34.35 -6.02 -61.21
N TYR F 111 34.65 -6.21 -62.50
CA TYR F 111 34.18 -5.31 -63.52
C TYR F 111 33.84 -6.10 -64.77
N VAL F 112 32.61 -5.91 -65.26
CA VAL F 112 32.14 -6.47 -66.52
C VAL F 112 31.39 -5.37 -67.25
N ALA F 113 31.18 -5.56 -68.55
CA ALA F 113 30.45 -4.56 -69.32
C ALA F 113 29.81 -5.24 -70.53
N PHE F 114 29.19 -4.44 -71.38
CA PHE F 114 28.57 -4.87 -72.63
C PHE F 114 28.51 -3.69 -73.59
N GLN F 115 28.68 -3.98 -74.88
CA GLN F 115 28.79 -2.95 -75.90
C GLN F 115 27.88 -3.30 -77.06
N ASP F 116 27.39 -2.26 -77.74
CA ASP F 116 26.51 -2.42 -78.91
C ASP F 116 25.26 -3.21 -78.55
N LEU F 117 24.61 -2.80 -77.47
CA LEU F 117 23.35 -3.41 -77.07
C LEU F 117 22.26 -2.95 -78.01
N PRO F 118 21.56 -3.86 -78.71
CA PRO F 118 20.48 -3.45 -79.62
C PRO F 118 19.11 -3.35 -78.97
N THR F 119 18.99 -3.57 -77.67
CA THR F 119 17.75 -3.41 -76.94
C THR F 119 17.88 -2.23 -76.01
N ARG F 120 16.94 -1.30 -76.11
CA ARG F 120 16.94 -0.13 -75.24
C ARG F 120 15.51 0.36 -75.07
N HIS F 121 15.33 1.23 -74.08
CA HIS F 121 14.03 1.79 -73.77
C HIS F 121 14.10 3.31 -73.79
N LYS F 122 13.01 3.92 -74.26
CA LYS F 122 12.90 5.37 -74.28
C LYS F 122 12.83 5.90 -72.86
N ILE F 123 13.51 7.03 -72.62
CA ILE F 123 13.49 7.64 -71.30
C ILE F 123 12.08 8.08 -70.94
N ARG F 124 11.34 8.57 -71.93
CA ARG F 124 9.94 8.96 -71.69
C ARG F 124 9.11 7.78 -71.23
N GLU F 125 9.46 6.56 -71.66
CA GLU F 125 8.81 5.37 -71.13
C GLU F 125 9.47 4.89 -69.84
N LEU F 126 10.64 5.43 -69.51
CA LEU F 126 11.32 5.12 -68.24
C LEU F 126 10.76 6.01 -67.14
N THR F 127 9.56 5.64 -66.68
CA THR F 127 8.89 6.35 -65.61
C THR F 127 9.50 5.98 -64.26
N SER F 128 9.36 6.90 -63.31
CA SER F 128 9.84 6.63 -61.96
C SER F 128 9.08 5.48 -61.30
N SER F 129 7.92 5.13 -61.81
CA SER F 129 7.13 4.08 -61.19
C SER F 129 7.68 2.69 -61.45
N ARG F 130 8.85 2.58 -62.07
CA ARG F 130 9.36 1.28 -62.48
C ARG F 130 10.69 0.92 -61.84
N ILE F 131 10.90 1.28 -60.57
CA ILE F 131 12.21 1.07 -59.95
C ILE F 131 12.55 -0.41 -59.98
N GLY F 132 13.78 -0.72 -60.33
CA GLY F 132 14.23 -2.10 -60.40
C GLY F 132 14.38 -2.66 -61.79
N LEU F 133 14.04 -1.90 -62.83
CA LEU F 133 14.21 -2.36 -64.20
C LEU F 133 15.57 -1.88 -64.72
N LEU F 134 15.75 -1.95 -66.03
CA LEU F 134 16.98 -1.49 -66.65
C LEU F 134 16.74 -0.13 -67.31
N THR F 135 17.78 0.69 -67.37
CA THR F 135 17.73 1.99 -68.03
C THR F 135 19.04 2.22 -68.76
N ARG F 136 19.01 3.05 -69.79
CA ARG F 136 20.21 3.36 -70.55
C ARG F 136 20.75 4.73 -70.13
N ILE F 137 22.04 4.79 -69.84
CA ILE F 137 22.70 6.00 -69.38
C ILE F 137 22.84 6.91 -70.60
N SER F 138 21.88 7.80 -70.79
CA SER F 138 21.88 8.73 -71.90
C SER F 138 21.49 10.11 -71.42
N GLY F 139 22.25 11.11 -71.86
CA GLY F 139 21.96 12.47 -71.43
C GLY F 139 23.22 13.31 -71.39
N GLN F 140 23.17 14.37 -70.60
CA GLN F 140 24.24 15.36 -70.49
C GLN F 140 24.90 15.22 -69.13
N VAL F 141 26.23 15.20 -69.11
CA VAL F 141 26.95 15.17 -67.84
C VAL F 141 26.88 16.55 -67.21
N VAL F 142 26.28 16.62 -66.03
CA VAL F 142 26.18 17.86 -65.26
C VAL F 142 26.47 17.55 -63.81
N ARG F 143 27.11 18.49 -63.11
CA ARG F 143 27.38 18.35 -61.68
C ARG F 143 28.28 17.15 -61.41
N THR F 144 29.57 17.37 -61.68
CA THR F 144 30.59 16.41 -61.29
C THR F 144 30.83 16.47 -59.79
N HIS F 145 31.20 15.32 -59.23
CA HIS F 145 31.47 15.24 -57.80
C HIS F 145 32.73 14.44 -57.51
N PRO F 146 33.59 14.91 -56.62
CA PRO F 146 34.70 14.07 -56.15
C PRO F 146 34.16 12.98 -55.25
N VAL F 147 34.95 11.94 -55.08
CA VAL F 147 34.58 10.81 -54.25
C VAL F 147 34.77 11.19 -52.80
N HIS F 148 33.73 11.01 -51.98
CA HIS F 148 33.83 11.19 -50.55
C HIS F 148 33.61 9.84 -49.88
N PRO F 149 34.49 9.41 -48.99
CA PRO F 149 34.34 8.09 -48.32
C PRO F 149 33.50 8.12 -47.04
N GLU F 150 32.22 8.41 -47.21
CA GLU F 150 31.29 8.33 -46.07
C GLU F 150 30.98 6.88 -45.75
N LEU F 151 30.63 6.64 -44.48
CA LEU F 151 30.27 5.31 -44.03
C LEU F 151 29.05 4.80 -44.81
N VAL F 152 29.17 3.58 -45.34
CA VAL F 152 28.13 3.01 -46.18
C VAL F 152 27.54 1.76 -45.52
N SER F 153 28.33 0.69 -45.43
CA SER F 153 27.84 -0.57 -44.92
C SER F 153 28.93 -1.27 -44.12
N GLY F 154 28.51 -2.10 -43.17
CA GLY F 154 29.47 -2.81 -42.34
C GLY F 154 28.79 -3.32 -41.08
N THR F 155 29.62 -3.67 -40.09
CA THR F 155 29.12 -4.13 -38.81
C THR F 155 30.22 -4.02 -37.77
N PHE F 156 29.82 -3.87 -36.51
CA PHE F 156 30.74 -3.89 -35.38
C PHE F 156 30.50 -5.05 -34.43
N LEU F 157 29.58 -5.97 -34.76
CA LEU F 157 29.15 -6.97 -33.80
C LEU F 157 30.31 -7.84 -33.36
N CYS F 158 30.38 -8.09 -32.05
CA CYS F 158 31.43 -8.92 -31.49
C CYS F 158 31.17 -10.39 -31.79
N LEU F 159 32.24 -11.11 -32.14
CA LEU F 159 32.11 -12.53 -32.46
C LEU F 159 31.90 -13.39 -31.21
N ASP F 160 32.36 -12.93 -30.05
CA ASP F 160 32.16 -13.69 -28.83
C ASP F 160 30.72 -13.59 -28.35
N CYS F 161 29.99 -12.59 -28.83
CA CYS F 161 28.59 -12.36 -28.43
C CYS F 161 27.60 -12.92 -29.42
N GLN F 162 27.73 -12.57 -30.70
CA GLN F 162 26.79 -12.97 -31.73
C GLN F 162 27.54 -13.28 -33.00
N THR F 163 26.96 -14.14 -33.83
CA THR F 163 27.54 -14.51 -35.11
C THR F 163 27.03 -13.58 -36.20
N VAL F 164 27.77 -13.52 -37.31
CA VAL F 164 27.45 -12.60 -38.40
C VAL F 164 26.34 -13.16 -39.26
N ILE F 165 25.27 -12.40 -39.43
CA ILE F 165 24.18 -12.70 -40.36
C ILE F 165 24.30 -11.74 -41.53
N ARG F 166 23.87 -12.18 -42.72
CA ARG F 166 23.94 -11.36 -43.92
C ARG F 166 22.72 -10.44 -44.03
N ASP F 167 22.47 -9.71 -42.94
CA ASP F 167 21.39 -8.72 -42.90
C ASP F 167 21.76 -7.71 -41.83
N VAL F 168 22.34 -6.58 -42.23
CA VAL F 168 22.74 -5.53 -41.30
C VAL F 168 23.02 -4.26 -42.08
N GLU F 169 22.61 -3.13 -41.51
CA GLU F 169 22.98 -1.81 -42.01
C GLU F 169 22.53 -1.55 -43.44
N GLN F 170 23.37 -1.97 -44.40
CA GLN F 170 23.26 -1.62 -45.81
C GLN F 170 23.43 -0.11 -46.01
N GLN F 171 22.45 0.68 -45.56
CA GLN F 171 22.56 2.12 -45.58
C GLN F 171 23.11 2.62 -44.24
N PHE F 172 22.96 3.92 -43.97
CA PHE F 172 23.55 4.56 -42.81
C PHE F 172 22.92 4.14 -41.49
N LYS F 173 21.79 3.43 -41.52
CA LYS F 173 21.12 3.06 -40.28
C LYS F 173 21.99 2.11 -39.45
N TYR F 174 21.70 2.05 -38.16
CA TYR F 174 22.45 1.27 -37.19
C TYR F 174 21.70 -0.03 -36.89
N THR F 175 22.14 -0.75 -35.86
CA THR F 175 21.50 -2.01 -35.49
C THR F 175 20.17 -1.78 -34.79
N GLN F 176 19.15 -2.51 -35.23
CA GLN F 176 17.83 -2.48 -34.60
C GLN F 176 17.76 -3.36 -33.36
N PRO F 177 18.22 -4.65 -33.42
CA PRO F 177 18.09 -5.52 -32.24
C PRO F 177 18.82 -5.00 -31.01
N ASN F 178 18.26 -5.27 -29.83
CA ASN F 178 18.78 -4.81 -28.55
C ASN F 178 18.93 -6.00 -27.59
N ILE F 179 19.65 -7.02 -28.02
CA ILE F 179 19.82 -8.26 -27.28
C ILE F 179 21.26 -8.35 -26.82
N CYS F 180 21.48 -8.79 -25.57
CA CYS F 180 22.80 -8.83 -24.94
C CYS F 180 23.38 -7.42 -24.85
N ARG F 181 22.73 -6.62 -24.01
CA ARG F 181 23.03 -5.19 -23.91
C ARG F 181 24.29 -4.92 -23.08
N ASN F 182 25.41 -5.54 -23.44
CA ASN F 182 26.67 -5.14 -22.87
C ASN F 182 27.32 -4.08 -23.75
N PRO F 183 27.48 -4.30 -25.08
CA PRO F 183 27.95 -3.21 -25.94
C PRO F 183 26.80 -2.46 -26.61
N VAL F 184 25.57 -2.94 -26.40
CA VAL F 184 24.43 -2.39 -27.13
C VAL F 184 24.14 -0.97 -26.66
N CYS F 185 24.39 -0.68 -25.40
CA CYS F 185 24.21 0.67 -24.90
C CYS F 185 25.11 1.65 -25.68
N ALA F 186 24.47 2.55 -26.42
CA ALA F 186 25.17 3.44 -27.33
C ALA F 186 25.15 4.88 -26.89
N ASN F 187 24.86 5.16 -25.62
CA ASN F 187 24.88 6.52 -25.10
C ASN F 187 26.31 6.92 -24.71
N ARG F 188 27.24 6.72 -25.63
CA ARG F 188 28.65 7.02 -25.45
C ARG F 188 29.32 6.96 -26.83
N ARG F 189 30.18 7.94 -27.11
CA ARG F 189 30.81 8.00 -28.41
C ARG F 189 31.85 6.89 -28.56
N ARG F 190 31.91 6.33 -29.77
CA ARG F 190 32.85 5.26 -30.08
C ARG F 190 33.26 5.39 -31.54
N PHE F 191 34.51 5.03 -31.83
CA PHE F 191 35.03 5.14 -33.19
C PHE F 191 35.51 3.82 -33.79
N LEU F 192 35.09 2.68 -33.27
CA LEU F 192 35.56 1.39 -33.77
C LEU F 192 34.94 1.13 -35.14
N LEU F 193 35.72 1.36 -36.19
CA LEU F 193 35.23 1.17 -37.55
C LEU F 193 35.78 -0.12 -38.12
N ASP F 194 34.88 -0.94 -38.67
CA ASP F 194 35.27 -2.24 -39.22
C ASP F 194 35.92 -2.02 -40.57
N THR F 195 37.15 -1.49 -40.53
CA THR F 195 37.89 -1.30 -41.77
C THR F 195 38.28 -2.62 -42.42
N ASN F 196 38.32 -3.71 -41.66
CA ASN F 196 38.57 -5.02 -42.24
C ASN F 196 37.38 -5.54 -43.03
N LYS F 197 36.15 -5.33 -42.54
CA LYS F 197 34.93 -5.82 -43.19
C LYS F 197 34.08 -4.62 -43.56
N SER F 198 34.10 -4.25 -44.83
CA SER F 198 33.35 -3.09 -45.29
C SER F 198 33.20 -3.16 -46.81
N ARG F 199 32.29 -2.35 -47.33
CA ARG F 199 31.99 -2.30 -48.76
C ARG F 199 32.59 -1.05 -49.41
N PHE F 200 33.78 -0.66 -48.96
CA PHE F 200 34.36 0.60 -49.42
C PHE F 200 35.39 0.40 -50.52
N VAL F 201 35.01 0.69 -51.77
CA VAL F 201 35.94 0.60 -52.88
C VAL F 201 36.09 1.95 -53.60
N ASP F 202 35.00 2.44 -54.20
CA ASP F 202 34.99 3.72 -54.92
C ASP F 202 33.58 4.03 -55.41
N PHE F 203 33.19 5.30 -55.38
CA PHE F 203 31.79 5.69 -55.56
C PHE F 203 31.67 7.21 -55.69
N GLN F 204 30.81 7.63 -56.63
CA GLN F 204 30.58 9.04 -56.92
C GLN F 204 29.22 9.22 -57.57
N LYS F 205 28.67 10.43 -57.45
CA LYS F 205 27.35 10.75 -57.99
C LYS F 205 27.48 11.81 -59.06
N VAL F 206 26.81 11.61 -60.18
CA VAL F 206 26.71 12.59 -61.26
C VAL F 206 25.23 12.81 -61.54
N ARG F 207 24.85 14.07 -61.71
CA ARG F 207 23.46 14.42 -61.95
C ARG F 207 23.25 14.61 -63.46
N ILE F 208 22.90 13.51 -64.12
CA ILE F 208 22.72 13.52 -65.56
C ILE F 208 21.57 14.45 -65.91
N GLN F 209 21.75 15.27 -66.94
CA GLN F 209 20.72 16.16 -67.43
C GLN F 209 20.18 15.63 -68.76
N GLU F 210 18.87 15.75 -68.93
CA GLU F 210 18.21 15.17 -70.10
C GLU F 210 18.69 15.86 -71.37
N THR F 211 18.69 15.12 -72.47
CA THR F 211 19.23 15.61 -73.72
C THR F 211 18.43 16.80 -74.22
N GLN F 212 19.10 17.94 -74.36
CA GLN F 212 18.42 19.15 -74.80
C GLN F 212 17.87 19.01 -76.21
N ALA F 213 18.62 18.34 -77.09
CA ALA F 213 18.17 18.17 -78.46
C ALA F 213 16.85 17.44 -78.53
N GLU F 214 16.69 16.36 -77.76
CA GLU F 214 15.42 15.67 -77.70
C GLU F 214 14.36 16.47 -76.98
N LEU F 215 14.75 17.40 -76.13
CA LEU F 215 13.80 18.23 -75.39
C LEU F 215 13.18 19.26 -76.32
N PRO F 216 11.92 19.62 -76.08
CA PRO F 216 11.25 20.63 -76.91
C PRO F 216 11.65 22.03 -76.44
N ARG F 217 11.03 23.03 -77.07
CA ARG F 217 11.35 24.43 -76.75
C ARG F 217 11.07 24.73 -75.28
N GLY F 218 9.90 24.34 -74.80
CA GLY F 218 9.61 24.41 -73.38
C GLY F 218 10.03 23.13 -72.71
N SER F 219 11.17 23.15 -72.03
CA SER F 219 11.85 21.92 -71.61
C SER F 219 11.57 21.59 -70.16
N ILE F 220 11.96 22.47 -69.24
CA ILE F 220 11.91 22.19 -67.80
C ILE F 220 12.63 20.86 -67.59
N PRO F 221 13.95 20.82 -67.73
CA PRO F 221 14.68 19.56 -67.61
C PRO F 221 14.51 18.95 -66.23
N ARG F 222 14.53 17.62 -66.19
CA ARG F 222 14.48 16.86 -64.95
C ARG F 222 15.88 16.33 -64.67
N SER F 223 16.37 16.57 -63.45
CA SER F 223 17.74 16.23 -63.09
C SER F 223 17.78 14.83 -62.51
N LEU F 224 18.39 13.90 -63.25
CA LEU F 224 18.56 12.56 -62.74
C LEU F 224 19.51 12.56 -61.54
N GLU F 225 19.26 11.64 -60.61
CA GLU F 225 20.13 11.45 -59.44
C GLU F 225 20.57 9.99 -59.38
N VAL F 226 21.70 9.72 -60.00
CA VAL F 226 22.21 8.36 -60.10
C VAL F 226 23.60 8.30 -59.48
N ILE F 227 23.94 7.13 -58.96
CA ILE F 227 25.20 6.86 -58.27
C ILE F 227 26.07 6.06 -59.21
N LEU F 228 27.31 6.50 -59.40
CA LEU F 228 28.23 5.86 -60.33
C LEU F 228 29.43 5.32 -59.56
N ARG F 229 29.80 4.07 -59.84
CA ARG F 229 30.89 3.41 -59.14
C ARG F 229 32.22 3.79 -59.78
N ALA F 230 33.28 3.08 -59.40
CA ALA F 230 34.62 3.35 -59.88
C ALA F 230 34.69 3.29 -61.39
N GLU F 231 33.79 2.52 -62.00
CA GLU F 231 33.74 2.44 -63.45
C GLU F 231 33.58 3.82 -64.07
N ALA F 232 33.01 4.76 -63.33
CA ALA F 232 32.88 6.14 -63.81
C ALA F 232 34.15 6.95 -63.63
N VAL F 233 35.11 6.47 -62.85
CA VAL F 233 36.29 7.27 -62.57
C VAL F 233 37.10 7.47 -63.83
N GLU F 234 37.46 8.74 -64.09
CA GLU F 234 38.27 9.14 -65.25
C GLU F 234 37.79 8.49 -66.55
N SER F 235 36.51 8.16 -66.60
CA SER F 235 35.88 7.57 -67.77
C SER F 235 34.76 8.44 -68.34
N ALA F 236 34.46 9.57 -67.71
CA ALA F 236 33.37 10.41 -68.17
C ALA F 236 33.86 11.85 -68.22
N GLN F 237 33.31 12.59 -69.18
CA GLN F 237 33.70 13.97 -69.42
C GLN F 237 32.57 14.88 -68.98
N ALA F 238 32.94 15.95 -68.29
CA ALA F 238 31.98 16.93 -67.83
C ALA F 238 31.42 17.71 -69.01
N GLY F 239 30.12 17.60 -69.23
CA GLY F 239 29.45 18.37 -70.26
C GLY F 239 29.34 17.69 -71.61
N ASP F 240 29.33 16.35 -71.65
CA ASP F 240 29.18 15.66 -72.92
C ASP F 240 28.14 14.55 -72.82
N LYS F 241 27.64 14.10 -73.96
CA LYS F 241 26.66 13.04 -73.97
C LYS F 241 27.28 11.73 -73.50
N CYS F 242 26.45 10.88 -72.92
CA CYS F 242 26.89 9.59 -72.40
C CYS F 242 26.90 8.58 -73.54
N ASP F 243 28.07 8.35 -74.13
CA ASP F 243 28.24 7.40 -75.24
C ASP F 243 29.33 6.39 -74.86
N PHE F 244 28.91 5.25 -74.33
CA PHE F 244 29.83 4.18 -73.97
C PHE F 244 29.86 3.12 -75.06
N GLY F 272 12.35 -16.18 -38.03
CA GLY F 272 11.67 -16.70 -36.86
C GLY F 272 12.11 -16.06 -35.56
N VAL F 273 11.16 -15.89 -34.64
CA VAL F 273 11.44 -15.28 -33.33
C VAL F 273 10.90 -16.18 -32.23
N ASP F 274 11.44 -16.03 -31.02
CA ASP F 274 11.08 -16.87 -29.88
C ASP F 274 11.14 -16.05 -28.61
N GLY F 275 10.25 -16.36 -27.65
CA GLY F 275 10.15 -15.58 -26.43
C GLY F 275 9.11 -14.49 -26.48
N TYR F 276 8.21 -14.55 -27.45
CA TYR F 276 7.11 -13.58 -27.59
C TYR F 276 7.63 -12.14 -27.64
N GLU F 277 8.62 -11.90 -28.48
CA GLU F 277 9.09 -10.54 -28.75
C GLU F 277 8.16 -9.90 -29.78
N THR F 278 7.18 -9.15 -29.29
CA THR F 278 6.19 -8.51 -30.14
C THR F 278 6.48 -7.02 -30.25
N GLU F 279 5.57 -6.29 -30.91
CA GLU F 279 5.71 -4.85 -31.03
C GLU F 279 5.30 -4.16 -29.73
N GLY F 280 5.47 -2.84 -29.71
CA GLY F 280 5.17 -2.04 -28.54
C GLY F 280 6.38 -1.54 -27.78
N ILE F 281 7.59 -1.94 -28.18
CA ILE F 281 8.80 -1.46 -27.54
C ILE F 281 9.17 -0.11 -28.15
N ARG F 282 9.39 0.88 -27.29
CA ARG F 282 9.71 2.22 -27.76
C ARG F 282 11.08 2.26 -28.42
N GLY F 283 11.33 3.34 -29.16
CA GLY F 283 12.56 3.50 -29.90
C GLY F 283 12.40 3.74 -31.39
N LEU F 284 11.20 4.05 -31.85
CA LEU F 284 10.94 4.28 -33.27
C LEU F 284 11.15 5.76 -33.59
N ARG F 285 12.00 6.03 -34.59
CA ARG F 285 12.29 7.38 -35.03
C ARG F 285 12.16 7.48 -36.54
N ALA F 286 11.72 8.65 -36.99
CA ALA F 286 11.49 8.90 -38.41
C ALA F 286 12.61 9.70 -39.08
N LEU F 287 13.71 9.97 -38.38
CA LEU F 287 14.80 10.75 -38.96
C LEU F 287 15.48 10.02 -40.12
N GLY F 288 15.50 8.69 -40.10
CA GLY F 288 16.13 7.92 -41.15
C GLY F 288 15.26 7.56 -42.33
N VAL F 289 14.06 8.14 -42.43
CA VAL F 289 13.11 7.76 -43.48
C VAL F 289 12.97 8.89 -44.48
N ARG F 290 12.95 10.14 -44.00
CA ARG F 290 12.69 11.27 -44.88
C ARG F 290 13.87 11.59 -45.77
N ASP F 291 15.07 11.12 -45.43
CA ASP F 291 16.26 11.56 -46.15
C ASP F 291 16.37 10.89 -47.52
N LEU F 292 16.43 9.56 -47.55
CA LEU F 292 16.69 8.88 -48.80
C LEU F 292 15.41 8.58 -49.58
N SER F 293 14.30 8.31 -48.89
CA SER F 293 13.10 7.86 -49.58
C SER F 293 12.56 8.91 -50.53
N TYR F 294 12.78 10.19 -50.25
CA TYR F 294 12.24 11.24 -51.12
C TYR F 294 13.00 11.41 -52.41
N ARG F 295 13.96 10.56 -52.74
CA ARG F 295 14.80 10.75 -53.91
C ARG F 295 14.70 9.52 -54.83
N LEU F 296 15.41 9.59 -55.95
CA LEU F 296 15.39 8.54 -56.96
C LEU F 296 16.48 7.50 -56.73
N VAL F 297 16.07 6.25 -56.57
CA VAL F 297 16.93 5.17 -56.09
C VAL F 297 16.94 4.07 -57.15
N PHE F 298 17.93 4.08 -58.03
CA PHE F 298 18.16 2.94 -58.91
C PHE F 298 19.66 2.86 -59.12
N LEU F 299 20.10 1.73 -59.68
CA LEU F 299 21.51 1.55 -60.00
C LEU F 299 21.65 1.26 -61.50
N ALA F 300 22.68 1.83 -62.10
CA ALA F 300 23.04 1.54 -63.48
C ALA F 300 24.54 1.28 -63.55
N CYS F 301 24.92 0.48 -64.54
CA CYS F 301 26.32 0.10 -64.70
C CYS F 301 26.66 0.16 -66.17
N CYS F 302 27.80 0.76 -66.47
CA CYS F 302 28.27 0.83 -67.84
C CYS F 302 28.97 -0.47 -68.22
N ASN F 327 20.45 0.22 -95.96
CA ASN F 327 21.68 0.20 -96.74
C ASN F 327 21.54 1.08 -97.98
N GLN F 328 20.42 0.89 -98.69
CA GLN F 328 20.17 1.69 -99.88
C GLN F 328 19.93 3.16 -99.54
N MET F 329 19.42 3.43 -98.34
CA MET F 329 19.23 4.81 -97.91
C MET F 329 20.56 5.55 -97.85
N THR F 330 21.59 4.90 -97.32
CA THR F 330 22.93 5.49 -97.31
C THR F 330 23.40 5.78 -98.72
N VAL F 331 23.21 4.82 -99.63
CA VAL F 331 23.65 4.99 -101.01
C VAL F 331 22.89 6.14 -101.68
N LYS F 332 21.60 6.27 -101.36
CA LYS F 332 20.78 7.25 -102.04
C LYS F 332 21.32 8.67 -101.84
N GLU F 333 21.70 9.00 -100.61
CA GLU F 333 22.33 10.30 -100.38
C GLU F 333 23.66 10.41 -101.10
N TRP F 334 24.48 9.36 -101.00
CA TRP F 334 25.80 9.37 -101.61
C TRP F 334 25.70 9.45 -103.13
N GLU F 335 24.62 8.89 -103.69
CA GLU F 335 24.46 8.88 -105.13
C GLU F 335 24.40 10.29 -105.70
N LYS F 336 23.79 11.22 -104.97
CA LYS F 336 23.70 12.60 -105.46
C LYS F 336 25.09 13.21 -105.65
N VAL F 337 26.02 12.91 -104.75
CA VAL F 337 27.38 13.45 -104.87
C VAL F 337 28.05 12.96 -106.15
N PHE F 338 27.95 11.66 -106.42
CA PHE F 338 28.58 11.11 -107.61
C PHE F 338 27.91 11.58 -108.89
N GLU F 339 26.58 11.53 -108.94
CA GLU F 339 25.86 11.81 -110.18
C GLU F 339 25.94 13.28 -110.56
N MET F 340 25.89 14.17 -109.57
CA MET F 340 25.88 15.61 -109.85
C MET F 340 27.23 16.10 -110.37
N SER F 341 28.26 15.25 -110.30
CA SER F 341 29.59 15.66 -110.74
C SER F 341 29.62 15.98 -112.23
N GLN F 342 28.74 15.36 -113.02
CA GLN F 342 28.74 15.58 -114.46
C GLN F 342 28.23 16.97 -114.85
N ASP F 343 27.59 17.69 -113.94
CA ASP F 343 27.15 19.05 -114.21
C ASP F 343 28.31 20.02 -114.08
N LYS F 344 28.42 20.94 -115.04
CA LYS F 344 29.50 21.91 -115.03
C LYS F 344 29.32 22.88 -113.87
N ASN F 345 30.45 23.34 -113.32
CA ASN F 345 30.49 24.28 -112.20
C ASN F 345 29.70 23.77 -111.00
N LEU F 346 29.91 22.50 -110.63
CA LEU F 346 29.24 21.95 -109.45
C LEU F 346 29.67 22.67 -108.17
N TYR F 347 30.96 23.00 -108.07
CA TYR F 347 31.49 23.58 -106.84
C TYR F 347 30.85 24.93 -106.53
N HIS F 348 30.60 25.74 -107.57
CA HIS F 348 29.97 27.05 -107.33
C HIS F 348 28.59 26.89 -106.72
N ASN F 349 27.75 26.04 -107.30
CA ASN F 349 26.39 25.86 -106.79
C ASN F 349 26.39 25.25 -105.40
N LEU F 350 27.38 24.41 -105.09
CA LEU F 350 27.46 23.79 -103.79
C LEU F 350 27.65 24.83 -102.70
N CYS F 351 28.38 25.89 -102.99
CA CYS F 351 28.61 26.94 -102.00
C CYS F 351 27.32 27.67 -101.65
N THR F 352 26.54 28.04 -102.67
CA THR F 352 25.26 28.71 -102.41
C THR F 352 24.30 27.78 -101.70
N SER F 353 24.41 26.48 -101.95
CA SER F 353 23.36 25.53 -101.57
C SER F 353 23.10 25.55 -100.06
N LEU F 354 24.13 25.85 -99.27
CA LEU F 354 23.99 25.75 -97.82
C LEU F 354 23.41 27.01 -97.18
N PHE F 355 23.38 28.12 -97.91
CA PHE F 355 22.97 29.42 -97.35
C PHE F 355 21.79 29.94 -98.15
N PRO F 356 20.59 29.41 -97.90
CA PRO F 356 19.42 29.86 -98.65
C PRO F 356 18.92 31.23 -98.21
N THR F 357 19.26 31.64 -97.00
CA THR F 357 18.71 32.85 -96.39
C THR F 357 19.79 33.88 -96.11
N ILE F 358 20.72 34.06 -97.04
CA ILE F 358 21.75 35.08 -96.92
C ILE F 358 21.70 35.96 -98.16
N HIS F 359 21.90 37.26 -97.96
CA HIS F 359 21.98 38.20 -99.06
C HIS F 359 23.28 38.99 -98.92
N GLY F 360 24.10 38.95 -99.95
CA GLY F 360 25.41 39.56 -99.86
C GLY F 360 26.32 38.78 -98.92
N ASN F 361 27.45 39.40 -98.63
CA ASN F 361 28.44 38.86 -97.69
C ASN F 361 28.89 37.46 -98.10
N ASP F 362 29.12 37.28 -99.41
CA ASP F 362 29.58 35.98 -99.89
C ASP F 362 30.94 35.62 -99.30
N GLU F 363 31.81 36.60 -99.11
CA GLU F 363 33.11 36.32 -98.50
C GLU F 363 32.95 35.89 -97.05
N VAL F 364 31.92 36.41 -96.36
CA VAL F 364 31.74 36.07 -94.96
C VAL F 364 31.31 34.61 -94.82
N LYS F 365 30.34 34.18 -95.62
CA LYS F 365 29.92 32.79 -95.56
C LYS F 365 30.98 31.85 -96.10
N ARG F 366 31.89 32.37 -96.93
CA ARG F 366 32.92 31.51 -97.52
C ARG F 366 33.80 30.91 -96.44
N GLY F 367 34.23 31.74 -95.47
CA GLY F 367 34.99 31.20 -94.36
C GLY F 367 34.16 30.26 -93.51
N VAL F 368 32.91 30.63 -93.25
CA VAL F 368 32.03 29.78 -92.45
C VAL F 368 31.79 28.45 -93.15
N LEU F 369 31.53 28.50 -94.46
CA LEU F 369 31.31 27.28 -95.22
C LEU F 369 32.45 26.29 -95.00
N LEU F 370 33.69 26.77 -95.18
CA LEU F 370 34.83 25.90 -94.98
C LEU F 370 34.97 25.47 -93.54
N MET F 371 34.44 26.25 -92.61
CA MET F 371 34.63 25.94 -91.19
C MET F 371 34.01 24.61 -90.82
N LEU F 372 33.02 24.16 -91.59
CA LEU F 372 32.37 22.90 -91.28
C LEU F 372 33.34 21.73 -91.41
N PHE F 373 34.16 21.72 -92.46
CA PHE F 373 35.08 20.62 -92.67
C PHE F 373 36.06 20.52 -91.51
N GLY F 374 36.29 19.29 -91.06
CA GLY F 374 37.16 19.04 -89.93
C GLY F 374 38.35 18.17 -90.24
N GLY F 375 38.73 17.32 -89.29
CA GLY F 375 39.86 16.44 -89.45
C GLY F 375 40.97 16.74 -88.45
N VAL F 376 40.97 16.01 -87.35
CA VAL F 376 41.94 16.18 -86.27
C VAL F 376 42.76 14.90 -86.17
N PRO F 377 44.07 14.94 -86.37
CA PRO F 377 44.87 13.72 -86.26
C PRO F 377 45.05 13.31 -84.81
N LYS F 378 45.01 12.00 -84.58
CA LYS F 378 45.16 11.45 -83.24
C LYS F 378 46.65 11.37 -82.89
N THR F 379 46.95 11.00 -81.65
CA THR F 379 48.33 10.89 -81.19
C THR F 379 48.66 9.40 -81.07
N THR F 380 49.55 8.93 -81.94
CA THR F 380 50.00 7.54 -81.93
C THR F 380 51.47 7.37 -81.60
N GLY F 381 52.30 8.38 -81.86
CA GLY F 381 53.71 8.32 -81.52
C GLY F 381 54.02 9.05 -80.23
N GLU F 382 52.97 9.35 -79.46
CA GLU F 382 53.08 10.08 -78.20
C GLU F 382 53.75 11.44 -78.37
N GLY F 383 53.48 12.10 -79.50
CA GLY F 383 54.05 13.42 -79.75
C GLY F 383 53.09 14.52 -79.39
N THR F 384 53.14 15.63 -80.12
CA THR F 384 52.32 16.79 -79.83
C THR F 384 50.96 16.67 -80.51
N SER F 385 49.99 17.41 -79.98
CA SER F 385 48.65 17.37 -80.54
C SER F 385 48.57 18.26 -81.77
N LEU F 386 48.38 17.63 -82.92
CA LEU F 386 48.20 18.41 -84.14
C LEU F 386 46.80 19.01 -84.16
N ARG F 387 46.75 20.32 -84.39
CA ARG F 387 45.49 21.04 -84.34
C ARG F 387 44.75 20.89 -85.65
N GLY F 388 43.48 20.48 -85.56
CA GLY F 388 42.68 20.21 -86.75
C GLY F 388 41.43 21.05 -86.85
N ASP F 389 41.18 21.90 -85.86
CA ASP F 389 40.01 22.75 -85.87
C ASP F 389 40.29 24.06 -86.61
N ILE F 390 39.24 24.86 -86.75
CA ILE F 390 39.32 26.18 -87.37
C ILE F 390 38.74 27.21 -86.42
N ASN F 391 39.48 28.29 -86.20
CA ASN F 391 39.06 29.36 -85.31
C ASN F 391 39.11 30.68 -86.10
N VAL F 392 37.95 31.14 -86.56
CA VAL F 392 37.85 32.36 -87.34
C VAL F 392 36.99 33.37 -86.59
N CYS F 393 37.43 34.63 -86.60
CA CYS F 393 36.69 35.74 -86.03
C CYS F 393 36.36 36.73 -87.13
N ILE F 394 35.13 37.24 -87.10
CA ILE F 394 34.63 38.12 -88.15
C ILE F 394 34.44 39.50 -87.55
N VAL F 395 35.01 40.50 -88.22
CA VAL F 395 34.80 41.91 -87.88
C VAL F 395 33.67 42.43 -88.75
N GLY F 396 32.71 43.09 -88.12
CA GLY F 396 31.50 43.48 -88.82
C GLY F 396 31.03 44.85 -88.39
N ASP F 397 29.77 44.90 -87.98
CA ASP F 397 29.07 46.14 -87.66
C ASP F 397 29.70 46.86 -86.48
N PRO F 398 29.47 48.18 -86.36
CA PRO F 398 30.00 48.93 -85.22
C PRO F 398 29.17 48.71 -83.95
N SER F 399 28.47 47.58 -83.90
CA SER F 399 27.56 47.20 -82.81
C SER F 399 26.30 48.05 -82.83
N THR F 400 25.66 48.12 -84.00
CA THR F 400 24.32 48.66 -84.15
C THR F 400 23.65 47.96 -85.32
N ALA F 401 22.56 47.23 -85.05
CA ALA F 401 22.00 46.29 -86.01
C ALA F 401 23.09 45.30 -86.43
N LYS F 402 23.62 44.57 -85.45
CA LYS F 402 24.88 43.84 -85.57
C LYS F 402 24.76 42.77 -86.66
N SER F 403 25.66 42.85 -87.64
CA SER F 403 25.68 41.86 -88.70
C SER F 403 26.04 40.48 -88.18
N GLN F 404 26.32 40.37 -86.88
CA GLN F 404 26.48 39.03 -86.31
C GLN F 404 25.17 38.26 -86.35
N PHE F 405 24.08 38.95 -86.75
CA PHE F 405 22.80 38.29 -86.86
C PHE F 405 22.89 37.08 -87.78
N LEU F 406 23.90 37.04 -88.66
CA LEU F 406 24.14 35.87 -89.49
C LEU F 406 24.46 34.64 -88.65
N LYS F 407 24.99 34.85 -87.44
CA LYS F 407 25.23 33.73 -86.53
C LYS F 407 23.98 32.89 -86.35
N HIS F 408 22.82 33.55 -86.33
CA HIS F 408 21.56 32.85 -86.11
C HIS F 408 21.31 31.78 -87.15
N VAL F 409 21.82 31.96 -88.36
CA VAL F 409 21.63 30.93 -89.39
C VAL F 409 22.29 29.63 -88.96
N GLU F 410 23.49 29.73 -88.40
CA GLU F 410 24.22 28.53 -88.02
C GLU F 410 23.50 27.76 -86.92
N GLU F 411 22.65 28.43 -86.15
CA GLU F 411 21.94 27.77 -85.07
C GLU F 411 21.13 26.59 -85.55
N PHE F 412 20.55 26.68 -86.75
CA PHE F 412 19.75 25.58 -87.29
C PHE F 412 20.65 24.41 -87.66
N SER F 413 21.34 23.85 -86.68
CA SER F 413 22.22 22.72 -86.94
C SER F 413 22.51 22.01 -85.62
N PRO F 414 22.64 20.68 -85.64
CA PRO F 414 22.95 19.95 -84.41
C PRO F 414 24.40 20.17 -84.00
N ARG F 415 24.70 19.78 -82.76
CA ARG F 415 26.02 19.95 -82.16
C ARG F 415 26.47 21.41 -82.19
N ALA F 416 25.71 22.25 -81.49
CA ALA F 416 26.03 23.66 -81.37
C ALA F 416 25.55 24.16 -80.02
N VAL F 417 26.17 25.23 -79.53
CA VAL F 417 25.81 25.83 -78.26
C VAL F 417 25.27 27.23 -78.50
N TYR F 418 24.10 27.50 -77.95
CA TYR F 418 23.45 28.80 -78.08
C TYR F 418 24.06 29.69 -76.99
N THR F 419 25.26 30.20 -77.25
CA THR F 419 25.92 31.01 -76.25
C THR F 419 25.12 32.26 -75.95
N SER F 420 24.95 32.54 -74.66
CA SER F 420 24.32 33.78 -74.23
C SER F 420 25.37 34.85 -74.00
N GLY F 421 26.20 35.06 -75.02
CA GLY F 421 27.32 35.98 -74.90
C GLY F 421 28.20 35.57 -73.74
N LYS F 422 28.59 36.54 -72.92
CA LYS F 422 29.32 36.28 -71.70
C LYS F 422 28.73 36.96 -70.48
N ALA F 423 28.13 38.13 -70.64
CA ALA F 423 27.55 38.84 -69.50
C ALA F 423 26.39 38.03 -68.96
N SER F 424 26.70 36.99 -68.19
CA SER F 424 25.72 36.08 -67.63
C SER F 424 26.29 35.52 -66.34
N SER F 425 25.43 34.87 -65.56
CA SER F 425 25.85 34.31 -64.29
C SER F 425 26.95 33.28 -64.52
N ALA F 426 26.77 32.44 -65.54
CA ALA F 426 27.80 31.51 -65.99
C ALA F 426 28.36 30.69 -64.85
N ALA F 427 27.51 29.92 -64.19
CA ALA F 427 27.96 29.05 -63.11
C ALA F 427 28.95 27.99 -63.60
N GLY F 428 28.82 27.54 -64.85
CA GLY F 428 29.79 26.63 -65.42
C GLY F 428 31.07 27.36 -65.79
N LEU F 429 32.14 26.56 -65.92
CA LEU F 429 33.49 27.01 -66.26
C LEU F 429 34.11 27.80 -65.11
N THR F 430 33.36 28.03 -64.03
CA THR F 430 33.79 28.74 -62.84
C THR F 430 33.50 27.88 -61.61
N ALA F 431 33.94 26.63 -61.67
CA ALA F 431 33.62 25.63 -60.68
C ALA F 431 34.01 26.08 -59.27
N ALA F 432 33.23 25.67 -58.28
CA ALA F 432 33.49 26.09 -56.92
C ALA F 432 33.24 24.95 -55.94
N VAL F 433 33.77 25.10 -54.73
CA VAL F 433 33.71 24.04 -53.72
C VAL F 433 32.26 23.67 -53.43
N VAL F 434 32.00 22.37 -53.38
CA VAL F 434 30.65 21.84 -53.29
C VAL F 434 30.26 21.44 -51.89
N ARG F 435 31.16 21.59 -50.92
CA ARG F 435 31.02 20.94 -49.63
C ARG F 435 31.06 21.93 -48.45
N ASP F 436 30.15 22.90 -48.44
CA ASP F 436 30.04 23.80 -47.29
C ASP F 436 29.26 23.09 -46.18
N GLU F 437 29.71 21.88 -45.86
CA GLU F 437 29.31 21.09 -44.69
C GLU F 437 27.90 20.54 -44.77
N GLU F 438 27.10 21.01 -45.74
CA GLU F 438 25.86 20.31 -46.06
C GLU F 438 25.69 20.17 -47.57
N SER F 439 26.01 21.22 -48.31
CA SER F 439 25.92 21.26 -49.77
C SER F 439 26.34 22.64 -50.25
N HIS F 440 26.59 22.78 -51.55
CA HIS F 440 26.84 24.08 -52.15
C HIS F 440 26.08 24.19 -53.46
N GLU F 441 25.74 25.43 -53.83
CA GLU F 441 25.06 25.64 -55.12
C GLU F 441 26.03 25.50 -56.29
N PHE F 442 27.21 26.10 -56.20
CA PHE F 442 28.17 26.00 -57.29
C PHE F 442 28.84 24.64 -57.29
N VAL F 443 29.00 24.08 -58.49
CA VAL F 443 29.47 22.72 -58.68
C VAL F 443 30.76 22.75 -59.51
N ILE F 444 31.42 21.60 -59.56
CA ILE F 444 32.64 21.48 -60.36
C ILE F 444 32.26 21.10 -61.78
N GLU F 445 32.13 22.10 -62.65
CA GLU F 445 31.60 21.88 -63.98
C GLU F 445 32.00 23.01 -64.91
N ALA F 446 32.55 22.66 -66.07
CA ALA F 446 32.98 23.63 -67.08
C ALA F 446 32.13 23.54 -68.34
N GLY F 447 30.84 23.21 -68.19
CA GLY F 447 30.00 22.96 -69.33
C GLY F 447 29.81 24.17 -70.23
N ALA F 448 30.14 25.36 -69.72
CA ALA F 448 29.84 26.61 -70.42
C ALA F 448 30.39 26.59 -71.84
N LEU F 449 31.51 25.90 -72.05
CA LEU F 449 32.08 25.75 -73.39
C LEU F 449 32.09 24.30 -73.84
N MET F 450 32.39 23.38 -72.94
CA MET F 450 32.61 21.99 -73.33
C MET F 450 31.34 21.35 -73.87
N LEU F 451 30.19 21.99 -73.68
CA LEU F 451 28.95 21.36 -74.10
C LEU F 451 28.94 21.03 -75.58
N ALA F 452 29.74 21.73 -76.39
CA ALA F 452 29.84 21.47 -77.82
C ALA F 452 30.99 20.54 -78.16
N ASP F 453 31.40 19.68 -77.22
CA ASP F 453 32.46 18.73 -77.52
C ASP F 453 32.02 17.79 -78.65
N ASN F 454 32.96 17.47 -79.53
CA ASN F 454 32.68 16.69 -80.73
C ASN F 454 31.69 17.40 -81.66
N GLY F 455 31.53 18.70 -81.49
CA GLY F 455 30.65 19.51 -82.31
C GLY F 455 31.30 20.84 -82.65
N VAL F 456 30.47 21.81 -82.99
CA VAL F 456 30.94 23.15 -83.32
C VAL F 456 30.23 24.15 -82.43
N CYS F 457 30.99 25.11 -81.90
CA CYS F 457 30.48 26.05 -80.91
C CYS F 457 30.39 27.43 -81.51
N CYS F 458 29.27 28.09 -81.29
CA CYS F 458 29.05 29.47 -81.74
C CYS F 458 28.95 30.35 -80.50
N ILE F 459 29.95 31.21 -80.32
CA ILE F 459 30.05 32.06 -79.14
C ILE F 459 29.68 33.47 -79.55
N ASP F 460 28.62 34.01 -78.95
CA ASP F 460 28.20 35.36 -79.26
C ASP F 460 28.86 36.36 -78.32
N GLU F 461 28.74 37.65 -78.66
CA GLU F 461 29.18 38.75 -77.82
C GLU F 461 30.64 38.57 -77.40
N PHE F 462 31.49 38.28 -78.38
CA PHE F 462 32.88 37.99 -78.08
C PHE F 462 33.63 39.18 -77.50
N ASP F 463 33.09 40.39 -77.58
CA ASP F 463 33.81 41.55 -77.07
C ASP F 463 33.63 41.73 -75.57
N LYS F 464 32.91 40.85 -74.89
CA LYS F 464 32.68 40.98 -73.45
C LYS F 464 33.59 40.07 -72.63
N MET F 465 34.84 39.90 -73.08
CA MET F 465 35.82 39.06 -72.39
C MET F 465 36.81 39.86 -71.56
N ASP F 466 36.39 41.04 -71.08
CA ASP F 466 37.31 42.04 -70.53
C ASP F 466 38.22 41.50 -69.43
N VAL F 467 37.65 40.84 -68.43
CA VAL F 467 38.45 40.40 -67.28
C VAL F 467 38.35 38.89 -67.11
N ARG F 468 37.15 38.39 -66.85
CA ARG F 468 36.99 37.00 -66.45
C ARG F 468 37.31 36.04 -67.59
N ASP F 469 36.78 36.30 -68.78
CA ASP F 469 37.00 35.41 -69.90
C ASP F 469 38.40 35.52 -70.48
N GLN F 470 39.03 36.70 -70.36
CA GLN F 470 40.31 36.92 -71.01
C GLN F 470 41.32 35.85 -70.58
N VAL F 471 41.45 35.65 -69.27
CA VAL F 471 42.29 34.57 -68.79
C VAL F 471 41.73 33.22 -69.23
N ALA F 472 40.40 33.06 -69.14
CA ALA F 472 39.80 31.75 -69.36
C ALA F 472 40.04 31.26 -70.78
N ILE F 473 39.64 32.04 -71.78
CA ILE F 473 39.61 31.54 -73.14
C ILE F 473 41.01 31.26 -73.64
N HIS F 474 42.00 32.02 -73.18
CA HIS F 474 43.37 31.81 -73.62
C HIS F 474 43.84 30.40 -73.27
N GLU F 475 43.56 29.97 -72.04
CA GLU F 475 43.89 28.62 -71.62
C GLU F 475 43.13 27.59 -72.45
N ALA F 476 41.85 27.85 -72.68
CA ALA F 476 41.05 26.89 -73.45
C ALA F 476 41.54 26.80 -74.89
N MET F 477 41.76 27.95 -75.54
CA MET F 477 42.09 27.93 -76.95
C MET F 477 43.39 27.18 -77.19
N GLU F 478 44.44 27.53 -76.45
CA GLU F 478 45.76 26.97 -76.75
C GLU F 478 45.81 25.49 -76.40
N GLN F 479 45.36 25.12 -75.20
CA GLN F 479 45.64 23.80 -74.66
C GLN F 479 44.53 22.79 -74.93
N GLN F 480 43.35 23.22 -75.37
CA GLN F 480 42.23 22.32 -75.62
C GLN F 480 41.86 21.53 -74.37
N THR F 481 42.06 22.14 -73.20
CA THR F 481 41.72 21.50 -71.94
C THR F 481 41.58 22.57 -70.87
N ILE F 482 40.95 22.20 -69.76
CA ILE F 482 40.72 23.11 -68.65
C ILE F 482 41.33 22.50 -67.40
N SER F 483 42.21 23.26 -66.75
CA SER F 483 42.86 22.83 -65.51
C SER F 483 42.16 23.51 -64.32
N ILE F 484 41.04 22.94 -63.91
CA ILE F 484 40.34 23.45 -62.73
C ILE F 484 41.03 22.95 -61.47
N THR F 485 41.30 23.87 -60.54
CA THR F 485 41.95 23.51 -59.30
C THR F 485 41.45 24.41 -58.18
N LYS F 486 40.72 23.83 -57.23
CA LYS F 486 40.28 24.54 -56.05
C LYS F 486 40.56 23.81 -54.75
N ALA F 487 41.70 23.13 -54.65
CA ALA F 487 42.22 22.54 -53.41
C ALA F 487 41.42 21.32 -52.97
N GLY F 488 40.33 21.05 -53.67
CA GLY F 488 39.57 19.83 -53.41
C GLY F 488 39.33 19.05 -54.68
N VAL F 489 39.44 19.74 -55.81
CA VAL F 489 39.26 19.13 -57.13
C VAL F 489 40.37 19.61 -58.05
N LYS F 490 40.90 18.68 -58.85
CA LYS F 490 41.90 18.99 -59.85
C LYS F 490 41.87 17.92 -60.92
N ALA F 491 41.56 18.33 -62.15
CA ALA F 491 41.54 17.39 -63.27
C ALA F 491 41.58 18.16 -64.57
N THR F 492 41.97 17.46 -65.63
CA THR F 492 42.03 18.03 -66.97
C THR F 492 41.04 17.30 -67.85
N LEU F 493 40.42 18.05 -68.77
CA LEU F 493 39.40 17.48 -69.64
C LEU F 493 39.76 17.68 -71.09
N ASN F 494 38.83 17.37 -71.99
CA ASN F 494 39.08 17.50 -73.42
C ASN F 494 37.95 18.30 -74.03
N ALA F 495 38.28 19.46 -74.58
CA ALA F 495 37.31 20.35 -75.21
C ALA F 495 37.69 20.49 -76.67
N ARG F 496 37.28 19.52 -77.47
CA ARG F 496 37.62 19.49 -78.88
C ARG F 496 36.42 20.00 -79.66
N THR F 497 36.49 21.26 -80.06
CA THR F 497 35.49 21.86 -80.92
C THR F 497 36.07 23.11 -81.54
N SER F 498 35.45 23.55 -82.62
CA SER F 498 35.84 24.80 -83.25
C SER F 498 35.11 25.96 -82.60
N ILE F 499 35.68 27.16 -82.76
CA ILE F 499 35.15 28.35 -82.12
C ILE F 499 34.72 29.31 -83.22
N LEU F 500 33.42 29.57 -83.31
CA LEU F 500 32.89 30.56 -84.24
C LEU F 500 32.48 31.79 -83.44
N ALA F 501 33.14 32.91 -83.70
CA ALA F 501 32.89 34.14 -82.97
C ALA F 501 32.99 35.34 -83.90
N ALA F 502 32.34 36.43 -83.47
CA ALA F 502 32.36 37.68 -84.21
C ALA F 502 32.64 38.80 -83.22
N ALA F 503 33.48 39.75 -83.62
CA ALA F 503 33.89 40.84 -82.75
C ALA F 503 33.56 42.18 -83.40
N ASN F 504 33.06 43.09 -82.60
CA ASN F 504 32.75 44.45 -83.03
C ASN F 504 33.55 45.45 -82.22
N PRO F 505 33.81 46.64 -82.77
CA PRO F 505 34.57 47.65 -82.01
C PRO F 505 33.76 48.22 -80.85
N ILE F 506 34.40 49.07 -80.05
CA ILE F 506 33.73 49.63 -78.87
C ILE F 506 32.60 50.56 -79.27
N SER F 507 32.90 51.54 -80.12
CA SER F 507 31.91 52.54 -80.48
C SER F 507 31.81 52.81 -81.97
N GLY F 508 32.57 52.11 -82.80
CA GLY F 508 32.43 52.25 -84.23
C GLY F 508 33.72 51.90 -84.93
N HIS F 509 33.67 51.98 -86.26
CA HIS F 509 34.84 51.69 -87.10
C HIS F 509 35.57 53.00 -87.39
N TYR F 510 36.76 53.14 -86.81
CA TYR F 510 37.58 54.32 -87.03
C TYR F 510 39.01 54.02 -87.44
N ASP F 511 39.39 52.75 -87.58
CA ASP F 511 40.75 52.41 -87.96
C ASP F 511 40.97 52.48 -89.46
N ARG F 512 39.98 52.96 -90.22
CA ARG F 512 40.19 53.18 -91.66
C ARG F 512 41.25 54.24 -91.89
N SER F 513 41.22 55.33 -91.12
CA SER F 513 42.19 56.40 -91.26
C SER F 513 43.23 56.43 -90.16
N LYS F 514 42.95 55.82 -89.01
CA LYS F 514 43.89 55.76 -87.90
C LYS F 514 44.52 54.38 -87.82
N SER F 515 45.78 54.33 -87.40
CA SER F 515 46.49 53.07 -87.31
C SER F 515 45.86 52.18 -86.23
N LEU F 516 46.02 50.86 -86.42
CA LEU F 516 45.40 49.90 -85.52
C LEU F 516 46.01 49.95 -84.12
N LYS F 517 47.17 50.59 -83.98
CA LYS F 517 47.84 50.65 -82.68
C LYS F 517 46.98 51.37 -81.66
N GLN F 518 46.55 50.64 -80.63
CA GLN F 518 45.83 51.17 -79.47
C GLN F 518 44.43 51.65 -79.86
N ASN F 519 44.11 51.58 -81.16
CA ASN F 519 42.82 52.09 -81.63
C ASN F 519 41.73 51.03 -81.53
N ILE F 520 42.05 49.78 -81.89
CA ILE F 520 41.06 48.71 -81.80
C ILE F 520 40.75 48.37 -80.34
N ASN F 521 41.73 48.52 -79.45
CA ASN F 521 41.53 48.45 -78.00
C ASN F 521 40.93 47.11 -77.55
N LEU F 522 41.42 46.02 -78.11
CA LEU F 522 41.05 44.67 -77.68
C LEU F 522 42.28 43.94 -77.17
N SER F 523 42.13 42.65 -76.92
CA SER F 523 43.22 41.85 -76.35
C SER F 523 43.94 41.09 -77.46
N ALA F 524 45.20 41.49 -77.69
CA ALA F 524 46.01 40.90 -78.76
C ALA F 524 46.27 39.41 -78.60
N PRO F 525 46.71 38.90 -77.43
CA PRO F 525 47.16 37.50 -77.38
C PRO F 525 46.09 36.50 -77.75
N ILE F 526 44.83 36.89 -77.72
CA ILE F 526 43.72 36.04 -78.13
C ILE F 526 43.40 36.23 -79.60
N MET F 527 43.22 37.47 -80.04
CA MET F 527 42.95 37.70 -81.46
C MET F 527 44.13 37.28 -82.31
N SER F 528 45.34 37.31 -81.74
CA SER F 528 46.51 36.84 -82.48
C SER F 528 46.38 35.37 -82.82
N ARG F 529 45.90 34.57 -81.87
CA ARG F 529 45.77 33.14 -82.10
C ARG F 529 44.69 32.80 -83.11
N PHE F 530 43.78 33.73 -83.39
CA PHE F 530 42.71 33.47 -84.34
C PHE F 530 43.27 33.24 -85.74
N ASP F 531 42.64 32.34 -86.48
CA ASP F 531 43.16 31.96 -87.80
C ASP F 531 42.91 33.06 -88.83
N LEU F 532 41.66 33.49 -88.98
CA LEU F 532 41.33 34.43 -90.03
C LEU F 532 40.52 35.58 -89.45
N PHE F 533 40.35 36.61 -90.29
CA PHE F 533 39.58 37.81 -89.98
C PHE F 533 38.78 38.19 -91.21
N PHE F 534 37.71 38.95 -91.00
CA PHE F 534 36.88 39.36 -92.13
C PHE F 534 36.47 40.81 -91.99
N ILE F 535 36.32 41.46 -93.15
CA ILE F 535 35.93 42.86 -93.26
C ILE F 535 34.66 42.93 -94.10
N LEU F 536 33.72 43.77 -93.69
CA LEU F 536 32.44 43.92 -94.38
C LEU F 536 32.36 45.33 -94.95
N VAL F 537 32.60 45.45 -96.26
CA VAL F 537 32.57 46.73 -96.95
C VAL F 537 31.29 46.81 -97.76
N ASP F 538 30.49 47.85 -97.53
CA ASP F 538 29.28 48.07 -98.30
C ASP F 538 29.61 48.84 -99.57
N GLU F 539 28.94 48.47 -100.66
CA GLU F 539 29.17 49.10 -101.95
C GLU F 539 27.85 49.62 -102.50
N CYS F 540 27.92 50.69 -103.28
CA CYS F 540 26.73 51.29 -103.90
C CYS F 540 26.31 50.48 -105.13
N ASN F 541 25.99 49.21 -104.88
CA ASN F 541 25.49 48.31 -105.92
C ASN F 541 23.97 48.25 -105.77
N GLU F 542 23.28 49.10 -106.53
CA GLU F 542 21.82 49.22 -106.40
C GLU F 542 21.10 47.93 -106.80
N VAL F 543 21.74 47.07 -107.58
CA VAL F 543 21.12 45.78 -107.91
C VAL F 543 20.94 44.92 -106.66
N THR F 544 21.99 44.81 -105.85
CA THR F 544 21.92 44.03 -104.62
C THR F 544 21.38 44.81 -103.42
N ASP F 545 21.65 46.12 -103.35
CA ASP F 545 21.14 46.91 -102.23
C ASP F 545 19.61 46.93 -102.22
N TYR F 546 18.99 47.04 -103.39
CA TYR F 546 17.53 46.95 -103.47
C TYR F 546 17.04 45.55 -103.15
N ALA F 547 17.79 44.52 -103.55
CA ALA F 547 17.38 43.14 -103.37
C ALA F 547 17.73 42.57 -102.00
N ILE F 548 18.39 43.34 -101.14
CA ILE F 548 18.73 42.83 -99.82
C ILE F 548 17.46 42.53 -99.04
N ALA F 549 16.55 43.48 -98.97
CA ALA F 549 15.31 43.32 -98.23
C ALA F 549 14.33 42.41 -98.94
N ARG F 550 14.30 42.44 -100.27
CA ARG F 550 13.31 41.65 -101.01
C ARG F 550 13.47 40.17 -100.69
N ARG F 551 14.69 39.67 -100.68
CA ARG F 551 14.90 38.26 -100.36
C ARG F 551 14.43 37.97 -98.96
N ILE F 552 14.50 38.97 -98.07
CA ILE F 552 14.02 38.78 -96.71
C ILE F 552 12.51 38.65 -96.69
N VAL F 553 11.81 39.56 -97.37
CA VAL F 553 10.36 39.56 -97.31
C VAL F 553 9.78 38.38 -98.07
N ASP F 554 10.59 37.77 -98.95
CA ASP F 554 10.08 36.73 -99.85
C ASP F 554 9.43 35.58 -99.10
N LEU F 555 9.88 35.31 -97.87
CA LEU F 555 9.28 34.24 -97.10
C LEU F 555 7.85 34.57 -96.66
N HIS F 556 7.42 35.82 -96.83
CA HIS F 556 6.03 36.18 -96.56
C HIS F 556 5.12 35.88 -97.74
N SER F 557 5.68 35.54 -98.90
CA SER F 557 4.90 35.38 -100.13
C SER F 557 4.72 33.90 -100.42
N ARG F 558 4.38 33.15 -99.36
CA ARG F 558 4.25 31.71 -99.50
C ARG F 558 2.90 31.29 -100.05
N ILE F 559 2.02 32.26 -100.33
CA ILE F 559 0.68 31.94 -100.82
C ILE F 559 0.74 31.30 -102.20
N GLU F 560 1.48 31.93 -103.12
CA GLU F 560 1.56 31.46 -104.49
C GLU F 560 2.79 30.60 -104.79
N GLU F 561 3.70 30.47 -103.84
CA GLU F 561 4.91 29.68 -104.06
C GLU F 561 5.21 28.83 -102.85
N SER F 562 5.38 27.53 -103.08
CA SER F 562 5.80 26.57 -102.06
C SER F 562 7.09 25.91 -102.49
N ILE F 563 8.09 25.90 -101.59
CA ILE F 563 9.36 25.27 -101.90
C ILE F 563 9.31 23.82 -101.48
N ASP F 564 9.49 22.92 -102.45
CA ASP F 564 9.53 21.49 -102.16
C ASP F 564 10.85 21.13 -101.49
N ARG F 565 10.82 20.14 -100.59
CA ARG F 565 12.00 19.65 -99.93
C ARG F 565 12.55 18.44 -100.66
N VAL F 566 13.66 18.64 -101.37
CA VAL F 566 14.30 17.53 -102.10
C VAL F 566 15.25 16.79 -101.18
N TYR F 567 16.04 17.51 -100.40
CA TYR F 567 17.00 16.91 -99.48
C TYR F 567 17.14 17.83 -98.28
N SER F 568 17.54 17.25 -97.15
CA SER F 568 17.81 18.04 -95.96
C SER F 568 19.19 18.66 -96.07
N LEU F 569 19.27 19.96 -95.80
CA LEU F 569 20.56 20.62 -95.88
C LEU F 569 21.48 20.26 -94.72
N ASP F 570 20.98 19.55 -93.71
CA ASP F 570 21.81 19.08 -92.62
C ASP F 570 22.20 17.61 -92.75
N ASP F 571 21.30 16.77 -93.26
CA ASP F 571 21.59 15.35 -93.36
C ASP F 571 22.76 15.10 -94.29
N ILE F 572 22.81 15.83 -95.41
CA ILE F 572 23.89 15.64 -96.37
C ILE F 572 25.24 15.96 -95.74
N ARG F 573 25.28 16.98 -94.88
CA ARG F 573 26.55 17.32 -94.24
C ARG F 573 27.07 16.16 -93.40
N ARG F 574 26.17 15.52 -92.64
CA ARG F 574 26.62 14.50 -91.69
C ARG F 574 27.10 13.26 -92.39
N TYR F 575 26.86 13.14 -93.70
CA TYR F 575 27.43 12.01 -94.44
C TYR F 575 28.95 12.13 -94.49
N LEU F 576 29.45 13.37 -94.56
CA LEU F 576 30.90 13.56 -94.58
C LEU F 576 31.53 13.22 -93.24
N LEU F 577 30.76 13.29 -92.16
CA LEU F 577 31.32 13.01 -90.83
C LEU F 577 31.87 11.60 -90.76
N PHE F 578 31.08 10.62 -91.20
CA PHE F 578 31.54 9.23 -91.14
C PHE F 578 32.60 8.93 -92.18
N ALA F 579 32.74 9.81 -93.18
CA ALA F 579 33.78 9.63 -94.19
C ALA F 579 35.18 9.73 -93.60
N ARG F 580 35.31 10.34 -92.43
CA ARG F 580 36.60 10.53 -91.79
C ARG F 580 37.28 9.21 -91.40
N GLN F 581 36.51 8.21 -90.95
CA GLN F 581 37.12 6.93 -90.60
C GLN F 581 37.67 6.22 -91.84
N PHE F 582 37.08 6.47 -93.01
CA PHE F 582 37.63 5.97 -94.26
C PHE F 582 38.90 6.74 -94.60
N LYS F 583 39.83 6.07 -95.29
CA LYS F 583 41.17 6.61 -95.46
C LYS F 583 41.28 7.29 -96.82
N PRO F 584 41.79 8.53 -96.84
CA PRO F 584 41.91 9.26 -98.11
C PRO F 584 43.07 8.81 -98.97
N LYS F 585 44.13 8.31 -98.33
CA LYS F 585 45.39 7.88 -98.96
C LYS F 585 45.83 8.87 -100.04
N ILE F 586 45.80 10.14 -99.64
CA ILE F 586 46.22 11.24 -100.48
C ILE F 586 47.72 11.13 -100.74
N SER F 587 48.12 11.17 -102.00
CA SER F 587 49.53 11.09 -102.35
C SER F 587 50.23 12.41 -102.02
N LYS F 588 51.55 12.35 -101.91
CA LYS F 588 52.32 13.56 -101.63
C LYS F 588 52.39 14.46 -102.85
N GLU F 589 52.13 13.90 -104.05
CA GLU F 589 52.30 14.66 -105.28
C GLU F 589 51.37 15.86 -105.34
N SER F 590 50.11 15.69 -104.91
CA SER F 590 49.16 16.79 -104.90
C SER F 590 49.44 17.73 -103.74
N GLU F 591 49.97 17.18 -102.64
CA GLU F 591 50.13 17.95 -101.41
C GLU F 591 51.18 19.04 -101.56
N ASP F 592 52.37 18.69 -102.04
CA ASP F 592 53.49 19.62 -102.00
C ASP F 592 53.32 20.75 -103.01
N PHE F 593 52.48 20.54 -104.02
CA PHE F 593 52.33 21.53 -105.08
C PHE F 593 51.85 22.86 -104.51
N ILE F 594 50.90 22.82 -103.58
CA ILE F 594 50.49 24.03 -102.90
C ILE F 594 51.65 24.59 -102.09
N VAL F 595 52.40 23.71 -101.44
CA VAL F 595 53.52 24.13 -100.61
C VAL F 595 54.55 24.88 -101.44
N GLU F 596 54.84 24.38 -102.64
CA GLU F 596 55.77 25.07 -103.50
C GLU F 596 55.25 26.46 -103.86
N GLN F 597 53.97 26.57 -104.17
CA GLN F 597 53.39 27.87 -104.47
C GLN F 597 53.34 28.74 -103.23
N TYR F 598 53.24 28.12 -102.04
CA TYR F 598 53.15 28.87 -100.80
C TYR F 598 54.34 29.81 -100.63
N LYS F 599 55.50 29.42 -101.17
CA LYS F 599 56.66 30.31 -101.15
C LYS F 599 56.34 31.65 -101.81
N HIS F 600 55.61 31.60 -102.94
CA HIS F 600 55.21 32.83 -103.60
C HIS F 600 54.24 33.63 -102.74
N LEU F 601 53.39 32.96 -101.98
CA LEU F 601 52.41 33.67 -101.17
C LEU F 601 53.07 34.53 -100.11
N ARG F 602 54.11 34.02 -99.46
CA ARG F 602 54.73 34.76 -98.37
C ARG F 602 55.44 36.01 -98.86
N GLN F 603 56.01 35.97 -100.06
CA GLN F 603 56.63 37.16 -100.62
C GLN F 603 55.60 38.19 -101.06
N ARG F 604 54.53 37.73 -101.73
CA ARG F 604 53.61 38.65 -102.39
C ARG F 604 52.77 39.42 -101.39
N ASP F 605 52.76 38.99 -100.13
CA ASP F 605 52.07 39.76 -99.10
C ASP F 605 52.71 41.13 -98.90
N GLY F 606 54.01 41.25 -99.20
CA GLY F 606 54.71 42.51 -99.10
C GLY F 606 54.72 43.37 -100.34
N SER F 607 53.77 43.14 -101.26
CA SER F 607 53.76 43.78 -102.57
C SER F 607 53.16 45.18 -102.54
N GLY F 608 52.70 45.65 -101.38
CA GLY F 608 52.14 46.98 -101.27
C GLY F 608 50.65 47.08 -101.52
N VAL F 609 49.92 45.95 -101.47
CA VAL F 609 48.47 46.03 -101.55
C VAL F 609 47.92 46.69 -100.30
N THR F 610 46.66 47.13 -100.37
CA THR F 610 46.03 47.81 -99.25
C THR F 610 46.09 46.95 -97.99
N LYS F 611 46.65 47.50 -96.92
CA LYS F 611 46.86 46.75 -95.70
C LYS F 611 45.65 46.84 -94.79
N SER F 612 45.41 45.76 -94.06
CA SER F 612 44.33 45.71 -93.09
C SER F 612 44.81 45.23 -91.72
N SER F 613 45.66 44.22 -91.67
CA SER F 613 46.20 43.71 -90.42
C SER F 613 47.43 42.88 -90.72
N TRP F 614 48.58 43.27 -90.18
CA TRP F 614 49.81 42.54 -90.44
C TRP F 614 49.93 41.34 -89.52
N ARG F 615 49.86 40.15 -90.10
CA ARG F 615 49.83 38.91 -89.34
C ARG F 615 51.06 38.05 -89.61
N ILE F 616 51.33 37.74 -90.88
CA ILE F 616 52.41 36.86 -91.35
C ILE F 616 52.71 35.74 -90.37
N THR F 617 52.02 34.61 -90.54
CA THR F 617 52.31 33.43 -89.72
C THR F 617 52.12 32.19 -90.59
N VAL F 618 52.77 31.10 -90.17
CA VAL F 618 52.77 29.87 -90.96
C VAL F 618 51.56 29.01 -90.68
N ARG F 619 50.74 29.38 -89.69
CA ARG F 619 49.69 28.47 -89.22
C ARG F 619 48.73 28.10 -90.33
N GLN F 620 48.53 29.00 -91.30
CA GLN F 620 47.61 28.73 -92.39
C GLN F 620 48.05 27.53 -93.20
N LEU F 621 49.34 27.18 -93.13
CA LEU F 621 49.85 26.02 -93.84
C LEU F 621 49.12 24.76 -93.42
N GLU F 622 48.86 24.62 -92.11
CA GLU F 622 48.04 23.51 -91.67
C GLU F 622 46.62 23.64 -92.22
N SER F 623 46.09 24.86 -92.22
CA SER F 623 44.72 25.07 -92.69
C SER F 623 44.59 24.72 -94.17
N MET F 624 45.54 25.18 -94.99
CA MET F 624 45.45 24.90 -96.42
C MET F 624 45.62 23.41 -96.68
N ILE F 625 46.36 22.71 -95.81
CA ILE F 625 46.44 21.26 -95.91
C ILE F 625 45.07 20.65 -95.66
N ARG F 626 44.32 21.21 -94.72
CA ARG F 626 42.97 20.72 -94.44
C ARG F 626 42.05 20.91 -95.65
N LEU F 627 42.32 21.93 -96.45
CA LEU F 627 41.48 22.19 -97.61
C LEU F 627 41.46 21.01 -98.56
N SER F 628 42.60 20.31 -98.70
CA SER F 628 42.73 19.30 -99.74
C SER F 628 41.82 18.10 -99.51
N GLU F 629 41.38 17.89 -98.26
CA GLU F 629 40.54 16.73 -97.98
C GLU F 629 39.16 16.88 -98.63
N ALA F 630 38.67 18.11 -98.73
CA ALA F 630 37.41 18.35 -99.43
C ALA F 630 37.53 17.97 -100.91
N MET F 631 38.63 18.37 -101.55
CA MET F 631 38.78 18.16 -103.00
C MET F 631 38.89 16.68 -103.35
N ALA F 632 39.78 15.95 -102.68
CA ALA F 632 40.02 14.56 -103.04
C ALA F 632 38.81 13.69 -102.70
N ARG F 633 38.11 14.02 -101.61
CA ARG F 633 36.96 13.22 -101.21
C ARG F 633 35.78 13.38 -102.17
N MET F 634 35.79 14.43 -103.00
CA MET F 634 34.62 14.71 -103.82
C MET F 634 34.42 13.69 -104.94
N HIS F 635 35.48 13.39 -105.70
CA HIS F 635 35.34 12.54 -106.87
C HIS F 635 35.62 11.07 -106.59
N CYS F 636 36.87 10.71 -106.27
CA CYS F 636 37.26 9.33 -106.03
C CYS F 636 36.88 8.43 -107.20
N CYS F 637 37.03 8.96 -108.42
CA CYS F 637 36.68 8.24 -109.63
C CYS F 637 37.89 7.60 -110.32
N ASP F 638 39.10 7.76 -109.74
CA ASP F 638 40.32 7.21 -110.31
C ASP F 638 40.49 7.62 -111.78
N GLU F 639 40.30 8.91 -112.04
CA GLU F 639 40.41 9.45 -113.39
C GLU F 639 40.73 10.93 -113.29
N VAL F 640 41.69 11.37 -114.11
CA VAL F 640 42.15 12.76 -114.12
C VAL F 640 41.98 13.31 -115.53
N GLN F 641 41.33 14.47 -115.63
CA GLN F 641 41.19 15.20 -116.87
C GLN F 641 41.81 16.59 -116.72
N PRO F 642 42.39 17.13 -117.80
CA PRO F 642 43.04 18.45 -117.69
C PRO F 642 42.08 19.59 -117.40
N LYS F 643 40.78 19.41 -117.65
CA LYS F 643 39.83 20.52 -117.49
C LYS F 643 39.72 20.95 -116.03
N HIS F 644 39.76 19.99 -115.10
CA HIS F 644 39.67 20.32 -113.67
C HIS F 644 40.89 21.08 -113.17
N VAL F 645 41.96 21.14 -113.94
CA VAL F 645 43.20 21.74 -113.46
C VAL F 645 43.23 23.26 -113.71
N LYS F 646 42.89 23.70 -114.91
CA LYS F 646 42.96 25.13 -115.21
C LYS F 646 41.92 25.92 -114.42
N GLU F 647 40.71 25.36 -114.29
CA GLU F 647 39.62 26.11 -113.67
C GLU F 647 39.86 26.29 -112.17
N ALA F 648 40.55 25.34 -111.53
CA ALA F 648 40.76 25.41 -110.09
C ALA F 648 41.66 26.58 -109.71
N PHE F 649 42.67 26.88 -110.53
CA PHE F 649 43.67 27.87 -110.17
C PHE F 649 43.07 29.27 -110.04
N ARG F 650 42.13 29.61 -110.92
CA ARG F 650 41.59 30.97 -110.95
C ARG F 650 40.83 31.30 -109.68
N LEU F 651 40.08 30.34 -109.13
CA LEU F 651 39.25 30.61 -107.95
C LEU F 651 40.10 30.90 -106.72
N LEU F 652 41.17 30.13 -106.51
CA LEU F 652 41.95 30.22 -105.28
C LEU F 652 42.71 31.55 -105.19
N ASN F 653 43.23 32.05 -106.31
CA ASN F 653 44.18 33.16 -106.27
C ASN F 653 43.53 34.43 -105.74
N LYS F 654 42.31 34.74 -106.21
CA LYS F 654 41.69 35.99 -105.82
C LYS F 654 41.21 35.96 -104.37
N SER F 655 40.64 34.83 -103.93
CA SER F 655 40.07 34.75 -102.60
C SER F 655 41.13 34.86 -101.50
N ILE F 656 42.28 34.20 -101.69
CA ILE F 656 43.24 34.04 -100.60
C ILE F 656 43.89 35.37 -100.25
N ILE F 657 44.26 36.18 -101.26
CA ILE F 657 45.01 37.40 -100.99
C ILE F 657 44.18 38.38 -100.18
N ARG F 658 42.95 38.65 -100.63
CA ARG F 658 42.08 39.54 -99.88
C ARG F 658 41.68 38.92 -98.54
N VAL F 659 41.32 37.65 -98.55
CA VAL F 659 41.00 36.90 -97.34
C VAL F 659 41.57 35.49 -97.45
N SER F 718 65.04 45.34 -85.52
CA SER F 718 64.42 46.60 -85.86
C SER F 718 64.35 46.80 -87.37
N GLU F 719 63.21 47.30 -87.85
CA GLU F 719 63.04 47.56 -89.28
C GLU F 719 63.89 48.76 -89.69
N TYR F 720 64.67 48.60 -90.76
CA TYR F 720 65.44 49.72 -91.30
C TYR F 720 64.57 50.68 -92.10
N CYS F 721 63.48 50.21 -92.69
CA CYS F 721 62.61 51.06 -93.51
C CYS F 721 61.71 51.96 -92.68
N ARG F 722 61.23 51.50 -91.53
CA ARG F 722 60.26 52.24 -90.73
C ARG F 722 60.85 53.38 -89.93
N ILE F 723 62.15 53.36 -89.65
CA ILE F 723 62.78 54.45 -88.90
C ILE F 723 63.55 55.41 -89.78
N SER F 724 63.88 55.02 -91.02
CA SER F 724 64.63 55.91 -91.90
C SER F 724 63.74 57.01 -92.46
N ASN F 725 62.52 56.66 -92.90
CA ASN F 725 61.68 57.64 -93.58
C ASN F 725 61.17 58.73 -92.65
N LEU F 726 60.69 58.37 -91.46
CA LEU F 726 59.94 59.34 -90.67
C LEU F 726 60.84 60.25 -89.84
N ILE F 727 61.95 59.74 -89.32
CA ILE F 727 62.81 60.53 -88.45
C ILE F 727 64.20 60.77 -89.04
N VAL F 728 64.77 59.81 -89.77
CA VAL F 728 66.13 59.99 -90.27
C VAL F 728 66.15 60.97 -91.43
N LEU F 729 65.27 60.75 -92.41
CA LEU F 729 65.25 61.62 -93.59
C LEU F 729 64.86 63.05 -93.22
N HIS F 730 64.03 63.21 -92.19
CA HIS F 730 63.71 64.54 -91.71
C HIS F 730 64.94 65.25 -91.17
N LEU F 731 65.80 64.52 -90.45
CA LEU F 731 67.01 65.10 -89.87
C LEU F 731 68.24 64.93 -90.73
N ARG F 732 68.15 64.22 -91.86
CA ARG F 732 69.32 63.96 -92.70
C ARG F 732 69.51 65.02 -93.78
N LYS F 733 68.44 65.69 -94.19
CA LYS F 733 68.49 66.62 -95.32
C LYS F 733 69.22 67.91 -95.00
N VAL F 734 69.56 68.15 -93.73
CA VAL F 734 70.31 69.34 -93.35
C VAL F 734 71.77 69.26 -93.84
N GLU F 735 72.38 68.08 -93.77
CA GLU F 735 73.78 67.96 -94.15
C GLU F 735 73.93 67.67 -95.63
N GLU F 736 73.03 66.84 -96.19
CA GLU F 736 73.12 66.45 -97.59
C GLU F 736 72.98 67.65 -98.52
N GLU F 737 72.14 68.62 -98.16
CA GLU F 737 71.97 69.80 -99.01
C GLU F 737 73.25 70.62 -99.16
N GLU F 738 74.15 70.59 -98.17
CA GLU F 738 75.39 71.35 -98.28
C GLU F 738 76.36 70.69 -99.25
N ASP F 739 76.20 69.39 -99.50
CA ASP F 739 77.07 68.67 -100.42
C ASP F 739 76.56 68.67 -101.86
N GLU F 740 75.25 68.65 -102.06
CA GLU F 740 74.66 68.64 -103.39
C GLU F 740 73.96 69.97 -103.67
N SER F 741 74.22 70.53 -104.85
CA SER F 741 73.58 71.78 -105.22
C SER F 741 72.12 71.57 -105.61
N ALA F 742 71.82 70.43 -106.21
CA ALA F 742 70.46 70.11 -106.64
C ALA F 742 70.16 68.66 -106.32
N LEU F 743 68.91 68.27 -106.53
CA LEU F 743 68.47 66.91 -106.30
C LEU F 743 68.19 66.22 -107.63
N LYS F 744 68.78 65.04 -107.79
CA LYS F 744 68.66 64.26 -109.02
C LYS F 744 68.20 62.86 -108.68
N ARG F 745 67.34 62.29 -109.54
CA ARG F 745 66.88 60.93 -109.30
C ARG F 745 68.02 59.93 -109.41
N SER F 746 69.06 60.25 -110.19
CA SER F 746 70.20 59.35 -110.31
C SER F 746 71.00 59.30 -109.01
N GLU F 747 71.12 60.42 -108.32
CA GLU F 747 71.95 60.49 -107.11
C GLU F 747 71.26 59.90 -105.89
N LEU F 748 69.94 59.69 -105.95
CA LEU F 748 69.21 59.23 -104.78
C LEU F 748 69.62 57.82 -104.38
N VAL F 749 69.73 56.91 -105.36
CA VAL F 749 70.12 55.54 -105.06
C VAL F 749 71.63 55.44 -104.82
N ASN F 750 72.40 56.39 -105.36
CA ASN F 750 73.85 56.33 -105.24
C ASN F 750 74.34 56.57 -103.82
N TRP F 751 73.83 57.62 -103.15
CA TRP F 751 74.28 57.91 -101.80
C TRP F 751 73.70 56.92 -100.79
N TYR F 752 72.53 56.36 -101.09
CA TYR F 752 71.90 55.41 -100.17
C TYR F 752 72.72 54.13 -100.05
N LEU F 753 73.34 53.68 -101.15
CA LEU F 753 74.10 52.44 -101.12
C LEU F 753 75.30 52.53 -100.18
N LYS F 754 75.99 53.68 -100.17
CA LYS F 754 77.16 53.83 -99.32
C LYS F 754 76.81 53.82 -97.84
N GLU F 755 75.59 54.19 -97.47
CA GLU F 755 75.20 54.23 -96.07
C GLU F 755 75.02 52.82 -95.51
N ILE F 756 74.54 51.89 -96.34
CA ILE F 756 74.18 50.56 -95.86
C ILE F 756 75.15 49.52 -96.40
N GLU F 757 76.39 49.94 -96.68
CA GLU F 757 77.41 49.01 -97.14
C GLU F 757 77.75 48.00 -96.05
N SER F 758 77.81 46.72 -96.44
CA SER F 758 78.20 45.62 -95.56
C SER F 758 77.22 45.44 -94.40
N GLU F 759 76.04 46.06 -94.45
CA GLU F 759 75.05 45.86 -93.40
C GLU F 759 74.09 44.72 -93.77
N ILE F 760 73.62 44.72 -95.02
CA ILE F 760 72.73 43.67 -95.53
C ILE F 760 73.41 43.00 -96.71
N ASP F 761 73.48 41.67 -96.68
CA ASP F 761 73.98 40.91 -97.81
C ASP F 761 72.82 40.52 -98.74
N SER F 762 72.05 41.54 -99.12
CA SER F 762 70.93 41.38 -100.05
C SER F 762 70.71 42.71 -100.73
N GLU F 763 71.25 42.86 -101.96
CA GLU F 763 71.08 44.09 -102.71
C GLU F 763 69.89 44.02 -103.66
N GLU F 764 69.48 42.82 -104.06
CA GLU F 764 68.40 42.69 -105.04
C GLU F 764 67.08 43.21 -104.48
N GLU F 765 66.82 42.96 -103.19
CA GLU F 765 65.56 43.36 -102.58
C GLU F 765 65.42 44.87 -102.45
N LEU F 766 66.50 45.63 -102.61
CA LEU F 766 66.43 47.08 -102.51
C LEU F 766 65.52 47.64 -103.60
N ILE F 767 65.58 47.07 -104.80
CA ILE F 767 64.78 47.61 -105.91
C ILE F 767 63.28 47.46 -105.62
N ASN F 768 62.90 46.48 -104.82
CA ASN F 768 61.50 46.33 -104.44
C ASN F 768 61.04 47.50 -103.58
N LYS F 769 61.96 48.05 -102.78
CA LYS F 769 61.64 49.21 -101.96
C LYS F 769 61.35 50.43 -102.83
N LYS F 770 61.93 50.48 -104.02
CA LYS F 770 61.75 51.63 -104.89
C LYS F 770 60.29 51.80 -105.31
N ARG F 771 59.64 50.71 -105.70
CA ARG F 771 58.28 50.82 -106.23
C ARG F 771 57.28 51.19 -105.13
N ILE F 772 57.49 50.68 -103.92
CA ILE F 772 56.51 50.89 -102.85
C ILE F 772 56.53 52.33 -102.36
N ILE F 773 57.73 52.89 -102.15
CA ILE F 773 57.84 54.19 -101.48
C ILE F 773 57.23 55.30 -102.33
N GLU F 774 57.20 55.13 -103.65
CA GLU F 774 56.70 56.20 -104.52
C GLU F 774 55.23 56.49 -104.25
N LYS F 775 54.43 55.44 -104.03
CA LYS F 775 53.04 55.67 -103.64
C LYS F 775 52.97 56.23 -102.22
N VAL F 776 53.89 55.82 -101.35
CA VAL F 776 53.87 56.27 -99.96
C VAL F 776 54.18 57.76 -99.89
N ILE F 777 55.25 58.19 -100.56
CA ILE F 777 55.73 59.56 -100.39
C ILE F 777 54.75 60.57 -100.96
N HIS F 778 54.05 60.22 -102.04
CA HIS F 778 53.08 61.16 -102.62
C HIS F 778 51.88 61.37 -101.69
N ARG F 779 51.53 60.36 -100.91
CA ARG F 779 50.43 60.52 -99.96
C ARG F 779 50.83 61.48 -98.84
N LEU F 780 52.10 61.50 -98.46
CA LEU F 780 52.56 62.33 -97.35
C LEU F 780 52.50 63.82 -97.64
N THR F 781 52.52 64.23 -98.92
CA THR F 781 52.61 65.65 -99.25
C THR F 781 51.30 66.39 -99.01
N HIS F 782 50.16 65.82 -99.39
CA HIS F 782 48.89 66.49 -99.18
C HIS F 782 48.45 66.44 -97.72
N TYR F 783 48.72 65.34 -97.04
CA TYR F 783 48.34 65.16 -95.65
C TYR F 783 49.29 65.85 -94.68
N ASP F 784 50.46 66.29 -95.16
CA ASP F 784 51.44 67.02 -94.36
C ASP F 784 51.87 66.25 -93.11
N HIS F 785 52.04 64.94 -93.25
CA HIS F 785 52.52 64.09 -92.16
C HIS F 785 54.02 64.24 -91.92
N VAL F 786 54.78 64.56 -92.96
CA VAL F 786 56.21 64.83 -92.85
C VAL F 786 56.41 66.29 -93.23
N LEU F 787 56.86 67.10 -92.28
CA LEU F 787 57.04 68.53 -92.53
C LEU F 787 58.39 68.81 -93.16
N LEU G 3 -29.98 24.39 -9.69
CA LEU G 3 -30.94 25.10 -8.87
C LEU G 3 -32.36 24.93 -9.39
N LYS G 4 -32.52 25.04 -10.69
CA LYS G 4 -33.81 24.95 -11.34
C LYS G 4 -33.84 23.81 -12.34
N ASP G 5 -34.99 23.17 -12.46
CA ASP G 5 -35.13 22.00 -13.32
C ASP G 5 -35.01 22.43 -14.78
N TYR G 6 -34.12 21.78 -15.52
CA TYR G 6 -33.95 22.13 -16.91
C TYR G 6 -35.13 21.71 -17.76
N ALA G 7 -35.87 20.67 -17.34
CA ALA G 7 -37.03 20.25 -18.10
C ALA G 7 -38.08 21.35 -18.15
N LEU G 8 -38.31 22.01 -17.00
CA LEU G 8 -39.31 23.08 -16.96
C LEU G 8 -38.92 24.23 -17.87
N GLU G 9 -37.64 24.61 -17.87
CA GLU G 9 -37.19 25.69 -18.73
C GLU G 9 -37.27 25.30 -20.20
N LYS G 10 -36.94 24.06 -20.52
CA LYS G 10 -37.08 23.60 -21.90
C LYS G 10 -38.53 23.67 -22.35
N GLU G 11 -39.46 23.23 -21.50
CA GLU G 11 -40.86 23.33 -21.85
C GLU G 11 -41.28 24.79 -22.01
N LYS G 12 -40.73 25.67 -21.16
CA LYS G 12 -41.07 27.08 -21.24
C LYS G 12 -40.62 27.68 -22.56
N VAL G 13 -39.39 27.36 -22.98
CA VAL G 13 -38.93 27.91 -24.26
C VAL G 13 -39.70 27.30 -25.42
N LYS G 14 -40.08 26.02 -25.31
CA LYS G 14 -40.86 25.42 -26.37
C LYS G 14 -42.21 26.09 -26.53
N LYS G 15 -42.90 26.33 -25.41
CA LYS G 15 -44.18 27.04 -25.48
C LYS G 15 -43.97 28.45 -26.00
N PHE G 16 -42.87 29.09 -25.58
CA PHE G 16 -42.57 30.44 -26.03
C PHE G 16 -42.44 30.50 -27.54
N LEU G 17 -41.76 29.53 -28.12
CA LEU G 17 -41.58 29.54 -29.57
C LEU G 17 -42.86 29.12 -30.29
N GLN G 18 -43.60 28.15 -29.74
CA GLN G 18 -44.71 27.58 -30.49
C GLN G 18 -46.01 28.35 -30.33
N GLU G 19 -46.54 28.46 -29.11
CA GLU G 19 -47.88 29.04 -28.97
C GLU G 19 -47.87 30.26 -28.07
N PHE G 20 -46.80 31.05 -28.13
CA PHE G 20 -46.71 32.29 -27.37
C PHE G 20 -46.40 33.42 -28.33
N TYR G 21 -46.88 34.63 -28.00
CA TYR G 21 -47.05 35.66 -29.00
C TYR G 21 -46.20 36.88 -28.64
N GLN G 22 -46.03 37.75 -29.64
CA GLN G 22 -45.23 38.95 -29.50
C GLN G 22 -46.02 40.14 -30.04
N ASP G 23 -45.45 41.33 -29.88
CA ASP G 23 -46.06 42.57 -30.35
C ASP G 23 -45.15 43.30 -31.33
N ASP G 24 -44.50 42.54 -32.21
CA ASP G 24 -43.60 43.15 -33.19
C ASP G 24 -44.37 43.85 -34.30
N GLU G 25 -45.33 43.17 -34.90
CA GLU G 25 -46.05 43.69 -36.06
C GLU G 25 -47.41 44.20 -35.59
N LEU G 26 -47.45 45.48 -35.20
CA LEU G 26 -48.68 46.16 -34.76
C LEU G 26 -49.37 45.39 -33.63
N GLY G 27 -48.56 44.79 -32.77
CA GLY G 27 -49.09 44.02 -31.66
C GLY G 27 -49.93 42.82 -32.10
N LYS G 28 -49.55 42.19 -33.21
CA LYS G 28 -50.27 41.03 -33.72
C LYS G 28 -49.27 39.89 -33.92
N LYS G 29 -49.62 38.71 -33.44
CA LYS G 29 -48.77 37.53 -33.62
C LYS G 29 -48.77 37.12 -35.08
N GLN G 30 -47.57 36.96 -35.65
CA GLN G 30 -47.43 36.54 -37.02
C GLN G 30 -46.47 35.37 -37.22
N PHE G 31 -46.20 34.59 -36.17
CA PHE G 31 -45.27 33.46 -36.22
C PHE G 31 -43.92 33.91 -36.77
N LYS G 32 -43.34 34.88 -36.06
CA LYS G 32 -42.03 35.40 -36.44
C LYS G 32 -41.01 34.29 -36.54
N TYR G 33 -40.81 33.57 -35.45
CA TYR G 33 -39.84 32.48 -35.47
C TYR G 33 -40.38 31.25 -36.17
N GLY G 34 -41.70 31.16 -36.34
CA GLY G 34 -42.27 30.00 -37.00
C GLY G 34 -41.81 29.86 -38.43
N ASN G 35 -41.76 30.98 -39.16
CA ASN G 35 -41.27 30.93 -40.53
C ASN G 35 -39.82 30.48 -40.58
N GLN G 36 -39.00 30.99 -39.67
CA GLN G 36 -37.59 30.57 -39.66
C GLN G 36 -37.46 29.09 -39.31
N LEU G 37 -38.29 28.61 -38.38
CA LEU G 37 -38.26 27.18 -38.08
C LEU G 37 -38.65 26.37 -39.30
N VAL G 38 -39.66 26.83 -40.04
CA VAL G 38 -40.08 26.12 -41.25
C VAL G 38 -38.94 26.10 -42.25
N ARG G 39 -38.25 27.24 -42.40
CA ARG G 39 -37.11 27.31 -43.30
C ARG G 39 -36.02 26.32 -42.88
N LEU G 40 -35.81 26.20 -41.57
CA LEU G 40 -34.84 25.23 -41.07
C LEU G 40 -35.26 23.81 -41.43
N ALA G 41 -36.56 23.53 -41.36
CA ALA G 41 -37.04 22.20 -41.70
C ALA G 41 -36.75 21.85 -43.15
N HIS G 42 -36.82 22.82 -44.06
CA HIS G 42 -36.58 22.58 -45.47
C HIS G 42 -35.12 22.77 -45.84
N ARG G 43 -34.25 22.99 -44.85
CA ARG G 43 -32.82 23.22 -45.08
C ARG G 43 -32.60 24.41 -46.02
N GLU G 44 -33.34 25.49 -45.78
CA GLU G 44 -33.18 26.73 -46.55
C GLU G 44 -32.49 27.84 -45.77
N GLN G 45 -32.38 27.71 -44.45
CA GLN G 45 -31.65 28.66 -43.63
C GLN G 45 -30.75 27.86 -42.70
N VAL G 46 -29.46 28.23 -42.65
CA VAL G 46 -28.46 27.46 -41.95
C VAL G 46 -28.25 27.97 -40.54
N ALA G 47 -28.23 29.27 -40.34
CA ALA G 47 -28.02 29.86 -39.04
C ALA G 47 -29.32 30.43 -38.51
N LEU G 48 -29.59 30.22 -37.22
CA LEU G 48 -30.76 30.77 -36.55
C LEU G 48 -30.29 31.69 -35.44
N TYR G 49 -30.83 32.91 -35.42
CA TYR G 49 -30.49 33.89 -34.40
C TYR G 49 -31.69 34.09 -33.48
N VAL G 50 -31.44 34.14 -32.18
CA VAL G 50 -32.48 34.38 -31.19
C VAL G 50 -32.22 35.75 -30.57
N ASP G 51 -32.99 36.74 -30.99
CA ASP G 51 -32.85 38.09 -30.46
C ASP G 51 -33.30 38.10 -29.01
N LEU G 52 -32.36 38.33 -28.09
CA LEU G 52 -32.72 38.33 -26.68
C LEU G 52 -33.65 39.48 -26.33
N ASP G 53 -33.70 40.51 -27.17
CA ASP G 53 -34.62 41.61 -26.94
C ASP G 53 -36.06 41.13 -27.00
N ASP G 54 -36.37 40.23 -27.93
CA ASP G 54 -37.72 39.70 -28.05
C ASP G 54 -38.14 38.97 -26.79
N VAL G 55 -37.24 38.15 -26.22
CA VAL G 55 -37.54 37.49 -24.97
C VAL G 55 -37.69 38.51 -23.85
N ALA G 56 -36.80 39.50 -23.81
CA ALA G 56 -36.79 40.46 -22.72
C ALA G 56 -38.05 41.32 -22.70
N GLU G 57 -38.76 41.40 -23.83
CA GLU G 57 -39.99 42.19 -23.85
C GLU G 57 -41.06 41.61 -22.93
N ASP G 58 -41.07 40.29 -22.73
CA ASP G 58 -42.10 39.66 -21.92
C ASP G 58 -41.62 38.45 -21.14
N ASP G 59 -40.32 38.30 -20.89
CA ASP G 59 -39.84 37.24 -20.01
C ASP G 59 -38.52 37.66 -19.35
N PRO G 60 -38.56 38.66 -18.46
CA PRO G 60 -37.29 39.18 -17.91
C PRO G 60 -36.48 38.14 -17.15
N GLU G 61 -37.13 37.23 -16.45
CA GLU G 61 -36.39 36.25 -15.66
C GLU G 61 -35.63 35.28 -16.54
N LEU G 62 -36.20 34.88 -17.67
CA LEU G 62 -35.48 34.01 -18.58
C LEU G 62 -34.26 34.72 -19.14
N VAL G 63 -34.40 36.01 -19.45
CA VAL G 63 -33.27 36.77 -19.97
C VAL G 63 -32.19 36.89 -18.92
N ASP G 64 -32.57 37.13 -17.66
CA ASP G 64 -31.58 37.22 -16.61
C ASP G 64 -30.84 35.90 -16.43
N SER G 65 -31.58 34.80 -16.45
CA SER G 65 -30.95 33.49 -16.32
C SER G 65 -30.01 33.23 -17.48
N ILE G 66 -30.41 33.59 -18.69
CA ILE G 66 -29.56 33.38 -19.86
C ILE G 66 -28.29 34.21 -19.73
N CYS G 67 -28.42 35.46 -19.31
CA CYS G 67 -27.24 36.30 -19.19
C CYS G 67 -26.28 35.76 -18.14
N GLU G 68 -26.82 35.25 -17.03
CA GLU G 68 -25.97 34.75 -15.96
C GLU G 68 -25.25 33.46 -16.32
N ASN G 69 -25.65 32.79 -17.40
CA ASN G 69 -24.99 31.54 -17.80
C ASN G 69 -25.33 31.30 -19.26
N ALA G 70 -24.30 31.31 -20.11
CA ALA G 70 -24.55 31.34 -21.54
C ALA G 70 -24.47 29.97 -22.19
N ARG G 71 -23.44 29.18 -21.90
CA ARG G 71 -23.26 27.93 -22.61
C ARG G 71 -24.41 26.96 -22.34
N ARG G 72 -24.85 26.88 -21.09
CA ARG G 72 -25.86 25.89 -20.76
C ARG G 72 -27.18 26.21 -21.43
N TYR G 73 -27.60 27.47 -21.38
CA TYR G 73 -28.83 27.85 -22.04
C TYR G 73 -28.69 27.76 -23.55
N ALA G 74 -27.48 27.98 -24.08
CA ALA G 74 -27.28 27.82 -25.51
C ALA G 74 -27.51 26.37 -25.92
N LYS G 75 -26.95 25.43 -25.17
CA LYS G 75 -27.17 24.02 -25.47
C LYS G 75 -28.64 23.65 -25.30
N LEU G 76 -29.29 24.20 -24.28
CA LEU G 76 -30.71 23.91 -24.06
C LEU G 76 -31.54 24.39 -25.23
N PHE G 77 -31.26 25.60 -25.73
CA PHE G 77 -31.99 26.09 -26.89
C PHE G 77 -31.71 25.26 -28.12
N ALA G 78 -30.46 24.83 -28.29
CA ALA G 78 -30.14 23.99 -29.44
C ALA G 78 -30.91 22.67 -29.40
N ASP G 79 -30.97 22.05 -28.22
CA ASP G 79 -31.75 20.82 -28.09
C ASP G 79 -33.23 21.07 -28.33
N ALA G 80 -33.75 22.19 -27.84
CA ALA G 80 -35.16 22.49 -28.04
C ALA G 80 -35.47 22.66 -29.52
N VAL G 81 -34.60 23.36 -30.25
CA VAL G 81 -34.81 23.53 -31.68
C VAL G 81 -34.71 22.18 -32.38
N GLN G 82 -33.80 21.31 -31.93
CA GLN G 82 -33.73 19.96 -32.49
C GLN G 82 -35.03 19.22 -32.30
N GLU G 83 -35.62 19.30 -31.11
CA GLU G 83 -36.86 18.59 -30.84
C GLU G 83 -38.05 19.24 -31.52
N LEU G 84 -37.94 20.51 -31.91
CA LEU G 84 -39.00 21.17 -32.66
C LEU G 84 -39.04 20.76 -34.12
N LEU G 85 -37.90 20.33 -34.67
CA LEU G 85 -37.83 20.02 -36.10
C LEU G 85 -38.76 18.88 -36.52
N PRO G 86 -38.76 17.71 -35.87
CA PRO G 86 -39.54 16.59 -36.42
C PRO G 86 -41.02 16.88 -36.61
N GLN G 87 -41.61 17.73 -35.76
CA GLN G 87 -43.02 18.03 -35.91
C GLN G 87 -43.28 18.96 -37.08
N TYR G 88 -42.27 19.59 -37.64
CA TYR G 88 -42.45 20.43 -38.81
C TYR G 88 -42.05 19.73 -40.10
N LYS G 89 -41.69 18.46 -40.04
CA LYS G 89 -41.41 17.68 -41.24
C LYS G 89 -42.68 17.51 -42.05
N GLU G 90 -42.61 17.80 -43.34
CA GLU G 90 -43.74 17.65 -44.24
C GLU G 90 -43.52 16.61 -45.32
N ARG G 91 -42.27 16.33 -45.68
CA ARG G 91 -41.96 15.46 -46.80
C ARG G 91 -40.58 14.83 -46.57
N GLU G 92 -40.01 14.28 -47.62
CA GLU G 92 -38.72 13.60 -47.57
C GLU G 92 -37.61 14.57 -47.96
N VAL G 93 -36.52 14.55 -47.20
CA VAL G 93 -35.39 15.42 -47.47
C VAL G 93 -34.80 15.10 -48.82
N VAL G 94 -34.45 16.14 -49.59
CA VAL G 94 -33.99 15.96 -50.96
C VAL G 94 -32.48 15.74 -50.98
N ASN G 95 -31.90 15.49 -49.81
CA ASN G 95 -30.50 15.09 -49.68
C ASN G 95 -29.57 16.14 -50.30
N LYS G 96 -29.58 17.32 -49.68
CA LYS G 96 -28.80 18.44 -50.19
C LYS G 96 -27.31 18.12 -50.22
N ASP G 97 -26.79 17.48 -49.18
CA ASP G 97 -25.36 17.27 -49.05
C ASP G 97 -25.11 15.89 -48.46
N VAL G 98 -23.84 15.59 -48.20
CA VAL G 98 -23.49 14.30 -47.62
C VAL G 98 -24.07 14.16 -46.22
N LEU G 99 -24.11 15.27 -45.48
CA LEU G 99 -24.62 15.22 -44.12
C LEU G 99 -26.08 14.78 -44.09
N ASP G 100 -26.90 15.28 -45.02
CA ASP G 100 -28.30 14.88 -45.07
C ASP G 100 -28.43 13.40 -45.38
N VAL G 101 -27.63 12.89 -46.31
CA VAL G 101 -27.70 11.49 -46.67
C VAL G 101 -27.35 10.62 -45.47
N TYR G 102 -26.24 10.95 -44.79
CA TYR G 102 -25.85 10.18 -43.62
C TYR G 102 -26.92 10.28 -42.53
N ILE G 103 -27.49 11.47 -42.34
CA ILE G 103 -28.49 11.64 -41.30
C ILE G 103 -29.73 10.80 -41.59
N GLU G 104 -30.15 10.76 -42.85
CA GLU G 104 -31.37 10.01 -43.15
C GLU G 104 -31.11 8.51 -43.07
N HIS G 105 -29.93 8.03 -43.48
CA HIS G 105 -29.62 6.63 -43.22
C HIS G 105 -29.58 6.32 -41.73
N ARG G 106 -29.03 7.22 -40.93
CA ARG G 106 -28.95 6.98 -39.50
C ARG G 106 -30.35 6.91 -38.88
N LEU G 107 -31.24 7.81 -39.28
CA LEU G 107 -32.61 7.75 -38.79
C LEU G 107 -33.31 6.47 -39.25
N MET G 108 -33.09 6.06 -40.49
CA MET G 108 -33.69 4.81 -40.98
C MET G 108 -33.19 3.62 -40.16
N MET G 109 -31.89 3.58 -39.87
CA MET G 109 -31.35 2.49 -39.08
C MET G 109 -31.89 2.51 -37.66
N GLU G 110 -32.05 3.69 -37.08
CA GLU G 110 -32.66 3.79 -35.76
C GLU G 110 -34.08 3.25 -35.77
N GLN G 111 -34.86 3.61 -36.80
CA GLN G 111 -36.24 3.12 -36.88
C GLN G 111 -36.28 1.63 -37.11
N ARG G 112 -35.30 1.09 -37.85
CA ARG G 112 -35.36 -0.32 -38.22
C ARG G 112 -35.35 -1.23 -36.99
N SER G 113 -34.54 -0.91 -35.99
CA SER G 113 -34.38 -1.73 -34.80
C SER G 113 -35.17 -1.20 -33.62
N ARG G 114 -36.27 -0.51 -33.88
CA ARG G 114 -37.09 0.05 -32.81
C ARG G 114 -38.51 0.31 -33.28
N ARG G 120 -31.71 0.73 -19.98
CA ARG G 120 -31.21 1.28 -21.22
C ARG G 120 -29.89 2.02 -20.99
N SER G 121 -28.87 1.69 -21.76
CA SER G 121 -27.56 2.29 -21.58
C SER G 121 -27.57 3.76 -21.99
N PRO G 122 -27.03 4.64 -21.15
CA PRO G 122 -26.97 6.06 -21.51
C PRO G 122 -26.00 6.37 -22.64
N GLN G 123 -25.17 5.41 -23.05
CA GLN G 123 -24.13 5.64 -24.06
C GLN G 123 -24.47 5.02 -25.40
N ASN G 124 -25.74 4.80 -25.70
CA ASN G 124 -26.15 4.08 -26.89
C ASN G 124 -27.05 4.92 -27.79
N GLN G 125 -26.67 6.18 -28.03
CA GLN G 125 -27.52 7.05 -28.82
C GLN G 125 -26.65 8.03 -29.60
N TYR G 126 -27.25 8.61 -30.64
CA TYR G 126 -26.54 9.61 -31.43
C TYR G 126 -26.31 10.86 -30.61
N PRO G 127 -25.10 11.42 -30.61
CA PRO G 127 -24.87 12.67 -29.88
C PRO G 127 -25.71 13.79 -30.47
N ALA G 128 -26.10 14.72 -29.60
CA ALA G 128 -27.02 15.77 -30.02
C ALA G 128 -26.42 16.64 -31.11
N GLU G 129 -25.12 16.95 -31.00
CA GLU G 129 -24.50 17.85 -31.97
C GLU G 129 -24.34 17.21 -33.35
N LEU G 130 -24.39 15.89 -33.46
CA LEU G 130 -24.14 15.26 -34.74
C LEU G 130 -25.32 15.39 -35.70
N MET G 131 -26.55 15.40 -35.19
CA MET G 131 -27.73 15.41 -36.03
C MET G 131 -28.36 16.80 -36.11
N ARG G 132 -27.54 17.86 -35.99
CA ARG G 132 -28.09 19.20 -35.92
C ARG G 132 -28.48 19.73 -37.31
N ARG G 133 -27.50 19.95 -38.17
CA ARG G 133 -27.69 20.68 -39.42
C ARG G 133 -28.21 22.09 -39.19
N PHE G 134 -28.05 22.61 -37.99
CA PHE G 134 -28.40 23.98 -37.71
C PHE G 134 -27.50 24.51 -36.61
N GLU G 135 -27.29 25.82 -36.61
CA GLU G 135 -26.48 26.49 -35.61
C GLU G 135 -27.31 27.61 -34.97
N LEU G 136 -27.17 27.77 -33.67
CA LEU G 136 -27.93 28.78 -32.93
C LEU G 136 -26.96 29.79 -32.34
N TYR G 137 -27.40 31.04 -32.27
CA TYR G 137 -26.59 32.11 -31.75
C TYR G 137 -27.47 33.09 -30.98
N PHE G 138 -26.85 33.90 -30.15
CA PHE G 138 -27.55 34.92 -29.36
C PHE G 138 -27.07 36.30 -29.77
N GLN G 139 -28.01 37.24 -29.89
CA GLN G 139 -27.69 38.66 -30.02
C GLN G 139 -27.82 39.31 -28.64
N GLY G 140 -26.78 40.00 -28.22
CA GLY G 140 -26.77 40.61 -26.91
C GLY G 140 -27.89 41.61 -26.75
N PRO G 141 -28.62 41.52 -25.64
CA PRO G 141 -29.67 42.50 -25.37
C PRO G 141 -29.10 43.89 -25.17
N SER G 142 -29.86 44.89 -25.63
CA SER G 142 -29.42 46.27 -25.54
C SER G 142 -29.33 46.75 -24.09
N SER G 143 -29.96 46.03 -23.16
CA SER G 143 -29.97 46.47 -21.77
C SER G 143 -28.55 46.55 -21.20
N ASN G 144 -27.71 45.57 -21.50
CA ASN G 144 -26.33 45.58 -21.03
C ASN G 144 -25.51 46.52 -21.89
N LYS G 145 -24.95 47.55 -21.29
CA LYS G 145 -24.11 48.47 -22.05
C LYS G 145 -22.82 47.77 -22.46
N PRO G 146 -22.28 48.11 -23.63
CA PRO G 146 -21.04 47.46 -24.06
C PRO G 146 -19.90 47.75 -23.09
N ARG G 147 -19.02 46.78 -22.92
CA ARG G 147 -17.90 46.90 -21.99
C ARG G 147 -16.59 47.10 -22.74
N VAL G 148 -15.67 47.76 -22.08
CA VAL G 148 -14.32 47.95 -22.59
C VAL G 148 -13.50 46.73 -22.21
N ILE G 149 -12.58 46.33 -23.10
CA ILE G 149 -11.94 45.03 -22.97
C ILE G 149 -11.16 44.95 -21.67
N ARG G 150 -10.53 46.04 -21.26
CA ARG G 150 -9.74 46.01 -20.03
C ARG G 150 -10.62 45.73 -18.81
N GLU G 151 -11.90 46.10 -18.88
CA GLU G 151 -12.79 45.87 -17.75
C GLU G 151 -13.38 44.47 -17.73
N VAL G 152 -13.15 43.67 -18.77
CA VAL G 152 -13.58 42.27 -18.77
C VAL G 152 -12.47 41.47 -18.12
N ARG G 153 -12.67 41.11 -16.86
CA ARG G 153 -11.65 40.38 -16.11
C ARG G 153 -12.16 38.97 -15.85
N ALA G 154 -11.44 38.20 -15.03
CA ALA G 154 -11.85 36.84 -14.76
C ALA G 154 -13.22 36.77 -14.09
N ASP G 155 -13.68 37.86 -13.47
CA ASP G 155 -14.91 37.79 -12.72
C ASP G 155 -16.13 37.63 -13.60
N SER G 156 -16.02 37.92 -14.90
CA SER G 156 -17.14 37.83 -15.82
C SER G 156 -17.12 36.57 -16.65
N VAL G 157 -16.24 35.61 -16.33
CA VAL G 157 -16.17 34.37 -17.06
C VAL G 157 -17.53 33.70 -17.04
N GLY G 158 -17.96 33.21 -18.19
CA GLY G 158 -19.22 32.54 -18.30
C GLY G 158 -20.43 33.43 -18.44
N LYS G 159 -20.23 34.74 -18.54
CA LYS G 159 -21.32 35.69 -18.72
C LYS G 159 -21.29 36.28 -20.11
N LEU G 160 -22.44 36.37 -20.75
CA LEU G 160 -22.51 36.86 -22.12
C LEU G 160 -22.21 38.36 -22.13
N VAL G 161 -21.04 38.72 -22.64
CA VAL G 161 -20.60 40.10 -22.66
C VAL G 161 -20.42 40.54 -24.09
N THR G 162 -20.36 41.86 -24.28
CA THR G 162 -20.16 42.47 -25.59
C THR G 162 -19.07 43.51 -25.48
N VAL G 163 -18.10 43.46 -26.39
CA VAL G 163 -16.98 44.39 -26.39
C VAL G 163 -16.74 44.88 -27.81
N ARG G 164 -16.12 46.06 -27.90
CA ARG G 164 -15.80 46.69 -29.16
C ARG G 164 -14.30 46.69 -29.37
N GLY G 165 -13.88 46.73 -30.62
CA GLY G 165 -12.46 46.73 -30.92
C GLY G 165 -12.21 46.76 -32.40
N ILE G 166 -10.95 46.53 -32.76
CA ILE G 166 -10.50 46.57 -34.15
C ILE G 166 -9.74 45.28 -34.44
N VAL G 167 -10.03 44.68 -35.59
CA VAL G 167 -9.42 43.41 -35.95
C VAL G 167 -7.96 43.63 -36.32
N THR G 168 -7.07 42.84 -35.73
CA THR G 168 -5.64 43.00 -35.96
C THR G 168 -4.98 41.77 -36.57
N ARG G 169 -5.56 40.58 -36.44
CA ARG G 169 -4.94 39.40 -37.02
C ARG G 169 -6.03 38.35 -37.24
N VAL G 170 -6.39 38.11 -38.50
CA VAL G 170 -7.39 37.11 -38.85
C VAL G 170 -6.72 36.06 -39.72
N SER G 171 -7.00 34.79 -39.42
CA SER G 171 -6.43 33.72 -40.20
C SER G 171 -7.39 33.32 -41.30
N GLU G 172 -6.94 32.47 -42.20
CA GLU G 172 -7.76 32.03 -43.31
C GLU G 172 -8.81 31.05 -42.80
N VAL G 173 -9.91 30.94 -43.54
CA VAL G 173 -10.97 30.02 -43.14
C VAL G 173 -10.47 28.60 -43.27
N LYS G 174 -10.66 27.81 -42.23
CA LYS G 174 -10.28 26.40 -42.23
C LYS G 174 -11.38 25.58 -41.59
N PRO G 175 -11.45 24.29 -41.91
CA PRO G 175 -12.47 23.42 -41.29
C PRO G 175 -12.03 22.91 -39.92
N LYS G 176 -12.97 22.88 -38.98
CA LYS G 176 -12.77 22.34 -37.65
C LYS G 176 -13.76 21.22 -37.42
N MET G 177 -13.33 20.18 -36.71
CA MET G 177 -14.10 18.96 -36.61
C MET G 177 -14.84 18.91 -35.28
N VAL G 178 -16.15 18.75 -35.34
CA VAL G 178 -17.01 18.72 -34.16
C VAL G 178 -17.28 17.30 -33.71
N VAL G 179 -17.71 16.44 -34.63
CA VAL G 179 -17.92 15.03 -34.34
C VAL G 179 -17.02 14.21 -35.25
N ALA G 180 -16.24 13.32 -34.64
CA ALA G 180 -15.31 12.48 -35.39
C ALA G 180 -15.88 11.07 -35.50
N THR G 181 -15.94 10.56 -36.72
CA THR G 181 -16.60 9.29 -36.99
C THR G 181 -15.54 8.21 -37.20
N TYR G 182 -15.65 7.13 -36.43
CA TYR G 182 -14.76 6.00 -36.58
C TYR G 182 -15.56 4.74 -36.90
N THR G 183 -15.04 3.96 -37.85
CA THR G 183 -15.65 2.70 -38.25
C THR G 183 -14.63 1.58 -38.13
N CYS G 184 -15.11 0.44 -37.65
CA CYS G 184 -14.30 -0.76 -37.47
C CYS G 184 -14.69 -1.81 -38.49
N ASP G 185 -13.75 -2.70 -38.80
CA ASP G 185 -13.96 -3.75 -39.77
C ASP G 185 -14.63 -4.98 -39.16
N GLN G 186 -14.90 -4.96 -37.86
CA GLN G 186 -15.52 -6.11 -37.22
C GLN G 186 -16.90 -5.76 -36.71
N CYS G 187 -17.03 -4.57 -36.12
CA CYS G 187 -18.30 -4.13 -35.55
C CYS G 187 -19.32 -3.76 -36.62
N GLY G 188 -18.91 -3.01 -37.64
CA GLY G 188 -19.82 -2.57 -38.67
C GLY G 188 -20.62 -1.33 -38.31
N ALA G 189 -20.55 -0.86 -37.07
CA ALA G 189 -21.31 0.29 -36.64
C ALA G 189 -20.47 1.56 -36.74
N GLU G 190 -21.05 2.67 -36.29
CA GLU G 190 -20.37 3.95 -36.29
C GLU G 190 -20.10 4.37 -34.86
N THR G 191 -18.83 4.72 -34.59
CA THR G 191 -18.38 5.16 -33.27
C THR G 191 -18.12 6.65 -33.33
N TYR G 192 -18.70 7.40 -32.39
CA TYR G 192 -18.62 8.85 -32.41
C TYR G 192 -17.86 9.38 -31.19
N GLN G 193 -16.93 10.30 -31.45
CA GLN G 193 -16.18 11.03 -30.43
C GLN G 193 -16.38 12.53 -30.64
N PRO G 194 -17.34 13.13 -29.95
CA PRO G 194 -17.45 14.59 -29.98
C PRO G 194 -16.17 15.21 -29.47
N ILE G 195 -15.75 16.30 -30.11
CA ILE G 195 -14.50 16.98 -29.78
C ILE G 195 -14.81 18.44 -29.51
N GLN G 196 -14.46 18.90 -28.32
CA GLN G 196 -14.65 20.29 -27.94
C GLN G 196 -13.34 21.06 -27.81
N SER G 197 -12.32 20.44 -27.25
CA SER G 197 -11.03 21.09 -27.12
C SER G 197 -10.39 21.26 -28.49
N PRO G 198 -9.50 22.22 -28.66
CA PRO G 198 -8.79 22.35 -29.93
C PRO G 198 -7.89 21.18 -30.26
N THR G 199 -7.52 20.36 -29.28
CA THR G 199 -6.75 19.15 -29.52
C THR G 199 -7.48 17.94 -28.96
N PHE G 200 -7.38 16.82 -29.67
CA PHE G 200 -8.03 15.58 -29.26
C PHE G 200 -7.11 14.41 -29.58
N MET G 201 -7.40 13.27 -28.95
CA MET G 201 -6.59 12.07 -29.10
C MET G 201 -7.34 11.04 -29.91
N PRO G 202 -6.84 10.63 -31.07
CA PRO G 202 -7.56 9.63 -31.87
C PRO G 202 -7.68 8.33 -31.10
N LEU G 203 -8.79 7.64 -31.33
CA LEU G 203 -9.05 6.37 -30.67
C LEU G 203 -8.17 5.28 -31.25
N ILE G 204 -7.95 4.23 -30.46
CA ILE G 204 -7.14 3.10 -30.92
C ILE G 204 -7.96 1.82 -30.86
N MET G 205 -8.38 1.45 -29.66
CA MET G 205 -9.20 0.26 -29.44
C MET G 205 -10.60 0.72 -29.12
N CYS G 206 -11.58 0.24 -29.87
CA CYS G 206 -12.88 0.83 -29.61
C CYS G 206 -13.41 0.40 -28.25
N PRO G 207 -13.96 1.34 -27.48
CA PRO G 207 -14.55 0.96 -26.19
C PRO G 207 -16.00 0.55 -26.35
N SER G 208 -16.41 0.30 -27.60
CA SER G 208 -17.74 -0.21 -27.86
C SER G 208 -17.95 -1.53 -27.12
N GLN G 209 -19.11 -1.66 -26.47
CA GLN G 209 -19.37 -2.82 -25.63
C GLN G 209 -19.38 -4.11 -26.43
N GLU G 210 -19.85 -4.04 -27.68
CA GLU G 210 -19.92 -5.24 -28.51
C GLU G 210 -18.57 -5.91 -28.66
N CYS G 211 -17.54 -5.13 -28.99
CA CYS G 211 -16.22 -5.72 -29.19
C CYS G 211 -15.60 -6.20 -27.90
N GLN G 212 -15.66 -5.40 -26.83
CA GLN G 212 -15.04 -5.80 -25.57
C GLN G 212 -15.65 -7.09 -25.04
N THR G 213 -16.97 -7.23 -25.16
CA THR G 213 -17.59 -8.51 -24.82
C THR G 213 -17.11 -9.62 -25.75
N ASN G 214 -17.00 -9.34 -27.05
CA ASN G 214 -16.59 -10.35 -28.00
C ASN G 214 -15.07 -10.48 -28.15
N ARG G 215 -14.30 -9.59 -27.51
CA ARG G 215 -12.84 -9.60 -27.60
C ARG G 215 -12.37 -9.66 -29.05
N SER G 216 -13.08 -8.94 -29.92
CA SER G 216 -12.76 -8.93 -31.34
C SER G 216 -11.54 -8.05 -31.59
N GLY G 217 -11.15 -7.93 -32.85
CA GLY G 217 -9.98 -7.12 -33.16
C GLY G 217 -10.17 -5.67 -32.81
N GLY G 218 -11.33 -5.12 -33.16
CA GLY G 218 -11.62 -3.73 -32.85
C GLY G 218 -10.66 -2.75 -33.48
N ARG G 219 -10.21 -3.02 -34.70
CA ARG G 219 -9.38 -2.06 -35.42
C ARG G 219 -10.26 -0.97 -36.01
N LEU G 220 -9.96 0.28 -35.68
CA LEU G 220 -10.78 1.40 -36.10
C LEU G 220 -10.01 2.32 -37.05
N TYR G 221 -10.74 2.85 -38.03
CA TYR G 221 -10.16 3.75 -39.03
C TYR G 221 -10.96 5.05 -39.06
N LEU G 222 -10.26 6.15 -38.82
CA LEU G 222 -10.89 7.47 -38.90
C LEU G 222 -11.27 7.78 -40.34
N GLN G 223 -12.43 8.39 -40.52
CA GLN G 223 -12.88 8.81 -41.84
C GLN G 223 -13.41 10.23 -41.75
N THR G 224 -13.33 10.94 -42.86
CA THR G 224 -13.89 12.28 -42.97
C THR G 224 -15.20 12.32 -43.73
N ARG G 225 -15.77 11.16 -44.04
CA ARG G 225 -17.00 11.13 -44.84
C ARG G 225 -18.18 11.68 -44.04
N GLY G 226 -18.56 10.98 -43.00
CA GLY G 226 -19.75 11.30 -42.24
C GLY G 226 -19.52 12.20 -41.06
N SER G 227 -18.29 12.63 -40.85
CA SER G 227 -18.02 13.53 -39.76
C SER G 227 -18.71 14.87 -40.02
N ARG G 228 -19.06 15.54 -38.93
CA ARG G 228 -19.58 16.89 -39.00
C ARG G 228 -18.41 17.86 -39.01
N PHE G 229 -18.48 18.87 -39.87
CA PHE G 229 -17.50 19.93 -39.91
C PHE G 229 -18.19 21.28 -39.77
N ILE G 230 -17.51 22.20 -39.11
CA ILE G 230 -17.99 23.57 -38.96
C ILE G 230 -16.87 24.52 -39.32
N LYS G 231 -17.24 25.70 -39.79
CA LYS G 231 -16.26 26.72 -40.14
C LYS G 231 -15.61 27.27 -38.87
N PHE G 232 -14.35 27.66 -38.98
CA PHE G 232 -13.58 28.10 -37.82
C PHE G 232 -12.68 29.24 -38.24
N GLN G 233 -12.44 30.17 -37.32
CA GLN G 233 -11.55 31.29 -37.57
C GLN G 233 -10.90 31.71 -36.26
N GLU G 234 -9.75 32.38 -36.38
CA GLU G 234 -9.04 32.93 -35.24
C GLU G 234 -8.78 34.41 -35.49
N MET G 235 -9.19 35.26 -34.56
CA MET G 235 -8.98 36.69 -34.70
C MET G 235 -8.54 37.29 -33.38
N LYS G 236 -7.68 38.30 -33.45
CA LYS G 236 -7.28 39.08 -32.30
C LYS G 236 -7.85 40.48 -32.44
N MET G 237 -8.40 41.01 -31.34
CA MET G 237 -9.06 42.31 -31.36
C MET G 237 -8.47 43.20 -30.29
N GLN G 238 -8.32 44.49 -30.62
CA GLN G 238 -7.63 45.46 -29.79
C GLN G 238 -8.56 46.63 -29.50
N GLU G 239 -8.33 47.28 -28.36
CA GLU G 239 -9.27 48.28 -27.88
C GLU G 239 -9.27 49.51 -28.79
N HIS G 240 -10.41 50.20 -28.82
CA HIS G 240 -10.48 51.49 -29.51
C HIS G 240 -9.59 52.50 -28.83
N SER G 241 -8.71 53.13 -29.60
CA SER G 241 -7.74 54.05 -29.01
C SER G 241 -8.40 55.26 -28.38
N ASP G 242 -9.58 55.65 -28.85
CA ASP G 242 -10.21 56.88 -28.39
C ASP G 242 -10.56 56.85 -26.91
N GLN G 243 -10.85 55.67 -26.36
CA GLN G 243 -11.31 55.55 -24.98
C GLN G 243 -10.29 54.91 -24.07
N VAL G 244 -9.18 54.41 -24.60
CA VAL G 244 -8.11 53.91 -23.73
C VAL G 244 -7.51 55.08 -22.97
N PRO G 245 -7.27 54.95 -21.67
CA PRO G 245 -6.61 56.04 -20.93
C PRO G 245 -5.22 56.32 -21.49
N VAL G 246 -4.81 57.58 -21.37
CA VAL G 246 -3.52 57.99 -21.91
C VAL G 246 -2.39 57.23 -21.24
N GLY G 247 -2.61 56.78 -20.01
CA GLY G 247 -1.52 56.19 -19.24
C GLY G 247 -1.29 54.72 -19.53
N ASN G 248 -2.02 54.17 -20.50
CA ASN G 248 -1.86 52.78 -20.88
C ASN G 248 -1.77 52.65 -22.39
N ILE G 249 -1.71 51.40 -22.84
CA ILE G 249 -1.77 51.09 -24.26
C ILE G 249 -2.85 50.03 -24.46
N PRO G 250 -3.49 49.96 -25.62
CA PRO G 250 -4.60 49.02 -25.79
C PRO G 250 -4.13 47.58 -25.67
N ARG G 251 -5.03 46.73 -25.17
CA ARG G 251 -4.75 45.32 -24.98
C ARG G 251 -5.58 44.49 -25.95
N SER G 252 -5.12 43.28 -26.22
CA SER G 252 -5.76 42.39 -27.19
C SER G 252 -6.38 41.19 -26.49
N ILE G 253 -7.56 40.78 -26.96
CA ILE G 253 -8.27 39.63 -26.42
C ILE G 253 -8.70 38.73 -27.58
N THR G 254 -8.49 37.43 -27.41
CA THR G 254 -8.68 36.47 -28.51
C THR G 254 -10.16 36.17 -28.69
N VAL G 255 -10.61 36.12 -29.94
CA VAL G 255 -11.99 35.82 -30.29
C VAL G 255 -12.01 34.70 -31.33
N LEU G 256 -12.86 33.70 -31.12
CA LEU G 256 -13.04 32.60 -32.06
C LEU G 256 -14.46 32.62 -32.57
N VAL G 257 -14.62 32.57 -33.88
CA VAL G 257 -15.92 32.66 -34.54
C VAL G 257 -16.12 31.38 -35.33
N GLU G 258 -17.34 30.84 -35.28
CA GLU G 258 -17.62 29.58 -35.95
C GLU G 258 -18.92 29.68 -36.74
N GLY G 259 -19.02 28.84 -37.78
CA GLY G 259 -20.25 28.73 -38.55
C GLY G 259 -20.52 29.81 -39.57
N GLU G 260 -21.80 30.09 -39.82
CA GLU G 260 -22.18 31.12 -40.79
C GLU G 260 -21.69 32.50 -40.39
N ASN G 261 -21.33 32.70 -39.12
CA ASN G 261 -20.86 34.00 -38.66
C ASN G 261 -19.48 34.34 -39.19
N THR G 262 -18.80 33.40 -39.84
CA THR G 262 -17.46 33.65 -40.32
C THR G 262 -17.47 34.54 -41.56
N ARG G 263 -16.26 34.90 -42.01
CA ARG G 263 -16.07 35.66 -43.25
C ARG G 263 -16.81 36.99 -43.24
N ILE G 264 -17.03 37.56 -42.06
CA ILE G 264 -17.72 38.84 -41.94
C ILE G 264 -16.77 39.93 -41.45
N ALA G 265 -15.87 39.60 -40.54
CA ALA G 265 -14.89 40.55 -40.06
C ALA G 265 -13.76 40.69 -41.08
N GLN G 266 -13.36 41.93 -41.34
CA GLN G 266 -12.22 42.23 -42.19
C GLN G 266 -11.16 42.93 -41.36
N PRO G 267 -9.89 42.77 -41.71
CA PRO G 267 -8.82 43.35 -40.89
C PRO G 267 -8.95 44.85 -40.81
N GLY G 268 -8.67 45.37 -39.62
CA GLY G 268 -8.67 46.81 -39.42
C GLY G 268 -10.03 47.44 -39.27
N ASP G 269 -11.10 46.67 -39.29
CA ASP G 269 -12.43 47.25 -39.22
C ASP G 269 -13.00 47.20 -37.82
N HIS G 270 -13.77 48.23 -37.47
CA HIS G 270 -14.47 48.28 -36.20
C HIS G 270 -15.54 47.19 -36.21
N VAL G 271 -15.56 46.36 -35.18
CA VAL G 271 -16.50 45.26 -35.09
C VAL G 271 -17.15 45.28 -33.72
N SER G 272 -18.41 44.87 -33.66
CA SER G 272 -19.10 44.64 -32.40
C SER G 272 -19.29 43.15 -32.23
N VAL G 273 -18.78 42.61 -31.13
CA VAL G 273 -18.69 41.17 -30.93
C VAL G 273 -19.48 40.81 -29.68
N THR G 274 -20.31 39.77 -29.78
CA THR G 274 -21.07 39.24 -28.66
C THR G 274 -20.86 37.74 -28.57
N GLY G 275 -20.44 37.26 -27.41
CA GLY G 275 -20.15 35.85 -27.25
C GLY G 275 -20.01 35.47 -25.79
N ILE G 276 -19.54 34.24 -25.58
CA ILE G 276 -19.40 33.65 -24.25
C ILE G 276 -17.93 33.60 -23.88
N PHE G 277 -17.62 34.05 -22.67
CA PHE G 277 -16.24 34.17 -22.21
C PHE G 277 -15.88 32.85 -21.54
N LEU G 278 -15.02 32.07 -22.19
CA LEU G 278 -14.74 30.72 -21.75
C LEU G 278 -13.24 30.47 -21.68
N PRO G 279 -12.80 29.51 -20.88
CA PRO G 279 -11.37 29.21 -20.79
C PRO G 279 -10.93 28.09 -21.74
N ILE G 280 -9.63 28.12 -22.06
CA ILE G 280 -8.99 27.12 -22.90
C ILE G 280 -7.98 26.36 -22.07
N LEU G 281 -8.02 25.02 -22.16
CA LEU G 281 -6.95 24.22 -21.58
C LEU G 281 -5.90 23.95 -22.65
N ARG G 282 -4.65 23.86 -22.20
CA ARG G 282 -3.52 23.56 -23.09
C ARG G 282 -2.92 22.19 -22.80
N THR G 283 -3.71 21.26 -22.28
CA THR G 283 -3.22 19.92 -21.99
C THR G 283 -3.78 18.90 -22.98
N GLN G 290 2.44 26.23 -8.51
CA GLN G 290 1.55 25.25 -9.11
C GLN G 290 0.10 25.75 -9.12
N GLY G 291 -0.81 24.89 -9.53
CA GLY G 291 -2.22 25.22 -9.61
C GLY G 291 -2.79 24.94 -10.98
N LEU G 292 -4.06 25.33 -11.15
CA LEU G 292 -4.80 25.11 -12.38
C LEU G 292 -4.89 26.44 -13.14
N LEU G 293 -4.12 26.55 -14.20
CA LEU G 293 -4.07 27.77 -15.00
C LEU G 293 -4.76 27.56 -16.34
N SER G 294 -5.29 28.64 -16.90
CA SER G 294 -5.95 28.57 -18.19
C SER G 294 -5.98 29.97 -18.81
N GLU G 295 -6.18 30.00 -20.13
CA GLU G 295 -6.26 31.24 -20.87
C GLU G 295 -7.73 31.58 -21.12
N THR G 296 -7.99 32.60 -21.93
CA THR G 296 -9.36 33.01 -22.22
C THR G 296 -9.54 33.24 -23.70
N TYR G 297 -10.78 33.06 -24.17
CA TYR G 297 -11.12 33.42 -25.53
C TYR G 297 -12.57 33.88 -25.55
N LEU G 298 -13.05 34.19 -26.74
CA LEU G 298 -14.44 34.61 -26.94
C LEU G 298 -15.03 33.83 -28.11
N GLU G 299 -16.04 33.01 -27.81
CA GLU G 299 -16.79 32.29 -28.84
C GLU G 299 -17.92 33.19 -29.30
N ALA G 300 -17.67 33.93 -30.37
CA ALA G 300 -18.61 34.97 -30.79
C ALA G 300 -19.91 34.34 -31.25
N HIS G 301 -20.99 35.12 -31.13
CA HIS G 301 -22.27 34.66 -31.64
C HIS G 301 -22.84 35.64 -32.66
N ARG G 302 -22.34 36.87 -32.67
CA ARG G 302 -22.86 37.88 -33.58
C ARG G 302 -21.77 38.91 -33.82
N ILE G 303 -21.47 39.17 -35.09
CA ILE G 303 -20.49 40.19 -35.45
C ILE G 303 -21.19 41.19 -36.36
N VAL G 304 -21.33 42.43 -35.89
CA VAL G 304 -21.94 43.50 -36.66
C VAL G 304 -20.93 44.63 -36.78
N LYS G 305 -20.64 45.04 -38.00
CA LYS G 305 -19.73 46.14 -38.23
C LYS G 305 -20.48 47.45 -38.07
N MET G 306 -19.74 48.55 -38.01
CA MET G 306 -20.37 49.85 -37.97
C MET G 306 -20.77 50.25 -39.39
N ASN G 307 -21.85 51.01 -39.54
CA ASN G 307 -22.27 51.48 -40.86
C ASN G 307 -21.25 52.46 -41.43
N LYS G 308 -20.52 53.14 -40.55
CA LYS G 308 -19.55 54.15 -40.94
C LYS G 308 -18.35 53.58 -41.69
N SER G 309 -18.16 52.26 -41.69
CA SER G 309 -17.07 51.63 -42.42
C SER G 309 -17.29 51.62 -43.93
N GLU G 310 -18.52 51.85 -44.39
CA GLU G 310 -18.80 51.82 -45.82
C GLU G 310 -18.20 53.03 -46.52
N ASP G 311 -17.57 52.78 -47.67
CA ASP G 311 -16.94 53.81 -48.48
C ASP G 311 -16.01 54.69 -47.65
N THR G 320 -35.03 73.08 -25.94
CA THR G 320 -34.30 72.76 -27.16
C THR G 320 -34.33 73.93 -28.14
N ARG G 321 -33.70 75.04 -27.75
CA ARG G 321 -33.68 76.23 -28.58
C ARG G 321 -32.69 76.06 -29.75
N GLU G 322 -32.79 76.98 -30.70
CA GLU G 322 -31.92 76.99 -31.88
C GLU G 322 -30.53 77.55 -31.59
N GLU G 323 -30.30 78.10 -30.40
CA GLU G 323 -29.05 78.78 -30.09
C GLU G 323 -27.94 77.83 -29.64
N LEU G 324 -28.21 76.53 -29.56
CA LEU G 324 -27.26 75.58 -28.98
C LEU G 324 -26.03 75.33 -29.84
N ARG G 325 -26.07 75.69 -31.12
CA ARG G 325 -24.93 75.52 -32.02
C ARG G 325 -24.36 76.89 -32.39
N GLN G 326 -23.09 76.88 -32.81
CA GLN G 326 -22.43 78.05 -33.40
C GLN G 326 -21.75 77.56 -34.67
N ILE G 327 -22.44 77.69 -35.81
CA ILE G 327 -21.93 77.15 -37.06
C ILE G 327 -21.51 78.27 -38.00
N ALA G 328 -22.47 79.09 -38.41
CA ALA G 328 -22.23 80.15 -39.36
C ALA G 328 -21.88 81.49 -38.71
N GLU G 329 -22.47 81.79 -37.55
CA GLU G 329 -22.22 83.09 -36.94
C GLU G 329 -20.81 83.18 -36.37
N GLU G 330 -20.35 82.11 -35.72
CA GLU G 330 -19.00 82.09 -35.16
C GLU G 330 -18.03 81.44 -36.15
N ASP G 331 -16.90 82.10 -36.37
CA ASP G 331 -15.89 81.58 -37.27
C ASP G 331 -15.16 80.41 -36.62
N PHE G 332 -14.97 79.34 -37.39
CA PHE G 332 -14.28 78.16 -36.87
C PHE G 332 -12.78 78.38 -36.81
N TYR G 333 -12.26 79.29 -37.63
CA TYR G 333 -10.82 79.51 -37.66
C TYR G 333 -10.27 80.03 -36.33
N GLU G 334 -11.00 80.92 -35.68
CA GLU G 334 -10.51 81.59 -34.48
C GLU G 334 -10.71 80.81 -33.20
N LYS G 335 -11.67 79.87 -33.18
CA LYS G 335 -11.92 79.07 -31.99
C LYS G 335 -11.30 77.68 -32.10
N LEU G 336 -11.51 76.97 -33.20
CA LEU G 336 -10.99 75.62 -33.33
C LEU G 336 -9.47 75.61 -33.41
N ALA G 337 -8.89 76.45 -34.27
CA ALA G 337 -7.44 76.43 -34.45
C ALA G 337 -6.72 76.85 -33.19
N ALA G 338 -7.25 77.87 -32.50
CA ALA G 338 -6.57 78.44 -31.35
C ALA G 338 -6.52 77.51 -30.15
N SER G 339 -7.28 76.42 -30.14
CA SER G 339 -7.23 75.43 -29.06
C SER G 339 -6.58 74.13 -29.51
N ILE G 340 -5.79 74.15 -30.58
CA ILE G 340 -5.15 72.97 -31.13
C ILE G 340 -3.64 73.10 -30.94
N ALA G 341 -3.04 72.07 -30.35
CA ALA G 341 -1.61 72.01 -30.06
C ALA G 341 -1.17 73.24 -29.30
N PRO G 342 -1.57 73.37 -28.03
CA PRO G 342 -1.17 74.56 -27.27
C PRO G 342 0.27 74.52 -26.80
N GLU G 343 0.86 73.33 -26.68
CA GLU G 343 2.24 73.24 -26.24
C GLU G 343 3.21 73.76 -27.28
N ILE G 344 2.79 73.83 -28.55
CA ILE G 344 3.67 74.28 -29.61
C ILE G 344 3.86 75.79 -29.50
N TYR G 345 5.12 76.23 -29.61
CA TYR G 345 5.45 77.63 -29.42
C TYR G 345 5.25 78.42 -30.72
N GLY G 346 4.02 78.49 -31.21
CA GLY G 346 3.77 79.26 -32.40
C GLY G 346 3.49 78.44 -33.64
N HIS G 347 4.07 78.86 -34.77
CA HIS G 347 3.86 78.21 -36.07
C HIS G 347 2.38 78.13 -36.41
N GLU G 348 1.69 79.26 -36.25
CA GLU G 348 0.26 79.31 -36.51
C GLU G 348 -0.07 78.98 -37.96
N ASP G 349 0.74 79.46 -38.92
CA ASP G 349 0.54 79.07 -40.30
C ASP G 349 0.73 77.57 -40.48
N VAL G 350 1.77 77.02 -39.84
CA VAL G 350 1.97 75.57 -39.86
C VAL G 350 0.81 74.88 -39.18
N LYS G 351 0.30 75.47 -38.10
CA LYS G 351 -0.83 74.88 -37.39
C LYS G 351 -2.05 74.71 -38.28
N LYS G 352 -2.28 75.64 -39.20
CA LYS G 352 -3.49 75.57 -40.04
C LYS G 352 -3.49 74.31 -40.90
N ALA G 353 -2.35 73.98 -41.49
CA ALA G 353 -2.29 72.78 -42.33
C ALA G 353 -2.65 71.54 -41.54
N LEU G 354 -2.33 71.52 -40.25
CA LEU G 354 -2.68 70.36 -39.42
C LEU G 354 -4.19 70.14 -39.40
N LEU G 355 -4.96 71.24 -39.31
CA LEU G 355 -6.41 71.12 -39.36
C LEU G 355 -6.86 70.44 -40.64
N LEU G 356 -6.29 70.83 -41.77
CA LEU G 356 -6.59 70.13 -43.02
C LEU G 356 -6.21 68.67 -42.90
N LEU G 357 -5.04 68.39 -42.33
CA LEU G 357 -4.67 67.01 -42.04
C LEU G 357 -5.62 66.39 -41.02
N LEU G 358 -6.01 67.16 -40.00
CA LEU G 358 -6.95 66.64 -39.02
C LEU G 358 -8.28 66.31 -39.68
N VAL G 359 -8.72 67.11 -40.63
CA VAL G 359 -9.93 66.82 -41.38
C VAL G 359 -9.73 65.61 -42.29
N GLY G 360 -8.64 65.60 -43.05
CA GLY G 360 -8.40 64.50 -43.96
C GLY G 360 -9.41 64.46 -45.09
N GLY G 361 -9.64 63.26 -45.59
CA GLY G 361 -10.58 63.07 -46.69
C GLY G 361 -11.65 62.04 -46.41
N VAL G 362 -12.06 61.89 -45.15
CA VAL G 362 -13.18 61.02 -44.83
C VAL G 362 -14.46 61.53 -45.46
N ASP G 363 -14.71 62.83 -45.34
CA ASP G 363 -15.83 63.48 -46.01
C ASP G 363 -15.46 63.71 -47.47
N GLN G 364 -16.01 62.90 -48.36
CA GLN G 364 -15.76 63.03 -49.78
C GLN G 364 -17.10 63.08 -50.53
N SER G 365 -17.08 63.67 -51.71
CA SER G 365 -18.28 63.77 -52.53
C SER G 365 -18.66 62.39 -53.05
N PRO G 366 -19.96 62.13 -53.21
CA PRO G 366 -20.38 60.85 -53.77
C PRO G 366 -20.25 60.81 -55.29
N ARG G 367 -19.02 60.97 -55.79
CA ARG G 367 -18.76 61.05 -57.22
C ARG G 367 -17.61 60.17 -57.67
N GLY G 368 -17.13 59.26 -56.81
CA GLY G 368 -16.04 58.37 -57.17
C GLY G 368 -14.65 58.96 -57.00
N MET G 369 -14.52 60.07 -56.28
CA MET G 369 -13.20 60.69 -56.06
C MET G 369 -12.50 59.98 -54.90
N LYS G 370 -11.94 58.81 -55.22
CA LYS G 370 -11.28 57.98 -54.22
C LYS G 370 -9.96 58.57 -53.76
N ILE G 371 -9.32 59.41 -54.59
CA ILE G 371 -8.01 59.96 -54.26
C ILE G 371 -8.07 61.04 -53.19
N ARG G 372 -9.27 61.55 -52.89
CA ARG G 372 -9.39 62.68 -51.97
C ARG G 372 -8.91 62.33 -50.56
N GLY G 373 -9.07 61.07 -50.15
CA GLY G 373 -8.73 60.72 -48.78
C GLY G 373 -7.27 60.47 -48.54
N ASN G 374 -6.42 60.57 -49.56
CA ASN G 374 -4.97 60.40 -49.40
C ASN G 374 -4.33 61.78 -49.29
N ILE G 375 -3.93 62.15 -48.06
CA ILE G 375 -3.23 63.40 -47.81
C ILE G 375 -1.87 63.06 -47.20
N ASN G 376 -0.85 62.94 -48.04
CA ASN G 376 0.48 62.51 -47.60
C ASN G 376 1.39 63.71 -47.42
N ILE G 377 1.32 64.30 -46.23
CA ILE G 377 2.08 65.50 -45.89
C ILE G 377 3.43 65.10 -45.33
N CYS G 378 4.46 65.86 -45.69
CA CYS G 378 5.83 65.56 -45.31
C CYS G 378 6.42 66.70 -44.50
N LEU G 379 7.21 66.35 -43.48
CA LEU G 379 7.89 67.32 -42.64
C LEU G 379 9.36 66.98 -42.56
N MET G 380 10.21 67.96 -42.85
CA MET G 380 11.66 67.80 -42.84
C MET G 380 12.26 68.59 -41.68
N GLY G 381 13.08 67.91 -40.88
CA GLY G 381 13.74 68.57 -39.76
C GLY G 381 13.11 68.22 -38.42
N ASP G 382 13.69 67.25 -37.72
CA ASP G 382 13.18 66.76 -36.44
C ASP G 382 13.65 67.59 -35.24
N PRO G 383 14.94 67.99 -35.16
CA PRO G 383 15.35 68.84 -34.02
C PRO G 383 14.68 70.20 -33.98
N GLY G 384 14.11 70.66 -35.08
CA GLY G 384 13.45 71.96 -35.11
C GLY G 384 12.28 72.10 -34.15
N VAL G 385 12.37 73.13 -33.30
CA VAL G 385 11.35 73.58 -32.35
C VAL G 385 10.57 72.42 -31.71
N ALA G 386 11.24 71.28 -31.53
CA ALA G 386 10.66 70.11 -30.85
C ALA G 386 9.31 69.72 -31.46
N LYS G 387 9.23 69.78 -32.79
CA LYS G 387 7.98 69.45 -33.48
C LYS G 387 7.65 67.96 -33.42
N SER G 388 8.53 67.14 -32.85
CA SER G 388 8.19 65.74 -32.68
C SER G 388 7.05 65.56 -31.70
N GLN G 389 6.86 66.53 -30.80
CA GLN G 389 5.85 66.37 -29.75
C GLN G 389 4.45 66.48 -30.33
N LEU G 390 4.26 67.27 -31.38
CA LEU G 390 2.93 67.61 -31.83
C LEU G 390 2.17 66.41 -32.39
N LEU G 391 2.85 65.30 -32.65
CA LEU G 391 2.17 64.15 -33.23
C LEU G 391 1.09 63.62 -32.30
N SER G 392 1.37 63.56 -31.00
CA SER G 392 0.43 62.94 -30.07
C SER G 392 -0.88 63.71 -30.02
N TYR G 393 -0.82 65.04 -30.04
CA TYR G 393 -2.04 65.84 -30.04
C TYR G 393 -2.85 65.59 -31.29
N ILE G 394 -2.18 65.29 -32.42
CA ILE G 394 -2.89 65.02 -33.65
C ILE G 394 -3.75 63.76 -33.50
N ASP G 395 -3.18 62.71 -32.90
CA ASP G 395 -3.92 61.46 -32.75
C ASP G 395 -5.07 61.61 -31.75
N ARG G 396 -4.81 62.29 -30.63
CA ARG G 396 -5.77 62.29 -29.54
C ARG G 396 -7.06 63.03 -29.91
N LEU G 397 -6.94 64.24 -30.44
CA LEU G 397 -8.13 65.05 -30.69
C LEU G 397 -8.96 64.49 -31.84
N ALA G 398 -8.30 64.06 -32.92
CA ALA G 398 -9.00 63.62 -34.12
C ALA G 398 -9.74 62.32 -33.85
N PRO G 399 -10.99 62.20 -34.24
CA PRO G 399 -11.70 60.92 -34.11
C PRO G 399 -11.32 59.97 -35.24
N ARG G 400 -11.64 58.70 -35.03
CA ARG G 400 -11.29 57.65 -35.99
C ARG G 400 -9.82 57.68 -36.31
N SER G 401 -9.00 58.04 -35.32
CA SER G 401 -7.57 58.20 -35.50
C SER G 401 -6.85 57.31 -34.50
N GLN G 402 -5.76 56.70 -34.96
CA GLN G 402 -5.01 55.75 -34.14
C GLN G 402 -3.56 56.20 -34.06
N TYR G 403 -2.98 56.08 -32.88
CA TYR G 403 -1.59 56.44 -32.63
C TYR G 403 -0.68 55.39 -33.25
N THR G 404 0.26 55.83 -34.08
CA THR G 404 1.21 54.94 -34.72
C THR G 404 2.61 55.55 -34.64
N THR G 405 3.61 54.68 -34.66
CA THR G 405 4.99 55.09 -34.62
C THR G 405 5.74 54.55 -35.83
N GLY G 406 6.56 55.41 -36.43
CA GLY G 406 7.36 55.01 -37.56
C GLY G 406 8.39 53.97 -37.22
N ARG G 407 8.95 54.06 -36.02
CA ARG G 407 10.06 53.25 -35.56
C ARG G 407 9.59 52.24 -34.52
N GLY G 408 8.42 51.65 -34.75
CA GLY G 408 7.84 50.72 -33.79
C GLY G 408 8.27 49.28 -33.97
N SER G 409 8.84 48.95 -35.12
CA SER G 409 9.36 47.60 -35.36
C SER G 409 10.44 47.69 -36.43
N SER G 410 10.97 46.53 -36.80
CA SER G 410 11.99 46.46 -37.85
C SER G 410 11.30 46.29 -39.20
N GLY G 411 12.09 46.02 -40.24
CA GLY G 411 11.52 45.75 -41.55
C GLY G 411 10.77 44.43 -41.65
N VAL G 412 11.00 43.50 -40.72
CA VAL G 412 10.29 42.23 -40.71
C VAL G 412 8.82 42.40 -40.34
N GLY G 413 8.44 43.56 -39.78
CA GLY G 413 7.08 43.76 -39.31
C GLY G 413 6.03 43.75 -40.42
N LEU G 414 6.43 44.02 -41.66
CA LEU G 414 5.52 43.99 -42.79
C LEU G 414 5.58 42.68 -43.56
N THR G 415 6.78 42.12 -43.74
CA THR G 415 6.94 40.84 -44.42
C THR G 415 6.84 39.71 -43.40
N ALA G 416 7.23 38.51 -43.81
CA ALA G 416 7.18 37.34 -42.94
C ALA G 416 8.59 36.82 -42.67
N ALA G 417 8.82 36.43 -41.43
CA ALA G 417 10.09 35.88 -40.99
C ALA G 417 9.83 34.71 -40.04
N VAL G 418 10.91 34.12 -39.55
CA VAL G 418 10.83 32.95 -38.68
C VAL G 418 11.44 33.33 -37.33
N LEU G 419 10.61 33.36 -36.30
CA LEU G 419 11.05 33.60 -34.93
C LEU G 419 10.42 32.55 -34.02
N ARG G 420 10.97 32.42 -32.82
CA ARG G 420 10.44 31.46 -31.87
C ARG G 420 9.15 32.00 -31.24
N ASP G 421 8.16 31.13 -31.10
CA ASP G 421 6.89 31.46 -30.47
C ASP G 421 6.47 30.30 -29.57
N SER G 422 5.64 30.62 -28.57
CA SER G 422 5.14 29.65 -27.62
C SER G 422 3.63 29.47 -27.69
N VAL G 423 2.88 30.58 -27.75
CA VAL G 423 1.42 30.50 -27.70
C VAL G 423 0.87 29.95 -29.01
N SER G 424 1.10 30.66 -30.10
CA SER G 424 0.49 30.30 -31.38
C SER G 424 1.19 30.98 -32.56
N GLY G 425 0.74 30.68 -33.76
CA GLY G 425 1.27 31.31 -34.97
C GLY G 425 2.15 30.42 -35.81
N GLU G 426 1.57 29.84 -36.87
CA GLU G 426 2.31 29.09 -37.87
C GLU G 426 2.18 29.83 -39.20
N LEU G 427 3.31 30.10 -39.86
CA LEU G 427 3.34 30.86 -41.10
C LEU G 427 2.72 32.24 -40.90
N THR G 428 3.37 33.03 -40.05
CA THR G 428 2.80 34.29 -39.61
C THR G 428 2.74 35.30 -40.75
N LEU G 429 1.56 35.89 -40.92
CA LEU G 429 1.34 36.97 -41.85
C LEU G 429 0.84 38.19 -41.10
N GLU G 430 1.60 39.28 -41.17
CA GLU G 430 1.32 40.47 -40.37
C GLU G 430 1.68 41.71 -41.16
N GLY G 431 1.10 42.85 -40.74
CA GLY G 431 1.36 44.13 -41.36
C GLY G 431 2.05 45.08 -40.38
N GLY G 432 2.45 46.21 -40.91
CA GLY G 432 3.19 47.21 -40.17
C GLY G 432 2.29 48.28 -39.58
N ALA G 433 2.87 49.46 -39.36
CA ALA G 433 2.09 50.57 -38.81
C ALA G 433 1.08 51.10 -39.81
N LEU G 434 1.42 51.04 -41.10
CA LEU G 434 0.53 51.60 -42.12
C LEU G 434 -0.82 50.89 -42.13
N VAL G 435 -0.80 49.55 -42.10
CA VAL G 435 -2.04 48.79 -42.10
C VAL G 435 -2.78 48.96 -40.78
N LEU G 436 -2.04 49.20 -39.70
CA LEU G 436 -2.66 49.25 -38.38
C LEU G 436 -3.69 50.36 -38.28
N ALA G 437 -3.39 51.53 -38.84
CA ALA G 437 -4.33 52.66 -38.85
C ALA G 437 -5.19 52.57 -40.10
N ASP G 438 -6.42 52.07 -39.93
CA ASP G 438 -7.32 51.82 -41.04
C ASP G 438 -8.09 53.09 -41.38
N GLN G 439 -7.72 53.74 -42.48
CA GLN G 439 -8.37 54.96 -42.94
C GLN G 439 -8.39 56.03 -41.86
N GLY G 440 -7.33 56.10 -41.06
CA GLY G 440 -7.22 57.09 -40.01
C GLY G 440 -6.07 58.04 -40.22
N VAL G 441 -5.36 58.36 -39.14
CA VAL G 441 -4.18 59.20 -39.18
C VAL G 441 -2.96 58.34 -38.93
N CYS G 442 -2.02 58.33 -39.88
CA CYS G 442 -0.82 57.52 -39.80
C CYS G 442 0.36 58.39 -39.43
N CYS G 443 1.06 58.04 -38.36
CA CYS G 443 2.21 58.80 -37.89
C CYS G 443 3.48 57.98 -38.08
N ILE G 444 4.46 58.57 -38.76
CA ILE G 444 5.72 57.91 -39.07
C ILE G 444 6.86 58.80 -38.60
N ASP G 445 7.75 58.24 -37.78
CA ASP G 445 8.89 58.96 -37.24
C ASP G 445 10.19 58.33 -37.71
N GLU G 446 11.26 59.12 -37.67
CA GLU G 446 12.61 58.66 -38.00
C GLU G 446 12.66 57.98 -39.37
N PHE G 447 12.26 58.75 -40.39
CA PHE G 447 12.25 58.23 -41.75
C PHE G 447 13.65 57.87 -42.22
N ASP G 448 14.66 58.65 -41.82
CA ASP G 448 16.02 58.42 -42.32
C ASP G 448 16.55 57.06 -41.91
N LYS G 449 16.30 56.64 -40.67
CA LYS G 449 16.89 55.41 -40.16
C LYS G 449 16.32 54.16 -40.82
N MET G 450 15.23 54.28 -41.59
CA MET G 450 14.65 53.13 -42.27
C MET G 450 15.64 52.60 -43.30
N ALA G 451 15.73 51.28 -43.43
CA ALA G 451 16.62 50.66 -44.39
C ALA G 451 16.14 50.95 -45.82
N GLU G 452 17.01 50.63 -46.79
CA GLU G 452 16.70 50.88 -48.19
C GLU G 452 15.44 50.13 -48.65
N ALA G 453 15.30 48.87 -48.25
CA ALA G 453 14.14 48.09 -48.69
C ALA G 453 12.83 48.71 -48.19
N ASP G 454 12.80 49.13 -46.92
CA ASP G 454 11.61 49.76 -46.37
C ASP G 454 11.23 51.02 -47.13
N ARG G 455 12.22 51.76 -47.60
CA ARG G 455 11.95 52.94 -48.41
C ARG G 455 11.17 52.62 -49.67
N THR G 456 11.51 51.52 -50.34
CA THR G 456 10.71 51.08 -51.47
C THR G 456 9.29 50.73 -51.05
N ALA G 457 9.14 50.13 -49.86
CA ALA G 457 7.81 49.80 -49.37
C ALA G 457 6.95 51.05 -49.23
N ILE G 458 7.56 52.13 -48.75
CA ILE G 458 6.84 53.41 -48.71
C ILE G 458 6.50 53.87 -50.11
N HIS G 459 7.46 53.79 -51.02
CA HIS G 459 7.24 54.30 -52.37
C HIS G 459 6.14 53.56 -53.10
N GLU G 460 6.01 52.26 -52.86
CA GLU G 460 4.93 51.51 -53.49
C GLU G 460 3.58 51.90 -52.91
N VAL G 461 3.57 52.41 -51.68
CA VAL G 461 2.34 52.95 -51.12
C VAL G 461 1.95 54.23 -51.86
N MET G 462 2.95 55.02 -52.26
CA MET G 462 2.69 56.27 -52.95
C MET G 462 1.95 56.07 -54.26
N GLU G 463 2.05 54.89 -54.86
CA GLU G 463 1.45 54.63 -56.16
C GLU G 463 0.03 54.09 -56.05
N GLN G 464 -0.70 54.51 -55.01
CA GLN G 464 -2.10 54.15 -54.82
C GLN G 464 -2.27 52.65 -54.66
N GLN G 465 -1.71 52.09 -53.58
CA GLN G 465 -1.99 50.72 -53.16
C GLN G 465 -1.62 49.70 -54.23
N THR G 466 -0.35 49.67 -54.61
CA THR G 466 0.18 48.73 -55.60
C THR G 466 1.35 47.96 -55.01
N ILE G 467 1.13 47.36 -53.84
CA ILE G 467 2.19 46.67 -53.11
C ILE G 467 2.46 45.31 -53.73
N SER G 468 3.50 45.23 -54.56
CA SER G 468 3.89 43.99 -55.20
C SER G 468 5.13 43.42 -54.53
N ILE G 469 5.06 42.13 -54.17
CA ILE G 469 6.16 41.41 -53.53
C ILE G 469 6.57 40.26 -54.43
N ALA G 470 7.88 40.16 -54.69
CA ALA G 470 8.42 39.15 -55.58
C ALA G 470 8.99 37.95 -54.81
N LYS G 471 8.55 37.77 -53.56
CA LYS G 471 9.00 36.63 -52.77
C LYS G 471 7.99 35.49 -52.94
N ALA G 472 8.51 34.26 -52.89
CA ALA G 472 7.73 33.09 -53.30
C ALA G 472 6.50 32.89 -52.41
N GLY G 473 6.68 33.05 -51.10
CA GLY G 473 5.61 32.74 -50.17
C GLY G 473 4.60 33.84 -49.92
N ILE G 474 4.95 35.09 -50.23
CA ILE G 474 4.09 36.23 -49.94
C ILE G 474 3.74 36.93 -51.24
N LEU G 475 2.45 37.00 -51.54
CA LEU G 475 1.93 37.65 -52.74
C LEU G 475 0.70 38.47 -52.39
N THR G 476 0.72 39.09 -51.21
CA THR G 476 -0.44 39.84 -50.74
C THR G 476 -0.53 41.20 -51.42
N THR G 477 -1.72 41.80 -51.34
CA THR G 477 -2.00 43.13 -51.88
C THR G 477 -2.52 43.98 -50.73
N LEU G 478 -1.67 44.84 -50.19
CA LEU G 478 -2.02 45.64 -49.04
C LEU G 478 -2.92 46.81 -49.44
N ASN G 479 -3.86 47.14 -48.56
CA ASN G 479 -4.84 48.20 -48.79
C ASN G 479 -4.55 49.36 -47.85
N ALA G 480 -3.76 50.30 -48.35
CA ALA G 480 -3.38 51.51 -47.59
C ALA G 480 -4.30 52.65 -48.00
N ARG G 481 -5.19 53.04 -47.09
CA ARG G 481 -6.13 54.14 -47.34
C ARG G 481 -6.12 55.18 -46.25
N CYS G 482 -5.19 55.13 -45.31
CA CYS G 482 -5.12 56.13 -44.26
C CYS G 482 -4.54 57.43 -44.81
N SER G 483 -4.27 58.37 -43.90
CA SER G 483 -3.57 59.61 -44.21
C SER G 483 -2.19 59.55 -43.59
N ILE G 484 -1.16 59.74 -44.41
CA ILE G 484 0.21 59.50 -44.00
C ILE G 484 0.88 60.82 -43.66
N LEU G 485 1.37 60.94 -42.43
CA LEU G 485 2.19 62.07 -42.02
C LEU G 485 3.60 61.56 -41.77
N ALA G 486 4.59 62.26 -42.33
CA ALA G 486 5.98 61.85 -42.27
C ALA G 486 6.82 62.96 -41.64
N ALA G 487 7.68 62.57 -40.70
CA ALA G 487 8.66 63.47 -40.10
C ALA G 487 10.06 62.92 -40.40
N ALA G 488 10.93 63.79 -40.90
CA ALA G 488 12.25 63.36 -41.33
C ALA G 488 13.33 64.24 -40.69
N ASN G 489 14.32 63.59 -40.10
CA ASN G 489 15.48 64.30 -39.60
C ASN G 489 16.28 64.89 -40.75
N PRO G 490 16.96 66.01 -40.54
CA PRO G 490 17.80 66.56 -41.59
C PRO G 490 19.11 65.81 -41.72
N ALA G 491 19.83 66.10 -42.81
CA ALA G 491 21.07 65.40 -43.10
C ALA G 491 22.20 65.85 -42.18
N TYR G 492 22.29 65.20 -41.01
CA TYR G 492 23.35 65.42 -40.02
C TYR G 492 23.75 66.89 -39.91
N GLY G 493 22.75 67.74 -39.75
CA GLY G 493 22.97 69.17 -39.60
C GLY G 493 22.00 69.96 -40.44
N ARG G 494 21.91 71.25 -40.12
CA ARG G 494 21.04 72.15 -40.84
C ARG G 494 21.56 72.38 -42.26
N TYR G 495 20.63 72.58 -43.18
CA TYR G 495 20.99 72.77 -44.59
C TYR G 495 21.88 74.00 -44.75
N ASN G 496 22.85 73.89 -45.66
CA ASN G 496 23.80 74.95 -45.93
C ASN G 496 23.62 75.41 -47.37
N PRO G 497 23.37 76.70 -47.60
CA PRO G 497 23.14 77.19 -48.98
C PRO G 497 24.33 76.97 -49.91
N ARG G 498 25.56 77.08 -49.40
CA ARG G 498 26.72 77.05 -50.27
C ARG G 498 26.82 75.74 -51.04
N ARG G 499 26.26 74.67 -50.50
CA ARG G 499 26.27 73.39 -51.17
C ARG G 499 25.32 73.42 -52.36
N SER G 500 25.83 73.08 -53.53
CA SER G 500 25.03 73.06 -54.76
C SER G 500 24.23 71.76 -54.83
N LEU G 501 23.67 71.47 -56.01
CA LEU G 501 22.87 70.27 -56.17
C LEU G 501 23.73 69.02 -56.07
N GLU G 502 23.07 67.87 -55.96
CA GLU G 502 23.65 66.54 -55.77
C GLU G 502 24.32 66.39 -54.42
N GLN G 503 24.47 67.46 -53.65
CA GLN G 503 25.00 67.42 -52.30
C GLN G 503 24.06 68.04 -51.28
N ASN G 504 23.33 69.08 -51.66
CA ASN G 504 22.56 69.85 -50.70
C ASN G 504 21.46 69.04 -50.03
N ILE G 505 20.74 68.22 -50.78
CA ILE G 505 19.69 67.39 -50.23
C ILE G 505 20.15 65.95 -50.25
N GLN G 506 20.00 65.28 -49.10
CA GLN G 506 20.49 63.91 -48.95
C GLN G 506 19.43 62.85 -49.14
N LEU G 507 18.21 63.08 -48.66
CA LEU G 507 17.13 62.15 -48.96
C LEU G 507 16.83 62.20 -50.44
N PRO G 508 16.48 61.08 -51.08
CA PRO G 508 16.21 61.10 -52.53
C PRO G 508 15.17 62.14 -52.91
N ALA G 509 15.49 62.91 -53.95
CA ALA G 509 14.61 64.01 -54.36
C ALA G 509 13.33 63.48 -54.99
N ALA G 510 13.42 62.43 -55.81
CA ALA G 510 12.24 61.88 -56.45
C ALA G 510 11.25 61.39 -55.41
N LEU G 511 11.75 60.82 -54.31
CA LEU G 511 10.87 60.42 -53.22
C LEU G 511 10.09 61.62 -52.70
N LEU G 512 10.77 62.74 -52.47
CA LEU G 512 10.08 63.93 -52.01
C LEU G 512 9.09 64.44 -53.05
N SER G 513 9.37 64.22 -54.33
CA SER G 513 8.50 64.74 -55.37
C SER G 513 7.10 64.17 -55.25
N ARG G 514 6.99 62.88 -54.94
CA ARG G 514 5.69 62.23 -54.84
C ARG G 514 4.83 62.83 -53.74
N PHE G 515 5.44 63.40 -52.71
CA PHE G 515 4.69 63.95 -51.59
C PHE G 515 3.98 65.23 -52.02
N ASP G 516 2.75 65.41 -51.52
CA ASP G 516 1.96 66.56 -51.93
C ASP G 516 2.43 67.84 -51.25
N LEU G 517 2.82 67.77 -49.99
CA LEU G 517 3.25 68.95 -49.25
C LEU G 517 4.58 68.67 -48.56
N LEU G 518 5.48 69.65 -48.61
CA LEU G 518 6.81 69.56 -48.02
C LEU G 518 7.02 70.77 -47.11
N TRP G 519 7.43 70.51 -45.87
CA TRP G 519 7.65 71.57 -44.90
C TRP G 519 9.00 71.41 -44.23
N LEU G 520 9.77 72.50 -44.18
CA LEU G 520 11.05 72.52 -43.49
C LEU G 520 11.18 73.85 -42.75
N ILE G 521 11.71 73.79 -41.54
CA ILE G 521 11.82 74.96 -40.67
C ILE G 521 13.29 75.18 -40.36
N GLN G 522 13.79 76.38 -40.64
CA GLN G 522 15.16 76.74 -40.30
C GLN G 522 15.16 77.67 -39.09
N ASP G 523 15.96 77.35 -38.08
CA ASP G 523 16.06 78.16 -36.87
C ASP G 523 16.96 79.36 -37.14
N ARG G 524 16.39 80.34 -37.85
CA ARG G 524 17.15 81.52 -38.24
C ARG G 524 17.22 82.51 -37.08
N PRO G 525 18.28 83.29 -36.99
CA PRO G 525 18.39 84.26 -35.89
C PRO G 525 17.47 85.46 -36.10
N ASP G 526 16.18 85.24 -35.95
CA ASP G 526 15.17 86.28 -36.15
C ASP G 526 14.92 86.92 -34.78
N ARG G 527 15.68 87.98 -34.50
CA ARG G 527 15.65 88.57 -33.16
C ARG G 527 14.25 88.97 -32.74
N ASP G 528 13.41 89.37 -33.71
CA ASP G 528 12.01 89.64 -33.41
C ASP G 528 11.31 88.36 -32.95
N ASN G 529 11.54 87.25 -33.66
CA ASN G 529 10.92 85.98 -33.28
C ASN G 529 11.66 85.33 -32.12
N ASP G 530 12.98 85.54 -32.05
CA ASP G 530 13.76 84.89 -31.00
C ASP G 530 13.32 85.35 -29.62
N LEU G 531 12.90 86.61 -29.50
CA LEU G 531 12.41 87.10 -28.23
C LEU G 531 11.08 86.45 -27.85
N ARG G 532 10.27 86.10 -28.86
CA ARG G 532 8.97 85.50 -28.59
C ARG G 532 9.11 84.15 -27.90
N LEU G 533 10.09 83.34 -28.32
CA LEU G 533 10.28 82.05 -27.69
C LEU G 533 10.66 82.21 -26.21
N ALA G 534 11.53 83.17 -25.92
CA ALA G 534 11.96 83.36 -24.53
C ALA G 534 10.79 83.77 -23.65
N GLN G 535 9.89 84.62 -24.16
CA GLN G 535 8.77 85.08 -23.35
C GLN G 535 7.86 83.93 -22.95
N HIS G 536 7.62 82.98 -23.86
CA HIS G 536 6.68 81.91 -23.54
C HIS G 536 7.28 80.88 -22.60
N ILE G 537 8.57 80.60 -22.73
CA ILE G 537 9.15 79.63 -21.81
C ILE G 537 9.28 80.22 -20.42
N THR G 538 9.31 81.55 -20.29
CA THR G 538 9.38 82.15 -18.98
C THR G 538 8.06 82.02 -18.22
N TYR G 539 6.93 82.07 -18.95
CA TYR G 539 5.63 81.95 -18.29
C TYR G 539 5.38 80.52 -17.84
N VAL G 540 6.16 79.56 -18.34
CA VAL G 540 6.15 78.23 -17.77
C VAL G 540 6.67 78.31 -16.34
N HIS G 541 6.25 77.35 -15.51
CA HIS G 541 6.65 77.27 -14.11
C HIS G 541 6.07 78.43 -13.32
N GLN G 542 5.18 79.21 -13.93
CA GLN G 542 4.57 80.34 -13.24
C GLN G 542 3.17 80.05 -12.77
N HIS G 543 2.40 79.26 -13.52
CA HIS G 543 1.04 78.88 -13.15
C HIS G 543 0.66 77.64 -13.97
N SER G 544 -0.57 77.18 -13.76
CA SER G 544 -1.06 75.96 -14.38
C SER G 544 -1.75 76.21 -15.72
N ARG G 545 -1.81 77.46 -16.19
CA ARG G 545 -2.45 77.77 -17.46
C ARG G 545 -1.38 77.82 -18.54
N GLN G 546 -1.16 76.68 -19.19
CA GLN G 546 -0.23 76.57 -20.30
C GLN G 546 -0.62 77.48 -21.46
N PRO G 547 -1.91 77.55 -21.85
CA PRO G 547 -2.34 78.55 -22.84
C PRO G 547 -2.79 79.84 -22.18
N PRO G 548 -1.87 80.77 -21.86
CA PRO G 548 -2.26 81.92 -21.03
C PRO G 548 -3.33 82.82 -21.67
N SER G 549 -3.59 82.68 -22.97
CA SER G 549 -4.58 83.52 -23.64
C SER G 549 -6.01 83.01 -23.38
N GLN G 550 -6.31 82.84 -22.08
CA GLN G 550 -7.62 82.52 -21.53
C GLN G 550 -8.38 81.42 -22.30
N PHE G 551 -7.66 80.49 -22.90
CA PHE G 551 -8.28 79.34 -23.56
C PHE G 551 -8.31 78.17 -22.59
N GLU G 552 -9.51 77.70 -22.26
CA GLU G 552 -9.66 76.54 -21.38
C GLU G 552 -9.56 75.25 -22.19
N PRO G 553 -8.89 74.21 -21.68
CA PRO G 553 -8.75 72.97 -22.46
C PRO G 553 -10.10 72.33 -22.82
N LEU G 554 -11.10 72.46 -21.95
CA LEU G 554 -12.44 71.93 -22.18
C LEU G 554 -12.45 70.40 -22.20
N ASP G 555 -13.64 69.81 -22.13
CA ASP G 555 -13.80 68.36 -22.18
C ASP G 555 -13.75 67.87 -23.62
N MET G 556 -13.16 66.70 -23.83
CA MET G 556 -13.08 66.14 -25.17
C MET G 556 -14.46 65.72 -25.67
N LYS G 557 -15.40 65.50 -24.76
CA LYS G 557 -16.75 65.11 -25.17
C LYS G 557 -17.43 66.19 -25.99
N LEU G 558 -17.30 67.45 -25.57
CA LEU G 558 -18.01 68.54 -26.23
C LEU G 558 -17.51 68.75 -27.65
N MET G 559 -16.18 68.71 -27.85
CA MET G 559 -15.63 68.97 -29.18
C MET G 559 -15.99 67.87 -30.17
N ARG G 560 -15.94 66.61 -29.72
CA ARG G 560 -16.21 65.49 -30.61
C ARG G 560 -17.67 65.49 -31.06
N ARG G 561 -18.60 65.77 -30.14
CA ARG G 561 -20.02 65.73 -30.49
C ARG G 561 -20.38 66.76 -31.53
N TYR G 562 -19.84 67.99 -31.41
CA TYR G 562 -20.13 69.02 -32.40
C TYR G 562 -19.55 68.68 -33.77
N ILE G 563 -18.34 68.10 -33.80
CA ILE G 563 -17.70 67.77 -35.07
C ILE G 563 -18.46 66.69 -35.82
N ALA G 564 -19.04 65.71 -35.12
CA ALA G 564 -19.65 64.55 -35.76
C ALA G 564 -20.84 64.95 -36.63
N MET G 565 -21.68 65.87 -36.14
CA MET G 565 -22.87 66.25 -36.90
C MET G 565 -22.51 67.05 -38.14
N CYS G 566 -21.32 67.65 -38.15
CA CYS G 566 -20.89 68.42 -39.33
C CYS G 566 -20.61 67.52 -40.52
N ARG G 567 -20.27 66.26 -40.29
CA ARG G 567 -19.97 65.35 -41.38
C ARG G 567 -21.21 65.08 -42.23
N GLU G 568 -22.39 65.07 -41.61
CA GLU G 568 -23.64 64.74 -42.29
C GLU G 568 -24.04 65.75 -43.36
N LYS G 569 -23.55 66.98 -43.28
CA LYS G 569 -23.96 68.00 -44.26
C LYS G 569 -23.43 67.68 -45.65
N GLN G 570 -22.14 67.29 -45.73
CA GLN G 570 -21.48 66.90 -46.98
C GLN G 570 -21.62 67.96 -48.07
N PRO G 571 -21.01 69.13 -47.91
CA PRO G 571 -21.06 70.14 -48.97
C PRO G 571 -20.20 69.74 -50.17
N MET G 572 -20.54 70.32 -51.32
CA MET G 572 -19.85 70.02 -52.56
C MET G 572 -19.37 71.31 -53.21
N VAL G 573 -18.08 71.35 -53.54
CA VAL G 573 -17.46 72.53 -54.14
C VAL G 573 -17.97 72.70 -55.57
N PRO G 574 -17.95 73.91 -56.12
CA PRO G 574 -18.42 74.11 -57.51
C PRO G 574 -17.29 73.93 -58.51
N GLU G 575 -17.57 73.18 -59.58
CA GLU G 575 -16.57 72.93 -60.62
C GLU G 575 -16.24 74.16 -61.45
N SER G 576 -17.19 75.08 -61.63
CA SER G 576 -16.96 76.23 -62.51
C SER G 576 -15.81 77.09 -62.01
N LEU G 577 -15.65 77.21 -60.69
CA LEU G 577 -14.63 78.07 -60.10
C LEU G 577 -13.22 77.65 -60.46
N ALA G 578 -13.03 76.42 -60.93
CA ALA G 578 -11.69 75.92 -61.23
C ALA G 578 -11.01 76.75 -62.30
N ASP G 579 -11.79 77.37 -63.18
CA ASP G 579 -11.20 78.15 -64.27
C ASP G 579 -10.32 79.26 -63.73
N TYR G 580 -10.65 79.80 -62.56
CA TYR G 580 -9.83 80.84 -61.97
C TYR G 580 -8.43 80.32 -61.62
N ILE G 581 -8.36 79.08 -61.13
CA ILE G 581 -7.12 78.57 -60.58
C ILE G 581 -6.04 78.47 -61.64
N THR G 582 -6.44 78.20 -62.90
CA THR G 582 -5.48 77.85 -63.93
C THR G 582 -4.39 78.90 -64.08
N ALA G 583 -4.73 80.17 -63.85
CA ALA G 583 -3.75 81.24 -64.01
C ALA G 583 -2.59 81.08 -63.04
N ALA G 584 -2.84 80.48 -61.87
CA ALA G 584 -1.79 80.40 -60.85
C ALA G 584 -0.61 79.56 -61.32
N TYR G 585 -0.88 78.50 -62.07
CA TYR G 585 0.21 77.68 -62.62
C TYR G 585 1.07 78.50 -63.56
N VAL G 586 0.48 79.46 -64.28
CA VAL G 586 1.23 80.19 -65.29
C VAL G 586 2.36 80.99 -64.65
N GLU G 587 2.04 81.75 -63.60
CA GLU G 587 3.05 82.60 -62.98
C GLU G 587 4.10 81.77 -62.25
N MET G 588 3.71 80.58 -61.78
CA MET G 588 4.65 79.73 -61.08
C MET G 588 5.78 79.27 -61.99
N ARG G 589 5.47 79.03 -63.26
CA ARG G 589 6.47 78.50 -64.18
C ARG G 589 7.65 79.46 -64.34
N ARG G 590 7.39 80.76 -64.44
CA ARG G 590 8.47 81.73 -64.56
C ARG G 590 9.41 81.65 -63.37
N GLU G 591 8.84 81.56 -62.17
CA GLU G 591 9.67 81.47 -60.97
C GLU G 591 10.45 80.17 -60.93
N ALA G 592 9.82 79.05 -61.34
CA ALA G 592 10.49 77.76 -61.30
C ALA G 592 11.69 77.74 -62.23
N TRP G 593 11.56 78.31 -63.43
CA TRP G 593 12.66 78.29 -64.37
C TRP G 593 13.79 79.23 -63.94
N ALA G 594 13.45 80.43 -63.47
CA ALA G 594 14.48 81.42 -63.16
C ALA G 594 15.27 81.06 -61.91
N SER G 595 14.61 80.52 -60.89
CA SER G 595 15.28 80.27 -59.62
C SER G 595 16.36 79.20 -59.76
N LYS G 596 16.06 78.11 -60.46
CA LYS G 596 16.95 76.95 -60.57
C LYS G 596 17.33 76.44 -59.18
N ASP G 597 16.36 76.43 -58.27
CA ASP G 597 16.58 76.03 -56.90
C ASP G 597 16.56 74.51 -56.79
N ALA G 598 16.90 73.99 -55.60
CA ALA G 598 16.90 72.54 -55.41
C ALA G 598 15.48 71.98 -55.39
N THR G 599 14.55 72.66 -54.71
CA THR G 599 13.15 72.24 -54.73
C THR G 599 12.51 72.57 -56.07
N TYR G 600 11.71 71.64 -56.59
CA TYR G 600 11.04 71.83 -57.86
C TYR G 600 9.62 71.27 -57.76
N THR G 601 8.68 71.94 -58.40
CA THR G 601 7.29 71.51 -58.44
C THR G 601 6.89 71.28 -59.89
N SER G 602 5.65 70.85 -60.09
CA SER G 602 5.15 70.53 -61.42
C SER G 602 3.62 70.60 -61.38
N ALA G 603 2.99 69.91 -62.33
CA ALA G 603 1.54 69.94 -62.43
C ALA G 603 0.89 69.35 -61.19
N ARG G 604 1.66 68.63 -60.37
CA ARG G 604 1.15 68.12 -59.11
C ARG G 604 0.55 69.22 -58.24
N THR G 605 1.04 70.44 -58.36
CA THR G 605 0.48 71.54 -57.57
C THR G 605 -1.00 71.73 -57.91
N LEU G 606 -1.33 71.71 -59.21
CA LEU G 606 -2.74 71.75 -59.60
C LEU G 606 -3.49 70.57 -59.01
N LEU G 607 -2.86 69.39 -59.02
CA LEU G 607 -3.47 68.24 -58.36
C LEU G 607 -3.68 68.52 -56.88
N ALA G 608 -2.67 69.12 -56.24
CA ALA G 608 -2.77 69.39 -54.81
C ALA G 608 -3.79 70.49 -54.54
N ILE G 609 -3.80 71.54 -55.35
CA ILE G 609 -4.58 72.73 -55.03
C ILE G 609 -6.06 72.38 -54.94
N LEU G 610 -6.57 71.64 -55.92
CA LEU G 610 -7.98 71.29 -55.91
C LEU G 610 -8.33 70.47 -54.68
N ARG G 611 -7.47 69.53 -54.31
CA ARG G 611 -7.66 68.79 -53.07
C ARG G 611 -7.55 69.72 -51.87
N LEU G 612 -6.55 70.62 -51.88
CA LEU G 612 -6.35 71.50 -50.73
C LEU G 612 -7.54 72.43 -50.55
N SER G 613 -8.02 73.02 -51.64
CA SER G 613 -9.16 73.91 -51.55
C SER G 613 -10.40 73.16 -51.09
N THR G 614 -10.44 71.85 -51.34
CA THR G 614 -11.65 71.07 -51.05
C THR G 614 -11.99 71.09 -49.57
N ALA G 615 -11.00 70.89 -48.72
CA ALA G 615 -11.26 70.83 -47.29
C ALA G 615 -11.64 72.18 -46.71
N LEU G 616 -11.00 73.26 -47.16
CA LEU G 616 -11.15 74.55 -46.51
C LEU G 616 -12.60 75.02 -46.52
N ALA G 617 -13.31 74.78 -47.63
CA ALA G 617 -14.67 75.27 -47.79
C ALA G 617 -15.65 74.64 -46.81
N ARG G 618 -15.26 73.58 -46.11
CA ARG G 618 -16.19 72.90 -45.22
C ARG G 618 -16.61 73.79 -44.05
N LEU G 619 -15.78 74.79 -43.71
CA LEU G 619 -16.17 75.71 -42.65
C LEU G 619 -17.39 76.53 -43.04
N ARG G 620 -17.38 77.11 -44.24
CA ARG G 620 -18.53 77.87 -44.75
C ARG G 620 -19.31 76.99 -45.71
N MET G 621 -20.43 76.46 -45.23
CA MET G 621 -21.25 75.54 -46.02
C MET G 621 -22.25 76.33 -46.86
N VAL G 622 -21.70 77.08 -47.82
CA VAL G 622 -22.52 77.83 -48.77
C VAL G 622 -22.35 77.30 -50.18
N ASP G 623 -21.12 77.24 -50.68
CA ASP G 623 -20.72 76.63 -51.93
C ASP G 623 -21.42 77.22 -53.15
N VAL G 624 -21.75 78.52 -53.16
CA VAL G 624 -22.33 79.16 -54.32
C VAL G 624 -21.27 80.09 -54.90
N VAL G 625 -20.80 81.04 -54.10
CA VAL G 625 -19.66 81.87 -54.48
C VAL G 625 -18.68 81.90 -53.31
N GLU G 626 -17.51 81.32 -53.49
CA GLU G 626 -16.47 81.24 -52.47
C GLU G 626 -15.11 81.49 -53.10
N LYS G 627 -14.56 82.68 -52.85
CA LYS G 627 -13.27 83.02 -53.44
C LYS G 627 -12.16 83.06 -52.39
N GLU G 628 -12.46 83.59 -51.21
CA GLU G 628 -11.42 83.73 -50.19
C GLU G 628 -10.88 82.37 -49.76
N ASP G 629 -11.76 81.37 -49.63
CA ASP G 629 -11.32 80.06 -49.19
C ASP G 629 -10.32 79.44 -50.16
N VAL G 630 -10.61 79.52 -51.46
CA VAL G 630 -9.72 78.96 -52.47
C VAL G 630 -8.41 79.72 -52.48
N ASN G 631 -8.48 81.05 -52.41
CA ASN G 631 -7.27 81.86 -52.53
C ASN G 631 -6.30 81.58 -51.38
N GLU G 632 -6.82 81.30 -50.20
CA GLU G 632 -5.96 81.10 -49.04
C GLU G 632 -5.03 79.91 -49.25
N ALA G 633 -5.54 78.84 -49.88
CA ALA G 633 -4.70 77.67 -50.12
C ALA G 633 -3.51 78.01 -51.01
N ILE G 634 -3.73 78.87 -52.01
CA ILE G 634 -2.63 79.35 -52.82
C ILE G 634 -1.63 80.12 -51.95
N ARG G 635 -2.16 80.98 -51.07
CA ARG G 635 -1.29 81.78 -50.22
C ARG G 635 -0.49 80.90 -49.27
N LEU G 636 -1.04 79.75 -48.88
CA LEU G 636 -0.31 78.85 -47.99
C LEU G 636 0.93 78.29 -48.67
N MET G 637 0.83 77.95 -49.95
CA MET G 637 1.99 77.45 -50.67
C MET G 637 3.08 78.52 -50.78
N GLU G 638 2.69 79.76 -51.04
CA GLU G 638 3.66 80.82 -51.27
C GLU G 638 4.41 81.17 -49.99
N MET G 639 3.77 81.03 -48.84
CA MET G 639 4.42 81.39 -47.58
C MET G 639 5.63 80.52 -47.29
N SER G 640 5.51 79.21 -47.51
CA SER G 640 6.61 78.29 -47.16
C SER G 640 7.79 78.41 -48.12
N LYS G 641 7.54 78.43 -49.42
CA LYS G 641 8.63 78.52 -50.38
C LYS G 641 9.10 79.96 -50.51
N ASP G 642 10.40 80.14 -50.77
CA ASP G 642 11.01 81.45 -50.97
C ASP G 642 10.82 82.36 -49.76
N SER G 643 11.20 81.87 -48.57
CA SER G 643 11.06 82.66 -47.35
C SER G 643 11.99 83.87 -47.30
N LEU G 644 13.06 83.87 -48.09
CA LEU G 644 14.00 84.99 -48.10
C LEU G 644 13.43 86.18 -48.84
N PRO H 191 22.20 -46.46 23.42
CA PRO H 191 23.53 -46.83 23.89
C PRO H 191 24.62 -46.35 22.94
N ARG H 192 24.99 -47.20 22.00
CA ARG H 192 25.96 -46.88 20.98
C ARG H 192 25.29 -46.81 19.61
N LEU H 193 26.08 -46.50 18.59
CA LEU H 193 25.59 -46.49 17.22
C LEU H 193 26.25 -47.55 16.36
N GLU H 194 27.29 -48.22 16.86
CA GLU H 194 28.00 -49.20 16.04
C GLU H 194 27.28 -50.54 16.03
N ILE H 195 26.21 -50.68 16.84
CA ILE H 195 25.53 -51.96 16.95
C ILE H 195 24.78 -52.31 15.66
N HIS H 196 24.37 -51.32 14.88
CA HIS H 196 23.72 -51.61 13.61
C HIS H 196 24.66 -52.31 12.65
N HIS H 197 25.91 -51.85 12.59
CA HIS H 197 26.91 -52.52 11.75
C HIS H 197 27.18 -53.93 12.24
N ARG H 198 27.24 -54.14 13.55
CA ARG H 198 27.46 -55.47 14.08
C ARG H 198 26.29 -56.39 13.76
N PHE H 199 25.06 -55.88 13.81
CA PHE H 199 23.92 -56.65 13.33
C PHE H 199 24.05 -56.99 11.85
N LYS H 200 24.45 -56.03 11.03
CA LYS H 200 24.60 -56.27 9.61
C LYS H 200 25.62 -57.37 9.35
N ASN H 201 26.71 -57.36 10.11
CA ASN H 201 27.73 -58.41 9.95
C ASN H 201 27.26 -59.74 10.53
N PHE H 202 26.48 -59.72 11.60
CA PHE H 202 26.07 -60.94 12.30
C PHE H 202 25.00 -61.71 11.55
N LEU H 203 24.43 -61.15 10.49
CA LEU H 203 23.43 -61.84 9.67
C LEU H 203 24.07 -62.63 8.53
N ARG H 204 25.39 -62.63 8.41
CA ARG H 204 26.07 -63.34 7.33
C ARG H 204 26.73 -64.62 7.82
N GLY H 211 23.90 -78.36 13.73
CA GLY H 211 24.14 -76.94 13.90
C GLY H 211 22.91 -76.11 13.62
N HIS H 212 23.05 -75.17 12.67
CA HIS H 212 21.94 -74.29 12.30
C HIS H 212 20.83 -75.02 11.58
N ASN H 213 21.04 -76.29 11.20
CA ASN H 213 19.99 -77.06 10.56
C ASN H 213 18.80 -77.25 11.50
N VAL H 214 19.08 -77.37 12.79
CA VAL H 214 17.99 -77.48 13.77
C VAL H 214 17.13 -76.23 13.74
N PHE H 215 17.75 -75.06 13.56
CA PHE H 215 17.01 -73.83 13.34
C PHE H 215 16.07 -73.97 12.14
N LYS H 216 16.57 -74.55 11.05
CA LYS H 216 15.71 -74.82 9.90
C LYS H 216 14.62 -75.82 10.25
N GLU H 217 14.95 -76.86 11.01
CA GLU H 217 13.96 -77.86 11.38
C GLU H 217 12.96 -77.32 12.38
N ARG H 218 13.41 -76.44 13.28
CA ARG H 218 12.51 -75.92 14.29
C ARG H 218 11.58 -74.86 13.73
N ILE H 219 12.09 -74.00 12.84
CA ILE H 219 11.28 -72.92 12.30
C ILE H 219 10.13 -73.45 11.46
N SER H 220 10.30 -74.63 10.86
CA SER H 220 9.25 -75.18 10.02
C SER H 220 8.18 -75.91 10.81
N ASP H 221 8.23 -75.85 12.15
CA ASP H 221 7.26 -76.57 12.95
C ASP H 221 5.84 -76.08 12.68
N MET H 222 5.66 -74.76 12.62
CA MET H 222 4.39 -74.17 12.22
C MET H 222 4.20 -74.36 10.72
N CYS H 223 2.96 -74.63 10.32
CA CYS H 223 2.70 -74.98 8.93
C CYS H 223 1.22 -74.67 8.62
N LYS H 224 0.69 -75.29 7.56
CA LYS H 224 -0.67 -75.07 7.11
C LYS H 224 -1.68 -75.44 8.18
N GLU H 225 -1.32 -76.37 9.06
CA GLU H 225 -2.21 -76.77 10.14
C GLU H 225 -2.36 -75.66 11.17
N ASN H 226 -1.50 -74.63 11.09
CA ASN H 226 -1.56 -73.46 11.95
C ASN H 226 -1.40 -73.84 13.42
N ARG H 227 -0.24 -74.40 13.74
CA ARG H 227 0.12 -74.72 15.11
C ARG H 227 0.31 -73.50 15.99
N GLU H 228 0.80 -72.38 15.43
CA GLU H 228 1.05 -71.15 16.17
C GLU H 228 1.95 -71.40 17.38
N SER H 229 3.15 -71.90 17.09
CA SER H 229 4.11 -72.22 18.13
C SER H 229 5.50 -72.23 17.52
N LEU H 230 6.47 -71.75 18.30
CA LEU H 230 7.86 -71.71 17.84
C LEU H 230 8.77 -71.74 19.07
N VAL H 231 9.45 -72.87 19.27
CA VAL H 231 10.35 -73.07 20.41
C VAL H 231 11.69 -72.44 20.08
N VAL H 232 12.17 -71.58 20.97
CA VAL H 232 13.40 -70.83 20.73
C VAL H 232 14.41 -71.19 21.81
N ASN H 233 15.58 -71.66 21.40
CA ASN H 233 16.68 -71.89 22.32
C ASN H 233 17.77 -70.84 22.12
N TYR H 234 18.18 -70.24 23.23
CA TYR H 234 19.18 -69.19 23.18
C TYR H 234 20.58 -69.76 22.96
N GLU H 235 20.85 -70.94 23.52
CA GLU H 235 22.24 -71.40 23.64
C GLU H 235 22.87 -71.69 22.29
N ASP H 236 22.11 -72.22 21.34
CA ASP H 236 22.69 -72.56 20.04
C ASP H 236 23.25 -71.32 19.35
N LEU H 237 22.52 -70.20 19.40
CA LEU H 237 23.05 -68.95 18.86
C LEU H 237 24.25 -68.46 19.65
N ALA H 238 24.18 -68.56 20.99
CA ALA H 238 25.28 -68.07 21.81
C ALA H 238 26.49 -68.99 21.75
N ALA H 239 26.28 -70.30 21.54
CA ALA H 239 27.42 -71.21 21.41
C ALA H 239 28.17 -70.99 20.11
N ARG H 240 27.44 -70.84 19.00
CA ARG H 240 28.07 -70.57 17.72
C ARG H 240 28.74 -69.20 17.71
N GLU H 241 28.07 -68.19 18.25
CA GLU H 241 28.59 -66.82 18.28
C GLU H 241 28.60 -66.35 19.72
N HIS H 242 29.81 -66.10 20.25
CA HIS H 242 29.94 -65.64 21.62
C HIS H 242 29.59 -64.16 21.76
N VAL H 243 29.49 -63.43 20.64
CA VAL H 243 29.11 -62.02 20.70
C VAL H 243 27.69 -61.87 21.23
N LEU H 244 26.82 -62.83 20.94
CA LEU H 244 25.43 -62.73 21.39
C LEU H 244 25.34 -62.88 22.91
N ALA H 245 26.23 -63.68 23.50
CA ALA H 245 26.25 -63.83 24.95
C ALA H 245 26.63 -62.53 25.66
N TYR H 246 27.46 -61.70 25.03
CA TYR H 246 27.85 -60.42 25.62
C TYR H 246 26.73 -59.38 25.59
N PHE H 247 25.73 -59.55 24.72
CA PHE H 247 24.66 -58.57 24.63
C PHE H 247 23.64 -58.72 25.75
N LEU H 248 23.70 -59.81 26.52
CA LEU H 248 22.73 -60.01 27.59
C LEU H 248 22.81 -58.92 28.66
N PRO H 249 23.97 -58.56 29.21
CA PRO H 249 24.00 -57.52 30.26
C PRO H 249 24.00 -56.10 29.73
N GLU H 250 24.21 -55.88 28.43
CA GLU H 250 24.35 -54.52 27.94
C GLU H 250 23.05 -53.99 27.34
N ALA H 251 22.50 -54.68 26.34
CA ALA H 251 21.29 -54.26 25.66
C ALA H 251 20.30 -55.42 25.58
N PRO H 252 19.67 -55.77 26.70
CA PRO H 252 18.63 -56.82 26.64
C PRO H 252 17.32 -56.32 26.06
N ALA H 253 16.96 -55.06 26.32
CA ALA H 253 15.67 -54.54 25.86
C ALA H 253 15.62 -54.44 24.35
N GLU H 254 16.66 -53.88 23.73
CA GLU H 254 16.70 -53.82 22.27
C GLU H 254 16.82 -55.21 21.68
N LEU H 255 17.44 -56.13 22.42
CA LEU H 255 17.72 -57.46 21.89
C LEU H 255 16.43 -58.17 21.51
N LEU H 256 15.38 -58.02 22.31
CA LEU H 256 14.10 -58.61 21.96
C LEU H 256 13.57 -58.05 20.65
N GLN H 257 13.66 -56.74 20.47
CA GLN H 257 13.31 -56.14 19.19
C GLN H 257 14.25 -56.62 18.10
N ILE H 258 15.55 -56.70 18.42
CA ILE H 258 16.53 -57.21 17.45
C ILE H 258 16.26 -58.68 17.14
N PHE H 259 15.89 -59.46 18.15
CA PHE H 259 15.63 -60.88 17.93
C PHE H 259 14.47 -61.10 16.97
N ASP H 260 13.40 -60.29 17.11
CA ASP H 260 12.25 -60.47 16.24
C ASP H 260 12.60 -60.18 14.78
N GLU H 261 13.40 -59.13 14.54
CA GLU H 261 13.76 -58.78 13.17
C GLU H 261 14.67 -59.83 12.53
N ALA H 262 15.64 -60.35 13.29
CA ALA H 262 16.56 -61.32 12.72
C ALA H 262 15.86 -62.63 12.39
N ALA H 263 14.81 -62.99 13.14
CA ALA H 263 14.03 -64.18 12.83
C ALA H 263 13.29 -64.02 11.51
N LEU H 264 12.78 -62.81 11.24
CA LEU H 264 12.03 -62.57 10.01
C LEU H 264 12.91 -62.78 8.78
N GLU H 265 14.22 -62.55 8.93
CA GLU H 265 15.13 -62.71 7.79
C GLU H 265 15.02 -64.11 7.20
N VAL H 266 14.91 -65.11 8.07
CA VAL H 266 14.68 -66.47 7.59
C VAL H 266 13.25 -66.61 7.08
N VAL H 267 12.29 -66.03 7.79
CA VAL H 267 10.89 -66.16 7.39
C VAL H 267 10.59 -65.38 6.12
N LEU H 268 11.03 -64.12 6.05
CA LEU H 268 10.69 -63.29 4.90
C LEU H 268 11.31 -63.82 3.61
N ALA H 269 12.56 -64.28 3.69
CA ALA H 269 13.22 -64.80 2.50
C ALA H 269 12.56 -66.09 2.02
N MET H 270 12.21 -66.99 2.95
CA MET H 270 11.62 -68.25 2.55
C MET H 270 10.10 -68.18 2.47
N TYR H 271 9.44 -67.80 3.56
CA TYR H 271 7.99 -67.93 3.68
C TYR H 271 7.33 -66.61 4.02
N PRO H 272 6.99 -65.81 3.00
CA PRO H 272 6.13 -64.64 3.24
C PRO H 272 4.74 -65.01 3.72
N LYS H 273 4.33 -66.27 3.57
CA LYS H 273 2.95 -66.66 3.86
C LYS H 273 2.58 -66.42 5.32
N TYR H 274 3.55 -66.50 6.23
CA TYR H 274 3.27 -66.33 7.65
C TYR H 274 2.89 -64.91 8.02
N ASP H 275 3.02 -63.95 7.08
CA ASP H 275 2.66 -62.57 7.39
C ASP H 275 1.16 -62.40 7.61
N ARG H 276 0.34 -63.25 6.97
CA ARG H 276 -1.11 -63.15 7.09
C ARG H 276 -1.69 -64.12 8.11
N ILE H 277 -0.84 -64.77 8.91
CA ILE H 277 -1.29 -65.73 9.91
C ILE H 277 -1.00 -65.11 11.28
N THR H 278 -2.02 -64.46 11.85
CA THR H 278 -1.98 -63.82 13.16
C THR H 278 -1.14 -62.55 13.11
N ASN H 279 -0.50 -62.33 11.95
CA ASN H 279 0.35 -61.16 11.71
C ASN H 279 1.34 -60.92 12.84
N HIS H 280 1.94 -62.00 13.36
CA HIS H 280 2.91 -61.88 14.43
C HIS H 280 3.73 -63.16 14.52
N ILE H 281 4.97 -63.00 14.97
CA ILE H 281 5.88 -64.12 15.21
C ILE H 281 6.27 -64.11 16.68
N HIS H 282 6.07 -65.23 17.36
CA HIS H 282 6.28 -65.31 18.80
C HIS H 282 7.69 -65.82 19.09
N VAL H 283 8.43 -65.05 19.86
CA VAL H 283 9.74 -65.45 20.34
C VAL H 283 9.59 -66.07 21.72
N ARG H 284 10.26 -67.20 21.93
CA ARG H 284 10.15 -67.97 23.17
C ARG H 284 11.53 -68.28 23.73
N ILE H 285 12.28 -67.24 24.09
CA ILE H 285 13.60 -67.41 24.66
C ILE H 285 13.54 -68.38 25.84
N SER H 286 14.45 -69.35 25.83
CA SER H 286 14.44 -70.41 26.82
C SER H 286 15.01 -69.89 28.13
N HIS H 287 15.27 -70.79 29.08
CA HIS H 287 15.74 -70.42 30.41
C HIS H 287 17.11 -69.78 30.35
N LEU H 288 17.43 -68.93 31.32
CA LEU H 288 18.73 -68.28 31.34
C LEU H 288 19.39 -68.49 32.70
N PRO H 289 20.03 -69.67 32.91
CA PRO H 289 20.53 -70.09 34.24
C PRO H 289 20.21 -69.20 35.42
N LEU H 290 21.24 -68.69 36.09
CA LEU H 290 21.10 -67.82 37.24
C LEU H 290 20.30 -68.49 38.35
N VAL H 291 18.96 -68.36 38.27
CA VAL H 291 18.02 -68.95 39.20
C VAL H 291 18.24 -68.39 40.60
N GLU H 292 17.45 -67.39 40.97
CA GLU H 292 17.43 -66.84 42.33
C GLU H 292 16.00 -66.88 42.84
N GLU H 293 15.78 -67.60 43.94
CA GLU H 293 14.45 -67.71 44.51
C GLU H 293 14.06 -66.44 45.26
N LEU H 294 15.04 -65.81 45.93
CA LEU H 294 14.78 -64.61 46.71
C LEU H 294 15.72 -63.45 46.39
N ARG H 295 16.89 -63.69 45.79
CA ARG H 295 17.88 -62.65 45.57
C ARG H 295 17.52 -61.66 44.47
N SER H 296 16.81 -62.08 43.42
CA SER H 296 16.48 -61.20 42.31
C SER H 296 15.16 -60.46 42.51
N LEU H 297 14.37 -60.79 43.52
CA LEU H 297 13.07 -60.16 43.67
C LEU H 297 13.20 -58.79 44.31
N ARG H 298 13.77 -57.85 43.57
CA ARG H 298 14.06 -56.51 44.07
C ARG H 298 13.82 -55.48 42.97
N GLN H 299 13.44 -54.27 43.40
CA GLN H 299 13.16 -53.20 42.46
C GLN H 299 14.43 -52.57 41.89
N LEU H 300 15.57 -52.79 42.54
CA LEU H 300 16.82 -52.24 42.02
C LEU H 300 17.30 -53.02 40.80
N HIS H 301 16.75 -54.21 40.57
CA HIS H 301 17.28 -55.13 39.58
C HIS H 301 16.54 -55.06 38.25
N LEU H 302 16.09 -53.88 37.85
CA LEU H 302 15.34 -53.77 36.60
C LEU H 302 16.27 -53.91 35.40
N ASN H 303 15.66 -53.94 34.21
CA ASN H 303 16.37 -54.10 32.94
C ASN H 303 17.14 -55.42 32.89
N GLN H 304 16.57 -56.47 33.48
CA GLN H 304 17.16 -57.80 33.45
C GLN H 304 16.10 -58.84 33.17
N LEU H 305 16.45 -59.82 32.34
CA LEU H 305 15.60 -60.97 32.11
C LEU H 305 15.62 -61.85 33.36
N ILE H 306 14.46 -62.05 33.98
CA ILE H 306 14.40 -62.75 35.26
C ILE H 306 13.42 -63.91 35.17
N ARG H 307 13.85 -65.05 35.68
CA ARG H 307 13.07 -66.27 35.72
C ARG H 307 12.55 -66.52 37.13
N THR H 308 11.24 -66.77 37.24
CA THR H 308 10.61 -67.09 38.51
C THR H 308 9.25 -67.72 38.23
N SER H 309 8.53 -68.06 39.28
CA SER H 309 7.21 -68.68 39.15
C SER H 309 6.21 -67.93 40.02
N GLY H 310 4.96 -68.38 39.96
CA GLY H 310 3.91 -67.76 40.73
C GLY H 310 2.62 -68.52 40.54
N VAL H 311 1.58 -68.06 41.24
CA VAL H 311 0.26 -68.66 41.15
C VAL H 311 -0.75 -67.57 40.85
N VAL H 312 -1.56 -67.80 39.82
CA VAL H 312 -2.60 -66.85 39.43
C VAL H 312 -3.71 -66.88 40.47
N THR H 313 -4.11 -65.70 40.94
CA THR H 313 -5.12 -65.59 41.99
C THR H 313 -6.46 -65.09 41.48
N SER H 314 -6.46 -63.98 40.76
CA SER H 314 -7.70 -63.43 40.23
C SER H 314 -7.43 -62.81 38.87
N CYS H 315 -8.49 -62.71 38.07
CA CYS H 315 -8.39 -62.11 36.75
C CYS H 315 -9.74 -61.52 36.37
N THR H 316 -9.80 -60.98 35.16
CA THR H 316 -10.98 -60.33 34.61
C THR H 316 -11.37 -60.97 33.30
N GLY H 317 -11.44 -62.31 33.28
CA GLY H 317 -11.76 -63.01 32.04
C GLY H 317 -13.23 -62.92 31.68
N VAL H 318 -14.05 -62.39 32.58
CA VAL H 318 -15.50 -62.31 32.36
C VAL H 318 -15.90 -61.31 31.28
N LEU H 319 -14.95 -60.55 30.73
CA LEU H 319 -15.21 -59.50 29.76
C LEU H 319 -15.15 -60.04 28.34
N PRO H 320 -16.02 -59.57 27.44
CA PRO H 320 -16.03 -59.94 26.02
C PRO H 320 -14.69 -59.73 25.34
N THR H 368 -6.64 -46.02 22.44
CA THR H 368 -7.12 -47.39 22.65
C THR H 368 -5.98 -48.39 22.58
N ILE H 369 -4.75 -47.89 22.77
CA ILE H 369 -3.58 -48.76 22.77
C ILE H 369 -3.69 -49.80 23.88
N TYR H 370 -4.13 -49.36 25.06
CA TYR H 370 -4.22 -50.24 26.21
C TYR H 370 -5.35 -51.25 26.08
N GLN H 371 -6.36 -50.96 25.24
CA GLN H 371 -7.52 -51.83 25.15
C GLN H 371 -7.20 -53.14 24.44
N ASN H 372 -6.13 -53.17 23.66
CA ASN H 372 -5.78 -54.37 22.91
C ASN H 372 -5.34 -55.52 23.79
N TYR H 373 -5.05 -55.26 25.07
CA TYR H 373 -4.53 -56.28 25.96
C TYR H 373 -5.28 -56.21 27.29
N GLN H 374 -5.12 -57.25 28.11
CA GLN H 374 -5.83 -57.34 29.37
C GLN H 374 -4.84 -57.66 30.50
N ARG H 375 -5.39 -57.91 31.68
CA ARG H 375 -4.65 -57.88 32.94
C ARG H 375 -4.83 -59.19 33.70
N ILE H 376 -3.75 -59.65 34.33
CA ILE H 376 -3.79 -60.85 35.16
C ILE H 376 -2.86 -60.63 36.35
N ARG H 377 -3.22 -61.21 37.50
CA ARG H 377 -2.55 -60.97 38.76
C ARG H 377 -1.69 -62.16 39.12
N ILE H 378 -0.42 -61.88 39.45
CA ILE H 378 0.58 -62.90 39.73
C ILE H 378 1.19 -62.60 41.09
N GLN H 379 1.60 -63.66 41.80
CA GLN H 379 2.22 -63.53 43.10
C GLN H 379 3.72 -63.70 42.95
N GLU H 380 4.46 -63.26 43.96
CA GLU H 380 5.92 -63.17 43.87
C GLU H 380 6.64 -64.17 44.76
N SER H 381 6.24 -64.28 46.03
CA SER H 381 6.85 -65.27 46.90
C SER H 381 6.16 -66.62 46.72
N PRO H 382 6.90 -67.69 46.43
CA PRO H 382 6.27 -69.01 46.34
C PRO H 382 6.05 -69.62 47.71
N GLY H 383 5.44 -70.80 47.76
CA GLY H 383 5.20 -71.44 49.04
C GLY H 383 6.44 -72.10 49.59
N LYS H 384 6.91 -71.61 50.74
CA LYS H 384 8.02 -72.22 51.44
C LYS H 384 7.99 -71.75 52.89
N VAL H 385 8.73 -72.47 53.75
CA VAL H 385 8.77 -72.12 55.16
C VAL H 385 9.39 -70.73 55.34
N ALA H 386 10.46 -70.43 54.60
CA ALA H 386 11.10 -69.13 54.72
C ALA H 386 10.44 -68.11 53.80
N ALA H 387 10.07 -68.52 52.59
CA ALA H 387 9.41 -67.63 51.64
C ALA H 387 7.97 -67.35 52.01
N GLY H 388 7.48 -67.93 53.11
CA GLY H 388 6.07 -67.80 53.48
C GLY H 388 5.63 -66.40 53.86
N ARG H 389 6.59 -65.50 54.12
CA ARG H 389 6.22 -64.13 54.47
C ARG H 389 5.45 -63.48 53.33
N LEU H 390 4.46 -62.67 53.69
CA LEU H 390 3.52 -62.13 52.71
C LEU H 390 4.22 -61.21 51.73
N PRO H 391 4.07 -61.42 50.42
CA PRO H 391 4.81 -60.63 49.43
C PRO H 391 4.01 -59.45 48.90
N ARG H 392 4.65 -58.71 47.99
CA ARG H 392 3.98 -57.69 47.19
C ARG H 392 3.56 -58.28 45.85
N SER H 393 2.28 -58.19 45.54
CA SER H 393 1.73 -58.84 44.35
C SER H 393 2.24 -58.20 43.07
N LYS H 394 2.62 -59.03 42.12
CA LYS H 394 3.00 -58.55 40.81
C LYS H 394 1.78 -58.46 39.91
N ASP H 395 1.79 -57.50 39.00
CA ASP H 395 0.72 -57.31 38.04
C ASP H 395 1.27 -57.67 36.67
N ALA H 396 0.69 -58.68 36.03
CA ALA H 396 1.16 -59.13 34.73
C ALA H 396 0.21 -58.69 33.63
N ILE H 397 0.78 -58.45 32.45
CA ILE H 397 0.03 -58.10 31.25
C ILE H 397 0.40 -59.07 30.15
N LEU H 398 -0.60 -59.74 29.59
CA LEU H 398 -0.41 -60.62 28.44
C LEU H 398 -0.46 -59.78 27.17
N LEU H 399 0.51 -60.00 26.27
CA LEU H 399 0.59 -59.25 25.01
C LEU H 399 -0.14 -60.01 23.91
N ALA H 400 -1.41 -60.32 24.19
CA ALA H 400 -2.31 -60.95 23.22
C ALA H 400 -1.79 -62.32 22.78
N ASP H 401 -0.82 -62.86 23.51
CA ASP H 401 -0.13 -64.07 23.09
C ASP H 401 -0.56 -65.31 23.85
N LEU H 402 -0.68 -65.23 25.17
CA LEU H 402 -1.10 -66.36 25.98
C LEU H 402 -2.56 -66.27 26.38
N VAL H 403 -3.34 -65.39 25.74
CA VAL H 403 -4.73 -65.22 26.12
C VAL H 403 -5.51 -66.48 25.80
N ASP H 404 -6.44 -66.83 26.68
CA ASP H 404 -7.33 -67.98 26.56
C ASP H 404 -6.59 -69.31 26.68
N SER H 405 -5.26 -69.29 26.79
CA SER H 405 -4.48 -70.51 26.95
C SER H 405 -4.20 -70.87 28.40
N CYS H 406 -4.40 -69.93 29.32
CA CYS H 406 -4.10 -70.15 30.74
C CYS H 406 -5.36 -69.97 31.57
N LYS H 407 -5.40 -70.64 32.71
CA LYS H 407 -6.53 -70.56 33.63
C LYS H 407 -6.04 -70.14 35.00
N PRO H 408 -6.91 -69.51 35.80
CA PRO H 408 -6.51 -69.11 37.15
C PRO H 408 -6.09 -70.31 37.98
N GLY H 409 -5.12 -70.08 38.88
CA GLY H 409 -4.63 -71.15 39.72
C GLY H 409 -3.63 -72.05 39.05
N ASP H 410 -3.05 -71.64 37.93
CA ASP H 410 -2.07 -72.44 37.21
C ASP H 410 -0.68 -72.09 37.71
N GLU H 411 0.05 -73.11 38.19
CA GLU H 411 1.41 -72.93 38.66
C GLU H 411 2.32 -72.87 37.44
N ILE H 412 2.53 -71.65 36.94
CA ILE H 412 3.32 -71.44 35.74
C ILE H 412 4.63 -70.77 36.11
N GLU H 413 5.55 -70.67 35.16
CA GLU H 413 6.81 -69.98 35.34
C GLU H 413 6.77 -68.65 34.60
N LEU H 414 7.15 -67.58 35.29
CA LEU H 414 7.16 -66.24 34.71
C LEU H 414 8.59 -65.85 34.39
N THR H 415 8.82 -65.39 33.16
CA THR H 415 10.15 -64.97 32.74
C THR H 415 10.05 -63.74 31.87
N GLY H 416 10.95 -62.78 32.10
CA GLY H 416 10.97 -61.58 31.30
C GLY H 416 11.90 -60.55 31.91
N ILE H 417 11.83 -59.35 31.35
CA ILE H 417 12.62 -58.21 31.80
C ILE H 417 11.68 -57.18 32.41
N TYR H 418 12.13 -56.52 33.47
CA TYR H 418 11.29 -55.66 34.31
C TYR H 418 11.49 -54.18 33.94
N HIS H 419 10.63 -53.69 33.05
CA HIS H 419 10.65 -52.28 32.71
C HIS H 419 9.51 -51.54 33.40
N ASN H 420 9.83 -50.39 33.97
CA ASN H 420 8.89 -49.64 34.81
C ASN H 420 8.03 -48.70 33.98
N ASN H 421 7.38 -49.26 32.96
CA ASN H 421 6.60 -48.47 32.03
C ASN H 421 5.26 -48.09 32.65
N TYR H 422 5.31 -47.31 33.73
CA TYR H 422 4.10 -46.76 34.34
C TYR H 422 3.70 -45.49 33.58
N ASP H 423 2.67 -45.64 32.75
CA ASP H 423 2.17 -44.53 31.94
C ASP H 423 1.27 -43.59 32.70
N GLY H 424 0.94 -43.87 33.96
CA GLY H 424 0.05 -43.01 34.71
C GLY H 424 0.70 -41.84 35.43
N SER H 425 2.01 -41.63 35.25
CA SER H 425 2.67 -40.50 35.90
C SER H 425 2.27 -39.17 35.26
N LEU H 426 1.70 -39.22 34.06
CA LEU H 426 1.30 -38.02 33.33
C LEU H 426 -0.04 -37.52 33.85
N ASN H 427 -0.67 -38.30 34.71
CA ASN H 427 -1.92 -37.93 35.38
C ASN H 427 -3.03 -37.66 34.38
N THR H 428 -3.05 -38.44 33.29
CA THR H 428 -4.15 -38.40 32.33
C THR H 428 -4.76 -39.78 32.13
N ALA H 429 -4.66 -40.66 33.12
CA ALA H 429 -5.18 -42.03 33.04
C ALA H 429 -5.40 -42.53 34.46
N ASN H 430 -5.61 -43.83 34.57
CA ASN H 430 -5.80 -44.51 35.85
C ASN H 430 -4.45 -44.78 36.50
N GLY H 431 -4.47 -45.62 37.53
CA GLY H 431 -3.26 -45.89 38.28
C GLY H 431 -2.94 -47.37 38.28
N PHE H 432 -1.64 -47.65 38.30
CA PHE H 432 -1.13 -49.00 38.28
C PHE H 432 -0.63 -49.38 39.68
N PRO H 433 -0.64 -50.68 40.02
CA PRO H 433 -0.20 -51.09 41.37
C PRO H 433 1.26 -50.79 41.68
N VAL H 434 1.72 -51.20 42.87
CA VAL H 434 3.00 -50.80 43.43
C VAL H 434 4.15 -51.22 42.51
N PHE H 435 4.17 -52.49 42.11
CA PHE H 435 5.16 -52.96 41.13
C PHE H 435 4.77 -52.44 39.75
N ALA H 436 5.05 -51.15 39.53
CA ALA H 436 4.71 -50.52 38.27
C ALA H 436 5.67 -50.98 37.19
N THR H 437 5.35 -52.12 36.58
CA THR H 437 6.26 -52.80 35.67
C THR H 437 5.45 -53.62 34.69
N VAL H 438 5.66 -53.39 33.40
CA VAL H 438 5.00 -54.18 32.36
C VAL H 438 5.74 -55.51 32.25
N ILE H 439 5.20 -56.53 32.90
CA ILE H 439 5.84 -57.83 32.95
C ILE H 439 5.15 -58.73 31.93
N LEU H 440 5.91 -59.16 30.93
CA LEU H 440 5.37 -60.04 29.90
C LEU H 440 5.58 -61.49 30.31
N ALA H 441 4.65 -62.34 29.87
CA ALA H 441 4.68 -63.76 30.19
C ALA H 441 5.24 -64.54 29.01
N ASN H 442 6.28 -65.31 29.26
CA ASN H 442 6.97 -66.03 28.20
C ASN H 442 6.97 -67.53 28.38
N HIS H 443 6.54 -68.05 29.53
CA HIS H 443 6.58 -69.48 29.77
C HIS H 443 5.32 -69.89 30.52
N VAL H 444 4.94 -71.15 30.34
CA VAL H 444 3.84 -71.76 31.06
C VAL H 444 4.29 -73.13 31.56
N ALA H 445 4.18 -73.36 32.87
CA ALA H 445 4.64 -74.61 33.44
C ALA H 445 3.54 -75.66 33.36
N LYS H 446 3.78 -76.82 33.96
CA LYS H 446 2.85 -77.92 33.93
C LYS H 446 1.62 -77.61 34.76
N LYS H 447 0.46 -77.98 34.23
CA LYS H 447 -0.81 -77.71 34.89
C LYS H 447 -1.25 -78.90 35.72
N GLU H 459 20.12 -88.14 45.89
CA GLU H 459 18.83 -87.89 46.53
C GLU H 459 18.62 -88.80 47.73
N ASP H 460 18.26 -88.19 48.86
CA ASP H 460 18.01 -88.94 50.09
C ASP H 460 16.74 -89.77 50.01
N VAL H 461 15.93 -89.58 48.97
CA VAL H 461 14.70 -90.34 48.81
C VAL H 461 15.00 -91.83 48.77
N LYS H 462 16.09 -92.20 48.10
CA LYS H 462 16.50 -93.60 48.08
C LYS H 462 16.78 -94.12 49.48
N MET H 463 17.52 -93.34 50.28
CA MET H 463 17.69 -93.70 51.68
C MET H 463 16.38 -93.61 52.45
N ILE H 464 15.53 -92.66 52.07
CA ILE H 464 14.22 -92.53 52.71
C ILE H 464 13.36 -93.76 52.41
N THR H 465 13.39 -94.24 51.17
CA THR H 465 12.61 -95.42 50.80
C THR H 465 12.98 -96.61 51.67
N SER H 466 14.26 -96.69 52.08
CA SER H 466 14.67 -97.74 53.00
C SER H 466 13.88 -97.66 54.30
N LEU H 467 13.68 -96.44 54.81
CA LEU H 467 12.92 -96.27 56.04
C LEU H 467 11.44 -96.61 55.84
N SER H 468 10.96 -96.58 54.60
CA SER H 468 9.55 -96.83 54.33
C SER H 468 9.17 -98.25 54.70
N LYS H 469 10.08 -99.21 54.51
CA LYS H 469 9.76 -100.61 54.76
C LYS H 469 9.45 -100.86 56.22
N ASP H 470 9.98 -100.05 57.13
CA ASP H 470 9.79 -100.27 58.55
C ASP H 470 8.33 -100.00 58.94
N GLN H 471 7.77 -100.90 59.74
CA GLN H 471 6.43 -100.73 60.29
C GLN H 471 6.44 -100.10 61.68
N GLN H 472 7.59 -100.10 62.35
CA GLN H 472 7.69 -99.39 63.62
C GLN H 472 7.43 -97.90 63.45
N ILE H 473 7.98 -97.30 62.38
CA ILE H 473 7.70 -95.89 62.10
C ILE H 473 6.33 -95.72 61.47
N GLY H 474 5.74 -96.79 60.92
CA GLY H 474 4.44 -96.66 60.28
C GLY H 474 3.30 -96.49 61.27
N GLU H 475 3.52 -96.89 62.52
CA GLU H 475 2.49 -96.77 63.55
C GLU H 475 2.49 -95.40 64.22
N LYS H 476 3.66 -94.78 64.35
CA LYS H 476 3.74 -93.49 64.99
C LYS H 476 3.37 -92.34 64.07
N ILE H 477 3.04 -92.63 62.81
CA ILE H 477 2.67 -91.57 61.88
C ILE H 477 1.45 -90.79 62.38
N PHE H 478 0.54 -91.45 63.09
CA PHE H 478 -0.57 -90.75 63.73
C PHE H 478 -0.26 -90.43 65.17
N ALA H 479 0.95 -90.71 65.65
CA ALA H 479 1.39 -90.33 66.98
C ALA H 479 2.45 -89.23 66.97
N SER H 480 2.73 -88.66 65.79
CA SER H 480 3.77 -87.64 65.66
C SER H 480 3.32 -86.38 64.96
N ILE H 481 2.15 -86.37 64.31
CA ILE H 481 1.70 -85.19 63.61
C ILE H 481 1.33 -84.06 64.58
N ALA H 482 0.70 -84.39 65.69
CA ALA H 482 0.20 -83.39 66.64
C ALA H 482 0.71 -83.74 68.04
N PRO H 483 1.99 -83.52 68.29
CA PRO H 483 2.55 -83.84 69.62
C PRO H 483 2.34 -82.75 70.65
N SER H 484 1.83 -81.59 70.24
CA SER H 484 1.64 -80.48 71.16
C SER H 484 0.62 -80.80 72.24
N ILE H 485 -0.51 -81.38 71.84
CA ILE H 485 -1.63 -81.59 72.76
C ILE H 485 -1.93 -83.06 72.98
N TYR H 486 -1.32 -83.96 72.20
CA TYR H 486 -1.47 -85.40 72.32
C TYR H 486 -2.84 -85.83 71.81
N GLY H 487 -3.69 -84.85 71.49
CA GLY H 487 -4.95 -85.05 70.81
C GLY H 487 -5.76 -86.28 71.17
N HIS H 488 -6.33 -86.92 70.16
CA HIS H 488 -7.08 -88.16 70.35
C HIS H 488 -6.77 -89.08 69.17
N GLU H 489 -6.48 -90.34 69.48
CA GLU H 489 -5.94 -91.25 68.47
C GLU H 489 -6.91 -91.44 67.30
N ASP H 490 -8.22 -91.42 67.58
CA ASP H 490 -9.20 -91.55 66.51
C ASP H 490 -9.13 -90.36 65.56
N ILE H 491 -8.93 -89.16 66.10
CA ILE H 491 -9.00 -87.95 65.28
C ILE H 491 -7.82 -87.90 64.31
N LYS H 492 -6.61 -88.16 64.81
CA LYS H 492 -5.43 -88.02 63.95
C LYS H 492 -5.40 -89.07 62.86
N ARG H 493 -5.90 -90.27 63.14
CA ARG H 493 -5.89 -91.33 62.14
C ARG H 493 -6.66 -90.91 60.89
N GLY H 494 -7.85 -90.32 61.08
CA GLY H 494 -8.61 -89.86 59.94
C GLY H 494 -7.92 -88.72 59.21
N LEU H 495 -7.32 -87.80 59.97
CA LEU H 495 -6.61 -86.70 59.35
C LEU H 495 -5.42 -87.19 58.54
N ALA H 496 -4.69 -88.17 59.08
CA ALA H 496 -3.52 -88.68 58.36
C ALA H 496 -3.94 -89.30 57.03
N LEU H 497 -5.10 -89.95 56.99
CA LEU H 497 -5.54 -90.56 55.74
C LEU H 497 -5.73 -89.50 54.66
N ALA H 498 -6.33 -88.36 55.02
CA ALA H 498 -6.49 -87.30 54.06
C ALA H 498 -5.16 -86.63 53.75
N LEU H 499 -4.18 -86.77 54.65
CA LEU H 499 -2.88 -86.14 54.43
C LEU H 499 -2.20 -86.72 53.19
N PHE H 500 -2.32 -88.03 53.00
CA PHE H 500 -1.79 -88.63 51.78
C PHE H 500 -2.58 -88.17 50.56
N GLY H 501 -3.89 -87.96 50.72
CA GLY H 501 -4.73 -87.59 49.59
C GLY H 501 -4.83 -88.65 48.52
N GLY H 502 -4.96 -89.91 48.92
CA GLY H 502 -5.03 -91.01 47.97
C GLY H 502 -6.39 -91.66 47.89
N HIS H 511 -13.07 -91.57 33.95
CA HIS H 511 -13.78 -92.74 34.45
C HIS H 511 -14.87 -92.31 35.44
N LYS H 512 -15.39 -91.11 35.25
CA LYS H 512 -16.38 -90.53 36.16
C LYS H 512 -15.85 -90.52 37.59
N VAL H 513 -14.58 -90.18 37.73
CA VAL H 513 -13.89 -90.29 39.03
C VAL H 513 -14.19 -89.01 39.79
N ARG H 514 -15.28 -89.06 40.56
CA ARG H 514 -15.63 -87.95 41.44
C ARG H 514 -15.57 -88.39 42.89
N GLY H 515 -15.79 -87.45 43.82
CA GLY H 515 -15.69 -87.75 45.23
C GLY H 515 -15.52 -86.51 46.09
N ASP H 516 -15.83 -86.64 47.38
CA ASP H 516 -15.73 -85.51 48.30
C ASP H 516 -15.15 -86.02 49.61
N ILE H 517 -14.31 -85.19 50.22
CA ILE H 517 -13.68 -85.48 51.50
C ILE H 517 -14.06 -84.36 52.46
N ASN H 518 -15.15 -84.55 53.18
CA ASN H 518 -15.68 -83.53 54.09
C ASN H 518 -15.17 -83.84 55.50
N VAL H 519 -14.06 -83.20 55.87
CA VAL H 519 -13.45 -83.39 57.18
C VAL H 519 -13.79 -82.18 58.03
N LEU H 520 -14.61 -82.39 59.06
CA LEU H 520 -15.08 -81.33 59.93
C LEU H 520 -14.73 -81.67 61.37
N LEU H 521 -14.43 -80.65 62.17
CA LEU H 521 -14.06 -80.83 63.56
C LEU H 521 -14.97 -79.97 64.44
N CYS H 522 -15.25 -80.47 65.64
CA CYS H 522 -16.11 -79.78 66.60
C CYS H 522 -15.41 -79.77 67.96
N GLY H 523 -14.75 -78.65 68.26
CA GLY H 523 -14.08 -78.48 69.54
C GLY H 523 -14.37 -77.14 70.19
N ASP H 524 -13.30 -76.34 70.36
CA ASP H 524 -13.41 -74.97 70.84
C ASP H 524 -12.20 -74.18 70.39
N PRO H 525 -12.33 -72.88 70.13
CA PRO H 525 -11.18 -72.12 69.59
C PRO H 525 -10.03 -72.01 70.57
N GLY H 526 -10.31 -72.02 71.88
CA GLY H 526 -9.23 -71.90 72.85
C GLY H 526 -8.20 -73.01 72.73
N THR H 527 -8.67 -74.22 72.49
CA THR H 527 -7.75 -75.31 72.21
C THR H 527 -6.95 -75.00 70.96
N ALA H 528 -5.67 -75.34 71.00
CA ALA H 528 -4.83 -75.10 69.84
C ALA H 528 -5.26 -75.87 68.62
N LYS H 529 -6.36 -76.63 68.64
CA LYS H 529 -6.89 -77.18 67.40
C LYS H 529 -7.11 -76.08 66.39
N SER H 530 -7.60 -74.94 66.85
CA SER H 530 -7.69 -73.76 66.01
C SER H 530 -6.32 -73.41 65.43
N GLN H 531 -5.27 -73.58 66.20
CA GLN H 531 -3.92 -73.41 65.68
C GLN H 531 -3.34 -74.70 65.12
N PHE H 532 -3.99 -75.83 65.36
CA PHE H 532 -3.44 -77.10 64.87
C PHE H 532 -3.42 -77.12 63.35
N LEU H 533 -4.45 -76.56 62.73
CA LEU H 533 -4.49 -76.48 61.28
C LEU H 533 -3.34 -75.66 60.73
N LYS H 534 -2.83 -74.71 61.51
CA LYS H 534 -1.68 -73.93 61.08
C LYS H 534 -0.39 -74.75 61.01
N TYR H 535 -0.20 -75.70 61.92
CA TYR H 535 1.04 -76.47 61.91
C TYR H 535 1.16 -77.34 60.67
N ILE H 536 0.05 -77.66 60.02
CA ILE H 536 0.08 -78.55 58.88
C ILE H 536 0.81 -77.94 57.70
N GLU H 537 0.73 -76.62 57.53
CA GLU H 537 1.30 -75.99 56.34
C GLU H 537 2.80 -76.18 56.26
N LYS H 538 3.46 -76.41 57.39
CA LYS H 538 4.90 -76.67 57.36
C LYS H 538 5.19 -77.94 56.56
N VAL H 539 4.40 -78.98 56.78
CA VAL H 539 4.52 -80.20 55.99
C VAL H 539 4.02 -80.00 54.58
N SER H 540 2.92 -79.26 54.42
CA SER H 540 2.33 -79.07 53.09
C SER H 540 3.24 -78.24 52.20
N SER H 541 3.20 -78.53 50.90
CA SER H 541 4.06 -77.86 49.94
C SER H 541 3.47 -76.54 49.47
N ARG H 542 2.15 -76.39 49.51
CA ARG H 542 1.48 -75.17 49.11
C ARG H 542 0.72 -74.64 50.32
N ALA H 543 0.86 -73.36 50.59
CA ALA H 543 0.36 -72.77 51.84
C ALA H 543 -0.69 -71.73 51.52
N ILE H 544 -1.80 -71.79 52.25
CA ILE H 544 -2.95 -70.91 52.01
C ILE H 544 -3.25 -70.13 53.28
N PHE H 545 -3.36 -68.81 53.14
CA PHE H 545 -3.62 -67.93 54.27
C PHE H 545 -5.11 -67.73 54.40
N THR H 546 -5.65 -68.06 55.58
CA THR H 546 -7.07 -67.87 55.81
C THR H 546 -7.38 -66.57 56.54
N THR H 547 -6.95 -66.47 57.81
CA THR H 547 -6.97 -65.25 58.61
C THR H 547 -8.40 -64.76 58.87
N GLY H 548 -9.40 -65.36 58.22
CA GLY H 548 -10.76 -64.89 58.34
C GLY H 548 -11.08 -63.83 57.31
N GLN H 549 -11.58 -62.71 57.81
CA GLN H 549 -11.79 -61.53 56.98
C GLN H 549 -10.46 -61.04 56.40
N GLY H 550 -10.52 -60.48 55.20
CA GLY H 550 -9.34 -59.95 54.56
C GLY H 550 -8.32 -60.99 54.18
N ALA H 551 -8.77 -62.10 53.62
CA ALA H 551 -7.88 -63.16 53.18
C ALA H 551 -7.19 -62.79 51.87
N SER H 552 -6.59 -63.79 51.23
CA SER H 552 -5.88 -63.58 49.98
C SER H 552 -6.85 -63.21 48.85
N ALA H 553 -6.60 -62.08 48.19
CA ALA H 553 -7.44 -61.57 47.12
C ALA H 553 -8.85 -61.32 47.62
N VAL H 554 -9.80 -62.13 47.17
CA VAL H 554 -11.18 -62.06 47.63
C VAL H 554 -11.44 -63.28 48.51
N GLY H 555 -11.33 -63.10 49.82
CA GLY H 555 -11.46 -64.20 50.76
C GLY H 555 -12.87 -64.47 51.22
N LEU H 556 -13.74 -64.85 50.28
CA LEU H 556 -15.12 -65.26 50.52
C LEU H 556 -15.98 -64.15 51.08
N THR H 557 -15.59 -62.88 50.94
CA THR H 557 -16.40 -61.76 51.37
C THR H 557 -16.75 -60.90 50.14
N ALA H 558 -18.01 -60.51 50.04
CA ALA H 558 -18.47 -59.69 48.92
C ALA H 558 -18.85 -58.31 49.40
N TYR H 559 -18.27 -57.28 48.79
CA TYR H 559 -18.62 -55.89 49.07
C TYR H 559 -18.65 -55.11 47.76
N VAL H 560 -19.43 -54.03 47.74
CA VAL H 560 -19.51 -53.13 46.61
C VAL H 560 -19.18 -51.72 47.08
N GLN H 561 -18.28 -51.05 46.37
CA GLN H 561 -17.84 -49.71 46.71
C GLN H 561 -17.84 -48.86 45.45
N ARG H 562 -17.35 -47.63 45.57
CA ARG H 562 -17.16 -46.76 44.43
C ARG H 562 -15.89 -47.15 43.69
N HIS H 563 -16.05 -47.45 42.40
CA HIS H 563 -14.97 -48.01 41.60
C HIS H 563 -13.91 -46.97 41.27
N PRO H 564 -12.66 -47.39 41.04
CA PRO H 564 -11.62 -46.45 40.59
C PRO H 564 -11.87 -45.94 39.19
N VAL H 565 -10.87 -45.26 38.62
CA VAL H 565 -10.98 -44.69 37.29
C VAL H 565 -11.28 -45.77 36.27
N SER H 566 -10.60 -46.92 36.38
CA SER H 566 -10.80 -48.00 35.42
C SER H 566 -10.56 -49.34 36.11
N ARG H 567 -11.65 -49.99 36.50
CA ARG H 567 -11.67 -51.41 36.84
C ARG H 567 -12.98 -52.02 36.37
N GLU H 568 -12.93 -53.32 36.09
CA GLU H 568 -14.12 -54.06 35.73
C GLU H 568 -14.49 -55.05 36.82
N TRP H 569 -15.63 -55.72 36.64
CA TRP H 569 -16.15 -56.63 37.65
C TRP H 569 -15.21 -57.80 37.84
N THR H 570 -15.14 -58.29 39.08
CA THR H 570 -14.19 -59.32 39.45
C THR H 570 -14.88 -60.66 39.59
N LEU H 571 -14.26 -61.71 39.06
CA LEU H 571 -14.73 -63.07 39.22
C LEU H 571 -14.42 -63.51 40.65
N GLU H 572 -15.42 -64.07 41.33
CA GLU H 572 -15.25 -64.46 42.72
C GLU H 572 -14.48 -65.76 42.81
N ALA H 573 -13.25 -65.68 43.33
CA ALA H 573 -12.38 -66.85 43.38
C ALA H 573 -12.40 -67.45 44.79
N GLY H 574 -13.08 -68.59 44.93
CA GLY H 574 -13.14 -69.25 46.21
C GLY H 574 -11.80 -69.79 46.64
N ALA H 575 -11.70 -70.12 47.93
CA ALA H 575 -10.47 -70.69 48.45
C ALA H 575 -10.10 -71.97 47.74
N LEU H 576 -11.10 -72.70 47.24
CA LEU H 576 -10.83 -73.91 46.45
C LEU H 576 -10.02 -73.57 45.20
N VAL H 577 -10.41 -72.52 44.49
CA VAL H 577 -9.73 -72.14 43.26
C VAL H 577 -8.31 -71.67 43.56
N LEU H 578 -8.12 -71.00 44.70
CA LEU H 578 -6.81 -70.45 45.03
C LEU H 578 -5.78 -71.52 45.36
N ALA H 579 -6.21 -72.77 45.51
CA ALA H 579 -5.29 -73.88 45.76
C ALA H 579 -5.50 -75.01 44.75
N ASP H 580 -5.53 -74.68 43.45
CA ASP H 580 -5.75 -75.68 42.41
C ASP H 580 -4.63 -76.71 42.42
N ARG H 581 -5.01 -78.00 42.38
CA ARG H 581 -4.07 -79.11 42.38
C ARG H 581 -3.14 -79.07 43.59
N GLY H 582 -3.56 -78.37 44.64
CA GLY H 582 -2.80 -78.24 45.86
C GLY H 582 -3.65 -78.64 47.05
N VAL H 583 -3.36 -78.03 48.18
CA VAL H 583 -4.09 -78.25 49.42
C VAL H 583 -4.60 -76.90 49.91
N CYS H 584 -5.89 -76.84 50.23
CA CYS H 584 -6.54 -75.62 50.69
C CYS H 584 -7.04 -75.83 52.11
N LEU H 585 -6.77 -74.86 52.97
CA LEU H 585 -7.14 -74.93 54.38
C LEU H 585 -8.20 -73.87 54.67
N ILE H 586 -9.24 -74.27 55.41
CA ILE H 586 -10.31 -73.37 55.79
C ILE H 586 -10.38 -73.27 57.30
N ASP H 587 -10.30 -72.04 57.80
CA ASP H 587 -10.32 -71.73 59.22
C ASP H 587 -11.32 -70.62 59.49
N GLU H 588 -11.79 -70.56 60.73
CA GLU H 588 -12.76 -69.56 61.17
C GLU H 588 -14.05 -69.68 60.37
N PHE H 589 -14.78 -70.75 60.63
CA PHE H 589 -15.98 -71.10 59.89
C PHE H 589 -17.08 -70.05 60.02
N ASP H 590 -17.25 -69.45 61.19
CA ASP H 590 -18.35 -68.53 61.41
C ASP H 590 -18.14 -67.18 60.74
N LYS H 591 -16.94 -66.91 60.21
CA LYS H 591 -16.66 -65.65 59.54
C LYS H 591 -16.96 -65.66 58.06
N MET H 592 -17.44 -66.78 57.52
CA MET H 592 -17.83 -66.82 56.12
C MET H 592 -19.16 -66.09 55.92
N ASN H 593 -19.39 -65.63 54.70
CA ASN H 593 -20.69 -65.07 54.34
C ASN H 593 -21.66 -66.20 54.00
N ASP H 594 -22.93 -66.02 54.39
CA ASP H 594 -23.92 -67.06 54.15
C ASP H 594 -24.14 -67.30 52.66
N GLN H 595 -24.20 -66.22 51.87
CA GLN H 595 -24.55 -66.36 50.46
C GLN H 595 -23.48 -67.14 49.69
N ASP H 596 -22.21 -66.90 50.00
CA ASP H 596 -21.14 -67.61 49.32
C ASP H 596 -21.16 -69.10 49.67
N ARG H 597 -21.63 -69.43 50.88
CA ARG H 597 -21.69 -70.83 51.29
C ARG H 597 -22.60 -71.63 50.37
N THR H 598 -23.73 -71.04 49.99
CA THR H 598 -24.63 -71.70 49.05
C THR H 598 -23.97 -71.86 47.69
N SER H 599 -23.23 -70.84 47.25
CA SER H 599 -22.61 -70.89 45.93
C SER H 599 -21.54 -71.98 45.84
N ILE H 600 -20.68 -72.07 46.86
CA ILE H 600 -19.58 -73.03 46.82
C ILE H 600 -20.00 -74.42 47.27
N HIS H 601 -21.18 -74.54 47.89
CA HIS H 601 -21.62 -75.86 48.35
C HIS H 601 -21.73 -76.83 47.19
N GLU H 602 -22.38 -76.40 46.11
CA GLU H 602 -22.48 -77.24 44.91
C GLU H 602 -21.12 -77.35 44.23
N ALA H 603 -20.33 -76.27 44.28
CA ALA H 603 -19.01 -76.29 43.66
C ALA H 603 -18.12 -77.31 44.35
N MET H 604 -18.20 -77.41 45.68
CA MET H 604 -17.39 -78.40 46.39
C MET H 604 -17.76 -79.81 45.97
N GLU H 605 -19.06 -80.09 45.86
CA GLU H 605 -19.49 -81.43 45.47
C GLU H 605 -19.13 -81.72 44.02
N GLN H 606 -19.24 -80.72 43.14
CA GLN H 606 -18.97 -80.93 41.73
C GLN H 606 -17.53 -80.58 41.32
N GLN H 607 -16.71 -80.08 42.24
CA GLN H 607 -15.32 -79.75 41.97
C GLN H 607 -15.17 -78.79 40.79
N SER H 608 -16.18 -77.94 40.58
CA SER H 608 -16.12 -76.92 39.54
C SER H 608 -17.21 -75.89 39.82
N ILE H 609 -17.17 -74.79 39.07
CA ILE H 609 -18.09 -73.68 39.24
C ILE H 609 -18.97 -73.58 38.00
N SER H 610 -20.29 -73.64 38.21
CA SER H 610 -21.26 -73.58 37.12
C SER H 610 -22.09 -72.31 37.25
N ILE H 611 -22.28 -71.63 36.12
CA ILE H 611 -23.05 -70.39 36.05
C ILE H 611 -24.22 -70.61 35.10
N SER H 612 -25.42 -70.26 35.54
CA SER H 612 -26.63 -70.46 34.73
C SER H 612 -27.28 -69.12 34.44
N LYS H 613 -26.48 -68.05 34.36
CA LYS H 613 -27.03 -66.75 34.03
C LYS H 613 -27.03 -66.47 32.53
N ALA H 614 -26.43 -67.35 31.73
CA ALA H 614 -26.38 -67.24 30.27
C ALA H 614 -25.64 -66.00 29.80
N GLY H 615 -25.07 -65.23 30.72
CA GLY H 615 -24.33 -64.04 30.37
C GLY H 615 -22.83 -64.20 30.50
N ILE H 616 -22.40 -64.88 31.55
CA ILE H 616 -20.99 -65.08 31.85
C ILE H 616 -20.74 -66.58 31.93
N VAL H 617 -19.73 -67.06 31.21
CA VAL H 617 -19.36 -68.46 31.22
C VAL H 617 -17.86 -68.58 31.50
N THR H 618 -17.50 -69.46 32.41
CA THR H 618 -16.11 -69.68 32.79
C THR H 618 -16.05 -71.00 33.55
N SER H 619 -14.83 -71.54 33.69
CA SER H 619 -14.64 -72.76 34.45
C SER H 619 -13.35 -72.67 35.24
N LEU H 620 -13.40 -73.13 36.48
CA LEU H 620 -12.25 -73.14 37.37
C LEU H 620 -12.16 -74.51 38.04
N GLN H 621 -10.94 -74.93 38.35
CA GLN H 621 -10.71 -76.25 38.90
C GLN H 621 -10.72 -76.21 40.43
N ALA H 622 -10.87 -77.39 41.04
CA ALA H 622 -10.87 -77.51 42.49
C ALA H 622 -10.36 -78.91 42.83
N ARG H 623 -9.13 -78.99 43.34
CA ARG H 623 -8.46 -80.27 43.56
C ARG H 623 -7.87 -80.40 44.96
N CYS H 624 -8.32 -79.60 45.93
CA CYS H 624 -7.76 -79.67 47.26
C CYS H 624 -8.71 -80.37 48.23
N THR H 625 -8.19 -80.68 49.42
CA THR H 625 -8.97 -81.33 50.47
C THR H 625 -9.53 -80.25 51.38
N VAL H 626 -10.85 -80.23 51.53
CA VAL H 626 -11.54 -79.23 52.34
C VAL H 626 -11.37 -79.63 53.81
N ILE H 627 -10.66 -78.81 54.57
CA ILE H 627 -10.48 -79.02 55.99
C ILE H 627 -10.92 -77.76 56.73
N ALA H 628 -11.93 -77.89 57.58
CA ALA H 628 -12.45 -76.79 58.36
C ALA H 628 -13.02 -77.31 59.67
N ALA H 629 -13.12 -76.42 60.65
CA ALA H 629 -13.69 -76.73 61.95
C ALA H 629 -14.85 -75.80 62.24
N ALA H 630 -15.97 -76.37 62.69
CA ALA H 630 -17.16 -75.59 63.00
C ALA H 630 -17.22 -75.28 64.49
N ASN H 631 -17.96 -74.22 64.82
CA ASN H 631 -18.17 -73.83 66.21
C ASN H 631 -19.64 -74.06 66.57
N PRO H 632 -19.94 -74.95 67.51
CA PRO H 632 -21.34 -75.26 67.83
C PRO H 632 -22.08 -74.03 68.32
N ILE H 633 -23.31 -73.87 67.83
CA ILE H 633 -24.19 -72.80 68.29
C ILE H 633 -24.85 -73.23 69.59
N GLY H 634 -24.46 -72.61 70.70
CA GLY H 634 -25.01 -72.95 72.00
C GLY H 634 -24.69 -74.37 72.44
N GLY H 635 -25.71 -75.12 72.82
CA GLY H 635 -25.50 -76.49 73.26
C GLY H 635 -25.31 -77.44 72.11
N ARG H 636 -24.59 -78.53 72.38
CA ARG H 636 -24.32 -79.54 71.37
C ARG H 636 -25.52 -80.46 71.17
N TYR H 637 -25.88 -81.22 72.21
CA TYR H 637 -27.04 -82.11 72.15
C TYR H 637 -27.82 -82.05 73.45
N ASP H 638 -27.85 -80.87 74.08
CA ASP H 638 -28.68 -80.68 75.27
C ASP H 638 -30.17 -80.83 75.01
N PRO H 639 -30.76 -80.23 73.96
CA PRO H 639 -32.19 -80.44 73.71
C PRO H 639 -32.47 -81.86 73.22
N SER H 640 -33.74 -82.24 73.33
CA SER H 640 -34.21 -83.57 72.93
C SER H 640 -34.51 -83.65 71.44
N LEU H 641 -34.31 -82.54 70.72
CA LEU H 641 -34.55 -82.49 69.28
C LEU H 641 -33.25 -82.80 68.53
N THR H 642 -33.32 -82.87 67.21
CA THR H 642 -32.13 -83.14 66.41
C THR H 642 -31.26 -81.89 66.31
N PHE H 643 -30.00 -82.11 65.95
CA PHE H 643 -29.04 -81.01 65.85
C PHE H 643 -29.41 -80.05 64.73
N SER H 644 -29.87 -80.58 63.60
CA SER H 644 -30.17 -79.73 62.44
C SER H 644 -31.46 -78.94 62.61
N GLU H 645 -32.43 -79.45 63.38
CA GLU H 645 -33.73 -78.81 63.48
C GLU H 645 -33.79 -77.74 64.56
N ASN H 646 -32.69 -77.47 65.26
CA ASN H 646 -32.61 -76.39 66.24
C ASN H 646 -31.66 -75.32 65.74
N VAL H 647 -31.55 -75.17 64.42
CA VAL H 647 -30.68 -74.19 63.79
C VAL H 647 -31.48 -73.47 62.72
N ASP H 648 -31.35 -72.14 62.66
CA ASP H 648 -32.08 -71.35 61.68
C ASP H 648 -31.61 -71.62 60.26
N LEU H 649 -30.45 -72.24 60.08
CA LEU H 649 -29.96 -72.58 58.76
C LEU H 649 -30.81 -73.70 58.14
N THR H 650 -30.61 -73.91 56.85
CA THR H 650 -31.34 -74.94 56.12
C THR H 650 -30.82 -76.32 56.50
N GLU H 651 -31.75 -77.26 56.62
CA GLU H 651 -31.43 -78.61 57.09
C GLU H 651 -30.54 -79.41 56.15
N PRO H 652 -30.84 -79.56 54.85
CA PRO H 652 -30.09 -80.52 54.03
C PRO H 652 -28.61 -80.20 53.87
N ILE H 653 -28.21 -78.93 53.85
CA ILE H 653 -26.81 -78.58 53.65
C ILE H 653 -25.98 -79.04 54.84
N ILE H 654 -26.58 -78.97 56.04
CA ILE H 654 -25.89 -79.41 57.24
C ILE H 654 -25.58 -80.90 57.16
N SER H 655 -26.51 -81.69 56.62
CA SER H 655 -26.37 -83.14 56.55
C SER H 655 -25.55 -83.59 55.35
N ARG H 656 -24.91 -82.66 54.64
CA ARG H 656 -24.02 -82.99 53.53
C ARG H 656 -22.68 -83.52 53.98
N PHE H 657 -22.25 -83.22 55.19
CA PHE H 657 -20.95 -83.69 55.66
C PHE H 657 -21.02 -85.19 55.92
N ASP H 658 -19.98 -85.91 55.49
CA ASP H 658 -19.96 -87.35 55.68
C ASP H 658 -19.55 -87.72 57.11
N ILE H 659 -18.54 -87.06 57.66
CA ILE H 659 -18.02 -87.36 58.99
C ILE H 659 -18.04 -86.09 59.82
N LEU H 660 -18.51 -86.21 61.06
CA LEU H 660 -18.64 -85.09 62.00
C LEU H 660 -17.78 -85.40 63.23
N CYS H 661 -16.55 -84.92 63.22
CA CYS H 661 -15.63 -85.18 64.33
C CYS H 661 -15.86 -84.18 65.46
N VAL H 662 -16.20 -84.70 66.64
CA VAL H 662 -16.46 -83.90 67.82
C VAL H 662 -15.56 -84.39 68.95
N VAL H 663 -15.19 -83.48 69.86
CA VAL H 663 -14.38 -83.86 71.00
C VAL H 663 -15.21 -84.75 71.93
N ARG H 664 -14.59 -85.81 72.44
CA ARG H 664 -15.25 -86.77 73.30
C ARG H 664 -14.66 -86.70 74.71
N ASP H 665 -15.53 -86.61 75.71
CA ASP H 665 -15.17 -86.51 77.12
C ASP H 665 -14.55 -85.15 77.42
N THR H 666 -14.81 -84.62 78.61
CA THR H 666 -14.31 -83.29 78.96
C THR H 666 -13.61 -83.33 80.31
N VAL H 667 -13.80 -84.41 81.06
CA VAL H 667 -13.15 -84.59 82.37
C VAL H 667 -12.19 -85.77 82.21
N ASP H 668 -10.94 -85.47 81.88
CA ASP H 668 -9.90 -86.47 81.69
C ASP H 668 -8.71 -86.04 82.52
N PRO H 669 -8.66 -86.45 83.80
CA PRO H 669 -7.52 -86.07 84.64
C PRO H 669 -6.19 -86.55 84.07
N VAL H 670 -6.17 -87.71 83.40
CA VAL H 670 -4.95 -88.19 82.78
C VAL H 670 -4.47 -87.21 81.73
N GLN H 671 -5.41 -86.68 80.92
CA GLN H 671 -5.05 -85.69 79.93
C GLN H 671 -4.49 -84.43 80.57
N ASP H 672 -5.05 -84.01 81.70
CA ASP H 672 -4.55 -82.81 82.37
C ASP H 672 -3.09 -82.97 82.77
N GLU H 673 -2.70 -84.18 83.19
CA GLU H 673 -1.35 -84.38 83.67
C GLU H 673 -0.32 -84.14 82.59
N MET H 674 -0.49 -84.78 81.42
CA MET H 674 0.53 -84.69 80.39
C MET H 674 0.61 -83.28 79.81
N LEU H 675 -0.53 -82.63 79.62
CA LEU H 675 -0.54 -81.29 79.05
C LEU H 675 0.11 -80.30 80.01
N ALA H 676 0.05 -80.59 81.30
CA ALA H 676 0.60 -79.67 82.29
C ALA H 676 2.10 -79.49 82.12
N ARG H 677 2.83 -80.59 81.90
CA ARG H 677 4.27 -80.50 81.76
C ARG H 677 4.66 -79.73 80.51
N PHE H 678 3.85 -79.83 79.45
CA PHE H 678 4.15 -79.11 78.21
C PHE H 678 4.17 -77.60 78.44
N VAL H 679 3.36 -77.12 79.38
CA VAL H 679 3.31 -75.70 79.68
C VAL H 679 4.68 -75.20 80.10
N VAL H 680 5.35 -75.94 80.98
CA VAL H 680 6.70 -75.59 81.38
C VAL H 680 7.64 -75.63 80.17
N GLY H 681 7.41 -76.59 79.27
CA GLY H 681 8.25 -76.68 78.09
C GLY H 681 8.20 -75.43 77.24
N SER H 682 7.13 -74.65 77.36
CA SER H 682 7.04 -73.41 76.60
C SER H 682 8.18 -72.47 76.94
N HIS H 683 8.46 -72.28 78.23
CA HIS H 683 9.59 -71.44 78.62
C HIS H 683 10.91 -72.08 78.26
N VAL H 684 10.97 -73.41 78.30
CA VAL H 684 12.24 -74.11 78.09
C VAL H 684 12.77 -73.84 76.69
N ARG H 685 11.90 -73.95 75.69
CA ARG H 685 12.33 -73.67 74.31
C ARG H 685 12.72 -72.22 74.13
N HIS H 686 11.95 -71.31 74.73
CA HIS H 686 12.18 -69.88 74.54
C HIS H 686 13.35 -69.34 75.34
N HIS H 687 13.89 -70.13 76.27
CA HIS H 687 15.03 -69.66 77.02
C HIS H 687 16.28 -69.69 76.16
N PRO H 688 17.22 -68.76 76.40
CA PRO H 688 18.49 -68.77 75.66
C PRO H 688 19.25 -70.07 75.84
N SER H 689 19.88 -70.56 74.77
CA SER H 689 20.64 -71.80 74.83
C SER H 689 21.64 -71.81 73.69
N ASN H 690 22.92 -71.99 74.02
CA ASN H 690 23.98 -72.03 73.03
C ASN H 690 23.92 -73.33 72.23
N GLN H 717 9.77 -83.70 61.67
CA GLN H 717 10.32 -84.76 60.83
C GLN H 717 10.58 -84.27 59.40
N GLU H 718 11.69 -83.60 59.21
CA GLU H 718 12.08 -83.13 57.89
C GLU H 718 12.44 -84.28 56.95
N VAL H 719 12.92 -85.39 57.49
CA VAL H 719 13.12 -86.58 56.66
C VAL H 719 11.80 -87.09 56.13
N LEU H 720 10.77 -87.11 56.97
CA LEU H 720 9.43 -87.50 56.56
C LEU H 720 8.73 -86.47 55.70
N LYS H 721 9.19 -85.21 55.73
CA LYS H 721 8.58 -84.16 54.93
C LYS H 721 8.63 -84.50 53.44
N LYS H 722 9.77 -85.01 52.98
CA LYS H 722 9.95 -85.36 51.58
C LYS H 722 9.40 -86.74 51.24
N TYR H 723 8.94 -87.49 52.24
CA TYR H 723 8.33 -88.79 51.96
C TYR H 723 7.04 -88.63 51.19
N ILE H 724 6.17 -87.71 51.63
CA ILE H 724 4.83 -87.62 51.06
C ILE H 724 4.89 -87.09 49.64
N ILE H 725 5.78 -86.13 49.37
CA ILE H 725 5.85 -85.54 48.03
C ILE H 725 6.26 -86.59 47.00
N TYR H 726 7.25 -87.40 47.33
CA TYR H 726 7.76 -88.37 46.37
C TYR H 726 6.71 -89.41 46.00
N ALA H 727 5.99 -89.94 47.00
CA ALA H 727 5.01 -90.99 46.73
C ALA H 727 3.83 -90.46 45.93
N LYS H 728 3.31 -89.29 46.29
CA LYS H 728 2.11 -88.79 45.64
C LYS H 728 2.38 -88.23 44.25
N GLU H 729 3.64 -87.94 43.92
CA GLU H 729 3.98 -87.37 42.62
C GLU H 729 4.64 -88.36 41.66
N ARG H 730 5.34 -89.36 42.18
CA ARG H 730 6.02 -90.34 41.34
C ARG H 730 5.28 -91.66 41.22
N VAL H 731 4.41 -91.99 42.18
CA VAL H 731 3.66 -93.24 42.16
C VAL H 731 2.27 -92.95 41.63
N HIS H 732 1.94 -93.54 40.49
CA HIS H 732 0.63 -93.37 39.86
C HIS H 732 0.07 -94.75 39.51
N PRO H 733 -0.63 -95.40 40.43
CA PRO H 733 -1.19 -96.74 40.15
C PRO H 733 -2.22 -96.70 39.05
N LYS H 734 -2.39 -97.85 38.41
CA LYS H 734 -3.40 -98.07 37.38
C LYS H 734 -4.48 -98.99 37.94
N LEU H 735 -5.48 -99.30 37.10
CA LEU H 735 -6.65 -100.06 37.53
C LEU H 735 -6.46 -101.52 37.18
N ASN H 736 -6.70 -102.40 38.16
CA ASN H 736 -6.60 -103.84 37.97
C ASN H 736 -8.00 -104.43 38.02
N GLN H 737 -8.34 -105.23 37.00
CA GLN H 737 -9.67 -105.82 36.92
C GLN H 737 -9.90 -106.93 37.94
N MET H 738 -8.85 -107.67 38.31
CA MET H 738 -9.03 -108.84 39.16
C MET H 738 -9.00 -108.49 40.65
N ASP H 739 -8.74 -107.23 41.01
CA ASP H 739 -8.61 -106.85 42.40
C ASP H 739 -9.77 -106.00 42.89
N GLN H 740 -10.68 -105.59 42.01
CA GLN H 740 -11.83 -104.80 42.45
C GLN H 740 -12.88 -105.67 43.13
N ASP H 741 -12.99 -106.94 42.74
CA ASP H 741 -14.03 -107.80 43.28
C ASP H 741 -13.81 -108.09 44.76
N LYS H 742 -12.57 -108.42 45.15
CA LYS H 742 -12.32 -108.86 46.52
C LYS H 742 -12.61 -107.74 47.52
N VAL H 743 -12.20 -106.52 47.19
CA VAL H 743 -12.46 -105.38 48.07
C VAL H 743 -13.96 -105.15 48.19
N ALA H 744 -14.67 -105.19 47.06
CA ALA H 744 -16.10 -104.94 47.04
C ALA H 744 -16.91 -106.00 47.79
N LYS H 745 -16.35 -107.19 48.01
CA LYS H 745 -17.09 -108.22 48.72
C LYS H 745 -17.37 -107.81 50.16
N MET H 746 -16.37 -107.23 50.82
CA MET H 746 -16.54 -106.85 52.23
C MET H 746 -17.53 -105.70 52.38
N TYR H 747 -17.63 -104.84 51.37
CA TYR H 747 -18.58 -103.72 51.44
C TYR H 747 -20.01 -104.24 51.56
N SER H 748 -20.33 -105.30 50.82
CA SER H 748 -21.65 -105.91 50.95
C SER H 748 -21.87 -106.43 52.37
N ASP H 749 -20.80 -106.91 53.01
CA ASP H 749 -20.92 -107.42 54.38
C ASP H 749 -21.37 -106.32 55.33
N LEU H 750 -20.94 -105.08 55.08
CA LEU H 750 -21.41 -103.96 55.89
C LEU H 750 -22.90 -103.72 55.69
N ARG H 751 -23.38 -103.91 54.47
CA ARG H 751 -24.80 -103.66 54.19
C ARG H 751 -25.70 -104.62 54.96
N LYS H 752 -25.35 -105.91 54.97
CA LYS H 752 -26.22 -106.91 55.58
C LYS H 752 -26.38 -106.68 57.08
N GLU H 753 -25.49 -105.91 57.70
CA GLU H 753 -25.63 -105.60 59.11
C GLU H 753 -26.88 -104.76 59.37
N SER H 754 -27.18 -103.82 58.48
CA SER H 754 -28.37 -103.00 58.61
C SER H 754 -29.60 -103.61 57.94
N MET H 755 -29.46 -104.76 57.29
CA MET H 755 -30.58 -105.40 56.62
C MET H 755 -31.33 -106.40 57.49
N ALA H 756 -30.83 -106.69 58.70
CA ALA H 756 -31.52 -107.64 59.57
C ALA H 756 -32.77 -107.03 60.18
N THR H 757 -32.59 -106.03 61.04
CA THR H 757 -33.72 -105.31 61.65
C THR H 757 -33.70 -103.87 61.13
N GLY H 758 -34.38 -103.67 60.01
CA GLY H 758 -34.43 -102.34 59.41
C GLY H 758 -34.91 -102.42 57.97
N SER H 759 -34.92 -101.25 57.32
CA SER H 759 -35.36 -101.14 55.93
C SER H 759 -34.42 -100.16 55.22
N ILE H 760 -33.35 -100.70 54.64
CA ILE H 760 -32.34 -100.00 53.84
C ILE H 760 -32.10 -98.57 54.31
N PRO H 761 -31.65 -98.35 55.55
CA PRO H 761 -31.45 -96.99 56.04
C PRO H 761 -30.05 -96.41 55.78
N ILE H 762 -29.17 -97.15 55.12
CA ILE H 762 -27.80 -96.72 54.88
C ILE H 762 -27.60 -96.52 53.38
N THR H 763 -26.87 -95.47 53.02
CA THR H 763 -26.61 -95.14 51.62
C THR H 763 -25.16 -95.45 51.28
N VAL H 764 -24.96 -95.88 50.03
CA VAL H 764 -23.63 -96.30 49.57
C VAL H 764 -22.65 -95.14 49.55
N ARG H 765 -23.14 -93.90 49.57
CA ARG H 765 -22.25 -92.74 49.49
C ARG H 765 -21.27 -92.71 50.67
N HIS H 766 -21.72 -93.13 51.85
CA HIS H 766 -20.82 -93.21 52.99
C HIS H 766 -19.68 -94.17 52.71
N ILE H 767 -20.00 -95.32 52.10
CA ILE H 767 -18.97 -96.27 51.70
C ILE H 767 -18.08 -95.68 50.63
N GLU H 768 -18.67 -94.88 49.74
CA GLU H 768 -17.91 -94.35 48.60
C GLU H 768 -16.68 -93.59 49.05
N SER H 769 -16.76 -92.94 50.22
CA SER H 769 -15.57 -92.31 50.79
C SER H 769 -14.55 -93.33 51.26
N MET H 770 -14.99 -94.52 51.67
CA MET H 770 -14.09 -95.49 52.27
C MET H 770 -13.05 -96.00 51.28
N ILE H 771 -13.42 -96.09 49.99
CA ILE H 771 -12.54 -96.73 49.02
C ILE H 771 -11.23 -95.95 48.89
N ARG H 772 -11.30 -94.62 48.89
CA ARG H 772 -10.07 -93.86 48.79
C ARG H 772 -9.22 -94.00 50.05
N MET H 773 -9.85 -94.18 51.21
CA MET H 773 -9.10 -94.31 52.45
C MET H 773 -8.27 -95.59 52.46
N ALA H 774 -8.85 -96.69 51.97
CA ALA H 774 -8.09 -97.94 51.92
C ALA H 774 -6.94 -97.83 50.93
N GLU H 775 -7.05 -96.92 49.96
CA GLU H 775 -5.95 -96.72 49.01
C GLU H 775 -4.73 -96.13 49.71
N ALA H 776 -4.96 -95.25 50.70
CA ALA H 776 -3.85 -94.63 51.41
C ALA H 776 -3.12 -95.66 52.27
N HIS H 777 -3.78 -96.75 52.63
CA HIS H 777 -3.15 -97.79 53.43
C HIS H 777 -1.96 -98.39 52.69
N ALA H 778 -2.11 -98.60 51.39
CA ALA H 778 -1.03 -99.19 50.60
C ALA H 778 0.21 -98.30 50.61
N ARG H 779 0.01 -96.98 50.62
CA ARG H 779 1.14 -96.09 50.80
C ARG H 779 1.78 -96.28 52.18
N ILE H 780 0.98 -96.67 53.17
CA ILE H 780 1.51 -96.80 54.52
C ILE H 780 2.28 -98.10 54.69
N HIS H 781 1.65 -99.23 54.36
CA HIS H 781 2.24 -100.53 54.66
C HIS H 781 3.05 -101.10 53.51
N LEU H 782 2.84 -100.61 52.29
CA LEU H 782 3.55 -101.09 51.10
C LEU H 782 3.33 -102.59 50.89
N ARG H 783 2.12 -103.03 51.22
CA ARG H 783 1.75 -104.44 51.06
C ARG H 783 0.75 -104.69 49.94
N ASP H 784 0.19 -103.64 49.34
CA ASP H 784 -0.72 -103.70 48.21
C ASP H 784 -2.09 -104.28 48.57
N TYR H 785 -2.29 -104.72 49.80
CA TYR H 785 -3.60 -105.18 50.25
C TYR H 785 -3.98 -104.43 51.52
N VAL H 786 -5.21 -104.67 51.98
CA VAL H 786 -5.75 -104.05 53.18
C VAL H 786 -6.17 -105.16 54.13
N ILE H 787 -5.81 -105.01 55.40
CA ILE H 787 -6.13 -106.00 56.42
C ILE H 787 -7.39 -105.54 57.15
N GLU H 788 -8.11 -106.52 57.71
CA GLU H 788 -9.35 -106.22 58.43
C GLU H 788 -9.08 -105.35 59.66
N ASP H 789 -7.86 -105.41 60.19
CA ASP H 789 -7.53 -104.56 61.33
C ASP H 789 -7.63 -103.09 60.97
N ASP H 790 -7.17 -102.73 59.76
CA ASP H 790 -7.26 -101.35 59.31
C ASP H 790 -8.72 -100.92 59.12
N VAL H 791 -9.54 -101.81 58.57
CA VAL H 791 -10.94 -101.49 58.32
C VAL H 791 -11.69 -101.28 59.63
N ASN H 792 -11.37 -102.09 60.64
CA ASN H 792 -12.10 -102.02 61.91
C ASN H 792 -11.94 -100.65 62.56
N MET H 793 -10.72 -100.10 62.53
CA MET H 793 -10.53 -98.73 62.98
C MET H 793 -11.26 -97.75 62.07
N ALA H 794 -11.22 -97.99 60.75
CA ALA H 794 -11.99 -97.18 59.84
C ALA H 794 -13.50 -97.32 60.09
N ILE H 795 -13.92 -98.48 60.58
CA ILE H 795 -15.33 -98.67 60.91
C ILE H 795 -15.72 -97.75 62.06
N ARG H 796 -14.86 -97.65 63.09
CA ARG H 796 -15.20 -96.83 64.25
C ARG H 796 -15.36 -95.37 63.86
N VAL H 797 -14.50 -94.86 62.98
CA VAL H 797 -14.63 -93.48 62.51
C VAL H 797 -15.95 -93.30 61.77
N MET H 798 -16.30 -94.28 60.94
CA MET H 798 -17.58 -94.23 60.25
C MET H 798 -18.73 -94.25 61.24
N LEU H 799 -18.65 -95.10 62.26
CA LEU H 799 -19.74 -95.22 63.23
C LEU H 799 -19.82 -93.99 64.13
N GLU H 800 -18.73 -93.24 64.26
CA GLU H 800 -18.72 -92.11 65.18
C GLU H 800 -19.83 -91.13 64.86
N SER H 801 -20.18 -90.98 63.58
CA SER H 801 -21.29 -90.11 63.22
C SER H 801 -22.60 -90.61 63.80
N PHE H 802 -22.84 -91.91 63.73
CA PHE H 802 -24.08 -92.48 64.25
C PHE H 802 -24.15 -92.31 65.77
N ILE H 803 -23.01 -92.30 66.44
CA ILE H 803 -23.01 -92.15 67.90
C ILE H 803 -23.58 -90.80 68.30
N ASP H 804 -23.20 -89.75 67.58
CA ASP H 804 -23.65 -88.41 67.94
C ASP H 804 -25.14 -88.22 67.73
N THR H 805 -25.72 -88.92 66.75
CA THR H 805 -27.13 -88.80 66.42
C THR H 805 -28.01 -89.82 67.16
N GLN H 806 -27.54 -91.05 67.33
CA GLN H 806 -28.33 -92.11 67.93
C GLN H 806 -27.97 -92.28 69.40
N LYS H 807 -28.96 -92.72 70.19
CA LYS H 807 -28.77 -92.92 71.62
C LYS H 807 -27.70 -93.98 71.87
N PHE H 808 -26.99 -93.81 72.99
CA PHE H 808 -25.79 -94.57 73.32
C PHE H 808 -25.97 -96.08 73.34
N SER H 809 -27.21 -96.56 73.20
CA SER H 809 -27.50 -97.98 73.28
C SER H 809 -26.97 -98.75 72.08
N VAL H 810 -26.53 -98.02 71.05
CA VAL H 810 -26.03 -98.67 69.84
C VAL H 810 -24.63 -99.23 70.06
N MET H 811 -24.03 -98.97 71.23
CA MET H 811 -22.67 -99.42 71.48
C MET H 811 -22.56 -100.94 71.60
N ARG H 812 -23.68 -101.65 71.67
CA ARG H 812 -23.67 -103.11 71.76
C ARG H 812 -23.34 -103.77 70.43
N SER H 813 -23.56 -103.07 69.31
CA SER H 813 -23.28 -103.65 68.00
C SER H 813 -21.78 -103.78 67.75
N MET H 814 -20.95 -103.19 68.61
CA MET H 814 -19.51 -103.29 68.47
C MET H 814 -18.99 -104.69 68.74
N ARG H 815 -19.76 -105.53 69.44
CA ARG H 815 -19.34 -106.93 69.63
C ARG H 815 -19.44 -107.71 68.33
N LYS H 816 -20.48 -107.44 67.53
CA LYS H 816 -20.63 -108.12 66.25
C LYS H 816 -19.62 -107.65 65.22
N THR H 817 -19.16 -106.39 65.33
CA THR H 817 -18.12 -105.91 64.42
C THR H 817 -16.83 -106.71 64.57
N PHE H 818 -16.47 -107.05 65.82
CA PHE H 818 -15.31 -107.89 66.05
C PHE H 818 -15.52 -109.29 65.50
N ALA H 819 -16.73 -109.84 65.67
CA ALA H 819 -17.03 -111.17 65.14
C ALA H 819 -16.96 -111.19 63.62
N ARG H 820 -17.49 -110.17 62.97
CA ARG H 820 -17.46 -110.09 61.51
C ARG H 820 -16.06 -109.71 61.02
N PRO H 861 -37.97 -107.08 33.97
CA PRO H 861 -38.83 -106.88 35.14
C PRO H 861 -38.31 -105.78 36.06
N GLU H 862 -39.18 -105.25 36.93
CA GLU H 862 -38.76 -104.19 37.84
C GLU H 862 -37.72 -104.68 38.84
N LYS H 863 -37.94 -105.86 39.41
CA LYS H 863 -37.02 -106.45 40.37
C LYS H 863 -35.71 -106.91 39.73
N ASP H 864 -35.78 -107.43 38.51
CA ASP H 864 -34.58 -107.99 37.87
C ASP H 864 -33.52 -106.93 37.66
N LEU H 865 -33.91 -105.72 37.27
CA LEU H 865 -32.93 -104.66 37.06
C LEU H 865 -32.26 -104.26 38.37
N VAL H 866 -32.96 -104.38 39.49
CA VAL H 866 -32.36 -104.10 40.79
C VAL H 866 -31.25 -105.10 41.08
N ASP H 867 -31.50 -106.38 40.78
CA ASP H 867 -30.54 -107.43 41.12
C ASP H 867 -29.22 -107.25 40.37
N LYS H 868 -29.29 -106.90 39.09
CA LYS H 868 -28.08 -106.71 38.32
C LYS H 868 -27.34 -105.44 38.74
N ALA H 869 -28.07 -104.46 39.27
CA ALA H 869 -27.46 -103.18 39.61
C ALA H 869 -26.41 -103.33 40.71
N ARG H 870 -26.70 -104.16 41.71
CA ARG H 870 -25.75 -104.33 42.81
C ARG H 870 -24.50 -105.08 42.37
N GLN H 871 -24.66 -106.09 41.51
CA GLN H 871 -23.54 -106.96 41.15
C GLN H 871 -22.50 -106.29 40.27
N ILE H 872 -22.90 -105.41 39.36
CA ILE H 872 -21.96 -104.82 38.41
C ILE H 872 -21.94 -103.28 38.49
N ASN H 873 -22.98 -102.68 39.06
CA ASN H 873 -23.10 -101.22 39.18
C ASN H 873 -22.98 -100.55 37.81
N ILE H 874 -23.56 -101.19 36.80
CA ILE H 874 -23.64 -100.66 35.43
C ILE H 874 -25.07 -100.85 34.96
N HIS H 875 -25.65 -99.80 34.37
CA HIS H 875 -27.02 -99.89 33.88
C HIS H 875 -27.14 -100.95 32.78
N ASN H 876 -26.18 -100.98 31.85
CA ASN H 876 -26.18 -101.98 30.80
C ASN H 876 -25.55 -103.27 31.30
N LEU H 877 -26.23 -104.39 31.04
CA LEU H 877 -25.65 -105.69 31.41
C LEU H 877 -24.76 -106.24 30.31
N SER H 878 -24.72 -105.57 29.15
CA SER H 878 -23.92 -105.98 28.01
C SER H 878 -22.71 -105.07 27.81
N ALA H 879 -22.14 -104.60 28.91
CA ALA H 879 -21.01 -103.67 28.87
C ALA H 879 -19.67 -104.38 29.05
N PHE H 880 -19.64 -105.70 28.96
CA PHE H 880 -18.40 -106.46 29.15
C PHE H 880 -17.61 -106.49 27.85
N TYR H 881 -16.72 -105.50 27.67
CA TYR H 881 -15.85 -105.41 26.50
C TYR H 881 -16.64 -105.47 25.20
N ASP H 882 -17.53 -104.49 25.03
CA ASP H 882 -18.35 -104.44 23.82
C ASP H 882 -17.53 -104.00 22.62
N SER H 883 -16.39 -103.34 22.84
CA SER H 883 -15.55 -102.89 21.73
C SER H 883 -15.03 -104.07 20.92
N GLU H 884 -14.59 -105.14 21.58
CA GLU H 884 -14.12 -106.34 20.89
C GLU H 884 -15.20 -107.37 20.69
N LEU H 885 -16.38 -107.19 21.26
CA LEU H 885 -17.44 -108.19 21.14
C LEU H 885 -18.09 -108.14 19.76
N PHE H 886 -18.34 -106.95 19.23
CA PHE H 886 -19.11 -106.79 18.01
C PHE H 886 -18.24 -106.96 16.76
N ARG H 887 -17.13 -106.23 16.67
CA ARG H 887 -16.29 -106.31 15.48
C ARG H 887 -15.61 -107.66 15.37
N MET H 888 -15.09 -108.17 16.48
CA MET H 888 -14.36 -109.44 16.49
C MET H 888 -15.13 -110.50 17.28
N ALA I 2 -15.73 12.20 2.41
CA ALA I 2 -14.91 12.94 1.46
C ALA I 2 -15.15 14.45 1.60
N GLY I 3 -16.42 14.83 1.82
CA GLY I 3 -16.81 16.20 2.02
C GLY I 3 -17.35 16.92 0.80
N THR I 4 -17.20 16.35 -0.41
CA THR I 4 -17.85 16.93 -1.58
C THR I 4 -19.36 16.82 -1.43
N VAL I 5 -20.05 17.86 -1.88
CA VAL I 5 -21.49 17.99 -1.63
C VAL I 5 -22.23 18.04 -2.96
N VAL I 6 -23.53 17.82 -2.89
CA VAL I 6 -24.43 17.89 -4.04
C VAL I 6 -25.26 19.14 -3.90
N LEU I 7 -25.37 19.90 -4.97
CA LEU I 7 -26.12 21.15 -4.98
C LEU I 7 -27.43 20.91 -5.72
N ASP I 8 -28.52 20.76 -4.96
CA ASP I 8 -29.88 20.79 -5.47
C ASP I 8 -30.09 19.72 -6.54
N ASP I 9 -30.02 18.47 -6.09
CA ASP I 9 -30.40 17.35 -6.93
C ASP I 9 -31.84 17.53 -7.40
N VAL I 10 -32.07 17.48 -8.71
CA VAL I 10 -33.40 17.74 -9.23
C VAL I 10 -34.33 16.56 -8.92
N GLU I 11 -33.81 15.34 -8.94
CA GLU I 11 -34.65 14.18 -8.65
C GLU I 11 -35.18 14.23 -7.22
N LEU I 12 -34.29 14.55 -6.27
CA LEU I 12 -34.72 14.67 -4.89
C LEU I 12 -35.76 15.77 -4.72
N ARG I 13 -35.54 16.92 -5.37
CA ARG I 13 -36.47 18.03 -5.21
C ARG I 13 -37.83 17.70 -5.83
N GLU I 14 -37.82 17.04 -6.99
CA GLU I 14 -39.08 16.60 -7.60
C GLU I 14 -39.80 15.63 -6.70
N ALA I 15 -39.07 14.69 -6.10
CA ALA I 15 -39.70 13.74 -5.19
C ALA I 15 -40.31 14.47 -4.01
N GLN I 16 -39.57 15.44 -3.46
CA GLN I 16 -40.09 16.19 -2.31
C GLN I 16 -41.36 16.93 -2.68
N ARG I 17 -41.38 17.58 -3.85
CA ARG I 17 -42.55 18.35 -4.23
C ARG I 17 -43.76 17.43 -4.47
N ASP I 18 -43.54 16.31 -5.17
CA ASP I 18 -44.64 15.40 -5.44
C ASP I 18 -45.18 14.80 -4.14
N TYR I 19 -44.30 14.37 -3.24
CA TYR I 19 -44.78 13.77 -2.00
C TYR I 19 -45.49 14.81 -1.13
N LEU I 20 -44.99 16.04 -1.11
CA LEU I 20 -45.66 17.08 -0.33
C LEU I 20 -47.05 17.34 -0.90
N ASP I 21 -47.17 17.36 -2.23
CA ASP I 21 -48.49 17.52 -2.83
C ASP I 21 -49.40 16.36 -2.47
N PHE I 22 -48.84 15.15 -2.40
CA PHE I 22 -49.62 13.99 -1.99
C PHE I 22 -50.12 14.14 -0.57
N LEU I 23 -49.26 14.62 0.33
CA LEU I 23 -49.66 14.76 1.73
C LEU I 23 -50.60 15.92 1.95
N ASP I 24 -50.50 16.96 1.11
CA ASP I 24 -51.36 18.14 1.25
C ASP I 24 -52.75 17.85 0.65
N ASP I 25 -53.54 17.12 1.42
CA ASP I 25 -54.88 16.70 0.98
C ASP I 25 -55.83 17.86 1.20
N GLU I 26 -55.73 18.87 0.34
CA GLU I 26 -56.57 20.05 0.44
C GLU I 26 -57.86 19.90 -0.36
N GLU I 27 -57.77 19.40 -1.59
CA GLU I 27 -58.97 19.17 -2.37
C GLU I 27 -59.81 18.03 -1.83
N ASP I 28 -59.20 17.05 -1.16
CA ASP I 28 -59.93 15.97 -0.54
C ASP I 28 -60.25 16.33 0.91
N GLN I 29 -60.92 15.41 1.61
CA GLN I 29 -61.37 15.68 2.96
C GLN I 29 -60.22 15.74 3.95
N GLY I 30 -59.01 15.40 3.52
CA GLY I 30 -57.86 15.44 4.40
C GLY I 30 -57.62 14.19 5.19
N ILE I 31 -57.79 13.01 4.57
CA ILE I 31 -57.65 11.75 5.30
C ILE I 31 -56.27 11.67 5.92
N TYR I 32 -55.23 11.90 5.10
CA TYR I 32 -53.88 11.90 5.64
C TYR I 32 -53.65 13.09 6.55
N GLN I 33 -54.32 14.22 6.29
CA GLN I 33 -54.12 15.37 7.17
C GLN I 33 -54.77 15.11 8.52
N SER I 34 -55.91 14.44 8.52
CA SER I 34 -56.50 14.02 9.78
C SER I 34 -55.58 13.04 10.50
N LYS I 35 -54.94 12.14 9.75
CA LYS I 35 -54.00 11.22 10.37
C LYS I 35 -52.80 11.95 10.97
N VAL I 36 -52.34 13.01 10.30
CA VAL I 36 -51.23 13.80 10.83
C VAL I 36 -51.62 14.48 12.12
N ARG I 37 -52.82 15.07 12.17
CA ARG I 37 -53.30 15.62 13.43
C ARG I 37 -53.37 14.56 14.50
N GLU I 38 -53.88 13.37 14.15
CA GLU I 38 -54.03 12.32 15.14
C GLU I 38 -52.69 11.89 15.70
N LEU I 39 -51.67 11.79 14.84
CA LEU I 39 -50.35 11.37 15.30
C LEU I 39 -49.70 12.46 16.16
N ILE I 40 -49.90 13.72 15.80
CA ILE I 40 -49.38 14.80 16.64
C ILE I 40 -50.03 14.77 18.00
N SER I 41 -51.34 14.56 18.04
CA SER I 41 -52.04 14.51 19.32
C SER I 41 -51.61 13.31 20.15
N ASP I 42 -51.38 12.17 19.51
CA ASP I 42 -51.07 10.94 20.22
C ASP I 42 -49.58 10.80 20.52
N ASN I 43 -48.76 11.77 20.11
CA ASN I 43 -47.32 11.75 20.35
C ASN I 43 -46.69 10.50 19.76
N GLN I 44 -46.92 10.29 18.46
CA GLN I 44 -46.27 9.23 17.71
C GLN I 44 -45.61 9.83 16.48
N TYR I 45 -44.44 9.30 16.12
CA TYR I 45 -43.67 9.90 15.05
C TYR I 45 -43.33 8.91 13.96
N ARG I 46 -44.33 8.14 13.53
CA ARG I 46 -44.20 7.27 12.37
C ARG I 46 -45.53 7.24 11.65
N LEU I 47 -45.59 7.82 10.46
CA LEU I 47 -46.81 7.88 9.67
C LEU I 47 -46.83 6.69 8.72
N ILE I 48 -47.95 5.96 8.73
CA ILE I 48 -48.11 4.80 7.86
C ILE I 48 -48.95 5.24 6.68
N VAL I 49 -48.46 4.95 5.47
CA VAL I 49 -49.10 5.38 4.24
C VAL I 49 -49.47 4.15 3.43
N ASN I 50 -50.71 4.11 2.95
CA ASN I 50 -51.13 3.04 2.05
C ASN I 50 -50.45 3.21 0.71
N VAL I 51 -49.88 2.12 0.19
CA VAL I 51 -49.23 2.16 -1.11
C VAL I 51 -50.24 2.35 -2.24
N ASN I 52 -51.47 1.86 -2.04
CA ASN I 52 -52.46 1.95 -3.10
C ASN I 52 -52.79 3.40 -3.44
N ASP I 53 -52.87 4.25 -2.42
CA ASP I 53 -53.08 5.67 -2.67
C ASP I 53 -51.93 6.25 -3.48
N LEU I 54 -50.70 5.83 -3.18
CA LEU I 54 -49.54 6.32 -3.93
C LEU I 54 -49.65 5.92 -5.40
N ARG I 55 -50.09 4.69 -5.67
CA ARG I 55 -50.33 4.31 -7.06
C ARG I 55 -51.40 5.20 -7.68
N ARG I 56 -52.50 5.44 -6.95
CA ARG I 56 -53.62 6.16 -7.54
C ARG I 56 -53.24 7.59 -7.90
N LYS I 57 -52.47 8.25 -7.04
CA LYS I 57 -52.16 9.65 -7.31
C LYS I 57 -51.00 9.80 -8.31
N ASN I 58 -49.99 8.94 -8.23
CA ASN I 58 -48.84 9.03 -9.13
C ASN I 58 -48.24 7.63 -9.26
N GLU I 59 -48.58 6.94 -10.35
CA GLU I 59 -48.10 5.58 -10.55
C GLU I 59 -46.58 5.54 -10.63
N LYS I 60 -45.98 6.52 -11.30
CA LYS I 60 -44.54 6.52 -11.48
C LYS I 60 -43.82 6.60 -10.14
N ARG I 61 -44.35 7.41 -9.21
CA ARG I 61 -43.74 7.49 -7.89
C ARG I 61 -43.75 6.13 -7.20
N ALA I 62 -44.88 5.45 -7.25
CA ALA I 62 -44.98 4.15 -6.60
C ALA I 62 -44.04 3.14 -7.23
N ASN I 63 -43.95 3.16 -8.57
CA ASN I 63 -43.05 2.23 -9.24
C ASN I 63 -41.62 2.48 -8.84
N ARG I 64 -41.20 3.74 -8.82
CA ARG I 64 -39.83 4.06 -8.42
C ARG I 64 -39.58 3.67 -6.97
N LEU I 65 -40.55 3.91 -6.09
CA LEU I 65 -40.38 3.57 -4.69
C LEU I 65 -40.18 2.08 -4.52
N LEU I 66 -41.03 1.27 -5.15
CA LEU I 66 -40.90 -0.17 -5.02
C LEU I 66 -39.63 -0.70 -5.68
N ASN I 67 -39.12 -0.03 -6.72
CA ASN I 67 -37.90 -0.50 -7.37
C ASN I 67 -36.64 0.07 -6.75
N ASN I 68 -36.73 1.23 -6.10
CA ASN I 68 -35.56 1.87 -5.48
C ASN I 68 -35.98 2.29 -4.09
N ALA I 69 -35.28 1.77 -3.08
CA ALA I 69 -35.78 1.89 -1.72
C ALA I 69 -35.12 3.03 -0.96
N PHE I 70 -33.79 3.04 -0.91
CA PHE I 70 -33.09 3.89 0.05
C PHE I 70 -33.39 5.37 -0.20
N GLU I 71 -33.03 5.88 -1.38
CA GLU I 71 -33.15 7.32 -1.63
C GLU I 71 -34.61 7.74 -1.63
N GLU I 72 -35.50 6.94 -2.21
CA GLU I 72 -36.90 7.32 -2.23
C GLU I 72 -37.46 7.41 -0.82
N LEU I 73 -37.12 6.45 0.04
CA LEU I 73 -37.60 6.51 1.42
C LEU I 73 -37.05 7.72 2.13
N VAL I 74 -35.77 8.03 1.92
CA VAL I 74 -35.20 9.20 2.58
C VAL I 74 -35.93 10.46 2.15
N ALA I 75 -36.16 10.60 0.84
CA ALA I 75 -36.83 11.79 0.33
C ALA I 75 -38.24 11.89 0.89
N PHE I 76 -38.96 10.77 0.98
CA PHE I 76 -40.31 10.83 1.48
C PHE I 76 -40.32 11.19 2.96
N GLN I 77 -39.33 10.72 3.70
CA GLN I 77 -39.21 11.11 5.10
C GLN I 77 -39.00 12.61 5.22
N ARG I 78 -38.14 13.17 4.37
CA ARG I 78 -37.93 14.62 4.42
C ARG I 78 -39.21 15.36 4.09
N ALA I 79 -39.97 14.84 3.13
CA ALA I 79 -41.23 15.47 2.78
C ALA I 79 -42.18 15.47 3.97
N LEU I 80 -42.23 14.35 4.70
CA LEU I 80 -43.10 14.29 5.86
C LEU I 80 -42.65 15.29 6.91
N LYS I 81 -41.34 15.41 7.12
CA LYS I 81 -40.83 16.39 8.07
C LYS I 81 -41.28 17.79 7.70
N ASP I 82 -41.13 18.14 6.43
CA ASP I 82 -41.52 19.48 6.00
C ASP I 82 -43.01 19.71 6.17
N PHE I 83 -43.84 18.71 5.83
CA PHE I 83 -45.28 18.88 5.94
C PHE I 83 -45.69 19.06 7.40
N VAL I 84 -45.11 18.26 8.30
CA VAL I 84 -45.42 18.38 9.71
C VAL I 84 -45.01 19.74 10.23
N ALA I 85 -43.81 20.21 9.83
CA ALA I 85 -43.35 21.52 10.27
C ALA I 85 -44.28 22.61 9.78
N SER I 86 -44.77 22.49 8.54
CA SER I 86 -45.72 23.45 8.01
C SER I 86 -47.01 23.45 8.82
N ILE I 87 -47.52 22.28 9.18
CA ILE I 87 -48.72 22.22 10.00
C ILE I 87 -48.43 22.72 11.41
N ASP I 88 -47.28 22.35 11.96
CA ASP I 88 -46.93 22.74 13.33
C ASP I 88 -45.41 22.78 13.44
N ALA I 89 -44.85 23.95 13.71
CA ALA I 89 -43.40 24.08 13.80
C ALA I 89 -42.87 23.49 15.10
N THR I 90 -43.60 23.68 16.21
CA THR I 90 -43.07 23.28 17.52
C THR I 90 -42.90 21.77 17.61
N TYR I 91 -43.90 21.02 17.12
CA TYR I 91 -43.79 19.57 17.13
C TYR I 91 -42.57 19.11 16.35
N ALA I 92 -42.31 19.73 15.20
CA ALA I 92 -41.14 19.39 14.42
C ALA I 92 -39.87 19.75 15.16
N LYS I 93 -39.84 20.91 15.82
CA LYS I 93 -38.64 21.33 16.53
C LYS I 93 -38.31 20.37 17.67
N GLN I 94 -39.33 19.76 18.28
CA GLN I 94 -39.06 18.88 19.40
C GLN I 94 -38.23 17.67 18.99
N TYR I 95 -38.54 17.07 17.84
CA TYR I 95 -37.96 15.80 17.44
C TYR I 95 -36.89 16.01 16.39
N GLU I 96 -36.05 14.99 16.20
CA GLU I 96 -34.93 15.13 15.28
C GLU I 96 -35.33 14.76 13.85
N GLU I 97 -35.70 13.51 13.62
CA GLU I 97 -36.02 13.02 12.29
C GLU I 97 -37.25 12.13 12.35
N PHE I 98 -38.11 12.25 11.34
CA PHE I 98 -39.34 11.47 11.27
C PHE I 98 -39.13 10.25 10.38
N TYR I 99 -39.95 9.23 10.59
CA TYR I 99 -39.87 7.98 9.86
C TYR I 99 -41.23 7.65 9.25
N VAL I 100 -41.20 6.90 8.16
CA VAL I 100 -42.41 6.58 7.40
C VAL I 100 -42.49 5.08 7.20
N GLY I 101 -43.67 4.51 7.46
CA GLY I 101 -43.92 3.10 7.22
C GLY I 101 -44.85 2.87 6.05
N LEU I 102 -44.91 1.63 5.61
CA LEU I 102 -45.69 1.25 4.43
C LEU I 102 -46.69 0.15 4.80
N GLU I 103 -47.91 0.30 4.32
CA GLU I 103 -48.95 -0.70 4.50
C GLU I 103 -49.74 -0.82 3.19
N GLY I 104 -50.67 -1.76 3.17
CA GLY I 104 -51.50 -1.99 2.00
C GLY I 104 -51.22 -3.33 1.36
N SER I 105 -51.45 -3.42 0.06
CA SER I 105 -51.23 -4.64 -0.70
C SER I 105 -50.22 -4.36 -1.81
N PHE I 106 -49.21 -5.21 -1.91
CA PHE I 106 -48.18 -5.11 -2.93
C PHE I 106 -48.30 -6.30 -3.86
N GLY I 107 -48.39 -6.02 -5.16
CA GLY I 107 -48.65 -7.06 -6.14
C GLY I 107 -47.64 -8.18 -6.17
N SER I 108 -46.40 -7.87 -6.57
CA SER I 108 -45.39 -8.89 -6.74
C SER I 108 -44.43 -9.01 -5.57
N LYS I 109 -44.38 -8.01 -4.69
CA LYS I 109 -43.42 -8.02 -3.60
C LYS I 109 -43.97 -8.63 -2.32
N HIS I 110 -45.21 -9.13 -2.33
CA HIS I 110 -45.79 -9.79 -1.17
C HIS I 110 -45.36 -11.25 -1.17
N VAL I 111 -44.26 -11.56 -0.50
CA VAL I 111 -43.62 -12.85 -0.64
C VAL I 111 -43.54 -13.52 0.73
N SER I 112 -43.19 -14.80 0.70
CA SER I 112 -42.98 -15.63 1.87
C SER I 112 -41.49 -15.88 2.07
N PRO I 113 -41.07 -16.19 3.30
CA PRO I 113 -39.64 -16.36 3.55
C PRO I 113 -39.00 -17.38 2.63
N ARG I 114 -39.72 -18.46 2.33
CA ARG I 114 -39.24 -19.43 1.37
C ARG I 114 -39.15 -18.82 -0.02
N THR I 115 -40.16 -18.06 -0.42
CA THR I 115 -40.14 -17.45 -1.74
C THR I 115 -39.16 -16.28 -1.79
N LEU I 116 -38.88 -15.65 -0.65
CA LEU I 116 -38.05 -14.46 -0.66
C LEU I 116 -36.61 -14.84 -0.96
N THR I 117 -36.28 -15.02 -2.23
CA THR I 117 -34.94 -15.42 -2.62
C THR I 117 -34.07 -14.17 -2.72
N SER I 118 -32.84 -14.33 -3.18
CA SER I 118 -31.94 -13.20 -3.30
C SER I 118 -32.38 -12.20 -4.36
N CYS I 119 -33.28 -12.59 -5.25
CA CYS I 119 -33.62 -11.75 -6.38
C CYS I 119 -34.30 -10.44 -5.99
N PHE I 120 -34.90 -10.37 -4.79
CA PHE I 120 -35.54 -9.15 -4.34
C PHE I 120 -34.60 -8.23 -3.58
N LEU I 121 -33.29 -8.39 -3.76
CA LEU I 121 -32.35 -7.54 -3.05
C LEU I 121 -32.53 -6.08 -3.45
N SER I 122 -32.32 -5.20 -2.48
CA SER I 122 -32.45 -3.76 -2.66
C SER I 122 -33.84 -3.36 -3.17
N CYS I 123 -34.87 -4.03 -2.68
CA CYS I 123 -36.25 -3.68 -2.99
C CYS I 123 -37.10 -3.87 -1.74
N VAL I 124 -38.13 -3.03 -1.61
CA VAL I 124 -39.02 -3.12 -0.45
C VAL I 124 -39.92 -4.33 -0.60
N VAL I 125 -39.99 -5.14 0.46
CA VAL I 125 -40.73 -6.40 0.40
C VAL I 125 -41.58 -6.55 1.66
N CYS I 126 -42.50 -7.50 1.60
CA CYS I 126 -43.34 -7.87 2.73
C CYS I 126 -43.10 -9.34 3.04
N VAL I 127 -42.92 -9.66 4.32
CA VAL I 127 -42.63 -11.01 4.77
C VAL I 127 -43.67 -11.42 5.81
N GLU I 128 -44.20 -12.63 5.67
CA GLU I 128 -45.19 -13.15 6.60
C GLU I 128 -44.68 -14.43 7.22
N GLY I 129 -44.93 -14.59 8.52
CA GLY I 129 -44.44 -15.76 9.22
C GLY I 129 -44.64 -15.63 10.71
N ILE I 130 -43.88 -16.40 11.47
CA ILE I 130 -43.94 -16.42 12.92
C ILE I 130 -42.55 -16.16 13.48
N VAL I 131 -42.50 -15.39 14.55
CA VAL I 131 -41.23 -15.03 15.16
C VAL I 131 -40.64 -16.26 15.84
N THR I 132 -39.35 -16.50 15.62
CA THR I 132 -38.72 -17.68 16.16
C THR I 132 -37.56 -17.36 17.08
N LYS I 133 -37.10 -16.11 17.14
CA LYS I 133 -36.00 -15.76 18.02
C LYS I 133 -36.00 -14.25 18.19
N CYS I 134 -35.58 -13.81 19.38
CA CYS I 134 -35.41 -12.39 19.64
C CYS I 134 -34.18 -12.18 20.51
N SER I 135 -33.98 -10.91 20.82
CA SER I 135 -32.90 -10.44 21.67
C SER I 135 -33.35 -9.31 22.54
N LEU I 136 -32.56 -8.88 23.53
CA LEU I 136 -33.00 -7.88 24.50
C LEU I 136 -32.84 -6.48 23.95
N VAL I 137 -33.20 -5.40 24.65
CA VAL I 137 -33.26 -4.20 23.82
C VAL I 137 -32.04 -3.34 24.18
N ARG I 138 -31.10 -3.35 23.38
CA ARG I 138 -29.96 -2.51 23.71
C ARG I 138 -29.95 -1.26 22.83
N PRO I 139 -29.39 -0.16 23.33
CA PRO I 139 -29.25 1.05 22.51
C PRO I 139 -27.97 1.07 21.71
N LYS I 140 -28.07 1.52 20.46
CA LYS I 140 -26.95 1.63 19.54
C LYS I 140 -26.77 3.10 19.18
N VAL I 141 -25.53 3.58 19.24
CA VAL I 141 -25.24 5.00 19.06
C VAL I 141 -25.31 5.37 17.59
N VAL I 142 -26.00 6.45 17.27
CA VAL I 142 -26.12 6.90 15.90
C VAL I 142 -25.49 8.25 15.63
N ARG I 143 -25.42 9.15 16.62
CA ARG I 143 -24.72 10.42 16.42
C ARG I 143 -24.07 10.80 17.74
N SER I 144 -22.75 10.71 17.80
CA SER I 144 -21.99 11.03 18.99
C SER I 144 -21.35 12.40 18.85
N VAL I 145 -21.51 13.22 19.88
CA VAL I 145 -20.96 14.56 19.90
C VAL I 145 -19.83 14.63 20.91
N HIS I 146 -18.67 15.11 20.48
CA HIS I 146 -17.51 15.24 21.35
C HIS I 146 -17.10 16.70 21.46
N TYR I 147 -16.73 17.10 22.67
CA TYR I 147 -16.20 18.43 22.95
C TYR I 147 -14.84 18.32 23.61
N CYS I 148 -13.90 19.13 23.15
CA CYS I 148 -12.55 19.12 23.70
C CYS I 148 -12.34 20.40 24.50
N PRO I 149 -12.27 20.33 25.82
CA PRO I 149 -12.03 21.56 26.59
C PRO I 149 -10.75 22.27 26.23
N ALA I 150 -9.71 21.54 25.84
CA ALA I 150 -8.45 22.20 25.50
C ALA I 150 -8.59 23.04 24.23
N THR I 151 -9.09 22.44 23.16
CA THR I 151 -9.12 23.10 21.86
C THR I 151 -10.40 23.87 21.61
N LYS I 152 -11.38 23.76 22.51
CA LYS I 152 -12.66 24.46 22.36
C LYS I 152 -13.34 24.12 21.04
N LYS I 153 -13.16 22.90 20.56
CA LYS I 153 -13.71 22.42 19.30
C LYS I 153 -14.76 21.33 19.56
N THR I 154 -15.67 21.18 18.61
CA THR I 154 -16.72 20.17 18.69
C THR I 154 -16.70 19.32 17.43
N ILE I 155 -16.73 18.01 17.59
CA ILE I 155 -16.64 17.06 16.49
C ILE I 155 -17.83 16.12 16.57
N GLU I 156 -18.50 15.92 15.43
CA GLU I 156 -19.68 15.07 15.33
C GLU I 156 -19.47 14.02 14.25
N ARG I 157 -19.93 12.80 14.52
CA ARG I 157 -19.73 11.69 13.60
C ARG I 157 -21.02 10.91 13.42
N ARG I 158 -21.28 10.48 12.18
CA ARG I 158 -22.44 9.70 11.81
C ARG I 158 -22.06 8.22 11.68
N TYR I 159 -23.07 7.40 11.47
CA TYR I 159 -22.86 5.99 11.12
C TYR I 159 -23.94 5.45 10.19
N VAL I 173 -12.57 2.35 16.61
CA VAL I 173 -13.04 3.23 15.55
C VAL I 173 -13.87 4.36 16.15
N TYR I 174 -14.21 4.20 17.43
CA TYR I 174 -14.91 5.26 18.15
C TYR I 174 -13.99 6.45 18.31
N PRO I 175 -14.41 7.66 17.99
CA PRO I 175 -13.52 8.81 18.11
C PRO I 175 -13.13 9.03 19.56
N THR I 176 -11.85 8.80 19.84
CA THR I 176 -11.27 8.98 21.16
C THR I 176 -10.12 9.98 21.19
N LYS I 177 -9.55 10.31 20.04
CA LYS I 177 -8.37 11.16 19.98
C LYS I 177 -8.64 12.34 19.07
N ASP I 178 -8.14 13.50 19.48
CA ASP I 178 -8.28 14.72 18.71
C ASP I 178 -7.27 14.71 17.56
N GLU I 179 -7.12 15.87 16.92
CA GLU I 179 -6.07 16.00 15.91
C GLU I 179 -4.69 15.75 16.52
N GLU I 180 -4.44 16.29 17.72
CA GLU I 180 -3.20 16.05 18.44
C GLU I 180 -3.41 15.25 19.71
N ASN I 181 -4.25 14.22 19.66
CA ASN I 181 -4.43 13.24 20.73
C ASN I 181 -4.84 13.88 22.04
N ASN I 182 -5.60 14.98 21.98
CA ASN I 182 -6.10 15.58 23.21
C ASN I 182 -7.25 14.74 23.77
N PRO I 183 -7.51 14.81 25.07
CA PRO I 183 -8.67 14.12 25.61
C PRO I 183 -9.96 14.71 25.08
N LEU I 184 -10.98 13.86 24.97
CA LEU I 184 -12.29 14.25 24.49
C LEU I 184 -13.36 13.71 25.43
N GLU I 185 -14.09 14.59 26.09
CA GLU I 185 -15.20 14.21 26.93
C GLU I 185 -16.48 14.45 26.14
N THR I 186 -17.23 13.39 25.86
CA THR I 186 -18.34 13.51 24.94
C THR I 186 -19.56 14.16 25.60
N GLU I 187 -20.27 14.98 24.83
CA GLU I 187 -21.51 15.61 25.26
C GLU I 187 -22.62 14.59 25.03
N TYR I 188 -22.98 13.85 26.07
CA TYR I 188 -23.99 12.81 25.91
C TYR I 188 -25.35 13.41 25.58
N GLY I 189 -25.71 14.50 26.25
CA GLY I 189 -27.03 15.08 26.04
C GLY I 189 -27.26 15.48 24.60
N LEU I 190 -26.29 16.15 23.99
CA LEU I 190 -26.42 16.51 22.58
C LEU I 190 -26.40 15.28 21.69
N SER I 191 -25.86 14.17 22.16
CA SER I 191 -25.82 12.96 21.35
C SER I 191 -27.20 12.33 21.28
N VAL I 192 -27.44 11.58 20.21
CA VAL I 192 -28.72 10.94 19.96
C VAL I 192 -28.49 9.44 19.93
N TYR I 193 -29.27 8.70 20.70
CA TYR I 193 -29.22 7.25 20.73
C TYR I 193 -30.60 6.71 20.39
N LYS I 194 -30.65 5.72 19.51
CA LYS I 194 -31.90 5.04 19.20
C LYS I 194 -31.74 3.56 19.50
N ASP I 195 -32.83 2.93 19.92
CA ASP I 195 -32.81 1.53 20.31
C ASP I 195 -32.85 0.61 19.11
N HIS I 196 -32.52 -0.66 19.35
CA HIS I 196 -32.25 -1.61 18.29
C HIS I 196 -32.56 -3.01 18.78
N GLN I 197 -33.02 -3.86 17.88
CA GLN I 197 -33.39 -5.21 18.26
C GLN I 197 -33.30 -6.11 17.03
N THR I 198 -32.78 -7.32 17.23
CA THR I 198 -32.61 -8.27 16.15
C THR I 198 -33.50 -9.48 16.40
N ILE I 199 -34.41 -9.74 15.47
CA ILE I 199 -35.26 -10.92 15.55
C ILE I 199 -35.21 -11.64 14.23
N THR I 200 -35.73 -12.89 14.17
CA THR I 200 -35.78 -13.72 12.90
C THR I 200 -37.17 -14.42 12.47
N ILE I 201 -37.46 -14.83 11.21
CA ILE I 201 -38.72 -15.58 10.83
C ILE I 201 -38.70 -16.92 9.96
N GLN I 202 -39.72 -17.80 10.13
CA GLN I 202 -40.08 -19.08 9.54
C GLN I 202 -41.47 -18.96 8.91
N GLU I 203 -41.65 -19.63 7.78
CA GLU I 203 -42.95 -19.60 7.13
C GLU I 203 -43.95 -20.39 7.96
N MET I 204 -45.23 -20.11 7.75
CA MET I 204 -46.28 -20.76 8.53
C MET I 204 -46.20 -22.26 8.33
N PRO I 205 -46.46 -23.06 9.38
CA PRO I 205 -46.36 -24.52 9.23
C PRO I 205 -47.27 -25.10 8.15
N GLU I 206 -48.47 -24.54 7.99
CA GLU I 206 -49.39 -25.09 7.01
C GLU I 206 -48.96 -24.81 5.58
N LYS I 207 -48.08 -23.84 5.37
CA LYS I 207 -47.63 -23.48 4.03
C LYS I 207 -46.21 -23.91 3.73
N ALA I 208 -45.36 -24.02 4.75
CA ALA I 208 -43.99 -24.43 4.52
C ALA I 208 -43.92 -25.94 4.34
N PRO I 209 -43.44 -26.42 3.20
CA PRO I 209 -43.33 -27.87 3.00
C PRO I 209 -42.35 -28.48 3.98
N ALA I 210 -42.65 -29.69 4.40
CA ALA I 210 -41.75 -30.40 5.30
C ALA I 210 -40.62 -31.11 4.56
N GLY I 211 -40.59 -31.04 3.24
CA GLY I 211 -39.60 -31.77 2.49
C GLY I 211 -38.25 -31.10 2.44
N GLN I 212 -38.22 -29.81 2.12
CA GLN I 212 -36.98 -29.10 1.88
C GLN I 212 -36.67 -28.14 3.02
N LEU I 213 -35.43 -27.68 3.05
CA LEU I 213 -34.87 -26.96 4.18
C LEU I 213 -35.55 -25.62 4.37
N PRO I 214 -35.59 -25.13 5.61
CA PRO I 214 -36.28 -23.86 5.89
C PRO I 214 -35.38 -22.67 5.60
N ARG I 215 -36.03 -21.53 5.41
CA ARG I 215 -35.35 -20.26 5.23
C ARG I 215 -35.55 -19.42 6.47
N SER I 216 -34.49 -18.74 6.90
CA SER I 216 -34.58 -17.79 7.99
C SER I 216 -34.11 -16.42 7.48
N VAL I 217 -34.90 -15.39 7.77
CA VAL I 217 -34.58 -14.03 7.35
C VAL I 217 -34.42 -13.17 8.58
N ASP I 218 -33.35 -12.37 8.60
CA ASP I 218 -33.09 -11.48 9.73
C ASP I 218 -33.95 -10.23 9.64
N VAL I 219 -34.40 -9.75 10.79
CA VAL I 219 -35.19 -8.53 10.89
C VAL I 219 -34.52 -7.64 11.92
N ILE I 220 -34.32 -6.36 11.57
CA ILE I 220 -33.83 -5.36 12.49
C ILE I 220 -34.95 -4.35 12.72
N LEU I 221 -35.22 -4.04 13.98
CA LEU I 221 -36.26 -3.09 14.34
C LEU I 221 -35.61 -1.78 14.78
N ASP I 222 -36.16 -0.68 14.33
CA ASP I 222 -35.73 0.65 14.74
C ASP I 222 -36.54 1.06 15.97
N ASP I 223 -36.46 2.34 16.32
CA ASP I 223 -37.28 2.86 17.41
C ASP I 223 -38.76 2.64 17.12
N ASP I 224 -39.57 2.78 18.16
CA ASP I 224 -41.02 2.58 18.10
C ASP I 224 -41.41 1.22 17.54
N LEU I 225 -40.50 0.25 17.55
CA LEU I 225 -40.85 -1.09 17.11
C LEU I 225 -40.28 -2.20 17.96
N VAL I 226 -39.57 -1.89 19.05
CA VAL I 226 -38.96 -2.94 19.85
C VAL I 226 -40.02 -3.76 20.59
N ASP I 227 -41.05 -3.09 21.10
CA ASP I 227 -42.07 -3.74 21.90
C ASP I 227 -43.31 -4.07 21.09
N LYS I 228 -43.33 -3.74 19.81
CA LYS I 228 -44.53 -3.98 19.01
C LYS I 228 -44.74 -5.45 18.69
N ALA I 229 -43.67 -6.22 18.56
CA ALA I 229 -43.78 -7.64 18.27
C ALA I 229 -42.99 -8.42 19.29
N LYS I 230 -43.54 -9.54 19.73
CA LYS I 230 -42.98 -10.40 20.74
C LYS I 230 -42.84 -11.79 20.17
N PRO I 231 -41.93 -12.61 20.70
CA PRO I 231 -41.74 -13.94 20.14
C PRO I 231 -43.02 -14.75 20.18
N GLY I 232 -43.24 -15.54 19.14
CA GLY I 232 -44.33 -16.48 19.13
C GLY I 232 -45.59 -16.03 18.42
N ASP I 233 -45.75 -14.73 18.18
CA ASP I 233 -46.89 -14.28 17.40
C ASP I 233 -46.53 -14.31 15.92
N ARG I 234 -47.51 -13.92 15.09
CA ARG I 234 -47.31 -13.85 13.65
C ARG I 234 -47.45 -12.39 13.20
N VAL I 235 -46.41 -11.86 12.56
CA VAL I 235 -46.36 -10.45 12.22
C VAL I 235 -45.99 -10.28 10.76
N GLN I 236 -46.38 -9.12 10.22
CA GLN I 236 -46.00 -8.69 8.88
C GLN I 236 -44.91 -7.64 9.00
N VAL I 237 -43.78 -7.88 8.32
CA VAL I 237 -42.65 -6.97 8.36
C VAL I 237 -42.42 -6.44 6.96
N VAL I 238 -42.31 -5.13 6.84
CA VAL I 238 -42.05 -4.46 5.56
C VAL I 238 -40.86 -3.53 5.76
N GLY I 239 -39.94 -3.53 4.80
CA GLY I 239 -38.78 -2.66 4.92
C GLY I 239 -37.84 -2.78 3.74
N THR I 240 -36.67 -2.17 3.88
CA THR I 240 -35.62 -2.22 2.88
C THR I 240 -34.76 -3.45 3.09
N TYR I 241 -34.54 -4.20 2.03
CA TYR I 241 -33.79 -5.45 2.11
C TYR I 241 -32.38 -5.18 1.61
N ARG I 242 -31.44 -5.02 2.53
CA ARG I 242 -30.07 -4.69 2.19
C ARG I 242 -29.14 -5.79 2.65
N CYS I 243 -27.86 -5.62 2.37
CA CYS I 243 -26.83 -6.55 2.80
C CYS I 243 -25.75 -5.80 3.55
N LEU I 244 -25.51 -6.20 4.78
CA LEU I 244 -24.37 -5.60 5.44
C LEU I 244 -23.09 -6.24 4.91
N PRO I 245 -22.00 -5.46 4.77
CA PRO I 245 -20.74 -5.99 4.28
C PRO I 245 -20.07 -6.94 5.27
N GLY I 254 -17.06 -10.70 -1.17
CA GLY I 254 -17.56 -11.81 -1.96
C GLY I 254 -18.83 -12.42 -1.41
N THR I 255 -18.85 -12.68 -0.11
CA THR I 255 -20.00 -13.27 0.54
C THR I 255 -20.68 -12.23 1.44
N PHE I 256 -21.98 -12.06 1.25
CA PHE I 256 -22.75 -11.04 1.94
C PHE I 256 -23.89 -11.69 2.72
N ARG I 257 -24.15 -11.17 3.91
CA ARG I 257 -25.25 -11.65 4.75
C ARG I 257 -26.45 -10.73 4.58
N THR I 258 -27.61 -11.33 4.34
CA THR I 258 -28.84 -10.56 4.09
C THR I 258 -29.49 -10.16 5.40
N VAL I 259 -29.91 -8.91 5.49
CA VAL I 259 -30.67 -8.39 6.62
C VAL I 259 -31.83 -7.57 6.08
N LEU I 260 -32.84 -7.37 6.92
CA LEU I 260 -34.01 -6.59 6.55
C LEU I 260 -34.24 -5.50 7.59
N ILE I 261 -34.05 -4.24 7.18
CA ILE I 261 -34.31 -3.11 8.04
C ILE I 261 -35.78 -2.76 7.93
N ALA I 262 -36.52 -2.93 9.02
CA ALA I 262 -37.96 -2.83 8.96
C ALA I 262 -38.42 -1.39 9.06
N CYS I 263 -39.65 -1.14 8.63
CA CYS I 263 -40.28 0.16 8.79
C CYS I 263 -41.69 0.10 9.32
N ASN I 264 -42.32 -1.08 9.35
CA ASN I 264 -43.68 -1.20 9.86
C ASN I 264 -43.95 -2.65 10.22
N VAL I 265 -44.59 -2.83 11.33
CA VAL I 265 -44.88 -4.14 11.78
C VAL I 265 -46.23 -4.15 12.30
N LYS I 266 -47.01 -5.11 11.92
CA LYS I 266 -48.34 -5.14 12.43
C LYS I 266 -48.53 -6.35 13.18
N GLN I 267 -49.75 -6.77 13.36
CA GLN I 267 -49.93 -8.01 14.03
C GLN I 267 -50.98 -8.78 13.37
N MET I 268 -51.01 -10.06 13.62
CA MET I 268 -51.91 -10.87 12.87
C MET I 268 -53.24 -11.35 13.31
N SER I 269 -53.33 -11.79 14.57
CA SER I 269 -54.52 -12.32 15.23
C SER I 269 -55.05 -13.55 14.53
N LYS I 270 -54.58 -14.73 14.89
CA LYS I 270 -55.01 -15.87 14.13
C LYS I 270 -56.47 -16.22 14.16
N ASP I 271 -57.27 -15.60 13.33
CA ASP I 271 -58.68 -15.86 13.32
C ASP I 271 -58.99 -17.32 13.04
N GLU I 279 -64.79 -20.53 -1.17
CA GLU I 279 -65.49 -20.64 -2.44
C GLU I 279 -66.37 -21.88 -2.44
N ASP I 280 -66.31 -22.64 -1.34
CA ASP I 280 -67.11 -23.83 -1.15
C ASP I 280 -68.05 -23.69 0.03
N ILE I 281 -68.35 -22.47 0.45
CA ILE I 281 -69.25 -22.24 1.58
C ILE I 281 -70.62 -22.82 1.29
N ALA I 282 -71.13 -22.60 0.08
CA ALA I 282 -72.44 -23.10 -0.28
C ALA I 282 -72.49 -24.62 -0.26
N LYS I 283 -71.39 -25.27 -0.63
CA LYS I 283 -71.30 -26.72 -0.50
C LYS I 283 -71.37 -27.13 0.96
N ILE I 284 -70.73 -26.35 1.84
CA ILE I 284 -70.73 -26.65 3.27
C ILE I 284 -72.16 -26.57 3.81
N LYS I 285 -72.91 -25.54 3.42
CA LYS I 285 -74.19 -25.26 4.05
C LYS I 285 -75.15 -26.45 3.94
N LYS I 286 -75.15 -27.11 2.77
CA LYS I 286 -76.03 -28.26 2.60
C LYS I 286 -75.63 -29.41 3.53
N PHE I 287 -74.34 -29.51 3.84
CA PHE I 287 -73.87 -30.57 4.71
C PHE I 287 -74.38 -30.38 6.13
N SER I 288 -74.69 -29.14 6.50
CA SER I 288 -75.07 -28.80 7.87
C SER I 288 -76.56 -28.96 8.15
N LYS I 289 -77.33 -29.42 7.18
CA LYS I 289 -78.77 -29.59 7.39
C LYS I 289 -79.04 -30.84 8.20
N THR I 290 -79.80 -30.68 9.28
CA THR I 290 -80.11 -31.81 10.17
C THR I 290 -81.23 -32.68 9.63
N ARG I 291 -81.98 -32.20 8.62
CA ARG I 291 -83.06 -33.00 8.06
C ARG I 291 -82.57 -34.27 7.38
N SER I 292 -81.43 -34.19 6.68
CA SER I 292 -80.94 -35.34 5.92
C SER I 292 -80.42 -36.44 6.83
N LYS I 293 -79.37 -36.14 7.59
CA LYS I 293 -78.69 -37.13 8.42
C LYS I 293 -77.93 -36.39 9.51
N ASP I 294 -77.38 -37.17 10.45
CA ASP I 294 -76.58 -36.62 11.54
C ASP I 294 -75.13 -36.51 11.06
N ILE I 295 -74.62 -35.29 10.98
CA ILE I 295 -73.27 -35.07 10.47
C ILE I 295 -72.23 -35.43 11.53
N PHE I 296 -72.55 -35.20 12.82
CA PHE I 296 -71.58 -35.44 13.88
C PHE I 296 -71.15 -36.89 13.93
N ASP I 297 -72.13 -37.80 13.87
CA ASP I 297 -71.83 -39.22 14.06
C ASP I 297 -70.91 -39.78 13.00
N GLN I 298 -71.15 -39.46 11.72
CA GLN I 298 -70.27 -39.95 10.67
C GLN I 298 -68.95 -39.20 10.66
N LEU I 299 -68.97 -37.93 11.06
CA LEU I 299 -67.74 -37.14 11.06
C LEU I 299 -66.73 -37.71 12.03
N ALA I 300 -67.20 -38.25 13.15
CA ALA I 300 -66.29 -38.74 14.18
C ALA I 300 -65.43 -39.89 13.65
N LYS I 301 -66.02 -40.77 12.85
CA LYS I 301 -65.24 -41.88 12.31
C LYS I 301 -64.31 -41.44 11.21
N SER I 302 -64.48 -40.23 10.67
CA SER I 302 -63.70 -39.81 9.52
C SER I 302 -62.24 -39.49 9.86
N LEU I 303 -61.89 -39.38 11.14
CA LEU I 303 -60.55 -38.95 11.52
C LEU I 303 -59.61 -40.09 11.85
N ALA I 304 -60.14 -41.25 12.20
CA ALA I 304 -59.34 -42.43 12.54
C ALA I 304 -59.80 -43.56 11.64
N PRO I 305 -59.49 -43.49 10.34
CA PRO I 305 -60.11 -44.40 9.40
C PRO I 305 -59.66 -45.84 9.57
N SER I 306 -58.41 -46.06 9.96
CA SER I 306 -57.84 -47.40 10.02
C SER I 306 -57.62 -47.84 11.47
N ILE I 307 -58.51 -47.39 12.36
CA ILE I 307 -58.46 -47.78 13.76
C ILE I 307 -59.86 -48.25 14.13
N HIS I 308 -59.98 -49.52 14.50
CA HIS I 308 -61.27 -50.09 14.86
C HIS I 308 -61.59 -49.73 16.30
N GLY I 309 -62.87 -49.49 16.58
CA GLY I 309 -63.27 -49.26 17.95
C GLY I 309 -62.90 -47.88 18.45
N HIS I 310 -62.91 -47.74 19.78
CA HIS I 310 -62.63 -46.47 20.46
C HIS I 310 -63.44 -45.33 19.87
N ASP I 311 -64.69 -45.62 19.49
CA ASP I 311 -65.53 -44.58 18.89
C ASP I 311 -65.74 -43.43 19.85
N TYR I 312 -65.89 -43.72 21.15
CA TYR I 312 -65.98 -42.65 22.14
C TYR I 312 -64.70 -41.84 22.15
N VAL I 313 -63.55 -42.51 22.02
CA VAL I 313 -62.28 -41.79 21.95
C VAL I 313 -62.27 -40.88 20.73
N LYS I 314 -62.79 -41.37 19.60
CA LYS I 314 -62.80 -40.56 18.40
C LYS I 314 -63.61 -39.29 18.60
N LYS I 315 -64.77 -39.41 19.24
CA LYS I 315 -65.60 -38.23 19.47
C LYS I 315 -64.83 -37.20 20.28
N ALA I 316 -64.08 -37.63 21.27
CA ALA I 316 -63.28 -36.70 22.04
C ALA I 316 -62.24 -36.02 21.16
N ILE I 317 -61.57 -36.79 20.30
CA ILE I 317 -60.53 -36.20 19.47
C ILE I 317 -61.12 -35.17 18.53
N LEU I 318 -62.29 -35.47 17.95
CA LEU I 318 -62.98 -34.46 17.16
C LEU I 318 -63.29 -33.23 17.99
N CYS I 319 -63.61 -33.43 19.27
CA CYS I 319 -63.88 -32.28 20.12
C CYS I 319 -62.64 -31.41 20.28
N LEU I 320 -61.46 -32.03 20.39
CA LEU I 320 -60.25 -31.27 20.71
C LEU I 320 -59.93 -30.24 19.65
N LEU I 321 -60.14 -30.59 18.39
CA LEU I 321 -59.86 -29.64 17.32
C LEU I 321 -60.76 -28.42 17.42
N LEU I 322 -62.05 -28.62 17.61
CA LEU I 322 -63.01 -27.54 17.62
C LEU I 322 -62.92 -26.77 18.93
N GLY I 323 -63.92 -25.96 19.23
CA GLY I 323 -64.00 -25.24 20.48
C GLY I 323 -63.49 -23.82 20.37
N GLY I 324 -64.10 -22.92 21.15
CA GLY I 324 -63.72 -21.53 21.09
C GLY I 324 -62.47 -21.22 21.88
N VAL I 325 -61.66 -20.31 21.31
CA VAL I 325 -60.38 -19.93 21.87
C VAL I 325 -60.19 -18.41 21.88
N GLU I 326 -61.28 -17.64 21.79
CA GLU I 326 -61.15 -16.18 21.75
C GLU I 326 -62.27 -15.57 22.59
N ARG I 327 -61.89 -14.76 23.57
CA ARG I 327 -62.83 -14.08 24.44
C ARG I 327 -62.48 -12.60 24.43
N ASP I 328 -63.47 -11.72 24.65
CA ASP I 328 -63.25 -10.28 24.59
C ASP I 328 -62.39 -9.86 25.79
N LEU I 329 -61.10 -10.16 25.70
CA LEU I 329 -60.16 -9.88 26.77
C LEU I 329 -59.27 -8.72 26.36
N GLU I 330 -59.66 -7.51 26.75
CA GLU I 330 -58.83 -6.33 26.51
C GLU I 330 -57.98 -6.04 27.74
N ASN I 331 -56.66 -6.10 27.58
CA ASN I 331 -55.70 -5.78 28.63
C ASN I 331 -55.92 -6.65 29.87
N GLY I 332 -55.98 -7.96 29.67
CA GLY I 332 -56.11 -8.88 30.79
C GLY I 332 -56.38 -10.29 30.31
N SER I 333 -56.83 -11.14 31.24
CA SER I 333 -57.06 -12.55 30.93
C SER I 333 -58.21 -13.06 31.78
N HIS I 334 -58.79 -14.17 31.33
CA HIS I 334 -59.92 -14.79 32.01
C HIS I 334 -60.00 -16.24 31.57
N ILE I 335 -61.12 -16.90 31.89
CA ILE I 335 -61.26 -18.33 31.64
C ILE I 335 -61.12 -18.64 30.15
N ARG I 336 -60.42 -19.74 29.84
CA ARG I 336 -60.08 -20.04 28.46
C ARG I 336 -60.45 -21.47 28.06
N GLY I 337 -60.36 -21.75 26.76
CA GLY I 337 -60.67 -23.04 26.17
C GLY I 337 -59.49 -23.94 25.91
N ASP I 338 -58.38 -23.71 26.60
CA ASP I 338 -57.11 -24.36 26.30
C ASP I 338 -56.99 -25.76 26.91
N ILE I 339 -58.11 -26.37 27.31
CA ILE I 339 -58.03 -27.66 27.99
C ILE I 339 -57.78 -28.79 26.97
N ASN I 340 -56.99 -29.76 27.41
CA ASN I 340 -56.33 -30.73 26.56
C ASN I 340 -56.66 -32.15 27.00
N ILE I 341 -56.39 -33.12 26.11
CA ILE I 341 -56.77 -34.51 26.31
C ILE I 341 -55.54 -35.41 26.22
N LEU I 342 -55.35 -36.24 27.24
CA LEU I 342 -54.24 -37.20 27.33
C LEU I 342 -54.71 -38.58 26.92
N LEU I 343 -53.81 -39.38 26.36
CA LEU I 343 -54.12 -40.75 25.95
C LEU I 343 -53.08 -41.72 26.49
N ILE I 344 -53.52 -42.68 27.29
CA ILE I 344 -52.66 -43.70 27.89
C ILE I 344 -53.22 -45.06 27.54
N GLY I 345 -52.35 -45.99 27.18
CA GLY I 345 -52.80 -47.32 26.79
C GLY I 345 -51.63 -48.25 26.56
N ASP I 346 -51.95 -49.42 26.05
CA ASP I 346 -51.00 -50.48 25.80
C ASP I 346 -50.32 -50.29 24.45
N PRO I 347 -49.11 -50.82 24.27
CA PRO I 347 -48.39 -50.60 23.02
C PRO I 347 -49.10 -51.26 21.84
N SER I 348 -48.91 -50.66 20.66
CA SER I 348 -49.51 -51.08 19.41
C SER I 348 -51.03 -51.11 19.47
N VAL I 349 -51.64 -50.52 20.49
CA VAL I 349 -53.09 -50.50 20.62
C VAL I 349 -53.65 -49.17 20.12
N ALA I 350 -53.13 -48.67 19.01
CA ALA I 350 -53.54 -47.44 18.34
C ALA I 350 -53.26 -46.22 19.19
N LYS I 351 -52.58 -46.38 20.33
CA LYS I 351 -52.29 -45.22 21.17
C LYS I 351 -51.32 -44.29 20.46
N SER I 352 -50.28 -44.85 19.86
CA SER I 352 -49.30 -44.01 19.17
C SER I 352 -49.83 -43.51 17.83
N GLN I 353 -50.65 -44.31 17.15
CA GLN I 353 -51.04 -43.98 15.79
C GLN I 353 -52.03 -42.82 15.75
N LEU I 354 -52.94 -42.74 16.73
CA LEU I 354 -53.98 -41.70 16.70
C LEU I 354 -53.39 -40.31 16.61
N LEU I 355 -52.25 -40.09 17.25
CA LEU I 355 -51.61 -38.79 17.14
C LEU I 355 -51.27 -38.47 15.69
N ARG I 356 -50.75 -39.46 14.97
CA ARG I 356 -50.34 -39.23 13.59
C ARG I 356 -51.52 -38.85 12.72
N TYR I 357 -52.67 -39.50 12.91
CA TYR I 357 -53.83 -39.21 12.07
C TYR I 357 -54.30 -37.77 12.28
N VAL I 358 -54.28 -37.30 13.52
CA VAL I 358 -54.63 -35.90 13.79
C VAL I 358 -53.57 -34.98 13.21
N LEU I 359 -52.30 -35.34 13.38
CA LEU I 359 -51.20 -34.51 12.90
C LEU I 359 -51.29 -34.27 11.40
N CYS I 360 -51.76 -35.26 10.65
CA CYS I 360 -51.77 -35.15 9.20
C CYS I 360 -52.73 -34.06 8.73
N THR I 361 -54.02 -34.24 9.00
CA THR I 361 -55.02 -33.25 8.61
C THR I 361 -55.24 -32.29 9.78
N ALA I 362 -54.15 -31.63 10.16
CA ALA I 362 -54.11 -30.80 11.35
C ALA I 362 -54.18 -29.32 10.99
N PRO I 363 -55.19 -28.60 11.42
CA PRO I 363 -55.22 -27.16 11.18
C PRO I 363 -54.36 -26.39 12.16
N ARG I 364 -53.39 -25.66 11.65
CA ARG I 364 -52.57 -24.77 12.48
C ARG I 364 -51.82 -25.55 13.56
N ALA I 365 -51.31 -26.72 13.19
CA ALA I 365 -50.72 -27.60 14.19
C ALA I 365 -49.31 -28.04 13.80
N ILE I 366 -48.45 -28.13 14.80
CA ILE I 366 -47.03 -28.42 14.58
C ILE I 366 -46.67 -29.63 15.44
N PRO I 367 -45.94 -30.60 14.92
CA PRO I 367 -45.57 -31.77 15.72
C PRO I 367 -44.31 -31.54 16.54
N THR I 368 -44.32 -32.13 17.72
CA THR I 368 -43.16 -32.18 18.59
C THR I 368 -43.33 -33.38 19.50
N THR I 369 -42.22 -33.99 19.87
CA THR I 369 -42.29 -35.27 20.55
C THR I 369 -41.14 -35.39 21.53
N GLY I 370 -41.35 -36.20 22.56
CA GLY I 370 -40.27 -36.63 23.42
C GLY I 370 -39.45 -35.49 23.99
N ARG I 371 -38.13 -35.66 23.97
CA ARG I 371 -37.25 -34.71 24.65
C ARG I 371 -37.38 -33.32 24.04
N GLY I 372 -37.25 -33.22 22.72
CA GLY I 372 -37.26 -31.92 22.08
C GLY I 372 -36.24 -30.98 22.67
N SER I 373 -34.97 -31.34 22.55
CA SER I 373 -33.90 -30.59 23.21
C SER I 373 -33.69 -29.23 22.56
N SER I 374 -34.72 -28.39 22.62
CA SER I 374 -34.65 -27.01 22.14
C SER I 374 -35.51 -26.13 23.02
N GLY I 375 -35.80 -26.58 24.23
CA GLY I 375 -36.73 -25.86 25.08
C GLY I 375 -38.19 -26.00 24.68
N VAL I 376 -38.78 -27.16 25.00
CA VAL I 376 -40.18 -27.49 24.67
C VAL I 376 -41.12 -26.34 24.94
N GLY I 377 -40.91 -25.64 26.04
CA GLY I 377 -41.75 -24.49 26.32
C GLY I 377 -40.96 -23.29 26.76
N LEU I 378 -39.66 -23.29 26.49
CA LEU I 378 -38.78 -22.27 27.01
C LEU I 378 -37.91 -21.71 25.89
N THR I 379 -37.36 -20.53 26.13
CA THR I 379 -36.48 -19.93 25.15
C THR I 379 -35.04 -20.41 25.32
N ALA I 380 -34.71 -20.94 26.49
CA ALA I 380 -33.43 -21.54 26.80
C ALA I 380 -32.28 -20.54 26.73
N ALA I 381 -32.49 -19.34 26.19
CA ALA I 381 -31.50 -18.29 26.14
C ALA I 381 -30.17 -18.81 25.58
N VAL I 382 -30.20 -19.15 24.29
CA VAL I 382 -29.03 -19.74 23.65
C VAL I 382 -27.84 -18.78 23.69
N THR I 383 -26.69 -19.32 24.01
CA THR I 383 -25.46 -18.56 24.13
C THR I 383 -24.69 -18.54 22.82
N THR I 384 -23.37 -18.34 22.94
CA THR I 384 -22.36 -18.37 21.89
C THR I 384 -22.85 -17.75 20.58
N ASP I 385 -23.61 -16.67 20.68
CA ASP I 385 -24.18 -16.03 19.50
C ASP I 385 -23.22 -14.99 18.94
N ARG I 391 -29.18 -11.63 22.70
CA ARG I 391 -28.95 -13.06 22.63
C ARG I 391 -30.23 -13.78 22.23
N ARG I 392 -30.09 -14.83 21.43
CA ARG I 392 -31.23 -15.52 20.88
C ARG I 392 -32.12 -16.10 21.99
N LEU I 393 -33.43 -16.07 21.76
CA LEU I 393 -34.44 -16.65 22.65
C LEU I 393 -35.31 -17.57 21.82
N GLU I 394 -34.87 -18.82 21.67
CA GLU I 394 -35.51 -19.77 20.75
C GLU I 394 -36.88 -20.16 21.30
N ALA I 395 -37.91 -19.61 20.68
CA ALA I 395 -39.27 -19.95 21.07
C ALA I 395 -39.50 -21.44 20.90
N GLY I 396 -40.20 -22.04 21.86
CA GLY I 396 -40.33 -23.48 21.92
C GLY I 396 -41.52 -24.00 21.14
N ALA I 397 -41.80 -25.28 21.35
CA ALA I 397 -42.86 -25.94 20.59
C ALA I 397 -44.23 -25.37 20.95
N MET I 398 -44.54 -25.33 22.25
CA MET I 398 -45.83 -24.77 22.66
C MET I 398 -45.99 -23.32 22.30
N VAL I 399 -44.91 -22.57 22.18
CA VAL I 399 -45.00 -21.16 21.82
C VAL I 399 -45.25 -20.99 20.33
N LEU I 400 -44.53 -21.74 19.50
CA LEU I 400 -44.71 -21.62 18.06
C LEU I 400 -46.05 -22.19 17.61
N ALA I 401 -46.76 -22.88 18.49
CA ALA I 401 -48.04 -23.46 18.16
C ALA I 401 -49.22 -22.66 18.67
N ASP I 402 -49.09 -21.34 18.73
CA ASP I 402 -50.15 -20.51 19.29
C ASP I 402 -51.45 -20.70 18.51
N ARG I 403 -52.57 -20.73 19.23
CA ARG I 403 -53.90 -20.84 18.65
C ARG I 403 -54.01 -22.07 17.76
N GLY I 404 -53.49 -23.19 18.24
CA GLY I 404 -53.56 -24.42 17.47
C GLY I 404 -53.76 -25.62 18.38
N VAL I 405 -53.25 -26.76 17.93
CA VAL I 405 -53.21 -27.97 18.73
C VAL I 405 -51.82 -28.56 18.65
N VAL I 406 -51.29 -28.97 19.80
CA VAL I 406 -49.94 -29.51 19.92
C VAL I 406 -50.05 -31.00 20.14
N CYS I 407 -49.39 -31.79 19.30
CA CYS I 407 -49.37 -33.23 19.42
C CYS I 407 -48.02 -33.65 19.95
N ILE I 408 -48.02 -34.34 21.09
CA ILE I 408 -46.80 -34.73 21.78
C ILE I 408 -46.85 -36.23 22.06
N ASP I 409 -45.78 -36.92 21.72
CA ASP I 409 -45.67 -38.36 21.92
C ASP I 409 -44.57 -38.64 22.92
N GLU I 410 -44.72 -39.73 23.66
CA GLU I 410 -43.77 -40.14 24.69
C GLU I 410 -43.63 -39.06 25.75
N PHE I 411 -44.74 -38.82 26.47
CA PHE I 411 -44.75 -37.76 27.48
C PHE I 411 -43.74 -38.00 28.58
N ASP I 412 -43.64 -39.23 29.07
CA ASP I 412 -42.71 -39.49 30.16
C ASP I 412 -41.26 -39.27 29.76
N LYS I 413 -40.97 -39.20 28.46
CA LYS I 413 -39.62 -38.94 28.00
C LYS I 413 -39.16 -37.54 28.36
N MET I 414 -40.09 -36.62 28.62
CA MET I 414 -39.71 -35.25 28.92
C MET I 414 -39.02 -35.17 30.27
N SER I 415 -38.06 -34.25 30.35
CA SER I 415 -37.27 -34.09 31.56
C SER I 415 -38.12 -33.50 32.68
N ASP I 416 -37.62 -33.65 33.91
CA ASP I 416 -38.34 -33.10 35.05
C ASP I 416 -38.48 -31.59 34.93
N MET I 417 -37.46 -30.92 34.40
CA MET I 417 -37.56 -29.48 34.19
C MET I 417 -38.72 -29.16 33.26
N ASP I 418 -38.83 -29.87 32.15
CA ASP I 418 -39.97 -29.69 31.27
C ASP I 418 -41.27 -30.02 32.02
N ARG I 419 -41.26 -31.12 32.77
CA ARG I 419 -42.43 -31.48 33.55
C ARG I 419 -42.84 -30.36 34.50
N THR I 420 -41.87 -29.78 35.21
CA THR I 420 -42.18 -28.62 36.02
C THR I 420 -42.63 -27.46 35.15
N ALA I 421 -41.93 -27.22 34.05
CA ALA I 421 -42.24 -26.07 33.22
C ALA I 421 -43.63 -26.19 32.61
N ILE I 422 -43.95 -27.36 32.06
CA ILE I 422 -45.18 -27.51 31.30
C ILE I 422 -46.39 -27.26 32.17
N HIS I 423 -46.25 -27.42 33.48
CA HIS I 423 -47.37 -27.17 34.38
C HIS I 423 -47.80 -25.72 34.33
N GLU I 424 -46.84 -24.81 34.33
CA GLU I 424 -47.20 -23.41 34.40
C GLU I 424 -47.92 -22.93 33.16
N VAL I 425 -47.69 -23.58 32.02
CA VAL I 425 -48.28 -23.11 30.76
C VAL I 425 -49.79 -23.21 30.80
N MET I 426 -50.29 -24.35 31.29
CA MET I 426 -51.73 -24.61 31.16
C MET I 426 -52.54 -23.76 32.15
N GLU I 427 -51.96 -23.41 33.29
CA GLU I 427 -52.75 -22.74 34.33
C GLU I 427 -53.19 -21.36 33.88
N GLN I 428 -52.26 -20.41 33.85
CA GLN I 428 -52.62 -19.03 33.56
C GLN I 428 -52.79 -18.80 32.07
N GLY I 429 -52.31 -19.73 31.24
CA GLY I 429 -52.36 -19.53 29.82
C GLY I 429 -51.18 -18.79 29.23
N ARG I 430 -50.11 -18.60 29.99
CA ARG I 430 -48.94 -17.90 29.50
C ARG I 430 -47.69 -18.68 29.92
N VAL I 431 -46.59 -18.43 29.22
CA VAL I 431 -45.30 -19.00 29.57
C VAL I 431 -44.42 -17.90 30.14
N THR I 432 -43.88 -18.14 31.33
CA THR I 432 -42.96 -17.19 31.96
C THR I 432 -41.56 -17.76 31.86
N ILE I 433 -40.62 -16.96 31.37
CA ILE I 433 -39.21 -17.32 31.32
C ILE I 433 -38.41 -16.23 32.00
N ALA I 434 -37.57 -16.63 32.96
CA ALA I 434 -36.74 -15.72 33.74
C ALA I 434 -35.30 -16.20 33.58
N LYS I 435 -34.50 -15.41 32.89
CA LYS I 435 -33.10 -15.72 32.68
C LYS I 435 -32.24 -14.53 33.11
N ALA I 436 -30.97 -14.56 32.73
CA ALA I 436 -30.01 -13.55 33.16
C ALA I 436 -30.30 -12.24 32.42
N GLY I 437 -31.27 -11.51 32.93
CA GLY I 437 -31.63 -10.22 32.37
C GLY I 437 -32.80 -10.32 31.42
N ILE I 438 -33.05 -11.52 30.91
CA ILE I 438 -34.08 -11.76 29.90
C ILE I 438 -35.36 -12.10 30.64
N HIS I 439 -36.39 -11.28 30.45
CA HIS I 439 -37.72 -11.54 30.99
C HIS I 439 -38.70 -11.46 29.83
N ALA I 440 -39.65 -12.39 29.78
CA ALA I 440 -40.45 -12.45 28.57
C ALA I 440 -41.88 -12.83 28.89
N ARG I 441 -42.78 -12.36 28.03
CA ARG I 441 -44.20 -12.67 28.07
C ARG I 441 -44.52 -13.41 26.77
N LEU I 442 -44.98 -14.65 26.87
CA LEU I 442 -45.33 -15.39 25.66
C LEU I 442 -46.78 -15.83 25.70
N ASN I 443 -47.47 -15.70 24.57
CA ASN I 443 -48.82 -16.21 24.48
C ASN I 443 -48.78 -17.72 24.38
N ALA I 444 -49.68 -18.38 25.10
CA ALA I 444 -49.71 -19.85 25.17
C ALA I 444 -51.12 -20.35 24.92
N ARG I 445 -51.82 -19.70 24.01
CA ARG I 445 -53.17 -20.10 23.62
C ARG I 445 -53.05 -21.45 22.91
N CYS I 446 -52.94 -22.52 23.69
CA CYS I 446 -52.63 -23.80 23.09
C CYS I 446 -53.39 -24.93 23.79
N SER I 447 -53.54 -26.03 23.06
CA SER I 447 -54.08 -27.28 23.57
C SER I 447 -53.07 -28.40 23.31
N VAL I 448 -53.18 -29.48 24.06
CA VAL I 448 -52.19 -30.56 24.01
C VAL I 448 -52.90 -31.90 23.82
N LEU I 449 -52.42 -32.69 22.87
CA LEU I 449 -52.90 -34.06 22.69
C LEU I 449 -51.70 -34.95 22.95
N ALA I 450 -51.54 -35.37 24.19
CA ALA I 450 -50.33 -36.03 24.64
C ALA I 450 -50.57 -37.52 24.87
N ALA I 451 -49.51 -38.31 24.73
CA ALA I 451 -49.59 -39.74 24.95
C ALA I 451 -48.28 -40.23 25.53
N ALA I 452 -48.36 -41.28 26.35
CA ALA I 452 -47.18 -41.89 26.92
C ALA I 452 -47.50 -43.32 27.33
N ASN I 453 -46.51 -44.17 27.20
CA ASN I 453 -46.66 -45.55 27.60
C ASN I 453 -46.60 -45.68 29.12
N PRO I 454 -47.33 -46.61 29.69
CA PRO I 454 -47.28 -46.80 31.16
C PRO I 454 -45.95 -47.38 31.63
N VAL I 455 -44.87 -46.64 31.41
CA VAL I 455 -43.51 -47.01 31.80
C VAL I 455 -43.30 -48.50 31.67
N TYR I 456 -43.66 -49.25 32.72
CA TYR I 456 -43.61 -50.69 32.70
C TYR I 456 -44.98 -51.35 32.88
N GLY I 457 -45.97 -50.60 33.35
CA GLY I 457 -47.27 -51.17 33.58
C GLY I 457 -47.92 -51.68 32.31
N ARG I 458 -48.42 -52.91 32.39
CA ARG I 458 -49.06 -53.56 31.26
C ARG I 458 -50.57 -53.58 31.36
N TYR I 459 -51.12 -53.79 32.56
CA TYR I 459 -52.57 -53.79 32.72
C TYR I 459 -53.06 -52.44 33.26
N ASP I 460 -52.45 -51.97 34.35
CA ASP I 460 -52.75 -50.67 34.95
C ASP I 460 -54.25 -50.57 35.26
N GLN I 461 -54.67 -51.42 36.19
CA GLN I 461 -56.03 -51.39 36.71
C GLN I 461 -56.08 -51.50 38.23
N TYR I 462 -55.03 -52.00 38.87
CA TYR I 462 -55.04 -52.16 40.33
C TYR I 462 -54.81 -50.82 41.01
N LYS I 463 -53.96 -49.98 40.44
CA LYS I 463 -53.58 -48.71 41.03
C LYS I 463 -54.19 -47.58 40.21
N THR I 464 -54.57 -46.52 40.92
CA THR I 464 -55.16 -45.36 40.26
C THR I 464 -54.17 -44.77 39.27
N PRO I 465 -54.60 -44.45 38.04
CA PRO I 465 -53.66 -43.97 37.02
C PRO I 465 -52.96 -42.69 37.41
N MET I 466 -53.53 -41.95 38.37
CA MET I 466 -53.01 -40.66 38.78
C MET I 466 -51.53 -40.70 39.09
N GLU I 467 -50.99 -41.84 39.49
CA GLU I 467 -49.56 -42.02 39.62
C GLU I 467 -49.08 -43.26 38.89
N ASN I 468 -49.97 -44.14 38.45
CA ASN I 468 -49.56 -45.39 37.84
C ASN I 468 -49.07 -45.18 36.43
N ILE I 469 -49.42 -44.07 35.79
CA ILE I 469 -49.03 -43.82 34.42
C ILE I 469 -47.68 -43.13 34.33
N GLY I 470 -46.93 -43.09 35.43
CA GLY I 470 -45.61 -42.52 35.43
C GLY I 470 -45.62 -41.03 35.70
N LEU I 471 -46.69 -40.35 35.31
CA LEU I 471 -46.85 -38.94 35.64
C LEU I 471 -46.99 -38.83 37.15
N GLN I 472 -46.14 -38.00 37.76
CA GLN I 472 -45.92 -38.05 39.20
C GLN I 472 -46.90 -37.16 39.96
N ASP I 473 -47.10 -35.94 39.52
CA ASP I 473 -47.88 -34.99 40.29
C ASP I 473 -49.36 -35.40 40.23
N SER I 474 -50.14 -34.89 41.18
CA SER I 474 -51.59 -35.03 41.07
C SER I 474 -52.18 -33.99 40.14
N LEU I 475 -51.33 -33.24 39.45
CA LEU I 475 -51.77 -32.17 38.57
C LEU I 475 -52.44 -32.73 37.31
N LEU I 476 -52.36 -34.05 37.14
CA LEU I 476 -53.01 -34.72 36.02
C LEU I 476 -54.49 -34.41 35.98
N SER I 477 -55.09 -34.10 37.14
CA SER I 477 -56.51 -33.77 37.17
C SER I 477 -56.83 -32.55 36.32
N ARG I 478 -55.83 -31.73 36.01
CA ARG I 478 -56.06 -30.55 35.19
C ARG I 478 -56.51 -30.89 33.77
N PHE I 479 -56.04 -32.01 33.23
CA PHE I 479 -56.41 -32.41 31.87
C PHE I 479 -57.92 -32.59 31.74
N ASP I 480 -58.39 -32.52 30.50
CA ASP I 480 -59.81 -32.75 30.20
C ASP I 480 -60.19 -34.20 30.44
N LEU I 481 -59.43 -35.12 29.87
CA LEU I 481 -59.82 -36.52 29.82
C LEU I 481 -58.59 -37.40 29.99
N LEU I 482 -58.81 -38.63 30.42
CA LEU I 482 -57.75 -39.64 30.54
C LEU I 482 -58.34 -40.99 30.19
N PHE I 483 -58.14 -41.43 28.95
CA PHE I 483 -58.65 -42.71 28.50
C PHE I 483 -57.66 -43.83 28.76
N ILE I 484 -58.17 -45.01 29.06
CA ILE I 484 -57.36 -46.20 29.29
C ILE I 484 -57.76 -47.25 28.26
N MET I 485 -56.84 -47.58 27.36
CA MET I 485 -57.09 -48.59 26.34
C MET I 485 -56.32 -49.86 26.70
N LEU I 486 -56.89 -50.62 27.63
CA LEU I 486 -56.30 -51.90 28.00
C LEU I 486 -56.80 -53.00 27.08
N ASP I 487 -55.99 -54.04 26.93
CA ASP I 487 -56.37 -55.18 26.08
C ASP I 487 -57.23 -56.16 26.87
N GLN I 488 -58.40 -55.73 27.29
CA GLN I 488 -59.30 -56.56 28.08
C GLN I 488 -59.69 -57.79 27.27
N MET I 489 -59.84 -58.92 27.96
CA MET I 489 -60.20 -60.17 27.30
C MET I 489 -61.62 -60.07 26.79
N ASP I 490 -61.76 -59.61 25.54
CA ASP I 490 -63.05 -59.37 24.90
C ASP I 490 -63.03 -60.07 23.55
N PRO I 491 -63.23 -61.39 23.53
CA PRO I 491 -63.10 -62.14 22.28
C PRO I 491 -64.06 -61.67 21.19
N GLU I 492 -65.24 -61.18 21.54
CA GLU I 492 -66.17 -60.72 20.52
C GLU I 492 -65.59 -59.57 19.71
N GLN I 493 -64.96 -58.62 20.39
CA GLN I 493 -64.32 -57.51 19.68
C GLN I 493 -63.10 -58.00 18.89
N ASP I 494 -62.43 -59.03 19.40
CA ASP I 494 -61.19 -59.48 18.77
C ASP I 494 -61.43 -59.95 17.35
N ARG I 495 -62.60 -60.51 17.06
CA ARG I 495 -62.91 -60.93 15.71
C ARG I 495 -63.00 -59.73 14.77
N GLU I 496 -63.66 -58.66 15.23
CA GLU I 496 -63.84 -57.49 14.37
C GLU I 496 -62.54 -56.75 14.13
N ILE I 497 -61.62 -56.77 15.11
CA ILE I 497 -60.36 -56.06 14.95
C ILE I 497 -59.54 -56.67 13.83
N SER I 498 -59.47 -58.00 13.77
CA SER I 498 -58.67 -58.66 12.75
C SER I 498 -59.19 -58.35 11.34
N ASP I 499 -60.51 -58.44 11.15
CA ASP I 499 -61.09 -58.22 9.84
C ASP I 499 -60.88 -56.79 9.37
N HIS I 500 -61.00 -55.83 10.29
CA HIS I 500 -60.98 -54.42 9.92
C HIS I 500 -59.64 -54.04 9.29
N VAL I 501 -58.55 -54.67 9.74
CA VAL I 501 -57.24 -54.38 9.17
C VAL I 501 -57.18 -54.79 7.71
N LEU I 502 -57.64 -56.00 7.41
CA LEU I 502 -57.46 -56.57 6.08
C LEU I 502 -58.27 -55.85 5.02
N ARG I 503 -59.50 -55.45 5.34
CA ARG I 503 -60.41 -54.88 4.35
C ARG I 503 -59.90 -53.54 3.80
N MET I 504 -58.90 -52.94 4.43
CA MET I 504 -58.59 -51.53 4.20
C MET I 504 -57.91 -51.29 2.85
N HIS I 505 -57.61 -52.33 2.06
CA HIS I 505 -56.91 -52.14 0.79
C HIS I 505 -57.66 -51.19 -0.15
N ARG I 506 -58.98 -51.23 -0.14
CA ARG I 506 -59.83 -50.33 -0.94
C ARG I 506 -59.46 -50.39 -2.43
N TYR I 507 -59.72 -51.57 -3.01
CA TYR I 507 -59.67 -51.72 -4.46
C TYR I 507 -60.71 -50.80 -5.08
N ARG I 508 -61.90 -50.76 -4.48
CA ARG I 508 -62.97 -49.87 -4.93
C ARG I 508 -63.92 -49.54 -3.78
N SER I 564 -62.37 -38.56 2.43
CA SER I 564 -63.00 -37.26 2.61
C SER I 564 -62.14 -36.37 3.50
N ALA I 565 -60.84 -36.37 3.24
CA ALA I 565 -59.90 -35.63 4.08
C ALA I 565 -60.15 -34.13 4.04
N ALA I 566 -60.35 -33.59 2.84
CA ALA I 566 -60.52 -32.14 2.70
C ALA I 566 -61.81 -31.62 3.32
N PHE I 567 -62.83 -32.47 3.48
CA PHE I 567 -64.11 -31.99 3.99
C PHE I 567 -63.98 -31.44 5.40
N MET I 568 -63.21 -32.12 6.26
CA MET I 568 -63.10 -31.67 7.64
C MET I 568 -62.35 -30.35 7.71
N LYS I 569 -61.39 -30.14 6.81
CA LYS I 569 -60.59 -28.93 6.84
C LYS I 569 -61.46 -27.69 6.66
N LYS I 570 -62.38 -27.73 5.70
CA LYS I 570 -63.28 -26.62 5.50
C LYS I 570 -64.26 -26.47 6.66
N TYR I 571 -64.61 -27.58 7.32
CA TYR I 571 -65.54 -27.49 8.42
C TYR I 571 -64.99 -26.62 9.54
N ILE I 572 -63.73 -26.84 9.91
CA ILE I 572 -63.20 -26.15 11.08
C ILE I 572 -63.12 -24.65 10.81
N HIS I 573 -62.91 -24.26 9.56
CA HIS I 573 -62.80 -22.84 9.25
C HIS I 573 -64.12 -22.12 9.51
N VAL I 574 -65.25 -22.74 9.17
CA VAL I 574 -66.54 -22.09 9.39
C VAL I 574 -66.81 -21.92 10.87
N ALA I 575 -66.57 -22.97 11.66
CA ALA I 575 -66.85 -22.90 13.09
C ALA I 575 -65.92 -21.91 13.78
N LYS I 576 -64.80 -21.57 13.17
CA LYS I 576 -63.86 -20.64 13.78
C LYS I 576 -64.41 -19.22 13.91
N ILE I 577 -65.36 -18.82 13.06
CA ILE I 577 -65.93 -17.48 13.11
C ILE I 577 -67.31 -17.49 13.76
N ILE I 578 -67.76 -18.63 14.27
CA ILE I 578 -69.06 -18.73 14.95
C ILE I 578 -68.81 -18.98 16.42
N LYS I 579 -69.51 -18.23 17.27
CA LYS I 579 -69.44 -18.38 18.72
C LYS I 579 -70.77 -18.92 19.22
N PRO I 580 -70.91 -20.23 19.35
CA PRO I 580 -72.20 -20.79 19.78
C PRO I 580 -72.51 -20.45 21.23
N VAL I 581 -73.06 -19.25 21.45
CA VAL I 581 -73.26 -18.77 22.80
C VAL I 581 -74.20 -19.71 23.58
N LEU I 582 -73.96 -19.79 24.88
CA LEU I 582 -74.76 -20.63 25.75
C LEU I 582 -76.05 -19.93 26.14
N THR I 583 -77.09 -20.73 26.39
CA THR I 583 -78.36 -20.26 26.94
C THR I 583 -78.58 -20.92 28.29
N GLN I 584 -78.70 -20.08 29.34
CA GLN I 584 -78.84 -20.62 30.69
C GLN I 584 -80.10 -21.46 30.81
N GLU I 585 -81.18 -21.03 30.16
CA GLU I 585 -82.41 -21.82 30.18
C GLU I 585 -82.17 -23.19 29.56
N SER I 586 -81.44 -23.24 28.45
CA SER I 586 -81.09 -24.53 27.87
C SER I 586 -80.09 -25.27 28.76
N ALA I 587 -79.10 -24.55 29.30
CA ALA I 587 -78.03 -25.19 30.04
C ALA I 587 -78.54 -25.82 31.32
N THR I 588 -79.64 -25.28 31.86
CA THR I 588 -80.11 -25.71 33.17
C THR I 588 -80.39 -27.20 33.21
N TYR I 589 -81.07 -27.72 32.19
CA TYR I 589 -81.39 -29.15 32.17
C TYR I 589 -80.11 -29.98 32.13
N ILE I 590 -79.10 -29.51 31.41
CA ILE I 590 -77.83 -30.22 31.38
C ILE I 590 -77.18 -30.19 32.76
N ALA I 591 -77.16 -29.02 33.38
CA ALA I 591 -76.49 -28.88 34.68
C ALA I 591 -77.16 -29.71 35.75
N GLU I 592 -78.45 -30.03 35.59
CA GLU I 592 -79.16 -30.78 36.61
C GLU I 592 -78.56 -32.17 36.81
N GLU I 593 -78.12 -32.81 35.72
CA GLU I 593 -77.55 -34.14 35.82
C GLU I 593 -76.09 -34.14 36.22
N TYR I 594 -75.48 -32.95 36.31
CA TYR I 594 -74.09 -32.86 36.75
C TYR I 594 -73.93 -33.43 38.15
N SER I 595 -74.89 -33.14 39.03
CA SER I 595 -74.85 -33.72 40.36
C SER I 595 -74.95 -35.24 40.30
N ARG I 596 -75.83 -35.76 39.44
CA ARG I 596 -75.98 -37.20 39.32
C ARG I 596 -74.66 -37.83 38.89
N LEU I 597 -73.87 -37.09 38.11
CA LEU I 597 -72.51 -37.53 37.82
C LEU I 597 -71.69 -37.63 39.09
N ARG I 598 -71.82 -36.64 39.97
CA ARG I 598 -71.08 -36.68 41.23
C ARG I 598 -71.54 -37.84 42.11
N SER I 599 -72.84 -38.12 42.11
CA SER I 599 -73.41 -39.11 43.02
C SER I 599 -73.08 -40.55 42.61
N GLN I 600 -72.42 -40.73 41.46
CA GLN I 600 -72.16 -42.09 40.98
C GLN I 600 -71.26 -42.87 41.93
N ASP I 601 -70.38 -42.17 42.65
CA ASP I 601 -69.44 -42.80 43.56
C ASP I 601 -70.10 -43.35 44.83
N SER I 602 -71.31 -42.89 45.16
CA SER I 602 -71.98 -43.40 46.36
C SER I 602 -72.36 -44.86 46.21
N MET I 603 -72.86 -45.25 45.04
CA MET I 603 -73.29 -46.62 44.80
C MET I 603 -72.11 -47.55 44.59
N PRO I 612 -60.49 -38.19 38.54
CA PRO I 612 -61.50 -38.58 39.52
C PRO I 612 -61.97 -37.41 40.37
N VAL I 613 -61.96 -36.21 39.80
CA VAL I 613 -62.38 -35.00 40.49
C VAL I 613 -63.63 -34.48 39.81
N THR I 614 -64.65 -34.19 40.60
CA THR I 614 -65.89 -33.64 40.04
C THR I 614 -65.87 -32.12 40.03
N ALA I 615 -65.04 -31.51 40.89
CA ALA I 615 -65.07 -30.06 41.07
C ALA I 615 -64.66 -29.27 39.84
N ARG I 616 -63.90 -29.85 38.93
CA ARG I 616 -63.51 -29.20 37.69
C ARG I 616 -64.47 -29.51 36.56
N THR I 617 -65.28 -30.57 36.72
CA THR I 617 -66.06 -31.10 35.61
C THR I 617 -66.95 -30.04 35.00
N LEU I 618 -67.39 -29.07 35.80
CA LEU I 618 -68.22 -28.00 35.26
C LEU I 618 -67.48 -27.26 34.15
N GLU I 619 -66.15 -27.20 34.24
CA GLU I 619 -65.37 -26.56 33.19
C GLU I 619 -65.41 -27.37 31.90
N THR I 620 -65.21 -28.69 31.98
CA THR I 620 -65.12 -29.46 30.74
C THR I 620 -66.49 -29.62 30.10
N LEU I 621 -67.56 -29.52 30.89
CA LEU I 621 -68.89 -29.61 30.32
C LEU I 621 -69.15 -28.46 29.36
N ILE I 622 -68.66 -27.26 29.71
CA ILE I 622 -68.90 -26.11 28.86
C ILE I 622 -68.24 -26.30 27.49
N ARG I 623 -66.96 -26.67 27.49
CA ARG I 623 -66.25 -26.77 26.22
C ARG I 623 -66.84 -27.90 25.36
N LEU I 624 -67.10 -29.04 25.97
CA LEU I 624 -67.62 -30.16 25.21
C LEU I 624 -68.99 -29.85 24.63
N ALA I 625 -69.86 -29.20 25.41
CA ALA I 625 -71.18 -28.84 24.89
C ALA I 625 -71.06 -27.84 23.75
N THR I 626 -70.16 -26.88 23.89
CA THR I 626 -69.95 -25.91 22.81
C THR I 626 -69.44 -26.59 21.56
N ALA I 627 -68.60 -27.60 21.72
CA ALA I 627 -68.03 -28.29 20.57
C ALA I 627 -69.11 -28.93 19.72
N HIS I 628 -70.10 -29.54 20.35
CA HIS I 628 -71.16 -30.20 19.60
C HIS I 628 -71.93 -29.20 18.75
N ALA I 629 -72.22 -28.03 19.30
CA ALA I 629 -72.90 -27.00 18.52
C ALA I 629 -72.03 -26.47 17.40
N LYS I 630 -70.72 -26.43 17.60
CA LYS I 630 -69.84 -25.92 16.55
C LYS I 630 -69.87 -26.82 15.32
N ALA I 631 -70.12 -28.11 15.53
CA ALA I 631 -70.24 -29.01 14.39
C ALA I 631 -71.46 -28.67 13.55
N ARG I 632 -72.54 -28.23 14.19
CA ARG I 632 -73.76 -27.90 13.48
C ARG I 632 -73.82 -26.45 13.04
N MET I 633 -72.77 -25.68 13.27
CA MET I 633 -72.70 -24.26 12.92
C MET I 633 -73.78 -23.43 13.59
N SER I 634 -74.45 -23.98 14.60
CA SER I 634 -75.48 -23.23 15.29
C SER I 634 -74.87 -22.18 16.20
N LYS I 635 -75.54 -21.03 16.28
CA LYS I 635 -75.14 -20.00 17.23
C LYS I 635 -75.77 -20.21 18.60
N THR I 636 -76.68 -21.16 18.72
CA THR I 636 -77.32 -21.48 19.99
C THR I 636 -77.09 -22.95 20.31
N VAL I 637 -76.78 -23.22 21.57
CA VAL I 637 -76.48 -24.58 22.01
C VAL I 637 -77.78 -25.37 22.10
N ASP I 638 -77.81 -26.54 21.45
CA ASP I 638 -79.01 -27.36 21.44
C ASP I 638 -79.01 -28.34 22.61
N LEU I 639 -80.21 -28.59 23.14
CA LEU I 639 -80.35 -29.49 24.28
C LEU I 639 -79.90 -30.90 23.91
N GLN I 640 -80.26 -31.37 22.72
CA GLN I 640 -79.79 -32.67 22.26
C GLN I 640 -78.28 -32.69 22.10
N ASP I 641 -77.71 -31.60 21.55
CA ASP I 641 -76.27 -31.57 21.32
C ASP I 641 -75.50 -31.69 22.63
N ALA I 642 -75.91 -30.93 23.64
CA ALA I 642 -75.22 -30.99 24.91
C ALA I 642 -75.49 -32.30 25.65
N GLU I 643 -76.61 -32.96 25.36
CA GLU I 643 -76.91 -34.21 26.03
C GLU I 643 -75.87 -35.26 25.70
N GLU I 644 -75.44 -35.31 24.44
CA GLU I 644 -74.36 -36.22 24.09
C GLU I 644 -73.05 -35.85 24.78
N ALA I 645 -72.88 -34.56 25.10
CA ALA I 645 -71.71 -34.16 25.87
C ALA I 645 -71.75 -34.75 27.27
N VAL I 646 -72.94 -34.77 27.89
CA VAL I 646 -73.07 -35.36 29.22
C VAL I 646 -72.74 -36.83 29.17
N GLU I 647 -73.26 -37.54 28.17
CA GLU I 647 -72.94 -38.95 28.01
C GLU I 647 -71.44 -39.14 27.78
N LEU I 648 -70.82 -38.21 27.05
CA LEU I 648 -69.37 -38.26 26.89
C LEU I 648 -68.68 -38.19 28.24
N VAL I 649 -69.14 -37.30 29.11
CA VAL I 649 -68.60 -37.25 30.46
C VAL I 649 -68.95 -38.54 31.20
N GLN I 650 -70.16 -39.06 31.00
CA GLN I 650 -70.58 -40.23 31.76
C GLN I 650 -69.71 -41.43 31.46
N TYR I 651 -69.37 -41.65 30.20
CA TYR I 651 -68.48 -42.75 29.85
C TYR I 651 -67.02 -42.33 29.99
N ALA I 652 -66.77 -41.06 30.29
CA ALA I 652 -65.39 -40.61 30.46
C ALA I 652 -64.73 -41.24 31.68
N TYR I 653 -65.50 -41.55 32.72
CA TYR I 653 -64.94 -42.12 33.94
C TYR I 653 -65.32 -43.57 34.18
N PHE I 654 -66.02 -44.21 33.24
CA PHE I 654 -66.34 -45.64 33.32
C PHE I 654 -67.16 -45.96 34.56
N SER J 2 -14.83 24.35 -22.63
CA SER J 2 -14.21 24.11 -23.93
C SER J 2 -13.08 23.10 -23.82
N GLY J 3 -12.02 23.47 -23.10
CA GLY J 3 -10.87 22.60 -22.97
C GLY J 3 -10.92 21.68 -21.77
N PHE J 4 -12.02 21.72 -21.02
CA PHE J 4 -12.17 20.91 -19.82
C PHE J 4 -13.12 19.74 -20.04
N ASP J 5 -14.30 20.00 -20.57
CA ASP J 5 -15.30 18.97 -20.77
C ASP J 5 -14.77 17.88 -21.69
N ASP J 6 -15.18 16.66 -21.43
CA ASP J 6 -14.79 15.52 -22.24
C ASP J 6 -15.90 14.49 -22.30
N PRO J 7 -16.82 14.62 -23.27
CA PRO J 7 -17.91 13.65 -23.37
C PRO J 7 -17.39 12.28 -23.75
N GLY J 8 -18.12 11.27 -23.32
CA GLY J 8 -17.70 9.90 -23.52
C GLY J 8 -17.79 9.50 -24.97
N ILE J 9 -17.36 8.27 -25.23
CA ILE J 9 -17.36 7.69 -26.57
C ILE J 9 -18.76 7.17 -26.84
N PHE J 10 -19.29 7.47 -28.02
CA PHE J 10 -20.61 7.02 -28.42
C PHE J 10 -20.53 6.06 -29.59
N TYR J 11 -21.28 4.97 -29.51
CA TYR J 11 -21.33 3.97 -30.56
C TYR J 11 -22.77 3.70 -30.94
N SER J 12 -23.01 3.49 -32.22
CA SER J 12 -24.34 3.31 -32.75
C SER J 12 -24.76 1.85 -32.60
N ASP J 13 -25.95 1.54 -33.09
CA ASP J 13 -26.46 0.19 -32.94
C ASP J 13 -25.57 -0.79 -33.69
N SER J 14 -25.44 -1.98 -33.13
CA SER J 14 -24.48 -2.96 -33.60
C SER J 14 -25.01 -3.71 -34.84
N PHE J 15 -25.33 -2.94 -35.87
CA PHE J 15 -25.71 -3.53 -37.15
C PHE J 15 -24.48 -4.02 -37.90
N GLY J 16 -24.64 -5.12 -38.63
CA GLY J 16 -23.56 -5.67 -39.42
C GLY J 16 -22.63 -6.56 -38.62
N GLY J 17 -22.24 -7.69 -39.19
CA GLY J 17 -21.37 -8.63 -38.51
C GLY J 17 -21.49 -10.05 -39.03
N GLY J 24 -5.33 -21.62 -34.73
CA GLY J 24 -6.44 -20.72 -34.97
C GLY J 24 -7.55 -20.84 -33.95
N GLN J 25 -7.95 -19.70 -33.38
CA GLN J 25 -9.01 -19.66 -32.38
C GLN J 25 -10.35 -19.50 -33.08
N ALA J 26 -11.25 -20.45 -32.87
CA ALA J 26 -12.57 -20.39 -33.47
C ALA J 26 -13.35 -19.20 -32.93
N ARG J 27 -14.03 -18.49 -33.82
CA ARG J 27 -14.70 -17.26 -33.43
C ARG J 27 -15.98 -17.54 -32.65
N LYS J 28 -16.15 -16.83 -31.54
CA LYS J 28 -17.33 -17.00 -30.70
C LYS J 28 -18.44 -16.00 -31.03
N SER J 29 -18.14 -14.89 -31.70
CA SER J 29 -19.10 -13.82 -31.84
C SER J 29 -20.33 -14.25 -32.63
N GLN J 30 -20.14 -14.98 -33.73
CA GLN J 30 -21.27 -15.42 -34.53
C GLN J 30 -22.14 -16.40 -33.77
N LEU J 31 -21.52 -17.21 -32.90
CA LEU J 31 -22.27 -18.22 -32.15
C LEU J 31 -23.36 -17.57 -31.31
N GLN J 32 -23.08 -16.39 -30.75
CA GLN J 32 -24.08 -15.71 -29.94
C GLN J 32 -25.32 -15.39 -30.76
N ARG J 33 -25.11 -14.95 -32.01
CA ARG J 33 -26.25 -14.59 -32.84
C ARG J 33 -27.10 -15.80 -33.19
N ARG J 34 -26.46 -16.95 -33.46
CA ARG J 34 -27.21 -18.12 -33.91
C ARG J 34 -28.18 -18.60 -32.83
N PHE J 35 -27.77 -18.52 -31.56
CA PHE J 35 -28.65 -18.97 -30.48
C PHE J 35 -29.98 -18.24 -30.56
N LYS J 36 -29.95 -16.96 -30.93
CA LYS J 36 -31.19 -16.19 -31.06
C LYS J 36 -32.14 -16.87 -32.04
N GLU J 37 -31.62 -17.32 -33.18
CA GLU J 37 -32.47 -17.94 -34.18
C GLU J 37 -33.05 -19.25 -33.67
N PHE J 38 -32.29 -19.96 -32.84
CA PHE J 38 -32.74 -21.28 -32.40
C PHE J 38 -34.03 -21.18 -31.60
N LEU J 39 -34.11 -20.21 -30.67
CA LEU J 39 -35.27 -20.14 -29.81
C LEU J 39 -36.53 -19.76 -30.59
N ARG J 40 -36.41 -18.81 -31.52
CA ARG J 40 -37.59 -18.35 -32.26
C ARG J 40 -38.05 -19.38 -33.29
N GLN J 41 -37.13 -19.92 -34.07
CA GLN J 41 -37.46 -20.64 -35.29
C GLN J 41 -37.66 -22.14 -35.08
N TYR J 42 -37.40 -22.67 -33.90
CA TYR J 42 -37.55 -24.10 -33.71
C TYR J 42 -39.02 -24.49 -33.66
N ARG J 43 -39.35 -25.61 -34.30
CA ARG J 43 -40.71 -26.13 -34.32
C ARG J 43 -40.67 -27.58 -33.86
N VAL J 44 -41.66 -27.96 -33.05
CA VAL J 44 -41.74 -29.31 -32.49
C VAL J 44 -43.13 -29.86 -32.75
N GLY J 45 -43.21 -31.17 -32.96
CA GLY J 45 -44.45 -31.83 -33.29
C GLY J 45 -44.35 -32.60 -34.59
N THR J 46 -45.45 -33.25 -34.95
CA THR J 46 -45.49 -34.10 -36.12
C THR J 46 -46.61 -33.64 -37.05
N ASP J 47 -46.45 -33.94 -38.35
CA ASP J 47 -47.48 -33.64 -39.32
C ASP J 47 -48.75 -34.45 -39.06
N ARG J 48 -48.60 -35.68 -38.58
CA ARG J 48 -49.76 -36.51 -38.29
C ARG J 48 -50.63 -35.89 -37.21
N THR J 49 -50.02 -35.36 -36.16
CA THR J 49 -50.73 -34.71 -35.07
C THR J 49 -50.84 -33.21 -35.24
N GLY J 50 -50.31 -32.66 -36.32
CA GLY J 50 -50.30 -31.23 -36.53
C GLY J 50 -49.13 -30.56 -35.84
N PHE J 51 -48.88 -29.32 -36.22
CA PHE J 51 -47.74 -28.56 -35.70
C PHE J 51 -48.20 -27.58 -34.64
N THR J 52 -47.56 -27.66 -33.47
CA THR J 52 -47.84 -26.75 -32.38
C THR J 52 -46.51 -26.33 -31.75
N PHE J 53 -46.53 -25.18 -31.08
CA PHE J 53 -45.33 -24.64 -30.45
C PHE J 53 -45.36 -25.00 -28.97
N LYS J 54 -44.47 -25.91 -28.56
CA LYS J 54 -44.37 -26.27 -27.15
C LYS J 54 -43.91 -25.07 -26.32
N TYR J 55 -43.09 -24.22 -26.92
CA TYR J 55 -42.63 -22.99 -26.27
C TYR J 55 -43.68 -21.90 -26.21
N ARG J 56 -44.84 -22.11 -26.84
CA ARG J 56 -45.87 -21.07 -26.86
C ARG J 56 -46.51 -20.90 -25.49
N ASP J 57 -47.07 -21.98 -24.95
CA ASP J 57 -47.67 -21.91 -23.62
C ASP J 57 -46.61 -21.91 -22.53
N GLU J 58 -45.47 -22.56 -22.76
CA GLU J 58 -44.45 -22.68 -21.74
C GLU J 58 -43.78 -21.34 -21.45
N LEU J 59 -43.43 -20.58 -22.49
CA LEU J 59 -42.78 -19.30 -22.27
C LEU J 59 -43.74 -18.28 -21.67
N LYS J 60 -44.99 -18.29 -22.12
CA LYS J 60 -46.00 -17.41 -21.52
C LYS J 60 -46.18 -17.72 -20.04
N ARG J 61 -46.35 -19.00 -19.72
CA ARG J 61 -46.66 -19.37 -18.34
C ARG J 61 -45.51 -19.05 -17.41
N HIS J 62 -44.28 -19.27 -17.87
CA HIS J 62 -43.14 -19.06 -16.98
C HIS J 62 -43.03 -17.61 -16.54
N TYR J 63 -43.14 -16.66 -17.46
CA TYR J 63 -42.99 -15.27 -17.08
C TYR J 63 -44.17 -14.78 -16.25
N ASN J 64 -45.38 -15.25 -16.56
CA ASN J 64 -46.55 -14.81 -15.81
C ASN J 64 -46.48 -15.25 -14.36
N LEU J 65 -45.99 -16.46 -14.10
CA LEU J 65 -45.84 -16.93 -12.74
C LEU J 65 -44.56 -16.44 -12.08
N GLY J 66 -43.71 -15.72 -12.81
CA GLY J 66 -42.48 -15.23 -12.24
C GLY J 66 -41.39 -16.26 -12.11
N GLU J 67 -41.48 -17.36 -12.87
CA GLU J 67 -40.49 -18.43 -12.76
C GLU J 67 -39.09 -17.92 -13.11
N TYR J 68 -38.97 -17.12 -14.16
CA TYR J 68 -37.68 -16.58 -14.62
C TYR J 68 -36.68 -17.69 -14.90
N TRP J 69 -37.17 -18.82 -15.42
CA TRP J 69 -36.27 -19.88 -15.87
C TRP J 69 -36.89 -20.54 -17.08
N ILE J 70 -36.03 -20.94 -18.03
CA ILE J 70 -36.49 -21.62 -19.23
C ILE J 70 -35.66 -22.88 -19.42
N GLU J 71 -36.35 -23.99 -19.64
CA GLU J 71 -35.71 -25.29 -19.77
C GLU J 71 -35.34 -25.54 -21.23
N VAL J 72 -34.08 -25.92 -21.46
CA VAL J 72 -33.57 -26.15 -22.80
C VAL J 72 -33.37 -27.65 -22.98
N GLU J 73 -34.05 -28.20 -23.98
CA GLU J 73 -33.94 -29.61 -24.31
C GLU J 73 -32.81 -29.79 -25.31
N MET J 74 -31.72 -30.44 -24.86
CA MET J 74 -30.56 -30.59 -25.71
C MET J 74 -30.86 -31.42 -26.95
N GLU J 75 -31.90 -32.26 -26.89
CA GLU J 75 -32.27 -33.04 -28.06
C GLU J 75 -32.66 -32.13 -29.22
N ASP J 76 -33.43 -31.08 -28.94
CA ASP J 76 -33.84 -30.16 -30.00
C ASP J 76 -32.64 -29.38 -30.52
N LEU J 77 -31.66 -29.11 -29.66
CA LEU J 77 -30.54 -28.29 -30.07
C LEU J 77 -29.71 -28.95 -31.17
N ALA J 78 -29.50 -30.27 -31.06
CA ALA J 78 -28.65 -30.96 -32.03
C ALA J 78 -29.25 -30.90 -33.43
N SER J 79 -30.55 -31.16 -33.55
CA SER J 79 -31.17 -31.21 -34.87
C SER J 79 -31.15 -29.85 -35.56
N PHE J 80 -31.41 -28.79 -34.79
CA PHE J 80 -31.39 -27.45 -35.37
C PHE J 80 -29.98 -27.06 -35.79
N ASP J 81 -28.98 -27.36 -34.97
CA ASP J 81 -27.59 -27.03 -35.28
C ASP J 81 -26.69 -28.01 -34.54
N GLU J 82 -26.25 -29.05 -35.26
CA GLU J 82 -25.35 -30.02 -34.65
C GLU J 82 -24.01 -29.39 -34.29
N ASP J 83 -23.58 -28.37 -35.04
CA ASP J 83 -22.28 -27.77 -34.82
C ASP J 83 -22.22 -27.03 -33.49
N LEU J 84 -23.34 -26.44 -33.06
CA LEU J 84 -23.35 -25.71 -31.80
C LEU J 84 -22.98 -26.62 -30.63
N ALA J 85 -23.54 -27.83 -30.61
CA ALA J 85 -23.27 -28.74 -29.50
C ALA J 85 -21.80 -29.13 -29.42
N ASP J 86 -21.19 -29.44 -30.56
CA ASP J 86 -19.78 -29.81 -30.56
C ASP J 86 -18.91 -28.67 -30.05
N TYR J 87 -19.18 -27.44 -30.52
CA TYR J 87 -18.45 -26.29 -30.03
C TYR J 87 -18.76 -26.02 -28.55
N LEU J 88 -19.96 -26.40 -28.11
CA LEU J 88 -20.31 -26.26 -26.70
C LEU J 88 -19.36 -27.05 -25.81
N TYR J 89 -18.88 -28.20 -26.30
CA TYR J 89 -18.08 -29.07 -25.45
C TYR J 89 -16.79 -28.38 -25.01
N LYS J 90 -16.11 -27.68 -25.93
CA LYS J 90 -14.82 -27.11 -25.61
C LYS J 90 -14.90 -26.05 -24.53
N GLN J 91 -15.81 -25.08 -24.67
CA GLN J 91 -15.97 -23.99 -23.70
C GLN J 91 -17.44 -23.86 -23.36
N PRO J 92 -17.99 -24.82 -22.60
CA PRO J 92 -19.39 -24.68 -22.20
C PRO J 92 -19.63 -23.51 -21.28
N ALA J 93 -18.61 -23.09 -20.53
CA ALA J 93 -18.82 -22.17 -19.43
C ALA J 93 -19.35 -20.84 -19.91
N GLU J 94 -18.71 -20.26 -20.92
CA GLU J 94 -19.06 -18.92 -21.34
C GLU J 94 -20.17 -18.89 -22.37
N HIS J 95 -20.28 -19.91 -23.21
CA HIS J 95 -21.33 -19.92 -24.21
C HIS J 95 -22.71 -19.97 -23.57
N LEU J 96 -22.82 -20.59 -22.39
CA LEU J 96 -24.09 -20.56 -21.68
C LEU J 96 -24.48 -19.16 -21.28
N GLN J 97 -23.52 -18.38 -20.77
CA GLN J 97 -23.82 -17.02 -20.36
C GLN J 97 -24.30 -16.20 -21.54
N LEU J 98 -23.63 -16.34 -22.68
CA LEU J 98 -24.09 -15.68 -23.88
C LEU J 98 -25.47 -16.20 -24.27
N LEU J 99 -25.71 -17.49 -24.08
CA LEU J 99 -27.01 -18.06 -24.36
C LEU J 99 -28.08 -17.41 -23.48
N GLU J 100 -27.71 -17.08 -22.24
CA GLU J 100 -28.64 -16.37 -21.38
C GLU J 100 -28.99 -15.01 -21.96
N GLU J 101 -27.99 -14.28 -22.46
CA GLU J 101 -28.24 -12.97 -23.01
C GLU J 101 -29.19 -13.06 -24.20
N ALA J 102 -28.98 -14.04 -25.07
CA ALA J 102 -29.87 -14.21 -26.22
C ALA J 102 -31.27 -14.56 -25.75
N ALA J 103 -31.40 -15.29 -24.65
CA ALA J 103 -32.72 -15.61 -24.15
C ALA J 103 -33.48 -14.34 -23.76
N LYS J 104 -32.77 -13.38 -23.18
CA LYS J 104 -33.40 -12.14 -22.74
C LYS J 104 -34.11 -11.45 -23.90
N GLU J 105 -33.43 -11.35 -25.05
CA GLU J 105 -34.02 -10.66 -26.19
C GLU J 105 -35.29 -11.37 -26.66
N VAL J 106 -35.26 -12.70 -26.70
CA VAL J 106 -36.45 -13.46 -27.09
C VAL J 106 -37.56 -13.21 -26.09
N ALA J 107 -37.22 -13.15 -24.80
CA ALA J 107 -38.24 -12.89 -23.80
C ALA J 107 -38.93 -11.56 -24.03
N ASP J 108 -38.05 -10.73 -24.52
CA ASP J 108 -38.34 -9.42 -24.96
C ASP J 108 -39.52 -9.62 -25.82
N GLU J 109 -39.41 -10.56 -26.73
CA GLU J 109 -40.50 -10.66 -27.67
C GLU J 109 -41.90 -10.86 -27.19
N VAL J 110 -42.18 -11.91 -26.44
CA VAL J 110 -43.55 -12.03 -26.15
C VAL J 110 -43.96 -11.27 -24.98
N THR J 111 -43.01 -10.79 -24.21
CA THR J 111 -43.41 -10.06 -23.05
C THR J 111 -43.99 -8.84 -23.59
N ARG J 112 -43.16 -8.17 -24.36
CA ARG J 112 -43.56 -7.14 -25.27
C ARG J 112 -44.28 -6.10 -24.46
N PRO J 113 -45.51 -5.85 -24.83
CA PRO J 113 -46.32 -4.90 -24.12
C PRO J 113 -46.55 -5.56 -22.80
N ARG J 114 -45.83 -5.16 -21.77
CA ARG J 114 -46.05 -5.75 -20.47
C ARG J 114 -46.42 -4.64 -19.51
N PRO J 115 -47.34 -4.93 -18.59
CA PRO J 115 -48.23 -4.32 -17.60
C PRO J 115 -47.50 -3.28 -16.77
N SER J 116 -48.28 -2.32 -16.27
CA SER J 116 -47.71 -1.25 -15.46
C SER J 116 -47.04 -1.81 -14.21
N GLY J 117 -45.87 -1.29 -13.90
CA GLY J 117 -45.10 -1.76 -12.77
C GLY J 117 -44.01 -2.73 -13.14
N GLU J 118 -44.31 -3.63 -14.08
CA GLU J 118 -43.32 -4.60 -14.55
C GLU J 118 -42.48 -4.04 -15.68
N GLU J 119 -41.91 -2.85 -15.47
CA GLU J 119 -41.17 -2.19 -16.53
C GLU J 119 -39.78 -2.79 -16.72
N VAL J 120 -39.11 -3.16 -15.63
CA VAL J 120 -37.76 -3.70 -15.70
C VAL J 120 -37.84 -5.17 -16.07
N LEU J 121 -37.12 -5.57 -17.10
CA LEU J 121 -37.11 -6.97 -17.52
C LEU J 121 -36.05 -7.75 -16.76
N GLN J 122 -36.48 -8.81 -16.07
CA GLN J 122 -35.61 -9.60 -15.22
C GLN J 122 -34.73 -10.52 -16.04
N ASP J 123 -33.57 -10.85 -15.50
CA ASP J 123 -32.68 -11.81 -16.13
C ASP J 123 -33.27 -13.22 -16.03
N ILE J 124 -32.93 -14.06 -16.99
CA ILE J 124 -33.46 -15.42 -17.09
C ILE J 124 -32.31 -16.40 -17.03
N GLN J 125 -32.39 -17.36 -16.11
CA GLN J 125 -31.42 -18.43 -15.98
C GLN J 125 -31.92 -19.63 -16.76
N VAL J 126 -30.99 -20.37 -17.37
CA VAL J 126 -31.33 -21.45 -18.27
C VAL J 126 -30.80 -22.75 -17.67
N MET J 127 -31.69 -23.74 -17.54
CA MET J 127 -31.33 -25.06 -17.08
C MET J 127 -31.50 -26.05 -18.22
N LEU J 128 -30.50 -26.87 -18.45
CA LEU J 128 -30.45 -27.73 -19.61
C LEU J 128 -30.35 -29.19 -19.19
N LYS J 129 -31.02 -30.07 -19.92
CA LYS J 129 -31.12 -31.48 -19.60
C LYS J 129 -30.82 -32.31 -20.86
N SER J 130 -30.48 -33.57 -20.64
CA SER J 130 -30.20 -34.47 -21.75
C SER J 130 -30.64 -35.88 -21.38
N ASP J 131 -30.87 -36.68 -22.42
CA ASP J 131 -31.22 -38.08 -22.24
C ASP J 131 -30.03 -39.01 -22.39
N ALA J 132 -28.81 -38.46 -22.45
CA ALA J 132 -27.63 -39.27 -22.64
C ALA J 132 -27.37 -40.17 -21.44
N SER J 133 -26.69 -41.27 -21.69
CA SER J 133 -26.38 -42.23 -20.64
C SER J 133 -25.31 -41.67 -19.71
N PRO J 134 -25.54 -41.63 -18.40
CA PRO J 134 -24.47 -41.22 -17.48
C PRO J 134 -23.32 -42.21 -17.52
N SER J 135 -22.13 -41.72 -17.21
CA SER J 135 -20.92 -42.53 -17.36
C SER J 135 -20.59 -43.29 -16.07
N SER J 136 -20.02 -44.46 -16.25
CA SER J 136 -19.53 -45.25 -15.14
C SER J 136 -18.24 -44.67 -14.60
N ILE J 137 -17.88 -45.06 -13.37
CA ILE J 137 -16.62 -44.64 -12.79
C ILE J 137 -15.43 -45.22 -13.56
N ARG J 138 -15.63 -46.32 -14.29
CA ARG J 138 -14.53 -46.90 -15.06
C ARG J 138 -14.08 -46.01 -16.21
N SER J 139 -14.97 -45.20 -16.76
CA SER J 139 -14.58 -44.19 -17.75
C SER J 139 -14.22 -42.86 -17.12
N LEU J 140 -14.36 -42.73 -15.79
CA LEU J 140 -14.17 -41.46 -15.10
C LEU J 140 -12.69 -41.28 -14.76
N LYS J 141 -11.88 -41.20 -15.81
CA LYS J 141 -10.44 -41.08 -15.67
C LYS J 141 -10.04 -39.61 -15.75
N SER J 142 -8.73 -39.35 -15.81
CA SER J 142 -8.24 -37.98 -15.94
C SER J 142 -8.47 -37.44 -17.36
N ASP J 143 -8.75 -38.30 -18.32
CA ASP J 143 -8.86 -37.87 -19.71
C ASP J 143 -10.08 -36.98 -19.93
N MET J 144 -11.12 -37.16 -19.12
CA MET J 144 -12.38 -36.45 -19.34
C MET J 144 -12.34 -35.02 -18.82
N MET J 145 -11.16 -34.46 -18.60
CA MET J 145 -11.05 -33.11 -18.05
C MET J 145 -11.61 -32.08 -19.03
N SER J 146 -12.26 -31.05 -18.49
CA SER J 146 -12.71 -29.89 -19.27
C SER J 146 -13.69 -30.28 -20.36
N HIS J 147 -14.66 -31.13 -20.03
CA HIS J 147 -15.74 -31.48 -20.93
C HIS J 147 -17.05 -31.52 -20.15
N LEU J 148 -18.16 -31.33 -20.86
CA LEU J 148 -19.48 -31.46 -20.25
C LEU J 148 -19.67 -32.88 -19.75
N VAL J 149 -20.29 -33.02 -18.58
CA VAL J 149 -20.40 -34.31 -17.92
C VAL J 149 -21.86 -34.57 -17.55
N LYS J 150 -22.15 -35.83 -17.28
CA LYS J 150 -23.45 -36.26 -16.78
C LYS J 150 -23.20 -37.40 -15.80
N ILE J 151 -23.17 -37.09 -14.51
CA ILE J 151 -22.90 -38.10 -13.49
C ILE J 151 -24.03 -38.13 -12.48
N PRO J 152 -24.54 -39.29 -12.12
CA PRO J 152 -25.58 -39.39 -11.10
C PRO J 152 -24.98 -39.64 -9.72
N GLY J 153 -25.84 -39.61 -8.71
CA GLY J 153 -25.41 -39.87 -7.36
C GLY J 153 -26.49 -39.53 -6.36
N ILE J 154 -26.10 -39.57 -5.09
CA ILE J 154 -26.98 -39.26 -3.98
C ILE J 154 -26.40 -38.08 -3.21
N ILE J 155 -27.27 -37.17 -2.79
CA ILE J 155 -26.84 -35.95 -2.12
C ILE J 155 -26.75 -36.21 -0.62
N ILE J 156 -25.58 -35.93 -0.05
CA ILE J 156 -25.34 -36.24 1.36
C ILE J 156 -25.34 -34.97 2.19
N ALA J 157 -24.93 -33.86 1.59
CA ALA J 157 -24.83 -32.60 2.31
C ALA J 157 -25.67 -31.53 1.61
N ALA J 158 -26.38 -30.75 2.39
CA ALA J 158 -27.13 -29.61 1.89
C ALA J 158 -26.90 -28.42 2.81
N SER J 159 -26.65 -27.26 2.24
CA SER J 159 -26.45 -26.06 3.03
C SER J 159 -27.64 -25.11 2.88
N ALA J 160 -27.69 -24.13 3.75
CA ALA J 160 -28.69 -23.08 3.66
C ALA J 160 -28.32 -22.14 2.52
N VAL J 161 -29.28 -21.32 2.13
CA VAL J 161 -29.08 -20.39 1.02
C VAL J 161 -28.35 -19.15 1.51
N ARG J 162 -27.30 -18.78 0.81
CA ARG J 162 -26.52 -17.59 1.11
C ARG J 162 -26.50 -16.67 -0.10
N ALA J 163 -25.69 -15.62 -0.02
CA ALA J 163 -25.50 -14.69 -1.11
C ALA J 163 -24.02 -14.61 -1.47
N LYS J 164 -23.73 -14.61 -2.77
CA LYS J 164 -22.37 -14.45 -3.27
C LYS J 164 -22.43 -13.76 -4.62
N ALA J 165 -21.53 -12.80 -4.85
CA ALA J 165 -21.41 -12.14 -6.13
C ALA J 165 -20.18 -12.69 -6.86
N THR J 166 -20.23 -12.71 -8.19
CA THR J 166 -19.14 -13.29 -8.97
C THR J 166 -18.05 -12.29 -9.31
N ARG J 167 -18.41 -11.04 -9.60
CA ARG J 167 -17.44 -9.99 -9.92
C ARG J 167 -17.59 -8.86 -8.92
N ILE J 168 -16.46 -8.23 -8.56
CA ILE J 168 -16.43 -7.13 -7.61
C ILE J 168 -16.10 -5.85 -8.37
N SER J 169 -16.14 -4.74 -7.65
CA SER J 169 -16.02 -3.42 -8.26
C SER J 169 -14.62 -2.86 -8.05
N ILE J 170 -13.98 -2.47 -9.15
CA ILE J 170 -12.73 -1.73 -9.12
C ILE J 170 -12.96 -0.41 -9.85
N GLN J 171 -12.44 0.67 -9.27
CA GLN J 171 -12.67 2.01 -9.79
C GLN J 171 -11.35 2.59 -10.29
N CYS J 172 -11.37 3.10 -11.52
CA CYS J 172 -10.18 3.65 -12.14
C CYS J 172 -10.05 5.15 -11.87
N TYR J 212 -12.54 3.37 1.62
CA TYR J 212 -13.43 2.97 0.54
C TYR J 212 -14.59 2.14 1.08
N PHE J 213 -15.75 2.31 0.46
CA PHE J 213 -16.97 1.65 0.90
C PHE J 213 -17.48 0.73 -0.19
N ILE J 214 -17.82 -0.50 0.18
CA ILE J 214 -18.32 -1.46 -0.79
C ILE J 214 -19.84 -1.38 -0.80
N MET J 215 -20.41 -0.96 -1.93
CA MET J 215 -21.85 -0.83 -2.04
C MET J 215 -22.47 -2.17 -2.41
N PRO J 216 -23.39 -2.67 -1.59
CA PRO J 216 -24.03 -3.95 -1.92
C PRO J 216 -25.07 -3.83 -3.01
N ASP J 217 -25.85 -2.75 -3.02
CA ASP J 217 -26.92 -2.58 -3.99
C ASP J 217 -26.38 -2.44 -5.41
N LYS J 218 -25.17 -1.93 -5.56
CA LYS J 218 -24.57 -1.75 -6.87
C LYS J 218 -23.98 -3.04 -7.42
N CYS J 219 -23.97 -4.12 -6.64
CA CYS J 219 -23.55 -5.42 -7.15
C CYS J 219 -24.75 -6.37 -7.20
N LYS J 220 -24.73 -7.27 -8.19
CA LYS J 220 -25.81 -8.22 -8.40
C LYS J 220 -25.41 -9.54 -7.76
N CYS J 221 -26.03 -9.87 -6.64
CA CYS J 221 -25.78 -11.13 -5.96
C CYS J 221 -26.85 -12.16 -6.33
N VAL J 222 -26.48 -13.43 -6.25
CA VAL J 222 -27.34 -14.52 -6.70
C VAL J 222 -27.46 -15.55 -5.59
N ASP J 223 -28.36 -16.51 -5.80
CA ASP J 223 -28.52 -17.60 -4.84
C ASP J 223 -27.31 -18.53 -4.90
N PHE J 224 -27.15 -19.30 -3.83
CA PHE J 224 -25.92 -20.07 -3.61
C PHE J 224 -26.26 -21.21 -2.67
N GLN J 225 -26.04 -22.44 -3.13
CA GLN J 225 -26.30 -23.61 -2.30
C GLN J 225 -25.11 -24.55 -2.38
N THR J 226 -24.80 -25.19 -1.27
CA THR J 226 -23.69 -26.11 -1.18
C THR J 226 -24.24 -27.52 -0.99
N LEU J 227 -23.89 -28.41 -1.91
CA LEU J 227 -24.31 -29.80 -1.88
C LEU J 227 -23.09 -30.70 -2.06
N LYS J 228 -23.09 -31.83 -1.37
CA LYS J 228 -22.10 -32.87 -1.56
C LYS J 228 -22.80 -34.09 -2.13
N LEU J 229 -22.29 -34.60 -3.24
CA LEU J 229 -22.91 -35.70 -3.97
C LEU J 229 -22.08 -36.95 -3.87
N GLN J 230 -22.73 -38.06 -3.54
CA GLN J 230 -22.08 -39.35 -3.44
C GLN J 230 -22.61 -40.28 -4.52
N GLU J 231 -21.70 -40.96 -5.20
CA GLU J 231 -22.07 -41.78 -6.34
C GLU J 231 -22.95 -42.94 -5.88
N LEU J 232 -23.82 -43.38 -6.79
CA LEU J 232 -24.73 -44.46 -6.45
C LEU J 232 -23.94 -45.72 -6.12
N PRO J 233 -24.30 -46.43 -5.05
CA PRO J 233 -23.48 -47.57 -4.63
C PRO J 233 -23.35 -48.65 -5.68
N ASP J 234 -24.37 -48.83 -6.52
CA ASP J 234 -24.35 -49.88 -7.52
C ASP J 234 -23.18 -49.71 -8.48
N ALA J 235 -22.91 -48.49 -8.92
CA ALA J 235 -21.76 -48.23 -9.77
C ALA J 235 -20.44 -48.34 -9.02
N VAL J 236 -20.46 -48.20 -7.69
CA VAL J 236 -19.21 -48.26 -6.93
C VAL J 236 -18.65 -49.68 -7.00
N PRO J 237 -17.35 -49.86 -7.20
CA PRO J 237 -16.76 -51.20 -7.20
C PRO J 237 -16.96 -51.89 -5.85
N HIS J 238 -16.83 -53.21 -5.85
CA HIS J 238 -17.05 -53.99 -4.64
C HIS J 238 -16.13 -53.53 -3.51
N GLY J 239 -14.84 -53.49 -3.76
CA GLY J 239 -13.93 -52.90 -2.80
C GLY J 239 -13.39 -51.58 -3.29
N GLU J 240 -14.01 -50.49 -2.85
CA GLU J 240 -13.60 -49.15 -3.26
C GLU J 240 -14.35 -48.13 -2.43
N MET J 241 -13.65 -47.08 -2.02
CA MET J 241 -14.30 -45.99 -1.31
C MET J 241 -15.10 -45.15 -2.30
N PRO J 242 -16.41 -45.02 -2.10
CA PRO J 242 -17.22 -44.20 -3.02
C PRO J 242 -16.75 -42.76 -3.05
N ARG J 243 -16.79 -42.18 -4.24
CA ARG J 243 -16.30 -40.82 -4.44
C ARG J 243 -17.24 -39.81 -3.81
N HIS J 244 -16.70 -38.62 -3.55
CA HIS J 244 -17.46 -37.52 -3.00
C HIS J 244 -17.13 -36.24 -3.78
N MET J 245 -18.18 -35.52 -4.17
CA MET J 245 -18.02 -34.32 -4.97
C MET J 245 -18.97 -33.24 -4.50
N GLN J 246 -18.43 -32.05 -4.23
CA GLN J 246 -19.22 -30.89 -3.87
C GLN J 246 -19.86 -30.28 -5.12
N LEU J 247 -21.02 -29.67 -4.93
CA LEU J 247 -21.74 -29.02 -6.02
C LEU J 247 -21.95 -27.54 -5.72
N TYR J 248 -22.00 -26.74 -6.77
CA TYR J 248 -22.18 -25.30 -6.69
C TYR J 248 -23.40 -24.93 -7.53
N CYS J 249 -24.48 -24.60 -6.86
CA CYS J 249 -25.76 -24.37 -7.52
C CYS J 249 -25.81 -22.92 -8.02
N ASP J 250 -27.01 -22.48 -8.41
CA ASP J 250 -27.22 -21.13 -8.89
C ASP J 250 -28.62 -20.69 -8.50
N ARG J 251 -29.16 -19.69 -9.21
CA ARG J 251 -30.32 -18.95 -8.73
C ARG J 251 -31.54 -19.81 -8.46
N TYR J 252 -31.87 -20.73 -9.36
CA TYR J 252 -33.06 -21.53 -9.20
C TYR J 252 -32.76 -23.01 -8.98
N LEU J 253 -31.50 -23.40 -8.86
CA LEU J 253 -31.20 -24.77 -8.51
C LEU J 253 -31.38 -25.05 -7.03
N CYS J 254 -31.46 -24.02 -6.20
CA CYS J 254 -31.55 -24.23 -4.76
C CYS J 254 -32.88 -24.88 -4.38
N ASP J 255 -32.84 -25.70 -3.33
CA ASP J 255 -34.01 -26.30 -2.71
C ASP J 255 -34.82 -27.20 -3.63
N LYS J 256 -34.41 -27.39 -4.88
CA LYS J 256 -35.12 -28.33 -5.73
C LYS J 256 -34.82 -29.78 -5.36
N VAL J 257 -33.83 -30.00 -4.50
CA VAL J 257 -33.46 -31.35 -4.10
C VAL J 257 -33.34 -31.42 -2.58
N VAL J 258 -33.80 -32.54 -2.04
CA VAL J 258 -33.68 -32.82 -0.61
C VAL J 258 -32.70 -33.98 -0.48
N PRO J 259 -31.96 -34.08 0.63
CA PRO J 259 -30.91 -35.08 0.70
C PRO J 259 -31.45 -36.49 0.55
N GLY J 260 -30.69 -37.33 -0.13
CA GLY J 260 -31.02 -38.74 -0.23
C GLY J 260 -31.77 -39.14 -1.46
N ASN J 261 -32.36 -38.20 -2.19
CA ASN J 261 -33.04 -38.56 -3.42
C ASN J 261 -32.04 -38.97 -4.48
N ARG J 262 -32.52 -39.76 -5.44
CA ARG J 262 -31.73 -40.18 -6.59
C ARG J 262 -31.82 -39.11 -7.66
N VAL J 263 -30.72 -38.39 -7.88
CA VAL J 263 -30.71 -37.27 -8.82
C VAL J 263 -29.61 -37.46 -9.85
N THR J 264 -29.76 -36.73 -10.96
CA THR J 264 -28.78 -36.69 -12.03
C THR J 264 -28.23 -35.27 -12.14
N ILE J 265 -26.91 -35.15 -12.06
CA ILE J 265 -26.23 -33.86 -12.01
C ILE J 265 -25.51 -33.63 -13.34
N MET J 266 -25.70 -32.44 -13.91
CA MET J 266 -25.07 -32.08 -15.17
C MET J 266 -24.38 -30.72 -15.04
N GLY J 267 -23.11 -30.67 -15.40
CA GLY J 267 -22.35 -29.45 -15.21
C GLY J 267 -20.99 -29.53 -15.87
N ILE J 268 -20.06 -28.71 -15.35
CA ILE J 268 -18.68 -28.67 -15.82
C ILE J 268 -17.78 -29.29 -14.78
N TYR J 269 -17.01 -30.30 -15.18
CA TYR J 269 -16.15 -31.03 -14.26
C TYR J 269 -14.91 -30.21 -13.94
N SER J 270 -14.67 -29.94 -12.66
CA SER J 270 -13.41 -29.38 -12.19
C SER J 270 -13.30 -29.64 -10.69
N ILE J 271 -12.05 -29.73 -10.22
CA ILE J 271 -11.75 -29.87 -8.80
C ILE J 271 -10.69 -28.85 -8.44
N TYR J 293 -14.61 -27.64 -8.56
CA TYR J 293 -16.02 -27.47 -8.27
C TYR J 293 -16.84 -27.75 -9.52
N ILE J 294 -18.09 -28.18 -9.33
CA ILE J 294 -18.98 -28.55 -10.42
C ILE J 294 -20.03 -27.48 -10.58
N ARG J 295 -20.01 -26.78 -11.72
CA ARG J 295 -21.05 -25.79 -12.00
C ARG J 295 -22.31 -26.50 -12.46
N VAL J 296 -23.21 -26.79 -11.52
CA VAL J 296 -24.43 -27.50 -11.85
C VAL J 296 -25.23 -26.70 -12.86
N LEU J 297 -25.73 -27.37 -13.89
CA LEU J 297 -26.56 -26.75 -14.89
C LEU J 297 -27.99 -27.24 -14.87
N GLY J 298 -28.24 -28.48 -14.44
CA GLY J 298 -29.57 -29.04 -14.41
C GLY J 298 -29.63 -30.31 -13.59
N ILE J 299 -30.71 -30.48 -12.84
CA ILE J 299 -30.89 -31.61 -11.94
C ILE J 299 -32.20 -32.30 -12.29
N GLN J 300 -32.19 -33.62 -12.33
CA GLN J 300 -33.40 -34.40 -12.59
C GLN J 300 -33.80 -35.16 -11.34
N VAL J 301 -35.04 -34.95 -10.91
CA VAL J 301 -35.59 -35.62 -9.73
C VAL J 301 -36.48 -36.75 -10.20
N ASP J 302 -36.16 -37.96 -9.79
CA ASP J 302 -36.98 -39.12 -10.09
C ASP J 302 -38.02 -39.29 -8.98
N THR J 303 -38.68 -40.45 -8.96
CA THR J 303 -39.63 -40.74 -7.90
C THR J 303 -39.64 -42.22 -7.55
N PRO J 316 -35.22 -59.59 -21.29
CA PRO J 316 -34.03 -60.13 -21.96
C PRO J 316 -33.56 -61.43 -21.32
N GLN J 317 -32.25 -61.71 -21.38
CA GLN J 317 -31.75 -62.95 -20.81
C GLN J 317 -31.92 -62.95 -19.30
N GLU J 318 -31.86 -61.77 -18.67
CA GLU J 318 -32.07 -61.68 -17.23
C GLU J 318 -33.48 -62.10 -16.85
N GLU J 319 -34.49 -61.63 -17.59
CA GLU J 319 -35.87 -61.97 -17.27
C GLU J 319 -36.11 -63.48 -17.41
N GLU J 320 -35.59 -64.07 -18.49
CA GLU J 320 -35.83 -65.49 -18.74
C GLU J 320 -35.24 -66.35 -17.62
N GLU J 321 -33.99 -66.08 -17.24
CA GLU J 321 -33.32 -66.94 -16.27
C GLU J 321 -34.03 -66.90 -14.93
N PHE J 322 -34.46 -65.72 -14.50
CA PHE J 322 -35.15 -65.60 -13.23
C PHE J 322 -36.45 -66.39 -13.22
N ARG J 323 -37.15 -66.42 -14.36
CA ARG J 323 -38.46 -67.05 -14.40
C ARG J 323 -38.38 -68.53 -14.07
N ARG J 324 -37.36 -69.22 -14.60
CA ARG J 324 -37.17 -70.63 -14.24
C ARG J 324 -36.90 -70.77 -12.75
N LEU J 325 -36.07 -69.88 -12.18
CA LEU J 325 -35.89 -69.86 -10.74
C LEU J 325 -37.15 -69.39 -10.05
N ALA J 326 -37.88 -68.44 -10.64
CA ALA J 326 -39.11 -67.96 -10.03
C ALA J 326 -40.15 -69.07 -9.98
N ALA J 327 -40.22 -69.91 -11.02
CA ALA J 327 -41.15 -71.01 -11.02
C ALA J 327 -40.61 -72.24 -10.30
N LEU J 328 -39.38 -72.20 -9.81
CA LEU J 328 -38.78 -73.36 -9.16
C LEU J 328 -39.55 -73.71 -7.89
N PRO J 329 -40.07 -74.92 -7.76
CA PRO J 329 -40.85 -75.25 -6.55
C PRO J 329 -40.04 -75.14 -5.27
N ASN J 330 -38.75 -75.49 -5.30
CA ASN J 330 -37.90 -75.48 -4.13
C ASN J 330 -37.03 -74.22 -4.03
N VAL J 331 -37.52 -73.09 -4.53
CA VAL J 331 -36.72 -71.87 -4.54
C VAL J 331 -36.47 -71.34 -3.12
N TYR J 332 -37.33 -71.68 -2.17
CA TYR J 332 -37.11 -71.21 -0.80
C TYR J 332 -35.79 -71.73 -0.24
N GLU J 333 -35.56 -73.04 -0.31
CA GLU J 333 -34.39 -73.61 0.34
C GLU J 333 -33.10 -73.13 -0.32
N VAL J 334 -33.07 -73.11 -1.65
CA VAL J 334 -31.83 -72.83 -2.36
C VAL J 334 -31.36 -71.42 -2.07
N ILE J 335 -32.28 -70.47 -1.89
CA ILE J 335 -31.88 -69.09 -1.66
C ILE J 335 -31.14 -68.97 -0.34
N SER J 336 -31.71 -69.52 0.73
CA SER J 336 -31.16 -69.29 2.06
C SER J 336 -29.76 -69.87 2.18
N LYS J 337 -29.59 -71.13 1.79
CA LYS J 337 -28.30 -71.78 1.94
C LYS J 337 -27.22 -71.14 1.07
N SER J 338 -27.61 -70.56 -0.07
CA SER J 338 -26.62 -69.97 -0.96
C SER J 338 -26.01 -68.69 -0.39
N ILE J 339 -26.84 -67.82 0.20
CA ILE J 339 -26.35 -66.51 0.61
C ILE J 339 -25.34 -66.64 1.74
N ALA J 340 -25.65 -67.44 2.76
CA ALA J 340 -24.81 -67.56 3.93
C ALA J 340 -23.94 -68.80 3.83
N PRO J 341 -22.63 -68.71 4.06
CA PRO J 341 -21.80 -69.91 4.09
C PRO J 341 -22.28 -70.87 5.16
N SER J 342 -22.30 -72.16 4.81
CA SER J 342 -22.86 -73.20 5.66
C SER J 342 -21.87 -73.70 6.71
N ILE J 343 -20.72 -73.03 6.83
CA ILE J 343 -19.71 -73.48 7.79
C ILE J 343 -20.23 -73.33 9.21
N PHE J 344 -21.05 -72.32 9.47
CA PHE J 344 -21.56 -72.06 10.81
C PHE J 344 -22.92 -71.42 10.71
N GLY J 345 -23.67 -71.49 11.81
CA GLY J 345 -24.99 -70.90 11.87
C GLY J 345 -26.09 -71.91 11.62
N GLY J 346 -27.21 -71.77 12.33
CA GLY J 346 -28.31 -72.69 12.15
C GLY J 346 -29.04 -72.48 10.83
N THR J 347 -29.71 -73.54 10.39
CA THR J 347 -30.42 -73.49 9.12
C THR J 347 -31.57 -72.49 9.18
N ASP J 348 -32.33 -72.50 10.29
CA ASP J 348 -33.47 -71.60 10.40
C ASP J 348 -33.03 -70.14 10.39
N MET J 349 -31.89 -69.85 11.01
CA MET J 349 -31.37 -68.48 11.02
C MET J 349 -31.16 -67.97 9.60
N LYS J 350 -30.55 -68.80 8.75
CA LYS J 350 -30.37 -68.41 7.35
C LYS J 350 -31.71 -68.22 6.67
N LYS J 351 -32.72 -68.98 7.08
CA LYS J 351 -34.04 -68.83 6.47
C LYS J 351 -34.60 -67.44 6.70
N ALA J 352 -34.36 -66.89 7.89
CA ALA J 352 -34.85 -65.53 8.17
C ALA J 352 -34.20 -64.51 7.26
N ILE J 353 -32.89 -64.67 7.02
CA ILE J 353 -32.13 -63.62 6.33
C ILE J 353 -32.75 -63.32 4.98
N ALA J 354 -33.08 -64.35 4.21
CA ALA J 354 -33.71 -64.15 2.91
C ALA J 354 -35.03 -63.41 3.04
N CYS J 355 -35.79 -63.67 4.10
CA CYS J 355 -37.08 -63.03 4.26
C CYS J 355 -36.98 -61.53 4.32
N LEU J 356 -35.96 -60.99 4.99
CA LEU J 356 -35.82 -59.54 5.08
C LEU J 356 -35.41 -58.94 3.74
N LEU J 357 -34.46 -59.57 3.05
CA LEU J 357 -33.89 -58.94 1.87
C LEU J 357 -34.95 -58.70 0.81
N PHE J 358 -35.82 -59.69 0.57
CA PHE J 358 -36.90 -59.47 -0.38
C PHE J 358 -37.85 -58.39 0.13
N GLY J 359 -38.16 -58.40 1.41
CA GLY J 359 -39.03 -57.39 1.97
C GLY J 359 -40.47 -57.55 1.49
N GLY J 360 -41.33 -56.74 2.10
CA GLY J 360 -42.74 -56.76 1.79
C GLY J 360 -43.16 -55.65 0.85
N SER J 361 -44.34 -55.07 1.09
CA SER J 361 -44.87 -54.03 0.23
C SER J 361 -45.52 -52.95 1.06
N ARG J 362 -45.12 -51.71 0.80
CA ARG J 362 -45.70 -50.55 1.45
C ARG J 362 -46.96 -50.17 0.68
N LYS J 363 -48.11 -50.52 1.25
CA LYS J 363 -49.38 -50.20 0.61
C LYS J 363 -49.60 -48.69 0.61
N ARG J 364 -49.61 -48.10 -0.58
CA ARG J 364 -49.82 -46.66 -0.73
C ARG J 364 -51.30 -46.37 -0.47
N LEU J 365 -51.63 -46.19 0.81
CA LEU J 365 -53.00 -45.87 1.16
C LEU J 365 -53.34 -44.44 0.78
N PRO J 366 -54.45 -44.25 0.07
CA PRO J 366 -54.98 -42.89 -0.15
C PRO J 366 -55.38 -42.23 1.17
N ASP J 367 -55.71 -43.07 2.15
CA ASP J 367 -56.37 -42.66 3.38
C ASP J 367 -55.29 -42.34 4.42
N GLY J 368 -54.94 -41.07 4.51
CA GLY J 368 -53.95 -40.60 5.48
C GLY J 368 -52.60 -41.28 5.40
N LEU J 369 -52.09 -41.71 6.54
CA LEU J 369 -50.79 -42.35 6.59
C LEU J 369 -50.84 -43.73 5.94
N THR J 370 -49.74 -44.12 5.31
CA THR J 370 -49.64 -45.44 4.70
C THR J 370 -49.17 -46.45 5.74
N ARG J 371 -48.83 -47.65 5.30
CA ARG J 371 -48.53 -48.75 6.21
C ARG J 371 -47.03 -48.99 6.23
N ARG J 372 -46.52 -49.34 7.41
CA ARG J 372 -45.10 -49.59 7.62
C ARG J 372 -44.51 -50.49 6.55
N GLY J 373 -45.02 -51.72 6.46
CA GLY J 373 -44.61 -52.63 5.41
C GLY J 373 -43.13 -52.90 5.35
N ASP J 374 -42.47 -53.04 6.50
CA ASP J 374 -41.02 -53.21 6.52
C ASP J 374 -40.64 -53.94 7.80
N ILE J 375 -40.11 -55.14 7.68
CA ILE J 375 -39.74 -55.94 8.83
C ILE J 375 -38.26 -55.75 9.12
N ASN J 376 -37.89 -55.78 10.40
CA ASN J 376 -36.51 -55.63 10.83
C ASN J 376 -36.18 -56.66 11.89
N LEU J 377 -34.93 -57.12 11.89
CA LEU J 377 -34.50 -58.26 12.69
C LEU J 377 -33.36 -57.88 13.62
N LEU J 378 -33.44 -58.34 14.86
CA LEU J 378 -32.40 -58.17 15.88
C LEU J 378 -31.64 -59.49 16.01
N MET J 379 -30.40 -59.50 15.55
CA MET J 379 -29.62 -60.73 15.47
C MET J 379 -28.92 -60.99 16.79
N LEU J 380 -29.36 -62.05 17.48
CA LEU J 380 -28.77 -62.48 18.73
C LEU J 380 -28.24 -63.91 18.59
N GLY J 381 -27.76 -64.45 19.70
CA GLY J 381 -27.26 -65.79 19.78
C GLY J 381 -26.06 -65.87 20.70
N ASP J 382 -25.54 -67.08 20.87
CA ASP J 382 -24.46 -67.30 21.81
C ASP J 382 -23.17 -66.67 21.30
N PRO J 383 -22.39 -66.00 22.17
CA PRO J 383 -21.12 -65.41 21.73
C PRO J 383 -20.00 -66.42 21.62
N GLY J 384 -18.80 -65.94 21.29
CA GLY J 384 -17.61 -66.77 21.25
C GLY J 384 -17.41 -67.58 19.99
N THR J 385 -18.29 -67.45 19.00
CA THR J 385 -18.14 -68.13 17.73
C THR J 385 -17.81 -67.16 16.59
N ALA J 386 -17.32 -65.96 16.91
CA ALA J 386 -17.05 -64.91 15.92
C ALA J 386 -18.28 -64.62 15.07
N LYS J 387 -19.44 -64.50 15.72
CA LYS J 387 -20.70 -64.34 14.98
C LYS J 387 -20.72 -63.03 14.19
N SER J 388 -20.11 -61.98 14.73
CA SER J 388 -20.18 -60.67 14.10
C SER J 388 -19.58 -60.70 12.69
N GLN J 389 -18.46 -61.40 12.54
CA GLN J 389 -17.84 -61.48 11.22
C GLN J 389 -18.73 -62.19 10.22
N LEU J 390 -19.56 -63.11 10.70
CA LEU J 390 -20.42 -63.88 9.80
C LEU J 390 -21.45 -62.98 9.13
N LEU J 391 -22.04 -62.06 9.89
CA LEU J 391 -23.08 -61.20 9.33
C LEU J 391 -22.50 -60.21 8.33
N LYS J 392 -21.19 -59.97 8.37
CA LYS J 392 -20.59 -59.01 7.43
C LYS J 392 -20.80 -59.46 5.99
N PHE J 393 -20.60 -60.76 5.72
CA PHE J 393 -20.74 -61.28 4.37
C PHE J 393 -22.16 -61.11 3.86
N VAL J 394 -23.13 -61.07 4.78
CA VAL J 394 -24.51 -60.83 4.38
C VAL J 394 -24.63 -59.49 3.69
N GLU J 395 -23.95 -58.47 4.22
CA GLU J 395 -23.94 -57.16 3.56
C GLU J 395 -23.29 -57.23 2.20
N LYS J 396 -22.26 -58.08 2.07
CA LYS J 396 -21.59 -58.27 0.78
C LYS J 396 -22.51 -58.80 -0.29
N CYS J 397 -23.64 -59.39 0.09
CA CYS J 397 -24.66 -59.80 -0.87
C CYS J 397 -25.79 -58.81 -1.01
N SER J 398 -25.91 -57.89 -0.06
CA SER J 398 -26.99 -56.92 -0.07
C SER J 398 -26.80 -55.96 -1.24
N PRO J 399 -27.80 -55.76 -2.10
CA PRO J 399 -27.67 -54.75 -3.16
C PRO J 399 -27.38 -53.36 -2.62
N ILE J 400 -28.23 -52.83 -1.75
CA ILE J 400 -28.08 -51.50 -1.17
C ILE J 400 -28.00 -51.63 0.34
N GLY J 401 -27.08 -50.91 0.96
CA GLY J 401 -26.95 -50.93 2.40
C GLY J 401 -25.64 -50.38 2.92
N VAL J 402 -25.61 -49.97 4.18
CA VAL J 402 -24.42 -49.38 4.79
C VAL J 402 -24.06 -50.16 6.04
N TYR J 403 -22.77 -50.51 6.16
CA TYR J 403 -22.25 -51.03 7.41
C TYR J 403 -21.75 -49.89 8.29
N THR J 404 -22.26 -49.82 9.51
CA THR J 404 -21.81 -48.83 10.49
C THR J 404 -21.14 -49.51 11.67
N SER J 405 -20.11 -48.84 12.19
CA SER J 405 -19.35 -49.31 13.33
C SER J 405 -19.29 -48.19 14.36
N GLY J 406 -20.08 -48.31 15.42
CA GLY J 406 -20.08 -47.29 16.46
C GLY J 406 -20.51 -45.95 15.92
N LYS J 407 -19.62 -44.97 15.96
CA LYS J 407 -19.95 -43.62 15.51
C LYS J 407 -19.74 -43.47 14.01
N GLY J 408 -19.78 -44.57 13.28
CA GLY J 408 -19.73 -44.51 11.84
C GLY J 408 -18.36 -44.15 11.31
N SER J 409 -18.35 -43.70 10.06
CA SER J 409 -17.12 -43.29 9.40
C SER J 409 -17.24 -41.83 9.00
N SER J 410 -16.10 -41.13 9.01
CA SER J 410 -16.04 -39.68 8.78
C SER J 410 -16.93 -39.01 9.83
N ALA J 411 -17.74 -38.02 9.46
CA ALA J 411 -18.61 -37.33 10.40
C ALA J 411 -20.08 -37.72 10.25
N ALA J 412 -20.37 -38.78 9.51
CA ALA J 412 -21.75 -39.19 9.25
C ALA J 412 -22.26 -40.03 10.41
N GLY J 413 -23.30 -39.54 11.08
CA GLY J 413 -24.01 -40.30 12.09
C GLY J 413 -25.18 -41.05 11.51
N LEU J 414 -26.05 -41.54 12.39
CA LEU J 414 -27.23 -42.27 11.95
C LEU J 414 -28.46 -41.38 11.83
N THR J 415 -28.32 -40.08 12.06
CA THR J 415 -29.44 -39.15 11.97
C THR J 415 -28.97 -37.88 11.27
N ALA J 416 -29.92 -37.04 10.91
CA ALA J 416 -29.62 -35.79 10.20
C ALA J 416 -29.03 -34.79 11.19
N SER J 417 -27.77 -35.02 11.55
CA SER J 417 -27.04 -34.09 12.42
C SER J 417 -26.54 -32.92 11.60
N VAL J 418 -25.89 -31.97 12.28
CA VAL J 418 -25.31 -30.80 11.64
C VAL J 418 -23.87 -30.64 12.10
N MET J 419 -23.11 -29.88 11.32
CA MET J 419 -21.67 -29.72 11.52
C MET J 419 -21.31 -28.24 11.33
N ARG J 420 -20.01 -27.98 11.21
CA ARG J 420 -19.49 -26.62 11.02
C ARG J 420 -18.92 -26.47 9.62
N ASP J 421 -19.42 -25.49 8.90
CA ASP J 421 -18.83 -25.13 7.62
C ASP J 421 -17.53 -24.37 7.85
N PRO J 422 -16.43 -24.74 7.19
CA PRO J 422 -15.21 -23.92 7.29
C PRO J 422 -15.42 -22.48 6.84
N SER J 423 -16.39 -22.23 5.96
CA SER J 423 -16.72 -20.87 5.52
C SER J 423 -17.96 -20.41 6.27
N SER J 424 -17.75 -19.55 7.26
CA SER J 424 -18.79 -18.88 8.05
C SER J 424 -19.61 -19.84 8.92
N ARG J 425 -19.34 -21.14 8.84
CA ARG J 425 -20.05 -22.15 9.63
C ARG J 425 -21.56 -22.02 9.47
N ASN J 426 -22.00 -21.77 8.23
CA ASN J 426 -23.40 -21.47 7.97
C ASN J 426 -24.29 -22.66 8.34
N PHE J 427 -24.19 -23.75 7.59
CA PHE J 427 -25.00 -24.93 7.83
C PHE J 427 -24.54 -26.05 6.91
N ILE J 428 -24.46 -27.27 7.44
CA ILE J 428 -24.16 -28.46 6.66
C ILE J 428 -25.09 -29.55 7.16
N MET J 429 -26.05 -29.94 6.33
CA MET J 429 -26.97 -31.02 6.68
C MET J 429 -26.37 -32.33 6.16
N GLU J 430 -25.62 -33.00 7.04
CA GLU J 430 -24.86 -34.19 6.65
C GLU J 430 -25.74 -35.38 6.34
N GLY J 431 -27.04 -35.34 6.64
CA GLY J 431 -27.83 -36.52 6.40
C GLY J 431 -27.49 -37.61 7.39
N GLY J 432 -27.63 -38.86 6.95
CA GLY J 432 -27.39 -39.97 7.85
C GLY J 432 -27.20 -41.27 7.09
N ALA J 433 -26.80 -42.29 7.85
CA ALA J 433 -26.59 -43.60 7.25
C ALA J 433 -27.89 -44.15 6.69
N MET J 434 -28.95 -44.13 7.48
CA MET J 434 -30.24 -44.63 7.03
C MET J 434 -30.75 -43.90 5.80
N VAL J 435 -30.39 -42.63 5.62
CA VAL J 435 -30.78 -41.91 4.42
C VAL J 435 -30.10 -42.53 3.20
N LEU J 436 -28.82 -42.87 3.35
CA LEU J 436 -28.04 -43.34 2.20
C LEU J 436 -28.68 -44.53 1.54
N ALA J 437 -29.27 -45.42 2.31
CA ALA J 437 -29.80 -46.68 1.80
C ALA J 437 -31.32 -46.67 1.69
N ASP J 438 -31.89 -45.53 1.28
CA ASP J 438 -33.32 -45.45 1.09
C ASP J 438 -33.80 -46.51 0.11
N GLY J 439 -34.62 -47.44 0.59
CA GLY J 439 -35.10 -48.54 -0.20
C GLY J 439 -34.43 -49.86 0.09
N GLY J 440 -33.35 -49.85 0.86
CA GLY J 440 -32.64 -51.08 1.20
C GLY J 440 -32.64 -51.36 2.69
N VAL J 441 -31.56 -51.98 3.18
CA VAL J 441 -31.42 -52.30 4.60
C VAL J 441 -30.06 -51.84 5.07
N VAL J 442 -29.99 -51.43 6.34
CA VAL J 442 -28.77 -50.96 6.95
C VAL J 442 -28.33 -51.99 8.00
N CYS J 443 -27.05 -52.37 7.94
CA CYS J 443 -26.47 -53.34 8.86
C CYS J 443 -25.81 -52.57 9.99
N ILE J 444 -26.55 -52.39 11.08
CA ILE J 444 -26.02 -51.68 12.24
C ILE J 444 -25.23 -52.66 13.08
N ASP J 445 -23.98 -52.31 13.38
CA ASP J 445 -23.13 -53.12 14.24
C ASP J 445 -22.85 -52.35 15.51
N GLU J 446 -22.75 -53.07 16.63
CA GLU J 446 -22.57 -52.48 17.95
C GLU J 446 -23.68 -51.48 18.23
N PHE J 447 -24.92 -51.95 18.07
CA PHE J 447 -26.07 -51.09 18.31
C PHE J 447 -26.13 -50.64 19.75
N ASP J 448 -25.81 -51.52 20.69
CA ASP J 448 -25.77 -51.12 22.09
C ASP J 448 -24.65 -50.12 22.35
N LYS J 449 -23.62 -50.09 21.52
CA LYS J 449 -22.47 -49.22 21.74
C LYS J 449 -22.60 -47.87 21.04
N MET J 450 -23.69 -47.64 20.32
CA MET J 450 -23.86 -46.35 19.68
C MET J 450 -24.23 -45.28 20.71
N ARG J 451 -24.16 -44.02 20.30
CA ARG J 451 -24.51 -42.92 21.19
C ARG J 451 -26.03 -42.82 21.33
N GLU J 452 -26.46 -42.43 22.52
CA GLU J 452 -27.88 -42.21 22.77
C GLU J 452 -28.40 -40.96 22.08
N ASP J 453 -27.51 -40.08 21.61
CA ASP J 453 -27.95 -38.83 21.02
C ASP J 453 -28.81 -39.08 19.78
N ASP J 454 -28.39 -40.03 18.96
CA ASP J 454 -29.20 -40.43 17.82
C ASP J 454 -30.33 -41.36 18.22
N ARG J 455 -30.20 -42.03 19.37
CA ARG J 455 -31.21 -43.00 19.78
C ARG J 455 -32.55 -42.34 19.97
N VAL J 456 -32.57 -41.15 20.59
CA VAL J 456 -33.82 -40.47 20.87
C VAL J 456 -34.53 -40.10 19.58
N ALA J 457 -33.82 -40.11 18.46
CA ALA J 457 -34.44 -39.86 17.17
C ALA J 457 -34.73 -41.16 16.42
N ILE J 458 -33.82 -42.12 16.49
CA ILE J 458 -33.96 -43.31 15.66
C ILE J 458 -35.19 -44.11 16.04
N HIS J 459 -35.71 -43.95 17.26
CA HIS J 459 -36.88 -44.72 17.66
C HIS J 459 -38.06 -44.46 16.75
N GLU J 460 -38.40 -43.19 16.51
CA GLU J 460 -39.49 -42.87 15.62
C GLU J 460 -39.18 -43.24 14.18
N ALA J 461 -37.93 -43.05 13.77
CA ALA J 461 -37.57 -43.26 12.37
C ALA J 461 -37.84 -44.69 11.93
N MET J 462 -37.52 -45.65 12.80
CA MET J 462 -37.73 -47.05 12.45
C MET J 462 -39.21 -47.41 12.35
N GLU J 463 -40.10 -46.52 12.78
CA GLU J 463 -41.53 -46.79 12.73
C GLU J 463 -42.24 -45.98 11.66
N GLN J 464 -41.85 -44.72 11.49
CA GLN J 464 -42.47 -43.83 10.51
C GLN J 464 -41.70 -43.74 9.20
N GLN J 465 -40.63 -44.52 9.05
CA GLN J 465 -39.83 -44.55 7.82
C GLN J 465 -39.34 -43.16 7.43
N THR J 466 -39.10 -42.32 8.43
CA THR J 466 -38.62 -40.97 8.17
C THR J 466 -37.90 -40.47 9.39
N ILE J 467 -36.83 -39.70 9.19
CA ILE J 467 -36.08 -39.10 10.26
C ILE J 467 -36.60 -37.70 10.47
N SER J 468 -36.67 -37.26 11.71
CA SER J 468 -37.21 -35.96 12.06
C SER J 468 -36.09 -35.11 12.65
N ILE J 469 -36.23 -33.80 12.54
CA ILE J 469 -35.27 -32.88 13.12
C ILE J 469 -35.93 -32.23 14.35
N ALA J 470 -35.28 -32.36 15.51
CA ALA J 470 -35.83 -31.90 16.77
C ALA J 470 -35.22 -30.57 17.21
N LYS J 471 -34.88 -29.69 16.26
CA LYS J 471 -34.36 -28.38 16.60
C LYS J 471 -35.55 -27.45 16.86
N ALA J 472 -35.29 -26.16 17.09
CA ALA J 472 -36.35 -25.25 17.54
C ALA J 472 -37.45 -25.09 16.49
N GLY J 473 -37.06 -24.87 15.23
CA GLY J 473 -38.06 -24.60 14.22
C GLY J 473 -37.78 -25.21 12.86
N ILE J 474 -36.93 -26.23 12.81
CA ILE J 474 -36.66 -26.92 11.55
C ILE J 474 -37.59 -28.13 11.45
N THR J 475 -38.48 -28.12 10.45
CA THR J 475 -39.47 -29.16 10.28
C THR J 475 -39.14 -30.12 9.14
N THR J 476 -37.94 -30.07 8.59
CA THR J 476 -37.60 -30.89 7.44
C THR J 476 -37.56 -32.36 7.84
N THR J 477 -38.23 -33.20 7.05
CA THR J 477 -38.33 -34.63 7.34
C THR J 477 -37.88 -35.43 6.12
N LEU J 478 -36.63 -35.88 6.14
CA LEU J 478 -36.10 -36.69 5.05
C LEU J 478 -36.81 -38.03 5.00
N ASN J 479 -36.73 -38.68 3.84
CA ASN J 479 -37.33 -40.00 3.69
C ASN J 479 -36.35 -41.09 4.09
N SER J 480 -36.69 -41.83 5.14
CA SER J 480 -35.82 -42.82 5.76
C SER J 480 -36.48 -44.19 5.80
N ARG J 481 -37.01 -44.62 4.67
CA ARG J 481 -37.70 -45.89 4.49
C ARG J 481 -36.79 -47.10 4.55
N CYS J 482 -35.51 -46.92 4.89
CA CYS J 482 -34.58 -48.04 4.93
C CYS J 482 -34.96 -49.04 6.02
N SER J 483 -34.78 -50.32 5.70
CA SER J 483 -34.96 -51.38 6.69
C SER J 483 -33.73 -51.44 7.59
N VAL J 484 -33.86 -52.15 8.71
CA VAL J 484 -32.86 -52.15 9.76
C VAL J 484 -32.45 -53.59 10.05
N LEU J 485 -31.14 -53.84 10.07
CA LEU J 485 -30.59 -55.12 10.47
C LEU J 485 -29.73 -54.86 11.70
N ALA J 486 -30.32 -55.11 12.87
CA ALA J 486 -29.70 -54.76 14.15
C ALA J 486 -28.95 -55.98 14.69
N ALA J 487 -27.62 -55.88 14.71
CA ALA J 487 -26.77 -56.90 15.30
C ALA J 487 -25.99 -56.28 16.46
N ALA J 488 -26.22 -56.80 17.66
CA ALA J 488 -25.54 -56.30 18.85
C ALA J 488 -25.55 -57.37 19.93
N ASN J 489 -24.62 -57.24 20.87
CA ASN J 489 -24.59 -58.14 22.01
C ASN J 489 -25.64 -57.72 23.04
N SER J 490 -26.51 -58.67 23.39
CA SER J 490 -27.57 -58.41 24.35
C SER J 490 -27.00 -58.09 25.72
N VAL J 491 -27.68 -57.23 26.47
CA VAL J 491 -27.23 -56.89 27.80
C VAL J 491 -27.39 -58.10 28.73
N PHE J 492 -26.31 -58.44 29.43
CA PHE J 492 -26.34 -59.58 30.35
C PHE J 492 -27.30 -59.32 31.50
N GLU J 501 -37.64 -58.05 28.58
CA GLU J 501 -37.26 -56.75 29.13
C GLU J 501 -35.83 -56.84 29.65
N ASP J 502 -35.35 -58.06 29.81
CA ASP J 502 -34.03 -58.30 30.40
C ASP J 502 -32.91 -58.19 29.37
N ASN J 503 -33.22 -58.12 28.08
CA ASN J 503 -32.22 -58.09 27.02
C ASN J 503 -32.09 -56.69 26.42
N ILE J 504 -32.73 -55.69 27.02
CA ILE J 504 -32.72 -54.33 26.51
C ILE J 504 -32.13 -53.42 27.58
N ASP J 505 -31.28 -52.50 27.15
CA ASP J 505 -30.49 -51.71 28.10
C ASP J 505 -31.32 -50.59 28.71
N PHE J 506 -31.83 -49.67 27.89
CA PHE J 506 -32.58 -48.53 28.40
C PHE J 506 -33.84 -48.21 27.61
N MET J 507 -34.18 -48.97 26.57
CA MET J 507 -35.31 -48.66 25.69
C MET J 507 -36.29 -49.82 25.70
N PRO J 508 -37.09 -49.97 26.75
CA PRO J 508 -38.02 -51.10 26.80
C PRO J 508 -39.23 -50.86 25.91
N THR J 509 -38.99 -50.25 24.76
CA THR J 509 -39.98 -50.16 23.69
C THR J 509 -39.37 -50.47 22.33
N ILE J 510 -38.07 -50.22 22.13
CA ILE J 510 -37.44 -50.51 20.86
C ILE J 510 -37.48 -52.00 20.57
N LEU J 511 -37.54 -52.83 21.61
CA LEU J 511 -37.67 -54.25 21.42
C LEU J 511 -38.92 -54.59 20.61
N SER J 512 -40.02 -53.88 20.87
CA SER J 512 -41.23 -54.12 20.09
C SER J 512 -40.99 -53.79 18.62
N ARG J 513 -40.03 -52.96 18.34
CA ARG J 513 -39.69 -52.63 16.97
C ARG J 513 -38.74 -53.60 16.36
N PHE J 514 -38.30 -54.59 17.13
CA PHE J 514 -37.34 -55.58 16.64
C PHE J 514 -38.01 -56.95 16.64
N ASP J 515 -37.28 -57.95 16.20
CA ASP J 515 -37.74 -59.33 16.14
C ASP J 515 -36.84 -60.21 16.99
N MET J 516 -37.45 -61.02 17.84
CA MET J 516 -36.69 -61.91 18.73
C MET J 516 -36.33 -63.14 17.90
N ILE J 517 -35.28 -63.01 17.11
CA ILE J 517 -34.83 -64.04 16.19
C ILE J 517 -33.37 -64.34 16.48
N PHE J 518 -33.04 -65.62 16.60
CA PHE J 518 -31.66 -66.04 16.72
C PHE J 518 -30.99 -66.08 15.36
N LEU J 556 -20.55 -63.42 -8.31
CA LEU J 556 -21.03 -62.87 -7.05
C LEU J 556 -22.08 -61.78 -7.29
N ALA J 557 -21.73 -60.81 -8.13
CA ALA J 557 -22.59 -59.66 -8.39
C ALA J 557 -23.91 -60.04 -9.05
N LYS J 558 -23.95 -61.12 -9.83
CA LYS J 558 -25.17 -61.49 -10.53
C LYS J 558 -26.28 -61.83 -9.55
N LEU J 559 -25.95 -62.51 -8.46
CA LEU J 559 -26.96 -62.95 -7.52
C LEU J 559 -27.63 -61.77 -6.83
N LYS J 560 -26.91 -60.65 -6.70
CA LYS J 560 -27.47 -59.48 -6.04
C LYS J 560 -28.64 -58.91 -6.83
N LYS J 561 -28.48 -58.77 -8.15
CA LYS J 561 -29.49 -58.07 -8.95
C LYS J 561 -30.79 -58.85 -8.99
N PHE J 562 -30.71 -60.19 -8.95
CA PHE J 562 -31.92 -61.00 -8.98
C PHE J 562 -32.83 -60.68 -7.81
N ILE J 563 -32.23 -60.48 -6.63
CA ILE J 563 -33.02 -60.16 -5.44
C ILE J 563 -33.72 -58.83 -5.61
N ALA J 564 -33.00 -57.81 -6.09
CA ALA J 564 -33.61 -56.50 -6.26
C ALA J 564 -34.64 -56.51 -7.38
N TYR J 565 -34.50 -57.44 -8.33
CA TYR J 565 -35.33 -57.43 -9.51
C TYR J 565 -36.80 -57.65 -9.17
N CYS J 566 -37.09 -58.63 -8.32
CA CYS J 566 -38.48 -58.90 -7.96
C CYS J 566 -39.09 -57.75 -7.19
N ARG J 567 -38.28 -57.00 -6.44
CA ARG J 567 -38.83 -55.93 -5.62
C ARG J 567 -39.48 -54.84 -6.47
N VAL J 568 -39.00 -54.65 -7.69
CA VAL J 568 -39.67 -53.75 -8.62
C VAL J 568 -40.99 -54.32 -9.12
N LYS J 569 -41.04 -55.61 -9.38
CA LYS J 569 -42.18 -56.25 -10.00
C LYS J 569 -43.12 -56.69 -8.86
N CYS J 570 -44.27 -57.26 -9.24
CA CYS J 570 -45.24 -57.85 -8.33
C CYS J 570 -45.91 -56.78 -7.46
N GLY J 571 -45.37 -56.52 -6.28
CA GLY J 571 -45.96 -55.60 -5.36
C GLY J 571 -47.30 -56.10 -4.85
N PRO J 572 -47.27 -57.15 -4.02
CA PRO J 572 -48.53 -57.78 -3.59
C PRO J 572 -49.38 -56.87 -2.71
N ARG J 573 -50.61 -57.29 -2.44
CA ARG J 573 -51.56 -56.51 -1.65
C ARG J 573 -52.25 -57.45 -0.68
N LEU J 574 -53.34 -56.98 -0.07
CA LEU J 574 -54.14 -57.76 0.86
C LEU J 574 -55.34 -58.32 0.12
N SER J 575 -55.48 -59.64 0.12
CA SER J 575 -56.60 -60.26 -0.58
C SER J 575 -57.88 -60.15 0.25
N ALA J 576 -58.94 -59.67 -0.37
CA ALA J 576 -60.22 -59.56 0.33
C ALA J 576 -60.89 -60.91 0.47
N GLU J 577 -60.93 -61.70 -0.62
CA GLU J 577 -61.67 -62.96 -0.59
C GLU J 577 -60.90 -64.06 0.12
N ALA J 578 -59.58 -64.09 -0.02
CA ALA J 578 -58.80 -65.21 0.52
C ALA J 578 -58.50 -65.04 2.00
N ALA J 579 -58.39 -63.79 2.47
CA ALA J 579 -58.01 -63.55 3.85
C ALA J 579 -59.12 -63.93 4.83
N GLU J 580 -60.38 -63.78 4.42
CA GLU J 580 -61.49 -63.95 5.35
C GLU J 580 -61.51 -65.35 5.94
N LYS J 581 -61.18 -66.36 5.14
CA LYS J 581 -61.02 -67.71 5.68
C LYS J 581 -59.77 -67.81 6.52
N LEU J 582 -58.70 -67.11 6.13
CA LEU J 582 -57.46 -67.14 6.90
C LEU J 582 -57.64 -66.44 8.24
N LYS J 583 -58.53 -65.45 8.28
CA LYS J 583 -58.79 -64.73 9.53
C LYS J 583 -59.31 -65.67 10.61
N ASN J 584 -60.08 -66.69 10.23
CA ASN J 584 -60.57 -67.66 11.21
C ASN J 584 -59.41 -68.35 11.91
N ARG J 585 -58.34 -68.63 11.18
CA ARG J 585 -57.15 -69.21 11.80
C ARG J 585 -56.51 -68.24 12.78
N TYR J 586 -56.48 -66.96 12.42
CA TYR J 586 -55.90 -65.96 13.31
C TYR J 586 -56.70 -65.83 14.60
N ILE J 587 -58.02 -65.99 14.52
CA ILE J 587 -58.86 -65.88 15.70
C ILE J 587 -58.41 -66.87 16.77
N ILE J 588 -58.19 -68.12 16.36
CA ILE J 588 -57.61 -69.09 17.27
C ILE J 588 -56.20 -68.66 17.67
N MET J 589 -55.42 -68.18 16.70
CA MET J 589 -54.06 -67.75 16.99
C MET J 589 -54.03 -66.57 17.94
N ARG J 590 -55.00 -65.65 17.79
CA ARG J 590 -55.05 -64.50 18.69
C ARG J 590 -55.29 -64.91 20.14
N SER J 591 -55.97 -66.03 20.37
CA SER J 591 -56.16 -66.50 21.73
C SER J 591 -54.83 -66.91 22.37
N GLY J 592 -53.92 -67.46 21.58
CA GLY J 592 -52.62 -67.85 22.09
C GLY J 592 -51.47 -67.10 21.43
N PRO J 607 -49.56 -57.16 24.86
CA PRO J 607 -48.99 -56.54 23.66
C PRO J 607 -48.40 -57.56 22.69
N ILE J 608 -48.20 -58.79 23.17
CA ILE J 608 -47.66 -59.86 22.33
C ILE J 608 -48.64 -60.20 21.20
N THR J 609 -49.92 -60.32 21.54
CA THR J 609 -50.92 -60.74 20.58
C THR J 609 -51.18 -59.68 19.52
N VAL J 610 -51.29 -58.41 19.91
CA VAL J 610 -51.66 -57.35 18.98
C VAL J 610 -50.57 -57.13 17.94
N ARG J 611 -49.32 -57.04 18.39
CA ARG J 611 -48.22 -56.82 17.47
C ARG J 611 -48.08 -57.97 16.48
N GLN J 612 -48.49 -59.17 16.88
CA GLN J 612 -48.21 -60.38 16.10
C GLN J 612 -48.81 -60.32 14.70
N LEU J 613 -50.10 -60.01 14.59
CA LEU J 613 -50.75 -60.00 13.29
C LEU J 613 -50.10 -58.99 12.37
N GLU J 614 -49.81 -57.81 12.91
CA GLU J 614 -49.15 -56.79 12.12
C GLU J 614 -47.78 -57.27 11.65
N ALA J 615 -47.04 -57.94 12.53
CA ALA J 615 -45.71 -58.42 12.17
C ALA J 615 -45.80 -59.55 11.15
N ILE J 616 -46.68 -60.53 11.39
CA ILE J 616 -46.71 -61.70 10.53
C ILE J 616 -47.10 -61.33 9.12
N VAL J 617 -48.11 -60.46 8.98
CA VAL J 617 -48.62 -60.11 7.66
C VAL J 617 -47.51 -59.51 6.81
N ARG J 618 -46.71 -58.62 7.40
CA ARG J 618 -45.62 -58.01 6.64
C ARG J 618 -44.64 -59.05 6.14
N ILE J 619 -44.29 -60.02 7.00
CA ILE J 619 -43.35 -61.06 6.59
C ILE J 619 -43.96 -61.90 5.48
N ALA J 620 -45.26 -62.22 5.60
CA ALA J 620 -45.90 -63.05 4.60
C ALA J 620 -45.87 -62.41 3.22
N GLU J 621 -45.83 -61.07 3.16
CA GLU J 621 -45.82 -60.39 1.87
C GLU J 621 -44.60 -60.76 1.05
N ALA J 622 -43.48 -61.07 1.71
CA ALA J 622 -42.26 -61.44 0.99
C ALA J 622 -42.45 -62.74 0.22
N LEU J 623 -43.17 -63.70 0.81
CA LEU J 623 -43.32 -65.00 0.18
C LEU J 623 -44.00 -64.89 -1.17
N SER J 624 -45.04 -64.08 -1.25
CA SER J 624 -45.72 -63.86 -2.53
C SER J 624 -44.76 -63.27 -3.55
N LYS J 625 -43.91 -62.33 -3.11
CA LYS J 625 -42.92 -61.76 -4.02
C LYS J 625 -41.92 -62.80 -4.50
N MET J 626 -41.58 -63.77 -3.66
CA MET J 626 -40.60 -64.77 -4.07
C MET J 626 -41.12 -65.72 -5.13
N LYS J 627 -42.44 -65.87 -5.27
CA LYS J 627 -43.02 -66.84 -6.19
C LYS J 627 -43.94 -66.22 -7.22
N LEU J 628 -43.80 -64.92 -7.49
CA LEU J 628 -44.62 -64.23 -8.47
C LEU J 628 -46.11 -64.38 -8.16
N GLN J 629 -46.45 -64.31 -6.91
CA GLN J 629 -47.85 -64.55 -6.57
C GLN J 629 -48.66 -63.27 -6.63
N PRO J 630 -49.69 -63.20 -7.48
CA PRO J 630 -50.52 -61.98 -7.53
C PRO J 630 -51.43 -61.84 -6.33
N PHE J 631 -51.46 -62.81 -5.43
CA PHE J 631 -52.18 -62.66 -4.17
C PHE J 631 -51.55 -63.58 -3.15
N ALA J 632 -52.08 -63.51 -1.93
CA ALA J 632 -51.57 -64.29 -0.81
C ALA J 632 -52.39 -65.56 -0.66
N THR J 633 -51.71 -66.70 -0.60
CA THR J 633 -52.38 -67.97 -0.40
C THR J 633 -52.25 -68.43 1.05
N GLU J 634 -53.00 -69.47 1.39
CA GLU J 634 -52.95 -69.97 2.76
C GLU J 634 -51.65 -70.71 3.05
N ALA J 635 -50.98 -71.21 2.01
CA ALA J 635 -49.73 -71.95 2.23
C ALA J 635 -48.67 -71.05 2.85
N ASP J 636 -48.75 -69.75 2.59
CA ASP J 636 -47.79 -68.82 3.17
C ASP J 636 -47.88 -68.81 4.68
N VAL J 637 -49.10 -68.84 5.21
CA VAL J 637 -49.28 -68.84 6.67
C VAL J 637 -48.59 -70.05 7.28
N GLU J 638 -48.65 -71.18 6.59
CA GLU J 638 -47.95 -72.38 7.07
C GLU J 638 -46.47 -72.10 7.25
N GLU J 639 -45.87 -71.32 6.35
CA GLU J 639 -44.49 -70.93 6.52
C GLU J 639 -44.33 -70.00 7.73
N ALA J 640 -45.31 -69.13 7.96
CA ALA J 640 -45.23 -68.24 9.11
C ALA J 640 -45.17 -69.02 10.41
N LEU J 641 -45.79 -70.20 10.44
CA LEU J 641 -45.75 -71.03 11.64
C LEU J 641 -44.33 -71.44 11.97
N ARG J 642 -43.53 -71.74 10.95
CA ARG J 642 -42.14 -72.15 11.18
C ARG J 642 -41.35 -71.02 11.84
N LEU J 643 -41.65 -69.77 11.49
CA LEU J 643 -40.97 -68.65 12.14
C LEU J 643 -41.40 -68.52 13.58
N PHE J 644 -42.69 -68.68 13.85
CA PHE J 644 -43.18 -68.62 15.22
C PHE J 644 -42.64 -69.75 16.08
N GLN J 645 -42.32 -70.89 15.48
CA GLN J 645 -41.84 -72.02 16.27
C GLN J 645 -40.56 -71.69 17.01
N VAL J 646 -39.65 -70.96 16.35
CA VAL J 646 -38.43 -70.53 17.01
C VAL J 646 -38.73 -69.45 18.05
N SER J 647 -39.61 -68.51 17.70
CA SER J 647 -39.89 -67.40 18.59
C SER J 647 -40.57 -67.88 19.87
N THR J 648 -41.23 -69.04 19.82
CA THR J 648 -41.95 -69.56 20.98
C THR J 648 -41.02 -69.76 22.16
N LEU J 649 -39.88 -70.42 21.94
CA LEU J 649 -38.87 -70.52 22.99
C LEU J 649 -38.25 -69.17 23.28
N ASP J 650 -38.13 -68.32 22.25
CA ASP J 650 -37.46 -67.03 22.42
C ASP J 650 -38.21 -66.14 23.40
N ALA J 651 -39.51 -66.33 23.53
CA ALA J 651 -40.29 -65.49 24.42
C ALA J 651 -39.90 -65.67 25.89
N ALA J 652 -39.18 -66.75 26.21
CA ALA J 652 -38.79 -66.99 27.60
C ALA J 652 -37.86 -65.90 28.11
N LEU J 653 -36.96 -65.41 27.24
CA LEU J 653 -35.97 -64.40 27.59
C LEU J 653 -35.02 -64.86 28.70
N SER J 654 -34.95 -66.15 28.97
CA SER J 654 -34.10 -66.68 30.03
C SER J 654 -32.76 -67.18 29.47
N GLN J 666 -46.07 -61.75 32.71
CA GLN J 666 -47.14 -62.71 32.94
C GLN J 666 -47.64 -62.55 34.38
N GLU J 667 -46.76 -62.04 35.24
CA GLU J 667 -47.06 -61.83 36.65
C GLU J 667 -47.11 -60.34 36.95
N ASP J 668 -48.12 -59.95 37.74
CA ASP J 668 -48.32 -58.57 38.15
C ASP J 668 -47.83 -58.29 39.56
N GLN J 669 -48.04 -59.23 40.50
CA GLN J 669 -47.71 -58.95 41.89
C GLN J 669 -46.20 -58.97 42.14
N GLU J 670 -45.47 -59.77 41.37
CA GLU J 670 -44.02 -59.86 41.59
C GLU J 670 -43.32 -58.57 41.21
N MET J 671 -43.84 -57.84 40.22
CA MET J 671 -43.13 -56.70 39.68
C MET J 671 -43.12 -55.52 40.64
N LEU J 672 -44.28 -54.90 40.88
CA LEU J 672 -44.29 -53.65 41.61
C LEU J 672 -44.34 -53.86 43.12
N SER J 673 -45.14 -54.81 43.59
CA SER J 673 -45.42 -54.90 45.02
C SER J 673 -44.17 -55.27 45.81
N ARG J 674 -43.32 -56.13 45.24
CA ARG J 674 -42.17 -56.61 45.98
C ARG J 674 -41.17 -55.50 46.26
N ILE J 675 -41.01 -54.57 45.31
CA ILE J 675 -40.14 -53.43 45.56
C ILE J 675 -40.75 -52.50 46.59
N GLU J 676 -42.05 -52.23 46.47
CA GLU J 676 -42.70 -51.28 47.36
C GLU J 676 -42.78 -51.80 48.78
N LYS J 677 -43.12 -53.07 48.96
CA LYS J 677 -43.37 -53.60 50.30
C LYS J 677 -42.11 -53.63 51.14
N GLN J 678 -40.97 -53.94 50.53
CA GLN J 678 -39.71 -54.05 51.26
C GLN J 678 -38.97 -52.73 51.35
N LEU J 679 -39.51 -51.67 50.76
CA LEU J 679 -38.88 -50.35 50.84
C LEU J 679 -38.84 -49.85 52.27
N LYS J 680 -40.00 -49.68 52.89
CA LYS J 680 -40.11 -49.09 54.22
C LYS J 680 -40.87 -49.96 55.21
N ARG J 681 -41.84 -50.75 54.74
CA ARG J 681 -42.63 -51.55 55.66
C ARG J 681 -41.88 -52.77 56.19
N ARG J 682 -40.72 -53.10 55.61
CA ARG J 682 -39.92 -54.23 56.07
C ARG J 682 -38.87 -53.78 57.08
N PHE J 683 -38.20 -52.67 56.81
CA PHE J 683 -37.05 -52.26 57.62
C PHE J 683 -37.20 -50.78 57.97
N ALA J 684 -37.68 -50.52 59.18
CA ALA J 684 -37.90 -49.14 59.61
C ALA J 684 -36.58 -48.47 59.99
N ILE J 685 -35.57 -49.25 60.34
CA ILE J 685 -34.29 -48.69 60.78
C ILE J 685 -33.64 -47.86 59.68
N GLY J 686 -33.52 -48.43 58.48
CA GLY J 686 -32.96 -47.73 57.35
C GLY J 686 -31.46 -47.64 57.33
N SER J 687 -30.79 -48.03 58.41
CA SER J 687 -29.32 -48.00 58.44
C SER J 687 -28.75 -49.17 57.65
N GLN J 688 -27.64 -48.92 56.96
CA GLN J 688 -26.88 -49.95 56.25
C GLN J 688 -27.67 -50.41 55.02
N VAL J 689 -28.85 -49.83 54.80
CA VAL J 689 -29.75 -50.22 53.72
C VAL J 689 -29.77 -49.05 52.74
N SER J 690 -28.63 -48.38 52.59
CA SER J 690 -28.50 -47.28 51.66
C SER J 690 -28.36 -47.80 50.22
N GLU J 691 -28.17 -46.87 49.29
CA GLU J 691 -28.16 -47.22 47.87
C GLU J 691 -26.95 -48.07 47.48
N HIS J 692 -25.87 -48.01 48.26
CA HIS J 692 -24.65 -48.72 47.87
C HIS J 692 -24.71 -50.19 48.23
N SER J 693 -25.63 -50.60 49.08
CA SER J 693 -25.70 -51.97 49.58
C SER J 693 -27.05 -52.62 49.35
N ILE J 694 -28.10 -51.83 49.07
CA ILE J 694 -29.42 -52.41 48.83
C ILE J 694 -29.42 -53.27 47.58
N ILE J 695 -28.41 -53.13 46.73
CA ILE J 695 -28.27 -53.99 45.57
C ILE J 695 -28.13 -55.44 45.99
N LYS J 696 -27.44 -55.68 47.11
CA LYS J 696 -27.33 -57.05 47.62
C LYS J 696 -28.69 -57.59 48.02
N ASP J 697 -29.54 -56.74 48.59
CA ASP J 697 -30.87 -57.19 48.98
C ASP J 697 -31.66 -57.67 47.75
N PHE J 698 -31.45 -57.00 46.61
CA PHE J 698 -32.18 -57.37 45.40
C PHE J 698 -31.84 -58.79 44.96
N THR J 699 -30.67 -59.29 45.36
CA THR J 699 -30.28 -60.65 44.98
C THR J 699 -31.23 -61.68 45.54
N LYS J 700 -31.68 -61.47 46.79
CA LYS J 700 -32.60 -62.42 47.41
C LYS J 700 -33.97 -62.38 46.74
N GLN J 701 -34.31 -61.26 46.13
CA GLN J 701 -35.59 -61.12 45.45
C GLN J 701 -35.54 -61.57 43.99
N LYS J 702 -34.48 -62.29 43.59
CA LYS J 702 -34.34 -62.83 42.23
C LYS J 702 -34.41 -61.73 41.18
N TYR J 703 -33.88 -60.56 41.52
CA TYR J 703 -33.82 -59.43 40.58
C TYR J 703 -32.38 -59.16 40.19
N PRO J 704 -32.03 -59.28 38.92
CA PRO J 704 -30.66 -58.98 38.50
C PRO J 704 -30.34 -57.50 38.62
N GLU J 705 -29.03 -57.17 38.61
CA GLU J 705 -28.62 -55.78 38.73
C GLU J 705 -29.05 -54.96 37.52
N HIS J 706 -29.33 -55.61 36.39
CA HIS J 706 -29.78 -54.89 35.22
C HIS J 706 -31.25 -54.50 35.32
N ALA J 707 -32.05 -55.33 36.01
CA ALA J 707 -33.48 -55.04 36.15
C ALA J 707 -33.72 -53.91 37.14
N ILE J 708 -32.91 -53.83 38.19
CA ILE J 708 -33.08 -52.78 39.18
C ILE J 708 -32.74 -51.43 38.60
N HIS J 709 -31.90 -51.40 37.56
CA HIS J 709 -31.56 -50.15 36.91
C HIS J 709 -32.80 -49.45 36.37
N LYS J 710 -33.73 -50.22 35.81
CA LYS J 710 -35.01 -49.67 35.38
C LYS J 710 -35.80 -49.15 36.57
N VAL J 711 -35.47 -49.61 37.76
CA VAL J 711 -36.22 -49.26 38.96
C VAL J 711 -35.47 -48.18 39.72
N LEU J 712 -34.19 -48.43 40.01
CA LEU J 712 -33.43 -47.52 40.86
C LEU J 712 -33.32 -46.14 40.24
N GLN J 713 -33.01 -46.07 38.94
CA GLN J 713 -32.91 -44.77 38.29
C GLN J 713 -34.25 -44.05 38.19
N LEU J 714 -35.37 -44.78 38.26
CA LEU J 714 -36.68 -44.19 38.15
C LEU J 714 -37.36 -43.96 39.49
N MET J 715 -36.70 -44.25 40.60
CA MET J 715 -37.32 -44.02 41.90
C MET J 715 -37.44 -42.55 42.23
N LEU J 716 -36.55 -41.71 41.71
CA LEU J 716 -36.69 -40.26 41.90
C LEU J 716 -37.93 -39.74 41.20
N ARG J 717 -38.29 -40.33 40.05
CA ARG J 717 -39.51 -39.95 39.37
C ARG J 717 -40.74 -40.43 40.11
N ARG J 718 -40.59 -41.45 40.96
CA ARG J 718 -41.70 -41.97 41.76
C ARG J 718 -42.13 -41.00 42.86
N GLY J 719 -41.29 -40.04 43.21
CA GLY J 719 -41.63 -39.10 44.27
C GLY J 719 -41.40 -39.62 45.67
N GLU J 720 -40.52 -40.61 45.84
CA GLU J 720 -40.21 -41.12 47.16
C GLU J 720 -39.50 -40.06 48.00
N ILE J 721 -39.99 -39.88 49.23
CA ILE J 721 -39.44 -38.83 50.10
C ILE J 721 -38.03 -39.21 50.56
N GLN J 722 -37.86 -40.45 51.02
CA GLN J 722 -36.59 -40.88 51.59
C GLN J 722 -35.48 -40.94 50.54
N HIS J 723 -35.78 -41.42 49.34
CA HIS J 723 -34.74 -41.64 48.34
C HIS J 723 -34.10 -40.33 47.91
N ARG J 724 -34.91 -39.30 47.68
CA ARG J 724 -34.37 -38.03 47.18
C ARG J 724 -33.43 -37.38 48.20
N MET J 725 -33.76 -37.45 49.49
CA MET J 725 -32.88 -36.88 50.50
C MET J 725 -31.53 -37.59 50.54
N GLN J 726 -31.55 -38.91 50.40
CA GLN J 726 -30.30 -39.66 50.43
C GLN J 726 -29.51 -39.49 49.13
N ARG J 727 -30.21 -39.40 47.99
CA ARG J 727 -29.53 -39.49 46.70
C ARG J 727 -28.92 -38.16 46.29
N LYS J 728 -29.62 -37.05 46.52
CA LYS J 728 -29.20 -35.75 46.02
C LYS J 728 -28.23 -35.02 46.95
N VAL J 729 -28.43 -35.13 48.27
CA VAL J 729 -27.58 -34.38 49.20
C VAL J 729 -26.15 -34.88 49.16
N LEU J 730 -25.95 -36.20 49.06
CA LEU J 730 -24.62 -36.80 49.07
C LEU J 730 -23.98 -36.84 47.69
N TYR J 731 -24.68 -36.37 46.65
CA TYR J 731 -24.13 -36.45 45.30
C TYR J 731 -22.95 -35.50 45.12
N ARG J 732 -23.08 -34.27 45.59
CA ARG J 732 -21.98 -33.31 45.51
C ARG J 732 -21.62 -32.64 46.83
N LEU J 733 -22.57 -32.49 47.77
CA LEU J 733 -22.30 -31.73 48.98
C LEU J 733 -21.48 -32.54 49.98
N LYS J 734 -21.69 -33.85 50.01
CA LYS J 734 -21.00 -34.75 50.94
C LYS J 734 -21.28 -34.34 52.40
N VAL K 18 29.10 -19.79 45.02
CA VAL K 18 30.22 -20.62 44.58
C VAL K 18 30.02 -22.02 45.15
N ARG K 19 29.14 -22.79 44.51
CA ARG K 19 28.77 -24.10 45.05
C ARG K 19 29.84 -25.14 44.75
N ASP K 20 30.64 -24.92 43.71
CA ASP K 20 31.52 -25.98 43.22
C ASP K 20 32.58 -26.36 44.24
N GLU K 21 33.23 -25.36 44.85
CA GLU K 21 34.31 -25.67 45.78
C GLU K 21 33.81 -26.40 47.02
N VAL K 22 32.66 -25.96 47.57
CA VAL K 22 32.11 -26.65 48.73
C VAL K 22 31.62 -28.04 48.35
N ALA K 23 31.03 -28.17 47.16
CA ALA K 23 30.56 -29.46 46.70
C ALA K 23 31.72 -30.45 46.55
N GLU K 24 32.87 -29.98 46.08
CA GLU K 24 34.02 -30.86 46.01
C GLU K 24 34.61 -31.18 47.37
N LYS K 25 34.76 -30.17 48.24
CA LYS K 25 35.48 -30.40 49.48
C LYS K 25 34.68 -31.26 50.45
N CYS K 26 33.35 -31.14 50.45
CA CYS K 26 32.58 -32.01 51.33
C CYS K 26 32.74 -33.47 50.93
N GLN K 27 32.69 -33.74 49.63
CA GLN K 27 32.91 -35.10 49.15
C GLN K 27 34.30 -35.59 49.52
N LYS K 28 35.30 -34.70 49.40
CA LYS K 28 36.66 -35.09 49.75
C LYS K 28 36.78 -35.43 51.23
N LEU K 29 36.26 -34.57 52.10
CA LEU K 29 36.38 -34.76 53.53
C LEU K 29 35.51 -35.90 54.04
N PHE K 30 34.52 -36.32 53.27
CA PHE K 30 33.78 -37.53 53.62
C PHE K 30 34.48 -38.78 53.12
N LEU K 31 34.98 -38.75 51.88
CA LEU K 31 35.62 -39.92 51.30
C LEU K 31 36.91 -40.27 52.03
N ASP K 32 37.72 -39.29 52.40
CA ASP K 32 38.94 -39.62 53.13
C ASP K 32 38.64 -40.09 54.55
N PHE K 33 37.41 -39.94 55.01
CA PHE K 33 37.02 -40.33 56.35
C PHE K 33 36.58 -41.79 56.45
N LEU K 34 36.55 -42.51 55.33
CA LEU K 34 36.07 -43.89 55.33
C LEU K 34 36.99 -44.85 56.07
N GLU K 35 38.15 -44.39 56.53
CA GLU K 35 39.05 -45.21 57.32
C GLU K 35 39.15 -44.61 58.71
N GLU K 36 38.91 -45.44 59.71
CA GLU K 36 38.93 -44.98 61.09
C GLU K 36 40.28 -45.25 61.75
N PHE K 37 40.73 -44.31 62.57
CA PHE K 37 41.91 -44.50 63.39
C PHE K 37 41.63 -45.44 64.56
N GLN K 38 40.41 -45.39 65.10
CA GLN K 38 39.97 -46.36 66.09
C GLN K 38 39.67 -47.69 65.41
N SER K 39 39.32 -48.70 66.20
CA SER K 39 38.95 -50.02 65.69
C SER K 39 40.09 -50.59 64.81
N SER K 40 41.26 -50.66 65.44
CA SER K 40 42.49 -51.15 64.81
C SER K 40 42.92 -50.20 63.70
N ASP K 41 43.24 -50.75 62.54
CA ASP K 41 43.62 -49.93 61.39
C ASP K 41 43.42 -50.74 60.13
N GLY K 42 43.37 -50.04 59.00
CA GLY K 42 43.23 -50.71 57.72
C GLY K 42 41.83 -50.62 57.14
N GLU K 43 41.44 -51.65 56.40
CA GLU K 43 40.13 -51.70 55.75
C GLU K 43 39.19 -52.72 56.37
N ILE K 44 39.49 -53.20 57.58
CA ILE K 44 38.65 -54.20 58.22
C ILE K 44 37.25 -53.64 58.49
N LYS K 45 37.19 -52.44 59.07
CA LYS K 45 35.88 -51.80 59.25
C LYS K 45 35.25 -51.44 57.92
N TYR K 46 36.05 -50.96 56.96
CA TYR K 46 35.51 -50.68 55.63
C TYR K 46 34.96 -51.94 54.99
N LEU K 47 35.67 -53.06 55.14
CA LEU K 47 35.17 -54.33 54.62
C LEU K 47 33.87 -54.73 55.29
N GLN K 48 33.77 -54.52 56.61
CA GLN K 48 32.54 -54.85 57.31
C GLN K 48 31.37 -53.98 56.83
N LEU K 49 31.63 -52.70 56.64
CA LEU K 49 30.59 -51.81 56.12
C LEU K 49 30.16 -52.24 54.72
N ALA K 50 31.12 -52.60 53.86
CA ALA K 50 30.78 -53.05 52.53
C ALA K 50 29.96 -54.34 52.57
N GLU K 51 30.33 -55.27 53.44
CA GLU K 51 29.58 -56.52 53.57
C GLU K 51 28.16 -56.25 54.04
N GLU K 52 28.01 -55.38 55.05
CA GLU K 52 26.69 -55.06 55.57
C GLU K 52 25.85 -54.29 54.55
N LEU K 53 26.49 -53.57 53.63
CA LEU K 53 25.75 -52.80 52.64
C LEU K 53 25.34 -53.66 51.44
N ILE K 54 26.28 -54.44 50.90
CA ILE K 54 26.05 -55.06 49.61
C ILE K 54 25.29 -56.38 49.76
N ARG K 55 25.79 -57.28 50.61
CA ARG K 55 25.24 -58.63 50.66
C ARG K 55 23.77 -58.66 51.07
N PRO K 56 23.34 -58.01 52.17
CA PRO K 56 21.91 -58.00 52.49
C PRO K 56 21.15 -56.86 51.84
N GLU K 57 21.85 -55.90 51.22
CA GLU K 57 21.23 -54.76 50.56
C GLU K 57 20.38 -53.94 51.54
N ARG K 58 20.79 -53.93 52.81
CA ARG K 58 20.03 -53.24 53.84
C ARG K 58 20.22 -51.73 53.79
N ASN K 59 21.38 -51.25 53.35
CA ASN K 59 21.67 -49.83 53.18
C ASN K 59 21.43 -49.05 54.47
N THR K 60 22.18 -49.41 55.52
CA THR K 60 22.16 -48.69 56.78
C THR K 60 23.58 -48.30 57.16
N LEU K 61 23.83 -47.01 57.32
CA LEU K 61 25.15 -46.51 57.71
C LEU K 61 24.96 -45.34 58.66
N VAL K 62 26.01 -45.06 59.44
CA VAL K 62 25.97 -44.04 60.47
C VAL K 62 27.36 -43.44 60.59
N VAL K 63 27.41 -42.17 61.01
CA VAL K 63 28.67 -41.46 61.22
C VAL K 63 28.64 -40.83 62.59
N SER K 64 29.71 -41.01 63.36
CA SER K 64 29.80 -40.41 64.68
C SER K 64 29.97 -38.91 64.53
N PHE K 65 29.05 -38.16 65.14
CA PHE K 65 29.09 -36.71 65.00
C PHE K 65 30.18 -36.09 65.84
N VAL K 66 30.61 -36.73 66.92
CA VAL K 66 31.70 -36.20 67.74
C VAL K 66 32.99 -36.14 66.94
N ASP K 67 33.32 -37.25 66.27
CA ASP K 67 34.49 -37.27 65.40
C ASP K 67 34.30 -36.31 64.22
N LEU K 68 33.09 -36.23 63.67
CA LEU K 68 32.84 -35.29 62.59
C LEU K 68 33.13 -33.86 63.01
N GLU K 69 32.64 -33.45 64.18
CA GLU K 69 32.85 -32.10 64.66
C GLU K 69 34.31 -31.85 65.00
N GLN K 70 34.97 -32.82 65.67
CA GLN K 70 36.37 -32.64 66.01
C GLN K 70 37.22 -32.49 64.75
N PHE K 71 36.88 -33.23 63.70
CA PHE K 71 37.60 -33.10 62.44
C PHE K 71 37.30 -31.76 61.78
N ASN K 72 36.03 -31.51 61.47
CA ASN K 72 35.62 -30.23 60.89
C ASN K 72 34.17 -30.00 61.34
N GLN K 73 34.00 -29.23 62.41
CA GLN K 73 32.66 -28.91 62.89
C GLN K 73 31.88 -28.10 61.88
N GLN K 74 32.56 -27.34 61.02
CA GLN K 74 31.87 -26.58 60.00
C GLN K 74 31.18 -27.50 59.00
N LEU K 75 31.59 -28.77 58.95
CA LEU K 75 30.98 -29.71 58.02
C LEU K 75 29.50 -29.95 58.36
N SER K 76 29.20 -30.15 59.64
CA SER K 76 27.82 -30.31 60.06
C SER K 76 26.98 -29.08 59.77
N THR K 77 27.59 -27.90 59.80
CA THR K 77 26.90 -26.67 59.45
C THR K 77 26.68 -26.57 57.95
N THR K 78 27.67 -26.96 57.15
CA THR K 78 27.51 -26.91 55.71
C THR K 78 26.39 -27.84 55.25
N ILE K 79 26.36 -29.07 55.77
CA ILE K 79 25.27 -29.97 55.38
C ILE K 79 23.95 -29.43 55.90
N GLN K 80 23.96 -28.86 57.11
CA GLN K 80 22.74 -28.36 57.71
C GLN K 80 22.14 -27.23 56.88
N GLU K 81 22.96 -26.35 56.34
CA GLU K 81 22.44 -25.25 55.54
C GLU K 81 22.32 -25.57 54.05
N GLU K 82 22.85 -26.71 53.59
CA GLU K 82 22.70 -27.04 52.18
C GLU K 82 22.41 -28.51 51.90
N PHE K 83 21.51 -29.14 52.65
CA PHE K 83 21.00 -30.46 52.23
C PHE K 83 20.50 -30.44 50.79
N TYR K 84 19.75 -29.39 50.42
CA TYR K 84 19.27 -29.26 49.05
C TYR K 84 20.39 -29.27 48.03
N ARG K 85 21.58 -28.83 48.40
CA ARG K 85 22.71 -28.81 47.49
C ARG K 85 23.55 -30.07 47.58
N VAL K 86 23.59 -30.74 48.73
CA VAL K 86 24.47 -31.89 48.88
C VAL K 86 23.77 -33.20 48.55
N TYR K 87 22.45 -33.20 48.48
CA TYR K 87 21.76 -34.43 48.08
C TYR K 87 22.18 -34.89 46.68
N PRO K 88 22.11 -34.06 45.64
CA PRO K 88 22.37 -34.57 44.28
C PRO K 88 23.81 -34.99 44.02
N TYR K 89 24.79 -34.30 44.61
CA TYR K 89 26.18 -34.68 44.43
C TYR K 89 26.57 -35.89 45.29
N LEU K 90 26.02 -35.99 46.50
CA LEU K 90 26.24 -37.19 47.29
C LEU K 90 25.49 -38.39 46.72
N CYS K 91 24.52 -38.16 45.84
CA CYS K 91 23.84 -39.27 45.19
C CYS K 91 24.78 -40.06 44.31
N ARG K 92 25.62 -39.38 43.53
CA ARG K 92 26.42 -40.06 42.52
C ARG K 92 27.84 -40.34 43.01
N ALA K 93 28.51 -39.32 43.55
CA ALA K 93 29.93 -39.45 43.87
C ALA K 93 30.18 -40.42 45.01
N LEU K 94 29.20 -40.58 45.93
CA LEU K 94 29.39 -41.49 47.04
C LEU K 94 29.58 -42.92 46.57
N LYS K 95 29.14 -43.23 45.35
CA LYS K 95 29.23 -44.56 44.77
C LYS K 95 30.69 -45.04 44.72
N THR K 96 31.62 -44.13 44.96
CA THR K 96 33.05 -44.40 44.81
C THR K 96 33.65 -45.08 46.03
N PHE K 97 32.82 -45.69 46.89
CA PHE K 97 33.35 -46.40 48.04
C PHE K 97 34.09 -47.67 47.64
N VAL K 98 33.84 -48.19 46.44
CA VAL K 98 34.51 -49.40 46.00
C VAL K 98 35.99 -49.18 45.76
N LYS K 99 36.37 -48.02 45.22
CA LYS K 99 37.72 -47.78 44.71
C LYS K 99 38.09 -48.77 43.62
N ASP K 100 37.09 -49.25 42.87
CA ASP K 100 37.33 -50.14 41.74
C ASP K 100 36.17 -49.98 40.76
N ARG K 101 36.49 -49.91 39.47
CA ARG K 101 35.47 -49.83 38.43
C ARG K 101 34.66 -51.11 38.31
N LYS K 102 35.12 -52.20 38.95
CA LYS K 102 34.47 -53.49 38.78
C LYS K 102 33.09 -53.55 39.43
N GLU K 103 32.93 -52.97 40.62
CA GLU K 103 31.68 -53.10 41.37
C GLU K 103 30.69 -51.97 41.13
N ILE K 104 31.08 -50.92 40.40
CA ILE K 104 30.16 -49.80 40.17
C ILE K 104 29.01 -50.16 39.24
N PRO K 105 29.15 -51.04 38.23
CA PRO K 105 27.96 -51.40 37.44
C PRO K 105 27.06 -52.41 38.12
N LEU K 106 27.57 -53.20 39.06
CA LEU K 106 26.75 -54.20 39.74
C LEU K 106 25.63 -53.55 40.52
N ALA K 107 25.94 -52.55 41.34
CA ALA K 107 24.92 -51.83 42.09
C ALA K 107 24.28 -50.77 41.22
N LYS K 108 22.94 -50.73 41.23
CA LYS K 108 22.23 -49.77 40.41
C LYS K 108 21.99 -48.47 41.16
N ASP K 109 21.34 -48.54 42.32
CA ASP K 109 21.11 -47.36 43.13
C ASP K 109 20.78 -47.80 44.55
N PHE K 110 21.20 -46.98 45.50
CA PHE K 110 20.81 -47.12 46.89
C PHE K 110 21.03 -45.78 47.57
N TYR K 111 20.64 -45.71 48.84
CA TYR K 111 20.85 -44.48 49.60
C TYR K 111 21.20 -44.84 51.03
N VAL K 112 22.15 -44.10 51.59
CA VAL K 112 22.44 -44.12 53.01
C VAL K 112 22.55 -42.67 53.49
N ALA K 113 22.62 -42.50 54.80
CA ALA K 113 22.64 -41.16 55.38
C ALA K 113 23.27 -41.23 56.76
N PHE K 114 23.04 -40.19 57.54
CA PHE K 114 23.49 -40.07 58.92
C PHE K 114 22.29 -40.25 59.85
N GLN K 115 22.59 -40.59 61.10
CA GLN K 115 21.56 -40.90 62.09
C GLN K 115 21.91 -40.20 63.39
N ASP K 116 21.02 -40.33 64.37
CA ASP K 116 21.25 -39.78 65.71
C ASP K 116 21.56 -38.29 65.67
N LEU K 117 20.68 -37.53 65.04
CA LEU K 117 20.84 -36.08 65.04
C LEU K 117 20.45 -35.55 66.41
N PRO K 118 21.31 -34.78 67.09
CA PRO K 118 21.05 -34.40 68.48
C PRO K 118 20.26 -33.11 68.67
N THR K 119 19.90 -32.41 67.60
CA THR K 119 19.15 -31.15 67.71
C THR K 119 17.82 -31.32 66.99
N ARG K 120 16.74 -31.01 67.69
CA ARG K 120 15.39 -31.24 67.20
C ARG K 120 14.52 -30.02 67.47
N HIS K 121 13.46 -29.88 66.68
CA HIS K 121 12.51 -28.79 66.84
C HIS K 121 11.10 -29.34 66.76
N LYS K 122 10.16 -28.60 67.35
CA LYS K 122 8.77 -28.99 67.25
C LYS K 122 8.29 -28.87 65.82
N ILE K 123 7.42 -29.79 65.41
CA ILE K 123 6.97 -29.83 64.03
C ILE K 123 6.16 -28.58 63.70
N ARG K 124 5.27 -28.18 64.60
CA ARG K 124 4.38 -27.07 64.30
C ARG K 124 5.15 -25.79 64.05
N GLU K 125 6.29 -25.62 64.71
CA GLU K 125 7.06 -24.40 64.56
C GLU K 125 8.02 -24.45 63.37
N LEU K 126 8.08 -25.58 62.66
CA LEU K 126 9.00 -25.71 61.54
C LEU K 126 8.51 -24.85 60.38
N THR K 127 8.80 -23.55 60.48
CA THR K 127 8.33 -22.59 59.51
C THR K 127 9.12 -22.70 58.22
N SER K 128 8.52 -22.20 57.14
CA SER K 128 9.19 -22.12 55.85
C SER K 128 10.46 -21.30 55.93
N SER K 129 10.52 -20.34 56.86
CA SER K 129 11.75 -19.60 57.09
C SER K 129 12.86 -20.49 57.60
N ARG K 130 12.58 -21.75 57.90
CA ARG K 130 13.58 -22.67 58.41
C ARG K 130 13.84 -23.83 57.47
N ILE K 131 13.68 -23.64 56.16
CA ILE K 131 13.92 -24.72 55.21
C ILE K 131 15.39 -25.08 55.20
N GLY K 132 15.69 -26.37 55.14
CA GLY K 132 17.05 -26.85 55.16
C GLY K 132 17.48 -27.54 56.44
N LEU K 133 16.70 -27.48 57.50
CA LEU K 133 17.02 -28.16 58.74
C LEU K 133 16.54 -29.61 58.64
N LEU K 134 16.71 -30.36 59.72
CA LEU K 134 16.13 -31.69 59.80
C LEU K 134 15.58 -31.89 61.21
N THR K 135 14.65 -32.82 61.36
CA THR K 135 14.14 -33.17 62.68
C THR K 135 13.84 -34.66 62.72
N ARG K 136 13.52 -35.16 63.90
CA ARG K 136 13.13 -36.55 64.06
C ARG K 136 11.75 -36.80 63.48
N ILE K 137 11.57 -37.95 62.84
CA ILE K 137 10.30 -38.40 62.34
C ILE K 137 9.52 -38.91 63.55
N SER K 138 8.68 -38.05 64.13
CA SER K 138 8.05 -38.34 65.40
C SER K 138 6.54 -38.19 65.28
N GLY K 139 5.81 -39.21 65.69
CA GLY K 139 4.35 -39.13 65.69
C GLY K 139 3.75 -40.48 65.34
N GLN K 140 2.57 -40.42 64.74
CA GLN K 140 1.84 -41.59 64.27
C GLN K 140 1.58 -41.42 62.79
N VAL K 141 1.77 -42.50 62.02
CA VAL K 141 1.41 -42.48 60.62
C VAL K 141 -0.12 -42.45 60.49
N VAL K 142 -0.61 -41.51 59.70
CA VAL K 142 -2.03 -41.42 59.36
C VAL K 142 -2.12 -41.28 57.85
N ARG K 143 -3.14 -41.89 57.26
CA ARG K 143 -3.38 -41.81 55.82
C ARG K 143 -2.16 -42.32 55.04
N THR K 144 -1.92 -43.63 55.20
CA THR K 144 -0.86 -44.30 54.47
C THR K 144 -1.15 -44.26 52.97
N HIS K 145 -0.08 -44.36 52.18
CA HIS K 145 -0.21 -44.26 50.75
C HIS K 145 0.54 -45.38 50.05
N PRO K 146 0.01 -45.89 48.94
CA PRO K 146 0.73 -46.90 48.18
C PRO K 146 1.94 -46.30 47.47
N VAL K 147 2.87 -47.17 47.11
CA VAL K 147 4.13 -46.79 46.47
C VAL K 147 3.89 -46.59 44.98
N HIS K 148 4.35 -45.46 44.44
CA HIS K 148 4.32 -45.23 43.01
C HIS K 148 5.62 -44.57 42.56
N PRO K 149 6.11 -44.89 41.38
CA PRO K 149 7.20 -44.11 40.75
C PRO K 149 6.70 -42.98 39.87
N GLU K 150 6.13 -41.96 40.50
CA GLU K 150 5.55 -40.85 39.75
C GLU K 150 6.65 -39.99 39.12
N LEU K 151 6.21 -39.02 38.32
CA LEU K 151 7.12 -38.22 37.51
C LEU K 151 8.15 -37.50 38.36
N VAL K 152 9.42 -37.58 37.93
CA VAL K 152 10.52 -36.93 38.63
C VAL K 152 11.25 -36.00 37.67
N SER K 153 11.88 -36.57 36.65
CA SER K 153 12.60 -35.80 35.64
C SER K 153 12.47 -36.51 34.30
N GLY K 154 12.55 -35.73 33.23
CA GLY K 154 12.41 -36.28 31.89
C GLY K 154 12.15 -35.18 30.88
N THR K 155 11.74 -35.59 29.69
CA THR K 155 11.45 -34.62 28.63
C THR K 155 10.28 -35.09 27.78
N PHE K 156 9.54 -34.12 27.25
CA PHE K 156 8.39 -34.38 26.40
C PHE K 156 8.71 -34.15 24.92
N LEU K 157 9.79 -33.44 24.62
CA LEU K 157 10.08 -33.02 23.26
C LEU K 157 10.46 -34.20 22.38
N CYS K 158 10.21 -34.04 21.08
CA CYS K 158 10.58 -35.05 20.10
C CYS K 158 12.09 -35.11 19.94
N LEU K 159 12.63 -36.33 19.81
CA LEU K 159 14.06 -36.51 19.65
C LEU K 159 14.57 -35.96 18.33
N ASP K 160 13.72 -35.94 17.29
CA ASP K 160 14.17 -35.44 15.99
C ASP K 160 14.41 -33.93 16.02
N CYS K 161 13.75 -33.21 16.92
CA CYS K 161 13.92 -31.77 17.02
C CYS K 161 15.09 -31.40 17.92
N GLN K 162 15.25 -32.09 19.05
CA GLN K 162 16.37 -31.85 19.96
C GLN K 162 16.64 -33.14 20.72
N THR K 163 17.85 -33.25 21.26
CA THR K 163 18.26 -34.40 22.05
C THR K 163 17.96 -34.14 23.53
N VAL K 164 17.99 -35.20 24.33
CA VAL K 164 17.70 -35.11 25.76
C VAL K 164 18.84 -34.38 26.46
N ILE K 165 18.48 -33.45 27.35
CA ILE K 165 19.44 -32.62 28.07
C ILE K 165 19.60 -33.20 29.47
N ARG K 166 20.76 -32.98 30.08
CA ARG K 166 21.08 -33.55 31.39
C ARG K 166 20.73 -32.58 32.51
N ASP K 167 19.90 -31.61 32.18
CA ASP K 167 19.51 -30.58 33.13
C ASP K 167 18.11 -30.11 32.73
N VAL K 168 17.08 -30.65 33.38
CA VAL K 168 15.70 -30.32 33.03
C VAL K 168 14.80 -30.76 34.19
N GLU K 169 13.71 -30.03 34.37
CA GLU K 169 12.62 -30.37 35.29
C GLU K 169 13.07 -30.38 36.75
N GLN K 170 13.76 -31.44 37.16
CA GLN K 170 14.17 -31.65 38.55
C GLN K 170 12.96 -31.76 39.48
N GLN K 171 12.20 -30.68 39.64
CA GLN K 171 11.06 -30.67 40.54
C GLN K 171 9.85 -31.30 39.85
N PHE K 172 8.67 -31.19 40.45
CA PHE K 172 7.50 -31.79 39.83
C PHE K 172 7.02 -31.02 38.60
N LYS K 173 7.50 -29.80 38.40
CA LYS K 173 7.10 -29.03 37.23
C LYS K 173 7.61 -29.71 35.95
N TYR K 174 6.97 -29.38 34.83
CA TYR K 174 7.34 -29.97 33.55
C TYR K 174 8.46 -29.15 32.92
N THR K 175 8.72 -29.35 31.63
CA THR K 175 9.88 -28.74 30.97
C THR K 175 9.80 -27.22 31.02
N GLN K 176 10.91 -26.59 31.44
CA GLN K 176 11.06 -25.14 31.44
C GLN K 176 11.29 -24.57 30.04
N PRO K 177 12.23 -25.14 29.22
CA PRO K 177 12.51 -24.53 27.91
C PRO K 177 11.30 -24.42 27.00
N ASN K 178 11.25 -23.33 26.24
CA ASN K 178 10.16 -23.05 25.30
C ASN K 178 10.71 -22.87 23.90
N ILE K 179 11.61 -23.76 23.51
CA ILE K 179 12.24 -23.76 22.19
C ILE K 179 11.63 -24.89 21.40
N CYS K 180 11.40 -24.67 20.10
CA CYS K 180 10.70 -25.60 19.22
C CYS K 180 9.25 -25.77 19.67
N ARG K 181 8.46 -24.73 19.38
CA ARG K 181 7.08 -24.63 19.84
C ARG K 181 6.19 -25.65 19.17
N ASN K 182 6.54 -26.93 19.31
CA ASN K 182 5.80 -28.03 18.74
C ASN K 182 4.54 -28.38 19.53
N PRO K 183 4.61 -28.61 20.86
CA PRO K 183 3.45 -29.17 21.56
C PRO K 183 2.42 -28.14 21.98
N VAL K 184 2.59 -26.89 21.55
CA VAL K 184 1.67 -25.84 21.94
C VAL K 184 0.27 -26.14 21.40
N CYS K 185 0.20 -26.57 20.15
CA CYS K 185 -1.08 -26.99 19.60
C CYS K 185 -1.55 -28.29 20.25
N ALA K 186 -2.86 -28.38 20.49
CA ALA K 186 -3.44 -29.54 21.12
C ALA K 186 -3.94 -30.60 20.13
N ASN K 187 -3.84 -30.33 18.83
CA ASN K 187 -4.30 -31.27 17.82
C ASN K 187 -3.21 -32.27 17.44
N ARG K 188 -2.64 -32.94 18.43
CA ARG K 188 -1.59 -33.91 18.16
C ARG K 188 -1.40 -34.80 19.39
N ARG K 189 -1.46 -36.11 19.18
CA ARG K 189 -1.19 -37.05 20.26
C ARG K 189 0.25 -37.53 20.17
N ARG K 190 0.89 -37.65 21.34
CA ARG K 190 2.28 -38.08 21.39
C ARG K 190 2.51 -38.85 22.67
N PHE K 191 3.36 -39.89 22.60
CA PHE K 191 3.63 -40.72 23.77
C PHE K 191 5.09 -41.08 23.95
N LEU K 192 6.03 -40.38 23.34
CA LEU K 192 7.46 -40.72 23.44
C LEU K 192 7.94 -40.43 24.86
N LEU K 193 8.10 -41.48 25.66
CA LEU K 193 8.52 -41.34 27.05
C LEU K 193 9.97 -41.78 27.21
N ASP K 194 10.74 -41.00 27.96
CA ASP K 194 12.16 -41.29 28.19
C ASP K 194 12.28 -42.38 29.26
N THR K 195 11.73 -43.55 28.94
CA THR K 195 11.74 -44.65 29.90
C THR K 195 13.11 -45.29 30.04
N ASN K 196 13.96 -45.19 29.00
CA ASN K 196 15.29 -45.78 29.09
C ASN K 196 16.19 -45.04 30.07
N LYS K 197 16.21 -43.70 30.02
CA LYS K 197 17.09 -42.89 30.86
C LYS K 197 16.22 -41.93 31.66
N SER K 198 15.90 -42.33 32.90
CA SER K 198 15.07 -41.51 33.77
C SER K 198 15.36 -41.88 35.21
N ARG K 199 15.05 -40.98 36.12
CA ARG K 199 15.31 -41.15 37.54
C ARG K 199 14.05 -41.47 38.30
N PHE K 200 13.10 -42.13 37.65
CA PHE K 200 11.82 -42.42 38.30
C PHE K 200 12.01 -43.39 39.45
N VAL K 201 11.76 -42.95 40.68
CA VAL K 201 11.75 -43.89 41.79
C VAL K 201 10.44 -43.84 42.58
N ASP K 202 10.20 -42.74 43.30
CA ASP K 202 9.12 -42.69 44.26
C ASP K 202 9.08 -41.38 45.03
N PHE K 203 7.90 -41.01 45.51
CA PHE K 203 7.74 -40.09 46.62
C PHE K 203 6.34 -40.28 47.19
N GLN K 204 6.24 -40.34 48.51
CA GLN K 204 4.97 -40.68 49.15
C GLN K 204 4.65 -39.66 50.23
N LYS K 205 3.36 -39.39 50.37
CA LYS K 205 2.85 -38.46 51.35
C LYS K 205 2.47 -39.25 52.59
N VAL K 206 2.97 -38.82 53.74
CA VAL K 206 2.61 -39.41 55.03
C VAL K 206 2.17 -38.30 55.96
N ARG K 207 0.95 -38.42 56.47
CA ARG K 207 0.35 -37.37 57.28
C ARG K 207 0.72 -37.62 58.74
N ILE K 208 1.97 -37.31 59.06
CA ILE K 208 2.46 -37.52 60.41
C ILE K 208 1.83 -36.49 61.33
N GLN K 209 1.32 -36.95 62.48
CA GLN K 209 0.66 -36.10 63.46
C GLN K 209 1.60 -35.83 64.63
N GLU K 210 1.53 -34.62 65.16
CA GLU K 210 2.40 -34.24 66.26
C GLU K 210 2.08 -35.05 67.51
N THR K 211 3.09 -35.24 68.35
CA THR K 211 2.92 -35.99 69.58
C THR K 211 1.92 -35.31 70.50
N GLN K 212 0.86 -36.04 70.85
CA GLN K 212 -0.18 -35.48 71.71
C GLN K 212 0.38 -35.12 73.08
N ALA K 213 1.25 -35.96 73.62
CA ALA K 213 1.79 -35.70 74.95
C ALA K 213 2.51 -34.36 75.00
N GLU K 214 3.29 -34.05 73.96
CA GLU K 214 3.93 -32.75 73.86
C GLU K 214 2.95 -31.65 73.48
N LEU K 215 1.76 -31.99 73.14
CA LEU K 215 0.75 -31.04 72.71
C LEU K 215 -0.21 -30.74 73.86
N PRO K 216 -0.80 -29.55 73.88
CA PRO K 216 -1.76 -29.21 74.93
C PRO K 216 -3.14 -29.78 74.58
N ARG K 217 -4.12 -29.48 75.43
CA ARG K 217 -5.43 -30.09 75.32
C ARG K 217 -6.08 -29.79 73.96
N GLY K 218 -6.26 -28.52 73.66
CA GLY K 218 -6.81 -28.14 72.35
C GLY K 218 -5.69 -27.87 71.37
N SER K 219 -5.39 -28.85 70.52
CA SER K 219 -4.20 -28.81 69.68
C SER K 219 -4.53 -28.71 68.20
N ILE K 220 -5.27 -29.68 67.66
CA ILE K 220 -5.54 -29.77 66.22
C ILE K 220 -4.21 -29.67 65.49
N PRO K 221 -3.41 -30.72 65.48
CA PRO K 221 -2.07 -30.63 64.89
C PRO K 221 -2.13 -30.39 63.40
N ARG K 222 -1.07 -29.77 62.88
CA ARG K 222 -0.90 -29.58 61.45
C ARG K 222 0.09 -30.63 60.95
N SER K 223 -0.33 -31.43 59.97
CA SER K 223 0.46 -32.53 59.44
C SER K 223 1.26 -32.02 58.25
N LEU K 224 2.57 -32.17 58.31
CA LEU K 224 3.43 -31.63 57.27
C LEU K 224 3.33 -32.47 56.00
N GLU K 225 3.93 -31.95 54.92
CA GLU K 225 4.09 -32.70 53.67
C GLU K 225 5.48 -33.32 53.66
N VAL K 226 5.55 -34.54 54.17
CA VAL K 226 6.82 -35.25 54.28
C VAL K 226 6.90 -36.29 53.16
N ILE K 227 8.08 -36.35 52.54
CA ILE K 227 8.34 -37.23 51.42
C ILE K 227 9.39 -38.24 51.86
N LEU K 228 9.04 -39.52 51.79
CA LEU K 228 9.92 -40.60 52.24
C LEU K 228 10.36 -41.42 51.04
N ARG K 229 11.65 -41.73 50.99
CA ARG K 229 12.26 -42.47 49.90
C ARG K 229 11.83 -43.94 49.97
N ALA K 230 12.17 -44.70 48.92
CA ALA K 230 11.88 -46.13 48.91
C ALA K 230 12.60 -46.83 50.05
N GLU K 231 13.86 -46.45 50.30
CA GLU K 231 14.59 -47.02 51.42
C GLU K 231 13.88 -46.72 52.73
N ALA K 232 13.17 -45.59 52.78
CA ALA K 232 12.39 -45.24 53.95
C ALA K 232 11.05 -45.96 53.99
N VAL K 233 10.65 -46.61 52.90
CA VAL K 233 9.36 -47.28 52.88
C VAL K 233 9.35 -48.40 53.90
N GLU K 234 8.40 -48.34 54.82
CA GLU K 234 8.13 -49.40 55.80
C GLU K 234 9.41 -49.92 56.45
N SER K 235 10.41 -49.06 56.61
CA SER K 235 11.64 -49.44 57.28
C SER K 235 11.48 -49.52 58.79
N ALA K 236 10.32 -49.12 59.31
CA ALA K 236 10.00 -49.27 60.71
C ALA K 236 8.52 -49.61 60.82
N GLN K 237 8.08 -49.84 62.06
CA GLN K 237 6.69 -50.17 62.34
C GLN K 237 5.83 -48.93 62.11
N ALA K 238 4.89 -49.06 61.18
CA ALA K 238 4.10 -47.91 60.74
C ALA K 238 3.17 -47.45 61.86
N GLY K 239 3.09 -46.13 62.04
CA GLY K 239 2.28 -45.54 63.07
C GLY K 239 2.97 -45.30 64.40
N ASP K 240 4.30 -45.29 64.42
CA ASP K 240 5.02 -45.23 65.70
C ASP K 240 6.25 -44.33 65.60
N LYS K 241 6.71 -43.83 66.74
CA LYS K 241 8.00 -43.15 66.80
C LYS K 241 9.15 -44.16 66.80
N CYS K 242 10.28 -43.76 66.22
CA CYS K 242 11.51 -44.56 66.26
C CYS K 242 12.20 -44.28 67.58
N ASP K 243 11.97 -45.13 68.58
CA ASP K 243 12.54 -44.96 69.91
C ASP K 243 13.36 -46.21 70.24
N PHE K 244 14.65 -46.14 69.93
CA PHE K 244 15.54 -47.28 70.16
C PHE K 244 16.43 -47.02 71.38
N GLY K 272 21.34 -11.40 17.49
CA GLY K 272 20.45 -11.46 16.34
C GLY K 272 19.07 -12.02 16.68
N VAL K 273 18.10 -11.75 15.80
CA VAL K 273 16.74 -12.24 15.99
C VAL K 273 16.30 -13.00 14.75
N ASP K 274 15.24 -13.79 14.88
CA ASP K 274 14.69 -14.56 13.77
C ASP K 274 13.18 -14.37 13.72
N GLY K 275 12.65 -14.14 12.52
CA GLY K 275 11.22 -13.91 12.37
C GLY K 275 10.78 -12.50 12.72
N TYR K 276 11.72 -11.58 12.91
CA TYR K 276 11.43 -10.19 13.30
C TYR K 276 10.59 -10.13 14.57
N GLU K 277 10.86 -11.04 15.50
CA GLU K 277 10.10 -11.12 16.75
C GLU K 277 10.85 -10.34 17.83
N THR K 278 10.16 -9.41 18.48
CA THR K 278 10.74 -8.59 19.52
C THR K 278 10.49 -9.24 20.88
N GLU K 279 10.94 -8.57 21.94
CA GLU K 279 10.72 -9.08 23.29
C GLU K 279 9.27 -8.93 23.70
N GLY K 280 8.91 -9.59 24.80
CA GLY K 280 7.55 -9.56 25.29
C GLY K 280 6.71 -10.77 24.93
N ILE K 281 7.34 -11.91 24.63
CA ILE K 281 6.61 -13.09 24.17
C ILE K 281 5.82 -13.67 25.34
N ARG K 282 4.49 -13.64 25.22
CA ARG K 282 3.62 -14.18 26.25
C ARG K 282 3.32 -15.65 26.00
N GLY K 283 2.53 -16.24 26.89
CA GLY K 283 2.14 -17.62 26.76
C GLY K 283 2.38 -18.49 27.98
N LEU K 284 2.54 -17.89 29.15
CA LEU K 284 2.80 -18.62 30.38
C LEU K 284 1.56 -19.41 30.78
N ARG K 285 1.77 -20.54 31.45
CA ARG K 285 0.68 -21.36 31.97
C ARG K 285 0.67 -21.28 33.49
N ALA K 286 -0.53 -21.14 34.05
CA ALA K 286 -0.71 -21.08 35.49
C ALA K 286 -1.24 -22.39 36.08
N LEU K 287 -1.42 -23.43 35.26
CA LEU K 287 -1.97 -24.68 35.74
C LEU K 287 -1.02 -25.42 36.68
N GLY K 288 0.29 -25.24 36.51
CA GLY K 288 1.30 -25.94 37.29
C GLY K 288 1.84 -25.23 38.50
N VAL K 289 1.22 -24.12 38.93
CA VAL K 289 1.74 -23.34 40.04
C VAL K 289 0.95 -23.51 41.32
N ARG K 290 -0.38 -23.68 41.26
CA ARG K 290 -1.19 -23.77 42.46
C ARG K 290 -1.03 -25.10 43.19
N ASP K 291 -0.33 -26.07 42.61
CA ASP K 291 -0.29 -27.41 43.20
C ASP K 291 0.82 -27.53 44.23
N LEU K 292 2.07 -27.26 43.84
CA LEU K 292 3.18 -27.53 44.74
C LEU K 292 3.63 -26.27 45.49
N SER K 293 3.57 -25.10 44.85
CA SER K 293 4.06 -23.89 45.50
C SER K 293 3.31 -23.59 46.78
N TYR K 294 2.09 -24.09 46.94
CA TYR K 294 1.30 -23.77 48.12
C TYR K 294 1.57 -24.71 49.30
N ARG K 295 2.49 -25.66 49.19
CA ARG K 295 2.75 -26.58 50.28
C ARG K 295 4.24 -26.55 50.62
N LEU K 296 4.59 -27.22 51.72
CA LEU K 296 5.97 -27.22 52.21
C LEU K 296 6.76 -28.36 51.58
N VAL K 297 7.95 -28.03 51.07
CA VAL K 297 8.77 -28.94 50.27
C VAL K 297 10.09 -29.11 51.00
N PHE K 298 10.35 -30.30 51.52
CA PHE K 298 11.65 -30.66 52.07
C PHE K 298 11.82 -32.16 51.84
N LEU K 299 13.01 -32.67 52.16
CA LEU K 299 13.29 -34.09 52.04
C LEU K 299 13.57 -34.66 53.44
N ALA K 300 13.23 -35.93 53.62
CA ALA K 300 13.40 -36.61 54.89
C ALA K 300 14.31 -37.82 54.72
N CYS K 301 15.04 -38.14 55.78
CA CYS K 301 15.85 -39.34 55.82
C CYS K 301 15.61 -40.04 57.15
N CYS K 302 15.59 -41.36 57.13
CA CYS K 302 15.45 -42.12 58.37
C CYS K 302 16.82 -42.46 58.92
N ASN K 327 30.01 -41.55 80.90
CA ASN K 327 28.62 -41.15 80.80
C ASN K 327 27.99 -41.12 82.19
N GLN K 328 28.11 -39.98 82.87
CA GLN K 328 27.57 -39.86 84.21
C GLN K 328 26.04 -39.78 84.21
N MET K 329 25.45 -39.51 83.04
CA MET K 329 24.01 -39.28 82.96
C MET K 329 23.22 -40.53 83.37
N THR K 330 23.61 -41.70 82.86
CA THR K 330 22.92 -42.94 83.22
C THR K 330 23.12 -43.28 84.69
N VAL K 331 24.33 -43.08 85.20
CA VAL K 331 24.65 -43.46 86.56
C VAL K 331 23.83 -42.65 87.57
N LYS K 332 23.67 -41.34 87.32
CA LYS K 332 22.91 -40.50 88.23
C LYS K 332 21.45 -40.94 88.29
N GLU K 333 20.86 -41.26 87.15
CA GLU K 333 19.49 -41.76 87.13
C GLU K 333 19.37 -43.10 87.85
N TRP K 334 20.35 -43.98 87.64
CA TRP K 334 20.33 -45.29 88.28
C TRP K 334 20.34 -45.18 89.80
N GLU K 335 21.05 -44.18 90.33
CA GLU K 335 21.18 -44.06 91.78
C GLU K 335 19.83 -43.80 92.44
N LYS K 336 19.10 -42.80 91.98
CA LYS K 336 17.88 -42.39 92.65
C LYS K 336 16.75 -43.40 92.43
N VAL K 337 16.59 -43.86 91.19
CA VAL K 337 15.45 -44.72 90.88
C VAL K 337 15.58 -46.07 91.56
N PHE K 338 16.74 -46.72 91.40
CA PHE K 338 16.88 -48.11 91.83
C PHE K 338 16.74 -48.23 93.34
N GLU K 339 17.33 -47.30 94.09
CA GLU K 339 17.26 -47.39 95.54
C GLU K 339 15.83 -47.29 96.03
N MET K 340 15.06 -46.35 95.48
CA MET K 340 13.68 -46.19 95.91
C MET K 340 12.81 -47.35 95.43
N SER K 341 13.29 -48.10 94.43
CA SER K 341 12.55 -49.27 93.95
C SER K 341 12.48 -50.35 95.02
N GLN K 342 13.41 -50.33 95.98
CA GLN K 342 13.49 -51.36 96.99
C GLN K 342 12.32 -51.34 97.96
N ASP K 343 11.47 -50.33 97.91
CA ASP K 343 10.32 -50.24 98.79
C ASP K 343 9.32 -51.35 98.49
N LYS K 344 8.97 -52.13 99.50
CA LYS K 344 8.07 -53.26 99.35
C LYS K 344 6.61 -52.82 99.43
N ASN K 345 5.74 -53.65 98.86
CA ASN K 345 4.29 -53.52 99.01
C ASN K 345 3.76 -52.17 98.52
N LEU K 346 4.37 -51.64 97.45
CA LEU K 346 3.86 -50.40 96.88
C LEU K 346 2.47 -50.60 96.30
N TYR K 347 2.16 -51.80 95.82
CA TYR K 347 0.86 -52.05 95.21
C TYR K 347 -0.27 -51.86 96.21
N HIS K 348 -0.04 -52.23 97.46
CA HIS K 348 -1.03 -52.00 98.51
C HIS K 348 -1.33 -50.51 98.63
N ASN K 349 -0.31 -49.66 98.47
CA ASN K 349 -0.53 -48.23 98.53
C ASN K 349 -1.35 -47.74 97.35
N LEU K 350 -1.23 -48.39 96.20
CA LEU K 350 -1.96 -47.98 95.01
C LEU K 350 -3.47 -48.16 95.17
N CYS K 351 -3.90 -49.22 95.86
CA CYS K 351 -5.32 -49.55 95.90
C CYS K 351 -6.15 -48.41 96.48
N THR K 352 -5.68 -47.82 97.58
CA THR K 352 -6.38 -46.66 98.14
C THR K 352 -6.17 -45.43 97.26
N SER K 353 -4.94 -45.19 96.83
CA SER K 353 -4.64 -43.96 96.10
C SER K 353 -5.17 -44.02 94.67
N LEU K 354 -4.90 -45.11 93.95
CA LEU K 354 -5.30 -45.20 92.55
C LEU K 354 -6.78 -45.50 92.38
N PHE K 355 -7.42 -46.07 93.40
CA PHE K 355 -8.84 -46.42 93.34
C PHE K 355 -9.55 -45.79 94.53
N PRO K 356 -9.71 -44.47 94.52
CA PRO K 356 -10.31 -43.80 95.67
C PRO K 356 -11.77 -44.15 95.90
N THR K 357 -12.44 -44.66 94.87
CA THR K 357 -13.89 -44.82 94.90
C THR K 357 -14.30 -46.29 94.80
N ILE K 358 -13.62 -47.16 95.54
CA ILE K 358 -13.99 -48.56 95.61
C ILE K 358 -14.27 -48.93 97.06
N HIS K 359 -15.33 -49.70 97.28
CA HIS K 359 -15.64 -50.29 98.58
C HIS K 359 -15.73 -51.80 98.45
N GLY K 360 -14.91 -52.49 99.21
CA GLY K 360 -14.83 -53.93 99.07
C GLY K 360 -14.27 -54.32 97.71
N ASN K 361 -14.58 -55.55 97.32
CA ASN K 361 -14.16 -56.10 96.03
C ASN K 361 -12.64 -56.03 95.87
N ASP K 362 -11.92 -56.44 96.92
CA ASP K 362 -10.47 -56.36 96.90
C ASP K 362 -9.87 -57.23 95.79
N GLU K 363 -10.52 -58.36 95.47
CA GLU K 363 -10.04 -59.19 94.38
C GLU K 363 -10.30 -58.51 93.03
N VAL K 364 -11.41 -57.77 92.91
CA VAL K 364 -11.74 -57.14 91.63
C VAL K 364 -10.74 -56.06 91.29
N LYS K 365 -10.43 -55.17 92.26
CA LYS K 365 -9.46 -54.13 92.02
C LYS K 365 -8.06 -54.70 91.78
N ARG K 366 -7.76 -55.86 92.36
CA ARG K 366 -6.43 -56.45 92.24
C ARG K 366 -6.12 -56.81 90.79
N GLY K 367 -7.07 -57.40 90.08
CA GLY K 367 -6.82 -57.81 88.72
C GLY K 367 -6.48 -56.65 87.81
N VAL K 368 -7.19 -55.53 87.96
CA VAL K 368 -6.88 -54.35 87.17
C VAL K 368 -5.49 -53.83 87.50
N LEU K 369 -5.17 -53.75 88.79
CA LEU K 369 -3.88 -53.24 89.21
C LEU K 369 -2.75 -54.06 88.61
N LEU K 370 -2.86 -55.39 88.69
CA LEU K 370 -1.87 -56.25 88.06
C LEU K 370 -1.88 -56.09 86.55
N MET K 371 -3.05 -55.85 85.95
CA MET K 371 -3.13 -55.67 84.51
C MET K 371 -2.24 -54.52 84.06
N LEU K 372 -2.05 -53.52 84.92
CA LEU K 372 -1.17 -52.41 84.57
C LEU K 372 0.23 -52.91 84.26
N PHE K 373 0.74 -53.83 85.07
CA PHE K 373 2.09 -54.35 84.86
C PHE K 373 2.17 -55.05 83.51
N GLY K 374 3.32 -54.91 82.87
CA GLY K 374 3.52 -55.49 81.55
C GLY K 374 4.45 -56.68 81.53
N GLY K 375 5.09 -56.92 80.39
CA GLY K 375 5.96 -58.05 80.20
C GLY K 375 5.31 -59.15 79.38
N VAL K 376 5.67 -59.21 78.11
CA VAL K 376 5.12 -60.17 77.16
C VAL K 376 6.26 -60.95 76.55
N PRO K 377 6.29 -62.28 76.67
CA PRO K 377 7.37 -63.05 76.06
C PRO K 377 7.27 -63.04 74.54
N LYS K 378 8.42 -62.92 73.89
CA LYS K 378 8.51 -62.96 72.45
C LYS K 378 8.91 -64.36 71.99
N THR K 379 9.19 -64.50 70.69
CA THR K 379 9.56 -65.78 70.10
C THR K 379 11.05 -65.74 69.79
N THR K 380 11.83 -66.42 70.63
CA THR K 380 13.28 -66.49 70.44
C THR K 380 13.77 -67.87 70.03
N GLY K 381 12.99 -68.92 70.25
CA GLY K 381 13.35 -70.26 69.82
C GLY K 381 12.79 -70.58 68.46
N GLU K 382 12.40 -69.55 67.72
CA GLU K 382 11.81 -69.66 66.39
C GLU K 382 10.56 -70.55 66.38
N GLY K 383 9.74 -70.47 67.42
CA GLY K 383 8.50 -71.23 67.49
C GLY K 383 7.29 -70.41 67.14
N THR K 384 6.19 -70.64 67.85
CA THR K 384 4.92 -69.99 67.57
C THR K 384 4.80 -68.68 68.32
N SER K 385 3.86 -67.86 67.87
CA SER K 385 3.64 -66.56 68.50
C SER K 385 2.89 -66.73 69.80
N LEU K 386 3.56 -66.47 70.91
CA LEU K 386 2.89 -66.52 72.20
C LEU K 386 2.01 -65.28 72.39
N ARG K 387 0.79 -65.51 72.86
CA ARG K 387 -0.09 -64.39 73.17
C ARG K 387 0.21 -63.87 74.57
N GLY K 388 0.42 -62.55 74.66
CA GLY K 388 0.85 -61.94 75.91
C GLY K 388 -0.07 -60.85 76.42
N ASP K 389 -1.12 -60.54 75.67
CA ASP K 389 -2.06 -59.49 76.05
C ASP K 389 -3.01 -59.98 77.14
N ILE K 390 -3.73 -59.04 77.74
CA ILE K 390 -4.60 -59.34 78.87
C ILE K 390 -6.03 -58.96 78.50
N ASN K 391 -6.95 -59.91 78.66
CA ASN K 391 -8.38 -59.71 78.40
C ASN K 391 -9.14 -60.12 79.65
N VAL K 392 -9.74 -59.16 80.34
CA VAL K 392 -10.32 -59.40 81.65
C VAL K 392 -11.83 -59.19 81.58
N CYS K 393 -12.57 -60.10 82.22
CA CYS K 393 -14.02 -60.04 82.28
C CYS K 393 -14.46 -59.72 83.70
N ILE K 394 -15.23 -58.65 83.85
CA ILE K 394 -15.68 -58.17 85.14
C ILE K 394 -17.19 -58.30 85.21
N VAL K 395 -17.69 -58.94 86.26
CA VAL K 395 -19.11 -58.97 86.58
C VAL K 395 -19.40 -57.81 87.51
N GLY K 396 -20.43 -57.02 87.19
CA GLY K 396 -20.69 -55.82 87.94
C GLY K 396 -22.16 -55.45 87.89
N ASP K 397 -22.40 -54.20 87.51
CA ASP K 397 -23.71 -53.56 87.53
C ASP K 397 -24.68 -54.22 86.56
N PRO K 398 -26.00 -54.09 86.79
CA PRO K 398 -26.98 -54.62 85.83
C PRO K 398 -27.20 -53.67 84.67
N SER K 399 -26.24 -52.78 84.44
CA SER K 399 -26.30 -51.69 83.46
C SER K 399 -27.32 -50.65 83.90
N THR K 400 -27.19 -50.18 85.14
CA THR K 400 -28.00 -49.10 85.67
C THR K 400 -27.18 -48.35 86.71
N ALA K 401 -27.00 -47.05 86.53
CA ALA K 401 -26.01 -46.28 87.28
C ALA K 401 -24.64 -46.93 87.13
N LYS K 402 -24.13 -46.92 85.91
CA LYS K 402 -22.95 -47.69 85.51
C LYS K 402 -21.75 -47.29 86.36
N SER K 403 -21.06 -48.31 86.86
CA SER K 403 -19.80 -48.12 87.58
C SER K 403 -18.69 -47.66 86.63
N GLN K 404 -19.05 -47.27 85.42
CA GLN K 404 -18.08 -46.93 84.38
C GLN K 404 -17.18 -45.78 84.79
N PHE K 405 -17.40 -45.22 85.98
CA PHE K 405 -16.49 -44.20 86.49
C PHE K 405 -15.07 -44.75 86.63
N LEU K 406 -14.95 -46.08 86.78
CA LEU K 406 -13.63 -46.71 86.88
C LEU K 406 -12.81 -46.48 85.62
N LYS K 407 -13.46 -46.36 84.47
CA LYS K 407 -12.75 -45.98 83.26
C LYS K 407 -12.00 -44.67 83.46
N HIS K 408 -12.64 -43.68 84.09
CA HIS K 408 -12.02 -42.39 84.33
C HIS K 408 -10.74 -42.53 85.14
N VAL K 409 -10.64 -43.55 85.99
CA VAL K 409 -9.42 -43.77 86.74
C VAL K 409 -8.28 -44.08 85.79
N GLU K 410 -8.55 -44.88 84.76
CA GLU K 410 -7.52 -45.26 83.80
C GLU K 410 -6.90 -44.03 83.16
N GLU K 411 -7.66 -42.95 83.05
CA GLU K 411 -7.14 -41.72 82.46
C GLU K 411 -5.92 -41.20 83.19
N PHE K 412 -5.79 -41.46 84.48
CA PHE K 412 -4.65 -40.97 85.24
C PHE K 412 -3.41 -41.82 84.95
N SER K 413 -2.95 -41.83 83.70
CA SER K 413 -1.73 -42.56 83.37
C SER K 413 -1.05 -41.93 82.16
N PRO K 414 0.18 -41.49 82.30
CA PRO K 414 0.92 -40.93 81.16
C PRO K 414 1.48 -42.02 80.26
N ARG K 415 2.16 -41.58 79.19
CA ARG K 415 2.83 -42.46 78.23
C ARG K 415 1.87 -43.51 77.66
N ALA K 416 0.63 -43.08 77.45
CA ALA K 416 -0.40 -43.97 76.96
C ALA K 416 -1.40 -43.16 76.16
N VAL K 417 -2.18 -43.84 75.32
CA VAL K 417 -3.20 -43.21 74.49
C VAL K 417 -4.56 -43.75 74.92
N TYR K 418 -5.53 -42.86 75.07
CA TYR K 418 -6.81 -43.19 75.69
C TYR K 418 -7.87 -43.37 74.61
N THR K 419 -8.27 -44.61 74.39
CA THR K 419 -9.31 -44.89 73.43
C THR K 419 -10.65 -44.36 73.92
N SER K 420 -11.39 -43.75 73.01
CA SER K 420 -12.72 -43.23 73.31
C SER K 420 -13.80 -44.25 72.93
N GLY K 421 -13.66 -45.46 73.44
CA GLY K 421 -14.64 -46.48 73.14
C GLY K 421 -14.72 -46.76 71.65
N LYS K 422 -15.95 -46.80 71.12
CA LYS K 422 -16.18 -47.15 69.73
C LYS K 422 -17.01 -46.15 68.95
N ALA K 423 -17.72 -45.24 69.62
CA ALA K 423 -18.53 -44.26 68.92
C ALA K 423 -17.68 -43.15 68.31
N SER K 424 -17.23 -43.34 67.07
CA SER K 424 -16.38 -42.34 66.43
C SER K 424 -16.65 -42.36 64.94
N SER K 425 -15.93 -41.50 64.22
CA SER K 425 -16.03 -41.40 62.77
C SER K 425 -15.77 -42.76 62.11
N ALA K 426 -14.89 -43.55 62.71
CA ALA K 426 -14.54 -44.87 62.21
C ALA K 426 -14.02 -44.80 60.79
N ALA K 427 -12.92 -44.08 60.57
CA ALA K 427 -12.32 -43.98 59.25
C ALA K 427 -11.88 -45.32 58.69
N GLY K 428 -11.56 -46.29 59.54
CA GLY K 428 -11.18 -47.59 59.06
C GLY K 428 -12.38 -48.45 58.70
N LEU K 429 -12.07 -49.65 58.21
CA LEU K 429 -13.01 -50.71 57.84
C LEU K 429 -13.86 -50.31 56.64
N THR K 430 -13.76 -49.08 56.17
CA THR K 430 -14.40 -48.61 54.93
C THR K 430 -13.37 -47.82 54.12
N ALA K 431 -12.14 -48.32 54.11
CA ALA K 431 -11.06 -47.66 53.39
C ALA K 431 -11.29 -47.71 51.89
N ALA K 432 -10.85 -46.65 51.20
CA ALA K 432 -10.97 -46.58 49.75
C ALA K 432 -9.78 -45.82 49.21
N VAL K 433 -9.66 -45.80 47.88
CA VAL K 433 -8.57 -45.08 47.23
C VAL K 433 -8.51 -43.65 47.74
N VAL K 434 -7.32 -43.22 48.14
CA VAL K 434 -7.15 -41.92 48.77
C VAL K 434 -6.54 -40.88 47.84
N ARG K 435 -6.70 -41.05 46.52
CA ARG K 435 -6.07 -40.16 45.55
C ARG K 435 -7.10 -39.44 44.69
N ASP K 436 -8.10 -38.82 45.33
CA ASP K 436 -9.09 -38.06 44.57
C ASP K 436 -8.54 -36.66 44.29
N GLU K 437 -7.29 -36.61 43.87
CA GLU K 437 -6.59 -35.44 43.33
C GLU K 437 -6.38 -34.34 44.37
N GLU K 438 -7.07 -34.42 45.51
CA GLU K 438 -6.75 -33.54 46.62
C GLU K 438 -6.73 -34.31 47.93
N SER K 439 -7.68 -35.22 48.13
CA SER K 439 -7.79 -36.00 49.36
C SER K 439 -8.93 -36.99 49.27
N HIS K 440 -9.03 -37.85 50.28
CA HIS K 440 -10.15 -38.77 50.43
C HIS K 440 -10.73 -38.61 51.83
N GLU K 441 -12.06 -38.78 51.93
CA GLU K 441 -12.72 -38.68 53.23
C GLU K 441 -12.23 -39.78 54.17
N PHE K 442 -12.24 -41.03 53.68
CA PHE K 442 -11.76 -42.14 54.50
C PHE K 442 -10.25 -42.32 54.34
N VAL K 443 -9.58 -42.63 55.44
CA VAL K 443 -8.14 -42.80 55.46
C VAL K 443 -7.81 -44.26 55.74
N ILE K 444 -6.54 -44.62 55.52
CA ILE K 444 -6.09 -45.98 55.73
C ILE K 444 -5.53 -46.09 57.14
N GLU K 445 -6.40 -46.39 58.10
CA GLU K 445 -5.98 -46.45 59.51
C GLU K 445 -7.05 -47.19 60.29
N ALA K 446 -6.70 -48.34 60.85
CA ALA K 446 -7.56 -49.00 61.83
C ALA K 446 -7.23 -48.50 63.23
N GLY K 447 -7.53 -47.21 63.48
CA GLY K 447 -7.20 -46.61 64.75
C GLY K 447 -7.88 -47.28 65.93
N ALA K 448 -8.89 -48.11 65.66
CA ALA K 448 -9.63 -48.78 66.72
C ALA K 448 -8.71 -49.54 67.67
N LEU K 449 -7.57 -50.02 67.17
CA LEU K 449 -6.54 -50.58 68.02
C LEU K 449 -5.18 -49.93 67.79
N MET K 450 -4.86 -49.59 66.53
CA MET K 450 -3.57 -49.03 66.21
C MET K 450 -3.26 -47.82 67.06
N LEU K 451 -4.21 -46.90 67.17
CA LEU K 451 -4.02 -45.72 67.99
C LEU K 451 -3.71 -46.07 69.43
N ALA K 452 -4.18 -47.24 69.90
CA ALA K 452 -3.99 -47.66 71.28
C ALA K 452 -2.64 -48.31 71.53
N ASP K 453 -1.72 -48.22 70.56
CA ASP K 453 -0.42 -48.86 70.75
C ASP K 453 0.33 -48.28 71.93
N ASN K 454 1.02 -49.16 72.65
CA ASN K 454 1.98 -48.78 73.69
C ASN K 454 1.32 -47.99 74.81
N GLY K 455 0.04 -48.28 75.04
CA GLY K 455 -0.77 -47.59 76.05
C GLY K 455 -1.87 -48.51 76.53
N VAL K 456 -3.05 -47.93 76.73
CA VAL K 456 -4.19 -48.67 77.27
C VAL K 456 -5.37 -48.52 76.33
N CYS K 457 -6.12 -49.60 76.17
CA CYS K 457 -7.32 -49.62 75.35
C CYS K 457 -8.55 -49.64 76.23
N CYS K 458 -9.44 -48.66 76.04
CA CYS K 458 -10.68 -48.53 76.78
C CYS K 458 -11.85 -48.51 75.79
N ILE K 459 -12.70 -49.53 75.85
CA ILE K 459 -13.81 -49.69 74.94
C ILE K 459 -15.11 -49.47 75.70
N ASP K 460 -15.80 -48.38 75.38
CA ASP K 460 -17.12 -48.15 75.93
C ASP K 460 -18.16 -48.54 74.88
N GLU K 461 -19.43 -48.50 75.28
CA GLU K 461 -20.54 -48.87 74.39
C GLU K 461 -20.29 -50.25 73.78
N PHE K 462 -19.85 -51.18 74.62
CA PHE K 462 -19.47 -52.49 74.15
C PHE K 462 -20.65 -53.26 73.57
N ASP K 463 -21.89 -52.80 73.81
CA ASP K 463 -23.06 -53.39 73.19
C ASP K 463 -23.23 -52.98 71.74
N LYS K 464 -22.24 -52.32 71.15
CA LYS K 464 -22.28 -51.90 69.75
C LYS K 464 -21.49 -52.84 68.85
N MET K 465 -21.49 -54.14 69.16
CA MET K 465 -20.76 -55.15 68.40
C MET K 465 -21.65 -55.96 67.47
N ASP K 466 -22.75 -55.38 66.99
CA ASP K 466 -23.73 -56.11 66.19
C ASP K 466 -23.11 -56.77 64.95
N VAL K 467 -22.58 -55.97 64.04
CA VAL K 467 -22.01 -56.52 62.80
C VAL K 467 -20.58 -56.06 62.62
N ARG K 468 -20.38 -54.74 62.49
CA ARG K 468 -19.10 -54.21 62.07
C ARG K 468 -18.02 -54.44 63.14
N ASP K 469 -18.37 -54.26 64.41
CA ASP K 469 -17.41 -54.41 65.49
C ASP K 469 -17.01 -55.86 65.69
N GLN K 470 -17.93 -56.79 65.48
CA GLN K 470 -17.64 -58.19 65.77
C GLN K 470 -16.47 -58.69 64.94
N VAL K 471 -16.51 -58.43 63.63
CA VAL K 471 -15.46 -58.95 62.76
C VAL K 471 -14.11 -58.35 63.14
N ALA K 472 -14.06 -57.04 63.38
CA ALA K 472 -12.80 -56.38 63.66
C ALA K 472 -12.16 -56.93 64.93
N ILE K 473 -12.93 -56.98 66.02
CA ILE K 473 -12.33 -57.23 67.32
C ILE K 473 -11.73 -58.62 67.42
N HIS K 474 -12.40 -59.64 66.90
CA HIS K 474 -11.87 -61.00 66.99
C HIS K 474 -10.58 -61.12 66.23
N GLU K 475 -10.53 -60.56 65.02
CA GLU K 475 -9.32 -60.64 64.21
C GLU K 475 -8.16 -59.96 64.92
N ALA K 476 -8.42 -58.81 65.53
CA ALA K 476 -7.37 -58.16 66.30
C ALA K 476 -6.96 -59.03 67.49
N MET K 477 -7.94 -59.59 68.19
CA MET K 477 -7.61 -60.46 69.32
C MET K 477 -6.80 -61.65 68.86
N GLU K 478 -7.21 -62.27 67.75
CA GLU K 478 -6.58 -63.51 67.32
C GLU K 478 -5.13 -63.30 66.91
N GLN K 479 -4.87 -62.35 66.01
CA GLN K 479 -3.56 -62.22 65.41
C GLN K 479 -2.74 -61.08 65.99
N GLN K 480 -3.32 -60.24 66.85
CA GLN K 480 -2.65 -59.05 67.35
C GLN K 480 -2.21 -58.15 66.20
N THR K 481 -3.02 -58.13 65.14
CA THR K 481 -2.82 -57.21 64.02
C THR K 481 -4.12 -57.11 63.23
N ILE K 482 -4.14 -56.17 62.30
CA ILE K 482 -5.28 -55.94 61.43
C ILE K 482 -4.81 -56.10 60.00
N SER K 483 -5.44 -57.02 59.27
CA SER K 483 -5.10 -57.28 57.87
C SER K 483 -6.16 -56.64 56.99
N ILE K 484 -6.12 -55.31 56.88
CA ILE K 484 -7.04 -54.62 55.99
C ILE K 484 -6.69 -54.96 54.56
N THR K 485 -7.70 -55.35 53.78
CA THR K 485 -7.46 -55.75 52.41
C THR K 485 -8.56 -55.19 51.53
N LYS K 486 -8.22 -54.23 50.68
CA LYS K 486 -9.16 -53.66 49.75
C LYS K 486 -8.69 -53.76 48.30
N ALA K 487 -8.07 -54.88 47.93
CA ALA K 487 -7.63 -55.17 46.56
C ALA K 487 -6.50 -54.23 46.12
N GLY K 488 -6.18 -53.24 46.96
CA GLY K 488 -5.05 -52.38 46.69
C GLY K 488 -4.10 -52.29 47.86
N VAL K 489 -4.59 -52.67 49.04
CA VAL K 489 -3.81 -52.58 50.28
C VAL K 489 -3.90 -53.92 51.00
N LYS K 490 -2.78 -54.36 51.58
CA LYS K 490 -2.74 -55.57 52.38
C LYS K 490 -1.48 -55.57 53.23
N ALA K 491 -1.65 -55.45 54.54
CA ALA K 491 -0.49 -55.43 55.42
C ALA K 491 -0.91 -55.82 56.83
N THR K 492 0.09 -56.27 57.60
CA THR K 492 -0.08 -56.69 58.97
C THR K 492 0.79 -55.84 59.87
N LEU K 493 0.35 -55.66 61.10
CA LEU K 493 1.02 -54.78 62.05
C LEU K 493 1.29 -55.52 63.37
N ASN K 494 1.74 -54.77 64.36
CA ASN K 494 1.96 -55.31 65.71
C ASN K 494 1.40 -54.33 66.71
N ALA K 495 0.29 -54.70 67.35
CA ALA K 495 -0.39 -53.83 68.30
C ALA K 495 -0.26 -54.50 69.66
N ARG K 496 0.85 -54.24 70.32
CA ARG K 496 1.13 -54.83 71.63
C ARG K 496 0.62 -53.87 72.69
N THR K 497 -0.59 -54.12 73.16
CA THR K 497 -1.12 -53.38 74.30
C THR K 497 -2.28 -54.16 74.87
N SER K 498 -2.62 -53.86 76.12
CA SER K 498 -3.72 -54.54 76.78
C SER K 498 -5.06 -54.08 76.21
N ILE K 499 -6.08 -54.90 76.43
CA ILE K 499 -7.45 -54.55 76.08
C ILE K 499 -8.27 -54.62 77.36
N LEU K 500 -8.79 -53.47 77.80
CA LEU K 500 -9.59 -53.41 79.01
C LEU K 500 -11.06 -53.19 78.65
N ALA K 501 -11.91 -54.15 79.02
CA ALA K 501 -13.33 -54.11 78.70
C ALA K 501 -14.14 -54.65 79.87
N ALA K 502 -15.39 -54.19 79.96
CA ALA K 502 -16.33 -54.73 80.92
C ALA K 502 -17.72 -54.67 80.30
N ALA K 503 -18.50 -55.74 80.48
CA ALA K 503 -19.83 -55.84 79.90
C ALA K 503 -20.84 -56.04 81.02
N ASN K 504 -21.95 -55.33 80.92
CA ASN K 504 -22.98 -55.45 81.94
C ASN K 504 -24.11 -56.36 81.46
N PRO K 505 -24.68 -57.15 82.36
CA PRO K 505 -25.81 -58.01 81.97
C PRO K 505 -27.08 -57.21 81.74
N ILE K 506 -28.16 -57.90 81.38
CA ILE K 506 -29.45 -57.24 81.25
C ILE K 506 -29.93 -56.74 82.62
N SER K 507 -30.01 -57.65 83.59
CA SER K 507 -30.48 -57.26 84.91
C SER K 507 -29.71 -57.92 86.07
N GLY K 508 -28.87 -58.90 85.82
CA GLY K 508 -28.08 -59.47 86.88
C GLY K 508 -27.78 -60.94 86.63
N HIS K 509 -27.12 -61.53 87.62
CA HIS K 509 -26.67 -62.92 87.59
C HIS K 509 -27.73 -63.80 88.25
N TYR K 510 -28.49 -64.55 87.45
CA TYR K 510 -29.59 -65.35 87.95
C TYR K 510 -29.66 -66.76 87.37
N ASP K 511 -28.55 -67.34 86.90
CA ASP K 511 -28.60 -68.62 86.22
C ASP K 511 -28.95 -69.79 87.13
N ARG K 512 -29.19 -69.54 88.42
CA ARG K 512 -29.50 -70.62 89.36
C ARG K 512 -30.78 -71.35 88.94
N SER K 513 -31.82 -70.60 88.57
CA SER K 513 -33.07 -71.19 88.12
C SER K 513 -33.38 -70.93 86.65
N LYS K 514 -32.76 -69.92 86.04
CA LYS K 514 -33.04 -69.58 84.66
C LYS K 514 -31.95 -70.16 83.76
N SER K 515 -32.35 -70.58 82.57
CA SER K 515 -31.40 -71.15 81.62
C SER K 515 -30.34 -70.14 81.22
N LEU K 516 -29.10 -70.60 81.08
CA LEU K 516 -28.01 -69.72 80.70
C LEU K 516 -28.15 -69.22 79.26
N LYS K 517 -28.84 -69.98 78.41
CA LYS K 517 -29.01 -69.59 77.02
C LYS K 517 -29.70 -68.24 76.92
N GLN K 518 -29.10 -67.32 76.16
CA GLN K 518 -29.64 -65.98 75.88
C GLN K 518 -29.63 -65.12 77.15
N ASN K 519 -29.15 -65.68 78.25
CA ASN K 519 -29.16 -64.96 79.52
C ASN K 519 -27.91 -64.09 79.69
N ILE K 520 -26.73 -64.66 79.42
CA ILE K 520 -25.49 -63.96 79.70
C ILE K 520 -25.32 -62.74 78.81
N ASN K 521 -26.01 -62.70 77.67
CA ASN K 521 -26.08 -61.52 76.81
C ASN K 521 -24.72 -61.09 76.28
N LEU K 522 -23.88 -62.05 75.91
CA LEU K 522 -22.59 -61.77 75.28
C LEU K 522 -22.51 -62.53 73.95
N SER K 523 -21.39 -62.34 73.25
CA SER K 523 -21.12 -63.06 72.02
C SER K 523 -19.98 -64.05 72.24
N ALA K 524 -20.21 -65.29 71.81
CA ALA K 524 -19.30 -66.38 72.12
C ALA K 524 -17.87 -66.17 71.63
N PRO K 525 -17.61 -65.79 70.37
CA PRO K 525 -16.21 -65.72 69.92
C PRO K 525 -15.38 -64.67 70.64
N ILE K 526 -16.02 -63.69 71.27
CA ILE K 526 -15.32 -62.63 71.99
C ILE K 526 -15.17 -62.98 73.46
N MET K 527 -16.23 -63.47 74.08
CA MET K 527 -16.14 -63.82 75.50
C MET K 527 -15.18 -64.98 75.73
N SER K 528 -15.07 -65.89 74.76
CA SER K 528 -14.25 -67.09 74.97
C SER K 528 -12.79 -66.72 75.20
N ARG K 529 -12.27 -65.79 74.40
CA ARG K 529 -10.85 -65.49 74.45
C ARG K 529 -10.47 -64.64 75.66
N PHE K 530 -11.43 -64.19 76.45
CA PHE K 530 -11.10 -63.38 77.62
C PHE K 530 -10.24 -64.18 78.61
N ASP K 531 -9.22 -63.52 79.15
CA ASP K 531 -8.25 -64.20 79.99
C ASP K 531 -8.81 -64.51 81.38
N LEU K 532 -9.49 -63.54 81.99
CA LEU K 532 -9.89 -63.66 83.38
C LEU K 532 -11.40 -63.59 83.50
N PHE K 533 -11.90 -64.13 84.61
CA PHE K 533 -13.32 -64.21 84.92
C PHE K 533 -13.50 -64.00 86.42
N PHE K 534 -14.69 -63.55 86.81
CA PHE K 534 -14.96 -63.22 88.21
C PHE K 534 -16.40 -63.58 88.53
N ILE K 535 -16.68 -63.73 89.82
CA ILE K 535 -18.04 -63.89 90.30
C ILE K 535 -18.31 -62.80 91.33
N LEU K 536 -19.27 -61.93 91.02
CA LEU K 536 -19.63 -60.79 91.87
C LEU K 536 -21.13 -60.82 92.11
N VAL K 537 -21.54 -61.30 93.29
CA VAL K 537 -22.94 -61.30 93.68
C VAL K 537 -23.23 -60.07 94.53
N ASP K 538 -24.18 -59.25 94.08
CA ASP K 538 -24.53 -58.04 94.81
C ASP K 538 -25.77 -58.28 95.66
N GLU K 539 -25.70 -57.88 96.93
CA GLU K 539 -26.79 -58.07 97.88
C GLU K 539 -27.11 -56.75 98.55
N CYS K 540 -28.38 -56.56 98.89
CA CYS K 540 -28.84 -55.32 99.53
C CYS K 540 -28.41 -55.29 101.00
N ASN K 541 -27.10 -55.17 101.20
CA ASN K 541 -26.51 -55.09 102.53
C ASN K 541 -26.40 -53.63 102.92
N GLU K 542 -27.28 -53.20 103.84
CA GLU K 542 -27.27 -51.82 104.30
C GLU K 542 -26.07 -51.51 105.19
N VAL K 543 -25.40 -52.54 105.71
CA VAL K 543 -24.27 -52.31 106.61
C VAL K 543 -23.14 -51.58 105.89
N THR K 544 -22.83 -52.00 104.67
CA THR K 544 -21.70 -51.43 103.93
C THR K 544 -22.11 -50.29 103.01
N ASP K 545 -23.34 -50.31 102.48
CA ASP K 545 -23.79 -49.25 101.60
C ASP K 545 -23.89 -47.93 102.33
N TYR K 546 -24.10 -47.97 103.65
CA TYR K 546 -24.27 -46.75 104.43
C TYR K 546 -23.03 -45.88 104.40
N ALA K 547 -21.85 -46.49 104.50
CA ALA K 547 -20.60 -45.73 104.51
C ALA K 547 -19.99 -45.59 103.13
N ILE K 548 -20.67 -46.07 102.08
CA ILE K 548 -20.14 -45.94 100.73
C ILE K 548 -20.01 -44.48 100.34
N ALA K 549 -21.07 -43.69 100.59
CA ALA K 549 -21.08 -42.31 100.14
C ALA K 549 -20.13 -41.42 100.94
N ARG K 550 -19.71 -41.85 102.14
CA ARG K 550 -18.75 -41.07 102.90
C ARG K 550 -17.45 -40.87 102.13
N ARG K 551 -16.97 -41.92 101.47
CA ARG K 551 -15.72 -41.82 100.73
C ARG K 551 -15.89 -40.97 99.49
N ILE K 552 -17.09 -40.98 98.89
CA ILE K 552 -17.30 -40.29 97.63
C ILE K 552 -17.11 -38.78 97.82
N VAL K 553 -17.73 -38.22 98.85
CA VAL K 553 -17.61 -36.78 99.07
C VAL K 553 -16.19 -36.41 99.45
N ASP K 554 -15.42 -37.39 99.97
CA ASP K 554 -14.06 -37.12 100.39
C ASP K 554 -13.20 -36.63 99.23
N LEU K 555 -13.58 -36.96 98.00
CA LEU K 555 -12.81 -36.52 96.85
C LEU K 555 -12.75 -35.01 96.72
N HIS K 556 -13.77 -34.31 97.21
CA HIS K 556 -13.79 -32.87 97.14
C HIS K 556 -13.11 -32.21 98.33
N SER K 557 -12.80 -32.97 99.37
CA SER K 557 -12.11 -32.43 100.54
C SER K 557 -10.59 -32.63 100.38
N ARG K 558 -10.02 -31.84 99.47
CA ARG K 558 -8.57 -31.84 99.29
C ARG K 558 -7.88 -30.95 100.32
N ILE K 559 -8.61 -30.01 100.92
CA ILE K 559 -7.98 -29.02 101.79
C ILE K 559 -7.46 -29.67 103.07
N GLU K 560 -8.30 -30.48 103.72
CA GLU K 560 -7.95 -31.08 104.99
C GLU K 560 -7.45 -32.51 104.88
N GLU K 561 -7.68 -33.17 103.74
CA GLU K 561 -7.22 -34.54 103.55
C GLU K 561 -6.68 -34.69 102.15
N SER K 562 -5.36 -34.75 102.03
CA SER K 562 -4.70 -34.98 100.75
C SER K 562 -3.47 -35.84 100.97
N ILE K 563 -3.27 -36.83 100.10
CA ILE K 563 -2.08 -37.66 100.19
C ILE K 563 -0.89 -36.90 99.62
N ASP K 564 0.12 -36.69 100.45
CA ASP K 564 1.30 -35.93 100.02
C ASP K 564 2.10 -36.74 99.01
N ARG K 565 2.53 -36.09 97.94
CA ARG K 565 3.30 -36.73 96.87
C ARG K 565 4.78 -36.47 97.08
N VAL K 566 5.49 -37.50 97.52
CA VAL K 566 6.93 -37.35 97.79
C VAL K 566 7.74 -37.70 96.56
N TYR K 567 7.35 -38.77 95.85
CA TYR K 567 8.12 -39.25 94.71
C TYR K 567 7.15 -39.72 93.63
N SER K 568 7.64 -39.74 92.39
CA SER K 568 6.85 -40.24 91.28
C SER K 568 6.83 -41.77 91.29
N LEU K 569 5.64 -42.32 91.09
CA LEU K 569 5.46 -43.77 91.04
C LEU K 569 5.69 -44.33 89.65
N ASP K 570 5.93 -43.49 88.65
CA ASP K 570 6.03 -43.92 87.27
C ASP K 570 7.38 -44.52 86.92
N ASP K 571 8.37 -44.36 87.80
CA ASP K 571 9.71 -44.85 87.48
C ASP K 571 9.72 -46.36 87.27
N ILE K 572 8.78 -47.06 87.91
CA ILE K 572 8.75 -48.52 87.84
C ILE K 572 8.56 -48.97 86.40
N ARG K 573 7.75 -48.25 85.63
CA ARG K 573 7.47 -48.66 84.27
C ARG K 573 8.73 -48.59 83.41
N ARG K 574 9.56 -47.57 83.62
CA ARG K 574 10.78 -47.46 82.83
C ARG K 574 11.78 -48.56 83.16
N TYR K 575 11.60 -49.26 84.29
CA TYR K 575 12.43 -50.43 84.57
C TYR K 575 12.17 -51.54 83.57
N LEU K 576 10.90 -51.74 83.20
CA LEU K 576 10.57 -52.81 82.27
C LEU K 576 11.11 -52.51 80.88
N LEU K 577 11.40 -51.24 80.59
CA LEU K 577 11.93 -50.87 79.28
C LEU K 577 13.28 -51.53 79.02
N PHE K 578 14.17 -51.50 80.03
CA PHE K 578 15.46 -52.18 79.90
C PHE K 578 15.31 -53.68 79.94
N ALA K 579 14.19 -54.18 80.47
CA ALA K 579 13.99 -55.62 80.63
C ALA K 579 13.95 -56.36 79.30
N ARG K 580 13.69 -55.66 78.19
CA ARG K 580 13.59 -56.32 76.90
C ARG K 580 14.86 -57.03 76.46
N GLN K 581 16.02 -56.37 76.54
CA GLN K 581 17.28 -57.01 76.18
C GLN K 581 17.79 -57.95 77.27
N PHE K 582 17.44 -57.69 78.53
CA PHE K 582 17.82 -58.56 79.63
C PHE K 582 16.98 -59.82 79.64
N LYS K 583 17.59 -60.93 80.09
CA LYS K 583 16.92 -62.21 80.13
C LYS K 583 16.64 -62.61 81.58
N PRO K 584 15.37 -62.92 81.90
CA PRO K 584 15.03 -63.25 83.29
C PRO K 584 15.43 -64.67 83.69
N LYS K 585 15.35 -65.61 82.75
CA LYS K 585 15.67 -67.03 82.94
C LYS K 585 15.16 -67.54 84.30
N ILE K 586 13.83 -67.44 84.45
CA ILE K 586 13.14 -67.89 85.65
C ILE K 586 13.41 -69.38 85.84
N SER K 587 13.68 -69.77 87.08
CA SER K 587 14.02 -71.15 87.37
C SER K 587 12.82 -72.06 87.15
N LYS K 588 13.11 -73.26 86.63
CA LYS K 588 12.04 -74.20 86.32
C LYS K 588 11.45 -74.81 87.58
N GLU K 589 12.25 -74.91 88.65
CA GLU K 589 11.78 -75.55 89.87
C GLU K 589 10.64 -74.76 90.51
N SER K 590 10.74 -73.43 90.48
CA SER K 590 9.67 -72.59 91.00
C SER K 590 8.45 -72.64 90.10
N GLU K 591 8.70 -72.78 88.80
CA GLU K 591 7.61 -72.70 87.83
C GLU K 591 6.66 -73.88 87.92
N ASP K 592 7.20 -75.11 87.88
CA ASP K 592 6.35 -76.29 87.70
C ASP K 592 5.56 -76.59 88.96
N PHE K 593 6.04 -76.12 90.11
CA PHE K 593 5.37 -76.41 91.36
C PHE K 593 3.95 -75.87 91.36
N ILE K 594 3.76 -74.66 90.82
CA ILE K 594 2.42 -74.14 90.65
C ILE K 594 1.64 -74.99 89.66
N VAL K 595 2.31 -75.41 88.59
CA VAL K 595 1.64 -76.16 87.53
C VAL K 595 1.07 -77.45 88.09
N GLU K 596 1.89 -78.19 88.84
CA GLU K 596 1.41 -79.42 89.45
C GLU K 596 0.25 -79.14 90.39
N GLN K 597 0.34 -78.05 91.15
CA GLN K 597 -0.74 -77.69 92.04
C GLN K 597 -1.99 -77.29 91.26
N TYR K 598 -1.81 -76.80 90.03
CA TYR K 598 -2.96 -76.33 89.27
C TYR K 598 -3.90 -77.47 88.91
N LYS K 599 -3.41 -78.70 88.91
CA LYS K 599 -4.27 -79.84 88.61
C LYS K 599 -5.42 -79.92 89.61
N HIS K 600 -5.12 -79.70 90.88
CA HIS K 600 -6.16 -79.69 91.91
C HIS K 600 -7.17 -78.59 91.64
N LEU K 601 -6.72 -77.46 91.08
CA LEU K 601 -7.62 -76.35 90.82
C LEU K 601 -8.70 -76.71 89.80
N ARG K 602 -8.31 -77.38 88.71
CA ARG K 602 -9.30 -77.71 87.69
C ARG K 602 -10.21 -78.85 88.13
N GLN K 603 -9.72 -79.77 88.96
CA GLN K 603 -10.53 -80.92 89.35
C GLN K 603 -11.68 -80.50 90.25
N ARG K 604 -11.45 -79.55 91.16
CA ARG K 604 -12.49 -79.12 92.08
C ARG K 604 -13.59 -78.35 91.37
N ASP K 605 -13.31 -77.85 90.17
CA ASP K 605 -14.32 -77.10 89.43
C ASP K 605 -15.47 -78.01 89.00
N GLY K 606 -15.17 -79.26 88.64
CA GLY K 606 -16.19 -80.17 88.18
C GLY K 606 -16.93 -80.93 89.25
N SER K 607 -16.65 -80.63 90.53
CA SER K 607 -17.28 -81.34 91.64
C SER K 607 -18.60 -80.71 92.07
N GLY K 608 -19.06 -79.67 91.37
CA GLY K 608 -20.30 -79.03 91.72
C GLY K 608 -20.18 -77.63 92.28
N VAL K 609 -19.12 -76.91 91.93
CA VAL K 609 -19.02 -75.50 92.31
C VAL K 609 -19.97 -74.67 91.44
N THR K 610 -20.36 -73.50 91.94
CA THR K 610 -21.29 -72.63 91.24
C THR K 610 -20.74 -72.22 89.88
N LYS K 611 -21.56 -72.37 88.85
CA LYS K 611 -21.12 -72.13 87.49
C LYS K 611 -21.42 -70.69 87.06
N SER K 612 -20.45 -70.10 86.37
CA SER K 612 -20.61 -68.77 85.78
C SER K 612 -20.19 -68.73 84.31
N SER K 613 -19.16 -69.49 83.93
CA SER K 613 -18.72 -69.54 82.55
C SER K 613 -17.92 -70.83 82.34
N TRP K 614 -18.42 -71.70 81.47
CA TRP K 614 -17.73 -72.95 81.23
C TRP K 614 -16.54 -72.73 80.32
N ARG K 615 -15.46 -72.18 80.87
CA ARG K 615 -14.23 -72.00 80.11
C ARG K 615 -13.09 -72.84 80.67
N ILE K 616 -12.71 -72.60 81.93
CA ILE K 616 -11.77 -73.39 82.73
C ILE K 616 -10.75 -74.09 81.83
N THR K 617 -9.66 -73.41 81.51
CA THR K 617 -8.76 -73.93 80.50
C THR K 617 -7.32 -73.55 80.86
N VAL K 618 -6.37 -74.09 80.10
CA VAL K 618 -4.97 -73.88 80.40
C VAL K 618 -4.55 -72.43 80.20
N ARG K 619 -5.40 -71.63 79.55
CA ARG K 619 -5.06 -70.22 79.32
C ARG K 619 -4.71 -69.52 80.61
N GLN K 620 -5.49 -69.79 81.67
CA GLN K 620 -5.22 -69.17 82.96
C GLN K 620 -3.85 -69.56 83.48
N LEU K 621 -3.48 -70.83 83.32
CA LEU K 621 -2.13 -71.26 83.69
C LEU K 621 -1.09 -70.51 82.88
N GLU K 622 -1.32 -70.36 81.58
CA GLU K 622 -0.47 -69.48 80.79
C GLU K 622 -0.59 -68.05 81.29
N SER K 623 -1.81 -67.63 81.63
CA SER K 623 -2.03 -66.26 82.06
C SER K 623 -1.29 -65.97 83.36
N MET K 624 -1.43 -66.86 84.35
CA MET K 624 -0.85 -66.56 85.66
C MET K 624 0.66 -66.43 85.57
N ILE K 625 1.27 -67.12 84.61
CA ILE K 625 2.72 -67.07 84.47
C ILE K 625 3.18 -65.65 84.21
N ARG K 626 2.47 -64.93 83.33
CA ARG K 626 2.86 -63.56 83.03
C ARG K 626 2.73 -62.68 84.27
N LEU K 627 1.76 -62.99 85.13
CA LEU K 627 1.55 -62.19 86.33
C LEU K 627 2.75 -62.28 87.26
N SER K 628 3.35 -63.46 87.39
CA SER K 628 4.47 -63.64 88.30
C SER K 628 5.67 -62.79 87.90
N GLU K 629 5.73 -62.35 86.64
CA GLU K 629 6.91 -61.65 86.15
C GLU K 629 7.15 -60.35 86.90
N ALA K 630 6.09 -59.69 87.35
CA ALA K 630 6.26 -58.48 88.16
C ALA K 630 6.87 -58.82 89.52
N MET K 631 6.48 -59.97 90.08
CA MET K 631 6.87 -60.29 91.46
C MET K 631 8.37 -60.44 91.61
N ALA K 632 9.00 -61.28 90.78
CA ALA K 632 10.43 -61.51 90.92
C ALA K 632 11.23 -60.29 90.46
N ARG K 633 10.80 -59.65 89.37
CA ARG K 633 11.48 -58.46 88.90
C ARG K 633 11.32 -57.31 89.90
N MET K 634 10.35 -57.42 90.80
CA MET K 634 10.07 -56.31 91.72
C MET K 634 11.26 -56.04 92.63
N HIS K 635 11.83 -57.09 93.23
CA HIS K 635 12.93 -56.91 94.17
C HIS K 635 14.31 -57.09 93.54
N CYS K 636 14.53 -58.19 92.82
CA CYS K 636 15.84 -58.53 92.27
C CYS K 636 16.91 -58.50 93.35
N CYS K 637 16.60 -59.12 94.49
CA CYS K 637 17.48 -59.12 95.65
C CYS K 637 18.42 -60.32 95.68
N ASP K 638 18.53 -61.07 94.58
CA ASP K 638 19.38 -62.26 94.50
C ASP K 638 18.99 -63.30 95.55
N GLU K 639 17.69 -63.56 95.67
CA GLU K 639 17.17 -64.57 96.58
C GLU K 639 15.77 -64.96 96.10
N VAL K 640 15.47 -66.25 96.19
CA VAL K 640 14.20 -66.80 95.73
C VAL K 640 13.48 -67.37 96.94
N GLN K 641 12.22 -66.99 97.11
CA GLN K 641 11.40 -67.38 98.24
C GLN K 641 10.10 -68.03 97.77
N PRO K 642 9.56 -68.96 98.56
CA PRO K 642 8.30 -69.62 98.15
C PRO K 642 7.10 -68.72 98.15
N LYS K 643 7.22 -67.50 98.69
CA LYS K 643 6.07 -66.61 98.81
C LYS K 643 5.45 -66.30 97.45
N HIS K 644 6.27 -66.34 96.38
CA HIS K 644 5.74 -66.07 95.05
C HIS K 644 4.68 -67.07 94.63
N VAL K 645 4.81 -68.32 95.08
CA VAL K 645 3.83 -69.34 94.73
C VAL K 645 2.48 -69.09 95.39
N LYS K 646 2.47 -68.78 96.68
CA LYS K 646 1.21 -68.52 97.37
C LYS K 646 0.54 -67.26 96.82
N GLU K 647 1.34 -66.25 96.49
CA GLU K 647 0.78 -64.96 96.08
C GLU K 647 0.00 -65.08 94.77
N ALA K 648 0.51 -65.86 93.82
CA ALA K 648 -0.16 -65.98 92.53
C ALA K 648 -1.50 -66.68 92.68
N PHE K 649 -1.64 -67.52 93.71
CA PHE K 649 -2.87 -68.26 93.90
C PHE K 649 -4.04 -67.35 94.20
N ARG K 650 -3.79 -66.25 94.91
CA ARG K 650 -4.87 -65.48 95.52
C ARG K 650 -5.84 -64.92 94.50
N LEU K 651 -5.40 -64.76 93.25
CA LEU K 651 -6.29 -64.18 92.24
C LEU K 651 -7.37 -65.16 91.84
N LEU K 652 -6.98 -66.36 91.41
CA LEU K 652 -7.97 -67.36 91.03
C LEU K 652 -8.59 -68.02 92.26
N ASN K 653 -7.79 -68.27 93.29
CA ASN K 653 -8.27 -69.09 94.40
C ASN K 653 -9.32 -68.35 95.23
N LYS K 654 -9.06 -67.09 95.57
CA LYS K 654 -10.01 -66.33 96.38
C LYS K 654 -11.32 -66.14 95.63
N SER K 655 -11.24 -65.92 94.32
CA SER K 655 -12.45 -65.83 93.49
C SER K 655 -13.25 -67.12 93.54
N ILE K 656 -12.56 -68.26 93.45
CA ILE K 656 -13.26 -69.55 93.43
C ILE K 656 -13.79 -69.90 94.83
N ILE K 657 -12.98 -69.67 95.87
CA ILE K 657 -13.28 -70.21 97.19
C ILE K 657 -14.33 -69.36 97.90
N ARG K 658 -14.12 -68.04 97.96
CA ARG K 658 -14.99 -67.19 98.77
C ARG K 658 -16.42 -67.16 98.23
N VAL K 659 -16.57 -67.09 96.91
CA VAL K 659 -17.90 -67.10 96.31
C VAL K 659 -18.03 -68.25 95.32
N SER K 718 -19.01 -80.75 84.46
CA SER K 718 -20.22 -80.80 83.64
C SER K 718 -21.45 -81.02 84.52
N GLU K 719 -22.35 -80.03 84.54
CA GLU K 719 -23.58 -80.13 85.32
C GLU K 719 -24.57 -81.05 84.61
N TYR K 720 -24.66 -82.30 85.07
CA TYR K 720 -25.57 -83.26 84.46
C TYR K 720 -26.99 -83.10 84.98
N CYS K 721 -27.18 -82.33 86.05
CA CYS K 721 -28.49 -82.18 86.68
C CYS K 721 -29.49 -81.42 85.81
N ARG K 722 -29.01 -80.62 84.86
CA ARG K 722 -29.86 -79.72 84.09
C ARG K 722 -30.50 -80.35 82.88
N ILE K 723 -29.83 -81.28 82.20
CA ILE K 723 -30.37 -81.83 80.95
C ILE K 723 -30.84 -83.27 81.06
N SER K 724 -30.28 -84.06 81.97
CA SER K 724 -30.58 -85.50 81.99
C SER K 724 -31.82 -85.80 82.82
N ASN K 725 -31.95 -85.15 83.97
CA ASN K 725 -33.02 -85.50 84.91
C ASN K 725 -34.40 -85.14 84.39
N LEU K 726 -34.50 -84.10 83.55
CA LEU K 726 -35.81 -83.57 83.18
C LEU K 726 -36.60 -84.52 82.27
N ILE K 727 -35.93 -85.38 81.50
CA ILE K 727 -36.62 -86.26 80.57
C ILE K 727 -36.37 -87.74 80.84
N VAL K 728 -35.23 -88.11 81.42
CA VAL K 728 -34.91 -89.53 81.57
C VAL K 728 -35.66 -90.13 82.75
N LEU K 729 -35.53 -89.53 83.93
CA LEU K 729 -36.14 -90.12 85.12
C LEU K 729 -37.65 -89.89 85.16
N HIS K 730 -38.15 -88.91 84.40
CA HIS K 730 -39.58 -88.61 84.41
C HIS K 730 -40.39 -89.79 83.87
N LEU K 731 -39.91 -90.43 82.80
CA LEU K 731 -40.62 -91.54 82.18
C LEU K 731 -40.45 -92.86 82.92
N ARG K 732 -39.56 -92.92 83.91
CA ARG K 732 -39.25 -94.18 84.59
C ARG K 732 -40.16 -94.45 85.78
N LYS K 733 -40.72 -93.41 86.39
CA LYS K 733 -41.49 -93.55 87.62
C LYS K 733 -42.92 -94.01 87.41
N VAL K 734 -43.40 -94.02 86.17
CA VAL K 734 -44.79 -94.38 85.90
C VAL K 734 -45.04 -95.86 86.13
N GLU K 735 -44.10 -96.72 85.76
CA GLU K 735 -44.28 -98.15 85.92
C GLU K 735 -44.12 -98.58 87.38
N GLU K 736 -43.15 -97.99 88.08
CA GLU K 736 -42.84 -98.43 89.43
C GLU K 736 -43.95 -98.07 90.42
N GLU K 737 -44.64 -96.94 90.19
CA GLU K 737 -45.65 -96.46 91.13
C GLU K 737 -46.91 -97.33 91.15
N GLU K 738 -47.23 -98.02 90.06
CA GLU K 738 -48.47 -98.77 90.00
C GLU K 738 -48.40 -100.06 90.81
N ASP K 739 -47.20 -100.60 91.01
CA ASP K 739 -47.05 -101.90 91.66
C ASP K 739 -47.32 -101.85 93.16
N GLU K 740 -46.90 -100.80 93.85
CA GLU K 740 -47.07 -100.69 95.29
C GLU K 740 -48.07 -99.59 95.64
N SER K 741 -48.75 -99.77 96.77
CA SER K 741 -49.67 -98.76 97.27
C SER K 741 -48.93 -97.49 97.66
N ALA K 742 -47.72 -97.64 98.22
CA ALA K 742 -46.94 -96.50 98.67
C ALA K 742 -45.49 -96.69 98.23
N LEU K 743 -44.76 -95.58 98.15
CA LEU K 743 -43.40 -95.57 97.64
C LEU K 743 -42.43 -95.23 98.75
N LYS K 744 -41.30 -95.93 98.76
CA LYS K 744 -40.25 -95.73 99.76
C LYS K 744 -39.04 -95.08 99.12
N ARG K 745 -38.50 -94.06 99.78
CA ARG K 745 -37.36 -93.32 99.22
C ARG K 745 -36.13 -94.21 99.10
N SER K 746 -35.94 -95.13 100.06
CA SER K 746 -34.75 -95.98 100.05
C SER K 746 -34.71 -96.89 98.83
N GLU K 747 -35.84 -97.47 98.45
CA GLU K 747 -35.85 -98.38 97.31
C GLU K 747 -35.82 -97.65 95.98
N LEU K 748 -36.09 -96.34 95.98
CA LEU K 748 -35.98 -95.57 94.75
C LEU K 748 -34.53 -95.47 94.30
N VAL K 749 -33.62 -95.19 95.23
CA VAL K 749 -32.20 -95.13 94.87
C VAL K 749 -31.61 -96.52 94.77
N ASN K 750 -32.20 -97.49 95.47
CA ASN K 750 -31.67 -98.86 95.45
C ASN K 750 -31.82 -99.51 94.09
N TRP K 751 -32.97 -99.36 93.44
CA TRP K 751 -33.19 -100.00 92.15
C TRP K 751 -32.33 -99.37 91.06
N TYR K 752 -32.22 -98.04 91.06
CA TYR K 752 -31.44 -97.37 90.02
C TYR K 752 -29.96 -97.62 90.17
N LEU K 753 -29.45 -97.70 91.40
CA LEU K 753 -28.02 -97.87 91.61
C LEU K 753 -27.55 -99.24 91.12
N LYS K 754 -28.35 -100.28 91.33
CA LYS K 754 -27.98 -101.61 90.85
C LYS K 754 -27.99 -101.69 89.33
N GLU K 755 -28.80 -100.86 88.66
CA GLU K 755 -28.82 -100.89 87.21
C GLU K 755 -27.56 -100.26 86.61
N ILE K 756 -27.00 -99.26 87.29
CA ILE K 756 -25.86 -98.54 86.76
C ILE K 756 -24.60 -98.86 87.55
N GLU K 757 -24.59 -100.02 88.21
CA GLU K 757 -23.42 -100.42 88.98
C GLU K 757 -22.27 -100.80 88.06
N SER K 758 -21.10 -100.21 88.31
CA SER K 758 -19.86 -100.51 87.59
C SER K 758 -19.99 -100.24 86.09
N GLU K 759 -20.96 -99.44 85.67
CA GLU K 759 -21.13 -99.13 84.25
C GLU K 759 -20.04 -98.18 83.77
N ILE K 760 -19.52 -97.32 84.65
CA ILE K 760 -18.51 -96.34 84.31
C ILE K 760 -17.16 -96.84 84.80
N ASP K 761 -16.18 -96.89 83.90
CA ASP K 761 -14.83 -97.31 84.28
C ASP K 761 -14.08 -96.11 84.84
N SER K 762 -14.61 -95.57 85.93
CA SER K 762 -14.03 -94.43 86.61
C SER K 762 -14.30 -94.58 88.11
N GLU K 763 -13.27 -95.01 88.85
CA GLU K 763 -13.41 -95.14 90.30
C GLU K 763 -13.59 -93.81 91.00
N GLU K 764 -12.90 -92.76 90.55
CA GLU K 764 -13.05 -91.45 91.16
C GLU K 764 -14.44 -90.88 90.91
N GLU K 765 -14.99 -91.13 89.73
CA GLU K 765 -16.31 -90.61 89.39
C GLU K 765 -17.45 -91.35 90.06
N LEU K 766 -17.18 -92.53 90.63
CA LEU K 766 -18.26 -93.30 91.27
C LEU K 766 -18.77 -92.59 92.51
N ILE K 767 -17.87 -91.98 93.29
CA ILE K 767 -18.28 -91.31 94.52
C ILE K 767 -19.14 -90.09 94.20
N ASN K 768 -19.02 -89.54 92.99
CA ASN K 768 -19.81 -88.37 92.63
C ASN K 768 -21.29 -88.70 92.52
N LYS K 769 -21.61 -89.95 92.14
CA LYS K 769 -23.00 -90.32 91.91
C LYS K 769 -23.80 -90.28 93.21
N LYS K 770 -23.20 -90.70 94.32
CA LYS K 770 -23.92 -90.74 95.59
C LYS K 770 -24.28 -89.33 96.07
N ARG K 771 -23.37 -88.39 95.94
CA ARG K 771 -23.58 -87.05 96.50
C ARG K 771 -24.63 -86.27 95.72
N ILE K 772 -24.65 -86.44 94.40
CA ILE K 772 -25.51 -85.62 93.55
C ILE K 772 -26.99 -85.94 93.82
N ILE K 773 -27.31 -87.23 93.93
CA ILE K 773 -28.70 -87.65 94.03
C ILE K 773 -29.32 -87.23 95.37
N GLU K 774 -28.51 -87.15 96.42
CA GLU K 774 -29.04 -86.88 97.76
C GLU K 774 -29.49 -85.43 97.92
N LYS K 775 -28.78 -84.48 97.31
CA LYS K 775 -29.06 -83.08 97.56
C LYS K 775 -30.33 -82.62 96.85
N VAL K 776 -30.67 -83.25 95.72
CA VAL K 776 -31.84 -82.82 94.96
C VAL K 776 -33.12 -83.18 95.71
N ILE K 777 -33.22 -84.41 96.21
CA ILE K 777 -34.48 -84.88 96.78
C ILE K 777 -34.76 -84.23 98.14
N HIS K 778 -33.72 -83.91 98.90
CA HIS K 778 -33.93 -83.40 100.26
C HIS K 778 -34.49 -81.98 100.27
N ARG K 779 -34.44 -81.29 99.13
CA ARG K 779 -34.84 -79.88 99.09
C ARG K 779 -36.34 -79.70 99.34
N LEU K 780 -37.17 -80.57 98.78
CA LEU K 780 -38.62 -80.34 98.80
C LEU K 780 -39.27 -80.73 100.12
N THR K 781 -38.59 -81.47 101.00
CA THR K 781 -39.22 -81.95 102.23
C THR K 781 -39.36 -80.85 103.27
N HIS K 782 -38.51 -79.83 103.26
CA HIS K 782 -38.58 -78.78 104.26
C HIS K 782 -39.69 -77.77 103.99
N TYR K 783 -40.26 -77.79 102.78
CA TYR K 783 -41.29 -76.84 102.38
C TYR K 783 -42.70 -77.30 102.74
N ASP K 784 -42.83 -78.42 103.44
CA ASP K 784 -44.13 -78.95 103.87
C ASP K 784 -45.05 -79.24 102.68
N HIS K 785 -44.53 -79.95 101.68
CA HIS K 785 -45.27 -80.31 100.47
C HIS K 785 -46.34 -81.36 100.74
N VAL K 786 -46.12 -82.26 101.69
CA VAL K 786 -47.08 -83.29 102.05
C VAL K 786 -47.49 -83.05 103.50
N LEU K 787 -48.79 -82.86 103.72
CA LEU K 787 -49.29 -82.63 105.07
C LEU K 787 -50.70 -83.20 105.22
N LEU L 3 -24.55 24.41 23.50
CA LEU L 3 -23.93 25.22 22.46
C LEU L 3 -23.86 26.68 22.92
N LYS L 4 -23.05 26.92 23.94
CA LYS L 4 -22.92 28.25 24.51
C LYS L 4 -21.52 28.46 25.06
N ASP L 5 -21.15 29.73 25.21
CA ASP L 5 -19.87 30.07 25.83
C ASP L 5 -19.90 29.61 27.28
N TYR L 6 -18.94 28.77 27.65
CA TYR L 6 -18.95 28.20 28.99
C TYR L 6 -18.48 29.20 30.05
N ALA L 7 -17.71 30.22 29.66
CA ALA L 7 -17.29 31.22 30.62
C ALA L 7 -18.49 31.98 31.18
N LEU L 8 -19.44 32.33 30.30
CA LEU L 8 -20.62 33.05 30.77
C LEU L 8 -21.43 32.21 31.75
N GLU L 9 -21.57 30.91 31.47
CA GLU L 9 -22.31 30.04 32.37
C GLU L 9 -21.57 29.85 33.69
N LYS L 10 -20.25 29.73 33.63
CA LYS L 10 -19.49 29.64 34.87
C LYS L 10 -19.67 30.90 35.71
N GLU L 11 -19.64 32.07 35.06
CA GLU L 11 -19.88 33.31 35.80
C GLU L 11 -21.29 33.36 36.38
N LYS L 12 -22.28 32.89 35.61
CA LYS L 12 -23.65 32.91 36.08
C LYS L 12 -23.83 32.02 37.30
N VAL L 13 -23.27 30.81 37.24
CA VAL L 13 -23.38 29.93 38.40
C VAL L 13 -22.60 30.48 39.58
N LYS L 14 -21.47 31.15 39.31
CA LYS L 14 -20.71 31.76 40.40
C LYS L 14 -21.55 32.81 41.11
N LYS L 15 -22.19 33.70 40.34
CA LYS L 15 -23.03 34.73 40.95
C LYS L 15 -24.20 34.09 41.68
N PHE L 16 -24.79 33.06 41.08
CA PHE L 16 -25.96 32.44 41.67
C PHE L 16 -25.61 31.81 43.01
N LEU L 17 -24.44 31.18 43.09
CA LEU L 17 -24.02 30.58 44.34
C LEU L 17 -23.62 31.64 45.37
N GLN L 18 -23.00 32.74 44.92
CA GLN L 18 -22.48 33.70 45.88
C GLN L 18 -23.58 34.54 46.50
N GLU L 19 -24.55 35.00 45.70
CA GLU L 19 -25.55 35.89 46.29
C GLU L 19 -26.98 35.38 46.17
N PHE L 20 -27.22 34.15 46.60
CA PHE L 20 -28.56 33.65 46.87
C PHE L 20 -28.69 33.29 48.34
N TYR L 21 -29.87 33.56 48.91
CA TYR L 21 -30.11 33.19 50.30
C TYR L 21 -31.60 32.89 50.48
N GLN L 22 -31.95 32.51 51.70
CA GLN L 22 -33.33 32.28 52.10
C GLN L 22 -33.51 32.76 53.54
N ASP L 23 -34.76 32.85 53.96
CA ASP L 23 -35.11 33.30 55.30
C ASP L 23 -35.84 32.20 56.07
N ASP L 24 -35.82 30.98 55.54
CA ASP L 24 -36.52 29.89 56.19
C ASP L 24 -35.77 29.40 57.43
N GLU L 25 -34.46 29.67 57.50
CA GLU L 25 -33.62 29.22 58.60
C GLU L 25 -33.89 30.11 59.81
N LEU L 26 -34.87 29.69 60.61
CA LEU L 26 -35.23 30.38 61.86
C LEU L 26 -35.60 31.84 61.61
N GLY L 27 -36.17 32.10 60.43
CA GLY L 27 -36.52 33.46 60.05
C GLY L 27 -35.30 34.36 59.98
N LYS L 28 -34.15 33.77 59.67
CA LYS L 28 -32.89 34.48 59.68
C LYS L 28 -32.12 34.14 58.42
N LYS L 29 -31.65 35.17 57.72
CA LYS L 29 -30.82 34.99 56.53
C LYS L 29 -29.47 34.41 56.94
N GLN L 30 -29.14 33.22 56.41
CA GLN L 30 -27.96 32.50 56.82
C GLN L 30 -27.05 32.09 55.67
N PHE L 31 -27.26 32.63 54.46
CA PHE L 31 -26.41 32.35 53.30
C PHE L 31 -26.33 30.85 53.05
N LYS L 32 -27.47 30.29 52.62
CA LYS L 32 -27.66 28.85 52.57
C LYS L 32 -26.49 28.14 51.89
N TYR L 33 -26.17 28.55 50.68
CA TYR L 33 -25.03 27.94 50.00
C TYR L 33 -23.71 28.46 50.56
N GLY L 34 -23.69 29.66 51.13
CA GLY L 34 -22.44 30.21 51.64
C GLY L 34 -21.84 29.37 52.76
N ASN L 35 -22.68 28.93 53.70
CA ASN L 35 -22.17 28.10 54.79
C ASN L 35 -21.65 26.77 54.26
N GLN L 36 -22.36 26.18 53.29
CA GLN L 36 -21.89 24.93 52.73
C GLN L 36 -20.55 25.11 52.02
N LEU L 37 -20.38 26.21 51.29
CA LEU L 37 -19.10 26.49 50.67
C LEU L 37 -18.01 26.65 51.71
N VAL L 38 -18.32 27.37 52.79
CA VAL L 38 -17.32 27.57 53.85
C VAL L 38 -16.92 26.24 54.45
N ARG L 39 -17.89 25.36 54.69
CA ARG L 39 -17.59 24.05 55.22
C ARG L 39 -16.74 23.24 54.26
N LEU L 40 -17.07 23.29 52.97
CA LEU L 40 -16.31 22.53 51.99
C LEU L 40 -14.86 22.99 51.96
N ALA L 41 -14.65 24.31 52.01
CA ALA L 41 -13.29 24.83 52.02
C ALA L 41 -12.53 24.38 53.26
N HIS L 42 -13.24 24.12 54.36
CA HIS L 42 -12.62 23.72 55.61
C HIS L 42 -12.73 22.23 55.87
N ARG L 43 -13.17 21.45 54.88
CA ARG L 43 -13.31 20.01 55.01
C ARG L 43 -14.23 19.64 56.19
N GLU L 44 -15.30 20.41 56.36
CA GLU L 44 -16.32 20.11 57.35
C GLU L 44 -17.54 19.42 56.76
N GLN L 45 -17.55 19.19 55.45
CA GLN L 45 -18.68 18.59 54.77
C GLN L 45 -18.16 17.90 53.51
N VAL L 46 -18.65 16.71 53.23
CA VAL L 46 -18.14 15.88 52.14
C VAL L 46 -19.01 15.99 50.90
N ALA L 47 -20.33 16.06 51.05
CA ALA L 47 -21.24 16.09 49.93
C ALA L 47 -21.90 17.46 49.82
N LEU L 48 -22.05 17.94 48.59
CA LEU L 48 -22.73 19.19 48.31
C LEU L 48 -23.91 18.94 47.38
N TYR L 49 -25.11 19.27 47.84
CA TYR L 49 -26.33 19.03 47.08
C TYR L 49 -26.85 20.37 46.55
N VAL L 50 -27.17 20.41 45.27
CA VAL L 50 -27.71 21.61 44.63
C VAL L 50 -29.14 21.34 44.23
N ASP L 51 -30.09 21.94 44.93
CA ASP L 51 -31.51 21.79 44.61
C ASP L 51 -31.82 22.66 43.40
N LEU L 52 -32.22 22.03 42.29
CA LEU L 52 -32.51 22.77 41.08
C LEU L 52 -33.71 23.69 41.24
N ASP L 53 -34.52 23.48 42.28
CA ASP L 53 -35.66 24.36 42.50
C ASP L 53 -35.20 25.79 42.78
N ASP L 54 -34.14 25.96 43.57
CA ASP L 54 -33.63 27.29 43.83
C ASP L 54 -33.07 27.92 42.57
N VAL L 55 -32.44 27.11 41.70
CA VAL L 55 -31.95 27.63 40.43
C VAL L 55 -33.11 28.10 39.58
N ALA L 56 -34.21 27.35 39.59
CA ALA L 56 -35.38 27.72 38.80
C ALA L 56 -36.02 29.01 39.28
N GLU L 57 -35.79 29.41 40.52
CA GLU L 57 -36.43 30.61 41.05
C GLU L 57 -35.99 31.87 40.33
N ASP L 58 -34.84 31.83 39.65
CA ASP L 58 -34.40 32.99 38.88
C ASP L 58 -33.72 32.61 37.57
N ASP L 59 -33.73 31.34 37.18
CA ASP L 59 -33.07 30.95 35.94
C ASP L 59 -33.71 29.70 35.36
N PRO L 60 -34.96 29.78 34.90
CA PRO L 60 -35.61 28.57 34.35
C PRO L 60 -34.90 28.02 33.13
N GLU L 61 -34.33 28.90 32.29
CA GLU L 61 -33.64 28.44 31.10
C GLU L 61 -32.37 27.68 31.46
N LEU L 62 -31.68 28.08 32.53
CA LEU L 62 -30.56 27.27 33.00
C LEU L 62 -31.02 25.90 33.44
N VAL L 63 -32.19 25.83 34.09
CA VAL L 63 -32.70 24.54 34.52
C VAL L 63 -32.98 23.64 33.33
N ASP L 64 -33.62 24.20 32.30
CA ASP L 64 -33.91 23.40 31.12
C ASP L 64 -32.62 22.95 30.42
N SER L 65 -31.63 23.84 30.35
CA SER L 65 -30.37 23.47 29.74
C SER L 65 -29.70 22.35 30.52
N ILE L 66 -29.75 22.42 31.86
CA ILE L 66 -29.19 21.36 32.68
C ILE L 66 -29.91 20.05 32.43
N CYS L 67 -31.23 20.10 32.33
CA CYS L 67 -31.99 18.88 32.08
C CYS L 67 -31.62 18.25 30.74
N GLU L 68 -31.39 19.09 29.72
CA GLU L 68 -31.05 18.58 28.40
C GLU L 68 -29.70 17.90 28.36
N ASN L 69 -28.83 18.13 29.33
CA ASN L 69 -27.47 17.61 29.30
C ASN L 69 -26.94 17.63 30.72
N ALA L 70 -26.68 16.45 31.28
CA ALA L 70 -26.42 16.39 32.70
C ALA L 70 -24.94 16.28 33.03
N ARG L 71 -24.20 15.43 32.33
CA ARG L 71 -22.80 15.24 32.69
C ARG L 71 -22.00 16.53 32.52
N ARG L 72 -22.22 17.26 31.44
CA ARG L 72 -21.39 18.42 31.16
C ARG L 72 -21.63 19.51 32.19
N TYR L 73 -22.88 19.82 32.50
CA TYR L 73 -23.14 20.80 33.54
C TYR L 73 -22.70 20.31 34.89
N ALA L 74 -22.74 19.00 35.14
CA ALA L 74 -22.24 18.48 36.40
C ALA L 74 -20.76 18.76 36.57
N LYS L 75 -19.98 18.47 35.53
CA LYS L 75 -18.55 18.75 35.60
C LYS L 75 -18.29 20.25 35.69
N LEU L 76 -19.09 21.06 34.98
CA LEU L 76 -18.91 22.50 35.06
C LEU L 76 -19.15 23.01 36.48
N PHE L 77 -20.20 22.52 37.13
CA PHE L 77 -20.45 22.91 38.51
C PHE L 77 -19.34 22.45 39.42
N ALA L 78 -18.82 21.23 39.19
CA ALA L 78 -17.73 20.74 40.01
C ALA L 78 -16.50 21.64 39.88
N ASP L 79 -16.15 22.02 38.66
CA ASP L 79 -15.02 22.90 38.45
C ASP L 79 -15.26 24.26 39.09
N ALA L 80 -16.49 24.78 38.97
CA ALA L 80 -16.78 26.09 39.55
C ALA L 80 -16.63 26.05 41.07
N VAL L 81 -17.14 25.01 41.70
CA VAL L 81 -16.99 24.88 43.15
C VAL L 81 -15.51 24.77 43.52
N GLN L 82 -14.75 24.01 42.75
CA GLN L 82 -13.31 23.89 43.02
C GLN L 82 -12.62 25.25 42.92
N GLU L 83 -12.97 26.04 41.92
CA GLU L 83 -12.35 27.35 41.76
C GLU L 83 -12.84 28.36 42.78
N LEU L 84 -14.01 28.14 43.37
CA LEU L 84 -14.50 29.08 44.38
C LEU L 84 -14.00 28.77 45.78
N LEU L 85 -13.52 27.54 46.02
CA LEU L 85 -13.06 27.17 47.36
C LEU L 85 -11.82 27.94 47.82
N PRO L 86 -10.74 28.07 47.04
CA PRO L 86 -9.49 28.58 47.61
C PRO L 86 -9.61 29.95 48.23
N GLN L 87 -10.50 30.79 47.73
CA GLN L 87 -10.66 32.13 48.28
C GLN L 87 -11.26 32.10 49.67
N TYR L 88 -11.80 30.97 50.12
CA TYR L 88 -12.38 30.87 51.45
C TYR L 88 -11.44 30.22 52.45
N LYS L 89 -10.25 29.82 52.04
CA LYS L 89 -9.28 29.23 52.95
C LYS L 89 -8.82 30.26 53.97
N GLU L 90 -8.76 29.86 55.24
CA GLU L 90 -8.42 30.78 56.31
C GLU L 90 -7.17 30.40 57.09
N ARG L 91 -6.77 29.13 57.07
CA ARG L 91 -5.67 28.69 57.91
C ARG L 91 -4.98 27.50 57.24
N GLU L 92 -4.17 26.79 58.01
CA GLU L 92 -3.46 25.60 57.55
C GLU L 92 -4.35 24.39 57.76
N VAL L 93 -4.27 23.43 56.81
CA VAL L 93 -5.11 22.24 56.88
C VAL L 93 -4.78 21.45 58.15
N VAL L 94 -5.83 20.96 58.81
CA VAL L 94 -5.68 20.23 60.06
C VAL L 94 -5.47 18.75 59.77
N ASN L 95 -5.24 18.43 58.50
CA ASN L 95 -4.84 17.09 58.07
C ASN L 95 -5.88 16.05 58.48
N LYS L 96 -7.08 16.20 57.92
CA LYS L 96 -8.17 15.29 58.24
C LYS L 96 -7.81 13.85 57.90
N ASP L 97 -7.21 13.62 56.74
CA ASP L 97 -6.87 12.27 56.31
C ASP L 97 -5.62 12.35 55.44
N VAL L 98 -5.21 11.19 54.93
CA VAL L 98 -3.99 11.13 54.13
C VAL L 98 -4.15 11.93 52.85
N LEU L 99 -5.34 11.93 52.27
CA LEU L 99 -5.55 12.64 51.01
C LEU L 99 -5.30 14.14 51.16
N ASP L 100 -5.77 14.73 52.25
CA ASP L 100 -5.50 16.15 52.47
C ASP L 100 -4.00 16.41 52.64
N VAL L 101 -3.31 15.51 53.32
CA VAL L 101 -1.87 15.65 53.48
C VAL L 101 -1.19 15.66 52.13
N TYR L 102 -1.52 14.69 51.28
CA TYR L 102 -0.90 14.61 49.96
C TYR L 102 -1.26 15.84 49.13
N ILE L 103 -2.50 16.29 49.22
CA ILE L 103 -2.93 17.46 48.44
C ILE L 103 -2.15 18.70 48.86
N GLU L 104 -1.98 18.90 50.16
CA GLU L 104 -1.29 20.10 50.59
C GLU L 104 0.19 20.04 50.24
N HIS L 105 0.82 18.86 50.33
CA HIS L 105 2.19 18.76 49.84
C HIS L 105 2.27 19.03 48.35
N ARG L 106 1.31 18.55 47.56
CA ARG L 106 1.37 18.77 46.13
C ARG L 106 1.26 20.26 45.81
N LEU L 107 0.33 20.95 46.45
CA LEU L 107 0.22 22.39 46.21
C LEU L 107 1.48 23.13 46.66
N MET L 108 2.03 22.77 47.82
CA MET L 108 3.23 23.44 48.31
C MET L 108 4.41 23.23 47.36
N MET L 109 4.58 22.01 46.86
CA MET L 109 5.68 21.74 45.95
C MET L 109 5.49 22.41 44.60
N GLU L 110 4.26 22.43 44.07
CA GLU L 110 4.02 23.12 42.81
C GLU L 110 4.29 24.61 42.93
N GLN L 111 3.85 25.23 44.03
CA GLN L 111 4.12 26.64 44.22
C GLN L 111 5.61 26.88 44.48
N ARG L 112 6.29 25.88 45.02
CA ARG L 112 7.72 26.03 45.33
C ARG L 112 8.52 26.30 44.06
N SER L 113 8.06 25.75 42.93
CA SER L 113 8.72 25.94 41.64
C SER L 113 8.20 27.17 40.92
N ARG L 114 7.80 28.20 41.66
CA ARG L 114 7.39 29.47 41.07
C ARG L 114 8.62 30.28 40.65
N ARG L 120 -1.07 28.35 29.78
CA ARG L 120 -1.24 27.10 30.51
C ARG L 120 -0.72 25.91 29.71
N SER L 121 0.27 25.20 30.26
CA SER L 121 0.76 23.99 29.61
C SER L 121 -0.30 22.90 29.66
N PRO L 122 -0.54 22.21 28.54
CA PRO L 122 -1.65 21.24 28.49
C PRO L 122 -1.48 20.03 29.39
N GLN L 123 -0.26 19.58 29.64
CA GLN L 123 -0.02 18.35 30.36
C GLN L 123 0.70 18.56 31.67
N ASN L 124 0.74 19.78 32.18
CA ASN L 124 1.51 20.12 33.36
C ASN L 124 0.60 20.64 34.48
N GLN L 125 -0.54 19.99 34.66
CA GLN L 125 -1.47 20.40 35.69
C GLN L 125 -2.15 19.16 36.25
N TYR L 126 -2.58 19.24 37.50
CA TYR L 126 -3.22 18.12 38.13
C TYR L 126 -4.61 17.92 37.53
N PRO L 127 -5.03 16.67 37.29
CA PRO L 127 -6.38 16.43 36.78
C PRO L 127 -7.42 16.95 37.75
N ALA L 128 -8.51 17.47 37.20
CA ALA L 128 -9.49 18.18 38.02
C ALA L 128 -10.11 17.26 39.06
N GLU L 129 -10.27 15.98 38.74
CA GLU L 129 -10.86 15.07 39.69
C GLU L 129 -9.93 14.67 40.83
N LEU L 130 -8.62 14.88 40.69
CA LEU L 130 -7.69 14.41 41.72
C LEU L 130 -7.68 15.31 42.95
N MET L 131 -7.87 16.61 42.78
CA MET L 131 -7.73 17.56 43.89
C MET L 131 -9.09 18.03 44.39
N ARG L 132 -10.11 17.18 44.31
CA ARG L 132 -11.47 17.59 44.67
C ARG L 132 -11.69 17.60 46.17
N ARG L 133 -11.68 16.42 46.80
CA ARG L 133 -12.11 16.23 48.18
C ARG L 133 -13.53 16.72 48.41
N PHE L 134 -14.31 16.88 47.34
CA PHE L 134 -15.72 17.20 47.50
C PHE L 134 -16.49 16.49 46.40
N GLU L 135 -17.75 16.20 46.68
CA GLU L 135 -18.63 15.53 45.72
C GLU L 135 -19.86 16.39 45.50
N LEU L 136 -20.31 16.45 44.25
CA LEU L 136 -21.44 17.27 43.86
C LEU L 136 -22.53 16.41 43.27
N TYR L 137 -23.77 16.74 43.57
CA TYR L 137 -24.92 16.00 43.07
C TYR L 137 -26.06 16.96 42.81
N PHE L 138 -27.00 16.52 41.97
CA PHE L 138 -28.19 17.30 41.66
C PHE L 138 -29.43 16.62 42.20
N GLN L 139 -30.29 17.37 42.86
CA GLN L 139 -31.60 16.90 43.26
C GLN L 139 -32.60 17.30 42.17
N GLY L 140 -33.37 16.32 41.70
CA GLY L 140 -34.29 16.56 40.62
C GLY L 140 -35.26 17.68 40.92
N PRO L 141 -35.40 18.60 39.98
CA PRO L 141 -36.37 19.67 40.15
C PRO L 141 -37.78 19.12 40.20
N SER L 142 -38.63 19.80 40.99
CA SER L 142 -39.99 19.33 41.18
C SER L 142 -40.80 19.35 39.90
N SER L 143 -40.39 20.14 38.91
CA SER L 143 -41.14 20.25 37.67
C SER L 143 -41.22 18.92 36.94
N ASN L 144 -40.13 18.16 36.91
CA ASN L 144 -40.10 16.90 36.17
C ASN L 144 -40.91 15.87 36.94
N LYS L 145 -42.01 15.42 36.35
CA LYS L 145 -42.81 14.38 36.96
C LYS L 145 -42.04 13.06 36.97
N PRO L 146 -42.25 12.21 37.97
CA PRO L 146 -41.57 10.92 38.00
C PRO L 146 -41.95 10.08 36.79
N ARG L 147 -41.00 9.30 36.29
CA ARG L 147 -41.21 8.50 35.11
C ARG L 147 -41.14 7.02 35.47
N VAL L 148 -41.88 6.23 34.71
CA VAL L 148 -41.96 4.78 34.92
C VAL L 148 -40.79 4.13 34.19
N ILE L 149 -40.23 3.07 34.78
CA ILE L 149 -38.98 2.51 34.27
C ILE L 149 -39.15 2.01 32.84
N ARG L 150 -40.33 1.49 32.52
CA ARG L 150 -40.56 1.01 31.16
C ARG L 150 -40.47 2.15 30.15
N GLU L 151 -40.77 3.37 30.56
CA GLU L 151 -40.75 4.51 29.66
C GLU L 151 -39.38 5.13 29.48
N VAL L 152 -38.37 4.67 30.22
CA VAL L 152 -37.00 5.14 30.02
C VAL L 152 -36.40 4.28 28.91
N ARG L 153 -36.20 4.87 27.74
CA ARG L 153 -35.64 4.16 26.61
C ARG L 153 -34.39 4.89 26.13
N ALA L 154 -33.89 4.52 24.96
CA ALA L 154 -32.70 5.19 24.43
C ALA L 154 -32.95 6.66 24.17
N ASP L 155 -34.20 7.08 24.02
CA ASP L 155 -34.48 8.46 23.66
C ASP L 155 -34.23 9.43 24.80
N SER L 156 -34.14 8.94 26.03
CA SER L 156 -33.90 9.79 27.19
C SER L 156 -32.47 9.68 27.71
N VAL L 157 -31.58 9.05 26.95
CA VAL L 157 -30.19 8.92 27.36
C VAL L 157 -29.60 10.31 27.53
N GLY L 158 -28.90 10.52 28.63
CA GLY L 158 -28.27 11.79 28.89
C GLY L 158 -29.18 12.82 29.50
N LYS L 159 -30.41 12.46 29.85
CA LYS L 159 -31.35 13.37 30.45
C LYS L 159 -31.51 13.03 31.93
N LEU L 160 -31.53 14.06 32.77
CA LEU L 160 -31.76 13.88 34.19
C LEU L 160 -33.19 13.40 34.39
N VAL L 161 -33.35 12.19 34.89
CA VAL L 161 -34.66 11.59 35.07
C VAL L 161 -34.78 11.11 36.51
N THR L 162 -36.01 10.82 36.91
CA THR L 162 -36.30 10.26 38.22
C THR L 162 -37.27 9.10 38.06
N VAL L 163 -36.91 7.94 38.61
CA VAL L 163 -37.72 6.73 38.52
C VAL L 163 -37.83 6.11 39.91
N ARG L 164 -38.92 5.36 40.10
CA ARG L 164 -39.20 4.72 41.38
C ARG L 164 -39.24 3.21 41.22
N GLY L 165 -38.95 2.52 42.30
CA GLY L 165 -38.90 1.07 42.25
C GLY L 165 -38.52 0.48 43.60
N ILE L 166 -38.24 -0.82 43.59
CA ILE L 166 -37.91 -1.56 44.79
C ILE L 166 -36.55 -2.22 44.61
N VAL L 167 -35.72 -2.16 45.65
CA VAL L 167 -34.36 -2.67 45.57
C VAL L 167 -34.38 -4.19 45.63
N THR L 168 -33.77 -4.83 44.64
CA THR L 168 -33.81 -6.28 44.52
C THR L 168 -32.46 -6.96 44.59
N ARG L 169 -31.35 -6.25 44.38
CA ARG L 169 -30.04 -6.89 44.43
C ARG L 169 -28.99 -5.82 44.74
N VAL L 170 -28.54 -5.78 45.98
CA VAL L 170 -27.57 -4.77 46.41
C VAL L 170 -26.30 -5.46 46.88
N SER L 171 -25.16 -5.00 46.37
CA SER L 171 -23.88 -5.55 46.79
C SER L 171 -23.38 -4.77 48.00
N GLU L 172 -22.25 -5.18 48.56
CA GLU L 172 -21.72 -4.51 49.73
C GLU L 172 -20.77 -3.39 49.31
N VAL L 173 -20.57 -2.44 50.22
CA VAL L 173 -19.77 -1.27 49.91
C VAL L 173 -18.33 -1.67 49.64
N LYS L 174 -17.80 -1.23 48.51
CA LYS L 174 -16.42 -1.49 48.14
C LYS L 174 -15.81 -0.22 47.58
N PRO L 175 -14.48 -0.10 47.63
CA PRO L 175 -13.81 1.09 47.07
C PRO L 175 -13.64 0.99 45.56
N LYS L 176 -13.85 2.11 44.88
CA LYS L 176 -13.64 2.24 43.44
C LYS L 176 -12.66 3.38 43.18
N MET L 177 -11.79 3.21 42.20
CA MET L 177 -10.68 4.12 42.00
C MET L 177 -10.98 5.15 40.93
N VAL L 178 -10.75 6.42 41.26
CA VAL L 178 -10.93 7.53 40.34
C VAL L 178 -9.63 7.90 39.65
N VAL L 179 -8.61 8.26 40.42
CA VAL L 179 -7.29 8.59 39.88
C VAL L 179 -6.29 7.60 40.42
N ALA L 180 -5.53 6.97 39.52
CA ALA L 180 -4.50 6.01 39.90
C ALA L 180 -3.15 6.71 39.94
N THR L 181 -2.38 6.46 41.00
CA THR L 181 -1.12 7.14 41.22
C THR L 181 0.03 6.23 40.80
N TYR L 182 0.89 6.75 39.93
CA TYR L 182 2.08 6.03 39.49
C TYR L 182 3.34 6.83 39.80
N THR L 183 4.35 6.13 40.32
CA THR L 183 5.66 6.70 40.58
C THR L 183 6.73 5.84 39.94
N CYS L 184 7.71 6.50 39.35
CA CYS L 184 8.87 5.85 38.76
C CYS L 184 10.09 6.07 39.64
N ASP L 185 11.09 5.22 39.45
CA ASP L 185 12.30 5.26 40.26
C ASP L 185 13.36 6.17 39.67
N GLN L 186 13.10 6.79 38.52
CA GLN L 186 14.11 7.60 37.87
C GLN L 186 13.60 9.03 37.75
N CYS L 187 12.29 9.19 37.55
CA CYS L 187 11.69 10.50 37.37
C CYS L 187 11.50 11.26 38.67
N GLY L 188 11.01 10.61 39.72
CA GLY L 188 10.74 11.28 40.96
C GLY L 188 9.45 12.08 40.97
N ALA L 189 8.72 12.11 39.86
CA ALA L 189 7.47 12.85 39.76
C ALA L 189 6.28 11.91 39.97
N GLU L 190 5.09 12.45 39.80
CA GLU L 190 3.87 11.68 39.94
C GLU L 190 3.13 11.65 38.60
N THR L 191 2.73 10.45 38.20
CA THR L 191 1.95 10.23 36.98
C THR L 191 0.52 9.94 37.35
N TYR L 192 -0.42 10.65 36.72
CA TYR L 192 -1.84 10.48 37.02
C TYR L 192 -2.59 9.92 35.82
N GLN L 193 -3.39 8.89 36.06
CA GLN L 193 -4.24 8.24 35.06
C GLN L 193 -5.67 8.19 35.57
N PRO L 194 -6.49 9.18 35.24
CA PRO L 194 -7.90 9.12 35.63
C PRO L 194 -8.56 7.89 35.04
N ILE L 195 -9.46 7.29 35.82
CA ILE L 195 -10.17 6.08 35.43
C ILE L 195 -11.65 6.37 35.45
N GLN L 196 -12.32 6.16 34.32
CA GLN L 196 -13.77 6.31 34.24
C GLN L 196 -14.50 5.02 33.97
N SER L 197 -14.00 4.20 33.04
CA SER L 197 -14.62 2.91 32.78
C SER L 197 -14.39 1.98 33.96
N PRO L 198 -15.23 0.95 34.12
CA PRO L 198 -14.96 -0.05 35.16
C PRO L 198 -13.70 -0.86 34.91
N THR L 199 -13.12 -0.81 33.72
CA THR L 199 -11.85 -1.48 33.44
C THR L 199 -10.82 -0.48 32.98
N PHE L 200 -9.56 -0.71 33.36
CA PHE L 200 -8.47 0.16 32.93
C PHE L 200 -7.21 -0.67 32.82
N MET L 201 -6.25 -0.15 32.07
CA MET L 201 -5.01 -0.86 31.76
C MET L 201 -3.86 -0.22 32.52
N PRO L 202 -3.16 -0.95 33.38
CA PRO L 202 -2.05 -0.34 34.13
C PRO L 202 -0.96 0.15 33.19
N LEU L 203 -0.34 1.25 33.58
CA LEU L 203 0.70 1.85 32.74
C LEU L 203 1.98 1.04 32.81
N ILE L 204 2.86 1.27 31.84
CA ILE L 204 4.16 0.61 31.80
C ILE L 204 5.27 1.65 31.66
N MET L 205 5.21 2.44 30.60
CA MET L 205 6.24 3.44 30.32
C MET L 205 5.82 4.77 30.92
N CYS L 206 6.66 5.33 31.77
CA CYS L 206 6.22 6.57 32.41
C CYS L 206 6.23 7.72 31.41
N PRO L 207 5.29 8.63 31.52
CA PRO L 207 5.23 9.76 30.60
C PRO L 207 5.98 10.96 31.15
N SER L 208 6.83 10.73 32.14
CA SER L 208 7.55 11.82 32.76
C SER L 208 8.40 12.58 31.74
N GLN L 209 8.45 13.90 31.89
CA GLN L 209 9.20 14.72 30.95
C GLN L 209 10.67 14.33 30.93
N GLU L 210 11.21 13.97 32.08
CA GLU L 210 12.62 13.59 32.14
C GLU L 210 12.89 12.39 31.27
N CYS L 211 12.03 11.37 31.32
CA CYS L 211 12.21 10.20 30.48
C CYS L 211 11.86 10.49 29.03
N GLN L 212 11.02 11.49 28.78
CA GLN L 212 10.75 11.88 27.40
C GLN L 212 12.04 12.21 26.66
N THR L 213 12.96 12.88 27.34
CA THR L 213 14.26 13.15 26.74
C THR L 213 15.11 11.90 26.63
N ASN L 214 15.13 11.06 27.67
CA ASN L 214 16.07 9.96 27.73
C ASN L 214 15.61 8.70 27.03
N ARG L 215 14.31 8.56 26.77
CA ARG L 215 13.74 7.33 26.18
C ARG L 215 14.25 6.09 26.93
N SER L 216 14.37 6.21 28.25
CA SER L 216 14.92 5.14 29.06
C SER L 216 13.86 4.05 29.28
N GLY L 217 14.19 3.05 30.09
CA GLY L 217 13.22 2.02 30.41
C GLY L 217 12.02 2.57 31.14
N GLY L 218 12.26 3.38 32.17
CA GLY L 218 11.18 4.03 32.88
C GLY L 218 10.14 3.09 33.46
N ARG L 219 10.58 2.00 34.07
CA ARG L 219 9.65 1.03 34.63
C ARG L 219 8.95 1.63 35.85
N LEU L 220 7.63 1.66 35.82
CA LEU L 220 6.84 2.32 36.85
C LEU L 220 6.08 1.28 37.68
N TYR L 221 5.85 1.63 38.94
CA TYR L 221 5.16 0.75 39.87
C TYR L 221 3.90 1.45 40.39
N LEU L 222 2.76 0.81 40.22
CA LEU L 222 1.50 1.36 40.70
C LEU L 222 1.50 1.41 42.22
N GLN L 223 0.91 2.47 42.78
CA GLN L 223 0.83 2.63 44.22
C GLN L 223 -0.60 3.02 44.59
N THR L 224 -0.98 2.72 45.83
CA THR L 224 -2.29 3.05 46.35
C THR L 224 -2.24 4.10 47.44
N ARG L 225 -1.10 4.76 47.62
CA ARG L 225 -0.97 5.74 48.70
C ARG L 225 -1.84 6.96 48.47
N GLY L 226 -1.49 7.76 47.48
CA GLY L 226 -2.14 9.02 47.21
C GLY L 226 -3.26 8.94 46.22
N SER L 227 -3.61 7.75 45.76
CA SER L 227 -4.73 7.61 44.84
C SER L 227 -6.00 8.09 45.52
N ARG L 228 -6.89 8.65 44.71
CA ARG L 228 -8.22 9.00 45.18
C ARG L 228 -9.12 7.77 45.12
N PHE L 229 -9.84 7.51 46.20
CA PHE L 229 -10.85 6.48 46.24
C PHE L 229 -12.21 7.08 46.59
N ILE L 230 -13.25 6.52 45.99
CA ILE L 230 -14.63 6.89 46.30
C ILE L 230 -15.43 5.62 46.48
N LYS L 231 -16.52 5.72 47.24
CA LYS L 231 -17.36 4.58 47.52
C LYS L 231 -18.19 4.20 46.30
N PHE L 232 -18.53 2.92 46.19
CA PHE L 232 -19.25 2.42 45.02
C PHE L 232 -20.18 1.30 45.44
N GLN L 233 -21.30 1.19 44.74
CA GLN L 233 -22.29 0.15 45.02
C GLN L 233 -22.97 -0.24 43.72
N GLU L 234 -23.51 -1.45 43.71
CA GLU L 234 -24.33 -1.95 42.61
C GLU L 234 -25.69 -2.34 43.15
N MET L 235 -26.75 -1.77 42.58
CA MET L 235 -28.10 -2.09 43.00
C MET L 235 -28.98 -2.26 41.77
N LYS L 236 -29.88 -3.24 41.81
CA LYS L 236 -30.87 -3.46 40.78
C LYS L 236 -32.23 -3.07 41.31
N MET L 237 -32.99 -2.33 40.52
CA MET L 237 -34.29 -1.80 40.94
C MET L 237 -35.35 -2.25 39.95
N GLN L 238 -36.51 -2.64 40.47
CA GLN L 238 -37.60 -3.21 39.70
C GLN L 238 -38.85 -2.36 39.89
N GLU L 239 -39.71 -2.36 38.88
CA GLU L 239 -40.86 -1.47 38.87
C GLU L 239 -41.81 -1.75 40.04
N HIS L 240 -42.49 -0.70 40.50
CA HIS L 240 -43.52 -0.88 41.51
C HIS L 240 -44.65 -1.72 40.95
N SER L 241 -45.07 -2.72 41.71
CA SER L 241 -46.08 -3.65 41.21
C SER L 241 -47.43 -2.99 41.03
N ASP L 242 -47.70 -1.88 41.74
CA ASP L 242 -48.98 -1.23 41.66
C ASP L 242 -49.24 -0.59 40.30
N GLN L 243 -48.20 -0.18 39.58
CA GLN L 243 -48.36 0.50 38.32
C GLN L 243 -48.01 -0.38 37.12
N VAL L 244 -47.42 -1.54 37.36
CA VAL L 244 -47.16 -2.45 36.23
C VAL L 244 -48.49 -2.98 35.71
N PRO L 245 -48.72 -2.95 34.40
CA PRO L 245 -49.98 -3.50 33.85
C PRO L 245 -50.09 -5.00 34.10
N VAL L 246 -51.33 -5.47 34.16
CA VAL L 246 -51.57 -6.89 34.42
C VAL L 246 -51.03 -7.74 33.28
N GLY L 247 -50.95 -7.18 32.08
CA GLY L 247 -50.49 -7.92 30.93
C GLY L 247 -49.00 -7.74 30.69
N ASN L 248 -48.29 -7.29 31.71
CA ASN L 248 -46.86 -7.05 31.62
C ASN L 248 -46.15 -7.78 32.75
N ILE L 249 -44.83 -7.62 32.79
CA ILE L 249 -44.05 -8.02 33.96
C ILE L 249 -43.14 -6.86 34.35
N PRO L 250 -42.77 -6.72 35.61
CA PRO L 250 -41.86 -5.64 35.98
C PRO L 250 -40.49 -5.84 35.36
N ARG L 251 -39.83 -4.74 35.05
CA ARG L 251 -38.51 -4.77 34.45
C ARG L 251 -37.47 -4.23 35.42
N SER L 252 -36.23 -4.68 35.26
CA SER L 252 -35.14 -4.30 36.15
C SER L 252 -34.14 -3.44 35.41
N ILE L 253 -33.71 -2.34 36.04
CA ILE L 253 -32.74 -1.43 35.46
C ILE L 253 -31.63 -1.17 36.49
N THR L 254 -30.40 -1.11 36.01
CA THR L 254 -29.25 -1.07 36.91
C THR L 254 -28.96 0.35 37.36
N VAL L 255 -28.68 0.50 38.66
CA VAL L 255 -28.40 1.80 39.26
C VAL L 255 -27.08 1.71 40.01
N LEU L 256 -26.19 2.67 39.76
CA LEU L 256 -24.90 2.76 40.43
C LEU L 256 -24.89 4.01 41.28
N VAL L 257 -24.54 3.86 42.55
CA VAL L 257 -24.55 4.93 43.52
C VAL L 257 -23.14 5.08 44.07
N GLU L 258 -22.66 6.31 44.18
CA GLU L 258 -21.30 6.56 44.64
C GLU L 258 -21.28 7.65 45.68
N GLY L 259 -20.26 7.60 46.54
CA GLY L 259 -20.04 8.70 47.47
C GLY L 259 -20.88 8.59 48.74
N GLU L 260 -21.17 9.76 49.32
CA GLU L 260 -21.98 9.82 50.52
C GLU L 260 -23.38 9.26 50.30
N ASN L 261 -23.82 9.14 49.06
CA ASN L 261 -25.16 8.66 48.77
C ASN L 261 -25.32 7.16 49.00
N THR L 262 -24.22 6.45 49.25
CA THR L 262 -24.30 5.01 49.45
C THR L 262 -24.80 4.69 50.86
N ARG L 263 -24.91 3.38 51.14
CA ARG L 263 -25.30 2.88 52.45
C ARG L 263 -26.66 3.40 52.90
N ILE L 264 -27.55 3.70 51.95
CA ILE L 264 -28.88 4.18 52.26
C ILE L 264 -29.95 3.20 51.81
N ALA L 265 -29.80 2.62 50.63
CA ALA L 265 -30.75 1.63 50.17
C ALA L 265 -30.62 0.35 50.97
N GLN L 266 -31.76 -0.24 51.29
CA GLN L 266 -31.84 -1.59 51.82
C GLN L 266 -32.74 -2.42 50.93
N PRO L 267 -32.54 -3.72 50.86
CA PRO L 267 -33.38 -4.55 49.99
C PRO L 267 -34.84 -4.45 50.39
N GLY L 268 -35.71 -4.41 49.38
CA GLY L 268 -37.13 -4.35 49.66
C GLY L 268 -37.66 -2.97 49.99
N ASP L 269 -36.83 -1.94 49.95
CA ASP L 269 -37.29 -0.60 50.29
C ASP L 269 -37.60 0.20 49.05
N HIS L 270 -38.69 0.96 49.12
CA HIS L 270 -39.06 1.90 48.07
C HIS L 270 -38.09 3.07 48.11
N VAL L 271 -37.44 3.33 46.99
CA VAL L 271 -36.51 4.46 46.91
C VAL L 271 -36.86 5.30 45.69
N SER L 272 -36.48 6.57 45.75
CA SER L 272 -36.55 7.47 44.62
C SER L 272 -35.13 7.80 44.18
N VAL L 273 -34.84 7.62 42.89
CA VAL L 273 -33.50 7.76 42.35
C VAL L 273 -33.52 8.87 41.31
N THR L 274 -32.49 9.71 41.33
CA THR L 274 -32.30 10.74 40.31
C THR L 274 -30.84 10.74 39.86
N GLY L 275 -30.62 10.69 38.55
CA GLY L 275 -29.26 10.65 38.04
C GLY L 275 -29.19 10.85 36.54
N ILE L 276 -28.01 10.61 36.01
CA ILE L 276 -27.69 10.76 34.60
C ILE L 276 -27.73 9.39 33.93
N PHE L 277 -28.42 9.31 32.81
CA PHE L 277 -28.63 8.04 32.12
C PHE L 277 -27.51 7.89 31.11
N LEU L 278 -26.57 7.00 31.38
CA LEU L 278 -25.37 6.93 30.56
C LEU L 278 -25.11 5.50 30.11
N PRO L 279 -24.46 5.31 28.97
CA PRO L 279 -24.13 3.96 28.51
C PRO L 279 -22.77 3.50 28.98
N ILE L 280 -22.63 2.19 29.13
CA ILE L 280 -21.37 1.55 29.48
C ILE L 280 -20.93 0.66 28.33
N LEU L 281 -19.69 0.85 27.89
CA LEU L 281 -19.09 -0.10 26.96
C LEU L 281 -18.41 -1.21 27.74
N ARG L 282 -18.31 -2.38 27.12
CA ARG L 282 -17.64 -3.55 27.70
C ARG L 282 -16.40 -3.93 26.93
N THR L 283 -15.72 -2.94 26.34
CA THR L 283 -14.51 -3.15 25.55
C THR L 283 -14.69 -4.20 24.45
N GLN L 290 -20.62 -6.83 15.50
CA GLN L 290 -21.95 -6.88 14.87
C GLN L 290 -22.72 -5.58 15.14
N GLY L 291 -21.98 -4.51 15.38
CA GLY L 291 -22.56 -3.21 15.66
C GLY L 291 -21.98 -2.60 16.91
N LEU L 292 -22.60 -1.49 17.33
CA LEU L 292 -22.18 -0.74 18.51
C LEU L 292 -23.16 -1.04 19.63
N LEU L 293 -22.78 -1.98 20.50
CA LEU L 293 -23.61 -2.38 21.62
C LEU L 293 -23.22 -1.62 22.88
N SER L 294 -24.22 -1.31 23.71
CA SER L 294 -23.96 -0.71 25.00
C SER L 294 -25.14 -0.97 25.92
N GLU L 295 -24.87 -0.97 27.22
CA GLU L 295 -25.89 -1.15 28.24
C GLU L 295 -26.33 0.21 28.76
N THR L 296 -27.13 0.21 29.82
CA THR L 296 -27.57 1.45 30.45
C THR L 296 -27.48 1.31 31.96
N TYR L 297 -27.26 2.44 32.63
CA TYR L 297 -27.26 2.46 34.08
C TYR L 297 -27.71 3.84 34.53
N LEU L 298 -27.83 4.01 35.84
CA LEU L 298 -28.25 5.28 36.42
C LEU L 298 -27.31 5.65 37.55
N GLU L 299 -26.56 6.74 37.35
CA GLU L 299 -25.64 7.24 38.37
C GLU L 299 -26.43 8.13 39.31
N ALA L 300 -26.89 7.56 40.41
CA ALA L 300 -27.81 8.25 41.30
C ALA L 300 -27.15 9.50 41.87
N HIS L 301 -27.98 10.46 42.24
CA HIS L 301 -27.46 11.68 42.84
C HIS L 301 -28.12 11.95 44.18
N ARG L 302 -29.33 11.42 44.38
CA ARG L 302 -30.04 11.67 45.64
C ARG L 302 -31.06 10.57 45.84
N ILE L 303 -31.11 10.01 47.04
CA ILE L 303 -32.17 9.09 47.44
C ILE L 303 -32.90 9.74 48.61
N VAL L 304 -34.22 9.86 48.49
CA VAL L 304 -35.00 10.83 49.26
C VAL L 304 -35.99 10.09 50.15
N LYS L 305 -36.02 10.47 51.43
CA LYS L 305 -37.07 10.05 52.34
C LYS L 305 -38.15 11.14 52.43
N MET L 306 -39.12 10.93 53.32
CA MET L 306 -40.19 11.90 53.52
C MET L 306 -39.68 13.05 54.40
N ASN L 307 -40.28 14.24 54.26
CA ASN L 307 -39.93 15.37 55.10
C ASN L 307 -41.04 15.73 56.07
N LYS L 308 -42.30 15.60 55.64
CA LYS L 308 -43.44 16.02 56.44
C LYS L 308 -43.81 15.04 57.54
N SER L 309 -43.24 13.84 57.53
CA SER L 309 -43.59 12.82 58.51
C SER L 309 -42.95 13.05 59.87
N GLU L 310 -41.95 13.94 59.95
CA GLU L 310 -41.29 14.21 61.23
C GLU L 310 -42.17 15.09 62.10
N ASP L 311 -42.23 14.75 63.39
CA ASP L 311 -43.00 15.52 64.35
C ASP L 311 -42.45 15.32 65.76
N THR L 320 -65.43 15.27 55.55
CA THR L 320 -65.84 14.20 56.45
C THR L 320 -67.24 14.43 56.98
N ARG L 321 -67.99 15.31 56.33
CA ARG L 321 -69.34 15.60 56.76
C ARG L 321 -70.27 14.44 56.42
N GLU L 322 -71.35 14.33 57.20
CA GLU L 322 -72.32 13.25 57.01
C GLU L 322 -73.33 13.54 55.91
N GLU L 323 -73.36 14.76 55.38
CA GLU L 323 -74.32 15.11 54.34
C GLU L 323 -73.84 14.73 52.93
N LEU L 324 -72.57 14.36 52.78
CA LEU L 324 -72.01 14.04 51.47
C LEU L 324 -72.08 12.56 51.12
N ARG L 325 -71.61 11.69 52.00
CA ARG L 325 -71.59 10.25 51.74
C ARG L 325 -71.99 9.48 53.01
N GLN L 326 -72.30 8.20 52.82
CA GLN L 326 -72.59 7.26 53.91
C GLN L 326 -71.75 6.02 53.65
N ILE L 327 -70.52 6.01 54.17
CA ILE L 327 -69.59 4.94 53.89
C ILE L 327 -69.18 4.23 55.17
N ALA L 328 -68.74 5.01 56.15
CA ALA L 328 -68.19 4.45 57.39
C ALA L 328 -69.26 3.92 58.34
N GLU L 329 -70.51 4.36 58.19
CA GLU L 329 -71.56 3.83 59.06
C GLU L 329 -71.93 2.41 58.66
N GLU L 330 -71.69 2.05 57.40
CA GLU L 330 -72.04 0.73 56.89
C GLU L 330 -70.86 -0.21 57.04
N ASP L 331 -71.15 -1.45 57.43
CA ASP L 331 -70.12 -2.47 57.62
C ASP L 331 -69.39 -2.72 56.31
N PHE L 332 -68.07 -2.83 56.39
CA PHE L 332 -67.27 -3.10 55.20
C PHE L 332 -67.42 -4.55 54.77
N TYR L 333 -67.86 -5.42 55.69
CA TYR L 333 -68.07 -6.83 55.34
C TYR L 333 -69.13 -7.00 54.27
N GLU L 334 -70.09 -6.07 54.19
CA GLU L 334 -71.11 -6.10 53.15
C GLU L 334 -70.74 -5.26 51.94
N LYS L 335 -69.95 -4.20 52.13
CA LYS L 335 -69.60 -3.28 51.06
C LYS L 335 -68.26 -3.59 50.42
N LEU L 336 -67.20 -3.68 51.24
CA LEU L 336 -65.88 -3.95 50.69
C LEU L 336 -65.81 -5.33 50.05
N ALA L 337 -66.39 -6.35 50.69
CA ALA L 337 -66.34 -7.69 50.15
C ALA L 337 -67.10 -7.79 48.84
N ALA L 338 -68.20 -7.05 48.71
CA ALA L 338 -69.12 -7.24 47.59
C ALA L 338 -68.56 -6.82 46.24
N SER L 339 -67.46 -6.07 46.21
CA SER L 339 -66.84 -5.66 44.95
C SER L 339 -65.39 -6.12 44.83
N ILE L 340 -64.99 -7.15 45.58
CA ILE L 340 -63.64 -7.70 45.52
C ILE L 340 -63.73 -9.18 45.17
N ALA L 341 -63.06 -9.57 44.09
CA ALA L 341 -63.03 -10.94 43.60
C ALA L 341 -64.45 -11.45 43.36
N PRO L 342 -65.17 -10.90 42.37
CA PRO L 342 -66.56 -11.34 42.17
C PRO L 342 -66.65 -12.68 41.46
N GLU L 343 -65.64 -13.07 40.69
CA GLU L 343 -65.71 -14.33 39.96
C GLU L 343 -65.64 -15.54 40.88
N ILE L 344 -65.26 -15.33 42.15
CA ILE L 344 -65.13 -16.45 43.08
C ILE L 344 -66.48 -17.11 43.28
N TYR L 345 -66.49 -18.44 43.27
CA TYR L 345 -67.73 -19.21 43.23
C TYR L 345 -68.40 -19.25 44.60
N GLY L 346 -68.52 -18.10 45.26
CA GLY L 346 -69.09 -18.06 46.59
C GLY L 346 -68.04 -18.14 47.69
N HIS L 347 -68.32 -18.94 48.72
CA HIS L 347 -67.40 -19.11 49.85
C HIS L 347 -67.05 -17.77 50.49
N GLU L 348 -68.06 -16.91 50.61
CA GLU L 348 -67.84 -15.58 51.16
C GLU L 348 -67.34 -15.62 52.60
N ASP L 349 -67.76 -16.61 53.38
CA ASP L 349 -67.28 -16.71 54.76
C ASP L 349 -65.77 -16.87 54.80
N VAL L 350 -65.24 -17.72 53.91
CA VAL L 350 -63.78 -17.85 53.80
C VAL L 350 -63.19 -16.51 53.36
N LYS L 351 -63.88 -15.83 52.44
CA LYS L 351 -63.36 -14.57 51.93
C LYS L 351 -63.19 -13.54 53.03
N LYS L 352 -63.98 -13.65 54.11
CA LYS L 352 -63.91 -12.67 55.18
C LYS L 352 -62.51 -12.61 55.77
N ALA L 353 -61.86 -13.77 55.94
CA ALA L 353 -60.50 -13.77 56.45
C ALA L 353 -59.57 -13.01 55.52
N LEU L 354 -59.80 -13.07 54.22
CA LEU L 354 -58.99 -12.31 53.29
C LEU L 354 -59.11 -10.82 53.57
N LEU L 355 -60.30 -10.38 53.97
CA LEU L 355 -60.46 -8.99 54.39
C LEU L 355 -59.55 -8.68 55.58
N LEU L 356 -59.45 -9.59 56.54
CA LEU L 356 -58.48 -9.44 57.60
C LEU L 356 -57.08 -9.43 57.02
N LEU L 357 -56.81 -10.31 56.06
CA LEU L 357 -55.51 -10.35 55.41
C LEU L 357 -55.26 -9.07 54.64
N LEU L 358 -56.28 -8.54 53.97
CA LEU L 358 -56.14 -7.27 53.29
C LEU L 358 -55.79 -6.15 54.27
N VAL L 359 -56.21 -6.28 55.52
CA VAL L 359 -55.90 -5.26 56.52
C VAL L 359 -54.48 -5.43 57.05
N GLY L 360 -54.12 -6.64 57.45
CA GLY L 360 -52.76 -6.87 57.90
C GLY L 360 -52.45 -6.20 59.22
N GLY L 361 -51.16 -6.05 59.47
CA GLY L 361 -50.69 -5.45 60.71
C GLY L 361 -49.74 -4.29 60.46
N VAL L 362 -50.00 -3.52 59.40
CA VAL L 362 -49.18 -2.35 59.10
C VAL L 362 -49.29 -1.33 60.23
N ASP L 363 -50.51 -1.07 60.69
CA ASP L 363 -50.73 -0.15 61.80
C ASP L 363 -50.34 -0.86 63.10
N GLN L 364 -49.09 -0.69 63.51
CA GLN L 364 -48.58 -1.31 64.73
C GLN L 364 -48.06 -0.24 65.69
N SER L 365 -48.13 -0.55 66.98
CA SER L 365 -47.53 0.32 67.98
C SER L 365 -46.01 0.22 67.93
N PRO L 366 -45.32 1.35 68.09
CA PRO L 366 -43.85 1.32 68.00
C PRO L 366 -43.19 0.80 69.27
N ARG L 367 -43.43 -0.47 69.58
CA ARG L 367 -42.86 -1.09 70.78
C ARG L 367 -42.19 -2.42 70.47
N GLY L 368 -41.85 -2.69 69.22
CA GLY L 368 -41.20 -3.93 68.84
C GLY L 368 -42.11 -5.10 68.57
N MET L 369 -43.42 -4.87 68.44
CA MET L 369 -44.36 -5.93 68.07
C MET L 369 -44.46 -6.04 66.55
N LYS L 370 -43.40 -6.61 65.96
CA LYS L 370 -43.37 -6.82 64.52
C LYS L 370 -44.20 -8.03 64.09
N ILE L 371 -44.64 -8.86 65.03
CA ILE L 371 -45.42 -10.05 64.70
C ILE L 371 -46.85 -9.70 64.31
N ARG L 372 -47.28 -8.46 64.50
CA ARG L 372 -48.63 -8.07 64.12
C ARG L 372 -48.87 -8.22 62.62
N GLY L 373 -47.86 -7.91 61.80
CA GLY L 373 -47.99 -8.09 60.37
C GLY L 373 -47.67 -9.48 59.87
N ASN L 374 -47.35 -10.42 60.77
CA ASN L 374 -47.02 -11.78 60.41
C ASN L 374 -48.26 -12.66 60.62
N ILE L 375 -49.06 -12.81 59.56
CA ILE L 375 -50.27 -13.62 59.62
C ILE L 375 -50.09 -14.84 58.72
N ASN L 376 -49.78 -15.99 59.33
CA ASN L 376 -49.41 -17.19 58.57
C ASN L 376 -50.66 -18.02 58.35
N ILE L 377 -51.42 -17.64 57.34
CA ILE L 377 -52.68 -18.30 57.01
C ILE L 377 -52.41 -19.48 56.11
N CYS L 378 -53.12 -20.58 56.37
CA CYS L 378 -52.93 -21.84 55.64
C CYS L 378 -54.25 -22.34 55.10
N LEU L 379 -54.22 -22.84 53.87
CA LEU L 379 -55.36 -23.48 53.23
C LEU L 379 -54.96 -24.83 52.69
N MET L 380 -55.78 -25.85 52.94
CA MET L 380 -55.52 -27.20 52.49
C MET L 380 -56.51 -27.58 51.39
N GLY L 381 -55.98 -28.04 50.26
CA GLY L 381 -56.80 -28.47 49.14
C GLY L 381 -56.82 -27.48 47.98
N ASP L 382 -56.04 -27.79 46.93
CA ASP L 382 -56.02 -26.99 45.71
C ASP L 382 -57.16 -27.32 44.76
N PRO L 383 -57.48 -28.62 44.51
CA PRO L 383 -58.60 -28.92 43.60
C PRO L 383 -59.94 -28.43 44.11
N GLY L 384 -60.07 -28.13 45.39
CA GLY L 384 -61.32 -27.67 45.94
C GLY L 384 -61.83 -26.40 45.28
N VAL L 385 -63.04 -26.50 44.71
CA VAL L 385 -63.79 -25.43 44.06
C VAL L 385 -62.89 -24.48 43.28
N ALA L 386 -61.77 -24.99 42.77
CA ALA L 386 -60.81 -24.23 41.98
C ALA L 386 -60.40 -22.94 42.70
N LYS L 387 -60.18 -23.04 44.01
CA LYS L 387 -59.73 -21.87 44.75
C LYS L 387 -58.27 -21.55 44.49
N SER L 388 -57.56 -22.40 43.74
CA SER L 388 -56.19 -22.07 43.38
C SER L 388 -56.13 -20.82 42.52
N GLN L 389 -57.23 -20.47 41.87
CA GLN L 389 -57.26 -19.27 41.03
C GLN L 389 -57.18 -17.99 41.86
N LEU L 390 -57.90 -17.95 42.98
CA LEU L 390 -57.99 -16.72 43.75
C LEU L 390 -56.66 -16.31 44.37
N LEU L 391 -55.74 -17.26 44.55
CA LEU L 391 -54.46 -16.94 45.17
C LEU L 391 -53.72 -15.87 44.37
N SER L 392 -53.65 -16.04 43.05
CA SER L 392 -53.02 -15.03 42.21
C SER L 392 -53.78 -13.71 42.27
N TYR L 393 -55.11 -13.77 42.35
CA TYR L 393 -55.91 -12.56 42.35
C TYR L 393 -55.61 -11.70 43.57
N ILE L 394 -55.24 -12.32 44.70
CA ILE L 394 -54.97 -11.58 45.90
C ILE L 394 -53.81 -10.62 45.70
N ASP L 395 -52.72 -11.13 45.11
CA ASP L 395 -51.51 -10.33 44.96
C ASP L 395 -51.72 -9.14 44.03
N ARG L 396 -52.45 -9.36 42.93
CA ARG L 396 -52.59 -8.32 41.92
C ARG L 396 -53.40 -7.14 42.44
N LEU L 397 -54.55 -7.42 43.06
CA LEU L 397 -55.41 -6.32 43.49
C LEU L 397 -54.89 -5.64 44.74
N ALA L 398 -54.27 -6.39 45.64
CA ALA L 398 -53.77 -5.83 46.89
C ALA L 398 -52.65 -4.85 46.61
N PRO L 399 -52.71 -3.63 47.13
CA PRO L 399 -51.62 -2.68 46.94
C PRO L 399 -50.49 -2.95 47.92
N ARG L 400 -49.33 -2.35 47.62
CA ARG L 400 -48.11 -2.54 48.41
C ARG L 400 -47.78 -4.01 48.56
N SER L 401 -48.14 -4.79 47.54
CA SER L 401 -47.89 -6.23 47.52
C SER L 401 -47.37 -6.60 46.14
N GLN L 402 -46.53 -7.64 46.10
CA GLN L 402 -45.90 -8.07 44.87
C GLN L 402 -46.28 -9.52 44.60
N TYR L 403 -46.41 -9.86 43.32
CA TYR L 403 -46.75 -11.21 42.90
C TYR L 403 -45.69 -12.19 43.38
N THR L 404 -46.13 -13.34 43.86
CA THR L 404 -45.22 -14.36 44.36
C THR L 404 -45.63 -15.73 43.81
N THR L 405 -44.65 -16.60 43.67
CA THR L 405 -44.83 -17.96 43.18
C THR L 405 -44.36 -18.95 44.23
N GLY L 406 -45.01 -20.11 44.26
CA GLY L 406 -44.63 -21.12 45.22
C GLY L 406 -43.39 -21.88 44.84
N ARG L 407 -43.43 -22.61 43.72
CA ARG L 407 -42.29 -23.39 43.24
C ARG L 407 -42.03 -23.05 41.78
N GLY L 408 -41.97 -21.76 41.46
CA GLY L 408 -41.82 -21.33 40.08
C GLY L 408 -40.42 -21.44 39.52
N SER L 409 -39.44 -21.70 40.38
CA SER L 409 -38.05 -21.82 39.95
C SER L 409 -37.36 -22.84 40.84
N SER L 410 -36.04 -22.93 40.70
CA SER L 410 -35.23 -23.82 41.51
C SER L 410 -34.93 -23.17 42.86
N GLY L 411 -34.07 -23.81 43.65
CA GLY L 411 -33.74 -23.31 44.98
C GLY L 411 -32.84 -22.09 44.98
N VAL L 412 -32.22 -21.75 43.85
CA VAL L 412 -31.35 -20.59 43.78
C VAL L 412 -32.13 -19.29 43.84
N GLY L 413 -33.46 -19.34 43.71
CA GLY L 413 -34.26 -18.14 43.65
C GLY L 413 -34.43 -17.42 44.98
N LEU L 414 -34.19 -18.10 46.09
CA LEU L 414 -34.31 -17.49 47.42
C LEU L 414 -32.98 -17.39 48.14
N THR L 415 -32.12 -18.40 48.02
CA THR L 415 -30.82 -18.37 48.69
C THR L 415 -29.76 -17.79 47.77
N ALA L 416 -28.52 -17.75 48.23
CA ALA L 416 -27.42 -17.16 47.48
C ALA L 416 -26.31 -18.18 47.30
N ALA L 417 -25.66 -18.11 46.13
CA ALA L 417 -24.56 -19.00 45.79
C ALA L 417 -23.56 -18.24 44.93
N VAL L 418 -22.42 -18.87 44.67
CA VAL L 418 -21.37 -18.27 43.86
C VAL L 418 -21.18 -19.12 42.61
N LEU L 419 -21.45 -18.52 41.46
CA LEU L 419 -21.26 -19.19 40.17
C LEU L 419 -20.49 -18.24 39.25
N ARG L 420 -20.25 -18.71 38.03
CA ARG L 420 -19.58 -17.89 37.04
C ARG L 420 -20.50 -16.77 36.54
N ASP L 421 -19.89 -15.66 36.14
CA ASP L 421 -20.62 -14.50 35.61
C ASP L 421 -19.95 -14.05 34.32
N SER L 422 -20.74 -13.39 33.48
CA SER L 422 -20.26 -12.86 32.20
C SER L 422 -20.34 -11.35 32.12
N VAL L 423 -21.49 -10.77 32.47
CA VAL L 423 -21.63 -9.31 32.46
C VAL L 423 -20.95 -8.70 33.67
N SER L 424 -21.41 -9.08 34.87
CA SER L 424 -20.89 -8.54 36.12
C SER L 424 -21.36 -9.37 37.31
N GLY L 425 -21.03 -8.92 38.52
CA GLY L 425 -21.45 -9.61 39.71
C GLY L 425 -20.33 -10.37 40.40
N GLU L 426 -19.73 -9.78 41.43
CA GLU L 426 -18.67 -10.43 42.19
C GLU L 426 -19.21 -10.76 43.59
N LEU L 427 -19.68 -11.99 43.77
CA LEU L 427 -20.24 -12.46 45.03
C LEU L 427 -21.34 -11.51 45.52
N THR L 428 -22.23 -11.16 44.61
CA THR L 428 -23.33 -10.25 44.94
C THR L 428 -24.43 -10.99 45.71
N LEU L 429 -25.19 -10.24 46.49
CA LEU L 429 -26.24 -10.77 47.34
C LEU L 429 -27.61 -10.49 46.71
N GLU L 430 -28.50 -11.48 46.75
CA GLU L 430 -29.82 -11.38 46.17
C GLU L 430 -30.86 -11.79 47.20
N GLY L 431 -32.09 -11.31 47.02
CA GLY L 431 -33.18 -11.59 47.93
C GLY L 431 -34.06 -12.72 47.43
N GLY L 432 -34.93 -13.17 48.32
CA GLY L 432 -35.85 -14.25 48.04
C GLY L 432 -37.28 -13.77 47.93
N ALA L 433 -38.20 -14.73 48.01
CA ALA L 433 -39.63 -14.41 47.91
C ALA L 433 -40.09 -13.54 49.07
N LEU L 434 -39.61 -13.84 50.29
CA LEU L 434 -40.01 -13.06 51.45
C LEU L 434 -39.57 -11.60 51.30
N VAL L 435 -38.32 -11.39 50.88
CA VAL L 435 -37.84 -10.03 50.65
C VAL L 435 -38.58 -9.39 49.48
N LEU L 436 -39.06 -10.22 48.54
CA LEU L 436 -39.69 -9.68 47.35
C LEU L 436 -40.92 -8.85 47.69
N ALA L 437 -41.74 -9.33 48.63
CA ALA L 437 -42.91 -8.58 49.08
C ALA L 437 -42.60 -8.04 50.47
N ASP L 438 -42.43 -6.72 50.55
CA ASP L 438 -41.98 -6.07 51.78
C ASP L 438 -43.18 -5.56 52.55
N GLN L 439 -43.38 -6.09 53.75
CA GLN L 439 -44.47 -5.70 54.64
C GLN L 439 -45.84 -5.79 53.94
N GLY L 440 -46.00 -6.81 53.10
CA GLY L 440 -47.25 -6.97 52.37
C GLY L 440 -47.89 -8.32 52.52
N VAL L 441 -48.40 -8.86 51.42
CA VAL L 441 -49.03 -10.17 51.38
C VAL L 441 -48.14 -11.09 50.56
N CYS L 442 -47.69 -12.17 51.17
CA CYS L 442 -46.84 -13.16 50.50
C CYS L 442 -47.67 -14.39 50.19
N CYS L 443 -47.66 -14.80 48.92
CA CYS L 443 -48.43 -15.96 48.48
C CYS L 443 -47.49 -17.07 48.03
N ILE L 444 -47.67 -18.26 48.60
CA ILE L 444 -46.89 -19.44 48.26
C ILE L 444 -47.86 -20.54 47.85
N ASP L 445 -47.61 -21.13 46.69
CA ASP L 445 -48.44 -22.19 46.17
C ASP L 445 -47.62 -23.47 46.06
N GLU L 446 -48.31 -24.61 45.92
CA GLU L 446 -47.68 -25.91 45.83
C GLU L 446 -46.81 -26.17 47.07
N PHE L 447 -47.44 -26.10 48.24
CA PHE L 447 -46.73 -26.27 49.49
C PHE L 447 -46.12 -27.66 49.60
N ASP L 448 -46.84 -28.69 49.14
CA ASP L 448 -46.32 -30.04 49.22
C ASP L 448 -45.04 -30.19 48.41
N LYS L 449 -45.00 -29.56 47.23
CA LYS L 449 -43.84 -29.70 46.35
C LYS L 449 -42.58 -29.07 46.93
N MET L 450 -42.70 -28.20 47.93
CA MET L 450 -41.53 -27.58 48.54
C MET L 450 -40.74 -28.63 49.33
N ALA L 451 -39.41 -28.57 49.20
CA ALA L 451 -38.54 -29.50 49.92
C ALA L 451 -38.50 -29.15 51.40
N GLU L 452 -37.96 -30.09 52.19
CA GLU L 452 -37.88 -29.90 53.64
C GLU L 452 -37.04 -28.67 53.98
N ALA L 453 -35.98 -28.40 53.23
CA ALA L 453 -35.17 -27.22 53.47
C ALA L 453 -35.98 -25.95 53.30
N ASP L 454 -36.80 -25.89 52.24
CA ASP L 454 -37.73 -24.79 52.11
C ASP L 454 -38.74 -24.74 53.23
N ARG L 455 -39.23 -25.92 53.66
CA ARG L 455 -40.18 -25.98 54.75
C ARG L 455 -39.62 -25.41 56.04
N THR L 456 -38.36 -25.73 56.35
CA THR L 456 -37.74 -25.14 57.53
C THR L 456 -37.64 -23.63 57.40
N ALA L 457 -37.40 -23.14 56.18
CA ALA L 457 -37.24 -21.70 55.98
C ALA L 457 -38.50 -20.96 56.38
N ILE L 458 -39.67 -21.48 56.03
CA ILE L 458 -40.91 -20.91 56.52
C ILE L 458 -40.96 -21.01 58.03
N HIS L 459 -40.60 -22.18 58.56
CA HIS L 459 -40.61 -22.38 60.01
C HIS L 459 -39.70 -21.40 60.72
N GLU L 460 -38.61 -20.99 60.08
CA GLU L 460 -37.71 -20.02 60.68
C GLU L 460 -38.39 -18.66 60.87
N VAL L 461 -39.32 -18.30 60.00
CA VAL L 461 -40.04 -17.05 60.16
C VAL L 461 -40.90 -17.08 61.42
N MET L 462 -41.49 -18.24 61.72
CA MET L 462 -42.26 -18.38 62.95
C MET L 462 -41.43 -18.12 64.18
N GLU L 463 -40.10 -18.26 64.08
CA GLU L 463 -39.21 -18.05 65.21
C GLU L 463 -38.78 -16.60 65.35
N GLN L 464 -39.63 -15.68 64.88
CA GLN L 464 -39.44 -14.25 65.06
C GLN L 464 -38.10 -13.77 64.52
N GLN L 465 -37.74 -14.21 63.32
CA GLN L 465 -36.65 -13.60 62.55
C GLN L 465 -35.33 -13.57 63.34
N THR L 466 -34.79 -14.74 63.65
CA THR L 466 -33.52 -14.87 64.37
C THR L 466 -32.52 -15.63 63.51
N ILE L 467 -32.46 -15.25 62.23
CA ILE L 467 -31.67 -15.98 61.24
C ILE L 467 -30.19 -15.71 61.45
N SER L 468 -29.50 -16.62 62.12
CA SER L 468 -28.04 -16.64 62.16
C SER L 468 -27.55 -17.97 61.63
N ILE L 469 -26.72 -17.93 60.58
CA ILE L 469 -26.23 -19.11 59.91
C ILE L 469 -24.71 -19.00 59.78
N ALA L 470 -24.02 -20.09 60.11
CA ALA L 470 -22.56 -20.13 60.05
C ALA L 470 -22.07 -20.71 58.74
N LYS L 471 -22.96 -20.83 57.76
CA LYS L 471 -22.60 -21.35 56.46
C LYS L 471 -22.13 -20.21 55.56
N ALA L 472 -21.19 -20.53 54.68
CA ALA L 472 -20.45 -19.49 53.94
C ALA L 472 -21.38 -18.64 53.08
N GLY L 473 -22.36 -19.27 52.44
CA GLY L 473 -23.19 -18.55 51.48
C GLY L 473 -24.34 -17.75 52.05
N ILE L 474 -24.81 -18.12 53.25
CA ILE L 474 -25.94 -17.45 53.89
C ILE L 474 -25.51 -16.97 55.26
N LEU L 475 -25.57 -15.66 55.48
CA LEU L 475 -25.37 -15.06 56.81
C LEU L 475 -26.33 -13.89 56.98
N THR L 476 -27.40 -13.89 56.20
CA THR L 476 -28.30 -12.74 56.16
C THR L 476 -29.36 -12.82 57.25
N THR L 477 -30.01 -11.68 57.49
CA THR L 477 -31.19 -11.57 58.36
C THR L 477 -32.31 -10.99 57.50
N LEU L 478 -33.21 -11.86 57.03
CA LEU L 478 -34.29 -11.43 56.16
C LEU L 478 -35.31 -10.60 56.93
N ASN L 479 -35.76 -9.52 56.30
CA ASN L 479 -36.78 -8.65 56.88
C ASN L 479 -38.16 -9.20 56.51
N ALA L 480 -38.56 -10.24 57.24
CA ALA L 480 -39.85 -10.90 57.01
C ALA L 480 -40.93 -10.12 57.76
N ARG L 481 -41.51 -9.14 57.08
CA ARG L 481 -42.60 -8.35 57.65
C ARG L 481 -43.86 -8.45 56.81
N CYS L 482 -43.86 -9.30 55.78
CA CYS L 482 -45.05 -9.51 54.99
C CYS L 482 -45.98 -10.47 55.71
N SER L 483 -47.05 -10.87 55.02
CA SER L 483 -48.01 -11.85 55.53
C SER L 483 -47.95 -13.07 54.65
N ILE L 484 -47.76 -14.23 55.26
CA ILE L 484 -47.52 -15.47 54.54
C ILE L 484 -48.86 -16.16 54.33
N LEU L 485 -49.26 -16.34 53.08
CA LEU L 485 -50.46 -17.06 52.72
C LEU L 485 -50.06 -18.41 52.13
N ALA L 486 -50.63 -19.48 52.67
CA ALA L 486 -50.24 -20.83 52.29
C ALA L 486 -51.45 -21.57 51.72
N ALA L 487 -51.23 -22.27 50.62
CA ALA L 487 -52.22 -23.16 50.01
C ALA L 487 -51.62 -24.55 49.92
N ALA L 488 -52.32 -25.53 50.47
CA ALA L 488 -51.81 -26.89 50.57
C ALA L 488 -52.63 -27.83 49.72
N ASN L 489 -51.96 -28.53 48.80
CA ASN L 489 -52.60 -29.58 48.05
C ASN L 489 -52.86 -30.78 48.96
N PRO L 490 -53.92 -31.53 48.71
CA PRO L 490 -54.14 -32.75 49.48
C PRO L 490 -53.27 -33.88 48.98
N ALA L 491 -52.67 -34.60 49.94
CA ALA L 491 -51.65 -35.59 49.61
C ALA L 491 -52.25 -36.83 48.97
N TYR L 492 -52.12 -36.94 47.64
CA TYR L 492 -52.53 -38.11 46.86
C TYR L 492 -53.85 -38.69 47.33
N GLY L 493 -54.85 -37.83 47.42
CA GLY L 493 -56.18 -38.26 47.82
C GLY L 493 -56.86 -37.21 48.67
N ARG L 494 -58.18 -37.34 48.76
CA ARG L 494 -58.99 -36.42 49.53
C ARG L 494 -58.97 -36.81 51.01
N TYR L 495 -59.32 -35.85 51.86
CA TYR L 495 -59.39 -36.08 53.30
C TYR L 495 -60.26 -37.29 53.63
N ASN L 496 -59.79 -38.10 54.57
CA ASN L 496 -60.44 -39.34 54.95
C ASN L 496 -61.24 -39.09 56.22
N PRO L 497 -62.57 -39.15 56.16
CA PRO L 497 -63.36 -38.97 57.39
C PRO L 497 -63.09 -40.03 58.44
N ARG L 498 -62.90 -41.29 58.02
CA ARG L 498 -62.68 -42.36 58.98
C ARG L 498 -61.36 -42.18 59.73
N ARG L 499 -60.32 -41.74 59.03
CA ARG L 499 -59.01 -41.56 59.65
C ARG L 499 -58.89 -40.15 60.21
N SER L 500 -58.49 -40.04 61.47
CA SER L 500 -58.22 -38.76 62.09
C SER L 500 -56.81 -38.31 61.71
N LEU L 501 -56.43 -37.11 62.14
CA LEU L 501 -55.09 -36.62 61.84
C LEU L 501 -54.05 -37.39 62.64
N GLU L 502 -52.77 -37.11 62.35
CA GLU L 502 -51.59 -37.73 62.93
C GLU L 502 -51.42 -39.18 62.49
N GLN L 503 -52.40 -39.75 61.79
CA GLN L 503 -52.31 -41.08 61.22
C GLN L 503 -52.50 -41.07 59.71
N ASN L 504 -53.49 -40.33 59.22
CA ASN L 504 -53.74 -40.24 57.79
C ASN L 504 -52.74 -39.35 57.07
N ILE L 505 -52.32 -38.26 57.70
CA ILE L 505 -51.28 -37.40 57.14
C ILE L 505 -49.96 -37.75 57.82
N GLN L 506 -48.92 -37.95 57.01
CA GLN L 506 -47.63 -38.40 57.50
C GLN L 506 -46.78 -37.28 58.11
N LEU L 507 -46.94 -36.05 57.64
CA LEU L 507 -46.18 -34.95 58.21
C LEU L 507 -46.60 -34.70 59.66
N PRO L 508 -45.66 -34.49 60.57
CA PRO L 508 -46.02 -34.25 61.97
C PRO L 508 -46.99 -33.09 62.10
N ALA L 509 -47.98 -33.26 62.98
CA ALA L 509 -48.96 -32.21 63.21
C ALA L 509 -48.33 -31.00 63.88
N ALA L 510 -47.28 -31.21 64.67
CA ALA L 510 -46.64 -30.10 65.37
C ALA L 510 -46.12 -29.06 64.39
N LEU L 511 -45.58 -29.49 63.25
CA LEU L 511 -45.17 -28.54 62.24
C LEU L 511 -46.34 -27.72 61.74
N LEU L 512 -47.46 -28.38 61.46
CA LEU L 512 -48.65 -27.65 61.04
C LEU L 512 -49.27 -26.88 62.19
N SER L 513 -49.06 -27.33 63.42
CA SER L 513 -49.64 -26.66 64.58
C SER L 513 -49.15 -25.22 64.68
N ARG L 514 -47.91 -24.98 64.28
CA ARG L 514 -47.35 -23.63 64.36
C ARG L 514 -48.17 -22.63 63.54
N PHE L 515 -48.84 -23.10 62.51
CA PHE L 515 -49.71 -22.22 61.72
C PHE L 515 -50.88 -21.76 62.57
N ASP L 516 -51.21 -20.48 62.46
CA ASP L 516 -52.27 -19.92 63.30
C ASP L 516 -53.65 -20.35 62.81
N LEU L 517 -53.88 -20.35 61.49
CA LEU L 517 -55.18 -20.66 60.92
C LEU L 517 -55.04 -21.75 59.87
N LEU L 518 -55.91 -22.76 59.96
CA LEU L 518 -55.93 -23.86 59.02
C LEU L 518 -57.32 -23.95 58.41
N TRP L 519 -57.38 -24.05 57.08
CA TRP L 519 -58.65 -24.11 56.38
C TRP L 519 -58.65 -25.24 55.37
N LEU L 520 -59.74 -25.99 55.37
CA LEU L 520 -59.97 -27.06 54.40
C LEU L 520 -61.43 -27.05 54.02
N ILE L 521 -61.70 -27.33 52.75
CA ILE L 521 -63.05 -27.31 52.21
C ILE L 521 -63.35 -28.71 51.66
N GLN L 522 -64.39 -29.33 52.20
CA GLN L 522 -64.83 -30.64 51.74
C GLN L 522 -65.93 -30.45 50.70
N ASP L 523 -65.75 -31.03 49.53
CA ASP L 523 -66.70 -30.84 48.42
C ASP L 523 -67.87 -31.80 48.59
N ARG L 524 -68.81 -31.41 49.46
CA ARG L 524 -69.99 -32.17 49.78
C ARG L 524 -70.97 -32.18 48.61
N PRO L 525 -71.74 -33.25 48.45
CA PRO L 525 -72.71 -33.29 47.36
C PRO L 525 -73.97 -32.49 47.66
N ASP L 526 -73.82 -31.17 47.78
CA ASP L 526 -74.95 -30.28 48.03
C ASP L 526 -75.46 -29.83 46.65
N ARG L 527 -76.50 -30.51 46.18
CA ARG L 527 -76.97 -30.27 44.82
C ARG L 527 -77.54 -28.87 44.66
N ASP L 528 -78.20 -28.35 45.69
CA ASP L 528 -78.79 -27.02 45.59
C ASP L 528 -77.73 -25.96 45.36
N ASN L 529 -76.62 -26.02 46.10
CA ASN L 529 -75.55 -25.05 45.92
C ASN L 529 -74.91 -25.19 44.55
N ASP L 530 -74.74 -26.43 44.07
CA ASP L 530 -74.12 -26.66 42.78
C ASP L 530 -74.93 -26.05 41.65
N LEU L 531 -76.24 -25.91 41.84
CA LEU L 531 -77.09 -25.32 40.81
C LEU L 531 -76.68 -23.87 40.54
N ARG L 532 -76.25 -23.16 41.58
CA ARG L 532 -75.98 -21.73 41.45
C ARG L 532 -74.80 -21.47 40.51
N LEU L 533 -73.77 -22.30 40.56
CA LEU L 533 -72.52 -22.00 39.88
C LEU L 533 -72.71 -21.89 38.37
N ALA L 534 -73.49 -22.79 37.78
CA ALA L 534 -73.64 -22.81 36.33
C ALA L 534 -74.26 -21.52 35.83
N GLN L 535 -75.28 -21.02 36.55
CA GLN L 535 -75.83 -19.71 36.22
C GLN L 535 -74.84 -18.60 36.57
N HIS L 536 -74.11 -18.76 37.68
CA HIS L 536 -73.22 -17.70 38.13
C HIS L 536 -72.00 -17.56 37.23
N ILE L 537 -71.54 -18.68 36.65
CA ILE L 537 -70.32 -18.64 35.86
C ILE L 537 -70.50 -17.84 34.57
N THR L 538 -71.74 -17.73 34.06
CA THR L 538 -71.95 -16.99 32.83
C THR L 538 -71.78 -15.48 33.01
N TYR L 539 -72.21 -14.94 34.16
CA TYR L 539 -72.35 -13.49 34.31
C TYR L 539 -71.03 -12.74 34.09
N VAL L 540 -69.91 -13.34 34.45
CA VAL L 540 -68.64 -12.64 34.33
C VAL L 540 -68.34 -12.34 32.86
N HIS L 541 -68.00 -11.08 32.58
CA HIS L 541 -67.68 -10.62 31.23
C HIS L 541 -68.86 -10.82 30.28
N GLN L 542 -70.06 -10.98 30.84
CA GLN L 542 -71.30 -11.07 30.08
C GLN L 542 -72.03 -9.73 30.00
N HIS L 543 -71.86 -8.87 30.99
CA HIS L 543 -72.54 -7.57 31.04
C HIS L 543 -71.62 -6.60 31.77
N SER L 544 -72.08 -5.35 31.89
CA SER L 544 -71.31 -4.29 32.54
C SER L 544 -71.76 -4.02 33.96
N ARG L 545 -72.79 -4.73 34.45
CA ARG L 545 -73.31 -4.56 35.79
C ARG L 545 -72.69 -5.62 36.70
N GLN L 546 -71.41 -5.40 37.02
CA GLN L 546 -70.63 -6.33 37.84
C GLN L 546 -70.94 -6.18 39.33
N PRO L 547 -71.03 -4.96 39.88
CA PRO L 547 -71.50 -4.80 41.27
C PRO L 547 -73.02 -4.70 41.32
N PRO L 548 -73.72 -5.85 41.40
CA PRO L 548 -75.17 -5.84 41.10
C PRO L 548 -75.99 -4.93 42.00
N SER L 549 -75.47 -4.55 43.17
CA SER L 549 -76.23 -3.75 44.12
C SER L 549 -76.20 -2.26 43.75
N GLN L 550 -76.71 -1.97 42.55
CA GLN L 550 -76.87 -0.63 41.99
C GLN L 550 -75.70 0.30 42.26
N PHE L 551 -74.48 -0.24 42.29
CA PHE L 551 -73.28 0.55 42.46
C PHE L 551 -72.91 1.20 41.13
N GLU L 552 -72.57 2.48 41.17
CA GLU L 552 -72.16 3.19 39.96
C GLU L 552 -70.88 2.58 39.43
N PRO L 553 -70.73 2.43 38.10
CA PRO L 553 -69.58 1.66 37.58
C PRO L 553 -68.22 2.21 38.00
N LEU L 554 -68.06 3.54 38.00
CA LEU L 554 -66.83 4.18 38.50
C LEU L 554 -65.62 3.84 37.65
N ASP L 555 -64.51 4.51 37.91
CA ASP L 555 -63.24 4.18 37.30
C ASP L 555 -62.54 3.12 38.15
N MET L 556 -61.95 2.13 37.48
CA MET L 556 -61.32 1.01 38.19
C MET L 556 -60.16 1.48 39.05
N LYS L 557 -59.47 2.54 38.61
CA LYS L 557 -58.33 3.06 39.37
C LYS L 557 -58.78 3.58 40.74
N LEU L 558 -59.95 4.23 40.79
CA LEU L 558 -60.39 4.90 42.01
C LEU L 558 -60.71 3.93 43.13
N MET L 559 -61.02 2.66 42.80
CA MET L 559 -61.43 1.71 43.84
C MET L 559 -60.32 1.49 44.85
N ARG L 560 -59.08 1.41 44.40
CA ARG L 560 -57.95 1.27 45.32
C ARG L 560 -57.77 2.52 46.17
N ARG L 561 -57.94 3.70 45.55
CA ARG L 561 -57.70 4.95 46.25
C ARG L 561 -58.68 5.15 47.41
N TYR L 562 -59.91 4.65 47.26
CA TYR L 562 -60.86 4.73 48.35
C TYR L 562 -60.36 4.00 49.58
N ILE L 563 -59.65 2.90 49.39
CA ILE L 563 -59.10 2.14 50.50
C ILE L 563 -58.00 2.91 51.23
N ALA L 564 -57.16 3.64 50.48
CA ALA L 564 -56.02 4.34 51.07
C ALA L 564 -56.44 5.40 52.07
N MET L 565 -57.49 6.18 51.76
CA MET L 565 -57.91 7.23 52.68
C MET L 565 -58.44 6.66 53.98
N CYS L 566 -59.02 5.45 53.93
CA CYS L 566 -59.49 4.81 55.16
C CYS L 566 -58.34 4.42 56.07
N ARG L 567 -57.20 4.03 55.49
CA ARG L 567 -56.07 3.62 56.31
C ARG L 567 -55.41 4.82 56.97
N GLU L 568 -55.48 6.00 56.35
CA GLU L 568 -54.86 7.21 56.87
C GLU L 568 -55.57 7.77 58.10
N LYS L 569 -56.78 7.30 58.40
CA LYS L 569 -57.53 7.86 59.53
C LYS L 569 -56.86 7.51 60.85
N GLN L 570 -56.35 6.28 60.98
CA GLN L 570 -55.69 5.77 62.17
C GLN L 570 -56.58 5.87 63.42
N PRO L 571 -57.64 5.08 63.50
CA PRO L 571 -58.48 5.10 64.71
C PRO L 571 -57.82 4.35 65.86
N MET L 572 -58.51 4.32 66.99
CA MET L 572 -57.97 3.73 68.21
C MET L 572 -58.89 2.63 68.70
N VAL L 573 -58.29 1.48 69.04
CA VAL L 573 -59.01 0.34 69.62
C VAL L 573 -59.29 0.61 71.09
N PRO L 574 -60.34 0.02 71.67
CA PRO L 574 -60.58 0.22 73.11
C PRO L 574 -59.79 -0.77 73.95
N GLU L 575 -59.12 -0.25 74.99
CA GLU L 575 -58.36 -1.09 75.90
C GLU L 575 -59.24 -1.81 76.91
N SER L 576 -60.29 -1.14 77.41
CA SER L 576 -61.14 -1.74 78.43
C SER L 576 -61.90 -2.95 77.89
N LEU L 577 -62.12 -3.00 76.58
CA LEU L 577 -62.83 -4.11 75.95
C LEU L 577 -62.14 -5.44 76.17
N ALA L 578 -60.83 -5.44 76.48
CA ALA L 578 -60.10 -6.69 76.65
C ALA L 578 -60.63 -7.49 77.83
N ASP L 579 -60.92 -6.82 78.94
CA ASP L 579 -61.30 -7.53 80.16
C ASP L 579 -62.61 -8.29 79.97
N TYR L 580 -63.56 -7.68 79.26
CA TYR L 580 -64.84 -8.33 79.05
C TYR L 580 -64.69 -9.59 78.21
N ILE L 581 -63.84 -9.54 77.18
CA ILE L 581 -63.60 -10.71 76.35
C ILE L 581 -62.93 -11.81 77.16
N THR L 582 -62.06 -11.42 78.10
CA THR L 582 -61.33 -12.39 78.91
C THR L 582 -62.29 -13.33 79.63
N ALA L 583 -63.39 -12.78 80.18
CA ALA L 583 -64.36 -13.61 80.86
C ALA L 583 -64.98 -14.63 79.91
N ALA L 584 -65.17 -14.25 78.65
CA ALA L 584 -65.72 -15.18 77.68
C ALA L 584 -64.77 -16.34 77.40
N TYR L 585 -63.47 -16.07 77.41
CA TYR L 585 -62.49 -17.09 77.04
C TYR L 585 -62.53 -18.29 77.97
N VAL L 586 -62.93 -18.09 79.24
CA VAL L 586 -62.88 -19.17 80.22
C VAL L 586 -63.77 -20.33 79.78
N GLU L 587 -65.00 -20.01 79.36
CA GLU L 587 -65.89 -21.06 78.87
C GLU L 587 -65.36 -21.70 77.59
N MET L 588 -64.77 -20.88 76.71
CA MET L 588 -64.33 -21.39 75.41
C MET L 588 -63.25 -22.44 75.56
N ARG L 589 -62.35 -22.25 76.53
CA ARG L 589 -61.29 -23.23 76.74
C ARG L 589 -61.84 -24.57 77.18
N ARG L 590 -62.75 -24.57 78.16
CA ARG L 590 -63.19 -25.84 78.76
C ARG L 590 -63.88 -26.73 77.74
N GLU L 591 -64.80 -26.16 76.95
CA GLU L 591 -65.55 -26.96 76.00
C GLU L 591 -64.65 -27.47 74.88
N ALA L 592 -63.67 -26.66 74.47
CA ALA L 592 -62.76 -27.09 73.41
C ALA L 592 -61.95 -28.29 73.84
N TRP L 593 -61.38 -28.26 75.06
CA TRP L 593 -60.56 -29.36 75.53
C TRP L 593 -61.38 -30.61 75.83
N ALA L 594 -62.54 -30.43 76.47
CA ALA L 594 -63.32 -31.58 76.93
C ALA L 594 -63.81 -32.44 75.77
N SER L 595 -63.89 -31.89 74.58
CA SER L 595 -64.34 -32.66 73.42
C SER L 595 -63.40 -33.82 73.11
N LYS L 596 -62.09 -33.56 73.17
CA LYS L 596 -61.06 -34.55 72.88
C LYS L 596 -61.23 -35.13 71.48
N ASP L 597 -61.63 -34.28 70.54
CA ASP L 597 -61.74 -34.65 69.14
C ASP L 597 -60.46 -34.25 68.40
N ALA L 598 -60.47 -34.40 67.08
CA ALA L 598 -59.28 -34.03 66.30
C ALA L 598 -59.00 -32.54 66.39
N THR L 599 -60.02 -31.70 66.28
CA THR L 599 -59.82 -30.26 66.44
C THR L 599 -59.54 -29.91 67.89
N TYR L 600 -58.50 -29.09 68.10
CA TYR L 600 -58.10 -28.71 69.44
C TYR L 600 -57.42 -27.36 69.39
N THR L 601 -57.44 -26.64 70.51
CA THR L 601 -56.84 -25.32 70.60
C THR L 601 -55.85 -25.30 71.75
N SER L 602 -55.13 -24.20 71.89
CA SER L 602 -54.17 -24.02 72.98
C SER L 602 -53.94 -22.52 73.17
N ALA L 603 -52.83 -22.19 73.84
CA ALA L 603 -52.54 -20.79 74.14
C ALA L 603 -52.40 -19.96 72.88
N ARG L 604 -52.10 -20.61 71.75
CA ARG L 604 -51.99 -19.88 70.49
C ARG L 604 -53.30 -19.19 70.13
N THR L 605 -54.43 -19.65 70.68
CA THR L 605 -55.70 -18.97 70.45
C THR L 605 -55.65 -17.54 70.95
N LEU L 606 -54.96 -17.32 72.07
CA LEU L 606 -54.86 -15.99 72.65
C LEU L 606 -54.34 -14.99 71.64
N LEU L 607 -53.34 -15.37 70.85
CA LEU L 607 -52.83 -14.49 69.82
C LEU L 607 -53.92 -14.15 68.82
N ALA L 608 -54.72 -15.15 68.43
CA ALA L 608 -55.74 -14.91 67.43
C ALA L 608 -56.78 -13.91 67.92
N ILE L 609 -57.18 -14.04 69.18
CA ILE L 609 -58.24 -13.19 69.71
C ILE L 609 -57.83 -11.72 69.66
N LEU L 610 -56.64 -11.42 70.18
CA LEU L 610 -56.15 -10.05 70.14
C LEU L 610 -55.97 -9.58 68.70
N ARG L 611 -55.53 -10.49 67.83
CA ARG L 611 -55.37 -10.15 66.43
C ARG L 611 -56.72 -9.87 65.77
N LEU L 612 -57.78 -10.51 66.26
CA LEU L 612 -59.10 -10.29 65.67
C LEU L 612 -59.53 -8.85 65.82
N SER L 613 -59.27 -8.26 66.99
CA SER L 613 -59.70 -6.89 67.23
C SER L 613 -58.96 -5.90 66.35
N THR L 614 -57.89 -6.33 65.69
CA THR L 614 -57.08 -5.40 64.91
C THR L 614 -57.90 -4.78 63.78
N ALA L 615 -58.59 -5.60 63.00
CA ALA L 615 -59.42 -5.05 61.94
C ALA L 615 -60.81 -4.69 62.41
N LEU L 616 -61.33 -5.40 63.42
CA LEU L 616 -62.72 -5.21 63.80
C LEU L 616 -62.94 -3.87 64.49
N ALA L 617 -62.09 -3.53 65.46
CA ALA L 617 -62.31 -2.34 66.26
C ALA L 617 -61.97 -1.04 65.53
N ARG L 618 -61.10 -1.09 64.51
CA ARG L 618 -60.76 0.11 63.77
C ARG L 618 -61.94 0.61 62.94
N LEU L 619 -62.74 -0.32 62.43
CA LEU L 619 -63.83 0.05 61.52
C LEU L 619 -64.85 0.94 62.22
N ARG L 620 -65.17 0.63 63.47
CA ARG L 620 -66.21 1.35 64.20
C ARG L 620 -65.60 2.60 64.82
N MET L 621 -65.95 3.75 64.25
CA MET L 621 -65.46 5.06 64.71
C MET L 621 -66.54 5.71 65.58
N VAL L 622 -66.67 5.20 66.80
CA VAL L 622 -67.65 5.69 67.74
C VAL L 622 -67.02 6.45 68.90
N ASP L 623 -66.05 5.82 69.58
CA ASP L 623 -65.28 6.39 70.68
C ASP L 623 -66.13 6.77 71.88
N VAL L 624 -67.34 6.23 72.02
CA VAL L 624 -68.18 6.50 73.18
C VAL L 624 -68.46 5.21 73.94
N VAL L 625 -69.10 4.25 73.28
CA VAL L 625 -69.41 2.95 73.87
C VAL L 625 -69.07 1.85 72.88
N GLU L 626 -68.35 0.82 73.33
CA GLU L 626 -68.01 -0.32 72.50
C GLU L 626 -68.55 -1.60 73.14
N LYS L 627 -69.53 -2.20 72.48
CA LYS L 627 -70.14 -3.42 73.01
C LYS L 627 -70.23 -4.51 71.95
N GLU L 628 -70.54 -4.13 70.71
CA GLU L 628 -70.82 -5.13 69.67
C GLU L 628 -69.58 -5.90 69.27
N ASP L 629 -68.40 -5.33 69.52
CA ASP L 629 -67.15 -5.95 69.08
C ASP L 629 -66.94 -7.31 69.74
N VAL L 630 -67.44 -7.47 70.96
CA VAL L 630 -67.26 -8.73 71.68
C VAL L 630 -67.96 -9.86 70.93
N ASN L 631 -69.20 -9.65 70.51
CA ASN L 631 -69.90 -10.68 69.75
C ASN L 631 -69.31 -10.80 68.35
N GLU L 632 -68.87 -9.68 67.77
CA GLU L 632 -68.28 -9.73 66.44
C GLU L 632 -66.97 -10.52 66.46
N ALA L 633 -66.15 -10.30 67.48
CA ALA L 633 -64.92 -11.07 67.61
C ALA L 633 -65.24 -12.55 67.78
N ILE L 634 -66.25 -12.86 68.58
CA ILE L 634 -66.64 -14.26 68.78
C ILE L 634 -67.10 -14.87 67.47
N ARG L 635 -67.93 -14.13 66.72
CA ARG L 635 -68.54 -14.70 65.52
C ARG L 635 -67.47 -15.11 64.52
N LEU L 636 -66.34 -14.41 64.50
CA LEU L 636 -65.24 -14.82 63.65
C LEU L 636 -64.65 -16.14 64.12
N MET L 637 -64.59 -16.36 65.43
CA MET L 637 -64.09 -17.62 65.94
C MET L 637 -65.07 -18.76 65.70
N GLU L 638 -66.38 -18.46 65.75
CA GLU L 638 -67.38 -19.52 65.60
C GLU L 638 -67.27 -20.21 64.25
N MET L 639 -67.07 -19.43 63.18
CA MET L 639 -66.83 -20.04 61.87
C MET L 639 -65.53 -20.82 61.85
N SER L 640 -64.49 -20.26 62.48
CA SER L 640 -63.24 -21.00 62.65
C SER L 640 -63.42 -22.23 63.52
N LYS L 641 -64.26 -22.14 64.55
CA LYS L 641 -64.54 -23.28 65.42
C LYS L 641 -65.23 -24.38 64.63
N ASP L 642 -64.88 -25.63 64.94
CA ASP L 642 -65.50 -26.81 64.32
C ASP L 642 -65.38 -26.79 62.80
N SER L 643 -64.36 -26.11 62.28
CA SER L 643 -64.16 -26.08 60.84
C SER L 643 -63.71 -27.42 60.29
N LEU L 644 -63.21 -28.31 61.13
CA LEU L 644 -62.74 -29.63 60.74
C LEU L 644 -61.73 -29.55 59.58
#